data_9IYI
#
_entry.id   9IYI
#
_cell.length_a   1.00
_cell.length_b   1.00
_cell.length_c   1.00
_cell.angle_alpha   90.00
_cell.angle_beta   90.00
_cell.angle_gamma   90.00
#
_symmetry.space_group_name_H-M   'P 1'
#
loop_
_entity.id
_entity.type
_entity.pdbx_description
1 polymer 'C34 Fab, Heavy Chain'
2 polymer 'C34 Fab, Light Chain'
3 polymer 'CHIKV E1'
4 polymer 'Structural polyprotein'
5 polymer 'CHIKV capsid protein'
6 branched alpha-D-mannopyranose-(1-3)-[beta-D-mannopyranose-(1-6)]alpha-D-mannopyranose-(1-4)-2-acetamido-2-deoxy-beta-D-glucopyranose-(1-4)-[alpha-L-fucopyranose-(1-6)]2-acetamido-2-deoxy-beta-D-glucopyranose
7 branched alpha-D-mannopyranose-(1-4)-2-acetamido-2-deoxy-beta-D-glucopyranose-(1-4)-[alpha-L-fucopyranose-(1-6)]2-acetamido-2-deoxy-beta-D-glucopyranose
8 branched 2-acetamido-2-deoxy-beta-D-glucopyranose-(1-4)-[alpha-L-fucopyranose-(1-6)]2-acetamido-2-deoxy-beta-D-glucopyranose
9 branched beta-D-mannopyranose-(1-4)-2-acetamido-2-deoxy-beta-D-glucopyranose-(1-4)-[alpha-L-fucopyranose-(1-6)]2-acetamido-2-deoxy-beta-D-glucopyranose
10 branched 2-acetamido-2-deoxy-beta-D-glucopyranose-(1-4)-2-acetamido-2-deoxy-beta-D-glucopyranose
11 non-polymer CHOLESTEROL
#
loop_
_entity_poly.entity_id
_entity_poly.type
_entity_poly.pdbx_seq_one_letter_code
_entity_poly.pdbx_strand_id
1 'polypeptide(L)'
;METDTLLLWVLLLWVPGSTGDEVQLVESGGGLVQPGRSLRLSCAASGFTFDDYAMHWVRQAPGKGLEWVSGISWNSGSIG
YADSVKGRFTISRDNAKNSLYLQMNSLRAEDTALYYCAKDMGYSGNDDYYGMDVWGQGTTVTVSSASTKGPSVFPLAPSS
KSTSGGTAALGCLVKDYFPEPVTVSWNSGALTSGVHTFPAVLQSSGLYSLSSVVTVPSSSLGTQTYICNVNHKPSNTKVD
KRVEPKSCDKTHTCPPCPHHHHHH
;
S,Q,O,M
2 'polypeptide(L)'
;ELATMETDTLLLWVLLLWVPGSTGDDIQLTQSPSSLSASVGDRVTITCRASQRISSYLNWYQQKPGKAPKLLIYGAFSLQ
SGVPSRFSGSGSGTDFTLTISSLQPEDFATYYCQQSYRTLTRTFGQGTKVEIKRTVAAPSVFIFPPSDEQLKSGTASVVC
LLNNFYPREAKVQWKVDNALQSGNSQESVTEQDSKDSTYSLSSTLTLSKADYEKHKVYACEVTHQGLSSPVTKSFNRGEC
S
;
T,R,P,N
3 'polypeptide(L)'
;YEHVTVIPNTVGVPYKTLVNRPGYSPMVLEMELLSVTLEPTLSLDYITCEYKTVIPSPYVKCCGTAECKDKNLPDYSCKV
FTGVYPFMWGGAYCFCDAENTQLSEAHVEKSESCKTEFASAYRAHTASASAKLRVLYQGNNITVTAYANGDHAVTVKDAK
FIVGPMSSAWTPFDNKIVVYKGDVYNMDYPPFGAGRPGQFGDIQSRTPESKDVYANTQLVLQRPAAGTVHVPYSQAPSGF
KYWLKERGASLQHTAPFGCQIATNPVRAVNCAVGNMPISIDIPEAAFTRVVDAPSLTDMSCEVPACTHSSDFGGVAVIKY
AASKKGKCAVHSMTNAVTIREAEIEVEGNSQLQISFSTALASAEFRVQVCSTQVHCAAECHPPKDHIVNYPASHTTLGVQ
DISATAMSWVQKITGGVGLVVAVAALILIVVLCVSFSRH
;
A,B,C,D
4 'polypeptide(L)'
;NFNVYKATRPYLAHCPDCGEGHSCHSPVALERIRNEATDGTLKIQVSLQIGIKTDDSHDWTKLRYMDNHMPADAERAGLF
VRTSAPCTITGTMGHFILARCPKGETLTVGFTDSRKISHSCTHPFHHDPPVIGREKFHSRPQHGKELPCSTYVQSTAATT
EEIEVHMPPDTPDRTLMSQQSGNVKITVNGQTVRYKCNCGGSNEGLTTTDKVINNCKVDQCHAAVTNHKKWQYNSPLVPR
NAELGDRKGKIHIPFPLANVTCRVPKARNPTVTYGKNQVIMLLYPDHPTLLSYRNMGEEPNYQEEWVMHKKEVVLTVPTE
GLEVTWGNNEPYKYWPQLSTNGTAHGHPHEIILYYYELYPTMTVVVVSVASFVLLSMVGVAVGMCMCARRRCITPYELTP
GATVPFLLSLICCIRTAKA
;
E,F,G,H
5 'polypeptide(L)'
;NDCIFEVKHEGKVTGYACLVGDKVMKPAHVKGTIDNADLAKLAFKRSSKYDLECAQIPVHMKSDASKFTHEKPEGYYNWH
HGAVQYSGGRFTIPTGAGKPGDSGRPIFDNKGRVVAIVLGGANEGARTALSVVTWNKDIVTKITPEGAEEW
;
I,J,K,L
#
loop_
_chem_comp.id
_chem_comp.type
_chem_comp.name
_chem_comp.formula
BMA D-saccharide, beta linking beta-D-mannopyranose 'C6 H12 O6'
CLR non-polymer CHOLESTEROL 'C27 H46 O'
FUC L-saccharide, alpha linking alpha-L-fucopyranose 'C6 H12 O5'
MAN D-saccharide, alpha linking alpha-D-mannopyranose 'C6 H12 O6'
NAG D-saccharide, beta linking 2-acetamido-2-deoxy-beta-D-glucopyranose 'C8 H15 N O6'
#
# COMPACT_ATOMS: atom_id res chain seq x y z
N GLU A 22 -41.71 -37.71 8.18
CA GLU A 22 -40.26 -37.85 8.07
C GLU A 22 -39.90 -39.17 7.38
N VAL A 23 -40.37 -40.29 7.94
CA VAL A 23 -40.07 -41.62 7.40
C VAL A 23 -41.01 -41.96 6.26
N GLN A 24 -40.42 -42.22 5.09
CA GLN A 24 -41.22 -42.52 3.92
C GLN A 24 -40.44 -43.31 2.87
N LEU A 25 -41.20 -43.97 1.99
CA LEU A 25 -40.64 -44.63 0.83
C LEU A 25 -41.21 -44.00 -0.44
N VAL A 26 -40.34 -43.71 -1.39
CA VAL A 26 -40.78 -43.07 -2.62
C VAL A 26 -40.51 -43.93 -3.85
N GLU A 27 -41.58 -44.37 -4.50
CA GLU A 27 -41.48 -45.19 -5.69
C GLU A 27 -41.21 -44.34 -6.92
N SER A 28 -40.47 -44.91 -7.86
CA SER A 28 -40.21 -44.25 -9.13
C SER A 28 -40.22 -45.26 -10.28
N GLY A 29 -40.58 -44.79 -11.47
CA GLY A 29 -40.66 -45.65 -12.63
C GLY A 29 -42.09 -46.12 -12.86
N GLY A 30 -42.29 -46.91 -13.90
CA GLY A 30 -43.63 -47.38 -14.26
C GLY A 30 -44.03 -46.84 -15.62
N GLY A 31 -45.29 -47.04 -15.99
CA GLY A 31 -45.77 -46.61 -17.30
C GLY A 31 -46.19 -47.80 -18.15
N LEU A 32 -46.48 -47.53 -19.42
CA LEU A 32 -46.96 -48.56 -20.34
C LEU A 32 -45.83 -49.21 -21.14
N VAL A 33 -45.83 -50.54 -21.15
CA VAL A 33 -44.88 -51.29 -21.95
C VAL A 33 -45.59 -52.36 -22.77
N GLN A 34 -44.92 -52.84 -23.81
CA GLN A 34 -45.43 -53.93 -24.62
C GLN A 34 -45.06 -55.25 -23.96
N PRO A 35 -45.83 -56.32 -24.17
CA PRO A 35 -45.55 -57.67 -23.74
C PRO A 35 -44.20 -58.14 -24.24
N GLY A 36 -43.44 -58.77 -23.36
CA GLY A 36 -42.13 -59.30 -23.70
C GLY A 36 -41.01 -58.31 -23.40
N ARG A 37 -41.38 -57.07 -23.09
CA ARG A 37 -40.39 -56.03 -22.79
C ARG A 37 -40.13 -55.94 -21.29
N SER A 38 -39.01 -55.32 -20.93
CA SER A 38 -38.65 -55.16 -19.54
C SER A 38 -38.95 -53.75 -19.02
N LEU A 39 -39.13 -53.65 -17.71
CA LEU A 39 -39.28 -52.36 -17.04
C LEU A 39 -38.52 -52.36 -15.72
N ARG A 40 -37.85 -51.27 -15.42
CA ARG A 40 -37.08 -51.17 -14.19
C ARG A 40 -37.69 -50.18 -13.20
N LEU A 41 -37.97 -50.67 -11.99
CA LEU A 41 -38.52 -49.83 -10.93
C LEU A 41 -37.47 -49.53 -9.88
N SER A 42 -37.64 -48.42 -9.18
CA SER A 42 -36.76 -48.09 -8.08
C SER A 42 -37.53 -47.46 -6.92
N CYS A 43 -36.95 -47.49 -5.73
CA CYS A 43 -37.54 -46.92 -4.52
C CYS A 43 -36.49 -46.21 -3.69
N ALA A 44 -36.79 -44.97 -3.32
CA ALA A 44 -35.86 -44.18 -2.51
C ALA A 44 -36.31 -44.16 -1.05
N ALA A 45 -35.37 -44.41 -0.15
CA ALA A 45 -35.67 -44.41 1.27
C ALA A 45 -35.21 -43.12 1.91
N SER A 46 -36.04 -42.56 2.79
CA SER A 46 -35.66 -41.36 3.52
C SER A 46 -36.28 -41.33 4.92
N GLY A 47 -35.58 -40.69 5.85
CA GLY A 47 -36.08 -40.48 7.21
C GLY A 47 -35.67 -41.61 8.16
N PHE A 48 -35.03 -42.63 7.63
CA PHE A 48 -34.61 -43.77 8.43
C PHE A 48 -33.40 -44.44 7.83
N THR A 49 -32.71 -45.26 8.62
CA THR A 49 -31.55 -45.98 8.12
C THR A 49 -31.99 -47.07 7.16
N PHE A 50 -31.43 -47.07 5.96
CA PHE A 50 -31.85 -47.98 4.90
C PHE A 50 -31.19 -49.35 4.98
N ASP A 51 -29.96 -49.39 5.47
CA ASP A 51 -29.21 -50.63 5.47
C ASP A 51 -29.41 -51.43 6.76
N ASP A 52 -30.36 -50.99 7.57
CA ASP A 52 -30.65 -51.66 8.83
C ASP A 52 -31.95 -52.48 8.74
N TYR A 53 -32.52 -52.57 7.54
CA TYR A 53 -33.77 -53.30 7.37
C TYR A 53 -33.82 -54.09 6.07
N ALA A 54 -34.61 -55.17 6.09
CA ALA A 54 -34.92 -55.92 4.87
C ALA A 54 -36.00 -55.19 4.08
N MET A 55 -36.00 -55.39 2.76
CA MET A 55 -36.97 -54.72 1.90
C MET A 55 -37.79 -55.70 1.07
N HIS A 56 -39.05 -55.36 0.81
CA HIS A 56 -39.92 -56.21 0.01
C HIS A 56 -40.71 -55.43 -1.05
N TRP A 57 -41.04 -56.12 -2.14
CA TRP A 57 -41.96 -55.57 -3.13
C TRP A 57 -43.29 -56.30 -3.07
N VAL A 58 -44.38 -55.54 -3.06
CA VAL A 58 -45.73 -56.07 -3.04
C VAL A 58 -46.54 -55.42 -4.15
N ARG A 59 -47.34 -56.21 -4.86
CA ARG A 59 -48.15 -55.63 -5.93
C ARG A 59 -49.63 -55.90 -5.72
N GLN A 60 -50.46 -55.00 -6.19
CA GLN A 60 -51.91 -55.15 -6.07
C GLN A 60 -52.62 -54.81 -7.36
N ALA A 61 -53.18 -55.82 -8.02
CA ALA A 61 -53.97 -55.59 -9.22
C ALA A 61 -55.31 -55.02 -8.79
N PRO A 62 -55.97 -54.21 -9.63
CA PRO A 62 -57.30 -53.69 -9.41
C PRO A 62 -58.28 -54.81 -9.12
N GLY A 63 -59.05 -54.66 -8.05
CA GLY A 63 -60.07 -55.63 -7.68
C GLY A 63 -59.48 -56.83 -6.93
N LYS A 64 -58.17 -56.79 -6.67
CA LYS A 64 -57.49 -57.91 -6.03
C LYS A 64 -56.84 -57.50 -4.70
N GLY A 65 -56.49 -58.51 -3.90
CA GLY A 65 -55.82 -58.27 -2.63
C GLY A 65 -54.32 -58.12 -2.84
N LEU A 66 -53.57 -58.11 -1.75
CA LEU A 66 -52.13 -57.88 -1.82
C LEU A 66 -51.38 -59.17 -2.17
N GLU A 67 -50.44 -59.07 -3.10
CA GLU A 67 -49.61 -60.21 -3.45
C GLU A 67 -48.12 -59.88 -3.31
N TRP A 68 -47.41 -60.72 -2.57
CA TRP A 68 -45.97 -60.54 -2.39
C TRP A 68 -45.24 -60.94 -3.67
N VAL A 69 -44.28 -60.13 -4.10
CA VAL A 69 -43.57 -60.39 -5.33
C VAL A 69 -42.15 -60.87 -5.10
N SER A 70 -41.40 -60.12 -4.31
CA SER A 70 -40.01 -60.43 -4.06
C SER A 70 -39.52 -59.73 -2.81
N GLY A 71 -38.35 -60.12 -2.32
CA GLY A 71 -37.77 -59.43 -1.18
C GLY A 71 -36.30 -59.76 -0.99
N ILE A 72 -35.61 -58.88 -0.28
CA ILE A 72 -34.19 -59.02 -0.04
C ILE A 72 -33.84 -58.69 1.42
N SER A 73 -33.00 -59.52 2.03
CA SER A 73 -32.57 -59.29 3.40
C SER A 73 -31.51 -58.20 3.46
N TRP A 74 -31.22 -57.71 4.66
CA TRP A 74 -30.19 -56.69 4.81
C TRP A 74 -28.84 -57.27 4.39
N ASN A 75 -28.02 -56.44 3.76
CA ASN A 75 -26.70 -56.86 3.27
C ASN A 75 -26.82 -57.88 2.15
N SER A 76 -28.01 -58.01 1.58
CA SER A 76 -28.24 -58.95 0.49
C SER A 76 -27.85 -60.36 0.88
N GLY A 77 -28.05 -60.69 2.16
CA GLY A 77 -27.71 -62.03 2.65
C GLY A 77 -28.57 -63.11 2.04
N SER A 78 -29.83 -62.77 1.77
CA SER A 78 -30.77 -63.74 1.20
C SER A 78 -31.80 -63.06 0.30
N ILE A 79 -32.12 -63.72 -0.81
CA ILE A 79 -33.11 -63.21 -1.74
C ILE A 79 -34.18 -64.24 -2.06
N GLY A 80 -35.44 -63.81 -2.07
CA GLY A 80 -36.53 -64.70 -2.45
C GLY A 80 -37.41 -64.09 -3.53
N TYR A 81 -38.13 -64.94 -4.25
CA TYR A 81 -39.06 -64.50 -5.28
C TYR A 81 -40.35 -65.30 -5.23
N ALA A 82 -41.46 -64.69 -5.63
CA ALA A 82 -42.71 -65.41 -5.81
C ALA A 82 -42.57 -66.35 -6.99
N ASP A 83 -43.29 -67.47 -6.96
CA ASP A 83 -43.17 -68.48 -8.00
C ASP A 83 -43.51 -67.92 -9.37
N SER A 84 -44.47 -67.01 -9.43
CA SER A 84 -44.96 -66.48 -10.70
C SER A 84 -43.93 -65.61 -11.42
N VAL A 85 -42.93 -65.13 -10.68
CA VAL A 85 -41.92 -64.26 -11.26
C VAL A 85 -40.52 -64.83 -11.07
N LYS A 86 -40.45 -66.08 -10.60
CA LYS A 86 -39.18 -66.66 -10.16
C LYS A 86 -38.09 -66.60 -11.21
N GLY A 87 -38.46 -66.82 -12.47
CA GLY A 87 -37.48 -66.84 -13.54
C GLY A 87 -37.43 -65.54 -14.34
N ARG A 88 -38.15 -64.52 -13.88
CA ARG A 88 -38.25 -63.28 -14.65
C ARG A 88 -37.77 -62.04 -13.91
N PHE A 89 -38.00 -61.97 -12.61
CA PHE A 89 -37.69 -60.76 -11.86
C PHE A 89 -36.39 -60.88 -11.08
N THR A 90 -35.65 -59.78 -11.00
CA THR A 90 -34.44 -59.71 -10.19
C THR A 90 -34.49 -58.53 -9.22
N ILE A 91 -34.15 -58.79 -7.96
CA ILE A 91 -34.16 -57.76 -6.94
C ILE A 91 -32.76 -57.44 -6.46
N SER A 92 -32.46 -56.15 -6.24
CA SER A 92 -31.14 -55.75 -5.76
C SER A 92 -31.15 -54.38 -5.12
N ARG A 93 -30.21 -54.13 -4.22
CA ARG A 93 -30.20 -52.87 -3.49
C ARG A 93 -28.87 -52.22 -3.47
N ASP A 94 -28.83 -50.90 -3.32
CA ASP A 94 -27.55 -50.23 -3.17
C ASP A 94 -27.65 -49.60 -1.82
N ASN A 95 -26.95 -50.12 -0.83
CA ASN A 95 -27.10 -49.61 0.52
C ASN A 95 -26.66 -48.19 0.65
N ALA A 96 -25.56 -47.87 0.01
CA ALA A 96 -25.03 -46.52 0.10
C ALA A 96 -25.92 -45.47 -0.49
N LYS A 97 -26.57 -45.78 -1.59
CA LYS A 97 -27.36 -44.76 -2.27
C LYS A 97 -28.76 -44.71 -1.72
N ASN A 98 -29.01 -45.47 -0.67
CA ASN A 98 -30.33 -45.50 -0.03
C ASN A 98 -31.47 -45.78 -0.99
N SER A 99 -31.30 -46.78 -1.85
CA SER A 99 -32.35 -47.13 -2.79
C SER A 99 -32.52 -48.61 -3.05
N LEU A 100 -33.72 -49.02 -3.41
CA LEU A 100 -33.99 -50.43 -3.73
C LEU A 100 -34.39 -50.48 -5.19
N TYR A 101 -34.00 -51.53 -5.90
CA TYR A 101 -34.32 -51.69 -7.31
C TYR A 101 -35.01 -53.02 -7.62
N LEU A 102 -35.90 -52.99 -8.60
CA LEU A 102 -36.54 -54.20 -9.11
C LEU A 102 -36.50 -54.24 -10.63
N GLN A 103 -35.86 -55.27 -11.17
CA GLN A 103 -35.76 -55.44 -12.61
C GLN A 103 -36.74 -56.49 -13.11
N MET A 104 -37.73 -56.04 -13.88
CA MET A 104 -38.76 -56.97 -14.35
C MET A 104 -38.59 -57.26 -15.83
N ASN A 105 -38.26 -58.50 -16.15
CA ASN A 105 -38.05 -58.89 -17.54
C ASN A 105 -39.23 -59.70 -18.06
N SER A 106 -39.40 -59.73 -19.38
CA SER A 106 -40.43 -60.54 -20.00
C SER A 106 -41.79 -60.30 -19.36
N LEU A 107 -42.19 -59.04 -19.27
CA LEU A 107 -43.46 -58.68 -18.67
C LEU A 107 -44.65 -59.14 -19.52
N ARG A 108 -45.71 -59.55 -18.85
CA ARG A 108 -46.92 -60.02 -19.52
C ARG A 108 -48.14 -59.26 -19.03
N ALA A 109 -49.25 -59.41 -19.72
CA ALA A 109 -50.48 -58.69 -19.37
C ALA A 109 -50.91 -59.00 -17.94
N GLU A 110 -50.61 -60.21 -17.49
CA GLU A 110 -50.98 -60.66 -16.15
C GLU A 110 -50.23 -59.91 -15.05
N ASP A 111 -49.18 -59.19 -15.42
CA ASP A 111 -48.35 -58.48 -14.45
C ASP A 111 -48.84 -57.06 -14.20
N THR A 112 -49.95 -56.68 -14.82
CA THR A 112 -50.48 -55.34 -14.61
C THR A 112 -50.98 -55.20 -13.19
N ALA A 113 -50.44 -54.21 -12.47
CA ALA A 113 -50.77 -54.01 -11.07
C ALA A 113 -50.16 -52.72 -10.55
N LEU A 114 -50.57 -52.31 -9.36
CA LEU A 114 -49.84 -51.28 -8.64
C LEU A 114 -48.67 -51.93 -7.91
N TYR A 115 -47.49 -51.33 -8.00
CA TYR A 115 -46.32 -51.88 -7.34
C TYR A 115 -45.87 -51.02 -6.16
N TYR A 116 -45.91 -51.60 -4.97
CA TYR A 116 -45.60 -50.89 -3.74
C TYR A 116 -44.21 -51.23 -3.21
N CYS A 117 -43.51 -50.21 -2.71
CA CYS A 117 -42.26 -50.38 -1.99
C CYS A 117 -42.57 -50.44 -0.50
N ALA A 118 -42.05 -51.45 0.19
CA ALA A 118 -42.34 -51.59 1.62
C ALA A 118 -41.09 -52.00 2.39
N LYS A 119 -41.02 -51.55 3.64
CA LYS A 119 -39.86 -51.81 4.49
C LYS A 119 -40.21 -52.73 5.66
N ASP A 120 -39.39 -53.77 5.83
CA ASP A 120 -39.53 -54.75 6.91
C ASP A 120 -39.15 -54.13 8.24
N MET A 121 -39.87 -54.51 9.30
CA MET A 121 -39.54 -54.00 10.63
C MET A 121 -38.18 -54.50 11.10
N GLY A 122 -37.75 -55.66 10.60
CA GLY A 122 -36.47 -56.23 11.03
C GLY A 122 -35.43 -56.22 9.92
N TYR A 123 -34.27 -56.81 10.21
CA TYR A 123 -33.16 -56.89 9.26
C TYR A 123 -33.09 -58.28 8.66
N SER A 124 -33.58 -59.25 9.40
CA SER A 124 -33.57 -60.64 9.00
C SER A 124 -34.84 -61.00 8.27
N GLY A 125 -34.72 -61.87 7.28
CA GLY A 125 -35.90 -62.30 6.53
C GLY A 125 -36.51 -63.56 7.14
N ASN A 126 -35.92 -64.04 8.23
CA ASN A 126 -36.37 -65.29 8.83
C ASN A 126 -37.07 -65.08 10.17
N ASP A 127 -37.48 -63.84 10.44
CA ASP A 127 -38.17 -63.51 11.69
C ASP A 127 -39.67 -63.34 11.47
N ASP A 128 -40.46 -64.24 12.03
CA ASP A 128 -41.90 -64.27 11.79
C ASP A 128 -42.69 -63.43 12.78
N TYR A 129 -41.99 -62.69 13.63
CA TYR A 129 -42.65 -61.82 14.61
C TYR A 129 -42.94 -60.44 14.02
N TYR A 130 -42.31 -60.15 12.88
CA TYR A 130 -42.39 -58.83 12.29
C TYR A 130 -43.27 -58.77 11.05
N GLY A 131 -43.91 -57.62 10.85
CA GLY A 131 -44.64 -57.33 9.63
C GLY A 131 -43.99 -56.16 8.88
N MET A 132 -44.75 -55.53 7.99
CA MET A 132 -44.26 -54.41 7.21
C MET A 132 -44.85 -53.09 7.73
N ASP A 133 -44.03 -52.26 8.36
CA ASP A 133 -44.57 -51.06 9.01
C ASP A 133 -44.57 -49.84 8.10
N VAL A 134 -43.70 -49.80 7.10
CA VAL A 134 -43.65 -48.62 6.23
C VAL A 134 -43.94 -48.97 4.78
N TRP A 135 -44.93 -48.29 4.21
CA TRP A 135 -45.31 -48.48 2.83
C TRP A 135 -45.24 -47.17 2.06
N GLY A 136 -44.84 -47.24 0.80
CA GLY A 136 -44.79 -46.06 -0.06
C GLY A 136 -46.07 -45.92 -0.88
N GLN A 137 -46.00 -45.12 -1.92
CA GLN A 137 -47.15 -44.89 -2.80
C GLN A 137 -46.92 -45.65 -4.09
N GLY A 138 -47.68 -46.73 -4.28
CA GLY A 138 -47.41 -47.65 -5.37
C GLY A 138 -47.54 -46.99 -6.73
N THR A 139 -46.71 -47.42 -7.66
CA THR A 139 -46.73 -46.91 -9.02
C THR A 139 -47.55 -47.83 -9.91
N THR A 140 -47.88 -47.36 -11.10
CA THR A 140 -48.71 -48.16 -12.00
C THR A 140 -47.89 -48.74 -13.15
N VAL A 141 -47.94 -50.06 -13.29
CA VAL A 141 -47.30 -50.73 -14.42
C VAL A 141 -48.35 -51.44 -15.25
N THR A 142 -48.45 -51.07 -16.52
CA THR A 142 -49.44 -51.67 -17.40
C THR A 142 -48.78 -52.33 -18.60
N VAL A 143 -49.16 -53.57 -18.85
CA VAL A 143 -48.61 -54.31 -19.99
C VAL A 143 -49.72 -54.66 -20.97
N SER A 144 -49.59 -54.17 -22.20
CA SER A 144 -50.63 -54.44 -23.20
C SER A 144 -50.15 -54.16 -24.62
N SER A 145 -50.66 -54.93 -25.56
CA SER A 145 -50.36 -54.70 -26.98
C SER A 145 -51.31 -53.67 -27.56
N ALA A 146 -51.23 -52.44 -27.05
CA ALA A 146 -52.13 -51.39 -27.49
C ALA A 146 -51.48 -50.01 -27.37
N SER A 147 -51.90 -49.10 -28.25
CA SER A 147 -51.47 -47.70 -28.20
C SER A 147 -52.40 -46.90 -27.30
N THR A 148 -51.98 -45.67 -26.98
CA THR A 148 -52.78 -44.80 -26.13
C THR A 148 -53.92 -44.16 -26.91
N LYS A 149 -54.84 -44.98 -27.39
CA LYS A 149 -55.97 -44.54 -28.19
C LYS A 149 -56.91 -43.66 -27.39
N GLY A 150 -57.37 -42.57 -28.01
CA GLY A 150 -58.31 -41.67 -27.36
C GLY A 150 -59.73 -42.22 -27.43
N PRO A 151 -60.60 -41.77 -26.53
CA PRO A 151 -61.99 -42.18 -26.34
C PRO A 151 -62.94 -41.70 -27.42
N SER A 152 -64.00 -42.47 -27.61
CA SER A 152 -65.16 -42.04 -28.39
C SER A 152 -66.31 -41.82 -27.43
N VAL A 153 -67.12 -40.81 -27.68
CA VAL A 153 -68.21 -40.51 -26.75
C VAL A 153 -69.57 -40.61 -27.42
N PHE A 154 -70.47 -41.34 -26.76
CA PHE A 154 -71.82 -41.53 -27.26
C PHE A 154 -72.84 -41.24 -26.16
N PRO A 155 -73.82 -40.36 -26.42
CA PRO A 155 -74.83 -39.90 -25.49
C PRO A 155 -75.86 -40.99 -25.19
N LEU A 156 -76.39 -40.99 -23.98
CA LEU A 156 -77.50 -41.86 -23.62
C LEU A 156 -78.73 -41.03 -23.30
N ALA A 157 -79.66 -40.96 -24.24
CA ALA A 157 -80.85 -40.15 -24.06
C ALA A 157 -81.72 -40.76 -22.97
N PRO A 158 -82.37 -39.93 -22.14
CA PRO A 158 -83.32 -40.31 -21.12
C PRO A 158 -84.61 -40.81 -21.76
N SER A 159 -85.24 -41.81 -21.14
CA SER A 159 -86.52 -42.32 -21.61
C SER A 159 -87.64 -41.48 -21.05
N SER A 160 -87.70 -40.22 -21.48
CA SER A 160 -88.64 -39.25 -20.93
C SER A 160 -90.09 -39.63 -21.24
N LYS A 161 -90.27 -40.48 -22.25
CA LYS A 161 -91.60 -40.92 -22.64
C LYS A 161 -92.20 -41.93 -21.69
N SER A 162 -91.35 -42.65 -20.95
CA SER A 162 -91.85 -43.70 -20.06
C SER A 162 -91.48 -43.49 -18.60
N THR A 163 -90.51 -42.62 -18.33
CA THR A 163 -90.02 -42.40 -16.97
C THR A 163 -90.31 -41.01 -16.45
N SER A 164 -91.22 -40.29 -17.11
CA SER A 164 -91.47 -38.90 -16.76
C SER A 164 -91.94 -38.72 -15.32
N GLY A 165 -92.63 -39.72 -14.79
CA GLY A 165 -93.11 -39.66 -13.40
C GLY A 165 -92.16 -40.36 -12.44
N GLY A 166 -91.06 -40.90 -12.96
CA GLY A 166 -90.11 -41.66 -12.15
C GLY A 166 -88.79 -40.92 -11.98
N THR A 167 -88.76 -39.66 -12.40
CA THR A 167 -87.54 -38.85 -12.42
C THR A 167 -86.69 -39.31 -13.60
N ALA A 168 -85.98 -38.37 -14.23
CA ALA A 168 -85.27 -38.70 -15.46
C ALA A 168 -83.81 -39.05 -15.19
N ALA A 169 -83.33 -40.08 -15.86
CA ALA A 169 -81.92 -40.41 -15.82
C ALA A 169 -81.30 -40.28 -17.20
N LEU A 170 -80.27 -39.47 -17.30
CA LEU A 170 -79.56 -39.24 -18.56
C LEU A 170 -78.08 -39.44 -18.37
N GLY A 171 -77.38 -39.86 -19.41
CA GLY A 171 -75.95 -40.08 -19.29
C GLY A 171 -75.24 -40.16 -20.62
N CYS A 172 -73.99 -40.61 -20.59
CA CYS A 172 -73.19 -40.83 -21.80
C CYS A 172 -72.15 -41.92 -21.56
N LEU A 173 -71.62 -42.47 -22.64
CA LEU A 173 -70.58 -43.49 -22.56
C LEU A 173 -69.26 -43.01 -23.12
N VAL A 174 -68.18 -43.45 -22.49
CA VAL A 174 -66.84 -43.19 -23.01
C VAL A 174 -66.20 -44.52 -23.36
N LYS A 175 -65.96 -44.75 -24.64
CA LYS A 175 -65.62 -46.08 -25.12
C LYS A 175 -64.34 -46.10 -25.96
N ASP A 176 -63.72 -47.29 -26.00
CA ASP A 176 -62.56 -47.56 -26.84
C ASP A 176 -61.36 -46.66 -26.57
N TYR A 177 -61.04 -46.45 -25.30
CA TYR A 177 -59.83 -45.70 -24.96
C TYR A 177 -58.88 -46.62 -24.22
N PHE A 178 -57.57 -46.43 -24.40
CA PHE A 178 -56.64 -47.33 -23.73
C PHE A 178 -56.23 -46.92 -22.32
N PRO A 179 -55.75 -45.68 -22.09
CA PRO A 179 -55.22 -45.20 -20.83
C PRO A 179 -56.28 -45.26 -19.75
N GLU A 180 -55.89 -45.63 -18.53
CA GLU A 180 -56.85 -45.82 -17.45
C GLU A 180 -57.57 -44.54 -16.99
N PRO A 181 -56.84 -43.46 -16.68
CA PRO A 181 -57.28 -42.32 -15.88
C PRO A 181 -58.13 -41.32 -16.65
N VAL A 182 -59.32 -41.73 -17.07
CA VAL A 182 -60.26 -40.83 -17.73
C VAL A 182 -61.16 -40.14 -16.71
N THR A 183 -61.24 -38.82 -16.77
CA THR A 183 -62.07 -38.06 -15.83
C THR A 183 -63.30 -37.49 -16.52
N VAL A 184 -64.46 -37.73 -15.93
CA VAL A 184 -65.72 -37.24 -16.49
C VAL A 184 -66.52 -36.43 -15.47
N SER A 185 -67.02 -35.28 -15.90
CA SER A 185 -67.86 -34.42 -15.07
C SER A 185 -68.96 -33.79 -15.91
N TRP A 186 -69.98 -33.25 -15.26
CA TRP A 186 -71.09 -32.66 -16.01
C TRP A 186 -71.13 -31.14 -15.91
N ASN A 187 -71.48 -30.51 -17.02
CA ASN A 187 -71.66 -29.06 -17.08
C ASN A 187 -70.45 -28.34 -16.53
N SER A 188 -69.27 -28.79 -16.92
CA SER A 188 -68.00 -28.20 -16.50
C SER A 188 -67.86 -28.14 -14.98
N GLY A 189 -68.38 -29.15 -14.30
CA GLY A 189 -68.25 -29.24 -12.85
C GLY A 189 -69.42 -28.60 -12.11
N ALA A 190 -70.28 -27.91 -12.86
CA ALA A 190 -71.45 -27.26 -12.26
C ALA A 190 -72.43 -28.29 -11.74
N LEU A 191 -72.50 -29.44 -12.39
CA LEU A 191 -73.44 -30.49 -12.00
C LEU A 191 -72.72 -31.67 -11.38
N THR A 192 -72.81 -31.79 -10.06
CA THR A 192 -72.20 -32.90 -9.33
C THR A 192 -73.25 -33.70 -8.58
N SER A 193 -74.38 -33.08 -8.29
CA SER A 193 -75.43 -33.71 -7.51
C SER A 193 -76.21 -34.69 -8.37
N GLY A 194 -76.40 -35.90 -7.85
CA GLY A 194 -77.16 -36.92 -8.55
C GLY A 194 -76.31 -37.62 -9.61
N VAL A 195 -75.02 -37.30 -9.63
CA VAL A 195 -74.12 -37.87 -10.63
C VAL A 195 -73.49 -39.17 -10.14
N HIS A 196 -73.63 -40.23 -10.94
CA HIS A 196 -73.06 -41.53 -10.61
C HIS A 196 -72.06 -41.97 -11.68
N THR A 197 -70.79 -42.01 -11.32
CA THR A 197 -69.74 -42.40 -12.24
C THR A 197 -69.21 -43.78 -11.87
N PHE A 198 -69.08 -44.64 -12.88
CA PHE A 198 -68.68 -46.02 -12.62
C PHE A 198 -67.22 -46.25 -13.00
N PRO A 199 -66.56 -47.20 -12.35
CA PRO A 199 -65.27 -47.77 -12.72
C PRO A 199 -65.33 -48.34 -14.12
N ALA A 200 -64.26 -48.13 -14.88
CA ALA A 200 -64.18 -48.63 -16.24
C ALA A 200 -63.98 -50.13 -16.26
N VAL A 201 -64.55 -50.78 -17.27
CA VAL A 201 -64.35 -52.20 -17.44
C VAL A 201 -63.47 -52.49 -18.65
N LEU A 202 -62.44 -53.31 -18.44
CA LEU A 202 -61.55 -53.66 -19.53
C LEU A 202 -62.22 -54.61 -20.50
N GLN A 203 -62.15 -54.29 -21.79
CA GLN A 203 -62.72 -55.11 -22.84
C GLN A 203 -61.69 -56.08 -23.40
N SER A 204 -62.17 -57.11 -24.08
CA SER A 204 -61.28 -58.11 -24.68
C SER A 204 -60.40 -57.49 -25.77
N SER A 205 -60.80 -56.32 -26.25
CA SER A 205 -60.04 -55.59 -27.25
C SER A 205 -58.79 -54.96 -26.65
N GLY A 206 -58.73 -54.91 -25.33
CA GLY A 206 -57.62 -54.28 -24.62
C GLY A 206 -57.95 -52.84 -24.24
N LEU A 207 -59.10 -52.36 -24.70
CA LEU A 207 -59.52 -51.00 -24.43
C LEU A 207 -60.55 -50.96 -23.30
N TYR A 208 -60.64 -49.82 -22.65
CA TYR A 208 -61.56 -49.62 -21.52
C TYR A 208 -62.83 -48.90 -21.93
N SER A 209 -63.91 -49.17 -21.19
CA SER A 209 -65.17 -48.46 -21.37
C SER A 209 -65.84 -48.15 -20.03
N LEU A 210 -66.25 -46.90 -19.84
CA LEU A 210 -66.94 -46.48 -18.63
C LEU A 210 -68.28 -45.82 -18.95
N SER A 211 -69.17 -45.80 -17.96
CA SER A 211 -70.44 -45.10 -18.10
C SER A 211 -70.62 -44.05 -17.02
N SER A 212 -71.35 -42.99 -17.35
CA SER A 212 -71.68 -41.94 -16.39
C SER A 212 -73.12 -41.48 -16.56
N VAL A 213 -73.89 -41.55 -15.49
CA VAL A 213 -75.30 -41.17 -15.54
C VAL A 213 -75.67 -40.22 -14.40
N VAL A 214 -76.46 -39.20 -14.71
CA VAL A 214 -76.94 -38.27 -13.71
C VAL A 214 -78.47 -38.26 -13.65
N THR A 215 -79.01 -38.29 -12.43
CA THR A 215 -80.46 -38.28 -12.24
C THR A 215 -80.98 -36.88 -11.97
N VAL A 216 -81.94 -36.45 -12.78
CA VAL A 216 -82.51 -35.11 -12.67
C VAL A 216 -84.04 -35.19 -12.76
N PRO A 217 -84.75 -34.15 -12.29
CA PRO A 217 -86.17 -33.96 -12.48
C PRO A 217 -86.51 -33.99 -13.96
N SER A 218 -87.57 -34.71 -14.31
CA SER A 218 -87.96 -34.86 -15.71
C SER A 218 -88.43 -33.54 -16.32
N SER A 219 -88.98 -32.67 -15.48
CA SER A 219 -89.48 -31.38 -15.94
C SER A 219 -88.36 -30.45 -16.36
N SER A 220 -87.13 -30.77 -15.94
CA SER A 220 -85.98 -29.94 -16.25
C SER A 220 -85.32 -30.32 -17.57
N LEU A 221 -85.76 -31.41 -18.17
CA LEU A 221 -85.11 -31.89 -19.38
C LEU A 221 -85.24 -30.90 -20.53
N GLY A 222 -86.37 -30.20 -20.57
CA GLY A 222 -86.61 -29.24 -21.65
C GLY A 222 -86.17 -27.82 -21.29
N THR A 223 -85.60 -27.64 -20.10
CA THR A 223 -85.20 -26.30 -19.67
C THR A 223 -83.70 -26.19 -19.43
N GLN A 224 -83.08 -27.31 -19.05
CA GLN A 224 -81.65 -27.31 -18.75
C GLN A 224 -80.87 -28.15 -19.75
N THR A 225 -79.88 -27.53 -20.37
CA THR A 225 -79.01 -28.24 -21.29
C THR A 225 -77.99 -29.07 -20.50
N TYR A 226 -77.85 -30.34 -20.86
CA TYR A 226 -76.93 -31.21 -20.16
C TYR A 226 -75.79 -31.67 -21.06
N ILE A 227 -74.58 -31.39 -20.64
CA ILE A 227 -73.38 -31.79 -21.37
C ILE A 227 -72.41 -32.53 -20.46
N CYS A 228 -71.92 -33.69 -20.90
CA CYS A 228 -70.90 -34.41 -20.14
C CYS A 228 -69.53 -34.09 -20.72
N ASN A 229 -68.59 -33.80 -19.84
CA ASN A 229 -67.27 -33.39 -20.24
C ASN A 229 -66.25 -34.49 -19.99
N VAL A 230 -65.67 -35.01 -21.07
CA VAL A 230 -64.72 -36.09 -20.96
C VAL A 230 -63.30 -35.58 -21.14
N ASN A 231 -62.51 -35.66 -20.06
CA ASN A 231 -61.15 -35.16 -20.09
C ASN A 231 -60.14 -36.30 -20.12
N HIS A 232 -59.58 -36.54 -21.30
CA HIS A 232 -58.57 -37.58 -21.46
C HIS A 232 -57.19 -36.98 -21.29
N LYS A 233 -56.76 -36.81 -20.04
CA LYS A 233 -55.53 -36.11 -19.75
C LYS A 233 -54.29 -36.67 -20.47
N PRO A 234 -54.10 -37.99 -20.53
CA PRO A 234 -52.93 -38.67 -21.09
C PRO A 234 -52.70 -38.36 -22.56
N SER A 235 -53.75 -37.91 -23.26
CA SER A 235 -53.63 -37.60 -24.67
C SER A 235 -54.07 -36.17 -24.98
N ASN A 236 -54.27 -35.38 -23.94
CA ASN A 236 -54.70 -33.99 -24.08
C ASN A 236 -55.94 -33.88 -24.97
N THR A 237 -56.90 -34.78 -24.79
CA THR A 237 -58.11 -34.77 -25.58
C THR A 237 -59.34 -34.48 -24.74
N LYS A 238 -60.13 -33.51 -25.16
CA LYS A 238 -61.33 -33.12 -24.43
C LYS A 238 -62.56 -33.17 -25.33
N VAL A 239 -63.57 -33.91 -24.89
CA VAL A 239 -64.80 -34.05 -25.66
C VAL A 239 -66.02 -33.59 -24.87
N ASP A 240 -66.77 -32.66 -25.46
CA ASP A 240 -67.98 -32.14 -24.83
C ASP A 240 -69.21 -32.68 -25.55
N LYS A 241 -69.96 -33.56 -24.88
CA LYS A 241 -71.09 -34.20 -25.53
C LYS A 241 -72.42 -33.83 -24.89
N ARG A 242 -73.32 -33.29 -25.70
CA ARG A 242 -74.65 -32.90 -25.25
C ARG A 242 -75.60 -34.08 -25.28
N VAL A 243 -76.39 -34.23 -24.21
CA VAL A 243 -77.34 -35.34 -24.13
C VAL A 243 -78.77 -34.82 -24.11
N GLU A 244 -79.57 -35.26 -25.08
CA GLU A 244 -80.96 -34.82 -25.21
C GLU A 244 -81.90 -36.04 -25.25
N PRO A 245 -83.20 -35.88 -24.86
CA PRO A 245 -84.28 -36.85 -25.00
C PRO A 245 -84.35 -37.41 -26.42
N ASP B 26 -47.67 -75.52 -0.57
CA ASP B 26 -48.38 -74.25 -0.73
C ASP B 26 -49.54 -74.14 0.27
N ILE B 27 -49.33 -73.32 1.31
CA ILE B 27 -50.33 -73.11 2.36
C ILE B 27 -50.99 -71.75 2.21
N GLN B 28 -52.29 -71.76 1.97
CA GLN B 28 -53.04 -70.51 1.77
C GLN B 28 -53.74 -70.05 3.04
N LEU B 29 -53.95 -68.74 3.14
CA LEU B 29 -54.70 -68.16 4.23
C LEU B 29 -56.14 -67.86 3.82
N THR B 30 -57.08 -68.22 4.67
CA THR B 30 -58.49 -67.96 4.38
C THR B 30 -59.13 -67.05 5.41
N GLN B 31 -59.74 -65.98 4.92
CA GLN B 31 -60.47 -65.03 5.76
C GLN B 31 -61.96 -65.18 5.55
N SER B 32 -62.75 -64.39 6.30
CA SER B 32 -64.20 -64.45 6.17
C SER B 32 -64.60 -64.35 4.70
N PRO B 33 -65.69 -65.02 4.29
CA PRO B 33 -66.12 -65.21 2.92
C PRO B 33 -66.18 -63.92 2.10
N SER B 34 -66.59 -62.81 2.71
CA SER B 34 -66.70 -61.56 1.95
C SER B 34 -66.56 -60.33 2.82
N SER B 35 -67.67 -59.89 3.39
CA SER B 35 -67.69 -58.64 4.15
C SER B 35 -68.68 -58.70 5.30
N LEU B 36 -68.50 -57.79 6.25
CA LEU B 36 -69.39 -57.68 7.39
C LEU B 36 -70.16 -56.37 7.33
N SER B 37 -71.39 -56.41 7.82
CA SER B 37 -72.22 -55.20 7.89
C SER B 37 -72.43 -54.79 9.33
N ALA B 38 -72.05 -53.56 9.66
CA ALA B 38 -72.16 -53.10 11.04
C ALA B 38 -72.40 -51.61 11.12
N SER B 39 -73.01 -51.18 12.21
CA SER B 39 -73.22 -49.76 12.48
C SER B 39 -72.11 -49.23 13.38
N VAL B 40 -72.03 -47.92 13.49
CA VAL B 40 -71.06 -47.29 14.36
C VAL B 40 -71.41 -47.54 15.82
N GLY B 41 -70.44 -47.97 16.60
CA GLY B 41 -70.64 -48.31 18.00
C GLY B 41 -70.85 -49.82 18.19
N ASP B 42 -70.93 -50.54 17.08
CA ASP B 42 -71.11 -51.99 17.13
C ASP B 42 -69.77 -52.70 17.27
N ARG B 43 -69.79 -54.02 17.35
CA ARG B 43 -68.55 -54.78 17.48
C ARG B 43 -68.30 -55.64 16.25
N VAL B 44 -67.08 -55.56 15.72
CA VAL B 44 -66.75 -56.29 14.51
C VAL B 44 -65.64 -57.31 14.73
N THR B 45 -65.91 -58.56 14.34
CA THR B 45 -64.92 -59.61 14.49
C THR B 45 -64.52 -60.19 13.14
N ILE B 46 -63.22 -60.14 12.85
CA ILE B 46 -62.67 -60.67 11.61
C ILE B 46 -61.70 -61.81 11.91
N THR B 47 -61.86 -62.94 11.22
CA THR B 47 -60.99 -64.08 11.48
C THR B 47 -60.17 -64.48 10.26
N CYS B 48 -59.04 -65.15 10.50
CA CYS B 48 -58.17 -65.68 9.46
C CYS B 48 -57.56 -66.99 9.91
N ARG B 49 -57.56 -67.99 9.03
CA ARG B 49 -56.97 -69.28 9.36
C ARG B 49 -56.16 -69.84 8.20
N ALA B 50 -55.05 -70.50 8.54
CA ALA B 50 -54.25 -71.21 7.54
C ALA B 50 -54.74 -72.64 7.42
N SER B 51 -54.62 -73.22 6.23
CA SER B 51 -54.95 -74.63 6.05
C SER B 51 -53.98 -75.52 6.83
N GLN B 52 -52.76 -75.01 7.02
CA GLN B 52 -51.73 -75.69 7.80
C GLN B 52 -51.00 -74.65 8.65
N ARG B 53 -50.44 -75.08 9.78
CA ARG B 53 -49.71 -74.13 10.59
C ARG B 53 -48.50 -73.59 9.84
N ILE B 54 -48.36 -72.27 9.85
CA ILE B 54 -47.23 -71.60 9.23
C ILE B 54 -46.27 -71.07 10.29
N SER B 55 -46.83 -70.41 11.29
CA SER B 55 -46.06 -69.80 12.36
C SER B 55 -46.93 -69.59 13.59
N SER B 56 -46.32 -69.17 14.67
CA SER B 56 -47.06 -68.88 15.90
C SER B 56 -47.64 -67.46 15.89
N TYR B 57 -47.31 -66.69 14.86
CA TYR B 57 -47.74 -65.30 14.79
C TYR B 57 -48.47 -65.00 13.49
N LEU B 58 -49.41 -64.07 13.57
CA LEU B 58 -50.11 -63.58 12.40
C LEU B 58 -50.27 -62.06 12.48
N ASN B 59 -49.97 -61.37 11.38
CA ASN B 59 -50.06 -59.92 11.36
C ASN B 59 -51.37 -59.46 10.71
N TRP B 60 -51.82 -58.26 11.07
CA TRP B 60 -53.00 -57.67 10.45
C TRP B 60 -52.69 -56.33 9.80
N TYR B 61 -53.28 -56.10 8.63
CA TYR B 61 -53.12 -54.84 7.90
C TYR B 61 -54.46 -54.18 7.61
N GLN B 62 -54.45 -52.86 7.54
CA GLN B 62 -55.63 -52.08 7.20
C GLN B 62 -55.41 -51.24 5.94
N GLN B 63 -56.33 -51.33 4.99
CA GLN B 63 -56.22 -50.56 3.76
C GLN B 63 -57.50 -49.79 3.44
N LYS B 64 -57.34 -48.53 3.08
CA LYS B 64 -58.46 -47.71 2.64
C LYS B 64 -58.29 -47.42 1.15
N PRO B 65 -59.37 -47.19 0.40
CA PRO B 65 -59.37 -46.92 -1.02
C PRO B 65 -58.44 -45.76 -1.35
N GLY B 66 -57.57 -45.96 -2.33
CA GLY B 66 -56.66 -44.92 -2.78
C GLY B 66 -55.42 -44.80 -1.90
N LYS B 67 -55.31 -45.66 -0.89
CA LYS B 67 -54.19 -45.58 0.04
C LYS B 67 -53.38 -46.88 0.11
N ALA B 68 -52.12 -46.74 0.51
CA ALA B 68 -51.26 -47.90 0.77
C ALA B 68 -51.73 -48.61 2.04
N PRO B 69 -51.49 -49.91 2.15
CA PRO B 69 -51.70 -50.73 3.34
C PRO B 69 -50.92 -50.21 4.53
N LYS B 70 -51.54 -50.28 5.71
CA LYS B 70 -50.89 -49.89 6.96
C LYS B 70 -50.89 -51.04 7.96
N LEU B 71 -49.78 -51.21 8.67
CA LEU B 71 -49.69 -52.27 9.67
C LEU B 71 -50.52 -51.92 10.90
N LEU B 72 -51.39 -52.84 11.30
CA LEU B 72 -52.28 -52.62 12.43
C LEU B 72 -51.77 -53.37 13.66
N ILE B 73 -51.57 -54.67 13.50
CA ILE B 73 -51.08 -55.52 14.57
C ILE B 73 -49.99 -56.46 14.07
N TYR B 74 -48.95 -56.65 14.87
CA TYR B 74 -47.89 -57.57 14.51
C TYR B 74 -47.57 -58.49 15.68
N GLY B 75 -47.08 -59.68 15.36
CA GLY B 75 -46.68 -60.61 16.42
C GLY B 75 -47.91 -61.19 17.11
N ALA B 76 -49.04 -61.15 16.40
CA ALA B 76 -50.32 -61.63 16.90
C ALA B 76 -50.93 -60.70 17.95
N PHE B 77 -50.18 -60.40 19.00
CA PHE B 77 -50.73 -59.64 20.12
C PHE B 77 -50.21 -58.22 20.28
N SER B 78 -49.18 -57.83 19.52
CA SER B 78 -48.59 -56.52 19.75
C SER B 78 -49.19 -55.46 18.84
N LEU B 79 -49.79 -54.43 19.45
CA LEU B 79 -50.44 -53.36 18.72
C LEU B 79 -49.41 -52.38 18.22
N GLN B 80 -49.52 -51.98 16.95
CA GLN B 80 -48.55 -51.04 16.37
C GLN B 80 -48.74 -49.64 16.92
N SER B 81 -47.63 -48.94 17.11
CA SER B 81 -47.69 -47.59 17.66
C SER B 81 -48.51 -46.67 16.76
N GLY B 82 -49.33 -45.84 17.39
CA GLY B 82 -50.17 -44.90 16.66
C GLY B 82 -51.55 -45.47 16.40
N VAL B 83 -51.71 -46.76 16.65
CA VAL B 83 -53.00 -47.43 16.45
C VAL B 83 -53.83 -47.37 17.74
N PRO B 84 -55.08 -46.94 17.65
CA PRO B 84 -56.06 -46.87 18.73
C PRO B 84 -56.25 -48.23 19.41
N SER B 85 -56.51 -48.18 20.71
CA SER B 85 -56.69 -49.37 21.54
C SER B 85 -57.94 -50.15 21.16
N ARG B 86 -58.76 -49.54 20.31
CA ARG B 86 -59.99 -50.17 19.85
C ARG B 86 -59.68 -51.49 19.15
N PHE B 87 -58.50 -51.57 18.55
CA PHE B 87 -58.08 -52.76 17.83
C PHE B 87 -57.30 -53.69 18.75
N SER B 88 -57.79 -54.91 18.92
CA SER B 88 -57.15 -55.85 19.82
C SER B 88 -57.01 -57.24 19.19
N GLY B 89 -55.79 -57.77 19.23
CA GLY B 89 -55.52 -59.09 18.67
C GLY B 89 -55.95 -60.20 19.64
N SER B 90 -56.41 -61.31 19.08
CA SER B 90 -56.80 -62.48 19.86
C SER B 90 -56.79 -63.70 18.96
N GLY B 91 -57.08 -64.87 19.52
CA GLY B 91 -57.16 -66.07 18.71
C GLY B 91 -57.74 -67.25 19.48
N SER B 92 -58.05 -68.31 18.75
CA SER B 92 -58.61 -69.52 19.33
C SER B 92 -58.33 -70.72 18.43
N GLY B 93 -57.94 -71.84 19.03
CA GLY B 93 -57.61 -73.01 18.25
C GLY B 93 -56.44 -72.69 17.33
N THR B 94 -56.59 -72.99 16.05
CA THR B 94 -55.53 -72.72 15.09
C THR B 94 -55.81 -71.45 14.30
N ASP B 95 -56.87 -70.74 14.68
CA ASP B 95 -57.29 -69.54 13.97
C ASP B 95 -56.86 -68.27 14.71
N PHE B 96 -56.69 -67.19 13.96
CA PHE B 96 -56.37 -65.89 14.54
C PHE B 96 -57.52 -64.93 14.35
N THR B 97 -57.69 -64.01 15.30
CA THR B 97 -58.80 -63.07 15.24
C THR B 97 -58.38 -61.61 15.41
N LEU B 98 -59.05 -60.73 14.68
CA LEU B 98 -58.95 -59.29 14.86
C LEU B 98 -60.28 -58.74 15.36
N THR B 99 -60.27 -58.12 16.54
CA THR B 99 -61.51 -57.61 17.10
C THR B 99 -61.50 -56.10 17.25
N ILE B 100 -62.56 -55.45 16.77
CA ILE B 100 -62.75 -54.03 16.98
C ILE B 100 -63.82 -53.83 18.05
N SER B 101 -63.42 -53.35 19.22
CA SER B 101 -64.32 -53.33 20.36
C SER B 101 -65.52 -52.41 20.15
N SER B 102 -65.29 -51.30 19.47
CA SER B 102 -66.35 -50.34 19.15
C SER B 102 -66.06 -49.70 17.80
N LEU B 103 -66.87 -50.04 16.80
CA LEU B 103 -66.61 -49.58 15.44
C LEU B 103 -66.82 -48.09 15.30
N GLN B 104 -65.82 -47.41 14.74
CA GLN B 104 -65.91 -45.97 14.48
C GLN B 104 -66.07 -45.74 12.96
N PRO B 105 -66.53 -44.55 12.55
CA PRO B 105 -66.71 -44.14 11.17
C PRO B 105 -65.41 -44.26 10.37
N GLU B 106 -64.28 -44.16 11.06
CA GLU B 106 -62.98 -44.23 10.41
C GLU B 106 -62.43 -45.65 10.32
N ASP B 107 -63.15 -46.61 10.88
CA ASP B 107 -62.68 -47.98 10.95
C ASP B 107 -63.18 -48.83 9.78
N PHE B 108 -63.85 -48.20 8.84
CA PHE B 108 -64.37 -48.91 7.68
C PHE B 108 -63.29 -49.01 6.62
N ALA B 109 -62.74 -50.21 6.47
CA ALA B 109 -61.58 -50.44 5.63
C ALA B 109 -61.47 -51.90 5.25
N THR B 110 -60.61 -52.20 4.30
CA THR B 110 -60.31 -53.58 3.94
C THR B 110 -59.20 -54.10 4.83
N TYR B 111 -59.37 -55.28 5.40
CA TYR B 111 -58.37 -55.82 6.30
C TYR B 111 -57.75 -57.11 5.75
N TYR B 112 -56.46 -57.28 6.00
CA TYR B 112 -55.73 -58.46 5.51
C TYR B 112 -54.97 -59.15 6.65
N CYS B 113 -54.81 -60.46 6.52
CA CYS B 113 -53.95 -61.25 7.42
C CYS B 113 -52.67 -61.68 6.71
N GLN B 114 -51.57 -61.77 7.46
CA GLN B 114 -50.28 -62.14 6.89
C GLN B 114 -49.48 -63.12 7.74
N GLN B 115 -48.82 -64.07 7.07
CA GLN B 115 -47.87 -64.96 7.72
C GLN B 115 -46.61 -65.08 6.86
N SER B 116 -45.45 -65.31 7.50
CA SER B 116 -44.18 -65.25 6.79
C SER B 116 -43.51 -66.59 6.46
N TYR B 117 -43.94 -67.67 7.10
CA TYR B 117 -43.27 -68.96 6.95
C TYR B 117 -41.81 -68.89 7.42
N ARG B 118 -41.50 -67.88 8.21
CA ARG B 118 -40.13 -67.64 8.68
C ARG B 118 -39.15 -67.52 7.54
N THR B 119 -39.57 -66.88 6.45
CA THR B 119 -38.71 -66.58 5.32
C THR B 119 -39.19 -65.33 4.60
N LEU B 120 -38.59 -65.04 3.45
CA LEU B 120 -38.91 -63.83 2.71
C LEU B 120 -40.24 -63.94 1.98
N THR B 121 -40.64 -65.17 1.64
CA THR B 121 -41.85 -65.38 0.85
C THR B 121 -43.11 -65.24 1.69
N ARG B 122 -43.43 -64.00 2.06
CA ARG B 122 -44.60 -63.69 2.87
C ARG B 122 -45.88 -63.86 2.06
N THR B 123 -46.97 -64.21 2.73
CA THR B 123 -48.26 -64.36 2.05
C THR B 123 -49.37 -63.57 2.73
N PHE B 124 -50.41 -63.25 1.95
CA PHE B 124 -51.57 -62.53 2.45
C PHE B 124 -52.86 -63.32 2.22
N GLY B 125 -53.87 -63.06 3.04
CA GLY B 125 -55.20 -63.63 2.82
C GLY B 125 -55.92 -62.85 1.72
N GLN B 126 -57.14 -63.25 1.40
CA GLN B 126 -57.86 -62.62 0.30
C GLN B 126 -58.35 -61.22 0.66
N GLY B 127 -58.45 -60.94 1.95
CA GLY B 127 -58.91 -59.65 2.43
C GLY B 127 -60.41 -59.65 2.72
N THR B 128 -60.81 -58.87 3.72
CA THR B 128 -62.23 -58.74 4.06
C THR B 128 -62.63 -57.29 4.19
N LYS B 129 -63.90 -57.00 3.96
CA LYS B 129 -64.37 -55.61 4.01
C LYS B 129 -65.43 -55.39 5.08
N VAL B 130 -65.56 -54.15 5.52
CA VAL B 130 -66.61 -53.75 6.45
C VAL B 130 -67.48 -52.68 5.81
N GLU B 131 -68.78 -52.92 5.76
CA GLU B 131 -69.72 -52.01 5.13
C GLU B 131 -70.65 -51.38 6.16
N ILE B 132 -71.20 -50.22 5.82
CA ILE B 132 -72.12 -49.53 6.73
C ILE B 132 -73.48 -50.20 6.72
N LYS B 133 -74.00 -50.49 7.91
CA LYS B 133 -75.32 -51.09 8.07
C LYS B 133 -76.44 -50.12 7.71
N ARG B 134 -77.43 -50.62 6.97
CA ARG B 134 -78.57 -49.82 6.55
C ARG B 134 -79.75 -50.76 6.28
N THR B 135 -80.94 -50.18 6.16
CA THR B 135 -82.12 -50.97 5.85
C THR B 135 -82.15 -51.36 4.38
N VAL B 136 -82.97 -52.35 4.05
CA VAL B 136 -83.09 -52.81 2.67
C VAL B 136 -83.99 -51.91 1.84
N ALA B 137 -83.51 -51.54 0.66
CA ALA B 137 -84.28 -50.71 -0.25
C ALA B 137 -84.03 -51.12 -1.69
N ALA B 138 -85.10 -51.13 -2.48
CA ALA B 138 -85.03 -51.49 -3.90
C ALA B 138 -84.34 -50.38 -4.71
N PRO B 139 -83.67 -50.75 -5.80
CA PRO B 139 -83.09 -49.86 -6.80
C PRO B 139 -84.13 -49.21 -7.68
N SER B 140 -83.83 -47.99 -8.12
CA SER B 140 -84.59 -47.38 -9.20
C SER B 140 -83.99 -47.89 -10.51
N VAL B 141 -84.84 -48.30 -11.45
CA VAL B 141 -84.34 -48.94 -12.66
C VAL B 141 -84.59 -48.13 -13.93
N PHE B 142 -83.51 -47.88 -14.68
CA PHE B 142 -83.59 -47.17 -15.94
C PHE B 142 -82.94 -47.97 -17.06
N ILE B 143 -83.48 -47.87 -18.27
CA ILE B 143 -82.88 -48.51 -19.43
C ILE B 143 -82.56 -47.48 -20.51
N PHE B 144 -81.35 -47.57 -21.07
CA PHE B 144 -80.90 -46.63 -22.09
C PHE B 144 -80.67 -47.30 -23.44
N PRO B 145 -81.51 -47.01 -24.44
CA PRO B 145 -81.40 -47.45 -25.83
C PRO B 145 -80.11 -46.92 -26.46
N PRO B 146 -79.57 -47.60 -27.47
CA PRO B 146 -78.42 -47.21 -28.26
C PRO B 146 -78.63 -45.87 -28.95
N SER B 147 -77.57 -45.06 -29.01
CA SER B 147 -77.60 -43.79 -29.70
C SER B 147 -77.41 -43.97 -31.20
N ASP B 148 -77.67 -42.92 -31.95
CA ASP B 148 -77.50 -42.98 -33.39
C ASP B 148 -76.03 -42.86 -33.76
N GLU B 149 -75.28 -42.11 -32.96
CA GLU B 149 -73.85 -41.96 -33.19
C GLU B 149 -73.15 -43.29 -33.00
N GLN B 150 -73.65 -44.09 -32.07
CA GLN B 150 -73.11 -45.41 -31.80
C GLN B 150 -73.44 -46.37 -32.93
N LEU B 151 -74.68 -46.32 -33.42
CA LEU B 151 -75.11 -47.18 -34.51
C LEU B 151 -74.33 -46.85 -35.78
N LYS B 152 -74.04 -45.58 -35.99
CA LYS B 152 -73.26 -45.15 -37.14
C LYS B 152 -71.81 -45.61 -37.04
N SER B 153 -71.42 -46.05 -35.85
CA SER B 153 -70.05 -46.50 -35.59
C SER B 153 -69.92 -48.00 -35.84
N GLY B 154 -71.04 -48.65 -36.16
CA GLY B 154 -71.04 -50.08 -36.46
C GLY B 154 -71.31 -50.96 -35.24
N THR B 155 -71.65 -50.34 -34.11
CA THR B 155 -71.91 -51.09 -32.89
C THR B 155 -73.17 -50.60 -32.19
N ALA B 156 -73.62 -51.35 -31.20
CA ALA B 156 -74.77 -50.94 -30.40
C ALA B 156 -74.64 -51.48 -28.98
N SER B 157 -75.11 -50.72 -28.00
CA SER B 157 -75.16 -51.24 -26.64
C SER B 157 -76.33 -50.67 -25.86
N VAL B 158 -76.77 -51.42 -24.86
CA VAL B 158 -77.87 -51.01 -24.01
C VAL B 158 -77.43 -50.97 -22.56
N VAL B 159 -77.78 -49.91 -21.86
CA VAL B 159 -77.39 -49.79 -20.46
C VAL B 159 -78.59 -49.88 -19.51
N CYS B 160 -78.48 -50.79 -18.53
CA CYS B 160 -79.49 -50.94 -17.48
C CYS B 160 -78.91 -50.46 -16.15
N LEU B 161 -79.52 -49.42 -15.59
CA LEU B 161 -78.96 -48.76 -14.41
C LEU B 161 -79.78 -48.96 -13.15
N LEU B 162 -79.10 -49.34 -12.07
CA LEU B 162 -79.73 -49.44 -10.76
C LEU B 162 -79.22 -48.33 -9.84
N ASN B 163 -80.13 -47.49 -9.36
CA ASN B 163 -79.72 -46.40 -8.48
C ASN B 163 -80.21 -46.56 -7.04
N ASN B 164 -79.36 -46.15 -6.11
CA ASN B 164 -79.71 -46.01 -4.69
C ASN B 164 -80.29 -47.25 -4.03
N PHE B 165 -79.64 -48.39 -4.19
CA PHE B 165 -80.06 -49.60 -3.50
C PHE B 165 -79.02 -49.98 -2.45
N TYR B 166 -79.44 -50.66 -1.38
CA TYR B 166 -78.48 -50.93 -0.32
C TYR B 166 -77.75 -52.28 -0.39
N PRO B 167 -78.43 -53.43 -0.51
CA PRO B 167 -77.82 -54.73 -0.65
C PRO B 167 -76.93 -54.74 -1.88
N ARG B 168 -75.73 -55.28 -1.74
CA ARG B 168 -74.77 -55.30 -2.86
C ARG B 168 -75.13 -56.36 -3.88
N GLU B 169 -75.71 -57.47 -3.43
CA GLU B 169 -75.93 -58.62 -4.28
C GLU B 169 -77.18 -58.46 -5.15
N ALA B 170 -77.12 -57.52 -6.08
CA ALA B 170 -78.19 -57.30 -7.05
C ALA B 170 -77.98 -58.22 -8.25
N LYS B 171 -79.07 -58.64 -8.88
CA LYS B 171 -78.98 -59.49 -10.06
C LYS B 171 -79.70 -58.88 -11.25
N VAL B 172 -78.97 -58.71 -12.35
CA VAL B 172 -79.55 -58.17 -13.58
C VAL B 172 -79.29 -59.09 -14.76
N GLN B 173 -80.34 -59.39 -15.51
CA GLN B 173 -80.21 -60.22 -16.70
C GLN B 173 -80.76 -59.54 -17.94
N TRP B 174 -80.14 -59.80 -19.08
CA TRP B 174 -80.58 -59.21 -20.34
C TRP B 174 -81.37 -60.17 -21.20
N LYS B 175 -82.43 -59.65 -21.82
CA LYS B 175 -83.21 -60.43 -22.78
C LYS B 175 -83.41 -59.65 -24.07
N VAL B 176 -83.30 -60.35 -25.19
CA VAL B 176 -83.52 -59.75 -26.49
C VAL B 176 -84.55 -60.57 -27.26
N ASP B 177 -85.59 -59.91 -27.76
CA ASP B 177 -86.69 -60.61 -28.41
C ASP B 177 -87.23 -61.69 -27.49
N ASN B 178 -87.37 -61.35 -26.21
CA ASN B 178 -87.87 -62.27 -25.20
C ASN B 178 -87.04 -63.55 -25.10
N ALA B 179 -85.72 -63.41 -25.21
CA ALA B 179 -84.82 -64.54 -25.07
C ALA B 179 -83.60 -64.15 -24.25
N LEU B 180 -83.19 -65.03 -23.35
CA LEU B 180 -82.08 -64.74 -22.45
C LEU B 180 -80.74 -64.75 -23.17
N GLN B 181 -79.90 -63.76 -22.87
CA GLN B 181 -78.56 -63.70 -23.43
C GLN B 181 -77.51 -63.63 -22.33
N SER B 182 -76.33 -64.18 -22.61
CA SER B 182 -75.21 -64.09 -21.68
C SER B 182 -73.88 -64.12 -22.41
N GLY B 183 -72.84 -63.63 -21.75
CA GLY B 183 -71.49 -63.65 -22.31
C GLY B 183 -71.22 -62.43 -23.17
N ASN B 184 -72.22 -61.58 -23.33
CA ASN B 184 -72.11 -60.39 -24.16
C ASN B 184 -72.43 -59.13 -23.38
N SER B 185 -72.16 -59.15 -22.07
CA SER B 185 -72.46 -58.01 -21.22
C SER B 185 -71.42 -57.84 -20.12
N GLN B 186 -71.34 -56.62 -19.59
CA GLN B 186 -70.40 -56.27 -18.54
C GLN B 186 -71.09 -55.56 -17.38
N GLU B 187 -70.52 -55.68 -16.19
CA GLU B 187 -71.10 -55.03 -15.02
C GLU B 187 -70.05 -54.25 -14.22
N SER B 188 -70.44 -53.08 -13.74
CA SER B 188 -69.57 -52.26 -12.90
C SER B 188 -70.36 -51.68 -11.72
N VAL B 189 -69.79 -51.78 -10.53
CA VAL B 189 -70.48 -51.34 -9.31
C VAL B 189 -69.68 -50.29 -8.56
N THR B 190 -70.37 -49.25 -8.10
CA THR B 190 -69.72 -48.15 -7.38
C THR B 190 -69.48 -48.49 -5.92
N GLU B 191 -68.67 -47.66 -5.26
CA GLU B 191 -68.42 -47.80 -3.84
C GLU B 191 -69.62 -47.28 -3.06
N GLN B 192 -69.77 -47.73 -1.82
CA GLN B 192 -70.88 -47.28 -1.00
C GLN B 192 -70.84 -45.76 -0.85
N ASP B 193 -71.99 -45.12 -1.08
CA ASP B 193 -72.08 -43.66 -1.02
C ASP B 193 -71.75 -43.14 0.37
N SER B 194 -71.08 -41.99 0.41
CA SER B 194 -70.64 -41.41 1.67
C SER B 194 -71.76 -40.73 2.45
N LYS B 195 -72.86 -40.40 1.79
CA LYS B 195 -73.95 -39.70 2.46
C LYS B 195 -75.20 -40.56 2.60
N ASP B 196 -75.56 -41.27 1.53
CA ASP B 196 -76.78 -42.08 1.55
C ASP B 196 -76.49 -43.54 1.88
N SER B 197 -75.21 -43.89 1.94
CA SER B 197 -74.79 -45.26 2.18
C SER B 197 -75.46 -46.27 1.23
N THR B 198 -75.56 -45.91 -0.04
CA THR B 198 -76.17 -46.76 -1.05
C THR B 198 -75.21 -47.11 -2.17
N TYR B 199 -75.61 -48.04 -3.02
CA TYR B 199 -74.80 -48.48 -4.17
C TYR B 199 -75.51 -48.19 -5.48
N SER B 200 -74.71 -48.04 -6.54
CA SER B 200 -75.23 -47.94 -7.89
C SER B 200 -74.62 -49.04 -8.76
N LEU B 201 -75.39 -49.54 -9.72
CA LEU B 201 -74.91 -50.62 -10.58
C LEU B 201 -75.15 -50.33 -12.06
N SER B 202 -74.12 -50.50 -12.87
CA SER B 202 -74.23 -50.29 -14.30
C SER B 202 -74.01 -51.59 -15.07
N SER B 203 -75.03 -52.02 -15.80
CA SER B 203 -74.95 -53.23 -16.61
C SER B 203 -75.10 -52.88 -18.08
N THR B 204 -74.13 -53.29 -18.90
CA THR B 204 -74.15 -52.95 -20.31
C THR B 204 -74.20 -54.18 -21.20
N LEU B 205 -75.15 -54.18 -22.13
CA LEU B 205 -75.28 -55.24 -23.13
C LEU B 205 -74.67 -54.79 -24.44
N THR B 206 -73.71 -55.55 -24.97
CA THR B 206 -73.01 -55.14 -26.18
C THR B 206 -73.38 -56.02 -27.38
N LEU B 207 -73.76 -55.37 -28.47
CA LEU B 207 -74.12 -56.05 -29.71
C LEU B 207 -73.41 -55.41 -30.90
N SER B 208 -73.16 -56.22 -31.93
CA SER B 208 -72.71 -55.65 -33.20
C SER B 208 -73.90 -55.04 -33.90
N LYS B 209 -73.65 -54.09 -34.80
CA LYS B 209 -74.76 -53.49 -35.55
C LYS B 209 -75.47 -54.54 -36.39
N ALA B 210 -74.69 -55.46 -36.96
CA ALA B 210 -75.25 -56.48 -37.84
C ALA B 210 -76.24 -57.36 -37.11
N ASP B 211 -75.97 -57.66 -35.85
CA ASP B 211 -76.87 -58.51 -35.07
C ASP B 211 -77.94 -57.68 -34.36
N TYR B 212 -77.60 -56.45 -34.00
CA TYR B 212 -78.54 -55.58 -33.32
C TYR B 212 -79.82 -55.40 -34.13
N GLU B 213 -79.67 -55.21 -35.43
CA GLU B 213 -80.79 -54.95 -36.33
C GLU B 213 -81.67 -56.18 -36.54
N LYS B 214 -81.21 -57.34 -36.09
CA LYS B 214 -81.97 -58.57 -36.26
C LYS B 214 -83.04 -58.71 -35.20
N HIS B 215 -83.00 -57.85 -34.20
CA HIS B 215 -83.93 -57.92 -33.08
C HIS B 215 -84.77 -56.66 -32.98
N LYS B 216 -85.98 -56.78 -32.45
CA LYS B 216 -86.89 -55.63 -32.39
C LYS B 216 -87.09 -55.10 -30.98
N VAL B 217 -87.10 -55.99 -29.99
CA VAL B 217 -87.34 -55.55 -28.62
C VAL B 217 -86.20 -55.94 -27.68
N TYR B 218 -85.77 -54.97 -26.89
CA TYR B 218 -84.70 -55.19 -25.92
C TYR B 218 -85.20 -54.89 -24.51
N ALA B 219 -84.75 -55.69 -23.54
CA ALA B 219 -85.19 -55.49 -22.16
C ALA B 219 -84.15 -56.00 -21.15
N CYS B 220 -84.22 -55.46 -19.93
CA CYS B 220 -83.43 -55.95 -18.80
C CYS B 220 -84.35 -56.25 -17.62
N GLU B 221 -84.03 -57.31 -16.89
CA GLU B 221 -84.80 -57.70 -15.72
C GLU B 221 -83.96 -57.54 -14.47
N VAL B 222 -84.55 -56.92 -13.45
CA VAL B 222 -83.83 -56.67 -12.21
C VAL B 222 -84.43 -57.45 -11.04
N THR B 223 -83.59 -58.25 -10.40
CA THR B 223 -83.97 -59.00 -9.21
C THR B 223 -83.24 -58.45 -7.99
N HIS B 224 -83.98 -58.16 -6.94
CA HIS B 224 -83.39 -57.55 -5.76
C HIS B 224 -84.16 -57.89 -4.50
N GLN B 225 -83.47 -57.89 -3.37
CA GLN B 225 -84.04 -58.26 -2.09
C GLN B 225 -85.09 -57.25 -1.60
N GLY B 226 -85.00 -56.02 -2.10
CA GLY B 226 -85.93 -54.97 -1.71
C GLY B 226 -87.16 -54.94 -2.61
N LEU B 227 -87.22 -55.85 -3.56
CA LEU B 227 -88.34 -55.88 -4.51
C LEU B 227 -89.31 -57.02 -4.19
N SER B 228 -90.59 -56.73 -4.30
CA SER B 228 -91.63 -57.76 -4.14
C SER B 228 -91.76 -58.58 -5.41
N SER B 229 -91.25 -58.03 -6.51
CA SER B 229 -91.26 -58.70 -7.81
C SER B 229 -90.16 -58.11 -8.69
N PRO B 230 -89.62 -58.89 -9.64
CA PRO B 230 -88.66 -58.48 -10.65
C PRO B 230 -89.16 -57.29 -11.45
N VAL B 231 -88.27 -56.33 -11.70
CA VAL B 231 -88.60 -55.14 -12.47
C VAL B 231 -88.08 -55.25 -13.88
N THR B 232 -88.95 -55.04 -14.85
CA THR B 232 -88.55 -55.14 -16.25
C THR B 232 -88.70 -53.82 -16.97
N LYS B 233 -87.65 -53.42 -17.68
CA LYS B 233 -87.68 -52.23 -18.51
C LYS B 233 -87.30 -52.60 -19.94
N SER B 234 -87.92 -51.94 -20.92
CA SER B 234 -87.70 -52.31 -22.30
C SER B 234 -87.89 -51.14 -23.27
N PHE B 235 -87.42 -51.34 -24.50
CA PHE B 235 -87.63 -50.38 -25.58
C PHE B 235 -87.69 -51.11 -26.92
N ASN B 236 -88.26 -50.44 -27.93
CA ASN B 236 -88.37 -50.99 -29.28
C ASN B 236 -87.68 -50.07 -30.29
N TYR C 1 28.88 25.44 -76.71
CA TYR C 1 29.96 25.27 -75.74
C TYR C 1 29.52 24.37 -74.59
N GLU C 2 30.29 23.32 -74.32
CA GLU C 2 30.02 22.40 -73.23
C GLU C 2 30.79 22.79 -71.98
N HIS C 3 30.08 23.05 -70.89
CA HIS C 3 30.70 23.44 -69.63
C HIS C 3 30.24 22.53 -68.49
N VAL C 4 31.19 22.06 -67.69
CA VAL C 4 30.86 21.18 -66.58
C VAL C 4 31.38 21.72 -65.26
N THR C 5 30.48 21.79 -64.26
CA THR C 5 30.86 22.23 -62.92
C THR C 5 30.22 21.35 -61.88
N VAL C 6 30.71 21.44 -60.63
CA VAL C 6 30.12 20.68 -59.54
C VAL C 6 29.76 21.58 -58.36
N ILE C 7 28.51 21.47 -57.91
CA ILE C 7 28.06 22.26 -56.77
C ILE C 7 27.63 21.36 -55.60
N PRO C 8 28.11 21.65 -54.38
CA PRO C 8 27.75 21.01 -53.13
C PRO C 8 26.24 21.03 -52.90
N ASN C 9 25.73 20.02 -52.20
CA ASN C 9 24.29 19.86 -52.04
C ASN C 9 23.71 20.74 -50.95
N THR C 10 24.55 21.55 -50.31
CA THR C 10 24.05 22.45 -49.28
C THR C 10 23.05 23.43 -49.91
N VAL C 11 21.88 23.52 -49.30
CA VAL C 11 20.80 24.36 -49.81
C VAL C 11 20.86 25.77 -49.24
N GLY C 12 20.66 26.76 -50.10
CA GLY C 12 20.65 28.16 -49.69
C GLY C 12 22.03 28.82 -49.83
N VAL C 13 22.97 28.10 -50.42
CA VAL C 13 24.31 28.63 -50.62
C VAL C 13 24.64 28.71 -52.12
N PRO C 14 24.90 30.00 -52.59
CA PRO C 14 25.28 30.18 -53.99
C PRO C 14 26.70 29.83 -54.29
N TYR C 15 26.96 29.26 -55.46
CA TYR C 15 28.31 28.93 -55.87
C TYR C 15 28.38 29.47 -57.28
N LYS C 16 29.55 29.84 -57.75
CA LYS C 16 29.67 30.49 -59.06
C LYS C 16 30.65 29.78 -59.97
N THR C 17 30.46 29.92 -61.27
CA THR C 17 31.34 29.25 -62.21
C THR C 17 31.73 30.08 -63.39
N LEU C 18 32.89 29.81 -63.96
CA LEU C 18 33.40 30.60 -65.07
C LEU C 18 33.44 29.80 -66.36
N VAL C 19 32.89 30.36 -67.43
CA VAL C 19 32.90 29.73 -68.73
C VAL C 19 33.98 30.34 -69.60
N ASN C 20 34.98 29.54 -69.95
CA ASN C 20 36.14 30.02 -70.70
C ASN C 20 36.07 29.65 -72.17
N ARG C 21 35.75 30.62 -73.02
CA ARG C 21 35.66 30.41 -74.46
C ARG C 21 36.54 31.42 -75.20
N PRO C 22 37.81 31.08 -75.43
CA PRO C 22 38.85 31.96 -75.95
C PRO C 22 38.39 32.65 -77.21
N GLY C 23 38.66 33.95 -77.30
CA GLY C 23 38.23 34.76 -78.43
C GLY C 23 36.94 35.50 -78.08
N TYR C 24 36.30 35.08 -77.00
CA TYR C 24 35.07 35.71 -76.52
C TYR C 24 35.20 36.18 -75.08
N SER C 25 34.45 37.22 -74.73
CA SER C 25 34.43 37.71 -73.37
C SER C 25 33.93 36.62 -72.44
N PRO C 26 34.57 36.43 -71.28
CA PRO C 26 34.28 35.40 -70.31
C PRO C 26 32.88 35.55 -69.76
N MET C 27 32.22 34.41 -69.54
CA MET C 27 30.87 34.43 -68.98
C MET C 27 30.88 33.83 -67.58
N VAL C 28 30.18 34.47 -66.66
CA VAL C 28 30.10 33.95 -65.30
C VAL C 28 28.65 33.68 -64.92
N LEU C 29 28.39 32.46 -64.48
CA LEU C 29 27.05 32.08 -64.06
C LEU C 29 27.00 31.86 -62.57
N GLU C 30 25.87 32.21 -61.96
CA GLU C 30 25.66 31.96 -60.55
C GLU C 30 24.50 31.02 -60.35
N MET C 31 24.74 29.93 -59.62
CA MET C 31 23.71 28.94 -59.38
C MET C 31 23.52 28.65 -57.91
N GLU C 32 22.26 28.49 -57.50
CA GLU C 32 21.95 28.18 -56.12
C GLU C 32 20.85 27.11 -56.04
N LEU C 33 21.04 26.15 -55.14
CA LEU C 33 20.01 25.15 -54.91
C LEU C 33 18.99 25.70 -53.92
N LEU C 34 17.72 25.69 -54.31
CA LEU C 34 16.67 26.19 -53.44
C LEU C 34 16.05 25.04 -52.67
N SER C 35 16.04 23.86 -53.30
CA SER C 35 15.59 22.65 -52.62
C SER C 35 16.14 21.41 -53.30
N VAL C 36 16.38 20.37 -52.51
CA VAL C 36 16.75 19.06 -53.02
C VAL C 36 15.85 18.00 -52.44
N THR C 37 15.27 17.16 -53.29
CA THR C 37 14.34 16.14 -52.81
C THR C 37 14.76 14.73 -53.20
N LEU C 38 14.69 13.83 -52.23
CA LEU C 38 14.91 12.41 -52.46
C LEU C 38 13.61 11.65 -52.22
N GLU C 39 13.07 11.02 -53.26
CA GLU C 39 11.79 10.36 -53.15
C GLU C 39 11.89 8.84 -53.34
N PRO C 40 11.84 8.07 -52.26
CA PRO C 40 12.00 6.63 -52.21
C PRO C 40 10.80 5.92 -52.79
N THR C 41 11.04 4.75 -53.37
CA THR C 41 9.96 3.90 -53.82
C THR C 41 9.55 2.96 -52.69
N LEU C 42 8.28 2.97 -52.34
CA LEU C 42 7.80 2.15 -51.25
C LEU C 42 6.85 1.06 -51.71
N SER C 43 6.94 -0.08 -51.03
CA SER C 43 6.03 -1.20 -51.28
C SER C 43 5.36 -1.65 -49.99
N LEU C 44 4.04 -1.55 -49.93
CA LEU C 44 3.31 -1.86 -48.72
C LEU C 44 3.33 -3.35 -48.40
N ASP C 45 3.66 -3.68 -47.16
CA ASP C 45 3.59 -5.07 -46.73
C ASP C 45 2.28 -5.33 -46.02
N TYR C 46 1.95 -4.48 -45.05
CA TYR C 46 0.68 -4.59 -44.34
C TYR C 46 0.34 -3.32 -43.57
N ILE C 47 -0.91 -3.25 -43.13
CA ILE C 47 -1.40 -2.13 -42.34
C ILE C 47 -1.72 -2.55 -40.92
N THR C 48 -1.21 -1.78 -39.96
CA THR C 48 -1.50 -1.97 -38.54
C THR C 48 -2.60 -1.03 -38.11
N CYS C 49 -3.59 -1.53 -37.36
CA CYS C 49 -4.72 -0.73 -36.94
C CYS C 49 -5.29 -1.22 -35.62
N GLU C 50 -6.25 -0.48 -35.08
CA GLU C 50 -6.94 -0.86 -33.86
C GLU C 50 -8.00 -1.92 -34.15
N TYR C 51 -8.12 -2.89 -33.25
CA TYR C 51 -9.11 -3.94 -33.41
C TYR C 51 -10.28 -3.72 -32.46
N LYS C 52 -11.42 -4.29 -32.81
CA LYS C 52 -12.55 -4.30 -31.90
C LYS C 52 -12.93 -5.75 -31.59
N THR C 53 -13.36 -5.99 -30.36
CA THR C 53 -13.79 -7.33 -29.97
C THR C 53 -15.30 -7.42 -30.05
N VAL C 54 -15.78 -8.40 -30.79
CA VAL C 54 -17.21 -8.57 -30.98
C VAL C 54 -17.73 -9.71 -30.12
N ILE C 55 -18.71 -9.38 -29.28
CA ILE C 55 -19.32 -10.36 -28.40
C ILE C 55 -20.83 -10.33 -28.55
N PRO C 56 -21.39 -11.21 -29.38
CA PRO C 56 -22.80 -11.40 -29.62
C PRO C 56 -23.45 -11.87 -28.33
N SER C 57 -24.75 -11.63 -28.20
CA SER C 57 -25.46 -12.09 -27.03
C SER C 57 -25.13 -13.56 -26.79
N PRO C 58 -25.01 -13.98 -25.53
CA PRO C 58 -24.80 -15.35 -25.10
C PRO C 58 -26.06 -16.15 -25.31
N TYR C 59 -25.91 -17.44 -25.53
CA TYR C 59 -27.08 -18.31 -25.65
C TYR C 59 -27.31 -19.05 -24.34
N VAL C 60 -28.50 -18.86 -23.77
CA VAL C 60 -28.81 -19.51 -22.51
C VAL C 60 -29.81 -20.63 -22.70
N LYS C 61 -29.38 -21.84 -22.38
CA LYS C 61 -30.20 -23.03 -22.54
C LYS C 61 -30.31 -23.76 -21.21
N CYS C 62 -31.50 -23.72 -20.59
CA CYS C 62 -31.69 -24.36 -19.30
C CYS C 62 -32.41 -25.70 -19.47
N CYS C 63 -32.12 -26.64 -18.57
CA CYS C 63 -32.59 -28.00 -18.73
C CYS C 63 -32.09 -28.59 -20.06
N GLY C 64 -30.81 -28.41 -20.35
CA GLY C 64 -30.23 -28.93 -21.58
C GLY C 64 -28.82 -28.39 -21.84
N THR C 65 -28.12 -29.00 -22.78
CA THR C 65 -26.76 -28.62 -23.10
C THR C 65 -26.64 -27.98 -24.48
N ALA C 66 -26.03 -26.80 -24.53
CA ALA C 66 -25.76 -26.10 -25.78
C ALA C 66 -24.44 -26.59 -26.37
N GLU C 67 -24.30 -26.47 -27.69
CA GLU C 67 -23.03 -26.82 -28.34
C GLU C 67 -22.64 -25.77 -29.38
N CYS C 68 -21.33 -25.63 -29.62
CA CYS C 68 -20.81 -24.70 -30.62
C CYS C 68 -19.77 -25.37 -31.50
N LYS C 69 -19.59 -24.83 -32.69
CA LYS C 69 -18.64 -25.36 -33.65
C LYS C 69 -17.59 -24.31 -34.02
N ASP C 70 -16.44 -24.76 -34.49
CA ASP C 70 -15.36 -23.86 -34.86
C ASP C 70 -15.72 -22.96 -36.04
N LYS C 71 -15.24 -21.72 -35.98
CA LYS C 71 -15.45 -20.75 -37.05
C LYS C 71 -14.09 -20.32 -37.61
N ASN C 72 -14.10 -19.72 -38.80
CA ASN C 72 -12.87 -19.35 -39.49
C ASN C 72 -12.54 -17.86 -39.34
N LEU C 73 -13.08 -17.25 -38.29
CA LEU C 73 -12.83 -15.84 -38.01
C LEU C 73 -11.39 -15.64 -37.53
N PRO C 74 -10.80 -14.45 -37.73
CA PRO C 74 -9.39 -14.10 -37.53
C PRO C 74 -8.85 -14.53 -36.17
N ASP C 75 -9.66 -14.37 -35.14
CA ASP C 75 -9.29 -14.78 -33.79
C ASP C 75 -10.57 -15.08 -33.03
N TYR C 76 -10.92 -16.36 -32.94
CA TYR C 76 -12.22 -16.75 -32.42
C TYR C 76 -12.18 -17.96 -31.50
N SER C 77 -13.02 -17.93 -30.47
CA SER C 77 -13.21 -19.07 -29.61
C SER C 77 -14.62 -19.09 -29.04
N CYS C 78 -15.07 -20.27 -28.61
CA CYS C 78 -16.36 -20.44 -27.94
C CYS C 78 -16.24 -21.48 -26.84
N LYS C 79 -16.99 -21.28 -25.77
CA LYS C 79 -16.99 -22.22 -24.66
C LYS C 79 -18.37 -22.37 -24.05
N VAL C 80 -18.67 -23.58 -23.59
CA VAL C 80 -19.94 -23.84 -22.90
C VAL C 80 -19.70 -24.01 -21.41
N PHE C 81 -20.42 -23.23 -20.62
CA PHE C 81 -20.30 -23.29 -19.17
C PHE C 81 -21.53 -23.96 -18.58
N THR C 82 -21.33 -24.73 -17.52
CA THR C 82 -22.43 -25.46 -16.90
C THR C 82 -22.73 -24.92 -15.51
N GLY C 83 -23.92 -25.25 -15.00
CA GLY C 83 -24.32 -24.87 -13.65
C GLY C 83 -24.71 -23.41 -13.57
N VAL C 84 -25.21 -22.87 -14.68
CA VAL C 84 -25.57 -21.46 -14.74
C VAL C 84 -27.01 -21.23 -14.32
N TYR C 85 -27.21 -20.22 -13.47
CA TYR C 85 -28.55 -19.86 -13.01
C TYR C 85 -28.75 -18.35 -13.00
N PRO C 86 -28.81 -17.72 -14.18
CA PRO C 86 -28.86 -16.28 -14.40
C PRO C 86 -30.21 -15.70 -14.01
N PHE C 87 -30.20 -14.42 -13.61
CA PHE C 87 -31.44 -13.71 -13.30
C PHE C 87 -31.67 -12.50 -14.20
N MET C 88 -32.94 -12.26 -14.47
CA MET C 88 -33.41 -11.08 -15.17
C MET C 88 -33.99 -10.10 -14.17
N TRP C 89 -34.24 -8.87 -14.61
CA TRP C 89 -34.75 -7.85 -13.71
C TRP C 89 -36.04 -8.27 -13.00
N GLY C 90 -36.84 -9.12 -13.64
CA GLY C 90 -38.13 -9.53 -13.08
C GLY C 90 -38.09 -10.88 -12.38
N GLY C 91 -36.91 -11.49 -12.27
CA GLY C 91 -36.82 -12.82 -11.65
C GLY C 91 -35.86 -13.74 -12.39
N ALA C 92 -35.85 -15.03 -12.01
CA ALA C 92 -34.94 -16.00 -12.60
C ALA C 92 -35.21 -16.14 -14.10
N TYR C 93 -34.15 -16.34 -14.87
CA TYR C 93 -34.27 -16.42 -16.33
C TYR C 93 -35.31 -17.43 -16.80
N CYS C 94 -35.33 -18.62 -16.20
CA CYS C 94 -36.28 -19.65 -16.58
C CYS C 94 -36.65 -20.54 -15.39
N PHE C 95 -37.65 -21.39 -15.61
CA PHE C 95 -38.15 -22.30 -14.58
C PHE C 95 -37.08 -23.22 -14.01
N CYS C 96 -36.24 -23.79 -14.89
CA CYS C 96 -35.25 -24.79 -14.51
C CYS C 96 -34.11 -24.20 -13.67
N ASP C 97 -33.79 -24.89 -12.57
CA ASP C 97 -32.70 -24.48 -11.70
C ASP C 97 -31.58 -25.50 -11.69
N ALA C 98 -31.57 -26.40 -12.67
CA ALA C 98 -30.58 -27.46 -12.73
C ALA C 98 -30.31 -27.88 -14.16
N GLU C 99 -29.13 -28.46 -14.38
CA GLU C 99 -28.73 -28.94 -15.70
C GLU C 99 -28.79 -27.81 -16.74
N ASN C 100 -28.39 -26.62 -16.32
CA ASN C 100 -28.40 -25.47 -17.20
C ASN C 100 -27.03 -25.20 -17.79
N THR C 101 -27.00 -24.80 -19.06
CA THR C 101 -25.75 -24.46 -19.70
C THR C 101 -25.82 -23.12 -20.44
N GLN C 102 -24.67 -22.49 -20.61
CA GLN C 102 -24.58 -21.24 -21.36
C GLN C 102 -23.47 -21.28 -22.38
N LEU C 103 -23.75 -20.81 -23.58
CA LEU C 103 -22.74 -20.72 -24.62
C LEU C 103 -22.27 -19.30 -24.83
N SER C 104 -20.97 -19.08 -24.65
CA SER C 104 -20.36 -17.77 -24.87
C SER C 104 -19.37 -17.84 -26.03
N GLU C 105 -19.34 -16.79 -26.84
CA GLU C 105 -18.40 -16.73 -27.96
C GLU C 105 -17.92 -15.31 -28.21
N ALA C 106 -16.75 -15.19 -28.79
CA ALA C 106 -16.24 -13.87 -29.16
C ALA C 106 -15.23 -13.97 -30.30
N HIS C 107 -15.11 -12.90 -31.08
CA HIS C 107 -14.09 -12.84 -32.12
C HIS C 107 -13.53 -11.43 -32.32
N VAL C 108 -12.35 -11.36 -32.93
CA VAL C 108 -11.70 -10.09 -33.22
C VAL C 108 -11.76 -9.72 -34.69
N GLU C 109 -12.13 -8.47 -34.96
CA GLU C 109 -12.16 -7.95 -36.33
C GLU C 109 -11.70 -6.49 -36.35
N LYS C 110 -11.31 -6.01 -37.53
CA LYS C 110 -10.87 -4.63 -37.69
C LYS C 110 -12.00 -3.65 -37.43
N SER C 111 -11.70 -2.57 -36.71
CA SER C 111 -12.70 -1.55 -36.44
C SER C 111 -12.96 -0.68 -37.66
N GLU C 112 -14.06 0.05 -37.63
CA GLU C 112 -14.44 0.94 -38.74
C GLU C 112 -13.48 2.10 -38.87
N SER C 113 -12.79 2.41 -37.79
CA SER C 113 -11.85 3.54 -37.76
C SER C 113 -10.60 3.30 -38.61
N CYS C 114 -10.37 2.06 -39.05
CA CYS C 114 -9.19 1.68 -39.82
C CYS C 114 -9.18 2.33 -41.20
N LYS C 115 -10.22 3.06 -41.55
CA LYS C 115 -10.17 3.79 -42.81
C LYS C 115 -9.66 5.20 -42.61
N THR C 116 -9.44 5.62 -41.37
CA THR C 116 -8.96 6.96 -41.07
C THR C 116 -7.73 6.92 -40.20
N GLU C 117 -7.67 6.01 -39.25
CA GLU C 117 -6.53 5.96 -38.33
C GLU C 117 -5.78 4.64 -38.42
N PHE C 118 -4.61 4.69 -39.08
CA PHE C 118 -3.83 3.50 -39.33
C PHE C 118 -2.36 3.73 -39.60
N ALA C 119 -1.50 2.77 -39.33
CA ALA C 119 -0.09 2.91 -39.68
C ALA C 119 0.29 1.90 -40.76
N SER C 120 0.97 2.38 -41.79
CA SER C 120 1.34 1.51 -42.91
C SER C 120 2.80 1.10 -42.85
N ALA C 121 3.05 -0.20 -43.00
CA ALA C 121 4.41 -0.75 -43.00
C ALA C 121 4.91 -0.97 -44.42
N TYR C 122 5.93 -0.22 -44.82
CA TYR C 122 6.47 -0.26 -46.18
C TYR C 122 7.90 -0.78 -46.24
N ARG C 123 8.24 -1.40 -47.36
CA ARG C 123 9.62 -1.69 -47.68
C ARG C 123 10.19 -0.60 -48.57
N ALA C 124 11.41 -0.15 -48.25
CA ALA C 124 12.07 0.86 -49.07
C ALA C 124 13.17 0.22 -49.90
N HIS C 125 13.44 0.77 -51.08
CA HIS C 125 14.47 0.21 -51.95
C HIS C 125 15.43 1.27 -52.46
N THR C 126 14.97 2.06 -53.42
CA THR C 126 15.78 3.11 -54.04
C THR C 126 15.00 4.42 -54.07
N ALA C 127 15.66 5.50 -54.44
CA ALA C 127 15.00 6.80 -54.50
C ALA C 127 15.41 7.59 -55.73
N SER C 128 14.45 8.33 -56.27
CA SER C 128 14.72 9.24 -57.38
C SER C 128 15.08 10.61 -56.83
N ALA C 129 16.00 11.30 -57.50
CA ALA C 129 16.40 12.62 -57.04
C ALA C 129 15.83 13.71 -57.94
N SER C 130 15.53 14.86 -57.32
CA SER C 130 15.10 16.06 -58.05
C SER C 130 15.52 17.30 -57.29
N ALA C 131 15.57 18.43 -57.97
CA ALA C 131 15.97 19.67 -57.30
C ALA C 131 15.37 20.91 -57.95
N LYS C 132 15.24 21.95 -57.16
CA LYS C 132 14.82 23.26 -57.63
C LYS C 132 16.03 24.18 -57.69
N LEU C 133 16.38 24.62 -58.89
CA LEU C 133 17.62 25.34 -59.11
C LEU C 133 17.41 26.78 -59.58
N ARG C 134 18.10 27.77 -59.02
CA ARG C 134 17.99 29.15 -59.54
C ARG C 134 19.28 29.58 -60.17
N VAL C 135 19.27 29.84 -61.47
CA VAL C 135 20.50 30.18 -62.17
C VAL C 135 20.47 31.59 -62.70
N LEU C 136 21.50 32.38 -62.44
CA LEU C 136 21.58 33.73 -62.95
C LEU C 136 22.27 33.68 -64.29
N TYR C 137 21.53 33.92 -65.36
CA TYR C 137 22.08 33.85 -66.71
C TYR C 137 22.05 35.23 -67.37
N GLN C 138 23.23 35.79 -67.59
CA GLN C 138 23.34 37.11 -68.21
C GLN C 138 22.47 38.15 -67.51
N GLY C 139 22.37 38.17 -66.22
CA GLY C 139 21.59 39.24 -65.63
C GLY C 139 20.11 39.06 -65.53
N ASN C 140 19.64 37.83 -65.65
CA ASN C 140 18.23 37.58 -65.41
C ASN C 140 18.28 36.40 -64.46
N ASN C 141 17.41 36.30 -63.48
CA ASN C 141 17.46 35.10 -62.68
C ASN C 141 16.29 34.19 -62.98
N ILE C 142 16.58 33.01 -63.51
CA ILE C 142 15.53 32.12 -63.93
C ILE C 142 15.48 30.88 -63.05
N THR C 143 14.29 30.39 -62.74
CA THR C 143 14.16 29.24 -61.86
C THR C 143 13.77 28.00 -62.62
N VAL C 144 14.52 26.92 -62.45
CA VAL C 144 14.25 25.72 -63.21
C VAL C 144 14.11 24.47 -62.36
N THR C 145 13.14 23.61 -62.68
CA THR C 145 12.90 22.38 -61.90
C THR C 145 13.23 21.15 -62.68
N ALA C 146 14.11 20.30 -62.18
CA ALA C 146 14.55 19.15 -62.96
C ALA C 146 14.84 17.91 -62.15
N TYR C 147 14.68 16.74 -62.74
CA TYR C 147 15.05 15.52 -62.03
C TYR C 147 16.54 15.45 -62.04
N ALA C 148 17.13 14.83 -61.03
CA ALA C 148 18.56 14.79 -60.95
C ALA C 148 19.10 13.48 -61.32
N ASN C 149 18.25 12.66 -61.89
CA ASN C 149 18.68 11.34 -62.28
C ASN C 149 19.77 11.48 -63.30
N GLY C 150 19.73 12.54 -64.09
CA GLY C 150 20.69 12.71 -65.15
C GLY C 150 19.89 12.60 -66.40
N ASP C 151 18.59 12.45 -66.25
CA ASP C 151 17.75 12.28 -67.39
C ASP C 151 16.91 13.45 -67.83
N HIS C 152 16.93 14.55 -67.12
CA HIS C 152 16.04 15.61 -67.50
C HIS C 152 16.92 16.75 -67.82
N ALA C 153 16.57 17.48 -68.84
CA ALA C 153 17.33 18.65 -69.18
C ALA C 153 16.34 19.77 -69.31
N VAL C 154 16.68 20.94 -68.80
CA VAL C 154 15.72 22.00 -68.80
C VAL C 154 16.18 23.12 -69.66
N THR C 155 15.24 23.90 -70.17
CA THR C 155 15.62 24.94 -71.07
C THR C 155 15.50 26.29 -70.43
N VAL C 156 16.61 27.02 -70.36
CA VAL C 156 16.57 28.35 -69.81
C VAL C 156 17.12 29.24 -70.90
N LYS C 157 16.32 30.14 -71.47
CA LYS C 157 16.88 31.11 -72.42
C LYS C 157 17.76 30.43 -73.43
N ASP C 158 17.29 29.36 -74.04
CA ASP C 158 18.06 28.64 -75.04
C ASP C 158 19.37 28.07 -74.57
N ALA C 159 19.44 27.61 -73.33
CA ALA C 159 20.63 26.97 -72.85
C ALA C 159 20.20 25.68 -72.20
N LYS C 160 21.07 24.67 -72.19
CA LYS C 160 20.63 23.39 -71.66
C LYS C 160 21.33 23.03 -70.38
N PHE C 161 20.55 22.74 -69.36
CA PHE C 161 21.13 22.35 -68.09
C PHE C 161 20.71 20.93 -67.82
N ILE C 162 21.67 20.05 -67.56
CA ILE C 162 21.33 18.68 -67.22
C ILE C 162 21.86 18.40 -65.84
N VAL C 163 21.02 18.52 -64.84
CA VAL C 163 21.47 18.35 -63.47
C VAL C 163 21.77 16.92 -63.18
N GLY C 164 22.55 16.64 -62.16
CA GLY C 164 22.77 15.26 -61.76
C GLY C 164 23.94 14.52 -62.33
N PRO C 165 24.05 13.21 -62.03
CA PRO C 165 23.46 12.42 -60.97
C PRO C 165 24.16 12.58 -59.64
N MET C 166 23.44 12.53 -58.53
CA MET C 166 24.04 12.80 -57.24
C MET C 166 25.14 11.88 -56.81
N SER C 167 26.15 12.42 -56.16
CA SER C 167 27.31 11.63 -55.78
C SER C 167 27.10 10.52 -54.80
N SER C 168 26.32 10.75 -53.77
CA SER C 168 26.18 9.71 -52.75
C SER C 168 24.73 9.42 -52.48
N ALA C 169 24.44 8.20 -52.06
CA ALA C 169 23.05 7.84 -51.89
C ALA C 169 22.61 7.61 -50.48
N TRP C 170 23.22 8.30 -49.53
CA TRP C 170 22.75 8.18 -48.18
C TRP C 170 21.34 8.67 -48.20
N THR C 171 20.44 7.88 -47.66
CA THR C 171 19.06 8.28 -47.61
C THR C 171 18.65 8.16 -46.18
N PRO C 172 17.97 9.16 -45.67
CA PRO C 172 17.67 9.04 -44.26
C PRO C 172 16.80 7.83 -44.01
N PHE C 173 15.84 7.55 -44.87
CA PHE C 173 14.92 6.44 -44.62
C PHE C 173 15.69 5.14 -44.58
N ASP C 174 15.38 4.28 -43.64
CA ASP C 174 16.13 3.04 -43.48
C ASP C 174 15.48 1.99 -44.36
N ASN C 175 15.84 0.72 -44.18
CA ASN C 175 15.21 -0.35 -44.95
C ASN C 175 13.72 -0.57 -44.74
N LYS C 176 13.23 -0.49 -43.51
CA LYS C 176 11.81 -0.60 -43.27
C LYS C 176 11.24 0.63 -42.58
N ILE C 177 10.17 1.20 -43.09
CA ILE C 177 9.62 2.43 -42.56
C ILE C 177 8.19 2.25 -42.16
N VAL C 178 7.72 2.76 -41.02
CA VAL C 178 6.32 2.71 -40.64
C VAL C 178 5.82 4.09 -40.70
N VAL C 179 4.79 4.39 -41.48
CA VAL C 179 4.37 5.78 -41.64
C VAL C 179 3.01 6.02 -41.08
N TYR C 180 2.87 6.93 -40.14
CA TYR C 180 1.59 7.27 -39.54
C TYR C 180 1.04 8.41 -40.33
N LYS C 181 0.11 9.17 -39.79
CA LYS C 181 -0.53 10.21 -40.59
C LYS C 181 0.44 11.23 -41.10
N GLY C 182 1.37 11.68 -40.29
CA GLY C 182 2.25 12.72 -40.76
C GLY C 182 3.74 12.53 -40.75
N ASP C 183 4.25 11.47 -40.16
CA ASP C 183 5.69 11.33 -40.03
C ASP C 183 6.25 9.95 -40.25
N VAL C 184 7.48 9.83 -40.70
CA VAL C 184 8.01 8.53 -41.01
C VAL C 184 8.92 8.04 -39.91
N TYR C 185 8.73 6.85 -39.39
CA TYR C 185 9.52 6.35 -38.27
C TYR C 185 10.29 5.14 -38.74
N ASN C 186 11.59 5.09 -38.52
CA ASN C 186 12.33 3.90 -38.90
C ASN C 186 12.10 2.90 -37.84
N MET C 187 11.70 1.69 -38.20
CA MET C 187 11.38 0.66 -37.23
C MET C 187 11.52 -0.66 -37.89
N ASP C 188 11.55 -1.74 -37.13
CA ASP C 188 11.54 -3.04 -37.77
C ASP C 188 10.16 -3.61 -37.58
N TYR C 189 9.36 -3.61 -38.63
CA TYR C 189 8.02 -4.07 -38.45
C TYR C 189 8.07 -5.54 -38.20
N PRO C 190 7.17 -6.07 -37.39
CA PRO C 190 7.20 -7.52 -37.27
C PRO C 190 6.72 -8.12 -38.58
N PRO C 191 7.31 -9.22 -39.04
CA PRO C 191 6.95 -9.73 -40.37
C PRO C 191 5.53 -10.20 -40.45
N PHE C 192 4.90 -10.18 -41.62
CA PHE C 192 3.47 -10.53 -41.68
C PHE C 192 3.18 -11.89 -41.20
N GLY C 193 2.13 -12.02 -40.42
CA GLY C 193 1.77 -13.31 -39.86
C GLY C 193 2.41 -13.65 -38.54
N ALA C 194 3.26 -12.81 -38.00
CA ALA C 194 3.94 -13.14 -36.78
C ALA C 194 3.81 -12.17 -35.64
N GLY C 195 2.79 -11.33 -35.65
CA GLY C 195 2.73 -10.34 -34.59
C GLY C 195 2.55 -10.92 -33.22
N ARG C 196 3.35 -10.50 -32.27
CA ARG C 196 3.18 -10.95 -30.92
C ARG C 196 2.09 -10.13 -30.27
N PRO C 197 1.42 -10.66 -29.26
CA PRO C 197 0.33 -9.86 -28.72
C PRO C 197 0.76 -8.64 -27.98
N GLY C 198 0.02 -7.56 -28.12
CA GLY C 198 0.32 -6.34 -27.38
C GLY C 198 1.33 -5.33 -27.84
N GLN C 199 1.91 -5.51 -29.00
CA GLN C 199 2.88 -4.57 -29.53
C GLN C 199 2.39 -4.24 -30.91
N PHE C 200 3.18 -3.53 -31.68
CA PHE C 200 2.79 -3.17 -33.02
C PHE C 200 2.59 -4.50 -33.66
N GLY C 201 1.56 -4.62 -34.46
CA GLY C 201 1.28 -5.89 -35.07
C GLY C 201 0.28 -6.85 -34.49
N ASP C 202 -0.48 -6.44 -33.51
CA ASP C 202 -1.48 -7.34 -33.05
C ASP C 202 -2.49 -7.62 -34.09
N ILE C 203 -2.95 -6.63 -34.84
CA ILE C 203 -3.86 -6.94 -35.92
C ILE C 203 -3.26 -6.39 -37.19
N GLN C 204 -3.08 -7.21 -38.20
CA GLN C 204 -2.44 -6.78 -39.41
C GLN C 204 -3.30 -7.16 -40.58
N SER C 205 -3.44 -6.30 -41.56
CA SER C 205 -4.21 -6.63 -42.76
C SER C 205 -3.41 -6.26 -43.97
N ARG C 206 -3.49 -7.03 -45.04
CA ARG C 206 -2.66 -6.78 -46.20
C ARG C 206 -2.85 -5.51 -46.97
N THR C 207 -4.09 -5.12 -47.19
CA THR C 207 -4.37 -3.89 -47.93
C THR C 207 -5.48 -3.19 -47.22
N PRO C 208 -5.67 -1.91 -47.49
CA PRO C 208 -6.70 -1.23 -46.68
C PRO C 208 -8.05 -1.88 -46.84
N GLU C 209 -8.38 -2.31 -48.05
CA GLU C 209 -9.69 -2.89 -48.30
C GLU C 209 -9.76 -4.40 -48.17
N SER C 210 -8.63 -5.05 -47.88
CA SER C 210 -8.62 -6.50 -47.84
C SER C 210 -9.37 -7.09 -46.68
N LYS C 211 -9.85 -8.30 -46.86
CA LYS C 211 -10.60 -8.95 -45.80
C LYS C 211 -9.85 -10.04 -45.06
N ASP C 212 -8.55 -10.17 -45.27
CA ASP C 212 -7.82 -11.15 -44.52
C ASP C 212 -7.13 -10.49 -43.35
N VAL C 213 -7.50 -10.82 -42.13
CA VAL C 213 -6.92 -10.17 -40.99
C VAL C 213 -6.31 -11.23 -40.15
N TYR C 214 -5.06 -11.10 -39.76
CA TYR C 214 -4.49 -12.06 -38.86
C TYR C 214 -4.32 -11.36 -37.56
N ALA C 215 -4.90 -11.90 -36.50
CA ALA C 215 -4.83 -11.24 -35.24
C ALA C 215 -4.48 -12.25 -34.19
N ASN C 216 -3.58 -11.90 -33.29
CA ASN C 216 -3.16 -12.81 -32.26
C ASN C 216 -3.29 -12.04 -31.00
N THR C 217 -4.51 -11.80 -30.55
CA THR C 217 -4.73 -10.98 -29.39
C THR C 217 -4.98 -11.70 -28.10
N GLN C 218 -4.77 -13.00 -28.04
CA GLN C 218 -4.97 -13.80 -26.82
C GLN C 218 -6.34 -13.79 -26.17
N LEU C 219 -7.43 -13.86 -26.92
CA LEU C 219 -8.72 -13.78 -26.28
C LEU C 219 -8.96 -15.07 -25.61
N VAL C 220 -9.20 -15.05 -24.31
CA VAL C 220 -9.57 -16.27 -23.61
C VAL C 220 -10.86 -15.93 -22.91
N LEU C 221 -11.93 -16.67 -23.16
CA LEU C 221 -13.17 -16.42 -22.48
C LEU C 221 -13.09 -16.92 -21.04
N GLN C 222 -13.90 -16.39 -20.14
CA GLN C 222 -13.83 -16.76 -18.72
C GLN C 222 -15.22 -17.05 -18.19
N ARG C 223 -15.33 -17.72 -17.05
CA ARG C 223 -16.65 -18.12 -16.53
C ARG C 223 -17.57 -16.99 -16.13
N PRO C 224 -18.83 -17.08 -16.51
CA PRO C 224 -19.76 -16.07 -16.07
C PRO C 224 -19.86 -16.13 -14.60
N ALA C 225 -19.88 -15.01 -13.93
CA ALA C 225 -20.09 -15.01 -12.49
C ALA C 225 -21.52 -15.39 -12.23
N ALA C 226 -21.77 -16.05 -11.12
CA ALA C 226 -23.11 -16.51 -10.87
C ALA C 226 -24.04 -15.36 -10.65
N GLY C 227 -25.28 -15.53 -11.07
CA GLY C 227 -26.25 -14.50 -10.87
C GLY C 227 -26.32 -13.44 -11.93
N THR C 228 -25.59 -13.63 -13.02
CA THR C 228 -25.57 -12.61 -14.05
C THR C 228 -25.36 -13.20 -15.42
N VAL C 229 -25.67 -12.43 -16.45
CA VAL C 229 -25.48 -12.91 -17.80
C VAL C 229 -24.27 -12.39 -18.55
N HIS C 230 -23.34 -11.68 -17.91
CA HIS C 230 -22.21 -11.12 -18.64
C HIS C 230 -21.27 -12.15 -19.20
N VAL C 231 -20.66 -11.90 -20.35
CA VAL C 231 -19.76 -12.85 -20.96
C VAL C 231 -18.35 -12.37 -20.80
N PRO C 232 -17.72 -12.61 -19.66
CA PRO C 232 -16.41 -12.01 -19.42
C PRO C 232 -15.25 -12.47 -20.25
N TYR C 233 -14.35 -11.56 -20.65
CA TYR C 233 -13.20 -11.90 -21.48
C TYR C 233 -11.92 -11.28 -21.01
N SER C 234 -10.78 -11.79 -21.43
CA SER C 234 -9.50 -11.21 -21.10
C SER C 234 -8.63 -11.08 -22.30
N GLN C 235 -8.15 -9.89 -22.61
CA GLN C 235 -7.42 -9.71 -23.84
C GLN C 235 -6.36 -8.71 -23.62
N ALA C 236 -5.29 -8.80 -24.37
CA ALA C 236 -4.28 -7.78 -24.28
C ALA C 236 -4.86 -6.59 -24.94
N PRO C 237 -4.47 -5.41 -24.51
CA PRO C 237 -5.00 -4.19 -25.08
C PRO C 237 -4.49 -3.99 -26.47
N SER C 238 -5.12 -3.09 -27.23
CA SER C 238 -4.74 -2.90 -28.62
C SER C 238 -3.35 -2.49 -28.83
N GLY C 239 -2.69 -3.12 -29.79
CA GLY C 239 -1.33 -2.78 -30.07
C GLY C 239 -1.11 -1.40 -30.59
N PHE C 240 -1.95 -0.97 -31.52
CA PHE C 240 -1.72 0.32 -32.11
C PHE C 240 -1.85 1.35 -31.04
N LYS C 241 -2.80 1.23 -30.13
CA LYS C 241 -2.98 2.29 -29.16
C LYS C 241 -1.75 2.48 -28.34
N TYR C 242 -1.12 1.41 -27.92
CA TYR C 242 0.09 1.54 -27.17
C TYR C 242 1.21 2.17 -27.98
N TRP C 243 1.37 1.82 -29.23
CA TRP C 243 2.42 2.47 -29.98
C TRP C 243 2.15 3.95 -30.07
N LEU C 244 0.90 4.35 -30.23
CA LEU C 244 0.64 5.75 -30.43
C LEU C 244 1.11 6.56 -29.25
N LYS C 245 0.83 6.11 -28.04
CA LYS C 245 1.32 6.80 -26.85
C LYS C 245 2.81 6.79 -26.64
N GLU C 246 3.48 5.71 -27.00
CA GLU C 246 4.90 5.61 -26.73
C GLU C 246 5.74 5.70 -27.97
N ARG C 247 5.37 6.56 -28.91
CA ARG C 247 6.03 6.57 -30.19
C ARG C 247 7.49 6.85 -30.22
N GLY C 248 7.95 7.80 -29.45
CA GLY C 248 9.34 8.18 -29.57
C GLY C 248 9.33 9.37 -30.50
N ALA C 249 10.41 9.62 -31.20
CA ALA C 249 10.43 10.79 -32.04
C ALA C 249 10.55 10.40 -33.48
N SER C 250 9.81 11.08 -34.33
CA SER C 250 9.78 10.73 -35.73
C SER C 250 11.07 11.08 -36.41
N LEU C 251 11.27 10.58 -37.62
CA LEU C 251 12.53 10.82 -38.27
C LEU C 251 12.72 12.29 -38.50
N GLN C 252 11.65 13.04 -38.66
CA GLN C 252 11.82 14.46 -39.00
C GLN C 252 12.62 15.18 -37.97
N HIS C 253 12.36 14.93 -36.71
CA HIS C 253 13.15 15.54 -35.69
C HIS C 253 14.47 14.85 -35.36
N THR C 254 14.71 13.61 -35.80
CA THR C 254 15.97 12.94 -35.41
C THR C 254 16.90 12.47 -36.49
N ALA C 255 16.68 12.85 -37.73
CA ALA C 255 17.51 12.40 -38.84
C ALA C 255 18.86 13.01 -38.84
N PRO C 256 19.82 12.32 -39.39
CA PRO C 256 21.12 12.92 -39.51
C PRO C 256 21.17 13.89 -40.67
N PHE C 257 22.19 14.72 -40.78
CA PHE C 257 22.37 15.63 -41.92
C PHE C 257 21.29 16.63 -42.19
N GLY C 258 20.62 17.11 -41.17
CA GLY C 258 19.64 18.16 -41.36
C GLY C 258 18.49 17.97 -42.29
N CYS C 259 17.96 16.78 -42.37
CA CYS C 259 16.90 16.54 -43.31
C CYS C 259 15.55 16.93 -42.83
N GLN C 260 14.63 17.17 -43.73
CA GLN C 260 13.28 17.42 -43.33
C GLN C 260 12.47 16.36 -44.03
N ILE C 261 11.66 15.59 -43.33
CA ILE C 261 10.93 14.47 -43.92
C ILE C 261 9.49 14.78 -43.92
N ALA C 262 8.85 14.70 -45.07
CA ALA C 262 7.47 15.07 -45.15
C ALA C 262 6.74 13.98 -45.85
N THR C 263 5.42 13.93 -45.75
CA THR C 263 4.70 12.81 -46.31
C THR C 263 3.70 13.09 -47.42
N ASN C 264 3.15 12.04 -48.01
CA ASN C 264 2.19 12.16 -49.12
C ASN C 264 2.68 12.87 -50.35
N PRO C 265 3.84 12.48 -50.87
CA PRO C 265 4.48 11.17 -50.82
C PRO C 265 5.62 11.19 -49.82
N VAL C 266 6.13 10.05 -49.39
CA VAL C 266 7.18 10.12 -48.40
C VAL C 266 8.36 10.68 -49.13
N ARG C 267 9.00 11.72 -48.59
CA ARG C 267 10.09 12.36 -49.28
C ARG C 267 11.03 12.99 -48.31
N ALA C 268 12.26 13.20 -48.70
CA ALA C 268 13.23 13.84 -47.84
C ALA C 268 13.67 15.11 -48.50
N VAL C 269 13.64 16.23 -47.79
CA VAL C 269 13.97 17.50 -48.39
C VAL C 269 15.22 18.11 -47.81
N ASN C 270 16.08 18.67 -48.63
CA ASN C 270 17.29 19.36 -48.17
C ASN C 270 18.37 18.61 -47.46
N CYS C 271 18.56 17.34 -47.76
CA CYS C 271 19.65 16.66 -47.11
C CYS C 271 20.99 17.13 -47.63
N ALA C 272 21.88 17.49 -46.71
CA ALA C 272 23.21 17.95 -47.09
C ALA C 272 24.33 16.93 -47.19
N VAL C 273 24.29 16.02 -48.14
CA VAL C 273 25.40 15.12 -48.33
C VAL C 273 25.85 15.12 -49.75
N GLY C 274 27.13 15.31 -49.99
CA GLY C 274 27.65 15.19 -51.35
C GLY C 274 27.59 16.30 -52.36
N ASN C 275 28.05 16.02 -53.58
CA ASN C 275 28.10 17.03 -54.60
C ASN C 275 27.31 16.66 -55.83
N MET C 276 26.53 17.58 -56.35
CA MET C 276 25.69 17.31 -57.49
C MET C 276 26.29 17.95 -58.69
N PRO C 277 26.61 17.18 -59.72
CA PRO C 277 27.27 17.73 -60.90
C PRO C 277 26.30 18.41 -61.86
N ILE C 278 26.60 19.63 -62.33
CA ILE C 278 25.74 20.34 -63.26
C ILE C 278 26.49 20.55 -64.54
N SER C 279 25.89 20.20 -65.66
CA SER C 279 26.52 20.39 -66.96
C SER C 279 25.70 21.34 -67.79
N ILE C 280 26.32 22.35 -68.36
CA ILE C 280 25.60 23.36 -69.09
C ILE C 280 26.03 23.47 -70.52
N ASP C 281 25.08 23.55 -71.44
CA ASP C 281 25.44 23.78 -72.84
C ASP C 281 24.95 25.15 -73.21
N ILE C 282 25.83 26.00 -73.74
CA ILE C 282 25.47 27.37 -74.05
C ILE C 282 25.58 27.53 -75.53
N PRO C 283 24.56 28.09 -76.16
CA PRO C 283 24.58 28.20 -77.61
C PRO C 283 25.63 29.21 -78.05
N GLU C 284 26.19 29.05 -79.25
CA GLU C 284 27.27 29.94 -79.69
C GLU C 284 26.84 31.36 -79.79
N ALA C 285 25.59 31.60 -80.10
CA ALA C 285 25.11 32.96 -80.31
C ALA C 285 25.28 33.86 -79.09
N ALA C 286 25.08 33.34 -77.90
CA ALA C 286 25.15 34.16 -76.70
C ALA C 286 26.52 34.75 -76.44
N PHE C 287 27.58 34.00 -76.69
CA PHE C 287 28.90 34.50 -76.40
C PHE C 287 29.23 35.73 -77.20
N THR C 288 29.97 36.68 -76.62
CA THR C 288 30.28 37.94 -77.31
C THR C 288 31.75 38.08 -77.60
N ARG C 289 32.11 38.53 -78.79
CA ARG C 289 33.50 38.59 -79.18
C ARG C 289 34.33 39.54 -78.38
N VAL C 290 35.62 39.25 -78.23
CA VAL C 290 36.47 40.08 -77.37
C VAL C 290 36.54 41.51 -77.82
N VAL C 291 36.66 41.74 -79.11
CA VAL C 291 36.77 43.09 -79.61
C VAL C 291 35.54 43.91 -79.33
N ASP C 292 34.36 43.34 -79.45
CA ASP C 292 33.18 44.08 -79.10
C ASP C 292 33.13 44.45 -77.64
N ALA C 293 33.58 43.55 -76.77
CA ALA C 293 33.49 43.79 -75.33
C ALA C 293 34.46 44.79 -74.74
N PRO C 294 34.08 45.40 -73.62
CA PRO C 294 34.99 46.31 -72.97
C PRO C 294 36.22 45.60 -72.54
N SER C 295 37.38 46.21 -72.74
CA SER C 295 38.64 45.62 -72.32
C SER C 295 39.24 46.51 -71.26
N LEU C 296 39.78 45.93 -70.20
CA LEU C 296 40.30 46.73 -69.09
C LEU C 296 41.79 46.65 -68.98
N THR C 297 42.45 47.79 -68.79
CA THR C 297 43.88 47.82 -68.66
C THR C 297 44.30 48.66 -67.45
N ASP C 298 45.55 48.55 -67.00
CA ASP C 298 46.03 49.29 -65.81
C ASP C 298 45.30 49.04 -64.50
N MET C 299 45.27 47.80 -64.03
CA MET C 299 44.50 47.51 -62.84
C MET C 299 45.34 47.34 -61.59
N SER C 300 44.98 47.99 -60.50
CA SER C 300 45.68 47.85 -59.23
C SER C 300 44.69 47.61 -58.13
N CYS C 301 45.09 46.92 -57.06
CA CYS C 301 44.14 46.57 -56.00
C CYS C 301 44.57 46.95 -54.61
N GLU C 302 43.68 47.60 -53.86
CA GLU C 302 43.98 47.94 -52.49
C GLU C 302 42.80 47.45 -51.67
N VAL C 303 43.04 46.79 -50.55
CA VAL C 303 41.93 46.27 -49.78
C VAL C 303 41.76 47.10 -48.54
N PRO C 304 40.71 47.91 -48.50
CA PRO C 304 40.65 48.72 -47.30
C PRO C 304 40.46 47.91 -46.04
N ALA C 305 39.53 46.96 -45.98
CA ALA C 305 39.23 46.22 -44.73
C ALA C 305 38.94 44.76 -44.90
N CYS C 306 39.48 43.89 -44.06
CA CYS C 306 39.13 42.50 -44.17
C CYS C 306 38.71 41.89 -42.87
N THR C 307 37.59 41.19 -42.84
CA THR C 307 37.22 40.48 -41.63
C THR C 307 36.78 39.09 -41.99
N HIS C 308 37.33 38.07 -41.35
CA HIS C 308 36.98 36.74 -41.74
C HIS C 308 35.74 36.28 -41.10
N SER C 309 34.63 36.66 -41.67
CA SER C 309 33.36 36.31 -41.09
C SER C 309 32.53 35.62 -42.12
N SER C 310 31.54 34.89 -41.68
CA SER C 310 30.73 34.13 -42.58
C SER C 310 30.00 34.99 -43.57
N ASP C 311 29.56 36.15 -43.14
CA ASP C 311 28.88 37.07 -44.03
C ASP C 311 29.93 37.71 -44.88
N PHE C 312 29.58 38.50 -45.88
CA PHE C 312 30.61 38.98 -46.77
C PHE C 312 31.44 40.03 -46.06
N GLY C 313 32.62 39.64 -45.62
CA GLY C 313 33.47 40.51 -44.86
C GLY C 313 34.17 41.73 -45.29
N GLY C 314 34.76 41.76 -46.46
CA GLY C 314 35.57 42.91 -46.83
C GLY C 314 35.35 43.57 -48.15
N VAL C 315 35.77 44.81 -48.27
CA VAL C 315 35.53 45.52 -49.48
C VAL C 315 36.85 45.63 -50.14
N ALA C 316 36.90 45.51 -51.46
CA ALA C 316 38.14 45.71 -52.19
C ALA C 316 37.91 46.75 -53.28
N VAL C 317 38.83 47.71 -53.41
CA VAL C 317 38.66 48.74 -54.41
C VAL C 317 39.67 48.48 -55.49
N ILE C 318 39.22 48.39 -56.74
CA ILE C 318 40.11 48.10 -57.86
C ILE C 318 40.01 49.22 -58.86
N LYS C 319 41.14 49.70 -59.38
CA LYS C 319 41.12 50.84 -60.29
C LYS C 319 41.23 50.37 -61.73
N TYR C 320 40.29 50.77 -62.59
CA TYR C 320 40.27 50.26 -63.94
C TYR C 320 40.36 51.32 -64.98
N ALA C 321 40.91 50.99 -66.13
CA ALA C 321 40.94 51.93 -67.24
C ALA C 321 40.21 51.20 -68.34
N ALA C 322 39.19 51.79 -68.92
CA ALA C 322 38.38 51.03 -69.86
C ALA C 322 38.12 51.63 -71.19
N SER C 323 38.12 50.80 -72.21
CA SER C 323 37.87 51.28 -73.54
C SER C 323 36.49 51.84 -73.80
N LYS C 324 35.46 51.19 -73.29
CA LYS C 324 34.11 51.63 -73.61
C LYS C 324 33.13 51.19 -72.57
N LYS C 325 31.95 51.77 -72.54
CA LYS C 325 31.03 51.43 -71.46
C LYS C 325 30.26 50.18 -71.76
N GLY C 326 30.46 49.16 -70.94
CA GLY C 326 29.74 47.91 -71.11
C GLY C 326 29.77 47.07 -69.86
N LYS C 327 28.91 46.07 -69.77
CA LYS C 327 28.95 45.17 -68.62
C LYS C 327 30.16 44.28 -68.67
N CYS C 328 30.63 43.83 -67.53
CA CYS C 328 31.84 43.04 -67.46
C CYS C 328 31.72 41.97 -66.40
N ALA C 329 32.59 40.97 -66.36
CA ALA C 329 32.42 39.85 -65.43
C ALA C 329 33.51 39.62 -64.40
N VAL C 330 33.16 39.39 -63.14
CA VAL C 330 34.16 39.21 -62.09
C VAL C 330 34.16 37.85 -61.44
N HIS C 331 35.32 37.21 -61.38
CA HIS C 331 35.39 35.87 -60.80
C HIS C 331 36.71 35.64 -60.08
N SER C 332 36.67 35.05 -58.89
CA SER C 332 37.88 34.79 -58.14
C SER C 332 38.63 33.69 -58.73
N MET C 333 39.94 33.75 -58.71
CA MET C 333 40.70 32.64 -59.19
C MET C 333 41.29 31.80 -58.09
N THR C 334 40.99 32.13 -56.86
CA THR C 334 41.45 31.25 -55.80
C THR C 334 40.22 30.76 -55.07
N ASN C 335 40.22 29.50 -54.65
CA ASN C 335 39.02 28.94 -54.05
C ASN C 335 38.57 29.58 -52.77
N ALA C 336 39.49 29.94 -51.89
CA ALA C 336 39.08 30.44 -50.58
C ALA C 336 38.29 31.70 -50.64
N VAL C 337 38.71 32.65 -51.43
CA VAL C 337 38.02 33.89 -51.46
C VAL C 337 36.87 33.76 -52.41
N THR C 338 35.70 34.24 -52.04
CA THR C 338 34.58 34.20 -52.95
C THR C 338 34.06 35.58 -53.15
N ILE C 339 33.78 35.99 -54.37
CA ILE C 339 33.38 37.36 -54.62
C ILE C 339 31.92 37.42 -54.89
N ARG C 340 31.20 38.19 -54.10
CA ARG C 340 29.77 38.23 -54.20
C ARG C 340 29.25 38.74 -55.49
N GLU C 341 29.89 39.73 -56.05
CA GLU C 341 29.30 40.33 -57.22
C GLU C 341 29.74 39.72 -58.53
N ALA C 342 28.82 39.12 -59.27
CA ALA C 342 29.15 38.58 -60.58
C ALA C 342 29.47 39.57 -61.69
N GLU C 343 28.66 40.63 -61.83
CA GLU C 343 28.88 41.61 -62.88
C GLU C 343 28.84 43.05 -62.42
N ILE C 344 29.75 43.88 -62.91
CA ILE C 344 29.82 45.27 -62.50
C ILE C 344 29.92 46.08 -63.76
N GLU C 345 29.67 47.37 -63.70
CA GLU C 345 29.66 48.16 -64.92
C GLU C 345 30.86 49.09 -65.00
N VAL C 346 31.59 49.08 -66.10
CA VAL C 346 32.82 49.88 -66.18
C VAL C 346 32.82 50.99 -67.21
N GLU C 347 33.19 52.21 -66.83
CA GLU C 347 33.34 53.28 -67.82
C GLU C 347 34.49 54.21 -67.51
N GLY C 348 35.18 54.68 -68.53
CA GLY C 348 36.28 55.62 -68.35
C GLY C 348 37.41 55.21 -67.44
N ASN C 349 37.85 56.10 -66.56
CA ASN C 349 38.86 55.75 -65.57
C ASN C 349 38.18 55.93 -64.23
N SER C 350 38.14 54.90 -63.41
CA SER C 350 37.38 54.98 -62.17
C SER C 350 37.71 53.85 -61.24
N GLN C 351 37.02 53.81 -60.12
CA GLN C 351 37.23 52.74 -59.17
C GLN C 351 36.00 51.86 -59.07
N LEU C 352 36.16 50.55 -59.14
CA LEU C 352 35.04 49.63 -58.98
C LEU C 352 35.19 49.00 -57.62
N GLN C 353 34.09 48.61 -57.00
CA GLN C 353 34.15 48.01 -55.67
C GLN C 353 33.53 46.62 -55.60
N ILE C 354 34.25 45.62 -55.11
CA ILE C 354 33.75 44.26 -55.03
C ILE C 354 33.81 43.74 -53.61
N SER C 355 32.83 42.97 -53.15
CA SER C 355 32.80 42.51 -51.78
C SER C 355 33.21 41.09 -51.64
N PHE C 356 34.16 40.79 -50.78
CA PHE C 356 34.65 39.44 -50.68
C PHE C 356 34.50 38.85 -49.31
N SER C 357 34.11 37.57 -49.20
CA SER C 357 34.01 36.92 -47.91
C SER C 357 34.99 35.79 -47.85
N THR C 358 35.82 35.74 -46.83
CA THR C 358 36.85 34.73 -46.83
C THR C 358 37.15 34.19 -45.49
N ALA C 359 37.77 33.03 -45.44
CA ALA C 359 38.17 32.49 -44.17
C ALA C 359 39.66 32.44 -44.00
N LEU C 360 40.40 33.15 -44.83
CA LEU C 360 41.84 33.06 -44.78
C LEU C 360 42.42 34.21 -44.02
N ALA C 361 43.34 33.95 -43.10
CA ALA C 361 43.85 35.02 -42.26
C ALA C 361 44.59 36.11 -43.00
N SER C 362 45.47 35.74 -43.92
CA SER C 362 46.14 36.73 -44.74
C SER C 362 45.66 36.35 -46.08
N ALA C 363 45.14 37.30 -46.83
CA ALA C 363 44.52 36.90 -48.06
C ALA C 363 45.27 37.24 -49.30
N GLU C 364 45.53 36.24 -50.14
CA GLU C 364 46.14 36.54 -51.41
C GLU C 364 45.22 36.04 -52.49
N PHE C 365 44.46 36.93 -53.09
CA PHE C 365 43.50 36.52 -54.08
C PHE C 365 43.65 37.21 -55.42
N ARG C 366 43.61 36.49 -56.51
CA ARG C 366 43.68 37.11 -57.80
C ARG C 366 42.28 37.26 -58.28
N VAL C 367 41.90 38.46 -58.66
CA VAL C 367 40.56 38.70 -59.11
C VAL C 367 40.72 39.04 -60.54
N GLN C 368 39.88 38.49 -61.39
CA GLN C 368 39.98 38.75 -62.82
C GLN C 368 38.73 39.42 -63.31
N VAL C 369 38.86 40.55 -63.95
CA VAL C 369 37.72 41.23 -64.50
C VAL C 369 37.95 41.38 -65.99
N CYS C 370 37.05 40.90 -66.84
CA CYS C 370 37.15 41.08 -68.29
C CYS C 370 38.48 40.73 -68.89
N SER C 371 39.05 39.60 -68.53
CA SER C 371 40.31 39.12 -69.11
C SER C 371 41.61 39.70 -68.59
N THR C 372 41.59 40.55 -67.58
CA THR C 372 42.84 41.03 -67.03
C THR C 372 42.89 40.60 -65.58
N GLN C 373 44.05 40.26 -65.07
CA GLN C 373 44.12 39.78 -63.71
C GLN C 373 44.84 40.74 -62.78
N VAL C 374 44.22 41.11 -61.67
CA VAL C 374 44.81 42.07 -60.75
C VAL C 374 44.96 41.42 -59.41
N HIS C 375 46.09 41.55 -58.74
CA HIS C 375 46.32 40.83 -57.48
C HIS C 375 46.11 41.63 -56.23
N CYS C 376 45.27 41.16 -55.31
CA CYS C 376 44.94 41.92 -54.11
C CYS C 376 45.39 41.23 -52.84
N ALA C 377 46.02 41.94 -51.92
CA ALA C 377 46.54 41.34 -50.70
C ALA C 377 46.17 42.13 -49.48
N ALA C 378 45.91 41.45 -48.37
CA ALA C 378 45.46 42.14 -47.16
C ALA C 378 45.62 41.37 -45.88
N GLU C 379 45.42 42.03 -44.76
CA GLU C 379 45.46 41.33 -43.50
C GLU C 379 44.08 41.37 -42.89
N CYS C 380 43.59 40.25 -42.38
CA CYS C 380 42.24 40.21 -41.86
C CYS C 380 42.21 40.03 -40.36
N HIS C 381 41.28 40.70 -39.69
CA HIS C 381 41.17 40.60 -38.25
C HIS C 381 39.90 39.84 -37.92
N PRO C 382 39.89 39.04 -36.87
CA PRO C 382 38.74 38.18 -36.57
C PRO C 382 37.45 38.83 -36.16
N PRO C 383 36.33 38.18 -36.39
CA PRO C 383 35.01 38.70 -36.02
C PRO C 383 34.69 38.58 -34.55
N LYS C 384 33.89 39.48 -34.01
CA LYS C 384 33.61 39.47 -32.58
C LYS C 384 32.23 39.12 -32.12
N ASP C 385 31.38 38.54 -32.96
CA ASP C 385 30.08 38.06 -32.49
C ASP C 385 30.18 36.56 -32.56
N HIS C 386 30.06 35.86 -31.45
CA HIS C 386 30.33 34.44 -31.48
C HIS C 386 29.44 33.46 -32.28
N ILE C 387 28.12 33.58 -32.25
CA ILE C 387 27.24 32.64 -32.96
C ILE C 387 26.29 33.40 -33.87
N VAL C 388 26.14 33.00 -35.12
CA VAL C 388 25.28 33.69 -36.04
C VAL C 388 24.22 32.78 -36.57
N ASN C 389 23.14 33.33 -37.09
CA ASN C 389 22.03 32.51 -37.53
C ASN C 389 21.94 32.22 -39.02
N TYR C 390 23.01 32.44 -39.78
CA TYR C 390 23.04 32.15 -41.22
C TYR C 390 24.16 31.22 -41.62
N PRO C 391 23.96 30.41 -42.66
CA PRO C 391 24.96 29.43 -43.08
C PRO C 391 26.22 30.05 -43.56
N ALA C 392 27.34 29.41 -43.32
CA ALA C 392 28.62 29.94 -43.72
C ALA C 392 28.77 30.07 -45.23
N SER C 393 29.30 31.18 -45.73
CA SER C 393 29.39 31.39 -47.17
C SER C 393 30.79 31.24 -47.73
N HIS C 394 31.80 31.45 -46.91
CA HIS C 394 33.16 31.24 -47.37
C HIS C 394 33.40 29.75 -47.41
N THR C 395 34.32 29.29 -48.23
CA THR C 395 34.65 27.87 -48.23
C THR C 395 35.56 27.52 -47.11
N THR C 396 35.78 26.24 -46.87
CA THR C 396 36.58 25.81 -45.73
C THR C 396 38.06 26.08 -45.85
N LEU C 397 38.76 25.98 -44.74
CA LEU C 397 40.18 26.27 -44.73
C LEU C 397 41.02 25.04 -44.47
N GLY C 398 42.21 24.98 -45.04
CA GLY C 398 43.07 23.80 -44.90
C GLY C 398 44.46 24.14 -44.39
N VAL C 399 45.16 23.16 -43.83
CA VAL C 399 46.46 23.42 -43.19
C VAL C 399 47.52 24.08 -44.02
N GLN C 400 47.30 24.16 -45.31
CA GLN C 400 48.26 24.78 -46.18
C GLN C 400 48.38 26.25 -45.83
N ASP C 401 47.25 26.82 -45.46
CA ASP C 401 47.21 28.24 -45.23
C ASP C 401 47.36 28.64 -43.80
N ILE C 402 48.43 29.30 -43.49
CA ILE C 402 48.65 29.78 -42.16
C ILE C 402 48.92 31.23 -42.47
N SER C 403 48.79 32.11 -41.49
CA SER C 403 48.94 33.53 -41.77
C SER C 403 50.35 33.92 -42.10
N ALA C 404 50.53 35.05 -42.76
CA ALA C 404 51.86 35.38 -43.21
C ALA C 404 52.85 35.53 -42.10
N THR C 405 52.49 36.20 -41.03
CA THR C 405 53.48 36.44 -40.01
C THR C 405 53.70 35.14 -39.33
N ALA C 406 52.79 34.21 -39.52
CA ALA C 406 53.03 32.90 -38.97
C ALA C 406 54.07 32.18 -39.76
N MET C 407 54.00 32.27 -41.07
CA MET C 407 54.92 31.51 -41.89
C MET C 407 56.32 31.94 -41.61
N SER C 408 56.53 33.24 -41.46
CA SER C 408 57.89 33.69 -41.31
C SER C 408 58.52 33.07 -40.09
N TRP C 409 57.79 32.98 -38.99
CA TRP C 409 58.39 32.45 -37.78
C TRP C 409 58.66 30.97 -37.92
N VAL C 410 57.81 30.24 -38.64
CA VAL C 410 58.06 28.83 -38.86
C VAL C 410 59.29 28.65 -39.71
N GLN C 411 59.42 29.45 -40.76
CA GLN C 411 60.55 29.26 -41.63
C GLN C 411 61.82 29.51 -40.87
N LYS C 412 61.86 30.57 -40.08
CA LYS C 412 63.08 30.88 -39.39
C LYS C 412 63.47 29.78 -38.41
N ILE C 413 62.52 29.30 -37.62
CA ILE C 413 62.85 28.31 -36.61
C ILE C 413 63.30 27.02 -37.25
N THR C 414 62.57 26.59 -38.27
CA THR C 414 62.92 25.33 -38.91
C THR C 414 64.27 25.52 -39.53
N GLY C 415 64.48 26.68 -40.13
CA GLY C 415 65.75 26.93 -40.78
C GLY C 415 66.90 26.92 -39.80
N GLY C 416 66.70 27.50 -38.62
CA GLY C 416 67.78 27.57 -37.66
C GLY C 416 68.18 26.17 -37.27
N VAL C 417 67.19 25.32 -37.04
CA VAL C 417 67.48 23.95 -36.67
C VAL C 417 68.21 23.27 -37.80
N GLY C 418 67.76 23.52 -39.01
CA GLY C 418 68.38 22.87 -40.15
C GLY C 418 69.83 23.24 -40.30
N LEU C 419 70.16 24.50 -40.10
CA LEU C 419 71.54 24.93 -40.26
C LEU C 419 72.40 24.22 -39.25
N VAL C 420 71.90 24.12 -38.02
CA VAL C 420 72.70 23.50 -36.98
C VAL C 420 72.96 22.05 -37.38
N VAL C 421 71.95 21.39 -37.91
CA VAL C 421 72.14 20.02 -38.33
C VAL C 421 73.16 19.98 -39.45
N ALA C 422 73.06 20.89 -40.41
CA ALA C 422 73.96 20.87 -41.53
C ALA C 422 75.42 21.11 -41.14
N VAL C 423 75.64 22.07 -40.26
CA VAL C 423 77.01 22.38 -39.86
C VAL C 423 77.59 21.17 -39.18
N ALA C 424 76.79 20.54 -38.34
CA ALA C 424 77.25 19.36 -37.65
C ALA C 424 77.58 18.27 -38.64
N ALA C 425 76.73 18.10 -39.64
CA ALA C 425 76.96 17.05 -40.61
C ALA C 425 78.24 17.27 -41.37
N LEU C 426 78.50 18.52 -41.74
CA LEU C 426 79.70 18.79 -42.52
C LEU C 426 80.92 18.43 -41.69
N ILE C 427 80.86 18.74 -40.40
CA ILE C 427 82.00 18.45 -39.56
C ILE C 427 82.23 16.94 -39.56
N LEU C 428 81.16 16.17 -39.45
CA LEU C 428 81.31 14.72 -39.50
C LEU C 428 81.86 14.25 -40.84
N ILE C 429 81.37 14.84 -41.92
CA ILE C 429 81.82 14.38 -43.21
C ILE C 429 83.31 14.62 -43.33
N VAL C 430 83.77 15.80 -42.92
CA VAL C 430 85.18 16.11 -43.05
C VAL C 430 86.04 15.18 -42.21
N VAL C 431 85.66 14.99 -40.95
CA VAL C 431 86.49 14.18 -40.08
C VAL C 431 86.53 12.76 -40.60
N LEU C 432 85.39 12.23 -41.00
CA LEU C 432 85.39 10.85 -41.43
C LEU C 432 86.25 10.63 -42.67
N CYS C 433 86.12 11.51 -43.65
CA CYS C 433 86.91 11.36 -44.87
C CYS C 433 88.40 11.53 -44.64
N VAL C 434 88.78 12.48 -43.79
CA VAL C 434 90.19 12.69 -43.49
C VAL C 434 90.75 11.43 -42.86
N SER C 435 89.96 10.80 -42.00
CA SER C 435 90.42 9.59 -41.35
C SER C 435 90.66 8.52 -42.39
N PHE C 436 89.81 8.42 -43.39
CA PHE C 436 90.07 7.46 -44.46
C PHE C 436 91.36 7.76 -45.21
N SER C 437 91.63 9.03 -45.50
CA SER C 437 92.90 9.38 -46.15
C SER C 437 94.06 9.03 -45.23
N ARG C 438 93.91 9.29 -43.95
CA ARG C 438 94.95 8.99 -42.99
C ARG C 438 95.12 7.47 -42.89
N HIS C 439 96.34 7.01 -42.66
CA HIS C 439 96.59 5.57 -42.59
C HIS C 439 97.34 5.13 -41.32
N TYR D 1 33.55 57.38 41.31
CA TYR D 1 34.41 56.25 40.95
C TYR D 1 34.08 55.77 39.54
N GLU D 2 35.11 55.70 38.69
CA GLU D 2 34.95 55.24 37.31
C GLU D 2 35.28 53.75 37.19
N HIS D 3 34.30 52.96 36.80
CA HIS D 3 34.46 51.52 36.67
C HIS D 3 34.27 51.07 35.23
N VAL D 4 35.31 50.46 34.65
CA VAL D 4 35.23 50.04 33.26
C VAL D 4 35.41 48.54 33.11
N THR D 5 34.43 47.89 32.49
CA THR D 5 34.45 46.46 32.26
C THR D 5 34.01 46.12 30.83
N VAL D 6 34.26 44.88 30.41
CA VAL D 6 33.80 44.42 29.11
C VAL D 6 33.01 43.13 29.24
N ILE D 7 31.85 43.06 28.61
CA ILE D 7 31.07 41.83 28.62
C ILE D 7 30.78 41.37 27.19
N PRO D 8 30.58 40.06 26.97
CA PRO D 8 30.13 39.43 25.74
C PRO D 8 28.78 39.98 25.30
N ASN D 9 28.53 39.97 23.99
CA ASN D 9 27.29 40.51 23.45
C ASN D 9 26.16 39.51 23.46
N THR D 10 26.40 38.33 24.04
CA THR D 10 25.33 37.33 24.12
C THR D 10 24.19 37.87 24.96
N VAL D 11 22.98 37.79 24.41
CA VAL D 11 21.79 38.33 25.06
C VAL D 11 21.10 37.30 25.94
N GLY D 12 20.67 37.73 27.12
CA GLY D 12 19.98 36.87 28.06
C GLY D 12 20.94 36.21 29.05
N VAL D 13 22.19 36.64 29.03
CA VAL D 13 23.19 36.11 29.95
C VAL D 13 23.73 37.20 30.86
N PRO D 14 23.60 37.05 32.18
CA PRO D 14 24.11 37.95 33.20
C PRO D 14 25.61 37.80 33.37
N TYR D 15 26.28 38.88 33.74
CA TYR D 15 27.70 38.83 34.04
C TYR D 15 28.00 39.53 35.35
N LYS D 16 28.96 39.01 36.11
CA LYS D 16 29.33 39.61 37.38
C LYS D 16 30.65 40.35 37.28
N THR D 17 30.68 41.56 37.81
CA THR D 17 31.91 42.35 37.85
C THR D 17 32.18 42.85 39.26
N LEU D 18 33.45 42.94 39.61
CA LEU D 18 33.84 43.40 40.93
C LEU D 18 34.33 44.84 40.90
N VAL D 19 33.81 45.65 41.82
CA VAL D 19 34.23 47.04 41.94
C VAL D 19 35.25 47.18 43.06
N ASN D 20 36.48 47.54 42.68
CA ASN D 20 37.56 47.65 43.66
C ASN D 20 37.96 49.09 43.93
N ARG D 21 37.52 49.60 45.08
CA ARG D 21 37.85 50.96 45.50
C ARG D 21 38.50 50.93 46.88
N PRO D 22 39.83 50.96 46.95
CA PRO D 22 40.63 50.77 48.15
C PRO D 22 40.16 51.69 49.27
N GLY D 23 40.05 51.12 50.46
CA GLY D 23 39.55 51.85 51.62
C GLY D 23 38.06 51.56 51.84
N TYR D 24 37.41 50.97 50.84
CA TYR D 24 36.01 50.64 50.92
C TYR D 24 35.77 49.16 50.67
N SER D 25 34.55 48.77 51.07
CA SER D 25 34.11 47.41 50.89
C SER D 25 33.92 46.99 49.44
N PRO D 26 34.53 45.88 49.01
CA PRO D 26 34.30 45.43 47.65
C PRO D 26 32.82 45.35 47.33
N MET D 27 32.46 45.79 46.13
CA MET D 27 31.07 45.75 45.69
C MET D 27 30.92 44.95 44.41
N VAL D 28 29.82 44.21 44.29
CA VAL D 28 29.59 43.40 43.11
C VAL D 28 28.36 43.86 42.35
N LEU D 29 28.55 44.11 41.06
CA LEU D 29 27.46 44.52 40.19
C LEU D 29 27.12 43.41 39.21
N GLU D 30 25.85 43.31 38.85
CA GLU D 30 25.42 42.34 37.86
C GLU D 30 24.84 43.03 36.64
N MET D 31 25.33 42.64 35.46
CA MET D 31 24.86 43.25 34.23
C MET D 31 24.33 42.20 33.25
N GLU D 32 23.24 42.54 32.57
CA GLU D 32 22.68 41.66 31.56
C GLU D 32 22.18 42.46 30.36
N LEU D 33 22.49 41.97 29.16
CA LEU D 33 21.94 42.59 27.96
C LEU D 33 20.58 42.01 27.67
N LEU D 34 19.58 42.86 27.55
CA LEU D 34 18.22 42.41 27.29
C LEU D 34 17.93 42.44 25.81
N SER D 35 18.52 43.41 25.12
CA SER D 35 18.35 43.53 23.68
C SER D 35 19.47 44.31 23.03
N VAL D 36 19.96 43.83 21.90
CA VAL D 36 20.93 44.57 21.10
C VAL D 36 20.42 44.74 19.68
N THR D 37 20.36 45.98 19.20
CA THR D 37 19.82 46.24 17.88
C THR D 37 20.82 46.95 16.97
N LEU D 38 20.98 46.41 15.76
CA LEU D 38 21.81 47.03 14.74
C LEU D 38 20.92 47.55 13.61
N GLU D 39 20.75 48.87 13.54
CA GLU D 39 19.85 49.46 12.56
C GLU D 39 20.61 50.22 11.47
N PRO D 40 20.75 49.62 10.28
CA PRO D 40 21.51 50.13 9.15
C PRO D 40 20.84 51.33 8.52
N THR D 41 21.64 52.23 7.97
CA THR D 41 21.11 53.33 7.18
C THR D 41 20.86 52.86 5.76
N LEU D 42 19.65 53.09 5.26
CA LEU D 42 19.30 52.65 3.92
C LEU D 42 19.01 53.81 2.98
N SER D 43 19.36 53.62 1.71
CA SER D 43 19.02 54.56 0.66
C SER D 43 18.33 53.83 -0.48
N LEU D 44 17.09 54.23 -0.76
CA LEU D 44 16.30 53.54 -1.78
C LEU D 44 16.85 53.77 -3.17
N ASP D 45 17.03 52.68 -3.93
CA ASP D 45 17.45 52.80 -5.31
C ASP D 45 16.24 52.79 -6.24
N TYR D 46 15.41 51.76 -6.12
CA TYR D 46 14.21 51.68 -6.95
C TYR D 46 13.17 50.69 -6.43
N ILE D 47 11.97 50.79 -6.99
CA ILE D 47 10.87 49.90 -6.67
C ILE D 47 10.57 48.96 -7.83
N THR D 48 10.45 47.67 -7.50
CA THR D 48 10.08 46.65 -8.47
C THR D 48 8.70 46.10 -8.15
N CYS D 49 7.83 46.04 -9.17
CA CYS D 49 6.46 45.57 -9.01
C CYS D 49 5.94 44.97 -10.31
N GLU D 50 4.66 44.60 -10.33
CA GLU D 50 4.06 43.98 -11.51
C GLU D 50 3.71 45.02 -12.57
N TYR D 51 3.69 44.58 -13.83
CA TYR D 51 3.36 45.46 -14.93
C TYR D 51 2.09 45.01 -15.63
N LYS D 52 1.44 45.92 -16.33
CA LYS D 52 0.28 45.57 -17.14
C LYS D 52 0.52 45.99 -18.59
N THR D 53 0.01 45.19 -19.52
CA THR D 53 0.14 45.52 -20.93
C THR D 53 -1.15 46.12 -21.45
N VAL D 54 -1.04 47.30 -22.05
CA VAL D 54 -2.20 48.01 -22.55
C VAL D 54 -2.27 47.93 -24.06
N ILE D 55 -3.40 47.45 -24.56
CA ILE D 55 -3.61 47.32 -26.00
C ILE D 55 -4.91 47.99 -26.42
N PRO D 56 -4.84 49.20 -26.96
CA PRO D 56 -5.93 49.98 -27.53
C PRO D 56 -6.53 49.25 -28.72
N SER D 57 -7.79 49.49 -29.00
CA SER D 57 -8.43 48.84 -30.14
C SER D 57 -7.61 49.11 -31.40
N PRO D 58 -7.38 48.08 -32.22
CA PRO D 58 -6.63 48.12 -33.46
C PRO D 58 -7.40 48.91 -34.51
N TYR D 59 -6.68 49.61 -35.36
CA TYR D 59 -7.32 50.37 -36.42
C TYR D 59 -7.28 49.60 -37.73
N VAL D 60 -8.46 49.27 -38.26
CA VAL D 60 -8.55 48.47 -39.47
C VAL D 60 -8.94 49.35 -40.65
N LYS D 61 -8.08 49.39 -41.64
CA LYS D 61 -8.31 50.25 -42.79
C LYS D 61 -8.22 49.47 -44.09
N CYS D 62 -9.32 49.44 -44.85
CA CYS D 62 -9.38 48.72 -46.13
C CYS D 62 -9.42 49.70 -47.29
N CYS D 63 -8.90 49.27 -48.43
CA CYS D 63 -8.73 50.12 -49.60
C CYS D 63 -7.89 51.36 -49.24
N GLY D 64 -6.83 51.13 -48.47
CA GLY D 64 -5.91 52.20 -48.09
C GLY D 64 -4.87 51.70 -47.09
N THR D 65 -3.95 52.57 -46.70
CA THR D 65 -2.88 52.19 -45.78
C THR D 65 -2.90 53.00 -44.48
N ALA D 66 -2.82 52.29 -43.36
CA ALA D 66 -2.78 52.90 -42.03
C ALA D 66 -1.36 53.31 -41.65
N GLU D 67 -1.23 54.30 -40.77
CA GLU D 67 0.07 54.74 -40.28
C GLU D 67 0.00 55.21 -38.83
N CYS D 68 1.15 55.28 -38.15
CA CYS D 68 1.24 55.70 -36.75
C CYS D 68 2.51 56.46 -36.49
N LYS D 69 2.56 57.10 -35.31
CA LYS D 69 3.71 57.87 -34.89
C LYS D 69 4.35 57.27 -33.63
N ASP D 70 5.64 57.47 -33.48
CA ASP D 70 6.36 56.98 -32.31
C ASP D 70 5.89 57.66 -31.03
N LYS D 71 5.83 56.89 -29.95
CA LYS D 71 5.45 57.42 -28.65
C LYS D 71 6.59 57.25 -27.66
N ASN D 72 6.54 58.01 -26.56
CA ASN D 72 7.61 58.01 -25.57
C ASN D 72 7.24 57.22 -24.33
N LEU D 73 6.31 56.29 -24.47
CA LEU D 73 5.86 55.44 -23.39
C LEU D 73 6.97 54.44 -23.03
N PRO D 74 7.01 53.94 -21.78
CA PRO D 74 8.09 53.18 -21.16
C PRO D 74 8.57 52.02 -22.03
N ASP D 75 7.64 51.36 -22.70
CA ASP D 75 7.95 50.27 -23.61
C ASP D 75 6.88 50.23 -24.69
N TYR D 76 7.18 50.79 -25.85
CA TYR D 76 6.17 50.97 -26.89
C TYR D 76 6.57 50.36 -28.22
N SER D 77 5.59 49.77 -28.90
CA SER D 77 5.80 49.27 -30.25
C SER D 77 4.57 49.47 -31.11
N CYS D 78 4.78 49.70 -32.41
CA CYS D 78 3.71 49.86 -33.40
C CYS D 78 4.07 49.14 -34.68
N LYS D 79 3.12 48.40 -35.23
CA LYS D 79 3.36 47.64 -36.45
C LYS D 79 2.13 47.61 -37.34
N VAL D 80 2.34 47.55 -38.65
CA VAL D 80 1.24 47.45 -39.60
C VAL D 80 1.30 46.15 -40.38
N PHE D 81 0.19 45.42 -40.38
CA PHE D 81 0.10 44.17 -41.11
C PHE D 81 -0.75 44.35 -42.35
N THR D 82 -0.39 43.66 -43.43
CA THR D 82 -1.14 43.79 -44.67
C THR D 82 -1.84 42.48 -45.04
N GLY D 83 -2.82 42.58 -45.93
CA GLY D 83 -3.52 41.40 -46.43
C GLY D 83 -4.54 40.89 -45.42
N VAL D 84 -5.05 41.79 -44.59
CA VAL D 84 -5.99 41.40 -43.55
C VAL D 84 -7.44 41.49 -44.04
N TYR D 85 -8.22 40.46 -43.76
CA TYR D 85 -9.63 40.45 -44.13
C TYR D 85 -10.51 39.93 -42.99
N PRO D 86 -10.66 40.73 -41.94
CA PRO D 86 -11.33 40.41 -40.68
C PRO D 86 -12.83 40.32 -40.85
N PHE D 87 -13.47 39.50 -40.00
CA PHE D 87 -14.92 39.41 -39.98
C PHE D 87 -15.50 39.77 -38.63
N MET D 88 -16.68 40.36 -38.66
CA MET D 88 -17.47 40.64 -37.48
C MET D 88 -18.58 39.61 -37.38
N TRP D 89 -19.27 39.58 -36.25
CA TRP D 89 -20.34 38.61 -36.06
C TRP D 89 -21.41 38.67 -37.14
N GLY D 90 -21.61 39.84 -37.74
CA GLY D 90 -22.65 40.02 -38.75
C GLY D 90 -22.15 39.89 -40.19
N GLY D 91 -20.86 39.62 -40.37
CA GLY D 91 -20.30 39.55 -41.72
C GLY D 91 -18.93 40.22 -41.84
N ALA D 92 -18.45 40.38 -43.07
CA ALA D 92 -17.12 40.95 -43.30
C ALA D 92 -17.05 42.38 -42.79
N TYR D 93 -15.90 42.75 -42.25
CA TYR D 93 -15.70 44.07 -41.66
C TYR D 93 -16.06 45.22 -42.60
N CYS D 94 -15.63 45.14 -43.86
CA CYS D 94 -15.90 46.19 -44.84
C CYS D 94 -16.05 45.63 -46.26
N PHE D 95 -16.48 46.49 -47.17
CA PHE D 95 -16.82 46.13 -48.53
C PHE D 95 -15.68 45.47 -49.33
N CYS D 96 -14.49 46.08 -49.33
CA CYS D 96 -13.38 45.61 -50.18
C CYS D 96 -12.35 44.78 -49.41
N ASP D 97 -11.75 43.84 -50.11
CA ASP D 97 -10.64 43.05 -49.58
C ASP D 97 -9.30 43.54 -50.11
N ALA D 98 -9.33 44.64 -50.87
CA ALA D 98 -8.15 45.18 -51.50
C ALA D 98 -7.39 46.13 -50.59
N GLU D 99 -6.07 46.05 -50.63
CA GLU D 99 -5.22 46.98 -49.90
C GLU D 99 -5.66 47.11 -48.44
N ASN D 100 -5.88 45.98 -47.79
CA ASN D 100 -6.30 46.00 -46.39
C ASN D 100 -5.12 45.90 -45.45
N THR D 101 -5.05 46.83 -44.49
CA THR D 101 -4.00 46.80 -43.49
C THR D 101 -4.58 46.93 -42.08
N GLN D 102 -3.87 46.40 -41.11
CA GLN D 102 -4.26 46.54 -39.72
C GLN D 102 -3.16 47.21 -38.91
N LEU D 103 -3.53 48.26 -38.20
CA LEU D 103 -2.59 49.00 -37.38
C LEU D 103 -2.70 48.60 -35.92
N SER D 104 -1.63 48.00 -35.40
CA SER D 104 -1.61 47.52 -34.03
C SER D 104 -0.55 48.22 -33.21
N GLU D 105 -0.88 48.51 -31.96
CA GLU D 105 0.07 49.13 -31.03
C GLU D 105 -0.13 48.59 -29.63
N ALA D 106 0.92 48.64 -28.83
CA ALA D 106 0.82 48.23 -27.43
C ALA D 106 1.91 48.89 -26.60
N HIS D 107 1.63 49.06 -25.30
CA HIS D 107 2.63 49.61 -24.40
C HIS D 107 2.50 49.07 -22.98
N VAL D 108 3.59 49.19 -22.22
CA VAL D 108 3.63 48.73 -20.84
C VAL D 108 3.47 49.86 -19.82
N GLU D 109 2.63 49.62 -18.82
CA GLU D 109 2.41 50.56 -17.72
C GLU D 109 2.58 49.85 -16.39
N LYS D 110 2.90 50.60 -15.34
CA LYS D 110 2.97 50.02 -14.01
C LYS D 110 1.57 49.68 -13.51
N SER D 111 1.42 48.54 -12.85
CA SER D 111 0.13 48.15 -12.30
C SER D 111 -0.29 49.04 -11.14
N GLU D 112 -1.59 49.24 -10.98
CA GLU D 112 -2.11 50.01 -9.86
C GLU D 112 -1.80 49.30 -8.55
N SER D 113 -1.57 48.00 -8.63
CA SER D 113 -1.27 47.18 -7.45
C SER D 113 0.09 47.51 -6.83
N CYS D 114 0.94 48.23 -7.58
CA CYS D 114 2.28 48.61 -7.13
C CYS D 114 2.21 49.51 -5.91
N LYS D 115 1.02 50.04 -5.64
CA LYS D 115 0.81 50.88 -4.47
C LYS D 115 1.01 50.09 -3.18
N THR D 116 0.62 48.81 -3.17
CA THR D 116 0.72 48.01 -1.96
C THR D 116 1.61 46.78 -2.12
N GLU D 117 1.74 46.28 -3.35
CA GLU D 117 2.53 45.08 -3.58
C GLU D 117 3.77 45.34 -4.40
N PHE D 118 4.90 45.47 -3.72
CA PHE D 118 6.15 45.80 -4.38
C PHE D 118 7.34 45.38 -3.54
N ALA D 119 8.50 45.31 -4.17
CA ALA D 119 9.74 45.09 -3.45
C ALA D 119 10.66 46.29 -3.59
N SER D 120 11.26 46.72 -2.49
CA SER D 120 12.14 47.87 -2.51
C SER D 120 13.61 47.48 -2.51
N ALA D 121 14.37 48.03 -3.45
CA ALA D 121 15.81 47.77 -3.56
C ALA D 121 16.59 48.88 -2.86
N TYR D 122 17.32 48.52 -1.81
CA TYR D 122 18.05 49.49 -0.99
C TYR D 122 19.56 49.28 -1.03
N ARG D 123 20.30 50.38 -0.86
CA ARG D 123 21.72 50.31 -0.57
C ARG D 123 21.94 50.51 0.93
N ALA D 124 22.75 49.64 1.53
CA ALA D 124 22.98 49.71 2.97
C ALA D 124 24.35 50.30 3.30
N HIS D 125 24.42 51.04 4.40
CA HIS D 125 25.68 51.60 4.88
C HIS D 125 26.04 51.04 6.25
N THR D 126 26.19 51.93 7.23
CA THR D 126 26.53 51.54 8.59
C THR D 126 25.30 51.52 9.48
N ALA D 127 25.43 50.96 10.68
CA ALA D 127 24.30 50.85 11.58
C ALA D 127 24.51 51.62 12.88
N SER D 128 23.44 52.24 13.35
CA SER D 128 23.44 52.96 14.62
C SER D 128 23.17 52.01 15.77
N ALA D 129 24.18 51.22 16.13
CA ALA D 129 24.00 50.17 17.13
C ALA D 129 23.58 50.75 18.47
N SER D 130 22.65 50.08 19.13
CA SER D 130 22.18 50.48 20.46
C SER D 130 21.74 49.25 21.24
N ALA D 131 21.62 49.39 22.56
CA ALA D 131 21.24 48.25 23.38
C ALA D 131 20.48 48.64 24.63
N LYS D 132 19.68 47.69 25.12
CA LYS D 132 18.96 47.81 26.38
C LYS D 132 19.68 46.99 27.45
N LEU D 133 20.17 47.67 28.47
CA LEU D 133 21.00 47.03 29.49
C LEU D 133 20.36 47.03 30.87
N ARG D 134 20.38 45.88 31.53
CA ARG D 134 19.91 45.76 32.91
C ARG D 134 21.09 45.71 33.87
N VAL D 135 21.07 46.58 34.87
CA VAL D 135 22.14 46.59 35.87
C VAL D 135 21.59 46.46 37.28
N LEU D 136 22.17 45.55 38.05
CA LEU D 136 21.81 45.41 39.46
C LEU D 136 22.73 46.26 40.29
N TYR D 137 22.18 47.33 40.85
CA TYR D 137 22.96 48.34 41.55
C TYR D 137 22.45 48.55 42.97
N GLN D 138 23.29 48.24 43.95
CA GLN D 138 22.89 48.37 45.35
C GLN D 138 21.59 47.61 45.63
N GLY D 139 21.43 46.47 44.98
CA GLY D 139 20.25 45.62 45.19
C GLY D 139 19.06 46.05 44.34
N ASN D 140 19.18 47.16 43.61
CA ASN D 140 18.09 47.67 42.80
C ASN D 140 18.26 47.33 41.33
N ASN D 141 17.14 47.14 40.64
CA ASN D 141 17.17 46.84 39.21
C ASN D 141 17.01 48.10 38.37
N ILE D 142 18.10 48.52 37.72
CA ILE D 142 18.08 49.71 36.89
C ILE D 142 18.18 49.34 35.41
N THR D 143 17.24 49.85 34.61
CA THR D 143 17.26 49.58 33.18
C THR D 143 17.59 50.84 32.40
N VAL D 144 18.60 50.75 31.54
CA VAL D 144 19.04 51.89 30.74
C VAL D 144 19.01 51.61 29.26
N THR D 145 18.88 52.63 28.42
CA THR D 145 18.87 52.46 26.98
C THR D 145 19.88 53.42 26.38
N ALA D 146 20.67 53.00 25.41
CA ALA D 146 21.73 53.88 24.92
C ALA D 146 22.30 53.45 23.60
N TYR D 147 23.06 54.30 22.93
CA TYR D 147 23.74 53.92 21.69
C TYR D 147 25.10 53.32 21.99
N ALA D 148 25.42 52.23 21.31
CA ALA D 148 26.68 51.53 21.53
C ALA D 148 27.79 52.15 20.68
N ASN D 149 28.09 53.41 20.96
CA ASN D 149 29.12 54.13 20.24
C ASN D 149 30.06 54.88 21.17
N GLY D 150 29.91 54.65 22.48
CA GLY D 150 30.75 55.34 23.46
C GLY D 150 30.30 56.79 23.68
N ASP D 151 29.06 57.09 23.29
CA ASP D 151 28.52 58.43 23.39
C ASP D 151 27.05 58.39 23.79
N HIS D 152 26.43 59.57 23.91
CA HIS D 152 25.03 59.66 24.32
C HIS D 152 24.81 58.97 25.66
N ALA D 153 25.69 59.25 26.62
CA ALA D 153 25.62 58.66 27.94
C ALA D 153 24.32 59.01 28.63
N VAL D 154 23.77 58.07 29.38
CA VAL D 154 22.53 58.28 30.11
C VAL D 154 22.75 58.09 31.61
N THR D 155 22.21 59.01 32.40
CA THR D 155 22.35 58.91 33.85
C THR D 155 21.04 58.54 34.52
N VAL D 156 21.07 57.45 35.27
CA VAL D 156 19.89 56.98 36.01
C VAL D 156 20.26 56.68 37.45
N LYS D 157 19.49 57.23 38.39
CA LYS D 157 19.79 57.09 39.81
C LYS D 157 21.21 57.58 40.11
N ASP D 158 21.58 58.69 39.46
CA ASP D 158 22.87 59.34 39.65
C ASP D 158 24.05 58.52 39.13
N ALA D 159 23.77 57.40 38.48
CA ALA D 159 24.83 56.60 37.88
C ALA D 159 24.88 56.84 36.38
N LYS D 160 26.06 57.21 35.88
CA LYS D 160 26.20 57.50 34.46
C LYS D 160 26.64 56.25 33.70
N PHE D 161 25.85 55.86 32.71
CA PHE D 161 26.12 54.64 31.94
C PHE D 161 26.54 54.94 30.52
N ILE D 162 27.75 54.51 30.17
CA ILE D 162 28.27 54.66 28.81
C ILE D 162 28.53 53.29 28.20
N VAL D 163 28.00 53.04 27.02
CA VAL D 163 28.16 51.74 26.38
C VAL D 163 28.78 51.85 25.01
N GLY D 164 29.65 50.90 24.67
CA GLY D 164 30.28 50.85 23.37
C GLY D 164 31.56 51.67 23.36
N PRO D 165 32.20 51.79 22.19
CA PRO D 165 31.78 51.30 20.88
C PRO D 165 31.84 49.79 20.79
N MET D 166 31.10 49.23 19.84
CA MET D 166 31.06 47.79 19.63
C MET D 166 32.42 47.27 19.19
N SER D 167 32.78 46.09 19.68
CA SER D 167 34.05 45.47 19.34
C SER D 167 34.06 44.92 17.91
N SER D 168 32.87 44.83 17.31
CA SER D 168 32.74 44.32 15.96
C SER D 168 31.77 45.15 15.14
N ALA D 169 32.04 45.25 13.85
CA ALA D 169 31.19 46.00 12.92
C ALA D 169 30.37 45.04 12.08
N TRP D 170 30.27 43.79 12.53
CA TRP D 170 29.55 42.77 11.79
C TRP D 170 28.07 43.06 11.66
N THR D 171 27.55 42.81 10.46
CA THR D 171 26.13 42.88 10.19
C THR D 171 25.73 41.77 9.23
N PRO D 172 24.54 41.19 9.40
CA PRO D 172 23.94 40.18 8.54
C PRO D 172 23.54 40.76 7.19
N PHE D 173 23.45 42.09 7.12
CA PHE D 173 23.03 42.75 5.89
C PHE D 173 24.23 43.14 5.05
N ASP D 174 24.23 42.77 3.79
CA ASP D 174 25.30 43.19 2.88
C ASP D 174 24.92 44.51 2.22
N ASN D 175 25.70 44.93 1.23
CA ASN D 175 25.51 46.25 0.65
C ASN D 175 24.20 46.39 -0.12
N LYS D 176 23.71 45.30 -0.71
CA LYS D 176 22.49 45.36 -1.50
C LYS D 176 21.41 44.45 -0.94
N ILE D 177 20.32 45.05 -0.47
CA ILE D 177 19.24 44.24 0.08
C ILE D 177 17.92 44.60 -0.57
N VAL D 178 16.99 43.64 -0.57
CA VAL D 178 15.66 43.86 -1.09
C VAL D 178 14.62 43.53 -0.02
N VAL D 179 13.65 44.41 0.13
CA VAL D 179 12.63 44.23 1.15
C VAL D 179 11.24 44.10 0.55
N TYR D 180 10.55 43.02 0.88
CA TYR D 180 9.20 42.80 0.36
C TYR D 180 8.14 43.12 1.40
N LYS D 181 8.30 42.57 2.59
CA LYS D 181 7.39 42.82 3.70
C LYS D 181 8.11 42.66 5.03
N GLY D 182 7.93 41.49 5.64
CA GLY D 182 8.66 41.16 6.87
C GLY D 182 9.92 40.37 6.53
N ASP D 183 10.13 40.15 5.24
CA ASP D 183 11.24 39.36 4.75
C ASP D 183 12.28 40.20 4.00
N VAL D 184 13.52 40.15 4.47
CA VAL D 184 14.61 40.85 3.84
C VAL D 184 15.59 39.85 3.23
N TYR D 185 16.01 40.10 2.00
CA TYR D 185 16.92 39.21 1.32
C TYR D 185 18.20 39.93 0.89
N ASN D 186 19.32 39.22 0.89
CA ASN D 186 20.56 39.74 0.33
C ASN D 186 20.62 39.37 -1.15
N MET D 187 20.48 40.35 -2.02
CA MET D 187 20.41 40.08 -3.45
C MET D 187 21.13 41.15 -4.26
N ASP D 188 21.87 40.71 -5.27
CA ASP D 188 22.56 41.64 -6.16
C ASP D 188 21.64 42.13 -7.25
N TYR D 189 20.71 43.01 -6.89
CA TYR D 189 19.75 43.54 -7.85
C TYR D 189 20.48 44.37 -8.90
N PRO D 190 19.99 44.39 -10.14
CA PRO D 190 20.54 45.08 -11.28
C PRO D 190 20.44 46.60 -11.10
N PRO D 191 21.29 47.37 -11.78
CA PRO D 191 21.27 48.82 -11.85
C PRO D 191 19.96 49.34 -12.40
N PHE D 192 19.53 50.50 -11.90
CA PHE D 192 18.30 51.10 -12.40
C PHE D 192 18.42 51.40 -13.87
N GLY D 193 17.41 51.02 -14.65
CA GLY D 193 17.40 51.26 -16.07
C GLY D 193 18.09 50.14 -16.85
N ALA D 194 18.56 49.12 -16.14
CA ALA D 194 19.27 48.00 -16.76
C ALA D 194 18.56 46.68 -16.48
N GLY D 195 17.24 46.73 -16.31
CA GLY D 195 16.47 45.53 -16.01
C GLY D 195 16.33 44.63 -17.24
N ARG D 196 16.09 43.35 -17.00
CA ARG D 196 15.94 42.35 -18.05
C ARG D 196 14.63 41.59 -17.88
N PRO D 197 14.02 41.14 -18.98
CA PRO D 197 12.74 40.45 -19.06
C PRO D 197 12.80 39.12 -18.35
N GLY D 198 11.74 38.79 -17.62
CA GLY D 198 11.63 37.50 -16.95
C GLY D 198 12.46 37.46 -15.67
N GLN D 199 13.06 38.59 -15.31
CA GLN D 199 13.92 38.67 -14.13
C GLN D 199 13.51 39.84 -13.25
N PHE D 200 13.88 39.76 -11.98
CA PHE D 200 13.56 40.83 -11.06
C PHE D 200 14.10 42.15 -11.58
N GLY D 201 13.28 43.18 -11.55
CA GLY D 201 13.69 44.50 -12.01
C GLY D 201 13.34 44.76 -13.48
N ASP D 202 12.53 43.89 -14.08
CA ASP D 202 12.13 44.08 -15.46
C ASP D 202 11.36 45.38 -15.64
N ILE D 203 10.58 45.75 -14.62
CA ILE D 203 9.93 47.05 -14.57
C ILE D 203 10.37 47.80 -13.32
N GLN D 204 10.79 49.04 -13.49
CA GLN D 204 11.35 49.82 -12.38
C GLN D 204 10.84 51.25 -12.31
N SER D 205 10.74 51.78 -11.10
CA SER D 205 10.50 53.20 -10.89
C SER D 205 11.23 53.65 -9.63
N ARG D 206 11.59 54.93 -9.56
CA ARG D 206 12.32 55.43 -8.40
C ARG D 206 11.47 55.48 -7.15
N THR D 207 10.21 55.88 -7.30
CA THR D 207 9.27 55.88 -6.19
C THR D 207 7.93 55.32 -6.67
N PRO D 208 7.10 54.76 -5.78
CA PRO D 208 5.82 54.15 -6.08
C PRO D 208 4.89 55.11 -6.84
N GLU D 209 4.98 56.40 -6.52
CA GLU D 209 4.13 57.41 -7.12
C GLU D 209 4.70 58.03 -8.39
N SER D 210 5.93 57.67 -8.75
CA SER D 210 6.61 58.29 -9.88
C SER D 210 5.96 57.95 -11.20
N LYS D 211 6.01 58.91 -12.13
CA LYS D 211 5.54 58.68 -13.49
C LYS D 211 6.70 58.28 -14.40
N ASP D 212 7.91 58.27 -13.84
CA ASP D 212 9.10 57.90 -14.59
C ASP D 212 9.33 56.40 -14.49
N VAL D 213 8.93 55.67 -15.53
CA VAL D 213 8.96 54.22 -15.49
C VAL D 213 9.86 53.62 -16.57
N TYR D 214 10.71 52.70 -16.14
CA TYR D 214 11.53 51.93 -17.06
C TYR D 214 10.95 50.54 -17.21
N ALA D 215 10.93 50.03 -18.44
CA ALA D 215 10.44 48.67 -18.63
C ALA D 215 11.14 48.00 -19.78
N ASN D 216 11.39 46.70 -19.62
CA ASN D 216 11.96 45.88 -20.67
C ASN D 216 11.27 44.52 -20.70
N THR D 217 10.18 44.43 -21.45
CA THR D 217 9.39 43.20 -21.45
C THR D 217 9.54 42.43 -22.76
N GLN D 218 10.31 43.00 -23.68
CA GLN D 218 10.51 42.41 -25.00
C GLN D 218 9.17 42.14 -25.67
N LEU D 219 8.31 43.15 -25.65
CA LEU D 219 6.98 43.04 -26.24
C LEU D 219 7.04 43.15 -27.75
N VAL D 220 6.57 42.11 -28.43
CA VAL D 220 6.59 42.05 -29.88
C VAL D 220 5.19 41.83 -30.45
N LEU D 221 4.79 42.69 -31.37
CA LEU D 221 3.48 42.55 -32.02
C LEU D 221 3.53 41.48 -33.10
N GLN D 222 2.50 40.62 -33.11
CA GLN D 222 2.41 39.51 -34.04
C GLN D 222 1.23 39.67 -34.99
N ARG D 223 1.28 38.98 -36.12
CA ARG D 223 0.19 39.01 -37.09
C ARG D 223 -1.05 38.30 -36.54
N PRO D 224 -2.24 38.89 -36.67
CA PRO D 224 -3.53 38.38 -36.25
C PRO D 224 -3.96 37.18 -37.05
N ALA D 225 -4.79 36.32 -36.46
CA ALA D 225 -5.35 35.19 -37.18
C ALA D 225 -6.28 35.70 -38.27
N ALA D 226 -6.28 35.03 -39.42
CA ALA D 226 -7.12 35.46 -40.51
C ALA D 226 -8.59 35.43 -40.09
N GLY D 227 -9.32 36.46 -40.49
CA GLY D 227 -10.75 36.55 -40.22
C GLY D 227 -11.05 37.17 -38.86
N THR D 228 -10.02 37.56 -38.13
CA THR D 228 -10.20 38.13 -36.80
C THR D 228 -9.53 39.48 -36.66
N VAL D 229 -9.85 40.19 -35.57
CA VAL D 229 -9.25 41.48 -35.29
C VAL D 229 -8.46 41.49 -33.99
N HIS D 230 -8.22 40.32 -33.42
CA HIS D 230 -7.49 40.24 -32.15
C HIS D 230 -6.04 40.63 -32.36
N VAL D 231 -5.38 41.11 -31.32
CA VAL D 231 -3.98 41.52 -31.42
C VAL D 231 -3.07 40.63 -30.58
N PRO D 232 -2.40 39.66 -31.20
CA PRO D 232 -1.49 38.72 -30.57
C PRO D 232 -0.17 39.39 -30.29
N TYR D 233 0.52 38.92 -29.27
CA TYR D 233 1.84 39.44 -28.98
C TYR D 233 2.69 38.45 -28.20
N SER D 234 4.00 38.64 -28.26
CA SER D 234 4.92 37.85 -27.46
C SER D 234 5.56 38.73 -26.40
N GLN D 235 5.39 38.37 -25.14
CA GLN D 235 5.93 39.17 -24.05
C GLN D 235 6.39 38.29 -22.89
N ALA D 236 7.49 38.66 -22.26
CA ALA D 236 7.97 37.92 -21.09
C ALA D 236 6.99 38.12 -19.94
N PRO D 237 6.75 37.09 -19.12
CA PRO D 237 6.05 37.14 -17.85
C PRO D 237 6.76 38.03 -16.87
N SER D 238 6.02 38.64 -15.96
CA SER D 238 6.60 39.55 -14.99
C SER D 238 7.67 38.87 -14.16
N GLY D 239 8.80 39.55 -14.00
CA GLY D 239 9.91 39.03 -13.22
C GLY D 239 9.58 39.10 -11.74
N PHE D 240 8.60 39.93 -11.39
CA PHE D 240 8.20 40.08 -10.01
C PHE D 240 7.50 38.82 -9.53
N LYS D 241 6.61 38.29 -10.36
CA LYS D 241 5.88 37.08 -10.00
C LYS D 241 6.83 35.91 -9.87
N TYR D 242 7.80 35.82 -10.77
CA TYR D 242 8.77 34.74 -10.69
C TYR D 242 9.58 34.85 -9.41
N TRP D 243 9.99 36.06 -9.07
CA TRP D 243 10.79 36.28 -7.88
C TRP D 243 10.03 35.87 -6.63
N LEU D 244 8.75 36.22 -6.56
CA LEU D 244 7.95 35.90 -5.38
C LEU D 244 7.87 34.40 -5.15
N LYS D 245 7.79 33.62 -6.23
CA LYS D 245 7.69 32.17 -6.11
C LYS D 245 9.04 31.52 -5.84
N GLU D 246 10.12 32.19 -6.25
CA GLU D 246 11.46 31.65 -6.10
C GLU D 246 12.30 32.41 -5.09
N ARG D 247 11.66 33.11 -4.17
CA ARG D 247 12.39 33.92 -3.19
C ARG D 247 13.37 33.12 -2.37
N GLY D 248 12.96 31.92 -1.97
CA GLY D 248 13.79 31.10 -1.11
C GLY D 248 13.70 31.59 0.34
N ALA D 249 14.62 31.14 1.18
CA ALA D 249 14.61 31.52 2.58
C ALA D 249 15.09 32.96 2.74
N SER D 250 14.48 33.68 3.67
CA SER D 250 14.88 35.04 3.99
C SER D 250 15.94 35.05 5.08
N LEU D 251 16.53 36.23 5.31
CA LEU D 251 17.61 36.35 6.28
C LEU D 251 17.16 35.94 7.67
N GLN D 252 15.87 36.07 7.93
CA GLN D 252 15.33 35.70 9.24
C GLN D 252 15.62 34.24 9.55
N HIS D 253 15.78 33.43 8.51
CA HIS D 253 16.00 32.00 8.68
C HIS D 253 17.42 31.56 8.33
N THR D 254 18.15 32.39 7.59
CA THR D 254 19.48 32.00 7.10
C THR D 254 20.63 32.75 7.77
N ALA D 255 20.33 33.85 8.46
CA ALA D 255 21.39 34.67 9.03
C ALA D 255 22.19 33.89 10.07
N PRO D 256 23.50 34.14 10.14
CA PRO D 256 24.47 33.58 11.08
C PRO D 256 24.35 34.19 12.48
N PHE D 257 24.98 33.53 13.45
CA PHE D 257 25.09 34.05 14.82
C PHE D 257 23.74 34.21 15.51
N GLY D 258 22.73 33.55 14.99
CA GLY D 258 21.40 33.55 15.60
C GLY D 258 20.70 34.91 15.51
N CYS D 259 21.04 35.71 14.49
CA CYS D 259 20.45 37.04 14.34
C CYS D 259 18.96 36.97 14.04
N GLN D 260 18.19 37.82 14.71
CA GLN D 260 16.77 37.97 14.42
C GLN D 260 16.57 39.13 13.47
N ILE D 261 15.76 38.93 12.44
CA ILE D 261 15.54 39.96 11.43
C ILE D 261 14.13 40.50 11.45
N ALA D 262 14.02 41.82 11.44
CA ALA D 262 12.71 42.48 11.47
C ALA D 262 12.72 43.69 10.53
N THR D 263 11.54 44.10 10.09
CA THR D 263 11.42 45.22 9.17
C THR D 263 10.56 46.34 9.74
N ASN D 264 10.53 47.47 9.04
CA ASN D 264 9.77 48.64 9.47
C ASN D 264 10.16 49.13 10.84
N PRO D 265 11.40 49.64 10.99
CA PRO D 265 12.50 49.73 10.05
C PRO D 265 13.26 48.40 9.94
N VAL D 266 14.10 48.28 8.92
CA VAL D 266 14.95 47.11 8.79
C VAL D 266 16.02 47.12 9.87
N ARG D 267 16.13 46.02 10.59
CA ARG D 267 17.09 45.94 11.68
C ARG D 267 17.50 44.50 12.00
N ALA D 268 18.71 44.35 12.53
CA ALA D 268 19.18 43.07 13.04
C ALA D 268 19.13 43.08 14.55
N VAL D 269 18.60 42.02 15.13
CA VAL D 269 18.40 41.98 16.58
C VAL D 269 19.09 40.80 17.26
N ASN D 270 19.75 41.11 18.37
CA ASN D 270 20.39 40.12 19.23
C ASN D 270 21.40 39.21 18.54
N CYS D 271 22.27 39.78 17.70
CA CYS D 271 23.35 39.02 17.06
C CYS D 271 24.46 38.73 18.07
N ALA D 272 24.83 37.45 18.19
CA ALA D 272 25.84 37.05 19.16
C ALA D 272 27.25 37.22 18.62
N VAL D 273 27.64 38.46 18.36
CA VAL D 273 28.96 38.74 17.81
C VAL D 273 29.75 39.73 18.63
N GLY D 274 30.97 39.36 19.00
CA GLY D 274 31.90 40.26 19.68
C GLY D 274 31.49 40.56 21.11
N ASN D 275 31.88 41.74 21.59
CA ASN D 275 31.63 42.15 22.96
C ASN D 275 31.33 43.65 23.05
N MET D 276 30.92 44.09 24.23
CA MET D 276 30.54 45.49 24.45
C MET D 276 31.14 46.05 25.75
N PRO D 277 32.09 46.97 25.64
CA PRO D 277 32.66 47.75 26.73
C PRO D 277 31.59 48.58 27.43
N ILE D 278 31.60 48.56 28.75
CA ILE D 278 30.67 49.34 29.55
C ILE D 278 31.41 50.15 30.61
N SER D 279 31.10 51.43 30.71
CA SER D 279 31.71 52.30 31.71
C SER D 279 30.65 52.93 32.60
N ILE D 280 30.82 52.78 33.91
CA ILE D 280 29.83 53.29 34.86
C ILE D 280 30.45 54.26 35.86
N ASP D 281 29.84 55.43 35.99
CA ASP D 281 30.24 56.41 37.00
C ASP D 281 29.44 56.20 38.27
N ILE D 282 30.11 55.68 39.31
CA ILE D 282 29.44 55.28 40.54
C ILE D 282 29.60 56.35 41.64
N PRO D 283 28.47 56.87 42.17
CA PRO D 283 28.39 57.78 43.30
C PRO D 283 29.05 57.21 44.54
N GLU D 284 29.69 58.08 45.32
CA GLU D 284 30.42 57.69 46.52
C GLU D 284 29.48 57.13 47.59
N ALA D 285 28.20 57.42 47.45
CA ALA D 285 27.20 56.96 48.40
C ALA D 285 27.08 55.44 48.37
N ALA D 286 27.51 54.84 47.27
CA ALA D 286 27.39 53.41 47.08
C ALA D 286 28.55 52.66 47.73
N PHE D 287 29.52 53.40 48.26
CA PHE D 287 30.69 52.77 48.84
C PHE D 287 30.71 52.90 50.37
N THR D 288 30.90 51.78 51.04
CA THR D 288 31.00 51.74 52.49
C THR D 288 32.43 51.49 52.92
N ARG D 289 32.94 52.33 53.81
CA ARG D 289 34.32 52.21 54.26
C ARG D 289 34.54 50.90 54.98
N VAL D 290 35.73 50.34 54.85
CA VAL D 290 36.04 49.05 55.45
C VAL D 290 35.92 49.09 56.97
N VAL D 291 36.07 50.27 57.55
CA VAL D 291 35.93 50.43 58.99
C VAL D 291 34.47 50.36 59.42
N ASP D 292 33.57 50.72 58.52
CA ASP D 292 32.14 50.69 58.81
C ASP D 292 31.52 49.36 58.40
N ALA D 293 32.12 48.72 57.40
CA ALA D 293 31.63 47.45 56.89
C ALA D 293 31.80 46.35 57.95
N PRO D 294 30.97 45.27 57.81
CA PRO D 294 31.20 44.15 58.71
C PRO D 294 32.42 43.38 58.33
N SER D 295 32.96 42.65 59.27
CA SER D 295 34.13 41.83 59.03
C SER D 295 33.84 40.40 59.47
N LEU D 296 34.40 39.44 58.72
CA LEU D 296 34.12 38.04 59.01
C LEU D 296 35.35 37.23 59.31
N THR D 297 35.28 36.37 60.32
CA THR D 297 36.40 35.52 60.68
C THR D 297 35.98 34.07 60.84
N ASP D 298 36.96 33.19 61.07
CA ASP D 298 36.70 31.77 61.30
C ASP D 298 35.81 31.19 60.22
N MET D 299 36.10 31.52 58.97
CA MET D 299 35.28 31.08 57.85
C MET D 299 35.71 29.72 57.30
N SER D 300 34.73 28.91 56.92
CA SER D 300 34.98 27.61 56.30
C SER D 300 33.87 27.25 55.31
N CYS D 301 34.18 26.39 54.34
CA CYS D 301 33.25 26.04 53.27
C CYS D 301 33.10 24.52 53.12
N GLU D 302 31.88 24.09 52.85
CA GLU D 302 31.59 22.70 52.53
C GLU D 302 30.60 22.61 51.36
N VAL D 303 30.67 21.51 50.62
CA VAL D 303 29.82 21.30 49.45
C VAL D 303 29.01 20.02 49.56
N PRO D 304 27.73 20.11 49.95
CA PRO D 304 26.79 19.02 50.07
C PRO D 304 26.71 18.20 48.78
N ALA D 305 26.74 18.89 47.64
CA ALA D 305 26.73 18.23 46.35
C ALA D 305 27.14 19.19 45.24
N CYS D 306 27.60 18.63 44.11
CA CYS D 306 27.87 19.43 42.92
C CYS D 306 27.57 18.64 41.65
N THR D 307 26.80 19.25 40.76
CA THR D 307 26.56 18.71 39.42
C THR D 307 26.81 19.78 38.37
N HIS D 308 27.64 19.47 37.38
CA HIS D 308 27.89 20.46 36.33
C HIS D 308 26.82 20.37 35.24
N SER D 309 25.60 20.77 35.62
CA SER D 309 24.42 20.69 34.76
C SER D 309 24.31 21.88 33.82
N SER D 310 25.17 22.87 34.03
CA SER D 310 25.15 24.13 33.28
C SER D 310 24.01 25.04 33.72
N ASP D 311 23.34 24.68 34.82
CA ASP D 311 22.29 25.53 35.37
C ASP D 311 22.37 25.62 36.89
N PHE D 312 23.49 26.10 37.40
CA PHE D 312 23.67 26.27 38.84
C PHE D 312 23.36 24.99 39.61
N GLY D 313 23.98 23.90 39.20
CA GLY D 313 23.75 22.60 39.81
C GLY D 313 24.64 22.38 41.03
N GLY D 314 25.51 23.33 41.32
CA GLY D 314 26.38 23.22 42.49
C GLY D 314 25.83 24.03 43.66
N VAL D 315 26.02 23.51 44.87
CA VAL D 315 25.64 24.23 46.07
C VAL D 315 26.78 24.26 47.06
N ALA D 316 26.98 25.40 47.71
CA ALA D 316 28.04 25.49 48.72
C ALA D 316 27.52 26.20 49.96
N VAL D 317 27.98 25.74 51.12
CA VAL D 317 27.61 26.35 52.38
C VAL D 317 28.84 26.86 53.11
N ILE D 318 28.81 28.15 53.45
CA ILE D 318 29.96 28.77 54.11
C ILE D 318 29.62 29.23 55.52
N LYS D 319 30.38 28.72 56.49
CA LYS D 319 30.20 29.10 57.88
C LYS D 319 31.01 30.36 58.18
N TYR D 320 30.46 31.27 58.96
CA TYR D 320 31.15 32.50 59.28
C TYR D 320 30.86 33.01 60.69
N ALA D 321 31.81 33.77 61.24
CA ALA D 321 31.58 34.52 62.46
C ALA D 321 31.62 36.02 62.14
N ALA D 322 30.49 36.69 62.31
CA ALA D 322 30.39 38.10 61.96
C ALA D 322 30.66 39.00 63.15
N SER D 323 31.39 40.08 62.91
CA SER D 323 31.63 41.07 63.95
C SER D 323 30.37 41.85 64.28
N LYS D 324 29.52 42.04 63.28
CA LYS D 324 28.25 42.73 63.46
C LYS D 324 27.30 42.41 62.31
N LYS D 325 26.01 42.69 62.53
CA LYS D 325 25.00 42.51 61.50
C LYS D 325 25.19 43.48 60.35
N GLY D 326 25.05 42.98 59.12
CA GLY D 326 25.17 43.81 57.93
C GLY D 326 25.19 42.98 56.65
N LYS D 327 25.47 43.63 55.53
CA LYS D 327 25.51 42.93 54.24
C LYS D 327 26.92 42.86 53.68
N CYS D 328 27.22 41.82 52.92
CA CYS D 328 28.53 41.72 52.32
C CYS D 328 28.37 41.40 50.85
N ALA D 329 29.46 41.35 50.12
CA ALA D 329 29.36 41.14 48.70
C ALA D 329 30.09 39.88 48.35
N VAL D 330 29.50 39.06 47.48
CA VAL D 330 30.14 37.78 47.20
C VAL D 330 30.66 37.70 45.77
N HIS D 331 31.92 37.31 45.61
CA HIS D 331 32.50 37.22 44.27
C HIS D 331 33.45 36.03 44.14
N SER D 332 33.36 35.35 43.01
CA SER D 332 34.27 34.24 42.71
C SER D 332 35.66 34.75 42.39
N MET D 333 36.68 34.03 42.84
CA MET D 333 38.07 34.39 42.55
C MET D 333 38.62 33.62 41.37
N THR D 334 37.75 32.90 40.67
CA THR D 334 38.14 32.17 39.48
C THR D 334 37.11 32.35 38.39
N ASN D 335 37.53 32.18 37.14
CA ASN D 335 36.61 32.31 36.02
C ASN D 335 35.96 30.97 35.70
N ALA D 336 36.41 29.93 36.38
CA ALA D 336 35.87 28.59 36.16
C ALA D 336 34.55 28.41 36.88
N VAL D 337 34.36 29.15 37.97
CA VAL D 337 33.18 28.99 38.80
C VAL D 337 32.38 30.29 38.92
N THR D 338 31.11 30.23 38.53
CA THR D 338 30.23 31.39 38.61
C THR D 338 29.26 31.25 39.78
N ILE D 339 29.19 32.29 40.61
CA ILE D 339 28.27 32.30 41.76
C ILE D 339 27.02 33.09 41.44
N ARG D 340 25.86 32.48 41.65
CA ARG D 340 24.60 33.10 41.26
C ARG D 340 24.29 34.35 42.07
N GLU D 341 24.48 34.29 43.37
CA GLU D 341 24.17 35.40 44.26
C GLU D 341 25.24 36.49 44.21
N ALA D 342 24.81 37.75 44.13
CA ALA D 342 25.74 38.87 44.13
C ALA D 342 26.11 39.28 45.55
N GLU D 343 25.17 39.12 46.48
CA GLU D 343 25.39 39.55 47.85
C GLU D 343 24.63 38.67 48.85
N ILE D 344 25.15 38.61 50.06
CA ILE D 344 24.50 37.88 51.16
C ILE D 344 24.42 38.73 52.43
N GLU D 345 23.59 38.29 53.36
CA GLU D 345 23.48 38.94 54.66
C GLU D 345 24.21 38.16 55.74
N VAL D 346 24.90 38.85 56.63
CA VAL D 346 25.62 38.21 57.73
C VAL D 346 25.16 38.70 59.09
N GLU D 347 24.96 37.75 60.02
CA GLU D 347 24.61 38.11 61.39
C GLU D 347 25.11 37.07 62.39
N GLY D 348 25.85 37.54 63.39
CA GLY D 348 26.31 36.69 64.48
C GLY D 348 27.14 35.51 63.99
N ASN D 349 26.83 34.32 64.51
CA ASN D 349 27.52 33.10 64.12
C ASN D 349 26.56 32.17 63.39
N SER D 350 26.76 32.04 62.08
CA SER D 350 25.84 31.30 61.24
C SER D 350 26.49 30.83 59.96
N GLN D 351 25.67 30.34 59.04
CA GLN D 351 26.17 29.88 57.75
C GLN D 351 25.31 30.42 56.62
N LEU D 352 25.95 30.66 55.47
CA LEU D 352 25.24 31.12 54.29
C LEU D 352 25.26 30.07 53.21
N GLN D 353 24.23 30.04 52.37
CA GLN D 353 24.18 29.09 51.28
C GLN D 353 24.10 29.80 49.94
N ILE D 354 24.98 29.42 49.03
CA ILE D 354 25.02 29.99 47.68
C ILE D 354 25.03 28.89 46.63
N SER D 355 24.64 29.24 45.41
CA SER D 355 24.66 28.28 44.32
C SER D 355 25.69 28.69 43.28
N PHE D 356 26.23 27.71 42.57
CA PHE D 356 27.26 27.99 41.58
C PHE D 356 27.18 27.08 40.38
N SER D 357 27.79 27.53 39.28
CA SER D 357 27.80 26.80 38.03
C SER D 357 29.20 26.72 37.46
N THR D 358 29.66 25.52 37.15
CA THR D 358 31.00 25.34 36.63
C THR D 358 31.08 24.24 35.59
N ALA D 359 32.07 24.33 34.70
CA ALA D 359 32.34 23.30 33.72
C ALA D 359 33.32 22.27 34.28
N LEU D 360 33.80 22.52 35.49
CA LEU D 360 34.81 21.66 36.10
C LEU D 360 34.25 20.33 36.55
N ALA D 361 34.99 19.26 36.28
CA ALA D 361 34.66 17.95 36.82
C ALA D 361 35.02 17.91 38.30
N SER D 362 36.03 18.70 38.66
CA SER D 362 36.45 18.85 40.05
C SER D 362 36.50 20.32 40.38
N ALA D 363 35.65 20.75 41.30
CA ALA D 363 35.53 22.18 41.58
C ALA D 363 36.54 22.59 42.63
N GLU D 364 37.46 23.47 42.23
CA GLU D 364 38.44 24.03 43.14
C GLU D 364 38.46 25.54 42.99
N PHE D 365 37.99 26.25 44.00
CA PHE D 365 37.82 27.69 43.89
C PHE D 365 37.87 28.39 45.23
N ARG D 366 38.08 29.70 45.18
CA ARG D 366 38.02 30.51 46.39
C ARG D 366 36.84 31.48 46.31
N VAL D 367 36.15 31.63 47.42
CA VAL D 367 35.02 32.55 47.47
C VAL D 367 35.36 33.78 48.29
N GLN D 368 35.21 34.95 47.68
CA GLN D 368 35.50 36.17 48.39
C GLN D 368 34.25 36.78 48.96
N VAL D 369 34.19 36.90 50.27
CA VAL D 369 33.05 37.54 50.88
C VAL D 369 33.52 38.95 51.22
N CYS D 370 33.35 39.46 52.43
CA CYS D 370 33.87 40.80 52.68
C CYS D 370 35.32 40.77 53.04
N SER D 371 36.18 40.58 52.06
CA SER D 371 37.61 40.56 52.30
C SER D 371 38.04 39.46 53.24
N THR D 372 37.31 38.37 53.26
CA THR D 372 37.70 37.23 54.08
C THR D 372 37.52 36.06 53.17
N GLN D 373 38.55 35.72 52.44
CA GLN D 373 38.47 34.67 51.42
C GLN D 373 38.51 33.28 52.03
N VAL D 374 37.72 32.37 51.47
CA VAL D 374 37.72 30.98 51.91
C VAL D 374 37.92 30.02 50.75
N HIS D 375 38.84 29.07 50.91
CA HIS D 375 39.05 28.05 49.89
C HIS D 375 38.02 26.95 50.01
N CYS D 376 37.42 26.55 48.89
CA CYS D 376 36.37 25.53 48.86
C CYS D 376 36.57 24.60 47.67
N ALA D 377 36.33 23.30 47.87
CA ALA D 377 36.48 22.37 46.76
C ALA D 377 35.63 21.12 46.95
N ALA D 378 35.21 20.52 45.83
CA ALA D 378 34.47 19.26 45.86
C ALA D 378 34.42 18.61 44.48
N GLU D 379 34.17 17.30 44.46
CA GLU D 379 33.92 16.58 43.21
C GLU D 379 32.54 16.92 42.66
N CYS D 380 32.43 17.04 41.33
CA CYS D 380 31.16 17.32 40.66
C CYS D 380 30.75 16.15 39.76
N HIS D 381 29.45 15.92 39.66
CA HIS D 381 28.91 14.86 38.82
C HIS D 381 28.35 15.43 37.51
N PRO D 382 28.32 14.64 36.44
CA PRO D 382 27.71 14.93 35.17
C PRO D 382 26.19 14.89 35.28
N PRO D 383 25.50 15.59 34.37
CA PRO D 383 24.06 15.61 34.19
C PRO D 383 23.58 14.32 33.56
N LYS D 384 22.32 13.98 33.79
CA LYS D 384 21.72 12.82 33.16
C LYS D 384 21.18 13.14 31.77
N ASP D 385 20.73 14.38 31.59
CA ASP D 385 20.14 14.81 30.34
C ASP D 385 21.21 15.19 29.32
N HIS D 386 20.87 15.09 28.04
CA HIS D 386 21.82 15.44 26.99
C HIS D 386 21.57 16.83 26.41
N ILE D 387 20.30 17.20 26.33
CA ILE D 387 19.91 18.43 25.65
C ILE D 387 19.04 19.33 26.52
N VAL D 388 19.32 20.63 26.48
CA VAL D 388 18.52 21.62 27.18
C VAL D 388 18.12 22.75 26.24
N ASN D 389 17.11 23.52 26.65
CA ASN D 389 16.62 24.64 25.85
C ASN D 389 17.15 25.99 26.32
N TYR D 390 18.20 25.96 27.13
CA TYR D 390 18.84 27.18 27.60
C TYR D 390 20.35 27.09 27.45
N PRO D 391 21.03 28.23 27.26
CA PRO D 391 22.47 28.37 27.22
C PRO D 391 23.08 28.15 28.59
N ALA D 392 24.32 27.68 28.62
CA ALA D 392 25.01 27.45 29.88
C ALA D 392 25.21 28.75 30.64
N SER D 393 25.05 28.68 31.96
CA SER D 393 25.23 29.86 32.81
C SER D 393 26.70 30.15 33.08
N HIS D 394 27.55 29.15 32.84
CA HIS D 394 28.98 29.31 33.10
C HIS D 394 29.76 29.52 31.82
N THR D 395 31.09 29.59 31.99
CA THR D 395 31.98 29.77 30.85
C THR D 395 32.69 28.50 30.51
N THR D 396 33.57 28.54 29.52
CA THR D 396 34.23 27.33 29.05
C THR D 396 35.26 26.70 29.92
N LEU D 397 35.57 25.43 29.66
CA LEU D 397 36.55 24.68 30.46
C LEU D 397 37.76 24.50 29.63
N GLY D 398 37.98 25.39 28.69
CA GLY D 398 39.04 25.12 27.75
C GLY D 398 40.49 25.36 28.05
N VAL D 399 41.04 24.61 28.98
CA VAL D 399 42.48 24.67 29.20
C VAL D 399 42.85 23.25 29.56
N GLN D 400 44.08 22.86 29.28
CA GLN D 400 44.52 21.54 29.71
C GLN D 400 44.63 21.59 31.22
N ASP D 401 44.78 22.79 31.77
CA ASP D 401 44.96 22.95 33.20
C ASP D 401 43.81 22.48 34.04
N ILE D 402 42.62 22.39 33.48
CA ILE D 402 41.47 22.05 34.31
C ILE D 402 41.09 20.59 34.35
N SER D 403 42.04 19.72 34.08
CA SER D 403 41.75 18.30 34.17
C SER D 403 41.37 17.95 35.58
N ALA D 404 40.50 16.97 35.76
CA ALA D 404 39.99 16.61 37.08
C ALA D 404 40.99 16.20 38.10
N THR D 405 40.57 16.09 39.35
CA THR D 405 41.54 15.57 40.30
C THR D 405 41.59 14.07 40.20
N ALA D 406 42.38 13.45 41.06
CA ALA D 406 42.73 12.04 40.89
C ALA D 406 43.44 11.89 39.56
N MET D 407 44.24 12.90 39.23
CA MET D 407 45.07 12.91 38.03
C MET D 407 46.51 12.65 38.43
N SER D 408 46.69 12.20 39.67
CA SER D 408 48.01 11.92 40.20
C SER D 408 48.66 10.80 39.41
N TRP D 409 47.85 10.05 38.67
CA TRP D 409 48.34 9.02 37.79
C TRP D 409 49.26 9.64 36.74
N VAL D 410 48.93 10.84 36.30
CA VAL D 410 49.73 11.54 35.31
C VAL D 410 51.05 11.96 35.92
N GLN D 411 50.97 12.47 37.16
CA GLN D 411 52.16 12.92 37.86
C GLN D 411 53.06 11.75 38.23
N LYS D 412 52.45 10.63 38.60
CA LYS D 412 53.23 9.44 38.98
C LYS D 412 53.95 8.86 37.79
N ILE D 413 53.29 8.81 36.64
CA ILE D 413 53.91 8.29 35.44
C ILE D 413 55.00 9.23 34.94
N THR D 414 54.69 10.53 34.93
CA THR D 414 55.64 11.52 34.49
C THR D 414 56.85 11.55 35.41
N GLY D 415 56.60 11.49 36.71
CA GLY D 415 57.68 11.49 37.69
C GLY D 415 58.52 10.23 37.58
N GLY D 416 57.86 9.10 37.35
CA GLY D 416 58.57 7.82 37.23
C GLY D 416 59.53 7.83 36.05
N VAL D 417 59.05 8.31 34.91
CA VAL D 417 59.89 8.39 33.72
C VAL D 417 61.00 9.42 33.90
N GLY D 418 60.66 10.55 34.50
CA GLY D 418 61.64 11.60 34.76
C GLY D 418 62.73 11.11 35.71
N LEU D 419 62.36 10.26 36.65
CA LEU D 419 63.32 9.70 37.59
C LEU D 419 64.29 8.77 36.88
N VAL D 420 63.78 7.97 35.94
CA VAL D 420 64.61 7.07 35.18
C VAL D 420 65.64 7.84 34.38
N VAL D 421 65.22 8.97 33.80
CA VAL D 421 66.13 9.81 33.05
C VAL D 421 67.17 10.45 33.96
N ALA D 422 66.72 10.95 35.11
CA ALA D 422 67.62 11.61 36.06
C ALA D 422 68.70 10.64 36.55
N VAL D 423 68.31 9.39 36.77
CA VAL D 423 69.27 8.39 37.23
C VAL D 423 70.23 8.02 36.12
N ALA D 424 69.70 7.78 34.92
CA ALA D 424 70.54 7.43 33.80
C ALA D 424 71.52 8.56 33.49
N ALA D 425 71.06 9.80 33.64
CA ALA D 425 71.91 10.95 33.38
C ALA D 425 73.05 10.99 34.39
N LEU D 426 72.75 10.66 35.64
CA LEU D 426 73.78 10.67 36.68
C LEU D 426 74.82 9.60 36.43
N ILE D 427 74.37 8.44 35.98
CA ILE D 427 75.29 7.33 35.72
C ILE D 427 76.28 7.71 34.63
N LEU D 428 75.78 8.33 33.56
CA LEU D 428 76.65 8.74 32.47
C LEU D 428 77.59 9.86 32.89
N ILE D 429 77.10 10.79 33.70
CA ILE D 429 77.92 11.90 34.16
C ILE D 429 79.08 11.41 35.01
N VAL D 430 78.81 10.46 35.90
CA VAL D 430 79.85 9.92 36.76
C VAL D 430 80.92 9.18 35.93
N VAL D 431 80.48 8.40 34.95
CA VAL D 431 81.42 7.69 34.10
C VAL D 431 82.27 8.65 33.28
N LEU D 432 81.64 9.71 32.76
CA LEU D 432 82.37 10.70 31.98
C LEU D 432 83.39 11.42 32.85
N CYS D 433 83.04 11.69 34.10
CA CYS D 433 83.96 12.35 35.02
C CYS D 433 85.19 11.49 35.29
N VAL D 434 84.97 10.19 35.50
CA VAL D 434 86.06 9.27 35.75
C VAL D 434 86.93 9.12 34.51
N SER D 435 86.29 9.00 33.35
CA SER D 435 87.00 8.86 32.10
C SER D 435 87.84 10.11 31.81
N PHE D 436 87.29 11.27 32.13
CA PHE D 436 87.99 12.53 31.92
C PHE D 436 89.28 12.62 32.74
N SER D 437 89.20 12.24 34.01
CA SER D 437 90.35 12.32 34.89
C SER D 437 91.46 11.34 34.52
N ARG D 438 91.08 10.19 33.97
CA ARG D 438 92.07 9.19 33.57
C ARG D 438 92.75 9.55 32.24
N HIS D 439 94.08 9.42 32.21
CA HIS D 439 94.88 9.68 31.02
C HIS D 439 95.94 8.60 30.82
N TYR E 1 1.06 -56.92 9.98
CA TYR E 1 2.41 -56.57 9.55
C TYR E 1 2.67 -55.07 9.75
N GLU E 2 3.73 -54.75 10.49
CA GLU E 2 4.11 -53.36 10.74
C GLU E 2 5.11 -52.88 9.70
N HIS E 3 4.76 -51.80 9.01
CA HIS E 3 5.63 -51.22 8.00
C HIS E 3 5.88 -49.75 8.27
N VAL E 4 7.15 -49.35 8.23
CA VAL E 4 7.52 -47.97 8.49
C VAL E 4 8.25 -47.35 7.32
N THR E 5 7.77 -46.19 6.89
CA THR E 5 8.39 -45.45 5.81
C THR E 5 8.50 -43.97 6.15
N VAL E 6 9.32 -43.25 5.41
CA VAL E 6 9.44 -41.80 5.59
C VAL E 6 9.29 -41.08 4.26
N ILE E 7 8.48 -40.03 4.25
CA ILE E 7 8.33 -39.24 3.03
C ILE E 7 8.70 -37.78 3.32
N PRO E 8 9.18 -37.05 2.31
CA PRO E 8 9.43 -35.61 2.32
C PRO E 8 8.16 -34.86 2.67
N ASN E 9 8.30 -33.76 3.41
CA ASN E 9 7.14 -33.00 3.82
C ASN E 9 6.70 -32.07 2.70
N THR E 10 6.15 -32.67 1.64
CA THR E 10 5.69 -31.92 0.48
C THR E 10 4.21 -32.17 0.27
N VAL E 11 3.58 -31.35 -0.54
CA VAL E 11 2.15 -31.49 -0.80
C VAL E 11 1.85 -31.62 -2.28
N GLY E 12 1.01 -32.59 -2.63
CA GLY E 12 0.62 -32.81 -4.02
C GLY E 12 1.58 -33.75 -4.74
N VAL E 13 2.53 -34.31 -4.01
CA VAL E 13 3.51 -35.22 -4.59
C VAL E 13 3.37 -36.62 -3.98
N PRO E 14 3.09 -37.64 -4.79
CA PRO E 14 2.96 -39.03 -4.41
C PRO E 14 4.31 -39.67 -4.17
N TYR E 15 4.35 -40.63 -3.25
CA TYR E 15 5.55 -41.43 -3.01
C TYR E 15 5.20 -42.91 -2.96
N LYS E 16 6.12 -43.75 -3.41
CA LYS E 16 5.89 -45.19 -3.42
C LYS E 16 6.75 -45.90 -2.37
N THR E 17 6.13 -46.78 -1.62
CA THR E 17 6.86 -47.60 -0.65
C THR E 17 6.58 -49.08 -0.88
N LEU E 18 7.63 -49.88 -0.86
CA LEU E 18 7.50 -51.32 -1.11
C LEU E 18 7.47 -52.11 0.19
N VAL E 19 6.43 -52.91 0.35
CA VAL E 19 6.27 -53.74 1.53
C VAL E 19 6.66 -55.18 1.23
N ASN E 20 7.72 -55.66 1.89
CA ASN E 20 8.22 -56.99 1.62
C ASN E 20 7.94 -57.95 2.76
N ARG E 21 6.94 -58.81 2.57
CA ARG E 21 6.57 -59.79 3.57
C ARG E 21 6.71 -61.20 2.98
N PRO E 22 7.81 -61.91 3.29
CA PRO E 22 8.20 -63.18 2.72
C PRO E 22 7.07 -64.19 2.79
N GLY E 23 6.84 -64.88 1.69
CA GLY E 23 5.76 -65.85 1.59
C GLY E 23 4.53 -65.23 0.92
N TYR E 24 4.54 -63.91 0.80
CA TYR E 24 3.44 -63.19 0.17
C TYR E 24 3.92 -62.34 -0.99
N SER E 25 3.04 -62.11 -1.95
CA SER E 25 3.34 -61.25 -3.09
C SER E 25 3.66 -59.84 -2.57
N PRO E 26 4.70 -59.19 -3.09
CA PRO E 26 5.13 -57.85 -2.75
C PRO E 26 3.98 -56.86 -2.90
N MET E 27 3.85 -55.98 -1.91
CA MET E 27 2.80 -54.98 -1.91
C MET E 27 3.38 -53.59 -2.09
N VAL E 28 2.75 -52.77 -2.92
CA VAL E 28 3.21 -51.41 -3.10
C VAL E 28 2.14 -50.41 -2.71
N LEU E 29 2.48 -49.52 -1.80
CA LEU E 29 1.54 -48.50 -1.34
C LEU E 29 1.91 -47.14 -1.89
N GLU E 30 0.91 -46.44 -2.40
CA GLU E 30 1.08 -45.08 -2.86
C GLU E 30 0.56 -44.10 -1.83
N MET E 31 1.42 -43.20 -1.38
CA MET E 31 1.03 -42.23 -0.36
C MET E 31 1.23 -40.80 -0.86
N GLU E 32 0.28 -39.94 -0.55
CA GLU E 32 0.38 -38.52 -0.90
C GLU E 32 -0.18 -37.64 0.19
N LEU E 33 0.51 -36.55 0.50
CA LEU E 33 -0.02 -35.59 1.46
C LEU E 33 -0.86 -34.57 0.72
N LEU E 34 -2.10 -34.41 1.15
CA LEU E 34 -3.02 -33.49 0.50
C LEU E 34 -2.98 -32.14 1.20
N SER E 35 -2.76 -32.17 2.51
CA SER E 35 -2.66 -30.95 3.29
C SER E 35 -1.87 -31.16 4.56
N VAL E 36 -0.98 -30.21 4.86
CA VAL E 36 -0.25 -30.23 6.13
C VAL E 36 -0.45 -28.93 6.87
N THR E 37 -0.93 -29.01 8.10
CA THR E 37 -1.22 -27.80 8.87
C THR E 37 -0.43 -27.75 10.17
N LEU E 38 0.23 -26.62 10.39
CA LEU E 38 0.94 -26.38 11.65
C LEU E 38 0.23 -25.27 12.40
N GLU E 39 -0.46 -25.62 13.49
CA GLU E 39 -1.27 -24.65 14.21
C GLU E 39 -0.65 -24.22 15.54
N PRO E 40 -0.25 -22.96 15.67
CA PRO E 40 0.38 -22.36 16.83
C PRO E 40 -0.61 -22.16 17.95
N THR E 41 -0.11 -22.20 19.18
CA THR E 41 -0.92 -21.85 20.33
C THR E 41 -0.68 -20.40 20.70
N LEU E 42 -1.77 -19.63 20.73
CA LEU E 42 -1.66 -18.19 20.97
C LEU E 42 -2.32 -17.78 22.27
N SER E 43 -1.75 -16.76 22.91
CA SER E 43 -2.35 -16.13 24.07
C SER E 43 -2.42 -14.63 23.86
N LEU E 44 -3.62 -14.06 23.94
CA LEU E 44 -3.80 -12.65 23.66
C LEU E 44 -3.17 -11.78 24.73
N ASP E 45 -2.37 -10.80 24.32
CA ASP E 45 -1.80 -9.86 25.25
C ASP E 45 -2.67 -8.62 25.36
N TYR E 46 -2.97 -7.99 24.22
CA TYR E 46 -3.85 -6.83 24.23
C TYR E 46 -4.43 -6.51 22.86
N ILE E 47 -5.47 -5.67 22.89
CA ILE E 47 -6.12 -5.15 21.70
C ILE E 47 -5.83 -3.67 21.53
N THR E 48 -5.44 -3.27 20.33
CA THR E 48 -5.23 -1.85 20.04
C THR E 48 -6.09 -1.43 18.86
N CYS E 49 -6.70 -0.25 18.97
CA CYS E 49 -7.64 0.26 17.97
C CYS E 49 -7.52 1.77 17.84
N GLU E 50 -8.59 2.42 17.41
CA GLU E 50 -8.59 3.87 17.22
C GLU E 50 -9.19 4.56 18.44
N TYR E 51 -8.49 5.56 18.95
CA TYR E 51 -8.97 6.30 20.11
C TYR E 51 -9.89 7.43 19.69
N LYS E 52 -10.80 7.80 20.58
CA LYS E 52 -11.68 8.94 20.37
C LYS E 52 -11.42 10.03 21.40
N THR E 53 -11.31 11.28 20.94
CA THR E 53 -11.12 12.40 21.85
C THR E 53 -12.43 13.09 22.14
N VAL E 54 -12.75 13.24 23.41
CA VAL E 54 -14.01 13.83 23.81
C VAL E 54 -13.79 15.16 24.51
N ILE E 55 -14.48 16.19 24.03
CA ILE E 55 -14.40 17.52 24.62
C ILE E 55 -15.79 18.05 24.93
N PRO E 56 -16.20 17.99 26.20
CA PRO E 56 -17.43 18.53 26.76
C PRO E 56 -17.44 20.04 26.63
N SER E 57 -18.64 20.62 26.57
CA SER E 57 -18.77 22.07 26.49
C SER E 57 -17.95 22.75 27.58
N PRO E 58 -17.21 23.80 27.24
CA PRO E 58 -16.37 24.59 28.14
C PRO E 58 -17.24 25.36 29.12
N TYR E 59 -16.76 25.54 30.34
CA TYR E 59 -17.52 26.28 31.33
C TYR E 59 -16.97 27.68 31.51
N VAL E 60 -17.86 28.67 31.44
CA VAL E 60 -17.42 30.06 31.53
C VAL E 60 -17.94 30.74 32.79
N LYS E 61 -17.02 31.25 33.59
CA LYS E 61 -17.37 32.01 34.79
C LYS E 61 -16.98 33.47 34.59
N CYS E 62 -17.98 34.32 34.34
CA CYS E 62 -17.76 35.71 33.95
C CYS E 62 -17.12 36.54 35.04
N CYS E 63 -17.44 36.25 36.29
CA CYS E 63 -16.99 37.14 37.35
C CYS E 63 -16.40 36.31 38.51
N GLY E 64 -15.29 35.63 38.22
CA GLY E 64 -14.67 34.73 39.19
C GLY E 64 -13.80 33.67 38.51
N THR E 65 -13.09 32.88 39.31
CA THR E 65 -12.20 31.85 38.78
C THR E 65 -12.82 30.46 38.88
N ALA E 66 -12.87 29.77 37.75
CA ALA E 66 -13.39 28.41 37.68
C ALA E 66 -12.37 27.41 38.24
N GLU E 67 -12.84 26.38 38.93
CA GLU E 67 -11.88 25.48 39.58
C GLU E 67 -11.80 24.12 38.95
N CYS E 68 -10.72 23.39 39.21
CA CYS E 68 -10.55 22.12 38.51
C CYS E 68 -10.47 20.86 39.34
N LYS E 69 -11.18 19.82 38.93
CA LYS E 69 -11.14 18.56 39.65
C LYS E 69 -10.56 17.50 38.76
N ASP E 70 -9.72 16.64 39.32
CA ASP E 70 -9.08 15.62 38.52
C ASP E 70 -9.99 14.45 38.29
N LYS E 71 -9.69 13.65 37.29
CA LYS E 71 -10.52 12.49 36.98
C LYS E 71 -9.65 11.29 36.68
N ASN E 72 -10.23 10.10 36.75
CA ASN E 72 -9.48 8.85 36.58
C ASN E 72 -9.67 8.25 35.19
N LEU E 73 -10.02 9.10 34.23
CA LEU E 73 -10.20 8.67 32.85
C LEU E 73 -8.82 8.35 32.23
N PRO E 74 -8.77 7.49 31.20
CA PRO E 74 -7.57 6.90 30.62
C PRO E 74 -6.49 7.94 30.28
N ASP E 75 -6.94 9.10 29.83
CA ASP E 75 -6.03 10.20 29.53
C ASP E 75 -6.78 11.51 29.72
N TYR E 76 -6.55 12.18 30.84
CA TYR E 76 -7.34 13.34 31.19
C TYR E 76 -6.49 14.56 31.48
N SER E 77 -6.97 15.72 31.03
CA SER E 77 -6.32 16.99 31.33
C SER E 77 -7.36 18.09 31.56
N CYS E 78 -6.99 19.06 32.38
CA CYS E 78 -7.89 20.16 32.66
C CYS E 78 -7.08 21.38 32.93
N LYS E 79 -7.52 22.51 32.44
CA LYS E 79 -6.83 23.78 32.62
C LYS E 79 -7.80 24.95 32.68
N VAL E 80 -7.43 25.98 33.44
CA VAL E 80 -8.23 27.19 33.52
C VAL E 80 -7.51 28.36 32.87
N PHE E 81 -8.20 29.03 31.96
CA PHE E 81 -7.65 30.17 31.26
C PHE E 81 -8.33 31.45 31.72
N THR E 82 -7.56 32.54 31.80
CA THR E 82 -8.11 33.81 32.25
C THR E 82 -8.03 34.86 31.16
N GLY E 83 -8.82 35.93 31.31
CA GLY E 83 -8.77 37.04 30.38
C GLY E 83 -9.54 36.75 29.09
N VAL E 84 -10.55 35.89 29.21
CA VAL E 84 -11.35 35.50 28.05
C VAL E 84 -12.57 36.40 27.92
N TYR E 85 -12.92 36.76 26.69
CA TYR E 85 -14.11 37.59 26.46
C TYR E 85 -14.92 37.09 25.27
N PRO E 86 -15.64 35.98 25.43
CA PRO E 86 -16.29 35.19 24.39
C PRO E 86 -17.47 35.92 23.75
N PHE E 87 -17.67 35.65 22.46
CA PHE E 87 -18.78 36.23 21.70
C PHE E 87 -19.70 35.18 21.09
N MET E 88 -20.98 35.54 20.98
CA MET E 88 -21.96 34.71 20.29
C MET E 88 -22.56 35.46 19.11
N TRP E 89 -23.43 34.78 18.37
CA TRP E 89 -24.01 35.36 17.15
C TRP E 89 -24.76 36.66 17.40
N GLY E 90 -25.29 36.83 18.61
CA GLY E 90 -26.09 38.00 18.92
C GLY E 90 -25.29 39.08 19.64
N GLY E 91 -23.98 38.87 19.81
CA GLY E 91 -23.15 39.83 20.52
C GLY E 91 -22.34 39.15 21.63
N ALA E 92 -21.63 39.96 22.42
CA ALA E 92 -20.78 39.43 23.48
C ALA E 92 -21.58 38.59 24.45
N TYR E 93 -21.01 37.48 24.88
CA TYR E 93 -21.68 36.59 25.81
C TYR E 93 -21.53 36.99 27.26
N CYS E 94 -20.31 37.39 27.65
CA CYS E 94 -19.99 37.67 29.03
C CYS E 94 -20.02 39.16 29.32
N PHE E 95 -20.78 39.54 30.34
CA PHE E 95 -20.90 40.94 30.75
C PHE E 95 -19.61 41.52 31.34
N CYS E 96 -19.03 40.82 32.32
CA CYS E 96 -17.80 41.27 32.99
C CYS E 96 -16.61 41.23 32.03
N ASP E 97 -15.84 42.31 32.01
CA ASP E 97 -14.66 42.41 31.18
C ASP E 97 -13.39 42.16 31.99
N ALA E 98 -13.58 41.67 33.21
CA ALA E 98 -12.47 41.37 34.12
C ALA E 98 -12.85 40.19 35.00
N GLU E 99 -11.83 39.45 35.44
CA GLU E 99 -12.05 38.26 36.26
C GLU E 99 -12.90 37.25 35.51
N ASN E 100 -12.76 37.23 34.18
CA ASN E 100 -13.49 36.30 33.34
C ASN E 100 -12.62 35.10 33.00
N THR E 101 -13.03 33.92 33.48
CA THR E 101 -12.21 32.73 33.29
C THR E 101 -12.98 31.61 32.60
N GLN E 102 -12.25 30.76 31.89
CA GLN E 102 -12.84 29.62 31.20
C GLN E 102 -12.21 28.31 31.62
N LEU E 103 -13.03 27.31 31.93
CA LEU E 103 -12.54 25.98 32.32
C LEU E 103 -12.64 25.03 31.17
N SER E 104 -11.53 24.49 30.72
CA SER E 104 -11.48 23.55 29.61
C SER E 104 -10.98 22.19 30.06
N GLU E 105 -11.60 21.14 29.56
CA GLU E 105 -11.20 19.78 29.88
C GLU E 105 -11.36 18.86 28.66
N ALA E 106 -10.59 17.78 28.64
CA ALA E 106 -10.73 16.79 27.58
C ALA E 106 -10.23 15.43 28.03
N HIS E 107 -10.75 14.37 27.44
CA HIS E 107 -10.27 13.03 27.74
C HIS E 107 -10.29 12.11 26.53
N VAL E 108 -9.51 11.04 26.61
CA VAL E 108 -9.47 10.03 25.56
C VAL E 108 -10.09 8.71 25.99
N GLU E 109 -10.95 8.18 25.13
CA GLU E 109 -11.59 6.89 25.37
C GLU E 109 -11.58 6.05 24.09
N LYS E 110 -11.71 4.73 24.24
CA LYS E 110 -11.73 3.85 23.08
C LYS E 110 -12.98 4.11 22.24
N SER E 111 -12.82 4.13 20.93
CA SER E 111 -13.94 4.32 20.02
C SER E 111 -14.88 3.13 20.01
N GLU E 112 -16.15 3.38 19.70
CA GLU E 112 -17.14 2.33 19.59
C GLU E 112 -16.77 1.35 18.48
N SER E 113 -16.10 1.86 17.45
CA SER E 113 -15.71 1.05 16.30
C SER E 113 -14.68 -0.01 16.63
N CYS E 114 -14.05 0.08 17.82
CA CYS E 114 -13.00 -0.85 18.26
C CYS E 114 -13.54 -2.27 18.41
N LYS E 115 -14.86 -2.40 18.43
CA LYS E 115 -15.49 -3.71 18.52
C LYS E 115 -15.38 -4.47 17.20
N THR E 116 -15.14 -3.74 16.11
CA THR E 116 -15.05 -4.34 14.79
C THR E 116 -13.67 -4.15 14.15
N GLU E 117 -13.14 -2.94 14.25
CA GLU E 117 -11.86 -2.62 13.61
C GLU E 117 -10.75 -2.50 14.64
N PHE E 118 -9.94 -3.55 14.75
CA PHE E 118 -8.87 -3.57 15.74
C PHE E 118 -7.78 -4.55 15.34
N ALA E 119 -6.60 -4.41 15.95
CA ALA E 119 -5.52 -5.37 15.77
C ALA E 119 -5.23 -6.06 17.08
N SER E 120 -5.05 -7.38 17.02
CA SER E 120 -4.79 -8.17 18.21
C SER E 120 -3.32 -8.54 18.34
N ALA E 121 -2.74 -8.25 19.51
CA ALA E 121 -1.35 -8.59 19.79
C ALA E 121 -1.28 -9.91 20.55
N TYR E 122 -0.71 -10.92 19.91
CA TYR E 122 -0.65 -12.27 20.48
C TYR E 122 0.76 -12.71 20.85
N ARG E 123 0.85 -13.55 21.86
CA ARG E 123 2.10 -14.23 22.18
C ARG E 123 2.03 -15.67 21.68
N ALA E 124 3.00 -16.04 20.86
CA ALA E 124 3.04 -17.40 20.31
C ALA E 124 3.97 -18.27 21.14
N HIS E 125 3.60 -19.54 21.31
CA HIS E 125 4.42 -20.46 22.08
C HIS E 125 4.92 -21.62 21.23
N THR E 126 4.08 -22.65 21.11
CA THR E 126 4.42 -23.85 20.34
C THR E 126 3.31 -24.14 19.34
N ALA E 127 3.52 -25.14 18.49
CA ALA E 127 2.52 -25.47 17.49
C ALA E 127 2.32 -26.98 17.38
N SER E 128 1.09 -27.38 17.06
CA SER E 128 0.76 -28.78 16.89
C SER E 128 0.46 -29.09 15.42
N ALA E 129 1.26 -29.97 14.84
CA ALA E 129 1.11 -30.33 13.44
C ALA E 129 0.05 -31.40 13.25
N SER E 130 -0.63 -31.34 12.10
CA SER E 130 -1.57 -32.37 11.68
C SER E 130 -1.57 -32.46 10.16
N ALA E 131 -2.05 -33.56 9.61
CA ALA E 131 -2.03 -33.70 8.16
C ALA E 131 -3.16 -34.59 7.63
N LYS E 132 -3.53 -34.32 6.38
CA LYS E 132 -4.48 -35.14 5.64
C LYS E 132 -3.74 -35.98 4.61
N LEU E 133 -3.76 -37.29 4.81
CA LEU E 133 -2.98 -38.21 3.99
C LEU E 133 -3.86 -39.08 3.10
N ARG E 134 -3.48 -39.20 1.83
CA ARG E 134 -4.15 -40.11 0.91
C ARG E 134 -3.34 -41.39 0.77
N VAL E 135 -4.00 -42.52 0.98
CA VAL E 135 -3.33 -43.81 0.85
C VAL E 135 -4.04 -44.71 -0.14
N LEU E 136 -3.28 -45.30 -1.07
CA LEU E 136 -3.87 -46.21 -2.05
C LEU E 136 -3.90 -47.63 -1.50
N TYR E 137 -4.71 -47.83 -0.47
CA TYR E 137 -4.75 -49.10 0.23
C TYR E 137 -5.58 -50.13 -0.53
N GLN E 138 -4.95 -51.25 -0.88
CA GLN E 138 -5.60 -52.30 -1.64
C GLN E 138 -6.13 -51.79 -2.98
N GLY E 139 -5.49 -50.74 -3.50
CA GLY E 139 -5.86 -50.19 -4.80
C GLY E 139 -6.97 -49.14 -4.67
N ASN E 140 -7.47 -48.96 -3.46
CA ASN E 140 -8.55 -48.00 -3.23
C ASN E 140 -8.00 -46.72 -2.64
N ASN E 141 -8.68 -45.61 -2.89
CA ASN E 141 -8.27 -44.33 -2.31
C ASN E 141 -8.97 -44.05 -1.00
N ILE E 142 -8.22 -44.10 0.09
CA ILE E 142 -8.77 -43.86 1.42
C ILE E 142 -8.15 -42.62 2.04
N THR E 143 -8.95 -41.88 2.80
CA THR E 143 -8.47 -40.66 3.43
C THR E 143 -8.15 -40.88 4.90
N VAL E 144 -6.93 -40.52 5.29
CA VAL E 144 -6.49 -40.66 6.66
C VAL E 144 -6.20 -39.30 7.28
N THR E 145 -6.91 -38.97 8.35
CA THR E 145 -6.67 -37.70 9.03
C THR E 145 -6.16 -37.94 10.43
N ALA E 146 -5.05 -37.32 10.77
CA ALA E 146 -4.44 -37.54 12.07
C ALA E 146 -3.49 -36.40 12.44
N TYR E 147 -3.20 -36.30 13.73
CA TYR E 147 -2.17 -35.39 14.21
C TYR E 147 -0.81 -35.96 13.86
N ALA E 148 0.16 -35.08 13.65
CA ALA E 148 1.47 -35.50 13.17
C ALA E 148 2.51 -35.46 14.27
N ASN E 149 2.09 -35.73 15.50
CA ASN E 149 2.98 -35.71 16.64
C ASN E 149 3.24 -37.11 17.20
N GLY E 150 3.03 -38.14 16.39
CA GLY E 150 3.27 -39.52 16.84
C GLY E 150 2.20 -39.99 17.81
N ASP E 151 0.99 -39.45 17.64
CA ASP E 151 -0.13 -39.74 18.54
C ASP E 151 -1.44 -39.68 17.75
N HIS E 152 -2.56 -39.91 18.43
CA HIS E 152 -3.85 -39.88 17.78
C HIS E 152 -3.93 -40.82 16.60
N ALA E 153 -3.52 -42.06 16.82
CA ALA E 153 -3.59 -43.07 15.78
C ALA E 153 -5.03 -43.27 15.35
N VAL E 154 -5.25 -43.47 14.05
CA VAL E 154 -6.59 -43.71 13.56
C VAL E 154 -6.67 -45.00 12.77
N THR E 155 -7.88 -45.55 12.67
CA THR E 155 -8.06 -46.80 11.94
C THR E 155 -8.96 -46.60 10.73
N VAL E 156 -8.42 -46.92 9.56
CA VAL E 156 -9.17 -46.82 8.31
C VAL E 156 -9.08 -48.15 7.57
N LYS E 157 -10.23 -48.75 7.26
CA LYS E 157 -10.26 -50.06 6.62
C LYS E 157 -9.46 -51.07 7.42
N ASP E 158 -9.60 -51.00 8.74
CA ASP E 158 -8.95 -51.91 9.67
C ASP E 158 -7.43 -51.77 9.72
N ALA E 159 -6.90 -50.74 9.05
CA ALA E 159 -5.48 -50.47 9.10
C ALA E 159 -5.22 -49.28 10.04
N LYS E 160 -4.19 -49.39 10.87
CA LYS E 160 -3.88 -48.32 11.81
C LYS E 160 -2.80 -47.40 11.25
N PHE E 161 -3.03 -46.09 11.36
CA PHE E 161 -2.09 -45.12 10.84
C PHE E 161 -1.54 -44.19 11.91
N ILE E 162 -0.22 -44.15 12.01
CA ILE E 162 0.46 -43.21 12.91
C ILE E 162 1.33 -42.25 12.10
N VAL E 163 1.15 -40.96 12.35
CA VAL E 163 1.86 -39.93 11.59
C VAL E 163 2.78 -39.11 12.50
N GLY E 164 4.02 -38.95 12.09
CA GLY E 164 4.97 -38.15 12.84
C GLY E 164 5.67 -38.97 13.91
N PRO E 165 6.44 -38.31 14.77
CA PRO E 165 6.60 -36.87 14.94
C PRO E 165 7.33 -36.24 13.76
N MET E 166 7.14 -34.94 13.59
CA MET E 166 7.78 -34.21 12.50
C MET E 166 9.28 -34.06 12.72
N SER E 167 10.04 -34.10 11.63
CA SER E 167 11.49 -33.99 11.71
C SER E 167 11.95 -32.57 12.00
N SER E 168 11.03 -31.61 11.86
CA SER E 168 11.35 -30.21 12.11
C SER E 168 10.25 -29.50 12.88
N ALA E 169 10.64 -28.63 13.79
CA ALA E 169 9.71 -27.85 14.59
C ALA E 169 9.69 -26.41 14.13
N TRP E 170 10.21 -26.15 12.93
CA TRP E 170 10.28 -24.80 12.40
C TRP E 170 8.90 -24.23 12.11
N THR E 171 8.72 -22.96 12.42
CA THR E 171 7.48 -22.25 12.15
C THR E 171 7.77 -20.88 11.55
N PRO E 172 6.91 -20.39 10.65
CA PRO E 172 6.96 -19.07 10.04
C PRO E 172 6.57 -17.97 11.02
N PHE E 173 5.99 -18.35 12.15
CA PHE E 173 5.53 -17.37 13.13
C PHE E 173 6.59 -17.10 14.19
N ASP E 174 6.81 -15.82 14.49
CA ASP E 174 7.72 -15.44 15.55
C ASP E 174 7.02 -15.46 16.90
N ASN E 175 7.75 -15.13 17.96
CA ASN E 175 7.18 -15.16 19.31
C ASN E 175 6.09 -14.11 19.47
N LYS E 176 6.23 -13.00 18.76
CA LYS E 176 5.23 -11.94 18.81
C LYS E 176 4.58 -11.75 17.45
N ILE E 177 3.26 -11.91 17.40
CA ILE E 177 2.56 -11.68 16.13
C ILE E 177 1.38 -10.74 16.33
N VAL E 178 1.02 -10.05 15.26
CA VAL E 178 -0.14 -9.17 15.27
C VAL E 178 -1.12 -9.59 14.18
N VAL E 179 -2.38 -9.76 14.55
CA VAL E 179 -3.39 -10.19 13.60
C VAL E 179 -4.48 -9.14 13.43
N TYR E 180 -4.72 -8.74 12.19
CA TYR E 180 -5.74 -7.74 11.90
C TYR E 180 -6.97 -8.36 11.24
N LYS E 181 -6.76 -8.97 10.08
CA LYS E 181 -7.83 -9.67 9.37
C LYS E 181 -7.35 -11.04 8.93
N GLY E 182 -7.07 -11.18 7.63
CA GLY E 182 -6.48 -12.40 7.10
C GLY E 182 -4.96 -12.28 7.04
N ASP E 183 -4.46 -11.16 7.53
CA ASP E 183 -3.05 -10.82 7.46
C ASP E 183 -2.37 -10.89 8.82
N VAL E 184 -1.38 -11.77 8.94
CA VAL E 184 -0.61 -11.92 10.16
C VAL E 184 0.77 -11.30 9.98
N TYR E 185 1.17 -10.47 10.93
CA TYR E 185 2.47 -9.81 10.84
C TYR E 185 3.40 -10.19 11.99
N ASN E 186 4.68 -10.40 11.67
CA ASN E 186 5.67 -10.66 12.70
C ASN E 186 6.25 -9.35 13.23
N MET E 187 5.43 -8.63 14.00
CA MET E 187 5.84 -7.33 14.51
C MET E 187 6.10 -7.36 16.01
N ASP E 188 7.18 -6.71 16.43
CA ASP E 188 7.54 -6.65 17.84
C ASP E 188 6.75 -5.56 18.54
N TYR E 189 5.50 -5.85 18.86
CA TYR E 189 4.62 -4.86 19.48
C TYR E 189 5.15 -4.49 20.87
N PRO E 190 4.93 -3.25 21.30
CA PRO E 190 5.34 -2.68 22.57
C PRO E 190 4.61 -3.33 23.73
N PRO E 191 5.20 -3.28 24.93
CA PRO E 191 4.72 -3.84 26.17
C PRO E 191 3.44 -3.18 26.63
N PHE E 192 2.58 -3.95 27.28
CA PHE E 192 1.30 -3.45 27.73
C PHE E 192 1.48 -2.41 28.83
N GLY E 193 0.77 -1.31 28.72
CA GLY E 193 0.79 -0.27 29.74
C GLY E 193 1.89 0.76 29.48
N ALA E 194 2.64 0.57 28.42
CA ALA E 194 3.71 1.50 28.10
C ALA E 194 3.80 1.77 26.59
N GLY E 195 2.66 2.10 26.00
CA GLY E 195 2.62 2.45 24.58
C GLY E 195 3.08 3.88 24.36
N ARG E 196 3.39 4.21 23.11
CA ARG E 196 3.88 5.54 22.74
C ARG E 196 2.98 6.18 21.68
N PRO E 197 2.86 7.51 21.70
CA PRO E 197 2.04 8.33 20.82
C PRO E 197 2.54 8.26 19.39
N GLY E 198 1.62 8.21 18.45
CA GLY E 198 1.96 8.22 17.03
C GLY E 198 2.44 6.84 16.56
N GLN E 199 2.38 5.86 17.44
CA GLN E 199 2.86 4.53 17.15
C GLN E 199 1.83 3.46 17.48
N PHE E 200 1.97 2.29 16.86
CA PHE E 200 1.08 1.18 17.13
C PHE E 200 1.08 0.88 18.63
N GLY E 201 -0.11 0.73 19.20
CA GLY E 201 -0.22 0.43 20.62
C GLY E 201 -0.36 1.68 21.49
N ASP E 202 -0.62 2.83 20.88
CA ASP E 202 -0.80 4.07 21.62
C ASP E 202 -2.01 3.97 22.56
N ILE E 203 -3.03 3.24 22.12
CA ILE E 203 -4.17 2.93 22.97
C ILE E 203 -4.29 1.42 23.14
N GLN E 204 -4.43 0.97 24.39
CA GLN E 204 -4.43 -0.47 24.68
C GLN E 204 -5.53 -0.89 25.66
N SER E 205 -6.06 -2.09 25.46
CA SER E 205 -6.92 -2.74 26.45
C SER E 205 -6.72 -4.25 26.38
N ARG E 206 -6.95 -4.94 27.49
CA ARG E 206 -6.73 -6.39 27.51
C ARG E 206 -7.76 -7.13 26.68
N THR E 207 -9.02 -6.69 26.74
CA THR E 207 -10.07 -7.28 25.93
C THR E 207 -10.95 -6.18 25.35
N PRO E 208 -11.62 -6.41 24.22
CA PRO E 208 -12.49 -5.48 23.52
C PRO E 208 -13.57 -4.89 24.43
N GLU E 209 -14.06 -5.70 25.38
CA GLU E 209 -15.14 -5.26 26.27
C GLU E 209 -14.63 -4.60 27.55
N SER E 210 -13.32 -4.59 27.75
CA SER E 210 -12.77 -4.09 29.01
C SER E 210 -12.96 -2.59 29.17
N LYS E 211 -13.15 -2.17 30.40
CA LYS E 211 -13.23 -0.75 30.73
C LYS E 211 -11.87 -0.21 31.17
N ASP E 212 -10.90 -1.11 31.27
CA ASP E 212 -9.55 -0.75 31.68
C ASP E 212 -8.72 -0.38 30.47
N VAL E 213 -8.56 0.91 30.22
CA VAL E 213 -7.91 1.38 29.01
C VAL E 213 -6.69 2.24 29.29
N TYR E 214 -5.59 1.91 28.63
CA TYR E 214 -4.38 2.71 28.68
C TYR E 214 -4.29 3.57 27.44
N ALA E 215 -3.88 4.83 27.62
CA ALA E 215 -3.72 5.69 26.46
C ALA E 215 -2.60 6.70 26.69
N ASN E 216 -1.85 6.96 25.64
CA ASN E 216 -0.80 7.97 25.67
C ASN E 216 -0.80 8.76 24.37
N THR E 217 -1.52 9.88 24.36
CA THR E 217 -1.71 10.63 23.12
C THR E 217 -1.04 12.01 23.16
N GLN E 218 -0.41 12.32 24.29
CA GLN E 218 0.19 13.64 24.50
C GLN E 218 -0.82 14.75 24.25
N LEU E 219 -2.01 14.60 24.83
CA LEU E 219 -3.06 15.58 24.66
C LEU E 219 -2.81 16.80 25.52
N VAL E 220 -2.69 17.96 24.88
CA VAL E 220 -2.44 19.21 25.57
C VAL E 220 -3.49 20.26 25.21
N LEU E 221 -4.09 20.87 26.23
CA LEU E 221 -5.08 21.91 26.01
C LEU E 221 -4.41 23.23 25.68
N GLN E 222 -5.03 24.00 24.80
CA GLN E 222 -4.49 25.29 24.39
C GLN E 222 -5.45 26.42 24.72
N ARG E 223 -4.92 27.63 24.84
CA ARG E 223 -5.72 28.81 25.13
C ARG E 223 -6.59 29.21 23.92
N PRO E 224 -7.86 29.57 24.15
CA PRO E 224 -8.79 30.12 23.17
C PRO E 224 -8.39 31.54 22.79
N ALA E 225 -8.85 32.01 21.64
CA ALA E 225 -8.44 33.33 21.17
C ALA E 225 -9.50 33.99 20.30
N ALA E 226 -9.37 35.31 20.15
CA ALA E 226 -10.18 36.11 19.24
C ALA E 226 -11.67 36.08 19.60
N GLY E 227 -11.98 35.87 20.87
CA GLY E 227 -13.35 35.98 21.34
C GLY E 227 -14.17 34.72 21.05
N THR E 228 -13.53 33.68 20.57
CA THR E 228 -14.24 32.45 20.28
C THR E 228 -14.40 31.60 21.53
N VAL E 229 -15.24 30.58 21.44
CA VAL E 229 -15.48 29.69 22.56
C VAL E 229 -14.98 28.28 22.31
N HIS E 230 -14.25 28.10 21.22
CA HIS E 230 -13.74 26.78 20.88
C HIS E 230 -12.62 26.38 21.82
N VAL E 231 -12.42 25.07 21.98
CA VAL E 231 -11.33 24.57 22.82
C VAL E 231 -10.27 23.89 21.97
N PRO E 232 -9.18 24.60 21.65
CA PRO E 232 -8.09 24.13 20.83
C PRO E 232 -7.22 23.16 21.62
N TYR E 233 -6.60 22.23 20.92
CA TYR E 233 -5.71 21.28 21.58
C TYR E 233 -4.69 20.70 20.62
N SER E 234 -3.63 20.15 21.18
CA SER E 234 -2.62 19.44 20.40
C SER E 234 -2.59 17.97 20.81
N GLN E 235 -2.73 17.08 19.83
CA GLN E 235 -2.76 15.65 20.10
C GLN E 235 -2.18 14.86 18.95
N ALA E 236 -1.39 13.82 19.27
CA ALA E 236 -0.86 12.96 18.22
C ALA E 236 -2.01 12.16 17.60
N PRO E 237 -2.05 12.01 16.26
CA PRO E 237 -2.95 11.16 15.51
C PRO E 237 -2.79 9.70 15.90
N SER E 238 -3.86 8.93 15.78
CA SER E 238 -3.84 7.54 16.17
C SER E 238 -2.77 6.74 15.46
N GLY E 239 -2.04 5.94 16.23
CA GLY E 239 -0.98 5.11 15.68
C GLY E 239 -1.57 3.93 14.93
N PHE E 240 -2.85 3.65 15.17
CA PHE E 240 -3.52 2.55 14.52
C PHE E 240 -3.73 2.87 13.05
N LYS E 241 -4.14 4.10 12.77
CA LYS E 241 -4.38 4.51 11.40
C LYS E 241 -3.07 4.55 10.62
N TYR E 242 -2.01 5.02 11.28
CA TYR E 242 -0.72 5.05 10.61
C TYR E 242 -0.25 3.65 10.30
N TRP E 243 -0.43 2.73 11.25
CA TRP E 243 -0.01 1.36 11.05
C TRP E 243 -0.73 0.71 9.88
N LEU E 244 -2.04 0.94 9.78
CA LEU E 244 -2.82 0.33 8.71
C LEU E 244 -2.34 0.77 7.34
N LYS E 245 -1.91 2.03 7.23
CA LYS E 245 -1.43 2.55 5.96
C LYS E 245 0.00 2.10 5.66
N GLU E 246 0.78 1.82 6.70
CA GLU E 246 2.18 1.45 6.54
C GLU E 246 2.45 -0.01 6.90
N ARG E 247 1.44 -0.86 6.83
CA ARG E 247 1.59 -2.25 7.23
C ARG E 247 2.67 -2.97 6.42
N GLY E 248 2.72 -2.71 5.13
CA GLY E 248 3.66 -3.40 4.26
C GLY E 248 3.14 -4.81 3.94
N ALA E 249 4.02 -5.65 3.42
CA ALA E 249 3.64 -7.01 3.06
C ALA E 249 3.38 -7.84 4.31
N SER E 250 2.38 -8.69 4.26
CA SER E 250 2.06 -9.59 5.36
C SER E 250 2.81 -10.91 5.22
N LEU E 251 2.79 -11.70 6.29
CA LEU E 251 3.51 -12.97 6.33
C LEU E 251 3.04 -13.90 5.21
N GLN E 252 1.79 -13.74 4.80
CA GLN E 252 1.22 -14.57 3.75
C GLN E 252 2.02 -14.47 2.46
N HIS E 253 2.69 -13.34 2.26
CA HIS E 253 3.43 -13.10 1.03
C HIS E 253 4.94 -13.16 1.22
N THR E 254 5.40 -13.06 2.47
CA THR E 254 6.83 -13.00 2.74
C THR E 254 7.40 -14.29 3.32
N ALA E 255 6.53 -15.18 3.79
CA ALA E 255 6.99 -16.40 4.43
C ALA E 255 7.78 -17.27 3.45
N PRO E 256 8.82 -17.96 3.93
CA PRO E 256 9.68 -18.89 3.24
C PRO E 256 9.01 -20.25 3.03
N PHE E 257 9.62 -21.08 2.18
CA PHE E 257 9.19 -22.45 1.94
C PHE E 257 7.79 -22.55 1.35
N GLY E 258 7.30 -21.44 0.82
CA GLY E 258 6.00 -21.42 0.17
C GLY E 258 4.83 -21.57 1.15
N CYS E 259 5.03 -21.18 2.41
CA CYS E 259 4.01 -21.33 3.45
C CYS E 259 2.81 -20.44 3.18
N GLN E 260 1.61 -21.00 3.32
CA GLN E 260 0.39 -20.23 3.22
C GLN E 260 -0.10 -19.86 4.62
N ILE E 261 -0.60 -18.64 4.78
CA ILE E 261 -1.07 -18.20 6.08
C ILE E 261 -2.57 -17.95 6.10
N ALA E 262 -3.24 -18.54 7.08
CA ALA E 262 -4.67 -18.37 7.26
C ALA E 262 -4.97 -17.90 8.67
N THR E 263 -6.10 -17.23 8.86
CA THR E 263 -6.47 -16.75 10.19
C THR E 263 -7.85 -17.25 10.61
N ASN E 264 -8.17 -17.05 11.88
CA ASN E 264 -9.45 -17.46 12.44
C ASN E 264 -9.73 -18.97 12.30
N PRO E 265 -8.95 -19.80 12.99
CA PRO E 265 -7.74 -19.55 13.77
C PRO E 265 -6.51 -19.38 12.89
N VAL E 266 -5.40 -18.95 13.49
CA VAL E 266 -4.14 -18.79 12.76
C VAL E 266 -3.48 -20.12 12.44
N ARG E 267 -3.11 -20.31 11.17
CA ARG E 267 -2.44 -21.54 10.74
C ARG E 267 -1.32 -21.28 9.76
N ALA E 268 -0.29 -22.14 9.80
CA ALA E 268 0.70 -22.21 8.73
C ALA E 268 0.39 -23.44 7.90
N VAL E 269 0.20 -23.26 6.60
CA VAL E 269 -0.28 -24.34 5.76
C VAL E 269 0.67 -24.72 4.63
N ASN E 270 0.89 -26.03 4.50
CA ASN E 270 1.68 -26.63 3.42
C ASN E 270 3.12 -26.09 3.32
N CYS E 271 3.80 -25.94 4.46
CA CYS E 271 5.20 -25.53 4.47
C CYS E 271 6.10 -26.70 4.04
N ALA E 272 6.98 -26.45 3.08
CA ALA E 272 7.85 -27.51 2.57
C ALA E 272 9.09 -27.65 3.43
N VAL E 273 8.90 -28.09 4.67
CA VAL E 273 10.02 -28.18 5.61
C VAL E 273 10.16 -29.56 6.24
N GLY E 274 11.35 -30.14 6.15
CA GLY E 274 11.65 -31.41 6.81
C GLY E 274 10.94 -32.59 6.16
N ASN E 275 10.62 -33.59 6.97
CA ASN E 275 9.96 -34.80 6.49
C ASN E 275 8.96 -35.34 7.50
N MET E 276 8.18 -36.32 7.08
CA MET E 276 7.12 -36.88 7.90
C MET E 276 7.12 -38.41 7.87
N PRO E 277 7.58 -39.06 8.94
CA PRO E 277 7.53 -40.49 9.18
C PRO E 277 6.10 -41.00 9.23
N ILE E 278 5.86 -42.14 8.57
CA ILE E 278 4.55 -42.77 8.57
C ILE E 278 4.65 -44.25 8.93
N SER E 279 3.83 -44.68 9.88
CA SER E 279 3.81 -46.09 10.27
C SER E 279 2.42 -46.69 10.04
N ILE E 280 2.37 -47.76 9.24
CA ILE E 280 1.11 -48.39 8.90
C ILE E 280 1.02 -49.83 9.38
N ASP E 281 -0.08 -50.15 10.05
CA ASP E 281 -0.37 -51.52 10.47
C ASP E 281 -1.27 -52.20 9.45
N ILE E 282 -0.71 -53.14 8.70
CA ILE E 282 -1.42 -53.79 7.59
C ILE E 282 -1.98 -55.15 8.01
N PRO E 283 -3.30 -55.34 7.93
CA PRO E 283 -4.03 -56.57 8.20
C PRO E 283 -3.53 -57.73 7.34
N GLU E 284 -3.53 -58.93 7.90
CA GLU E 284 -3.07 -60.11 7.18
C GLU E 284 -3.91 -60.40 5.95
N ALA E 285 -5.18 -60.00 6.00
CA ALA E 285 -6.10 -60.22 4.90
C ALA E 285 -5.70 -59.41 3.68
N ALA E 286 -4.87 -58.40 3.89
CA ALA E 286 -4.44 -57.50 2.82
C ALA E 286 -3.36 -58.15 1.95
N PHE E 287 -2.79 -59.25 2.43
CA PHE E 287 -1.69 -59.89 1.72
C PHE E 287 -2.15 -61.13 0.96
N THR E 288 -1.59 -61.32 -0.23
CA THR E 288 -1.86 -62.51 -1.04
C THR E 288 -0.63 -63.40 -1.10
N ARG E 289 -0.84 -64.69 -0.84
CA ARG E 289 0.26 -65.65 -0.82
C ARG E 289 0.86 -65.83 -2.21
N VAL E 290 2.16 -66.06 -2.27
CA VAL E 290 2.86 -66.22 -3.55
C VAL E 290 2.36 -67.42 -4.34
N VAL E 291 1.78 -68.39 -3.65
CA VAL E 291 1.25 -69.58 -4.31
C VAL E 291 -0.02 -69.26 -5.08
N ASP E 292 -0.78 -68.27 -4.61
CA ASP E 292 -2.02 -67.88 -5.26
C ASP E 292 -1.76 -66.83 -6.33
N ALA E 293 -0.73 -66.02 -6.11
CA ALA E 293 -0.37 -64.96 -7.03
C ALA E 293 0.15 -65.54 -8.35
N PRO E 294 0.01 -64.81 -9.45
CA PRO E 294 0.64 -65.03 -10.73
C PRO E 294 2.16 -64.98 -10.61
N SER E 295 2.83 -65.79 -11.41
CA SER E 295 4.29 -65.80 -11.49
C SER E 295 4.73 -65.74 -12.93
N LEU E 296 5.41 -64.66 -13.30
CA LEU E 296 5.75 -64.41 -14.69
C LEU E 296 7.08 -65.03 -15.10
N THR E 297 7.13 -65.51 -16.34
CA THR E 297 8.35 -66.07 -16.89
C THR E 297 8.65 -65.51 -18.28
N ASP E 298 9.87 -65.75 -18.76
CA ASP E 298 10.27 -65.37 -20.10
C ASP E 298 9.98 -63.91 -20.40
N MET E 299 10.31 -63.04 -19.45
CA MET E 299 10.05 -61.62 -19.60
C MET E 299 11.16 -60.88 -20.33
N SER E 300 10.79 -59.82 -21.04
CA SER E 300 11.76 -58.95 -21.70
C SER E 300 11.25 -57.50 -21.73
N CYS E 301 12.17 -56.54 -21.80
CA CYS E 301 11.83 -55.12 -21.77
C CYS E 301 12.37 -54.37 -22.96
N GLU E 302 11.56 -53.44 -23.47
CA GLU E 302 11.97 -52.51 -24.51
C GLU E 302 11.48 -51.10 -24.18
N VAL E 303 12.16 -50.10 -24.70
CA VAL E 303 11.81 -48.71 -24.42
C VAL E 303 11.67 -47.90 -25.70
N PRO E 304 10.46 -47.81 -26.26
CA PRO E 304 10.12 -47.14 -27.50
C PRO E 304 10.61 -45.69 -27.53
N ALA E 305 10.54 -45.03 -26.38
CA ALA E 305 11.01 -43.64 -26.29
C ALA E 305 11.32 -43.27 -24.84
N CYS E 306 12.22 -42.30 -24.66
CA CYS E 306 12.53 -41.75 -23.36
C CYS E 306 12.86 -40.27 -23.44
N THR E 307 12.29 -39.50 -22.52
CA THR E 307 12.62 -38.08 -22.37
C THR E 307 12.93 -37.82 -20.90
N HIS E 308 14.08 -37.22 -20.61
CA HIS E 308 14.42 -36.97 -19.21
C HIS E 308 13.80 -35.66 -18.74
N SER E 309 12.49 -35.68 -18.59
CA SER E 309 11.71 -34.50 -18.22
C SER E 309 10.61 -34.87 -17.24
N SER E 310 9.95 -33.85 -16.72
CA SER E 310 8.88 -34.03 -15.75
C SER E 310 7.61 -34.60 -16.40
N ASP E 311 6.68 -35.01 -15.56
CA ASP E 311 5.41 -35.61 -16.00
C ASP E 311 5.59 -36.93 -16.74
N PHE E 312 6.53 -37.75 -16.29
CA PHE E 312 6.68 -39.11 -16.81
C PHE E 312 6.76 -39.16 -18.32
N GLY E 313 7.75 -38.46 -18.88
CA GLY E 313 7.90 -38.37 -20.33
C GLY E 313 8.35 -39.68 -20.98
N GLY E 314 8.87 -40.61 -20.17
CA GLY E 314 9.35 -41.88 -20.72
C GLY E 314 8.26 -42.93 -20.77
N VAL E 315 8.42 -43.90 -21.69
CA VAL E 315 7.51 -45.03 -21.80
C VAL E 315 8.29 -46.33 -21.93
N ALA E 316 7.80 -47.39 -21.30
CA ALA E 316 8.45 -48.69 -21.41
C ALA E 316 7.42 -49.80 -21.60
N VAL E 317 7.80 -50.81 -22.36
CA VAL E 317 6.92 -51.96 -22.63
C VAL E 317 7.60 -53.26 -22.22
N ILE E 318 6.89 -54.04 -21.41
CA ILE E 318 7.44 -55.30 -20.91
C ILE E 318 6.59 -56.50 -21.30
N LYS E 319 7.21 -57.46 -21.97
CA LYS E 319 6.54 -58.69 -22.40
C LYS E 319 6.65 -59.75 -21.32
N TYR E 320 5.61 -60.58 -21.18
CA TYR E 320 5.62 -61.61 -20.15
C TYR E 320 4.74 -62.80 -20.50
N ALA E 321 5.05 -63.94 -19.87
CA ALA E 321 4.14 -65.09 -19.87
C ALA E 321 3.36 -65.08 -18.56
N ALA E 322 2.04 -64.86 -18.66
CA ALA E 322 1.20 -64.64 -17.48
C ALA E 322 1.11 -65.87 -16.59
N SER E 323 1.12 -67.05 -17.17
CA SER E 323 0.79 -68.25 -16.42
C SER E 323 -0.63 -68.13 -15.88
N LYS E 324 -0.79 -68.09 -14.57
CA LYS E 324 -2.11 -67.91 -13.99
C LYS E 324 -2.57 -66.47 -14.16
N LYS E 325 -3.85 -66.27 -14.46
CA LYS E 325 -4.40 -64.93 -14.60
C LYS E 325 -4.56 -64.26 -13.24
N GLY E 326 -4.30 -62.96 -13.20
CA GLY E 326 -4.42 -62.21 -11.95
C GLY E 326 -3.73 -60.86 -12.05
N LYS E 327 -3.47 -60.25 -10.90
CA LYS E 327 -2.84 -58.94 -10.85
C LYS E 327 -1.69 -58.92 -9.85
N CYS E 328 -0.72 -58.02 -10.05
CA CYS E 328 0.41 -57.86 -9.14
C CYS E 328 0.93 -56.43 -9.14
N ALA E 329 1.76 -56.12 -8.15
CA ALA E 329 2.34 -54.80 -8.00
C ALA E 329 3.57 -54.63 -8.89
N VAL E 330 3.84 -53.38 -9.25
CA VAL E 330 5.03 -53.01 -10.01
C VAL E 330 5.87 -52.00 -9.24
N HIS E 331 7.16 -52.26 -9.13
CA HIS E 331 8.03 -51.34 -8.39
C HIS E 331 9.40 -51.20 -9.02
N SER E 332 9.92 -49.98 -9.04
CA SER E 332 11.27 -49.70 -9.52
C SER E 332 12.30 -50.19 -8.52
N MET E 333 13.40 -50.73 -9.02
CA MET E 333 14.47 -51.21 -8.14
C MET E 333 15.57 -50.18 -7.97
N THR E 334 15.35 -48.98 -8.49
CA THR E 334 16.32 -47.90 -8.35
C THR E 334 15.62 -46.61 -7.98
N ASN E 335 16.37 -45.68 -7.39
CA ASN E 335 15.82 -44.38 -7.04
C ASN E 335 15.98 -43.39 -8.19
N ALA E 336 16.67 -43.83 -9.23
CA ALA E 336 16.90 -42.97 -10.39
C ALA E 336 15.66 -42.89 -11.27
N VAL E 337 14.85 -43.94 -11.26
CA VAL E 337 13.68 -44.00 -12.14
C VAL E 337 12.40 -44.26 -11.36
N THR E 338 11.42 -43.39 -11.53
CA THR E 338 10.13 -43.52 -10.87
C THR E 338 9.06 -44.01 -11.84
N ILE E 339 8.35 -45.06 -11.44
CA ILE E 339 7.28 -45.62 -12.26
C ILE E 339 5.93 -45.11 -11.78
N ARG E 340 5.14 -44.55 -12.69
CA ARG E 340 3.88 -43.94 -12.32
C ARG E 340 2.85 -44.96 -11.82
N GLU E 341 2.70 -46.05 -12.54
CA GLU E 341 1.70 -47.06 -12.21
C GLU E 341 2.10 -47.89 -10.99
N ALA E 342 1.16 -48.08 -10.07
CA ALA E 342 1.42 -48.86 -8.87
C ALA E 342 1.27 -50.36 -9.11
N GLU E 343 0.34 -50.72 -9.99
CA GLU E 343 0.06 -52.13 -10.25
C GLU E 343 -0.44 -52.35 -11.67
N ILE E 344 -0.26 -53.57 -12.17
CA ILE E 344 -0.76 -53.96 -13.48
C ILE E 344 -1.47 -55.30 -13.42
N GLU E 345 -2.26 -55.61 -14.44
CA GLU E 345 -2.88 -56.93 -14.56
C GLU E 345 -2.11 -57.80 -15.55
N VAL E 346 -2.06 -59.10 -15.29
CA VAL E 346 -1.38 -60.03 -16.19
C VAL E 346 -2.32 -61.09 -16.76
N GLU E 347 -2.29 -61.24 -18.08
CA GLU E 347 -3.11 -62.25 -18.74
C GLU E 347 -2.46 -62.75 -20.03
N GLY E 348 -2.55 -64.06 -20.25
CA GLY E 348 -2.06 -64.67 -21.49
C GLY E 348 -0.57 -64.41 -21.68
N ASN E 349 -0.21 -63.93 -22.87
CA ASN E 349 1.17 -63.60 -23.18
C ASN E 349 1.25 -62.17 -23.69
N SER E 350 0.33 -61.32 -23.24
CA SER E 350 0.28 -59.93 -23.66
C SER E 350 1.35 -59.10 -22.96
N GLN E 351 1.70 -57.97 -23.55
CA GLN E 351 2.66 -57.06 -22.94
C GLN E 351 1.98 -56.02 -22.07
N LEU E 352 2.72 -55.49 -21.09
CA LEU E 352 2.23 -54.39 -20.27
C LEU E 352 2.97 -53.11 -20.62
N GLN E 353 2.30 -51.98 -20.46
CA GLN E 353 2.95 -50.70 -20.72
C GLN E 353 2.88 -49.79 -19.51
N ILE E 354 4.03 -49.21 -19.16
CA ILE E 354 4.14 -48.29 -18.04
C ILE E 354 4.85 -47.00 -18.44
N SER E 355 4.66 -45.95 -17.65
CA SER E 355 5.35 -44.69 -17.89
C SER E 355 6.30 -44.38 -16.74
N PHE E 356 7.37 -43.64 -17.03
CA PHE E 356 8.35 -43.35 -16.00
C PHE E 356 8.96 -41.97 -16.10
N SER E 357 9.48 -41.50 -14.98
CA SER E 357 10.11 -40.19 -14.88
C SER E 357 11.53 -40.32 -14.33
N THR E 358 12.50 -39.80 -15.08
CA THR E 358 13.88 -39.86 -14.64
C THR E 358 14.67 -38.64 -15.06
N ALA E 359 15.71 -38.33 -14.31
CA ALA E 359 16.63 -37.26 -14.66
C ALA E 359 17.81 -37.80 -15.46
N LEU E 360 17.82 -39.11 -15.67
CA LEU E 360 18.94 -39.76 -16.35
C LEU E 360 19.00 -39.36 -17.82
N ALA E 361 20.18 -39.00 -18.28
CA ALA E 361 20.37 -38.73 -19.70
C ALA E 361 20.27 -40.04 -20.48
N SER E 362 20.68 -41.12 -19.83
CA SER E 362 20.56 -42.46 -20.38
C SER E 362 19.92 -43.36 -19.35
N ALA E 363 18.72 -43.85 -19.65
CA ALA E 363 17.99 -44.64 -18.68
C ALA E 363 18.64 -46.01 -18.50
N GLU E 364 18.74 -46.44 -17.26
CA GLU E 364 19.20 -47.78 -16.93
C GLU E 364 18.59 -48.19 -15.60
N PHE E 365 17.65 -49.11 -15.64
CA PHE E 365 16.93 -49.49 -14.43
C PHE E 365 16.33 -50.88 -14.52
N ARG E 366 15.99 -51.43 -13.36
CA ARG E 366 15.31 -52.71 -13.32
C ARG E 366 13.90 -52.55 -12.81
N VAL E 367 12.99 -53.35 -13.35
CA VAL E 367 11.59 -53.28 -12.97
C VAL E 367 11.12 -54.61 -12.40
N GLN E 368 10.54 -54.56 -11.21
CA GLN E 368 10.05 -55.78 -10.59
C GLN E 368 8.54 -55.91 -10.76
N VAL E 369 8.13 -56.97 -11.43
CA VAL E 369 6.71 -57.25 -11.67
C VAL E 369 6.38 -58.66 -11.22
N CYS E 370 5.39 -58.82 -10.35
CA CYS E 370 4.96 -60.16 -9.88
C CYS E 370 6.14 -60.95 -9.30
N SER E 371 6.96 -60.28 -8.50
CA SER E 371 8.10 -60.89 -7.80
C SER E 371 9.25 -61.33 -8.71
N THR E 372 9.25 -60.91 -9.97
CA THR E 372 10.40 -61.16 -10.84
C THR E 372 10.85 -59.87 -11.52
N GLN E 373 12.04 -59.88 -12.12
CA GLN E 373 12.62 -58.64 -12.61
C GLN E 373 13.10 -58.69 -14.07
N VAL E 374 13.04 -57.52 -14.71
CA VAL E 374 13.61 -57.33 -16.04
C VAL E 374 14.55 -56.13 -16.07
N HIS E 375 15.42 -56.08 -17.08
CA HIS E 375 16.34 -54.96 -17.24
C HIS E 375 15.93 -54.06 -18.41
N CYS E 376 15.78 -52.76 -18.13
CA CYS E 376 15.38 -51.76 -19.13
C CYS E 376 16.45 -50.69 -19.28
N ALA E 377 16.69 -50.23 -20.51
CA ALA E 377 17.63 -49.15 -20.74
C ALA E 377 17.29 -48.39 -22.02
N ALA E 378 17.63 -47.10 -22.06
CA ALA E 378 17.38 -46.29 -23.25
C ALA E 378 18.19 -45.00 -23.25
N GLU E 379 18.41 -44.46 -24.44
CA GLU E 379 18.92 -43.10 -24.58
C GLU E 379 17.75 -42.12 -24.50
N CYS E 380 17.85 -41.12 -23.63
CA CYS E 380 16.75 -40.18 -23.39
C CYS E 380 17.01 -38.81 -24.01
N HIS E 381 15.94 -38.20 -24.49
CA HIS E 381 16.02 -36.86 -25.08
C HIS E 381 15.71 -35.80 -24.01
N PRO E 382 16.23 -34.59 -24.16
CA PRO E 382 15.92 -33.41 -23.38
C PRO E 382 14.55 -32.85 -23.75
N PRO E 383 13.93 -32.09 -22.84
CA PRO E 383 12.73 -31.30 -23.02
C PRO E 383 13.00 -30.05 -23.85
N LYS E 384 11.94 -29.49 -24.41
CA LYS E 384 12.06 -28.25 -25.16
C LYS E 384 11.58 -27.05 -24.34
N ASP E 385 10.67 -27.31 -23.41
CA ASP E 385 10.12 -26.25 -22.57
C ASP E 385 11.02 -25.99 -21.37
N HIS E 386 11.55 -24.77 -21.29
CA HIS E 386 12.49 -24.42 -20.22
C HIS E 386 11.80 -24.35 -18.87
N ILE E 387 10.56 -23.85 -18.87
CA ILE E 387 9.82 -23.62 -17.65
C ILE E 387 8.49 -24.33 -17.64
N VAL E 388 8.14 -24.92 -16.50
CA VAL E 388 6.85 -25.57 -16.31
C VAL E 388 6.17 -25.03 -15.05
N ASN E 389 4.86 -25.23 -14.95
CA ASN E 389 4.11 -24.75 -13.80
C ASN E 389 3.79 -25.85 -12.79
N TYR E 390 4.58 -26.92 -12.83
CA TYR E 390 4.42 -28.01 -11.86
C TYR E 390 5.80 -28.56 -11.49
N PRO E 391 5.96 -29.08 -10.27
CA PRO E 391 7.18 -29.61 -9.70
C PRO E 391 7.61 -30.89 -10.39
N ALA E 392 8.91 -31.15 -10.40
CA ALA E 392 9.46 -32.36 -11.00
C ALA E 392 9.02 -33.59 -10.24
N SER E 393 8.75 -34.67 -10.97
CA SER E 393 8.32 -35.93 -10.36
C SER E 393 9.48 -36.90 -10.13
N HIS E 394 10.61 -36.64 -10.77
CA HIS E 394 11.77 -37.52 -10.63
C HIS E 394 12.47 -37.29 -9.31
N THR E 395 13.16 -38.31 -8.82
CA THR E 395 13.73 -38.30 -7.49
C THR E 395 14.70 -37.17 -7.23
N THR E 396 15.64 -36.96 -8.16
CA THR E 396 16.68 -35.97 -7.93
C THR E 396 17.32 -35.47 -9.21
N LEU E 397 18.39 -34.70 -9.04
CA LEU E 397 19.17 -34.15 -10.13
C LEU E 397 20.42 -34.99 -10.37
N GLY E 398 21.09 -34.75 -11.49
CA GLY E 398 22.29 -35.51 -11.80
C GLY E 398 23.39 -35.28 -10.78
N VAL E 399 24.17 -36.31 -10.53
CA VAL E 399 25.26 -36.29 -9.55
C VAL E 399 26.55 -36.81 -10.18
N GLN E 400 27.66 -36.62 -9.49
CA GLN E 400 28.96 -37.05 -10.02
C GLN E 400 29.03 -38.57 -10.19
N ASP E 401 28.18 -39.30 -9.48
CA ASP E 401 28.19 -40.75 -9.52
C ASP E 401 27.27 -41.31 -10.62
N ILE E 402 26.61 -40.42 -11.35
CA ILE E 402 25.70 -40.81 -12.41
C ILE E 402 26.05 -40.12 -13.72
N SER E 403 26.11 -40.89 -14.80
CA SER E 403 26.47 -40.34 -16.09
C SER E 403 25.69 -40.99 -17.22
N ALA E 404 25.74 -40.35 -18.39
CA ALA E 404 25.06 -40.82 -19.59
C ALA E 404 25.77 -42.03 -20.18
N THR E 405 25.22 -42.57 -21.26
CA THR E 405 25.87 -43.65 -21.98
C THR E 405 26.97 -43.09 -22.87
N ALA E 406 27.70 -43.98 -23.52
CA ALA E 406 28.81 -43.58 -24.37
C ALA E 406 29.85 -42.77 -23.60
N MET E 407 30.12 -43.20 -22.37
CA MET E 407 31.13 -42.58 -21.52
C MET E 407 32.41 -43.40 -21.53
N SER E 408 32.52 -44.28 -22.52
CA SER E 408 33.70 -45.13 -22.66
C SER E 408 34.92 -44.27 -22.94
N TRP E 409 34.68 -43.05 -23.38
CA TRP E 409 35.75 -42.08 -23.61
C TRP E 409 36.51 -41.83 -22.32
N VAL E 410 35.78 -41.81 -21.21
CA VAL E 410 36.39 -41.56 -19.91
C VAL E 410 37.24 -42.75 -19.51
N GLN E 411 36.71 -43.94 -19.75
CA GLN E 411 37.41 -45.17 -19.41
C GLN E 411 38.65 -45.34 -20.29
N LYS E 412 38.55 -44.98 -21.56
CA LYS E 412 39.67 -45.12 -22.49
C LYS E 412 40.81 -44.18 -22.13
N ILE E 413 40.46 -42.95 -21.76
CA ILE E 413 41.49 -41.98 -21.39
C ILE E 413 42.12 -42.36 -20.06
N THR E 414 41.29 -42.75 -19.11
CA THR E 414 41.78 -43.13 -17.79
C THR E 414 42.66 -44.37 -17.89
N GLY E 415 42.22 -45.34 -18.68
CA GLY E 415 42.97 -46.58 -18.85
C GLY E 415 44.31 -46.33 -19.56
N GLY E 416 44.29 -45.46 -20.56
CA GLY E 416 45.51 -45.16 -21.31
C GLY E 416 46.56 -44.51 -20.42
N VAL E 417 46.15 -43.55 -19.61
CA VAL E 417 47.07 -42.86 -18.72
C VAL E 417 47.56 -43.80 -17.62
N GLY E 418 46.65 -44.61 -17.09
CA GLY E 418 47.00 -45.56 -16.04
C GLY E 418 48.02 -46.57 -16.54
N LEU E 419 47.90 -46.96 -17.82
CA LEU E 419 48.83 -47.91 -18.42
C LEU E 419 50.21 -47.30 -18.53
N VAL E 420 50.28 -46.03 -18.90
CA VAL E 420 51.56 -45.35 -19.02
C VAL E 420 52.29 -45.32 -17.69
N VAL E 421 51.54 -45.06 -16.62
CA VAL E 421 52.13 -45.06 -15.28
C VAL E 421 52.58 -46.45 -14.88
N ALA E 422 51.75 -47.46 -15.15
CA ALA E 422 52.06 -48.83 -14.76
C ALA E 422 53.34 -49.30 -15.44
N VAL E 423 53.52 -48.91 -16.71
CA VAL E 423 54.71 -49.32 -17.45
C VAL E 423 55.94 -48.59 -16.93
N ALA E 424 55.82 -47.29 -16.70
CA ALA E 424 56.95 -46.51 -16.21
C ALA E 424 57.39 -47.01 -14.85
N ALA E 425 56.42 -47.39 -14.01
CA ALA E 425 56.74 -47.90 -12.69
C ALA E 425 57.49 -49.21 -12.79
N LEU E 426 57.08 -50.05 -13.74
CA LEU E 426 57.72 -51.35 -13.91
C LEU E 426 59.15 -51.19 -14.40
N ILE E 427 59.38 -50.24 -15.29
CA ILE E 427 60.71 -50.02 -15.82
C ILE E 427 61.68 -49.61 -14.72
N LEU E 428 61.23 -48.69 -13.86
CA LEU E 428 62.06 -48.23 -12.76
C LEU E 428 62.31 -49.33 -11.75
N ILE E 429 61.29 -50.15 -11.48
CA ILE E 429 61.43 -51.23 -10.53
C ILE E 429 62.45 -52.26 -11.00
N VAL E 430 62.39 -52.62 -12.29
CA VAL E 430 63.32 -53.59 -12.82
C VAL E 430 64.76 -53.07 -12.79
N VAL E 431 64.95 -51.80 -13.14
CA VAL E 431 66.28 -51.22 -13.12
C VAL E 431 66.83 -51.17 -11.68
N LEU E 432 65.98 -50.82 -10.73
CA LEU E 432 66.41 -50.79 -9.34
C LEU E 432 66.76 -52.19 -8.84
N CYS E 433 65.97 -53.18 -9.25
CA CYS E 433 66.24 -54.56 -8.84
C CYS E 433 67.61 -55.00 -9.30
N VAL E 434 68.01 -54.56 -10.50
CA VAL E 434 69.33 -54.87 -11.01
C VAL E 434 70.40 -54.12 -10.22
N SER E 435 70.15 -52.86 -9.93
CA SER E 435 71.10 -52.04 -9.18
C SER E 435 71.34 -52.62 -7.79
N PHE E 436 70.29 -53.16 -7.18
CA PHE E 436 70.41 -53.72 -5.83
C PHE E 436 70.95 -55.14 -5.85
N SER E 437 71.21 -55.66 -7.05
CA SER E 437 71.78 -56.99 -7.20
C SER E 437 73.30 -56.92 -7.29
N ARG E 438 73.84 -55.71 -7.29
CA ARG E 438 75.28 -55.50 -7.39
C ARG E 438 75.95 -55.65 -6.03
N HIS E 439 77.20 -56.12 -6.03
CA HIS E 439 78.03 -56.30 -4.83
C HIS E 439 77.62 -57.57 -4.06
N TYR F 1 14.33 8.74 37.68
CA TYR F 1 15.50 7.89 37.89
C TYR F 1 15.13 6.41 37.74
N GLU F 2 15.86 5.70 36.88
CA GLU F 2 15.63 4.27 36.68
C GLU F 2 16.58 3.43 37.54
N HIS F 3 16.01 2.62 38.42
CA HIS F 3 16.80 1.79 39.33
C HIS F 3 16.54 0.31 39.04
N VAL F 4 17.60 -0.43 38.76
CA VAL F 4 17.46 -1.83 38.39
C VAL F 4 18.16 -2.75 39.38
N THR F 5 17.41 -3.71 39.92
CA THR F 5 17.93 -4.67 40.88
C THR F 5 17.48 -6.08 40.55
N VAL F 6 18.12 -7.07 41.17
CA VAL F 6 17.70 -8.46 41.04
C VAL F 6 17.53 -9.08 42.42
N ILE F 7 16.40 -9.75 42.64
CA ILE F 7 16.19 -10.45 43.90
C ILE F 7 15.91 -11.93 43.65
N PRO F 8 16.23 -12.80 44.61
CA PRO F 8 15.90 -14.21 44.67
C PRO F 8 14.39 -14.42 44.62
N ASN F 9 13.98 -15.56 44.08
CA ASN F 9 12.56 -15.85 43.93
C ASN F 9 11.95 -16.46 45.19
N THR F 10 12.74 -16.57 46.25
CA THR F 10 12.22 -17.09 47.50
C THR F 10 11.11 -16.19 48.02
N VAL F 11 9.98 -16.80 48.34
CA VAL F 11 8.80 -16.06 48.78
C VAL F 11 8.78 -15.87 50.29
N GLY F 12 8.43 -14.65 50.73
CA GLY F 12 8.34 -14.35 52.16
C GLY F 12 9.64 -13.79 52.71
N VAL F 13 10.61 -13.53 51.85
CA VAL F 13 11.89 -13.00 52.29
C VAL F 13 12.16 -11.64 51.64
N PRO F 14 12.13 -10.54 52.42
CA PRO F 14 12.32 -9.17 51.99
C PRO F 14 13.78 -8.88 51.67
N TYR F 15 13.99 -8.00 50.69
CA TYR F 15 15.33 -7.53 50.35
C TYR F 15 15.36 -6.01 50.26
N LYS F 16 16.47 -5.41 50.66
CA LYS F 16 16.60 -3.97 50.60
C LYS F 16 17.62 -3.55 49.54
N THR F 17 17.34 -2.43 48.89
CA THR F 17 18.25 -1.88 47.90
C THR F 17 18.47 -0.39 48.11
N LEU F 18 19.69 0.06 47.85
CA LEU F 18 20.04 1.46 48.02
C LEU F 18 20.07 2.19 46.69
N VAL F 19 19.33 3.29 46.61
CA VAL F 19 19.27 4.08 45.39
C VAL F 19 20.17 5.29 45.51
N ASN F 20 21.19 5.36 44.67
CA ASN F 20 22.17 6.43 44.74
C ASN F 20 21.99 7.43 43.60
N ARG F 21 21.40 8.58 43.91
CA ARG F 21 21.18 9.63 42.93
C ARG F 21 21.84 10.92 43.41
N PRO F 22 23.05 11.23 42.91
CA PRO F 22 23.89 12.32 43.36
C PRO F 22 23.13 13.63 43.34
N GLY F 23 23.30 14.40 44.42
CA GLY F 23 22.58 15.66 44.60
C GLY F 23 21.38 15.46 45.51
N TYR F 24 21.01 14.20 45.74
CA TYR F 24 19.87 13.88 46.59
C TYR F 24 20.27 12.92 47.70
N SER F 25 19.53 12.99 48.81
CA SER F 25 19.73 12.08 49.92
C SER F 25 19.47 10.65 49.46
N PRO F 26 20.30 9.69 49.87
CA PRO F 26 20.19 8.28 49.56
C PRO F 26 18.81 7.74 49.93
N MET F 27 18.24 6.93 49.05
CA MET F 27 16.93 6.35 49.26
C MET F 27 17.03 4.84 49.42
N VAL F 28 16.27 4.28 50.35
CA VAL F 28 16.26 2.84 50.53
C VAL F 28 14.88 2.26 50.31
N LEU F 29 14.79 1.29 49.40
CA LEU F 29 13.53 0.63 49.11
C LEU F 29 13.56 -0.80 49.61
N GLU F 30 12.40 -1.31 50.00
CA GLU F 30 12.32 -2.71 50.40
C GLU F 30 11.32 -3.46 49.54
N MET F 31 11.74 -4.61 49.03
CA MET F 31 10.87 -5.42 48.19
C MET F 31 10.73 -6.84 48.72
N GLU F 32 9.53 -7.37 48.65
CA GLU F 32 9.27 -8.75 49.06
C GLU F 32 8.28 -9.43 48.13
N LEU F 33 8.56 -10.66 47.74
CA LEU F 33 7.62 -11.41 46.93
C LEU F 33 6.62 -12.10 47.84
N LEU F 34 5.34 -11.88 47.57
CA LEU F 34 4.29 -12.51 48.36
C LEU F 34 3.79 -13.76 47.69
N SER F 35 3.79 -13.76 46.36
CA SER F 35 3.37 -14.92 45.61
C SER F 35 3.97 -14.94 44.20
N VAL F 36 4.45 -16.10 43.79
CA VAL F 36 4.93 -16.28 42.42
C VAL F 36 4.20 -17.47 41.78
N THR F 37 3.59 -17.23 40.62
CA THR F 37 2.83 -18.29 39.98
C THR F 37 3.32 -18.60 38.58
N LEU F 38 3.50 -19.89 38.30
CA LEU F 38 3.83 -20.35 36.95
C LEU F 38 2.64 -21.11 36.37
N GLU F 39 1.96 -20.51 35.40
CA GLU F 39 0.74 -21.10 34.86
C GLU F 39 0.96 -21.66 33.45
N PRO F 40 1.01 -22.98 33.29
CA PRO F 40 1.27 -23.69 32.06
C PRO F 40 0.09 -23.58 31.11
N THR F 41 0.37 -23.57 29.82
CA THR F 41 -0.68 -23.64 28.82
C THR F 41 -0.94 -25.09 28.47
N LEU F 42 -2.18 -25.53 28.64
CA LEU F 42 -2.51 -26.93 28.42
C LEU F 42 -3.43 -27.12 27.22
N SER F 43 -3.27 -28.25 26.56
CA SER F 43 -4.17 -28.68 25.48
C SER F 43 -4.68 -30.08 25.76
N LEU F 44 -5.99 -30.22 25.81
CA LEU F 44 -6.59 -31.51 26.16
C LEU F 44 -6.44 -32.53 25.05
N ASP F 45 -5.95 -33.72 25.40
CA ASP F 45 -5.86 -34.81 24.43
C ASP F 45 -7.09 -35.69 24.51
N TYR F 46 -7.41 -36.16 25.72
CA TYR F 46 -8.61 -36.97 25.89
C TYR F 46 -9.07 -37.07 27.34
N ILE F 47 -10.31 -37.52 27.49
CA ILE F 47 -10.91 -37.80 28.78
C ILE F 47 -11.10 -39.30 28.95
N THR F 48 -10.71 -39.83 30.11
CA THR F 48 -10.92 -41.24 30.39
C THR F 48 -11.69 -41.42 31.69
N CYS F 49 -12.56 -42.42 31.72
CA CYS F 49 -13.47 -42.67 32.84
C CYS F 49 -13.93 -44.12 32.86
N GLU F 50 -14.67 -44.49 33.88
CA GLU F 50 -15.16 -45.86 33.99
C GLU F 50 -16.13 -46.20 32.85
N TYR F 51 -15.93 -47.36 32.24
CA TYR F 51 -16.80 -47.81 31.16
C TYR F 51 -18.00 -48.59 31.71
N LYS F 52 -19.08 -48.58 30.96
CA LYS F 52 -20.27 -49.37 31.29
C LYS F 52 -20.53 -50.43 30.22
N THR F 53 -20.61 -51.68 30.64
CA THR F 53 -20.89 -52.75 29.70
C THR F 53 -22.39 -52.92 29.54
N VAL F 54 -22.85 -52.92 28.30
CA VAL F 54 -24.27 -53.05 28.03
C VAL F 54 -24.60 -54.39 27.41
N ILE F 55 -25.43 -55.15 28.09
CA ILE F 55 -25.86 -56.45 27.60
C ILE F 55 -27.38 -56.54 27.58
N PRO F 56 -27.99 -56.47 26.39
CA PRO F 56 -29.42 -56.50 26.16
C PRO F 56 -29.94 -57.91 26.36
N SER F 57 -31.24 -58.05 26.55
CA SER F 57 -31.82 -59.37 26.69
C SER F 57 -31.39 -60.23 25.50
N PRO F 58 -31.01 -61.49 25.74
CA PRO F 58 -30.58 -62.46 24.76
C PRO F 58 -31.74 -62.88 23.91
N TYR F 59 -31.48 -63.25 22.67
CA TYR F 59 -32.55 -63.74 21.81
C TYR F 59 -32.51 -65.23 21.67
N VAL F 60 -33.65 -65.88 21.91
CA VAL F 60 -33.71 -67.33 21.79
C VAL F 60 -34.68 -67.74 20.71
N LYS F 61 -34.16 -68.50 19.75
CA LYS F 61 -34.99 -69.04 18.68
C LYS F 61 -35.37 -70.46 19.04
N CYS F 62 -36.66 -70.70 19.30
CA CYS F 62 -37.13 -71.96 19.85
C CYS F 62 -36.85 -73.12 18.90
N CYS F 63 -36.82 -72.84 17.62
CA CYS F 63 -36.56 -73.90 16.64
C CYS F 63 -36.07 -73.29 15.34
N GLY F 64 -34.75 -73.38 15.11
CA GLY F 64 -34.10 -72.74 13.98
C GLY F 64 -32.83 -72.02 14.44
N THR F 65 -31.99 -71.63 13.48
CA THR F 65 -30.73 -70.98 13.82
C THR F 65 -30.79 -69.47 13.64
N ALA F 66 -30.40 -68.75 14.69
CA ALA F 66 -30.33 -67.28 14.66
C ALA F 66 -29.04 -66.83 13.98
N GLU F 67 -29.05 -65.61 13.44
CA GLU F 67 -27.84 -65.07 12.81
C GLU F 67 -27.47 -63.71 13.41
N CYS F 68 -26.16 -63.45 13.50
CA CYS F 68 -25.63 -62.17 13.98
C CYS F 68 -25.44 -61.18 12.85
N LYS F 69 -25.50 -59.90 13.20
CA LYS F 69 -25.18 -58.83 12.27
C LYS F 69 -24.17 -57.88 12.89
N ASP F 70 -23.33 -57.28 12.06
CA ASP F 70 -22.33 -56.34 12.55
C ASP F 70 -22.95 -55.01 12.96
N LYS F 71 -22.35 -54.39 13.97
CA LYS F 71 -22.74 -53.06 14.42
C LYS F 71 -21.50 -52.19 14.61
N ASN F 72 -21.70 -50.88 14.61
CA ASN F 72 -20.58 -49.94 14.67
C ASN F 72 -20.32 -49.42 16.08
N LEU F 73 -20.86 -50.11 17.07
CA LEU F 73 -20.66 -49.72 18.46
C LEU F 73 -19.23 -50.04 18.88
N PRO F 74 -18.66 -49.28 19.83
CA PRO F 74 -17.23 -49.15 20.12
C PRO F 74 -16.50 -50.48 20.25
N ASP F 75 -17.14 -51.48 20.84
CA ASP F 75 -16.52 -52.79 21.00
C ASP F 75 -17.57 -53.88 20.90
N TYR F 76 -18.38 -53.82 19.84
CA TYR F 76 -19.47 -54.77 19.65
C TYR F 76 -18.99 -56.17 19.34
N SER F 77 -19.65 -57.14 19.97
CA SER F 77 -19.41 -58.55 19.66
C SER F 77 -20.72 -59.34 19.70
N CYS F 78 -20.85 -60.34 18.83
CA CYS F 78 -22.05 -61.17 18.76
C CYS F 78 -21.67 -62.61 18.41
N LYS F 79 -22.31 -63.57 19.08
CA LYS F 79 -22.09 -64.97 18.79
C LYS F 79 -23.37 -65.78 18.90
N VAL F 80 -23.50 -66.79 18.04
CA VAL F 80 -24.66 -67.68 18.09
C VAL F 80 -24.27 -69.04 18.65
N PHE F 81 -25.02 -69.50 19.64
CA PHE F 81 -24.76 -70.79 20.27
C PHE F 81 -25.88 -71.75 19.94
N THR F 82 -25.53 -73.02 19.76
CA THR F 82 -26.52 -74.04 19.44
C THR F 82 -26.54 -75.13 20.50
N GLY F 83 -27.57 -75.97 20.48
CA GLY F 83 -27.69 -77.06 21.44
C GLY F 83 -28.07 -76.54 22.82
N VAL F 84 -28.87 -75.48 22.85
CA VAL F 84 -29.25 -74.87 24.11
C VAL F 84 -30.73 -75.09 24.41
N TYR F 85 -31.02 -75.55 25.62
CA TYR F 85 -32.40 -75.81 26.01
C TYR F 85 -32.72 -75.24 27.39
N PRO F 86 -32.94 -73.92 27.47
CA PRO F 86 -33.10 -73.13 28.68
C PRO F 86 -34.43 -73.41 29.37
N PHE F 87 -34.46 -73.21 30.68
CA PHE F 87 -35.70 -73.39 31.45
C PHE F 87 -36.15 -72.11 32.16
N MET F 88 -37.46 -71.94 32.19
CA MET F 88 -38.10 -70.85 32.92
C MET F 88 -38.62 -71.39 34.25
N TRP F 89 -39.00 -70.50 35.15
CA TRP F 89 -39.47 -70.93 36.46
C TRP F 89 -40.64 -71.90 36.38
N GLY F 90 -41.43 -71.79 35.32
CA GLY F 90 -42.62 -72.63 35.18
C GLY F 90 -42.41 -73.87 34.31
N GLY F 91 -41.18 -74.09 33.84
CA GLY F 91 -40.89 -75.23 32.97
C GLY F 91 -39.98 -74.89 31.81
N ALA F 92 -39.83 -75.81 30.87
CA ALA F 92 -38.93 -75.62 29.73
C ALA F 92 -39.38 -74.45 28.88
N TYR F 93 -38.42 -73.69 28.37
CA TYR F 93 -38.72 -72.51 27.56
C TYR F 93 -39.58 -72.80 26.34
N CYS F 94 -39.27 -73.86 25.60
CA CYS F 94 -39.99 -74.22 24.39
C CYS F 94 -40.03 -75.72 24.13
N PHE F 95 -40.76 -76.15 23.11
CA PHE F 95 -40.87 -77.57 22.84
C PHE F 95 -39.79 -78.18 21.96
N CYS F 96 -39.55 -77.63 20.79
CA CYS F 96 -38.59 -78.23 19.87
C CYS F 96 -37.27 -78.21 20.63
N ASP F 97 -36.55 -79.32 20.68
CA ASP F 97 -35.33 -79.35 21.47
C ASP F 97 -34.03 -79.57 20.70
N ALA F 98 -34.13 -80.03 19.46
CA ALA F 98 -32.95 -80.31 18.65
C ALA F 98 -32.09 -79.13 18.23
N GLU F 99 -32.72 -78.07 17.76
CA GLU F 99 -31.97 -76.95 17.23
C GLU F 99 -32.33 -75.65 17.89
N ASN F 100 -32.80 -75.70 19.11
CA ASN F 100 -33.09 -74.48 19.80
C ASN F 100 -31.74 -73.78 19.85
N THR F 101 -31.63 -72.54 19.35
CA THR F 101 -30.38 -71.77 19.34
C THR F 101 -30.55 -70.43 20.04
N GLN F 102 -29.42 -69.84 20.46
CA GLN F 102 -29.43 -68.57 21.17
C GLN F 102 -28.42 -67.58 20.60
N LEU F 103 -28.84 -66.32 20.51
CA LEU F 103 -27.96 -65.25 20.06
C LEU F 103 -27.63 -64.30 21.20
N SER F 104 -26.33 -64.13 21.46
CA SER F 104 -25.87 -63.23 22.51
C SER F 104 -25.05 -62.10 21.93
N GLU F 105 -25.27 -60.89 22.43
CA GLU F 105 -24.50 -59.74 21.96
C GLU F 105 -24.22 -58.78 23.11
N ALA F 106 -23.14 -58.00 22.96
CA ALA F 106 -22.79 -57.01 23.97
C ALA F 106 -21.94 -55.89 23.38
N HIS F 107 -21.95 -54.74 24.03
CA HIS F 107 -21.10 -53.61 23.64
C HIS F 107 -20.75 -52.73 24.84
N VAL F 108 -19.84 -51.80 24.63
CA VAL F 108 -19.37 -50.93 25.70
C VAL F 108 -19.63 -49.46 25.43
N GLU F 109 -20.17 -48.77 26.43
CA GLU F 109 -20.42 -47.34 26.36
C GLU F 109 -19.78 -46.64 27.56
N LYS F 110 -19.44 -45.36 27.43
CA LYS F 110 -18.93 -44.64 28.57
C LYS F 110 -20.06 -44.36 29.56
N SER F 111 -19.76 -44.48 30.85
CA SER F 111 -20.77 -44.30 31.89
C SER F 111 -21.28 -42.87 31.97
N GLU F 112 -22.53 -42.72 32.40
CA GLU F 112 -23.13 -41.41 32.60
C GLU F 112 -22.45 -40.70 33.77
N SER F 113 -21.77 -41.47 34.61
CA SER F 113 -21.03 -40.93 35.74
C SER F 113 -19.79 -40.13 35.33
N CYS F 114 -19.37 -40.29 34.07
CA CYS F 114 -18.17 -39.66 33.54
C CYS F 114 -18.31 -38.14 33.51
N LYS F 115 -19.53 -37.66 33.68
CA LYS F 115 -19.77 -36.24 33.73
C LYS F 115 -19.12 -35.58 34.94
N THR F 116 -19.06 -36.31 36.05
CA THR F 116 -18.47 -35.74 37.27
C THR F 116 -17.20 -36.45 37.72
N GLU F 117 -17.05 -37.70 37.33
CA GLU F 117 -15.87 -38.48 37.74
C GLU F 117 -15.05 -38.91 36.54
N PHE F 118 -14.00 -38.16 36.25
CA PHE F 118 -13.15 -38.44 35.10
C PHE F 118 -11.76 -37.87 35.30
N ALA F 119 -10.81 -38.38 34.52
CA ALA F 119 -9.45 -37.82 34.52
C ALA F 119 -9.13 -37.26 33.14
N SER F 120 -8.49 -36.10 33.13
CA SER F 120 -8.14 -35.44 31.88
C SER F 120 -6.66 -35.59 31.53
N ALA F 121 -6.39 -35.99 30.29
CA ALA F 121 -5.02 -36.13 29.80
C ALA F 121 -4.64 -34.88 29.01
N TYR F 122 -3.67 -34.12 29.52
CA TYR F 122 -3.26 -32.86 28.91
C TYR F 122 -1.83 -32.88 28.40
N ARG F 123 -1.55 -32.07 27.39
CA ARG F 123 -0.18 -31.77 27.00
C ARG F 123 0.18 -30.36 27.43
N ALA F 124 1.37 -30.21 27.99
CA ALA F 124 1.83 -28.90 28.43
C ALA F 124 2.87 -28.36 27.48
N HIS F 125 2.86 -27.06 27.25
CA HIS F 125 3.82 -26.44 26.35
C HIS F 125 4.74 -25.49 27.10
N THR F 126 4.27 -24.28 27.34
CA THR F 126 5.03 -23.25 28.04
C THR F 126 4.20 -22.69 29.18
N ALA F 127 4.81 -21.87 30.03
CA ALA F 127 4.08 -21.29 31.15
C ALA F 127 4.27 -19.79 31.22
N SER F 128 3.21 -19.10 31.63
CA SER F 128 3.26 -17.66 31.85
C SER F 128 3.50 -17.36 33.32
N ALA F 129 4.58 -16.64 33.61
CA ALA F 129 4.92 -16.33 34.99
C ALA F 129 4.32 -15.01 35.41
N SER F 130 3.86 -14.95 36.66
CA SER F 130 3.34 -13.72 37.24
C SER F 130 3.65 -13.68 38.73
N ALA F 131 3.62 -12.49 39.32
CA ALA F 131 3.92 -12.40 40.74
C ALA F 131 3.23 -11.23 41.40
N LYS F 132 3.00 -11.38 42.71
CA LYS F 132 2.50 -10.32 43.56
C LYS F 132 3.65 -9.77 44.40
N LEU F 133 4.00 -8.52 44.16
CA LEU F 133 5.16 -7.90 44.79
C LEU F 133 4.77 -6.86 45.83
N ARG F 134 5.45 -6.74 46.97
CA ARG F 134 5.15 -5.62 47.91
C ARG F 134 6.37 -4.74 48.06
N VAL F 135 6.24 -3.42 47.92
CA VAL F 135 7.37 -2.51 48.00
C VAL F 135 7.19 -1.40 49.04
N LEU F 136 8.19 -1.14 49.89
CA LEU F 136 8.09 -0.04 50.86
C LEU F 136 8.52 1.20 50.16
N TYR F 137 7.59 1.97 49.64
CA TYR F 137 7.89 3.14 48.84
C TYR F 137 7.47 4.42 49.56
N GLN F 138 8.42 5.31 49.79
CA GLN F 138 8.15 6.56 50.48
C GLN F 138 7.52 6.31 51.84
N GLY F 139 7.84 5.21 52.48
CA GLY F 139 7.31 4.97 53.80
C GLY F 139 5.87 4.49 53.78
N ASN F 140 5.43 3.95 52.67
CA ASN F 140 4.09 3.39 52.60
C ASN F 140 4.23 2.00 51.99
N ASN F 141 3.20 1.18 52.09
CA ASN F 141 3.25 -0.17 51.57
C ASN F 141 2.37 -0.26 50.34
N ILE F 142 2.95 -0.53 49.18
CA ILE F 142 2.18 -0.59 47.95
C ILE F 142 2.22 -1.99 47.36
N THR F 143 1.11 -2.44 46.79
CA THR F 143 1.09 -3.74 46.13
C THR F 143 1.17 -3.62 44.62
N VAL F 144 2.10 -4.37 44.03
CA VAL F 144 2.26 -4.39 42.58
C VAL F 144 2.02 -5.79 42.03
N THR F 145 1.08 -5.92 41.11
CA THR F 145 0.82 -7.21 40.47
C THR F 145 1.10 -7.11 38.99
N ALA F 146 1.95 -8.02 38.48
CA ALA F 146 2.34 -7.97 37.08
C ALA F 146 2.76 -9.33 36.56
N TYR F 147 2.74 -9.49 35.24
CA TYR F 147 3.29 -10.67 34.61
C TYR F 147 4.80 -10.58 34.56
N ALA F 148 5.48 -11.64 34.99
CA ALA F 148 6.94 -11.62 35.09
C ALA F 148 7.57 -12.04 33.78
N ASN F 149 7.31 -11.27 32.73
CA ASN F 149 7.89 -11.56 31.42
C ASN F 149 8.66 -10.38 30.86
N GLY F 150 8.72 -9.29 31.60
CA GLY F 150 9.46 -8.10 31.19
C GLY F 150 8.68 -7.22 30.22
N ASP F 151 7.49 -7.68 29.82
CA ASP F 151 6.68 -6.97 28.84
C ASP F 151 5.41 -6.38 29.42
N HIS F 152 5.35 -6.26 30.74
CA HIS F 152 4.15 -5.73 31.39
C HIS F 152 4.48 -4.59 32.34
N ALA F 153 4.00 -3.40 32.00
CA ALA F 153 4.26 -2.22 32.82
C ALA F 153 3.07 -1.92 33.72
N VAL F 154 3.34 -1.80 35.01
CA VAL F 154 2.30 -1.45 35.98
C VAL F 154 2.68 -0.20 36.74
N THR F 155 1.76 0.76 36.81
CA THR F 155 2.06 2.01 37.50
C THR F 155 1.32 2.10 38.83
N VAL F 156 2.03 2.18 39.94
CA VAL F 156 1.35 2.35 41.20
C VAL F 156 1.88 3.62 41.81
N LYS F 157 0.99 4.56 42.11
CA LYS F 157 1.40 5.80 42.74
C LYS F 157 2.53 6.46 41.98
N ASP F 158 2.37 6.62 40.68
CA ASP F 158 3.38 7.25 39.84
C ASP F 158 4.73 6.59 39.78
N ALA F 159 4.79 5.28 39.81
CA ALA F 159 6.07 4.61 39.65
C ALA F 159 5.87 3.50 38.64
N LYS F 160 6.79 3.27 37.72
CA LYS F 160 6.51 2.23 36.74
C LYS F 160 7.29 0.99 37.03
N PHE F 161 6.62 -0.06 37.46
CA PHE F 161 7.30 -1.29 37.83
C PHE F 161 7.34 -2.30 36.68
N ILE F 162 8.54 -2.73 36.33
CA ILE F 162 8.73 -3.77 35.33
C ILE F 162 9.25 -5.04 36.00
N VAL F 163 8.54 -6.14 35.79
CA VAL F 163 8.91 -7.39 36.43
C VAL F 163 9.26 -8.47 35.42
N GLY F 164 10.40 -9.12 35.63
CA GLY F 164 10.83 -10.21 34.76
C GLY F 164 11.73 -9.70 33.64
N PRO F 165 12.13 -10.59 32.74
CA PRO F 165 11.79 -11.99 32.61
C PRO F 165 12.42 -12.84 33.70
N MET F 166 11.88 -14.03 33.92
CA MET F 166 12.40 -14.96 34.92
C MET F 166 13.76 -15.48 34.50
N SER F 167 14.65 -15.68 35.48
CA SER F 167 15.99 -16.20 35.22
C SER F 167 15.99 -17.68 34.90
N SER F 168 14.88 -18.35 35.18
CA SER F 168 14.76 -19.78 34.95
C SER F 168 13.40 -20.14 34.37
N ALA F 169 13.38 -21.14 33.50
CA ALA F 169 12.16 -21.61 32.88
C ALA F 169 11.79 -23.00 33.37
N TRP F 170 12.33 -23.39 34.52
CA TRP F 170 12.05 -24.69 35.10
C TRP F 170 10.63 -24.75 35.65
N THR F 171 9.95 -25.86 35.42
CA THR F 171 8.63 -26.10 35.99
C THR F 171 8.57 -27.49 36.61
N PRO F 172 7.72 -27.68 37.63
CA PRO F 172 7.42 -28.94 38.28
C PRO F 172 6.59 -29.86 37.38
N PHE F 173 6.01 -29.29 36.32
CA PHE F 173 5.16 -30.06 35.42
C PHE F 173 5.98 -30.62 34.27
N ASP F 174 5.65 -31.85 33.88
CA ASP F 174 6.24 -32.46 32.68
C ASP F 174 5.44 -32.05 31.45
N ASN F 175 5.87 -32.54 30.29
CA ASN F 175 5.19 -32.21 29.04
C ASN F 175 3.86 -32.95 28.91
N LYS F 176 3.72 -34.05 29.64
CA LYS F 176 2.48 -34.81 29.64
C LYS F 176 1.99 -35.00 31.06
N ILE F 177 0.79 -34.50 31.35
CA ILE F 177 0.24 -34.62 32.70
C ILE F 177 -1.18 -35.14 32.69
N VAL F 178 -1.61 -35.70 33.81
CA VAL F 178 -3.00 -36.11 33.99
C VAL F 178 -3.59 -35.40 35.21
N VAL F 179 -4.77 -34.85 35.04
CA VAL F 179 -5.39 -34.10 36.12
C VAL F 179 -6.71 -34.71 36.59
N TYR F 180 -6.77 -35.03 37.88
CA TYR F 180 -7.99 -35.52 38.49
C TYR F 180 -8.31 -34.70 39.72
N LYS F 181 -9.48 -34.07 39.73
CA LYS F 181 -9.86 -33.22 40.85
C LYS F 181 -8.76 -32.23 41.19
N GLY F 182 -8.22 -32.34 42.41
CA GLY F 182 -7.18 -31.41 42.87
C GLY F 182 -5.79 -32.02 42.79
N ASP F 183 -5.68 -33.21 42.19
CA ASP F 183 -4.43 -33.94 42.15
C ASP F 183 -3.82 -34.01 40.75
N VAL F 184 -2.66 -33.39 40.58
CA VAL F 184 -1.97 -33.42 39.29
C VAL F 184 -0.82 -34.42 39.34
N TYR F 185 -0.74 -35.27 38.33
CA TYR F 185 0.34 -36.25 38.26
C TYR F 185 1.15 -36.11 36.97
N ASN F 186 2.45 -36.36 37.06
CA ASN F 186 3.30 -36.42 35.89
C ASN F 186 3.36 -37.86 35.36
N MET F 187 2.41 -38.21 34.50
CA MET F 187 2.31 -39.57 34.00
C MET F 187 2.35 -39.63 32.49
N ASP F 188 3.07 -40.61 31.96
CA ASP F 188 3.16 -40.79 30.52
C ASP F 188 1.97 -41.59 30.00
N TYR F 189 0.84 -40.91 29.86
CA TYR F 189 -0.38 -41.58 29.42
C TYR F 189 -0.26 -42.07 27.98
N PRO F 190 -0.91 -43.19 27.65
CA PRO F 190 -0.91 -43.83 26.35
C PRO F 190 -1.58 -42.95 25.31
N PRO F 191 -1.22 -43.13 24.04
CA PRO F 191 -1.68 -42.39 22.88
C PRO F 191 -3.15 -42.63 22.61
N PHE F 192 -3.81 -41.61 22.09
CA PHE F 192 -5.23 -41.70 21.80
C PHE F 192 -5.52 -42.71 20.70
N GLY F 193 -6.54 -43.54 20.93
CA GLY F 193 -6.96 -44.51 19.94
C GLY F 193 -6.21 -45.84 20.06
N ALA F 194 -5.29 -45.93 21.01
CA ALA F 194 -4.52 -47.16 21.17
C ALA F 194 -4.28 -47.49 22.64
N GLY F 195 -5.35 -47.62 23.40
CA GLY F 195 -5.25 -47.95 24.82
C GLY F 195 -5.14 -49.46 25.03
N ARG F 196 -5.01 -49.86 26.29
CA ARG F 196 -4.88 -51.27 26.65
C ARG F 196 -5.79 -51.61 27.82
N PRO F 197 -6.32 -52.83 27.87
CA PRO F 197 -7.23 -53.33 28.88
C PRO F 197 -6.58 -53.37 30.24
N GLY F 198 -7.30 -52.91 31.25
CA GLY F 198 -6.81 -52.93 32.63
C GLY F 198 -5.85 -51.79 32.92
N GLN F 199 -5.58 -50.97 31.91
CA GLN F 199 -4.65 -49.86 32.04
C GLN F 199 -5.37 -48.53 31.96
N PHE F 200 -4.73 -47.49 32.49
CA PHE F 200 -5.29 -46.15 32.38
C PHE F 200 -5.50 -45.80 30.92
N GLY F 201 -6.65 -45.23 30.60
CA GLY F 201 -6.96 -44.85 29.23
C GLY F 201 -7.45 -46.03 28.40
N ASP F 202 -8.10 -46.99 29.05
CA ASP F 202 -8.64 -48.15 28.35
C ASP F 202 -9.86 -47.74 27.53
N ILE F 203 -10.62 -46.79 28.05
CA ILE F 203 -11.72 -46.16 27.33
C ILE F 203 -11.46 -44.67 27.22
N GLN F 204 -11.61 -44.12 26.02
CA GLN F 204 -11.28 -42.72 25.79
C GLN F 204 -12.28 -41.98 24.91
N SER F 205 -12.43 -40.68 25.17
CA SER F 205 -13.17 -39.79 24.29
C SER F 205 -12.49 -38.42 24.28
N ARG F 206 -12.61 -37.68 23.19
CA ARG F 206 -11.91 -36.40 23.09
C ARG F 206 -12.51 -35.36 24.04
N THR F 207 -13.82 -35.35 24.16
CA THR F 207 -14.50 -34.45 25.09
C THR F 207 -15.62 -35.21 25.82
N PRO F 208 -16.01 -34.76 27.02
CA PRO F 208 -17.05 -35.35 27.85
C PRO F 208 -18.38 -35.53 27.13
N GLU F 209 -18.69 -34.62 26.19
CA GLU F 209 -19.95 -34.66 25.47
C GLU F 209 -19.88 -35.46 24.17
N SER F 210 -18.68 -35.91 23.80
CA SER F 210 -18.50 -36.55 22.51
C SER F 210 -19.20 -37.90 22.42
N LYS F 211 -19.70 -38.21 21.23
CA LYS F 211 -20.31 -39.50 20.96
C LYS F 211 -19.30 -40.47 20.35
N ASP F 212 -18.10 -39.96 20.06
CA ASP F 212 -17.04 -40.76 19.46
C ASP F 212 -16.18 -41.38 20.54
N VAL F 213 -16.41 -42.66 20.82
CA VAL F 213 -15.76 -43.31 21.94
C VAL F 213 -14.92 -44.51 21.51
N TYR F 214 -13.68 -44.55 21.97
CA TYR F 214 -12.80 -45.67 21.72
C TYR F 214 -12.69 -46.52 22.98
N ALA F 215 -12.72 -47.83 22.83
CA ALA F 215 -12.57 -48.69 23.99
C ALA F 215 -11.88 -49.99 23.63
N ASN F 216 -11.08 -50.49 24.57
CA ASN F 216 -10.42 -51.77 24.42
C ASN F 216 -10.48 -52.56 25.73
N THR F 217 -11.56 -53.33 25.91
CA THR F 217 -11.75 -54.07 27.15
C THR F 217 -11.58 -55.56 26.93
N GLN F 218 -11.32 -55.95 25.69
CA GLN F 218 -11.18 -57.36 25.34
C GLN F 218 -12.39 -58.16 25.78
N LEU F 219 -13.58 -57.68 25.42
CA LEU F 219 -14.81 -58.35 25.81
C LEU F 219 -15.08 -59.57 24.95
N VAL F 220 -15.20 -60.72 25.60
CA VAL F 220 -15.45 -61.98 24.91
C VAL F 220 -16.69 -62.66 25.46
N LEU F 221 -17.60 -63.05 24.57
CA LEU F 221 -18.82 -63.73 24.96
C LEU F 221 -18.56 -65.21 25.17
N GLN F 222 -19.25 -65.80 26.14
CA GLN F 222 -19.08 -67.21 26.46
C GLN F 222 -20.40 -67.98 26.37
N ARG F 223 -20.32 -69.29 26.22
CA ARG F 223 -21.50 -70.14 26.18
C ARG F 223 -22.20 -70.16 27.54
N PRO F 224 -23.53 -70.03 27.57
CA PRO F 224 -24.39 -70.04 28.74
C PRO F 224 -24.45 -71.41 29.38
N ALA F 225 -24.70 -71.45 30.69
CA ALA F 225 -24.89 -72.70 31.39
C ALA F 225 -26.15 -73.40 30.89
N ALA F 226 -26.11 -74.72 30.80
CA ALA F 226 -27.26 -75.46 30.32
C ALA F 226 -28.46 -75.22 31.24
N GLY F 227 -29.63 -75.04 30.63
CA GLY F 227 -30.86 -74.87 31.37
C GLY F 227 -31.11 -73.42 31.78
N THR F 228 -30.21 -72.53 31.40
CA THR F 228 -30.31 -71.12 31.78
C THR F 228 -30.24 -70.19 30.57
N VAL F 229 -30.59 -68.92 30.80
CA VAL F 229 -30.55 -67.92 29.73
C VAL F 229 -29.58 -66.78 30.01
N HIS F 230 -28.72 -66.94 31.02
CA HIS F 230 -27.78 -65.87 31.36
C HIS F 230 -26.71 -65.76 30.30
N VAL F 231 -26.13 -64.57 30.16
CA VAL F 231 -25.08 -64.37 29.17
C VAL F 231 -23.74 -64.07 29.84
N PRO F 232 -22.86 -65.07 29.96
CA PRO F 232 -21.54 -64.99 30.57
C PRO F 232 -20.58 -64.29 29.63
N TYR F 233 -19.58 -63.63 30.19
CA TYR F 233 -18.55 -63.00 29.39
C TYR F 233 -17.27 -62.80 30.17
N SER F 234 -16.18 -62.61 29.46
CA SER F 234 -14.90 -62.26 30.07
C SER F 234 -14.49 -60.86 29.63
N GLN F 235 -14.23 -60.00 30.59
CA GLN F 235 -13.88 -58.62 30.28
C GLN F 235 -12.87 -58.08 31.28
N ALA F 236 -11.91 -57.29 30.79
CA ALA F 236 -10.96 -56.65 31.69
C ALA F 236 -11.68 -55.61 32.54
N PRO F 237 -11.39 -55.54 33.84
CA PRO F 237 -11.82 -54.51 34.77
C PRO F 237 -11.33 -53.15 34.31
N SER F 238 -12.11 -52.10 34.61
CA SER F 238 -11.75 -50.77 34.20
C SER F 238 -10.39 -50.34 34.72
N GLY F 239 -9.59 -49.77 33.83
CA GLY F 239 -8.27 -49.30 34.20
C GLY F 239 -8.37 -48.00 34.97
N PHE F 240 -9.53 -47.36 34.91
CA PHE F 240 -9.75 -46.12 35.61
C PHE F 240 -9.80 -46.36 37.10
N LYS F 241 -10.52 -47.41 37.50
CA LYS F 241 -10.64 -47.74 38.91
C LYS F 241 -9.32 -48.20 39.49
N TYR F 242 -8.57 -48.96 38.71
CA TYR F 242 -7.26 -49.39 39.18
C TYR F 242 -6.35 -48.21 39.37
N TRP F 243 -6.39 -47.27 38.44
CA TRP F 243 -5.55 -46.09 38.53
C TRP F 243 -5.87 -45.27 39.77
N LEU F 244 -7.15 -45.11 40.08
CA LEU F 244 -7.56 -44.33 41.24
C LEU F 244 -7.02 -44.91 42.54
N LYS F 245 -6.95 -46.24 42.61
CA LYS F 245 -6.46 -46.90 43.81
C LYS F 245 -4.93 -46.89 43.88
N GLU F 246 -4.27 -46.85 42.73
CA GLU F 246 -2.82 -46.93 42.67
C GLU F 246 -2.18 -45.63 42.19
N ARG F 247 -2.86 -44.51 42.40
CA ARG F 247 -2.37 -43.22 41.91
C ARG F 247 -1.00 -42.86 42.47
N GLY F 248 -0.78 -43.18 43.74
CA GLY F 248 0.47 -42.82 44.40
C GLY F 248 0.43 -41.36 44.84
N ALA F 249 1.60 -40.83 45.21
CA ALA F 249 1.69 -39.46 45.69
C ALA F 249 1.43 -38.47 44.56
N SER F 250 0.74 -37.38 44.89
CA SER F 250 0.47 -36.33 43.92
C SER F 250 1.64 -35.35 43.81
N LEU F 251 1.64 -34.56 42.75
CA LEU F 251 2.75 -33.65 42.48
C LEU F 251 2.97 -32.63 43.60
N GLN F 252 1.91 -32.22 44.28
CA GLN F 252 2.06 -31.25 45.36
C GLN F 252 2.84 -31.82 46.54
N HIS F 253 3.02 -33.14 46.54
CA HIS F 253 3.76 -33.77 47.62
C HIS F 253 5.16 -34.21 47.18
N THR F 254 5.37 -34.32 45.87
CA THR F 254 6.64 -34.81 45.35
C THR F 254 7.47 -33.76 44.63
N ALA F 255 6.87 -32.61 44.31
CA ALA F 255 7.57 -31.60 43.53
C ALA F 255 8.81 -31.08 44.26
N PRO F 256 9.90 -30.82 43.54
CA PRO F 256 11.11 -30.12 43.95
C PRO F 256 10.86 -28.66 44.31
N PHE F 257 11.77 -28.11 45.10
CA PHE F 257 11.81 -26.68 45.44
C PHE F 257 10.57 -26.20 46.20
N GLY F 258 9.85 -27.13 46.81
CA GLY F 258 8.72 -26.78 47.66
C GLY F 258 7.53 -26.19 46.90
N CYS F 259 7.37 -26.57 45.63
CA CYS F 259 6.29 -26.04 44.79
C CYS F 259 4.93 -26.49 45.29
N GLN F 260 3.99 -25.55 45.32
CA GLN F 260 2.60 -25.86 45.66
C GLN F 260 1.81 -26.02 44.36
N ILE F 261 1.01 -27.08 44.27
CA ILE F 261 0.26 -27.33 43.05
C ILE F 261 -1.24 -27.21 43.29
N ALA F 262 -1.90 -26.49 42.39
CA ALA F 262 -3.35 -26.29 42.48
C ALA F 262 -3.97 -26.51 41.10
N THR F 263 -5.24 -26.88 41.08
CA THR F 263 -5.95 -27.10 39.82
C THR F 263 -7.09 -26.10 39.65
N ASN F 264 -7.64 -26.06 38.43
CA ASN F 264 -8.75 -25.18 38.12
C ASN F 264 -8.43 -23.70 38.38
N PRO F 265 -7.53 -23.12 37.59
CA PRO F 265 -6.64 -23.69 36.58
C PRO F 265 -5.44 -24.38 37.19
N VAL F 266 -4.76 -25.21 36.40
CA VAL F 266 -3.55 -25.86 36.86
C VAL F 266 -2.41 -24.85 36.93
N ARG F 267 -1.75 -24.79 38.09
CA ARG F 267 -0.66 -23.84 38.29
C ARG F 267 0.30 -24.28 39.37
N ALA F 268 1.54 -23.81 39.27
CA ALA F 268 2.54 -24.02 40.31
C ALA F 268 2.78 -22.72 41.06
N VAL F 269 2.81 -22.81 42.38
CA VAL F 269 2.92 -21.61 43.20
C VAL F 269 4.12 -21.62 44.14
N ASN F 270 4.81 -20.49 44.19
CA ASN F 270 5.95 -20.23 45.08
C ASN F 270 7.10 -21.22 44.97
N CYS F 271 7.50 -21.56 43.74
CA CYS F 271 8.67 -22.41 43.52
C CYS F 271 9.95 -21.61 43.78
N ALA F 272 10.82 -22.13 44.62
CA ALA F 272 12.04 -21.40 44.99
C ALA F 272 13.14 -21.63 43.98
N VAL F 273 12.94 -21.17 42.75
CA VAL F 273 13.90 -21.39 41.69
C VAL F 273 14.33 -20.11 41.01
N GLY F 274 15.65 -19.90 40.94
CA GLY F 274 16.22 -18.77 40.20
C GLY F 274 15.97 -17.43 40.88
N ASN F 275 15.92 -16.38 40.06
CA ASN F 275 15.74 -15.02 40.56
C ASN F 275 14.88 -14.18 39.60
N MET F 276 14.51 -12.99 40.05
CA MET F 276 13.62 -12.11 39.30
C MET F 276 14.12 -10.66 39.27
N PRO F 277 14.58 -10.18 38.12
CA PRO F 277 14.93 -8.81 37.84
C PRO F 277 13.73 -7.87 38.00
N ILE F 278 13.96 -6.74 38.66
CA ILE F 278 12.94 -5.72 38.84
C ILE F 278 13.49 -4.34 38.48
N SER F 279 12.74 -3.59 37.68
CA SER F 279 13.15 -2.24 37.31
C SER F 279 12.09 -1.22 37.70
N ILE F 280 12.50 -0.22 38.49
CA ILE F 280 11.55 0.78 38.98
C ILE F 280 11.87 2.17 38.47
N ASP F 281 10.85 2.81 37.89
CA ASP F 281 10.96 4.20 37.45
C ASP F 281 10.49 5.12 38.56
N ILE F 282 11.43 5.79 39.22
CA ILE F 282 11.12 6.61 40.38
C ILE F 282 11.08 8.10 40.02
N PRO F 283 9.96 8.77 40.24
CA PRO F 283 9.72 10.17 39.92
C PRO F 283 10.58 11.07 40.79
N GLU F 284 10.95 12.23 40.27
CA GLU F 284 11.84 13.15 40.98
C GLU F 284 11.19 13.68 42.25
N ALA F 285 9.87 13.63 42.31
CA ALA F 285 9.12 14.11 43.47
C ALA F 285 9.41 13.25 44.69
N ALA F 286 9.91 12.05 44.44
CA ALA F 286 10.16 11.08 45.51
C ALA F 286 11.51 11.34 46.17
N PHE F 287 12.30 12.23 45.60
CA PHE F 287 13.65 12.45 46.11
C PHE F 287 13.77 13.72 46.93
N THR F 288 14.58 13.64 47.98
CA THR F 288 14.88 14.76 48.85
C THR F 288 16.33 15.21 48.63
N ARG F 289 16.55 16.52 48.52
CA ARG F 289 17.90 17.02 48.22
C ARG F 289 18.81 16.90 49.43
N VAL F 290 20.12 16.85 49.17
CA VAL F 290 21.09 16.74 50.26
C VAL F 290 21.04 17.94 51.18
N VAL F 291 20.62 19.08 50.65
CA VAL F 291 20.49 20.29 51.45
C VAL F 291 19.23 20.26 52.30
N ASP F 292 18.28 19.40 51.94
CA ASP F 292 17.03 19.29 52.68
C ASP F 292 17.19 18.29 53.82
N ALA F 293 18.01 17.27 53.59
CA ALA F 293 18.25 16.23 54.56
C ALA F 293 19.08 16.75 55.74
N PRO F 294 18.90 16.19 56.93
CA PRO F 294 19.76 16.35 58.10
C PRO F 294 21.17 15.86 57.84
N SER F 295 22.13 16.59 58.39
CA SER F 295 23.53 16.18 58.34
C SER F 295 23.94 15.59 59.68
N LEU F 296 24.46 14.35 59.66
CA LEU F 296 24.81 13.68 60.91
C LEU F 296 26.31 13.55 61.08
N THR F 297 26.80 14.10 62.19
CA THR F 297 28.23 14.08 62.50
C THR F 297 28.51 13.56 63.90
N ASP F 298 29.79 13.43 64.23
CA ASP F 298 30.23 12.98 65.55
C ASP F 298 29.54 11.69 65.96
N MET F 299 29.46 10.75 65.03
CA MET F 299 28.78 9.49 65.28
C MET F 299 29.70 8.40 65.79
N SER F 300 29.16 7.49 66.60
CA SER F 300 29.88 6.31 67.05
C SER F 300 28.92 5.14 67.25
N CYS F 301 29.42 3.91 67.06
CA CYS F 301 28.60 2.71 67.15
C CYS F 301 29.00 1.83 68.33
N GLU F 302 27.99 1.35 69.05
CA GLU F 302 28.17 0.36 70.10
C GLU F 302 27.28 -0.84 69.83
N VAL F 303 27.77 -2.04 70.14
CA VAL F 303 26.98 -3.25 69.91
C VAL F 303 26.93 -4.11 71.17
N PRO F 304 25.94 -3.88 72.04
CA PRO F 304 25.81 -4.46 73.37
C PRO F 304 25.54 -5.97 73.33
N ALA F 305 25.04 -6.46 72.20
CA ALA F 305 24.76 -7.89 72.08
C ALA F 305 24.74 -8.33 70.62
N CYS F 306 25.09 -9.59 70.37
CA CYS F 306 24.99 -10.19 69.05
C CYS F 306 24.86 -11.71 69.14
N THR F 307 23.82 -12.23 68.51
CA THR F 307 23.62 -13.68 68.37
C THR F 307 23.20 -13.98 66.95
N HIS F 308 23.82 -14.98 66.31
CA HIS F 308 23.43 -15.29 64.94
C HIS F 308 22.24 -16.26 64.91
N SER F 309 21.10 -15.78 65.40
CA SER F 309 19.89 -16.59 65.48
C SER F 309 19.03 -16.49 64.22
N SER F 310 19.46 -15.64 63.28
CA SER F 310 18.77 -15.45 62.00
C SER F 310 17.40 -14.80 62.17
N ASP F 311 17.17 -14.20 63.33
CA ASP F 311 15.90 -13.55 63.66
C ASP F 311 16.06 -12.06 63.91
N PHE F 312 17.13 -11.47 63.38
CA PHE F 312 17.46 -10.07 63.67
C PHE F 312 17.62 -9.84 65.16
N GLY F 313 18.26 -10.80 65.82
CA GLY F 313 18.47 -10.74 67.27
C GLY F 313 19.66 -9.85 67.65
N GLY F 314 20.43 -9.42 66.66
CA GLY F 314 21.55 -8.54 66.93
C GLY F 314 21.03 -7.13 67.22
N VAL F 315 21.70 -6.42 68.11
CA VAL F 315 21.30 -5.05 68.42
C VAL F 315 22.49 -4.11 68.36
N ALA F 316 22.30 -2.96 67.73
CA ALA F 316 23.34 -1.94 67.67
C ALA F 316 22.78 -0.58 68.00
N VAL F 317 23.57 0.22 68.71
CA VAL F 317 23.17 1.57 69.08
C VAL F 317 24.17 2.59 68.56
N ILE F 318 23.67 3.56 67.80
CA ILE F 318 24.54 4.56 67.22
C ILE F 318 24.24 5.96 67.75
N LYS F 319 25.25 6.61 68.31
CA LYS F 319 25.12 7.96 68.80
C LYS F 319 25.32 8.93 67.64
N TYR F 320 24.52 10.00 67.59
CA TYR F 320 24.66 10.97 66.51
C TYR F 320 24.37 12.39 66.95
N ALA F 321 24.97 13.34 66.23
CA ALA F 321 24.64 14.75 66.37
C ALA F 321 24.00 15.25 65.08
N ALA F 322 22.72 15.59 65.15
CA ALA F 322 21.99 16.02 63.95
C ALA F 322 21.97 17.54 63.84
N SER F 323 22.16 18.03 62.62
CA SER F 323 22.10 19.45 62.35
C SER F 323 20.68 19.99 62.49
N LYS F 324 19.70 19.13 62.21
CA LYS F 324 18.30 19.50 62.32
C LYS F 324 17.42 18.26 62.40
N LYS F 325 16.18 18.45 62.84
CA LYS F 325 15.19 17.37 62.86
C LYS F 325 14.81 16.94 61.45
N GLY F 326 14.73 15.63 61.24
CA GLY F 326 14.32 15.08 59.95
C GLY F 326 14.51 13.57 59.91
N LYS F 327 14.37 12.98 58.74
CA LYS F 327 14.52 11.54 58.59
C LYS F 327 15.63 11.18 57.61
N CYS F 328 16.34 10.09 57.89
CA CYS F 328 17.38 9.56 57.02
C CYS F 328 17.21 8.06 56.80
N ALA F 329 17.51 7.62 55.59
CA ALA F 329 17.48 6.18 55.27
C ALA F 329 18.72 5.50 55.83
N VAL F 330 18.57 4.25 56.24
CA VAL F 330 19.69 3.48 56.78
C VAL F 330 19.97 2.24 55.94
N HIS F 331 21.25 1.99 55.66
CA HIS F 331 21.61 0.84 54.84
C HIS F 331 22.96 0.25 55.22
N SER F 332 23.03 -1.08 55.21
CA SER F 332 24.27 -1.80 55.47
C SER F 332 25.24 -1.66 54.30
N MET F 333 26.53 -1.58 54.61
CA MET F 333 27.54 -1.46 53.57
C MET F 333 28.16 -2.82 53.22
N THR F 334 27.59 -3.87 53.78
CA THR F 334 28.06 -5.23 53.49
C THR F 334 26.88 -6.17 53.28
N ASN F 335 27.10 -7.23 52.52
CA ASN F 335 26.05 -8.22 52.31
C ASN F 335 25.96 -9.18 53.49
N ALA F 336 27.00 -9.19 54.31
CA ALA F 336 27.08 -10.12 55.43
C ALA F 336 26.11 -9.74 56.54
N VAL F 337 25.76 -8.45 56.61
CA VAL F 337 24.90 -7.98 57.68
C VAL F 337 23.68 -7.25 57.12
N THR F 338 22.50 -7.71 57.50
CA THR F 338 21.26 -7.09 57.06
C THR F 338 20.58 -6.34 58.20
N ILE F 339 20.17 -5.11 57.92
CA ILE F 339 19.51 -4.27 58.92
C ILE F 339 18.01 -4.25 58.69
N ARG F 340 17.25 -4.53 59.74
CA ARG F 340 15.80 -4.65 59.63
C ARG F 340 15.12 -3.34 59.28
N GLU F 341 15.57 -2.24 59.89
CA GLU F 341 14.97 -0.94 59.67
C GLU F 341 15.35 -0.34 58.32
N ALA F 342 14.39 0.29 57.65
CA ALA F 342 14.65 0.94 56.37
C ALA F 342 14.95 2.43 56.56
N GLU F 343 14.29 3.05 57.53
CA GLU F 343 14.45 4.48 57.75
C GLU F 343 14.41 4.82 59.23
N ILE F 344 15.13 5.86 59.63
CA ILE F 344 15.20 6.28 61.02
C ILE F 344 14.99 7.78 61.19
N GLU F 345 14.17 8.16 62.16
CA GLU F 345 14.01 9.58 62.49
C GLU F 345 15.12 10.06 63.42
N VAL F 346 15.72 11.18 63.07
CA VAL F 346 16.84 11.73 63.85
C VAL F 346 16.56 13.16 64.31
N GLU F 347 16.91 13.46 65.56
CA GLU F 347 16.73 14.81 66.09
C GLU F 347 17.76 15.17 67.15
N GLY F 348 18.36 16.35 66.99
CA GLY F 348 19.27 16.93 67.98
C GLY F 348 20.45 16.02 68.29
N ASN F 349 20.73 15.85 69.59
CA ASN F 349 21.82 15.00 70.05
C ASN F 349 21.26 13.80 70.80
N SER F 350 21.32 12.65 70.16
CA SER F 350 20.70 11.45 70.70
C SER F 350 21.31 10.19 70.13
N GLN F 351 20.66 9.06 70.38
CA GLN F 351 21.14 7.79 69.85
C GLN F 351 19.99 7.00 69.24
N LEU F 352 20.30 6.24 68.21
CA LEU F 352 19.30 5.40 67.56
C LEU F 352 19.63 3.93 67.77
N GLN F 353 18.59 3.09 67.77
CA GLN F 353 18.79 1.66 67.92
C GLN F 353 18.25 0.91 66.72
N ILE F 354 19.06 0.00 66.20
CA ILE F 354 18.67 -0.82 65.06
C ILE F 354 18.91 -2.29 65.35
N SER F 355 18.22 -3.16 64.61
CA SER F 355 18.42 -4.60 64.76
C SER F 355 19.01 -5.18 63.50
N PHE F 356 19.80 -6.24 63.64
CA PHE F 356 20.45 -6.83 62.48
C PHE F 356 20.61 -8.33 62.59
N SER F 357 20.81 -8.97 61.43
CA SER F 357 21.01 -10.40 61.36
C SER F 357 22.25 -10.75 60.54
N THR F 358 23.08 -11.60 61.10
CA THR F 358 24.31 -12.01 60.42
C THR F 358 24.74 -13.39 60.85
N ALA F 359 25.50 -14.07 59.99
CA ALA F 359 26.08 -15.36 60.33
C ALA F 359 27.55 -15.21 60.65
N LEU F 360 28.02 -13.97 60.74
CA LEU F 360 29.42 -13.71 61.06
C LEU F 360 29.74 -14.11 62.49
N ALA F 361 30.90 -14.73 62.68
CA ALA F 361 31.38 -15.00 64.03
C ALA F 361 31.76 -13.69 64.70
N SER F 362 32.28 -12.77 63.90
CA SER F 362 32.64 -11.44 64.35
C SER F 362 31.94 -10.41 63.46
N ALA F 363 31.05 -9.63 64.06
CA ALA F 363 30.20 -8.74 63.30
C ALA F 363 30.90 -7.41 63.01
N GLU F 364 31.91 -7.46 62.15
CA GLU F 364 32.62 -6.25 61.75
C GLU F 364 32.05 -5.73 60.43
N PHE F 365 31.39 -4.59 60.50
CA PHE F 365 30.72 -4.02 59.33
C PHE F 365 30.56 -2.52 59.42
N ARG F 366 30.33 -1.89 58.29
CA ARG F 366 30.05 -0.46 58.26
C ARG F 366 28.57 -0.20 58.03
N VAL F 367 28.01 0.88 58.60
CA VAL F 367 26.59 1.23 58.43
C VAL F 367 26.45 2.64 57.93
N GLN F 368 25.60 2.94 56.96
CA GLN F 368 25.45 4.34 56.56
C GLN F 368 24.21 4.98 57.10
N VAL F 369 24.34 5.82 58.11
CA VAL F 369 23.17 6.39 58.72
C VAL F 369 22.38 7.37 57.89
N CYS F 370 23.03 8.29 57.21
CA CYS F 370 22.31 9.18 56.30
C CYS F 370 23.18 9.44 55.15
N SER F 371 24.19 10.26 55.35
CA SER F 371 25.15 10.47 54.31
C SER F 371 26.52 10.26 54.87
N THR F 372 26.59 9.77 56.09
CA THR F 372 27.86 9.58 56.75
C THR F 372 27.93 8.19 57.27
N GLN F 373 29.10 7.65 57.50
CA GLN F 373 29.21 6.25 57.88
C GLN F 373 29.85 5.90 59.22
N VAL F 374 29.29 4.96 59.98
CA VAL F 374 29.96 4.54 61.21
C VAL F 374 30.47 3.11 61.09
N HIS F 375 31.38 2.71 61.96
CA HIS F 375 31.87 1.34 61.95
C HIS F 375 31.51 0.60 63.23
N CYS F 376 30.93 -0.60 63.09
CA CYS F 376 30.47 -1.43 64.21
C CYS F 376 31.29 -2.72 64.29
N ALA F 377 31.48 -3.22 65.51
CA ALA F 377 32.14 -4.52 65.69
C ALA F 377 31.63 -5.21 66.94
N ALA F 378 31.53 -6.54 66.90
CA ALA F 378 31.10 -7.31 68.05
C ALA F 378 31.49 -8.78 67.94
N GLU F 379 31.60 -9.44 69.08
CA GLU F 379 31.75 -10.89 69.11
C GLU F 379 30.38 -11.53 69.27
N CYS F 380 29.98 -12.36 68.29
CA CYS F 380 28.64 -12.92 68.25
C CYS F 380 28.59 -14.34 68.81
N HIS F 381 27.47 -14.68 69.43
CA HIS F 381 27.26 -16.00 70.01
C HIS F 381 26.30 -16.83 69.16
N PRO F 382 26.39 -18.16 69.25
CA PRO F 382 25.45 -19.12 68.70
C PRO F 382 24.14 -19.15 69.49
N PRO F 383 23.05 -19.57 68.84
CA PRO F 383 21.75 -19.86 69.40
C PRO F 383 21.76 -21.17 70.17
N LYS F 384 20.81 -21.32 71.09
CA LYS F 384 20.68 -22.57 71.83
C LYS F 384 19.87 -23.61 71.07
N ASP F 385 18.90 -23.13 70.29
CA ASP F 385 17.99 -24.01 69.55
C ASP F 385 18.66 -24.55 68.29
N HIS F 386 18.29 -25.76 67.87
CA HIS F 386 18.85 -26.34 66.66
C HIS F 386 17.97 -26.10 65.44
N ILE F 387 16.66 -26.07 65.65
CA ILE F 387 15.69 -26.00 64.57
C ILE F 387 14.72 -24.83 64.74
N VAL F 388 14.42 -24.16 63.64
CA VAL F 388 13.45 -23.06 63.63
C VAL F 388 12.39 -23.27 62.57
N ASN F 389 11.28 -22.54 62.68
CA ASN F 389 10.17 -22.68 61.73
C ASN F 389 10.17 -21.57 60.67
N TYR F 390 11.27 -20.87 60.55
CA TYR F 390 11.40 -19.81 59.55
C TYR F 390 12.74 -19.89 58.84
N PRO F 391 12.82 -19.43 57.59
CA PRO F 391 14.02 -19.31 56.79
C PRO F 391 14.91 -18.22 57.36
N ALA F 392 16.22 -18.39 57.21
CA ALA F 392 17.16 -17.41 57.74
C ALA F 392 17.05 -16.09 57.00
N SER F 393 17.15 -14.98 57.75
CA SER F 393 17.12 -13.66 57.15
C SER F 393 18.49 -13.23 56.64
N HIS F 394 19.55 -13.88 57.12
CA HIS F 394 20.91 -13.54 56.72
C HIS F 394 21.30 -14.25 55.44
N THR F 395 22.32 -13.73 54.76
CA THR F 395 22.82 -14.35 53.53
C THR F 395 23.85 -15.44 53.84
N THR F 396 24.25 -16.15 52.80
CA THR F 396 25.27 -17.18 52.93
C THR F 396 26.67 -16.58 52.89
N LEU F 397 27.52 -17.01 53.83
CA LEU F 397 28.87 -16.49 53.92
C LEU F 397 29.90 -17.47 53.37
N GLY F 398 30.97 -16.93 52.78
CA GLY F 398 32.06 -17.75 52.27
C GLY F 398 33.06 -18.07 53.37
N VAL F 399 34.07 -18.88 53.02
CA VAL F 399 35.07 -19.29 53.99
C VAL F 399 35.86 -18.11 54.55
N GLN F 400 36.03 -17.08 53.73
CA GLN F 400 36.78 -15.91 54.14
C GLN F 400 35.93 -14.97 54.98
N ASP F 401 34.62 -15.18 54.99
CA ASP F 401 33.70 -14.29 55.69
C ASP F 401 33.38 -14.79 57.09
N ILE F 402 33.31 -16.11 57.25
CA ILE F 402 32.91 -16.71 58.52
C ILE F 402 34.00 -16.64 59.58
N SER F 403 35.21 -16.32 59.16
CA SER F 403 36.34 -16.28 60.08
C SER F 403 36.16 -15.22 61.16
N ALA F 404 36.49 -15.58 62.39
CA ALA F 404 36.44 -14.67 63.54
C ALA F 404 37.74 -13.89 63.65
N THR F 405 37.75 -12.89 64.52
CA THR F 405 38.96 -12.11 64.76
C THR F 405 40.02 -12.97 65.43
N ALA F 406 39.61 -14.14 65.89
CA ALA F 406 40.52 -15.11 66.49
C ALA F 406 41.41 -15.73 65.43
N MET F 407 41.13 -15.43 64.17
CA MET F 407 41.90 -15.92 63.03
C MET F 407 43.33 -15.39 63.05
N SER F 408 43.61 -14.48 63.98
CA SER F 408 44.95 -13.92 64.09
C SER F 408 45.95 -15.05 64.37
N TRP F 409 45.44 -16.17 64.88
CA TRP F 409 46.26 -17.35 65.09
C TRP F 409 46.82 -17.86 63.78
N VAL F 410 46.02 -17.76 62.72
CA VAL F 410 46.42 -18.23 61.40
C VAL F 410 47.52 -17.34 60.86
N GLN F 411 47.36 -16.04 61.07
CA GLN F 411 48.35 -15.07 60.59
C GLN F 411 49.67 -15.25 61.31
N LYS F 412 49.63 -15.53 62.61
CA LYS F 412 50.85 -15.72 63.38
C LYS F 412 51.59 -16.99 62.94
N ILE F 413 50.84 -18.05 62.69
CA ILE F 413 51.45 -19.31 62.26
C ILE F 413 51.98 -19.19 60.85
N THR F 414 51.19 -18.58 59.97
CA THR F 414 51.60 -18.42 58.57
C THR F 414 52.82 -17.52 58.48
N GLY F 415 52.82 -16.44 59.26
CA GLY F 415 53.95 -15.52 59.26
C GLY F 415 55.22 -16.18 59.77
N GLY F 416 55.07 -17.03 60.78
CA GLY F 416 56.21 -17.73 61.34
C GLY F 416 56.87 -18.64 60.31
N VAL F 417 56.06 -19.40 59.59
CA VAL F 417 56.58 -20.29 58.56
C VAL F 417 57.17 -19.51 57.40
N GLY F 418 56.49 -18.43 57.00
CA GLY F 418 56.97 -17.60 55.91
C GLY F 418 58.32 -16.97 56.24
N LEU F 419 58.51 -16.63 57.52
CA LEU F 419 59.76 -16.04 57.96
C LEU F 419 60.90 -17.04 57.86
N VAL F 420 60.63 -18.29 58.21
CA VAL F 420 61.65 -19.33 58.14
C VAL F 420 62.11 -19.52 56.70
N VAL F 421 61.16 -19.48 55.77
CA VAL F 421 61.49 -19.62 54.36
C VAL F 421 62.28 -18.42 53.86
N ALA F 422 61.85 -17.22 54.25
CA ALA F 422 62.51 -16.01 53.81
C ALA F 422 63.96 -15.96 54.27
N VAL F 423 64.21 -16.44 55.48
CA VAL F 423 65.57 -16.46 56.00
C VAL F 423 66.42 -17.50 55.30
N ALA F 424 65.86 -18.69 55.12
CA ALA F 424 66.59 -19.75 54.45
C ALA F 424 66.93 -19.36 53.02
N ALA F 425 66.01 -18.66 52.37
CA ALA F 425 66.24 -18.20 51.01
C ALA F 425 67.37 -17.19 50.97
N LEU F 426 67.42 -16.32 51.97
CA LEU F 426 68.46 -15.31 52.03
C LEU F 426 69.82 -15.94 52.24
N ILE F 427 69.88 -16.98 53.07
CA ILE F 427 71.13 -17.65 53.34
C ILE F 427 71.68 -18.29 52.07
N LEU F 428 70.81 -18.94 51.31
CA LEU F 428 71.23 -19.56 50.07
C LEU F 428 71.69 -18.53 49.05
N ILE F 429 70.98 -17.39 48.99
CA ILE F 429 71.34 -16.34 48.06
C ILE F 429 72.71 -15.76 48.38
N VAL F 430 72.98 -15.52 49.66
CA VAL F 430 74.27 -14.98 50.08
C VAL F 430 75.39 -15.95 49.79
N VAL F 431 75.17 -17.23 50.05
CA VAL F 431 76.19 -18.22 49.78
C VAL F 431 76.49 -18.33 48.30
N LEU F 432 75.45 -18.30 47.48
CA LEU F 432 75.64 -18.36 46.03
C LEU F 432 76.37 -17.14 45.52
N CYS F 433 76.06 -15.97 46.08
CA CYS F 433 76.74 -14.75 45.67
C CYS F 433 78.23 -14.84 45.96
N VAL F 434 78.58 -15.37 47.13
CA VAL F 434 79.98 -15.58 47.50
C VAL F 434 80.59 -16.69 46.66
N SER F 435 79.81 -17.74 46.41
CA SER F 435 80.30 -18.89 45.67
C SER F 435 80.80 -18.50 44.29
N PHE F 436 80.14 -17.52 43.67
CA PHE F 436 80.52 -17.08 42.33
C PHE F 436 81.46 -15.87 42.37
N SER F 437 81.84 -15.45 43.58
CA SER F 437 82.76 -14.33 43.74
C SER F 437 84.20 -14.84 43.82
N ARG F 438 84.33 -16.13 44.14
CA ARG F 438 85.63 -16.76 44.33
C ARG F 438 85.98 -17.80 43.26
N HIS F 439 85.20 -17.84 42.18
CA HIS F 439 85.35 -18.88 41.14
C HIS F 439 84.79 -18.38 39.81
N ASN G 1 -31.98 8.42 -41.15
CA ASN G 1 -33.12 9.07 -40.53
C ASN G 1 -33.53 8.31 -39.25
N PHE G 2 -34.58 8.81 -38.58
CA PHE G 2 -35.03 8.26 -37.30
C PHE G 2 -36.13 7.22 -37.48
N ASN G 3 -36.50 6.95 -38.72
CA ASN G 3 -37.56 5.99 -39.00
C ASN G 3 -37.05 4.57 -38.83
N VAL G 4 -35.73 4.44 -38.76
CA VAL G 4 -35.08 3.15 -38.65
C VAL G 4 -35.36 2.50 -37.30
N TYR G 5 -35.81 3.30 -36.33
CA TYR G 5 -36.00 2.80 -34.97
C TYR G 5 -37.44 2.36 -34.72
N LYS G 6 -38.29 2.45 -35.73
CA LYS G 6 -39.71 2.11 -35.56
C LYS G 6 -39.90 0.64 -35.17
N ALA G 7 -38.98 -0.21 -35.58
CA ALA G 7 -39.11 -1.65 -35.35
C ALA G 7 -38.50 -2.08 -34.02
N THR G 8 -37.94 -1.16 -33.25
CA THR G 8 -37.24 -1.55 -32.03
C THR G 8 -37.72 -0.84 -30.78
N ARG G 9 -37.26 -1.32 -29.63
CA ARG G 9 -37.58 -0.75 -28.33
C ARG G 9 -36.33 -0.62 -27.47
N PRO G 10 -36.35 0.25 -26.46
CA PRO G 10 -35.39 0.35 -25.37
C PRO G 10 -35.36 -0.95 -24.57
N TYR G 11 -34.22 -1.25 -23.98
CA TYR G 11 -34.11 -2.48 -23.20
C TYR G 11 -33.44 -2.26 -21.85
N LEU G 12 -33.74 -3.13 -20.90
CA LEU G 12 -33.12 -3.09 -19.58
C LEU G 12 -31.88 -3.95 -19.56
N ALA G 13 -30.90 -3.56 -18.76
CA ALA G 13 -29.66 -4.32 -18.65
C ALA G 13 -29.03 -4.16 -17.28
N HIS G 14 -28.19 -5.11 -16.92
CA HIS G 14 -27.49 -5.07 -15.63
C HIS G 14 -26.42 -3.98 -15.63
N CYS G 15 -26.29 -3.27 -14.51
CA CYS G 15 -25.28 -2.24 -14.30
C CYS G 15 -24.55 -2.44 -12.98
N PRO G 16 -23.21 -2.48 -13.00
CA PRO G 16 -22.34 -2.80 -11.89
C PRO G 16 -22.45 -1.79 -10.75
N ASP G 17 -22.85 -0.56 -11.07
CA ASP G 17 -23.03 0.47 -10.04
C ASP G 17 -24.13 1.44 -10.44
N CYS G 18 -25.24 1.39 -9.71
CA CYS G 18 -26.43 2.19 -10.02
C CYS G 18 -26.38 3.54 -9.29
N GLY G 19 -25.21 3.86 -8.74
CA GLY G 19 -24.99 5.15 -8.09
C GLY G 19 -25.00 5.02 -6.57
N GLU G 20 -25.48 3.90 -6.07
CA GLU G 20 -25.54 3.65 -4.65
C GLU G 20 -24.31 2.89 -4.15
N GLY G 21 -23.42 2.54 -5.08
CA GLY G 21 -22.27 1.70 -4.73
C GLY G 21 -22.63 0.23 -4.83
N HIS G 22 -23.84 -0.03 -5.32
CA HIS G 22 -24.35 -1.39 -5.48
C HIS G 22 -24.90 -1.59 -6.88
N SER G 23 -24.80 -2.81 -7.38
CA SER G 23 -25.31 -3.14 -8.71
C SER G 23 -26.81 -3.36 -8.70
N CYS G 24 -27.44 -3.18 -9.86
CA CYS G 24 -28.87 -3.46 -10.05
C CYS G 24 -29.19 -3.49 -11.54
N HIS G 25 -30.42 -3.88 -11.86
CA HIS G 25 -30.89 -3.73 -13.24
C HIS G 25 -31.42 -2.31 -13.43
N SER G 26 -31.11 -1.72 -14.57
CA SER G 26 -31.46 -0.33 -14.82
C SER G 26 -31.80 -0.07 -16.29
N PRO G 27 -32.67 0.92 -16.56
CA PRO G 27 -32.97 1.48 -17.85
C PRO G 27 -31.77 2.20 -18.43
N VAL G 28 -30.83 2.56 -17.56
CA VAL G 28 -29.62 3.21 -18.00
C VAL G 28 -28.47 2.22 -17.95
N ALA G 29 -27.82 2.04 -19.08
CA ALA G 29 -26.68 1.13 -19.13
C ALA G 29 -25.74 1.56 -20.25
N LEU G 30 -24.46 1.29 -20.06
CA LEU G 30 -23.46 1.58 -21.07
C LEU G 30 -22.98 0.28 -21.69
N GLU G 31 -23.01 0.20 -23.01
CA GLU G 31 -22.57 -1.01 -23.70
C GLU G 31 -21.16 -0.86 -24.21
N ARG G 32 -20.88 0.29 -24.81
CA ARG G 32 -19.56 0.53 -25.41
C ARG G 32 -19.12 1.98 -25.23
N ILE G 33 -17.84 2.17 -24.96
CA ILE G 33 -17.26 3.50 -24.97
C ILE G 33 -16.20 3.56 -26.06
N ARG G 34 -16.43 4.43 -27.05
CA ARG G 34 -15.52 4.51 -28.18
C ARG G 34 -14.77 5.83 -28.19
N ASN G 35 -13.45 5.76 -28.28
CA ASN G 35 -12.61 6.94 -28.25
C ASN G 35 -11.57 6.96 -29.36
N GLU G 36 -11.97 6.56 -30.57
CA GLU G 36 -11.04 6.53 -31.70
C GLU G 36 -10.59 7.94 -32.09
N ALA G 37 -11.46 8.91 -31.89
CA ALA G 37 -11.14 10.30 -32.23
C ALA G 37 -9.99 10.80 -31.37
N THR G 38 -9.15 11.65 -31.95
CA THR G 38 -7.98 12.17 -31.24
C THR G 38 -8.22 13.57 -30.70
N ASP G 39 -9.39 14.14 -31.00
CA ASP G 39 -9.71 15.48 -30.51
C ASP G 39 -10.31 15.42 -29.11
N GLY G 40 -10.41 14.21 -28.57
CA GLY G 40 -10.89 14.01 -27.20
C GLY G 40 -12.38 13.74 -27.10
N THR G 41 -13.08 13.74 -28.21
CA THR G 41 -14.53 13.49 -28.20
C THR G 41 -14.83 12.04 -27.90
N LEU G 42 -15.80 11.78 -27.03
CA LEU G 42 -16.21 10.42 -26.73
C LEU G 42 -17.53 10.07 -27.38
N LYS G 43 -17.64 8.82 -27.83
CA LYS G 43 -18.88 8.30 -28.39
C LYS G 43 -19.40 7.15 -27.52
N ILE G 44 -20.56 7.37 -26.91
CA ILE G 44 -21.07 6.42 -25.92
C ILE G 44 -22.32 5.69 -26.41
N GLN G 45 -22.30 4.36 -26.34
CA GLN G 45 -23.46 3.55 -26.73
C GLN G 45 -24.26 3.12 -25.51
N VAL G 46 -25.54 3.47 -25.49
CA VAL G 46 -26.42 3.21 -24.34
C VAL G 46 -27.69 2.47 -24.72
N SER G 47 -28.38 1.94 -23.72
CA SER G 47 -29.62 1.19 -23.91
C SER G 47 -30.85 2.09 -24.13
N LEU G 48 -30.67 3.39 -23.91
CA LEU G 48 -31.73 4.38 -24.09
C LEU G 48 -31.87 4.79 -25.55
N GLN G 49 -33.08 5.18 -25.95
CA GLN G 49 -33.29 5.67 -27.31
C GLN G 49 -33.67 7.15 -27.32
N ILE G 50 -32.79 7.98 -27.88
CA ILE G 50 -32.99 9.42 -27.88
C ILE G 50 -33.51 9.93 -29.22
N GLY G 51 -34.58 10.73 -29.17
CA GLY G 51 -35.18 11.30 -30.37
C GLY G 51 -36.40 10.51 -30.82
N ILE G 52 -36.58 9.34 -30.22
CA ILE G 52 -37.71 8.50 -30.57
C ILE G 52 -38.71 8.44 -29.42
N LYS G 53 -39.97 8.73 -29.71
CA LYS G 53 -41.03 8.66 -28.70
C LYS G 53 -41.70 7.30 -28.70
N THR G 54 -42.52 7.04 -27.68
CA THR G 54 -43.20 5.76 -27.56
C THR G 54 -44.25 5.57 -28.65
N ASP G 55 -44.61 6.65 -29.32
CA ASP G 55 -45.56 6.60 -30.43
C ASP G 55 -44.83 6.51 -31.77
N ASP G 56 -43.51 6.30 -31.71
CA ASP G 56 -42.64 6.15 -32.87
C ASP G 56 -42.48 7.43 -33.69
N SER G 57 -42.92 8.56 -33.14
CA SER G 57 -42.69 9.84 -33.80
C SER G 57 -41.29 10.36 -33.52
N HIS G 58 -40.84 11.32 -34.31
CA HIS G 58 -39.53 11.92 -34.13
C HIS G 58 -39.63 13.25 -33.39
N ASP G 59 -38.99 13.31 -32.22
CA ASP G 59 -39.00 14.50 -31.38
C ASP G 59 -37.66 14.67 -30.69
N TRP G 60 -36.90 15.68 -31.11
CA TRP G 60 -35.53 15.86 -30.65
C TRP G 60 -35.46 16.27 -29.17
N THR G 61 -36.59 16.62 -28.59
CA THR G 61 -36.62 17.06 -27.20
C THR G 61 -36.94 15.90 -26.25
N LYS G 62 -37.22 14.72 -26.80
CA LYS G 62 -37.65 13.59 -25.98
C LYS G 62 -36.80 12.34 -26.19
N LEU G 63 -36.68 11.55 -25.13
CA LEU G 63 -36.08 10.23 -25.21
C LEU G 63 -37.08 9.20 -24.68
N ARG G 64 -36.92 7.95 -25.08
CA ARG G 64 -37.76 6.90 -24.54
C ARG G 64 -36.92 5.81 -23.89
N TYR G 65 -37.45 5.25 -22.81
CA TYR G 65 -36.75 4.26 -22.01
C TYR G 65 -37.68 3.12 -21.66
N MET G 66 -37.11 1.98 -21.31
CA MET G 66 -37.95 0.85 -20.92
C MET G 66 -38.35 0.94 -19.46
N ASP G 67 -39.62 0.70 -19.19
CA ASP G 67 -40.16 0.72 -17.84
C ASP G 67 -40.93 -0.57 -17.60
N ASN G 68 -40.29 -1.51 -16.92
CA ASN G 68 -40.86 -2.85 -16.77
C ASN G 68 -41.13 -3.49 -18.14
N HIS G 69 -42.40 -3.61 -18.52
CA HIS G 69 -42.74 -4.26 -19.78
C HIS G 69 -43.19 -3.29 -20.87
N MET G 70 -43.08 -1.99 -20.60
CA MET G 70 -43.51 -0.98 -21.56
C MET G 70 -42.47 0.13 -21.72
N PRO G 71 -42.30 0.67 -22.92
CA PRO G 71 -41.62 1.92 -23.24
C PRO G 71 -42.29 3.11 -22.57
N ALA G 72 -41.51 4.11 -22.20
CA ALA G 72 -42.03 5.33 -21.59
C ALA G 72 -41.22 6.54 -22.03
N ASP G 73 -41.87 7.70 -22.08
CA ASP G 73 -41.21 8.94 -22.50
C ASP G 73 -40.52 9.66 -21.34
N ALA G 74 -39.49 10.42 -21.66
CA ALA G 74 -38.81 11.28 -20.71
C ALA G 74 -38.20 12.50 -21.41
N GLU G 75 -38.00 13.57 -20.66
CA GLU G 75 -37.43 14.80 -21.24
C GLU G 75 -35.94 14.64 -21.53
N ARG G 76 -35.51 15.09 -22.70
CA ARG G 76 -34.10 15.05 -23.07
C ARG G 76 -33.29 16.01 -22.22
N ALA G 77 -33.96 17.01 -21.69
CA ALA G 77 -33.30 18.03 -20.89
C ALA G 77 -32.70 17.43 -19.62
N GLY G 78 -33.21 16.27 -19.21
CA GLY G 78 -32.74 15.64 -17.99
C GLY G 78 -31.55 14.72 -18.23
N LEU G 79 -31.14 14.59 -19.49
CA LEU G 79 -30.03 13.71 -19.85
C LEU G 79 -28.70 14.35 -19.51
N PHE G 80 -27.83 13.59 -18.85
CA PHE G 80 -26.49 14.11 -18.55
C PHE G 80 -25.41 13.07 -18.72
N VAL G 81 -24.20 13.55 -18.99
CA VAL G 81 -23.01 12.72 -19.04
C VAL G 81 -21.94 13.34 -18.15
N ARG G 82 -21.29 12.51 -17.33
CA ARG G 82 -20.30 13.03 -16.39
C ARG G 82 -19.08 12.12 -16.24
N THR G 83 -17.92 12.72 -16.00
CA THR G 83 -16.72 11.98 -15.62
C THR G 83 -16.21 12.48 -14.29
N SER G 84 -15.17 13.30 -14.34
CA SER G 84 -14.66 13.97 -13.16
C SER G 84 -15.42 15.27 -12.95
N ALA G 85 -16.13 15.66 -13.99
CA ALA G 85 -16.93 16.87 -14.03
C ALA G 85 -17.96 16.72 -15.15
N PRO G 86 -19.04 17.49 -15.15
CA PRO G 86 -20.10 17.46 -16.13
C PRO G 86 -19.54 17.62 -17.55
N CYS G 87 -20.03 16.80 -18.47
CA CYS G 87 -19.59 16.79 -19.86
C CYS G 87 -20.52 17.62 -20.74
N THR G 88 -20.00 18.12 -21.85
CA THR G 88 -20.84 18.82 -22.81
C THR G 88 -21.29 17.88 -23.90
N ILE G 89 -22.61 17.79 -24.10
CA ILE G 89 -23.16 16.93 -25.14
C ILE G 89 -23.22 17.68 -26.46
N THR G 90 -22.66 17.09 -27.50
CA THR G 90 -22.58 17.76 -28.80
C THR G 90 -23.70 17.31 -29.71
N GLY G 91 -24.31 16.18 -29.40
CA GLY G 91 -25.46 15.70 -30.15
C GLY G 91 -25.81 14.26 -29.78
N THR G 92 -27.03 13.86 -30.11
CA THR G 92 -27.52 12.52 -29.79
C THR G 92 -28.40 11.96 -30.90
N MET G 93 -28.44 10.64 -30.98
CA MET G 93 -29.39 9.94 -31.84
C MET G 93 -29.50 8.47 -31.47
N GLY G 94 -30.72 8.03 -31.19
CA GLY G 94 -30.92 6.62 -30.90
C GLY G 94 -30.14 6.20 -29.68
N HIS G 95 -29.26 5.23 -29.86
CA HIS G 95 -28.46 4.68 -28.77
C HIS G 95 -27.08 5.30 -28.66
N PHE G 96 -26.81 6.33 -29.45
CA PHE G 96 -25.48 6.91 -29.45
C PHE G 96 -25.45 8.36 -28.98
N ILE G 97 -24.54 8.65 -28.04
CA ILE G 97 -24.35 10.00 -27.51
C ILE G 97 -22.95 10.52 -27.78
N LEU G 98 -22.84 11.73 -28.33
CA LEU G 98 -21.55 12.37 -28.51
C LEU G 98 -21.36 13.45 -27.45
N ALA G 99 -20.24 13.40 -26.75
CA ALA G 99 -19.97 14.39 -25.71
C ALA G 99 -18.47 14.63 -25.53
N ARG G 100 -18.13 15.83 -25.08
CA ARG G 100 -16.76 16.19 -24.76
C ARG G 100 -16.57 16.24 -23.24
N CYS G 101 -15.84 15.25 -22.70
CA CYS G 101 -15.66 15.11 -21.26
C CYS G 101 -14.27 15.57 -20.80
N PRO G 102 -14.20 16.21 -19.62
CA PRO G 102 -13.02 16.46 -18.83
C PRO G 102 -12.33 15.17 -18.39
N LYS G 103 -11.01 15.25 -18.26
CA LYS G 103 -10.17 14.11 -17.89
C LYS G 103 -10.59 13.49 -16.56
N GLY G 104 -10.63 12.16 -16.52
CA GLY G 104 -11.03 11.44 -15.31
C GLY G 104 -10.88 9.93 -15.49
N GLU G 105 -11.16 9.19 -14.43
CA GLU G 105 -10.99 7.73 -14.43
C GLU G 105 -12.31 6.97 -14.53
N THR G 106 -13.43 7.69 -14.46
CA THR G 106 -14.74 7.05 -14.53
C THR G 106 -15.66 7.79 -15.48
N LEU G 107 -16.69 7.10 -15.95
CA LEU G 107 -17.70 7.69 -16.82
C LEU G 107 -19.10 7.24 -16.44
N THR G 108 -20.02 8.18 -16.30
CA THR G 108 -21.40 7.82 -15.99
C THR G 108 -22.40 8.57 -16.85
N VAL G 109 -23.57 7.96 -17.01
CA VAL G 109 -24.67 8.55 -17.76
C VAL G 109 -25.97 8.38 -16.97
N GLY G 110 -26.91 9.31 -17.13
CA GLY G 110 -28.20 9.15 -16.47
C GLY G 110 -29.24 10.15 -16.94
N PHE G 111 -30.47 9.98 -16.47
CA PHE G 111 -31.60 10.83 -16.86
C PHE G 111 -32.69 10.78 -15.80
N THR G 112 -33.63 11.71 -15.87
CA THR G 112 -34.79 11.71 -14.98
C THR G 112 -36.01 11.14 -15.71
N ASP G 113 -36.68 10.17 -15.09
CA ASP G 113 -37.80 9.49 -15.71
C ASP G 113 -39.13 10.22 -15.51
N SER G 114 -40.21 9.60 -15.96
CA SER G 114 -41.53 10.22 -15.93
C SER G 114 -42.10 10.35 -14.52
N ARG G 115 -41.47 9.67 -13.56
CA ARG G 115 -41.92 9.67 -12.18
C ARG G 115 -41.02 10.55 -11.33
N LYS G 116 -40.16 11.32 -12.00
CA LYS G 116 -39.19 12.18 -11.34
C LYS G 116 -38.20 11.38 -10.49
N ILE G 117 -37.83 10.20 -10.98
CA ILE G 117 -36.82 9.39 -10.32
C ILE G 117 -35.54 9.40 -11.14
N SER G 118 -34.42 9.68 -10.49
CA SER G 118 -33.15 9.72 -11.18
C SER G 118 -32.61 8.32 -11.43
N HIS G 119 -32.16 8.07 -12.66
CA HIS G 119 -31.54 6.80 -13.01
C HIS G 119 -30.16 7.05 -13.61
N SER G 120 -29.19 6.24 -13.22
CA SER G 120 -27.85 6.39 -13.74
C SER G 120 -27.09 5.06 -13.73
N CYS G 121 -26.01 5.01 -14.50
CA CYS G 121 -25.10 3.86 -14.53
C CYS G 121 -23.66 4.33 -14.61
N THR G 122 -22.80 3.76 -13.78
CA THR G 122 -21.40 4.16 -13.74
C THR G 122 -20.47 3.02 -14.09
N HIS G 123 -19.53 3.29 -14.99
CA HIS G 123 -18.51 2.34 -15.37
C HIS G 123 -17.13 2.96 -15.25
N PRO G 124 -16.10 2.17 -14.97
CA PRO G 124 -14.70 2.55 -15.00
C PRO G 124 -14.30 2.86 -16.43
N PHE G 125 -13.54 3.93 -16.63
CA PHE G 125 -13.08 4.28 -17.96
C PHE G 125 -11.93 5.27 -17.88
N HIS G 126 -10.80 4.91 -18.48
CA HIS G 126 -9.66 5.80 -18.46
C HIS G 126 -9.76 6.80 -19.58
N HIS G 127 -9.95 8.06 -19.23
CA HIS G 127 -10.11 9.11 -20.22
C HIS G 127 -8.97 10.11 -20.14
N ASP G 128 -8.07 10.03 -21.10
CA ASP G 128 -6.87 10.86 -21.12
C ASP G 128 -6.42 11.07 -22.56
N PRO G 129 -6.98 12.05 -23.26
CA PRO G 129 -6.80 12.31 -24.68
C PRO G 129 -5.33 12.49 -25.01
N PRO G 130 -4.92 12.08 -26.22
CA PRO G 130 -3.57 12.15 -26.74
C PRO G 130 -3.16 13.59 -26.99
N VAL G 131 -1.87 13.85 -26.96
CA VAL G 131 -1.37 15.18 -27.20
C VAL G 131 -1.18 15.46 -28.68
N ILE G 132 -1.73 16.57 -29.15
CA ILE G 132 -1.56 16.98 -30.52
C ILE G 132 -0.48 18.05 -30.60
N GLY G 133 0.58 17.77 -31.34
CA GLY G 133 1.71 18.68 -31.40
C GLY G 133 2.68 18.40 -30.25
N ARG G 134 3.56 19.36 -29.98
CA ARG G 134 4.61 19.17 -28.99
C ARG G 134 4.36 19.98 -27.71
N GLU G 135 3.15 20.51 -27.58
CA GLU G 135 2.79 21.27 -26.39
C GLU G 135 1.54 20.68 -25.73
N LYS G 136 1.52 20.66 -24.40
CA LYS G 136 0.36 20.15 -23.68
C LYS G 136 -0.52 21.28 -23.20
N PHE G 137 -1.69 21.43 -23.79
CA PHE G 137 -2.58 22.54 -23.45
C PHE G 137 -3.92 22.04 -22.95
N HIS G 138 -4.59 22.86 -22.15
CA HIS G 138 -5.86 22.47 -21.55
C HIS G 138 -7.08 23.10 -22.24
N SER G 139 -6.83 24.06 -23.12
CA SER G 139 -7.92 24.71 -23.84
C SER G 139 -7.46 25.22 -25.19
N ARG G 140 -8.42 25.42 -26.09
CA ARG G 140 -8.12 25.94 -27.42
C ARG G 140 -7.76 27.42 -27.36
N PRO G 141 -6.61 27.81 -27.94
CA PRO G 141 -6.10 29.16 -28.04
C PRO G 141 -6.82 29.96 -29.11
N GLN G 142 -6.69 31.28 -29.07
CA GLN G 142 -7.26 32.13 -30.10
C GLN G 142 -6.35 32.20 -31.31
N HIS G 143 -5.04 32.06 -31.08
CA HIS G 143 -4.06 32.12 -32.15
C HIS G 143 -3.05 31.00 -32.01
N GLY G 144 -2.67 30.38 -33.14
CA GLY G 144 -1.71 29.28 -33.10
C GLY G 144 -1.62 28.54 -34.43
N LYS G 145 -0.96 27.39 -34.39
CA LYS G 145 -0.73 26.56 -35.56
C LYS G 145 -1.85 25.54 -35.73
N GLU G 146 -2.04 25.04 -36.94
CA GLU G 146 -3.08 24.06 -37.18
C GLU G 146 -2.52 22.72 -37.64
N LEU G 147 -2.92 21.65 -36.94
CA LEU G 147 -2.42 20.30 -37.22
C LEU G 147 -3.58 19.32 -37.45
N PRO G 148 -3.38 18.27 -38.26
CA PRO G 148 -4.30 17.18 -38.52
C PRO G 148 -4.73 16.43 -37.25
N CYS G 149 -6.02 16.08 -37.18
CA CYS G 149 -6.60 15.32 -36.08
C CYS G 149 -7.88 14.61 -36.51
N SER G 150 -8.41 13.73 -35.67
CA SER G 150 -9.65 13.03 -36.00
C SER G 150 -10.79 13.41 -35.06
N THR G 151 -11.99 13.51 -35.63
CA THR G 151 -13.19 13.84 -34.86
C THR G 151 -14.37 12.98 -35.29
N TYR G 152 -15.46 13.06 -34.53
CA TYR G 152 -16.71 12.44 -34.93
C TYR G 152 -17.62 13.49 -35.54
N VAL G 153 -18.18 13.17 -36.70
CA VAL G 153 -19.03 14.10 -37.43
C VAL G 153 -20.47 13.98 -36.94
N GLN G 154 -21.17 15.11 -36.88
CA GLN G 154 -22.54 15.13 -36.37
C GLN G 154 -23.53 14.49 -37.35
N SER G 155 -23.04 14.17 -38.55
CA SER G 155 -23.86 13.57 -39.60
C SER G 155 -24.43 12.23 -39.19
N THR G 156 -25.65 11.96 -39.65
CA THR G 156 -26.36 10.73 -39.34
C THR G 156 -26.43 9.79 -40.54
N ALA G 157 -25.65 10.10 -41.58
CA ALA G 157 -25.67 9.30 -42.81
C ALA G 157 -25.33 7.84 -42.52
N ALA G 158 -24.43 7.62 -41.56
CA ALA G 158 -24.08 6.28 -41.13
C ALA G 158 -23.69 5.38 -42.30
N THR G 159 -22.83 5.88 -43.17
CA THR G 159 -22.42 5.11 -44.33
C THR G 159 -21.76 3.80 -43.92
N THR G 160 -22.25 2.70 -44.48
CA THR G 160 -21.73 1.35 -44.23
C THR G 160 -21.34 1.09 -42.78
N GLU G 161 -22.16 1.51 -41.84
CA GLU G 161 -22.00 1.08 -40.45
C GLU G 161 -23.35 0.63 -39.89
N GLU G 162 -23.38 -0.53 -39.24
CA GLU G 162 -24.65 -1.08 -38.77
C GLU G 162 -24.51 -1.89 -37.49
N ILE G 163 -25.61 -1.95 -36.74
CA ILE G 163 -25.72 -2.79 -35.55
C ILE G 163 -26.89 -3.76 -35.69
N GLU G 164 -26.70 -5.00 -35.27
CA GLU G 164 -27.75 -6.02 -35.37
C GLU G 164 -28.82 -5.86 -34.31
N VAL G 165 -30.08 -6.11 -34.71
CA VAL G 165 -31.20 -6.14 -33.78
C VAL G 165 -32.02 -7.41 -34.00
N HIS G 166 -32.71 -7.87 -32.95
CA HIS G 166 -33.53 -9.07 -33.07
C HIS G 166 -34.57 -9.19 -31.97
N MET G 167 -35.46 -10.15 -32.13
CA MET G 167 -36.51 -10.39 -31.14
C MET G 167 -35.87 -10.70 -29.78
N PRO G 168 -36.48 -10.18 -28.70
CA PRO G 168 -36.04 -10.30 -27.32
C PRO G 168 -36.24 -11.71 -26.79
N PRO G 169 -35.55 -12.05 -25.70
CA PRO G 169 -35.74 -13.21 -24.86
C PRO G 169 -36.99 -13.08 -24.03
N ASP G 170 -37.50 -14.21 -23.57
CA ASP G 170 -38.64 -14.20 -22.67
C ASP G 170 -38.29 -13.39 -21.43
N THR G 171 -39.24 -12.60 -20.94
CA THR G 171 -38.98 -11.75 -19.78
C THR G 171 -39.75 -12.23 -18.54
N PRO G 172 -39.05 -12.83 -17.57
CA PRO G 172 -39.56 -13.30 -16.29
C PRO G 172 -40.15 -12.17 -15.49
N ASP G 173 -41.24 -12.44 -14.80
CA ASP G 173 -41.85 -11.45 -13.92
C ASP G 173 -42.59 -12.11 -12.77
N ARG G 174 -42.04 -12.00 -11.57
CA ARG G 174 -42.59 -12.65 -10.39
C ARG G 174 -43.94 -12.08 -9.96
N THR G 175 -44.28 -10.89 -10.47
CA THR G 175 -45.50 -10.23 -10.03
C THR G 175 -46.72 -10.69 -10.82
N LEU G 176 -46.49 -11.48 -11.88
CA LEU G 176 -47.59 -12.01 -12.66
C LEU G 176 -48.34 -13.08 -11.87
N MET G 177 -47.58 -13.85 -11.10
CA MET G 177 -48.12 -14.97 -10.37
C MET G 177 -48.69 -14.57 -9.01
N SER G 178 -49.84 -13.92 -9.04
CA SER G 178 -50.53 -13.54 -7.81
C SER G 178 -51.14 -14.78 -7.17
N GLN G 179 -51.14 -14.81 -5.84
CA GLN G 179 -51.70 -15.97 -5.14
C GLN G 179 -53.06 -15.65 -4.54
N GLN G 180 -54.09 -16.36 -5.01
CA GLN G 180 -55.45 -16.14 -4.54
C GLN G 180 -56.10 -17.45 -4.11
N SER G 181 -56.61 -17.46 -2.89
CA SER G 181 -57.27 -18.65 -2.34
C SER G 181 -56.38 -19.88 -2.43
N GLY G 182 -55.07 -19.68 -2.25
CA GLY G 182 -54.13 -20.78 -2.24
C GLY G 182 -53.72 -21.24 -3.64
N ASN G 183 -54.14 -20.51 -4.67
CA ASN G 183 -53.84 -20.89 -6.05
C ASN G 183 -53.13 -19.78 -6.82
N VAL G 184 -52.84 -19.99 -8.10
CA VAL G 184 -52.10 -18.99 -8.86
C VAL G 184 -52.91 -18.21 -9.87
N LYS G 185 -52.97 -16.89 -9.73
CA LYS G 185 -53.68 -16.02 -10.70
C LYS G 185 -53.15 -15.85 -12.15
N ILE G 186 -51.85 -15.80 -12.34
CA ILE G 186 -51.28 -15.68 -13.68
C ILE G 186 -51.93 -14.56 -14.46
N THR G 187 -51.95 -13.36 -13.88
CA THR G 187 -52.51 -12.23 -14.59
C THR G 187 -51.79 -12.01 -15.91
N VAL G 188 -52.53 -11.78 -16.97
CA VAL G 188 -51.92 -11.66 -18.29
C VAL G 188 -51.49 -10.25 -18.45
N ASN G 189 -52.22 -9.36 -17.82
CA ASN G 189 -51.90 -7.94 -17.86
C ASN G 189 -51.65 -7.42 -19.27
N GLY G 190 -52.40 -7.91 -20.25
CA GLY G 190 -52.36 -7.40 -21.60
C GLY G 190 -51.27 -8.02 -22.49
N GLN G 191 -50.41 -8.86 -21.92
CA GLN G 191 -49.33 -9.46 -22.70
C GLN G 191 -49.31 -10.97 -22.53
N THR G 192 -49.08 -11.70 -23.62
CA THR G 192 -49.07 -13.17 -23.56
C THR G 192 -48.02 -13.68 -22.59
N VAL G 193 -48.45 -14.57 -21.71
CA VAL G 193 -47.57 -15.11 -20.67
C VAL G 193 -47.40 -16.62 -20.77
N ARG G 194 -46.16 -17.05 -20.67
CA ARG G 194 -45.85 -18.48 -20.57
C ARG G 194 -45.76 -18.86 -19.10
N TYR G 195 -46.40 -19.95 -18.73
CA TYR G 195 -46.36 -20.40 -17.34
C TYR G 195 -45.96 -21.86 -17.21
N LYS G 196 -45.19 -22.15 -16.16
CA LYS G 196 -44.81 -23.51 -15.81
C LYS G 196 -44.78 -23.67 -14.29
N CYS G 197 -45.36 -24.75 -13.77
CA CYS G 197 -45.43 -24.99 -12.33
C CYS G 197 -45.05 -26.42 -11.97
N ASN G 198 -44.34 -26.58 -10.85
CA ASN G 198 -44.01 -27.92 -10.37
C ASN G 198 -45.14 -28.47 -9.51
N CYS G 199 -46.32 -28.56 -10.13
CA CYS G 199 -47.55 -28.99 -9.45
C CYS G 199 -48.28 -30.05 -10.29
N GLY G 200 -47.54 -30.73 -11.15
CA GLY G 200 -48.16 -31.65 -12.08
C GLY G 200 -48.84 -30.87 -13.18
N GLY G 201 -48.28 -29.70 -13.51
CA GLY G 201 -48.86 -28.78 -14.48
C GLY G 201 -48.70 -29.28 -15.91
N SER G 202 -49.43 -30.33 -16.24
CA SER G 202 -49.42 -30.89 -17.59
C SER G 202 -50.06 -29.91 -18.57
N ASN G 203 -50.72 -28.90 -18.03
CA ASN G 203 -51.39 -27.87 -18.80
C ASN G 203 -50.53 -26.62 -18.93
N GLU G 204 -49.23 -26.76 -18.66
CA GLU G 204 -48.29 -25.66 -18.81
C GLU G 204 -48.28 -25.19 -20.25
N GLY G 205 -48.04 -23.89 -20.45
CA GLY G 205 -48.12 -23.34 -21.79
C GLY G 205 -48.35 -21.83 -21.78
N LEU G 206 -49.00 -21.34 -22.83
CA LEU G 206 -49.21 -19.91 -23.02
C LEU G 206 -50.61 -19.48 -22.64
N THR G 207 -50.75 -18.25 -22.17
CA THR G 207 -52.09 -17.70 -21.96
C THR G 207 -52.20 -16.26 -22.46
N THR G 208 -53.40 -15.90 -22.88
CA THR G 208 -53.72 -14.53 -23.26
C THR G 208 -54.75 -13.95 -22.29
N THR G 209 -55.18 -14.78 -21.34
CA THR G 209 -56.16 -14.37 -20.33
C THR G 209 -55.75 -14.85 -18.96
N ASP G 210 -56.34 -14.27 -17.92
CA ASP G 210 -56.08 -14.73 -16.56
C ASP G 210 -56.58 -16.16 -16.38
N LYS G 211 -55.79 -16.98 -15.69
CA LYS G 211 -56.16 -18.37 -15.45
C LYS G 211 -55.79 -18.77 -14.03
N VAL G 212 -56.53 -19.71 -13.46
CA VAL G 212 -56.19 -20.17 -12.12
C VAL G 212 -55.67 -21.59 -12.13
N ILE G 213 -54.49 -21.79 -11.55
CA ILE G 213 -53.89 -23.10 -11.43
C ILE G 213 -54.23 -23.66 -10.06
N ASN G 214 -55.04 -24.71 -10.05
CA ASN G 214 -55.59 -25.25 -8.81
C ASN G 214 -54.59 -26.08 -8.03
N ASN G 215 -54.68 -26.00 -6.70
CA ASN G 215 -53.84 -26.78 -5.80
C ASN G 215 -52.36 -26.55 -6.06
N CYS G 216 -51.97 -25.30 -6.30
CA CYS G 216 -50.58 -24.95 -6.60
C CYS G 216 -50.23 -23.59 -6.00
N LYS G 217 -49.01 -23.48 -5.48
CA LYS G 217 -48.56 -22.23 -4.88
C LYS G 217 -47.63 -21.46 -5.82
N VAL G 218 -47.51 -20.16 -5.60
CA VAL G 218 -46.67 -19.33 -6.46
C VAL G 218 -45.19 -19.70 -6.33
N ASP G 219 -44.81 -20.26 -5.20
CA ASP G 219 -43.43 -20.66 -4.96
C ASP G 219 -43.02 -21.80 -5.87
N GLN G 220 -44.00 -22.48 -6.43
CA GLN G 220 -43.77 -23.62 -7.31
C GLN G 220 -43.82 -23.25 -8.81
N CYS G 221 -44.09 -21.96 -9.12
CA CYS G 221 -44.34 -21.51 -10.49
C CYS G 221 -43.32 -20.51 -11.01
N HIS G 222 -43.19 -20.49 -12.33
CA HIS G 222 -42.39 -19.51 -13.05
C HIS G 222 -43.19 -18.97 -14.23
N ALA G 223 -43.03 -17.69 -14.55
CA ALA G 223 -43.77 -17.12 -15.67
C ALA G 223 -42.98 -15.99 -16.34
N ALA G 224 -43.21 -15.83 -17.64
CA ALA G 224 -42.54 -14.79 -18.42
C ALA G 224 -43.39 -14.34 -19.60
N VAL G 225 -43.15 -13.13 -20.08
CA VAL G 225 -43.82 -12.65 -21.28
C VAL G 225 -43.05 -13.08 -22.53
N THR G 226 -43.76 -13.73 -23.46
CA THR G 226 -43.10 -14.32 -24.63
C THR G 226 -43.44 -13.65 -25.95
N ASN G 227 -44.54 -12.92 -26.01
CA ASN G 227 -44.99 -12.36 -27.28
C ASN G 227 -44.59 -10.90 -27.41
N HIS G 228 -43.60 -10.64 -28.25
CA HIS G 228 -43.08 -9.29 -28.42
C HIS G 228 -43.06 -8.90 -29.89
N LYS G 229 -43.33 -7.64 -30.17
CA LYS G 229 -43.38 -7.15 -31.55
C LYS G 229 -42.18 -6.29 -31.90
N LYS G 230 -41.59 -5.65 -30.90
CA LYS G 230 -40.45 -4.77 -31.14
C LYS G 230 -39.15 -5.52 -30.89
N TRP G 231 -38.12 -5.17 -31.65
CA TRP G 231 -36.82 -5.85 -31.57
C TRP G 231 -35.84 -5.08 -30.69
N GLN G 232 -34.86 -5.80 -30.15
CA GLN G 232 -33.84 -5.20 -29.29
C GLN G 232 -32.45 -5.37 -29.88
N TYR G 233 -31.51 -4.56 -29.39
CA TYR G 233 -30.12 -4.64 -29.84
C TYR G 233 -29.48 -5.95 -29.43
N ASN G 234 -28.55 -6.42 -30.25
CA ASN G 234 -27.82 -7.65 -29.95
C ASN G 234 -26.74 -7.38 -28.92
N SER G 235 -27.18 -7.09 -27.70
CA SER G 235 -26.29 -6.79 -26.59
C SER G 235 -25.85 -8.07 -25.88
N PRO G 236 -24.63 -8.09 -25.35
CA PRO G 236 -24.04 -9.18 -24.59
C PRO G 236 -24.80 -9.46 -23.30
N LEU G 237 -25.62 -8.50 -22.88
CA LEU G 237 -26.39 -8.66 -21.65
C LEU G 237 -27.84 -9.07 -21.91
N VAL G 238 -28.15 -9.40 -23.16
CA VAL G 238 -29.50 -9.81 -23.53
C VAL G 238 -29.50 -11.17 -24.25
N PRO G 239 -29.73 -12.26 -23.51
CA PRO G 239 -29.58 -13.66 -23.93
C PRO G 239 -30.39 -14.04 -25.17
N ARG G 240 -29.81 -14.93 -25.98
CA ARG G 240 -30.44 -15.48 -27.18
C ARG G 240 -31.41 -16.60 -26.83
N ASN G 241 -32.42 -16.80 -27.68
CA ASN G 241 -33.39 -17.86 -27.48
C ASN G 241 -32.98 -19.15 -28.19
N ALA G 242 -31.88 -19.10 -28.93
CA ALA G 242 -31.45 -20.25 -29.71
C ALA G 242 -29.96 -20.17 -30.04
N GLU G 243 -29.39 -21.31 -30.44
CA GLU G 243 -28.00 -21.35 -30.86
C GLU G 243 -27.78 -20.47 -32.10
N LEU G 244 -28.77 -20.45 -32.97
CA LEU G 244 -28.73 -19.59 -34.15
C LEU G 244 -29.37 -18.25 -33.82
N GLY G 245 -28.89 -17.18 -34.44
CA GLY G 245 -29.43 -15.86 -34.17
C GLY G 245 -30.91 -15.80 -34.51
N ASP G 246 -31.66 -15.02 -33.75
CA ASP G 246 -33.11 -14.97 -33.88
C ASP G 246 -33.57 -14.13 -35.07
N ARG G 247 -32.79 -13.12 -35.42
CA ARG G 247 -33.12 -12.24 -36.54
C ARG G 247 -31.86 -11.53 -37.04
N LYS G 248 -31.91 -11.06 -38.29
CA LYS G 248 -30.78 -10.36 -38.89
C LYS G 248 -31.14 -8.92 -39.29
N GLY G 249 -32.03 -8.29 -38.52
CA GLY G 249 -32.40 -6.91 -38.80
C GLY G 249 -31.24 -5.99 -38.43
N LYS G 250 -31.20 -4.81 -39.02
CA LYS G 250 -30.08 -3.91 -38.76
C LYS G 250 -30.50 -2.44 -38.62
N ILE G 251 -29.75 -1.72 -37.81
CA ILE G 251 -29.87 -0.27 -37.68
C ILE G 251 -28.55 0.40 -38.02
N HIS G 252 -28.62 1.48 -38.80
CA HIS G 252 -27.42 2.20 -39.19
C HIS G 252 -26.81 2.92 -37.99
N ILE G 253 -25.48 3.04 -37.98
CA ILE G 253 -24.80 3.72 -36.87
C ILE G 253 -24.33 5.11 -37.25
N PRO G 254 -24.88 6.16 -36.61
CA PRO G 254 -24.63 7.57 -36.86
C PRO G 254 -23.28 8.00 -36.30
N PHE G 255 -22.82 9.16 -36.74
CA PHE G 255 -21.60 9.77 -36.21
C PHE G 255 -20.33 9.01 -36.58
N PRO G 256 -19.93 9.07 -37.86
CA PRO G 256 -18.73 8.50 -38.44
C PRO G 256 -17.48 9.30 -38.04
N LEU G 257 -16.30 8.68 -38.19
CA LEU G 257 -15.02 9.33 -37.87
C LEU G 257 -14.38 9.89 -39.11
N ALA G 258 -14.04 11.18 -39.11
CA ALA G 258 -13.51 11.82 -40.32
C ALA G 258 -12.36 12.77 -40.07
N ASN G 259 -11.55 13.03 -41.09
CA ASN G 259 -10.36 13.86 -40.91
C ASN G 259 -10.60 15.36 -40.80
N VAL G 260 -10.14 15.99 -39.72
CA VAL G 260 -10.31 17.42 -39.50
C VAL G 260 -9.01 18.04 -38.98
N THR G 261 -8.96 19.36 -38.93
CA THR G 261 -7.76 20.04 -38.44
C THR G 261 -8.00 20.72 -37.10
N CYS G 262 -7.08 20.49 -36.15
CA CYS G 262 -7.14 21.05 -34.79
C CYS G 262 -6.15 22.20 -34.61
N ARG G 263 -6.55 23.18 -33.79
CA ARG G 263 -5.70 24.32 -33.46
C ARG G 263 -4.85 24.05 -32.23
N VAL G 264 -3.55 24.37 -32.32
CA VAL G 264 -2.65 24.23 -31.18
C VAL G 264 -1.88 25.54 -30.96
N PRO G 265 -1.56 25.85 -29.70
CA PRO G 265 -0.87 27.06 -29.24
C PRO G 265 0.60 27.06 -29.59
N LYS G 266 1.21 28.24 -29.55
CA LYS G 266 2.65 28.38 -29.69
C LYS G 266 3.28 28.96 -28.44
N ALA G 267 4.35 28.32 -27.97
CA ALA G 267 5.09 28.76 -26.79
C ALA G 267 5.77 30.10 -27.05
N ARG G 268 5.97 30.87 -25.98
CA ARG G 268 6.61 32.17 -26.07
C ARG G 268 8.03 32.08 -26.61
N ASN G 269 8.40 33.08 -27.40
CA ASN G 269 9.77 33.18 -27.90
C ASN G 269 10.74 33.30 -26.72
N PRO G 270 11.80 32.51 -26.70
CA PRO G 270 12.83 32.46 -25.68
C PRO G 270 13.73 33.69 -25.75
N THR G 271 14.34 34.04 -24.62
CA THR G 271 15.36 35.07 -24.62
C THR G 271 16.71 34.44 -24.86
N VAL G 272 17.43 34.94 -25.85
CA VAL G 272 18.66 34.28 -26.28
C VAL G 272 19.89 35.17 -26.22
N THR G 273 20.96 34.64 -25.63
CA THR G 273 22.26 35.29 -25.64
C THR G 273 23.31 34.31 -26.12
N TYR G 274 24.52 34.79 -26.43
CA TYR G 274 25.51 33.92 -27.03
C TYR G 274 26.87 33.96 -26.33
N GLY G 275 27.55 32.83 -26.37
CA GLY G 275 28.93 32.71 -25.89
C GLY G 275 29.78 31.99 -26.91
N LYS G 276 31.01 31.60 -26.53
CA LYS G 276 31.88 30.94 -27.49
C LYS G 276 31.42 29.51 -27.73
N ASN G 277 30.92 29.25 -28.93
CA ASN G 277 30.32 27.98 -29.29
C ASN G 277 29.19 27.60 -28.35
N GLN G 278 28.43 28.60 -27.89
CA GLN G 278 27.30 28.34 -27.00
C GLN G 278 26.08 29.16 -27.35
N VAL G 279 24.91 28.55 -27.16
CA VAL G 279 23.64 29.27 -27.23
C VAL G 279 22.90 29.12 -25.92
N ILE G 280 22.58 30.24 -25.28
CA ILE G 280 21.92 30.20 -23.99
C ILE G 280 20.49 30.73 -24.09
N MET G 281 19.53 29.90 -23.71
CA MET G 281 18.13 30.26 -23.83
C MET G 281 17.42 30.33 -22.49
N LEU G 282 16.54 31.31 -22.35
CA LEU G 282 15.64 31.36 -21.21
C LEU G 282 14.22 31.03 -21.67
N LEU G 283 13.66 29.97 -21.11
CA LEU G 283 12.35 29.50 -21.54
C LEU G 283 11.26 29.98 -20.58
N TYR G 284 10.14 30.43 -21.15
CA TYR G 284 9.03 30.93 -20.36
C TYR G 284 7.69 30.31 -20.78
N PRO G 285 7.48 29.02 -20.54
CA PRO G 285 6.28 28.27 -20.86
C PRO G 285 5.11 28.60 -19.94
N ASP G 286 3.89 28.48 -20.45
CA ASP G 286 2.69 28.53 -19.62
C ASP G 286 2.27 27.13 -19.23
N HIS G 287 2.57 26.19 -20.11
CA HIS G 287 2.18 24.79 -19.96
C HIS G 287 3.32 23.92 -20.48
N PRO G 288 3.41 22.65 -20.08
CA PRO G 288 4.51 21.77 -20.36
C PRO G 288 4.80 21.79 -21.85
N THR G 289 6.06 22.03 -22.18
CA THR G 289 6.48 22.18 -23.56
C THR G 289 7.72 21.35 -23.84
N LEU G 290 7.73 20.65 -24.97
CA LEU G 290 8.88 19.84 -25.33
C LEU G 290 9.96 20.66 -26.01
N LEU G 291 11.20 20.48 -25.53
CA LEU G 291 12.36 21.08 -26.17
C LEU G 291 13.23 19.98 -26.77
N SER G 292 13.60 20.14 -28.03
CA SER G 292 14.45 19.14 -28.67
C SER G 292 15.43 19.78 -29.64
N TYR G 293 16.55 19.11 -29.86
CA TYR G 293 17.56 19.62 -30.78
C TYR G 293 18.41 18.51 -31.37
N ARG G 294 19.02 18.80 -32.51
CA ARG G 294 19.90 17.87 -33.18
C ARG G 294 21.07 18.58 -33.85
N ASN G 295 22.17 17.87 -34.01
CA ASN G 295 23.28 18.37 -34.80
C ASN G 295 22.93 18.21 -36.27
N MET G 296 23.46 19.08 -37.12
CA MET G 296 23.15 19.01 -38.55
C MET G 296 24.24 18.30 -39.34
N GLY G 297 25.09 17.56 -38.64
CA GLY G 297 26.17 16.82 -39.28
C GLY G 297 25.87 15.32 -39.39
N GLU G 298 26.93 14.51 -39.41
CA GLU G 298 26.82 13.07 -39.58
C GLU G 298 26.11 12.40 -38.41
N GLU G 299 26.37 12.89 -37.21
CA GLU G 299 25.80 12.31 -36.00
C GLU G 299 24.94 13.32 -35.24
N PRO G 300 23.62 13.26 -35.41
CA PRO G 300 22.65 14.24 -34.93
C PRO G 300 22.61 14.29 -33.41
N ASN G 301 23.00 13.20 -32.74
CA ASN G 301 23.03 13.20 -31.29
C ASN G 301 21.73 13.76 -30.72
N TYR G 302 20.60 13.25 -31.19
CA TYR G 302 19.31 13.81 -30.80
C TYR G 302 19.06 13.74 -29.31
N GLN G 303 18.62 14.86 -28.75
CA GLN G 303 18.25 14.92 -27.35
C GLN G 303 16.94 15.69 -27.18
N GLU G 304 16.18 15.33 -26.15
CA GLU G 304 14.94 16.05 -25.86
C GLU G 304 14.62 16.03 -24.37
N GLU G 305 13.89 17.06 -23.92
CA GLU G 305 13.41 17.10 -22.54
C GLU G 305 12.13 17.92 -22.44
N TRP G 306 11.32 17.63 -21.43
CA TRP G 306 10.12 18.42 -21.16
C TRP G 306 10.41 19.51 -20.13
N VAL G 307 9.88 20.70 -20.38
CA VAL G 307 10.04 21.81 -19.45
C VAL G 307 8.69 22.27 -18.91
N MET G 308 8.54 22.23 -17.59
CA MET G 308 7.27 22.59 -16.95
C MET G 308 7.36 23.91 -16.19
N HIS G 309 8.46 24.62 -16.34
CA HIS G 309 8.66 25.87 -15.62
C HIS G 309 9.77 26.70 -16.25
N LYS G 310 9.95 27.92 -15.76
CA LYS G 310 11.03 28.75 -16.26
C LYS G 310 12.35 28.03 -16.07
N LYS G 311 13.13 27.95 -17.14
CA LYS G 311 14.41 27.24 -17.08
C LYS G 311 15.47 27.89 -17.94
N GLU G 312 16.71 27.80 -17.49
CA GLU G 312 17.86 28.25 -18.27
C GLU G 312 18.53 27.05 -18.93
N VAL G 313 18.63 27.09 -20.26
CA VAL G 313 19.21 25.98 -21.00
C VAL G 313 20.44 26.41 -21.78
N VAL G 314 21.53 25.68 -21.61
CA VAL G 314 22.77 25.97 -22.33
C VAL G 314 23.11 24.85 -23.29
N LEU G 315 23.18 25.17 -24.58
CA LEU G 315 23.50 24.16 -25.58
C LEU G 315 24.87 24.41 -26.20
N THR G 316 25.57 23.33 -26.52
CA THR G 316 26.86 23.38 -27.18
C THR G 316 26.68 23.39 -28.70
N VAL G 317 27.41 24.26 -29.38
CA VAL G 317 27.28 24.39 -30.83
C VAL G 317 28.43 23.69 -31.58
N PRO G 318 28.10 22.68 -32.40
CA PRO G 318 28.97 21.99 -33.33
C PRO G 318 29.43 22.93 -34.45
N THR G 319 30.56 22.63 -35.07
CA THR G 319 31.07 23.46 -36.15
C THR G 319 30.18 23.39 -37.39
N GLU G 320 29.41 22.31 -37.51
CA GLU G 320 28.50 22.15 -38.63
C GLU G 320 27.16 22.83 -38.41
N GLY G 321 26.93 23.33 -37.19
CA GLY G 321 25.67 24.01 -36.87
C GLY G 321 24.71 23.15 -36.05
N LEU G 322 23.83 23.84 -35.32
CA LEU G 322 22.85 23.22 -34.43
C LEU G 322 21.42 23.65 -34.77
N GLU G 323 20.49 22.70 -34.78
CA GLU G 323 19.08 23.02 -34.97
C GLU G 323 18.28 22.78 -33.69
N VAL G 324 17.51 23.78 -33.29
CA VAL G 324 16.74 23.71 -32.05
C VAL G 324 15.25 23.94 -32.28
N THR G 325 14.42 23.04 -31.75
CA THR G 325 12.96 23.17 -31.88
C THR G 325 12.31 23.39 -30.52
N TRP G 326 11.58 24.50 -30.39
CA TRP G 326 10.90 24.85 -29.15
C TRP G 326 9.39 24.77 -29.29
N GLY G 327 8.80 23.75 -28.70
CA GLY G 327 7.36 23.57 -28.76
C GLY G 327 6.87 23.43 -30.20
N ASN G 328 5.82 24.18 -30.53
CA ASN G 328 5.22 24.13 -31.85
C ASN G 328 5.74 25.25 -32.75
N ASN G 329 6.80 25.93 -32.33
CA ASN G 329 7.37 27.00 -33.12
C ASN G 329 8.32 26.46 -34.18
N GLU G 330 8.52 27.25 -35.24
CA GLU G 330 9.46 26.90 -36.28
C GLU G 330 10.86 26.79 -35.67
N PRO G 331 11.69 25.87 -36.17
CA PRO G 331 13.02 25.55 -35.69
C PRO G 331 13.99 26.69 -35.89
N TYR G 332 14.95 26.81 -34.98
CA TYR G 332 16.01 27.80 -35.07
C TYR G 332 17.30 27.13 -35.47
N LYS G 333 18.13 27.81 -36.25
CA LYS G 333 19.42 27.26 -36.62
C LYS G 333 20.55 28.20 -36.23
N TYR G 334 21.63 27.64 -35.70
CA TYR G 334 22.78 28.43 -35.28
C TYR G 334 24.09 27.88 -35.84
N TRP G 335 24.97 28.79 -36.21
CA TRP G 335 26.33 28.44 -36.63
C TRP G 335 27.34 29.32 -35.91
N PRO G 336 28.50 28.78 -35.54
CA PRO G 336 29.63 29.46 -34.96
C PRO G 336 30.39 30.28 -35.98
N GLN G 337 31.02 31.35 -35.52
CA GLN G 337 31.98 32.10 -36.33
C GLN G 337 33.38 31.91 -35.80
N LEU G 338 34.37 32.22 -36.62
CA LEU G 338 35.75 32.06 -36.22
C LEU G 338 36.22 33.21 -35.33
N SER G 339 35.60 33.31 -34.16
CA SER G 339 35.97 34.34 -33.18
C SER G 339 37.09 33.84 -32.29
N THR G 340 37.87 34.77 -31.74
CA THR G 340 38.95 34.41 -30.84
C THR G 340 39.39 35.59 -29.98
N ASN G 341 40.01 35.28 -28.84
CA ASN G 341 40.58 36.30 -27.99
C ASN G 341 42.07 36.48 -28.27
N GLY G 342 42.57 35.73 -29.25
CA GLY G 342 43.95 35.85 -29.69
C GLY G 342 44.05 36.80 -30.87
N THR G 343 45.24 36.92 -31.44
CA THR G 343 45.41 37.79 -32.60
C THR G 343 46.26 37.13 -33.67
N ALA G 344 46.16 37.65 -34.89
CA ALA G 344 47.00 37.19 -35.98
C ALA G 344 47.93 38.32 -36.40
N HIS G 345 49.05 37.97 -37.02
CA HIS G 345 50.01 38.94 -37.52
C HIS G 345 50.71 39.67 -36.37
N GLY G 346 50.58 39.13 -35.16
CA GLY G 346 51.18 39.72 -33.97
C GLY G 346 52.35 38.90 -33.46
N HIS G 347 52.52 38.89 -32.13
CA HIS G 347 53.61 38.17 -31.49
C HIS G 347 53.32 36.66 -31.48
N PRO G 348 54.35 35.81 -31.50
CA PRO G 348 54.27 34.37 -31.48
C PRO G 348 53.35 33.82 -30.39
N HIS G 349 53.33 34.47 -29.23
CA HIS G 349 52.48 33.99 -28.14
C HIS G 349 51.03 34.41 -28.34
N GLU G 350 50.80 35.34 -29.25
CA GLU G 350 49.46 35.82 -29.56
C GLU G 350 48.90 35.02 -30.74
N ILE G 351 49.81 34.58 -31.61
CA ILE G 351 49.45 33.81 -32.80
C ILE G 351 49.06 32.39 -32.44
N ILE G 352 49.79 31.78 -31.51
CA ILE G 352 49.48 30.42 -31.10
C ILE G 352 48.10 30.36 -30.45
N LEU G 353 47.74 31.41 -29.72
CA LEU G 353 46.42 31.46 -29.09
C LEU G 353 45.34 31.58 -30.14
N TYR G 354 45.60 32.41 -31.15
CA TYR G 354 44.65 32.62 -32.23
C TYR G 354 44.27 31.29 -32.88
N TYR G 355 45.27 30.50 -33.25
CA TYR G 355 45.02 29.24 -33.92
C TYR G 355 44.56 28.15 -32.96
N TYR G 356 45.01 28.21 -31.72
CA TYR G 356 44.60 27.22 -30.73
C TYR G 356 43.10 27.26 -30.49
N GLU G 357 42.56 28.46 -30.29
CA GLU G 357 41.15 28.60 -30.00
C GLU G 357 40.28 28.23 -31.19
N LEU G 358 40.72 28.57 -32.39
CA LEU G 358 39.94 28.27 -33.58
C LEU G 358 39.99 26.79 -33.93
N TYR G 359 41.15 26.17 -33.70
CA TYR G 359 41.34 24.75 -34.02
C TYR G 359 41.96 23.98 -32.86
N PRO G 360 41.17 23.67 -31.82
CA PRO G 360 41.58 23.15 -30.52
C PRO G 360 42.33 21.82 -30.62
N THR G 361 42.15 21.09 -31.70
CA THR G 361 42.78 19.79 -31.78
C THR G 361 44.00 19.83 -32.65
N MET G 362 43.83 20.24 -33.89
CA MET G 362 44.95 20.21 -34.79
C MET G 362 46.09 21.12 -34.37
N THR G 363 45.78 22.31 -33.88
CA THR G 363 46.85 23.25 -33.54
C THR G 363 47.75 22.56 -32.60
N VAL G 364 47.17 21.78 -31.73
CA VAL G 364 47.95 21.08 -30.72
C VAL G 364 48.76 19.94 -31.34
N VAL G 365 48.14 19.18 -32.23
CA VAL G 365 48.83 18.07 -32.86
C VAL G 365 49.97 18.53 -33.74
N VAL G 366 49.74 19.58 -34.53
CA VAL G 366 50.78 20.07 -35.42
C VAL G 366 51.97 20.62 -34.65
N VAL G 367 51.70 21.38 -33.61
CA VAL G 367 52.77 21.97 -32.81
C VAL G 367 53.52 20.92 -32.02
N SER G 368 52.80 19.97 -31.44
CA SER G 368 53.43 18.92 -30.65
C SER G 368 54.35 18.05 -31.51
N VAL G 369 53.89 17.71 -32.71
CA VAL G 369 54.69 16.90 -33.61
C VAL G 369 55.88 17.68 -34.15
N ALA G 370 55.65 18.92 -34.56
CA ALA G 370 56.73 19.73 -35.10
C ALA G 370 57.81 19.95 -34.05
N SER G 371 57.40 20.14 -32.80
CA SER G 371 58.37 20.34 -31.72
C SER G 371 59.20 19.10 -31.52
N PHE G 372 58.55 17.94 -31.54
CA PHE G 372 59.24 16.67 -31.39
C PHE G 372 60.29 16.47 -32.49
N VAL G 373 59.89 16.72 -33.73
CA VAL G 373 60.80 16.53 -34.85
C VAL G 373 61.99 17.48 -34.80
N LEU G 374 61.74 18.74 -34.45
CA LEU G 374 62.81 19.72 -34.38
C LEU G 374 63.81 19.37 -33.28
N LEU G 375 63.29 18.89 -32.14
CA LEU G 375 64.15 18.49 -31.04
C LEU G 375 64.96 17.25 -31.41
N SER G 376 64.33 16.34 -32.14
CA SER G 376 65.01 15.13 -32.57
C SER G 376 66.17 15.46 -33.50
N MET G 377 65.95 16.42 -34.41
CA MET G 377 67.00 16.84 -35.34
C MET G 377 68.21 17.39 -34.60
N VAL G 378 67.96 18.15 -33.54
CA VAL G 378 69.05 18.70 -32.75
C VAL G 378 69.84 17.59 -32.08
N GLY G 379 69.14 16.61 -31.52
CA GLY G 379 69.80 15.49 -30.86
C GLY G 379 70.69 14.73 -31.84
N VAL G 380 70.26 14.62 -33.08
CA VAL G 380 71.06 13.96 -34.11
C VAL G 380 72.32 14.76 -34.42
N ALA G 381 72.17 16.07 -34.51
CA ALA G 381 73.31 16.94 -34.78
C ALA G 381 74.37 16.81 -33.71
N VAL G 382 73.92 16.66 -32.46
CA VAL G 382 74.84 16.49 -31.35
C VAL G 382 75.55 15.15 -31.42
N GLY G 383 74.79 14.10 -31.72
CA GLY G 383 75.37 12.77 -31.81
C GLY G 383 76.45 12.69 -32.89
N MET G 384 76.21 13.37 -34.01
CA MET G 384 77.20 13.39 -35.08
C MET G 384 78.47 14.11 -34.64
N CYS G 385 78.30 15.20 -33.90
CA CYS G 385 79.45 15.96 -33.42
C CYS G 385 80.25 15.16 -32.40
N MET G 386 79.55 14.46 -31.51
CA MET G 386 80.23 13.70 -30.47
C MET G 386 81.05 12.56 -31.04
N CYS G 387 80.51 11.85 -32.04
CA CYS G 387 81.26 10.77 -32.65
C CYS G 387 82.40 11.30 -33.50
N ALA G 388 82.21 12.50 -34.05
CA ALA G 388 83.26 13.14 -34.83
C ALA G 388 84.46 13.45 -33.94
N ARG G 389 84.18 13.82 -32.69
CA ARG G 389 85.26 14.12 -31.76
C ARG G 389 86.05 12.88 -31.41
N ARG G 390 85.35 11.78 -31.17
CA ARG G 390 86.02 10.55 -30.79
C ARG G 390 86.95 10.07 -31.90
N ARG G 391 86.50 10.21 -33.14
CA ARG G 391 87.29 9.77 -34.28
C ARG G 391 88.54 10.61 -34.48
N CYS G 392 88.43 11.92 -34.28
CA CYS G 392 89.58 12.80 -34.48
C CYS G 392 90.56 12.75 -33.31
N ILE G 393 90.10 12.27 -32.16
CA ILE G 393 90.93 12.18 -30.96
C ILE G 393 91.72 10.88 -30.90
N THR G 394 91.07 9.77 -31.26
CA THR G 394 91.66 8.45 -31.12
C THR G 394 93.13 8.35 -31.57
N PRO G 395 93.51 8.85 -32.77
CA PRO G 395 94.82 8.72 -33.35
C PRO G 395 95.91 9.33 -32.46
N TYR G 396 95.50 10.20 -31.55
CA TYR G 396 96.44 10.85 -30.64
C TYR G 396 96.55 10.07 -29.33
N GLU G 397 95.45 9.47 -28.90
CA GLU G 397 95.43 8.76 -27.62
C GLU G 397 96.08 7.39 -27.76
N LEU G 398 96.35 7.00 -28.99
CA LEU G 398 97.05 5.75 -29.28
C LEU G 398 98.55 5.97 -29.45
N THR G 399 98.99 7.22 -29.27
CA THR G 399 100.39 7.59 -29.42
C THR G 399 101.05 7.76 -28.04
N PRO G 400 102.16 7.07 -27.76
CA PRO G 400 102.87 7.05 -26.49
C PRO G 400 103.47 8.40 -26.12
N GLY G 401 103.69 9.24 -27.13
CA GLY G 401 104.21 10.58 -26.88
C GLY G 401 103.14 11.47 -26.25
N ALA G 402 103.55 12.34 -25.34
CA ALA G 402 102.61 13.25 -24.69
C ALA G 402 102.42 14.51 -25.53
N THR G 403 101.86 14.35 -26.72
CA THR G 403 101.67 15.49 -27.62
C THR G 403 100.19 15.76 -27.89
N VAL G 404 99.78 16.99 -27.60
CA VAL G 404 98.41 17.42 -27.86
C VAL G 404 98.40 18.78 -28.54
N PRO G 405 98.03 18.85 -29.82
CA PRO G 405 97.86 20.05 -30.61
C PRO G 405 96.84 20.98 -29.96
N PHE G 406 97.08 22.28 -30.05
CA PHE G 406 96.18 23.25 -29.42
C PHE G 406 94.79 23.13 -30.02
N LEU G 407 94.71 22.93 -31.33
CA LEU G 407 93.42 22.81 -31.99
C LEU G 407 92.66 21.61 -31.47
N LEU G 408 93.37 20.53 -31.17
CA LEU G 408 92.73 19.32 -30.66
C LEU G 408 92.12 19.60 -29.30
N SER G 409 92.80 20.41 -28.49
CA SER G 409 92.31 20.77 -27.17
C SER G 409 91.03 21.59 -27.27
N LEU G 410 90.90 22.36 -28.34
CA LEU G 410 89.71 23.18 -28.55
C LEU G 410 88.54 22.31 -29.00
N ILE G 411 88.83 21.23 -29.71
CA ILE G 411 87.79 20.35 -30.23
C ILE G 411 87.35 19.31 -29.20
N CYS G 412 88.32 18.65 -28.56
CA CYS G 412 88.01 17.59 -27.62
C CYS G 412 87.45 18.13 -26.32
N CYS G 413 87.66 19.41 -26.09
CA CYS G 413 87.28 20.04 -24.83
C CYS G 413 88.01 19.34 -23.68
N ILE G 414 87.33 19.14 -22.56
CA ILE G 414 87.94 18.54 -21.37
C ILE G 414 89.41 18.97 -21.17
N ARG G 415 89.65 20.27 -21.31
CA ARG G 415 90.97 20.85 -21.14
C ARG G 415 90.87 22.19 -20.42
N THR G 416 91.99 22.64 -19.85
CA THR G 416 92.03 23.92 -19.16
C THR G 416 92.10 25.07 -20.15
N ALA G 417 91.86 26.29 -19.66
CA ALA G 417 91.80 27.47 -20.50
C ALA G 417 93.19 28.00 -20.81
N LYS G 418 93.95 27.24 -21.59
CA LYS G 418 95.28 27.63 -22.01
C LYS G 418 95.21 28.77 -23.03
N ALA G 419 96.10 29.75 -22.89
CA ALA G 419 96.18 30.89 -23.82
C ALA G 419 97.52 31.59 -23.66
N ASN H 1 -20.48 52.38 -10.94
CA ASN H 1 -21.61 53.08 -10.34
C ASN H 1 -22.75 53.21 -11.35
N PHE H 2 -23.97 53.33 -10.84
CA PHE H 2 -25.17 53.42 -11.66
C PHE H 2 -25.26 54.75 -12.41
N ASN H 3 -24.45 55.72 -12.01
CA ASN H 3 -24.41 57.01 -12.68
C ASN H 3 -23.33 57.04 -13.76
N VAL H 4 -22.66 55.91 -13.97
CA VAL H 4 -21.59 55.83 -14.95
C VAL H 4 -22.01 55.06 -16.19
N TYR H 5 -22.78 53.99 -16.01
CA TYR H 5 -23.11 53.09 -17.11
C TYR H 5 -24.35 53.52 -17.89
N LYS H 6 -24.92 54.66 -17.52
CA LYS H 6 -26.13 55.14 -18.19
C LYS H 6 -25.90 55.40 -19.67
N ALA H 7 -24.70 55.84 -20.04
CA ALA H 7 -24.41 56.20 -21.42
C ALA H 7 -23.61 55.12 -22.14
N THR H 8 -23.55 53.92 -21.57
CA THR H 8 -22.74 52.87 -22.17
C THR H 8 -23.57 51.66 -22.59
N ARG H 9 -22.97 50.77 -23.37
CA ARG H 9 -23.65 49.58 -23.83
C ARG H 9 -22.72 48.36 -23.83
N PRO H 10 -23.26 47.15 -23.61
CA PRO H 10 -22.67 45.86 -23.85
C PRO H 10 -22.32 45.65 -25.33
N TYR H 11 -21.29 44.83 -25.58
CA TYR H 11 -20.83 44.55 -26.92
C TYR H 11 -20.50 43.08 -27.11
N LEU H 12 -20.50 42.62 -28.36
CA LEU H 12 -20.13 41.24 -28.67
C LEU H 12 -18.64 41.13 -28.94
N ALA H 13 -18.06 39.97 -28.63
CA ALA H 13 -16.64 39.76 -28.87
C ALA H 13 -16.33 38.30 -29.18
N HIS H 14 -15.23 38.08 -29.90
CA HIS H 14 -14.78 36.76 -30.30
C HIS H 14 -14.21 35.96 -29.13
N CYS H 15 -14.54 34.66 -29.07
CA CYS H 15 -13.99 33.73 -28.08
C CYS H 15 -13.34 32.54 -28.79
N PRO H 16 -12.19 32.09 -28.30
CA PRO H 16 -11.39 30.98 -28.81
C PRO H 16 -12.09 29.65 -28.64
N ASP H 17 -13.00 29.56 -27.66
CA ASP H 17 -13.74 28.35 -27.40
C ASP H 17 -15.08 28.67 -26.72
N CYS H 18 -16.18 28.38 -27.42
CA CYS H 18 -17.53 28.67 -26.92
C CYS H 18 -18.16 27.48 -26.24
N GLY H 19 -17.31 26.51 -25.88
CA GLY H 19 -17.73 25.36 -25.09
C GLY H 19 -17.86 24.08 -25.92
N GLU H 20 -17.91 24.22 -27.24
CA GLU H 20 -18.03 23.07 -28.11
C GLU H 20 -16.69 22.72 -28.78
N GLY H 21 -15.63 23.44 -28.42
CA GLY H 21 -14.33 23.22 -29.04
C GLY H 21 -14.19 24.06 -30.32
N HIS H 22 -15.13 24.97 -30.52
CA HIS H 22 -15.14 25.84 -31.68
C HIS H 22 -15.30 27.29 -31.25
N SER H 23 -14.69 28.20 -32.01
CA SER H 23 -14.78 29.62 -31.72
C SER H 23 -16.09 30.21 -32.25
N CYS H 24 -16.49 31.35 -31.68
CA CYS H 24 -17.69 32.08 -32.12
C CYS H 24 -17.66 33.50 -31.56
N HIS H 25 -18.64 34.29 -31.97
CA HIS H 25 -18.84 35.61 -31.39
C HIS H 25 -19.87 35.53 -30.28
N SER H 26 -19.45 35.85 -29.06
CA SER H 26 -20.28 35.64 -27.88
C SER H 26 -20.74 36.96 -27.24
N PRO H 27 -21.92 36.95 -26.62
CA PRO H 27 -22.45 38.00 -25.76
C PRO H 27 -21.67 38.10 -24.47
N VAL H 28 -20.95 37.05 -24.14
CA VAL H 28 -20.08 37.04 -22.97
C VAL H 28 -18.69 36.62 -23.37
N ALA H 29 -17.70 37.41 -22.97
CA ALA H 29 -16.31 37.12 -23.28
C ALA H 29 -15.40 37.70 -22.22
N LEU H 30 -14.21 37.13 -22.08
CA LEU H 30 -13.25 37.63 -21.10
C LEU H 30 -12.25 38.57 -21.75
N GLU H 31 -12.23 39.81 -21.26
CA GLU H 31 -11.27 40.79 -21.76
C GLU H 31 -9.96 40.70 -21.03
N ARG H 32 -10.04 40.45 -19.73
CA ARG H 32 -8.84 40.39 -18.90
C ARG H 32 -9.07 39.58 -17.63
N ILE H 33 -8.04 38.87 -17.19
CA ILE H 33 -8.08 38.20 -15.89
C ILE H 33 -6.99 38.78 -15.00
N ARG H 34 -7.37 39.22 -13.81
CA ARG H 34 -6.41 39.85 -12.91
C ARG H 34 -6.32 39.12 -11.56
N ASN H 35 -5.10 38.84 -11.13
CA ASN H 35 -4.88 38.11 -9.89
C ASN H 35 -3.80 38.73 -9.00
N GLU H 36 -3.85 40.04 -8.83
CA GLU H 36 -2.85 40.72 -8.00
C GLU H 36 -2.96 40.34 -6.53
N ALA H 37 -4.19 40.09 -6.08
CA ALA H 37 -4.41 39.73 -4.68
C ALA H 37 -3.75 38.42 -4.35
N THR H 38 -3.25 38.30 -3.11
CA THR H 38 -2.55 37.09 -2.70
C THR H 38 -3.44 36.15 -1.91
N ASP H 39 -4.66 36.58 -1.62
CA ASP H 39 -5.59 35.74 -0.87
C ASP H 39 -6.31 34.76 -1.79
N GLY H 40 -5.97 34.81 -3.08
CA GLY H 40 -6.50 33.88 -4.06
C GLY H 40 -7.74 34.38 -4.78
N THR H 41 -8.21 35.58 -4.45
CA THR H 41 -9.39 36.14 -5.11
C THR H 41 -9.06 36.56 -6.53
N LEU H 42 -9.94 36.22 -7.47
CA LEU H 42 -9.74 36.63 -8.86
C LEU H 42 -10.67 37.77 -9.25
N LYS H 43 -10.17 38.65 -10.10
CA LYS H 43 -10.98 39.71 -10.70
C LYS H 43 -11.10 39.48 -12.19
N ILE H 44 -12.32 39.35 -12.68
CA ILE H 44 -12.54 39.04 -14.08
C ILE H 44 -13.26 40.17 -14.80
N GLN H 45 -12.69 40.63 -15.91
CA GLN H 45 -13.32 41.68 -16.70
C GLN H 45 -14.05 41.09 -17.90
N VAL H 46 -15.35 41.36 -17.99
CA VAL H 46 -16.18 40.76 -19.02
C VAL H 46 -16.94 41.81 -19.82
N SER H 47 -17.44 41.41 -21.00
CA SER H 47 -18.24 42.28 -21.86
C SER H 47 -19.65 42.51 -21.32
N LEU H 48 -20.06 41.67 -20.37
CA LEU H 48 -21.38 41.79 -19.76
C LEU H 48 -21.40 42.93 -18.76
N GLN H 49 -22.56 43.57 -18.58
CA GLN H 49 -22.69 44.59 -17.56
C GLN H 49 -23.65 44.13 -16.46
N ILE H 50 -23.11 43.92 -15.27
CA ILE H 50 -23.87 43.35 -14.16
C ILE H 50 -24.36 44.42 -13.19
N GLY H 51 -25.64 44.38 -12.85
CA GLY H 51 -26.22 45.33 -11.90
C GLY H 51 -26.98 46.44 -12.61
N ILE H 52 -26.85 46.48 -13.93
CA ILE H 52 -27.54 47.46 -14.75
C ILE H 52 -28.45 46.75 -15.73
N LYS H 53 -29.70 47.19 -15.81
CA LYS H 53 -30.66 46.60 -16.73
C LYS H 53 -30.93 47.57 -17.88
N THR H 54 -31.73 47.14 -18.85
CA THR H 54 -32.02 48.00 -19.99
C THR H 54 -32.85 49.19 -19.53
N ASP H 55 -32.97 50.19 -20.39
CA ASP H 55 -33.60 51.47 -20.05
C ASP H 55 -32.76 52.22 -19.03
N ASP H 56 -31.48 51.89 -18.97
CA ASP H 56 -30.49 52.61 -18.17
C ASP H 56 -30.89 52.77 -16.70
N SER H 57 -31.37 51.69 -16.11
CA SER H 57 -31.76 51.70 -14.70
C SER H 57 -30.98 50.67 -13.90
N HIS H 58 -30.72 50.97 -12.63
CA HIS H 58 -29.99 50.04 -11.77
C HIS H 58 -30.87 48.92 -11.26
N ASP H 59 -30.36 47.70 -11.31
CA ASP H 59 -31.06 46.54 -10.78
C ASP H 59 -30.06 45.43 -10.44
N TRP H 60 -29.83 45.23 -9.14
CA TRP H 60 -28.78 44.33 -8.68
C TRP H 60 -29.11 42.86 -8.94
N THR H 61 -30.35 42.58 -9.34
CA THR H 61 -30.77 41.21 -9.58
C THR H 61 -30.65 40.82 -11.05
N LYS H 62 -30.27 41.78 -11.89
CA LYS H 62 -30.26 41.55 -13.33
C LYS H 62 -28.98 42.02 -14.00
N LEU H 63 -28.68 41.44 -15.16
CA LEU H 63 -27.59 41.87 -16.00
C LEU H 63 -28.11 42.28 -17.38
N ARG H 64 -27.35 43.11 -18.08
CA ARG H 64 -27.71 43.43 -19.45
C ARG H 64 -26.58 43.03 -20.39
N TYR H 65 -26.95 42.54 -21.56
CA TYR H 65 -26.00 42.03 -22.53
C TYR H 65 -26.43 42.37 -23.94
N MET H 66 -25.48 42.34 -24.87
CA MET H 66 -25.80 42.62 -26.26
C MET H 66 -26.40 41.39 -26.92
N ASP H 67 -27.43 41.61 -27.73
CA ASP H 67 -28.08 40.52 -28.45
C ASP H 67 -27.89 40.69 -29.96
N ASN H 68 -28.67 41.57 -30.56
CA ASN H 68 -28.59 41.78 -32.01
C ASN H 68 -28.90 43.24 -32.37
N HIS H 69 -27.86 44.06 -32.38
CA HIS H 69 -27.98 45.50 -32.59
C HIS H 69 -28.80 46.17 -31.49
N MET H 70 -28.91 45.48 -30.36
CA MET H 70 -29.61 46.00 -29.20
C MET H 70 -29.36 45.12 -27.98
N PRO H 71 -29.32 45.73 -26.78
CA PRO H 71 -29.17 45.09 -25.49
C PRO H 71 -30.42 44.34 -25.05
N ALA H 72 -30.24 43.39 -24.15
CA ALA H 72 -31.35 42.64 -23.58
C ALA H 72 -31.06 42.28 -22.12
N ASP H 73 -32.11 42.02 -21.35
CA ASP H 73 -31.97 41.70 -19.95
C ASP H 73 -31.90 40.20 -19.69
N ALA H 74 -31.23 39.83 -18.60
CA ALA H 74 -31.19 38.45 -18.11
C ALA H 74 -31.01 38.45 -16.60
N GLU H 75 -31.45 37.38 -15.95
CA GLU H 75 -31.33 37.26 -14.50
C GLU H 75 -29.87 37.07 -14.07
N ARG H 76 -29.49 37.76 -13.00
CA ARG H 76 -28.15 37.62 -12.45
C ARG H 76 -27.94 36.23 -11.88
N ALA H 77 -29.03 35.57 -11.53
CA ALA H 77 -29.00 34.23 -10.96
C ALA H 77 -28.41 33.23 -11.94
N GLY H 78 -28.46 33.56 -13.24
CA GLY H 78 -27.95 32.65 -14.26
C GLY H 78 -26.45 32.84 -14.50
N LEU H 79 -25.86 33.82 -13.84
CA LEU H 79 -24.44 34.11 -14.01
C LEU H 79 -23.59 33.11 -13.23
N PHE H 80 -22.58 32.54 -13.89
CA PHE H 80 -21.71 31.60 -13.21
C PHE H 80 -20.25 31.77 -13.61
N VAL H 81 -19.37 31.41 -12.68
CA VAL H 81 -17.93 31.35 -12.92
C VAL H 81 -17.39 30.01 -12.44
N ARG H 82 -16.59 29.35 -13.27
CA ARG H 82 -16.00 28.08 -12.86
C ARG H 82 -14.60 27.89 -13.42
N THR H 83 -13.80 27.06 -12.75
CA THR H 83 -12.50 26.66 -13.27
C THR H 83 -12.46 25.15 -13.41
N SER H 84 -11.86 24.48 -12.43
CA SER H 84 -11.89 23.03 -12.35
C SER H 84 -13.15 22.60 -11.63
N ALA H 85 -13.77 23.57 -10.99
CA ALA H 85 -15.00 23.40 -10.22
C ALA H 85 -15.68 24.77 -10.11
N PRO H 86 -16.97 24.83 -9.79
CA PRO H 86 -17.75 26.05 -9.63
C PRO H 86 -17.10 26.99 -8.61
N CYS H 87 -17.06 28.28 -8.97
CA CYS H 87 -16.47 29.32 -8.14
C CYS H 87 -17.54 30.05 -7.34
N THR H 88 -17.15 30.64 -6.22
CA THR H 88 -18.09 31.44 -5.45
C THR H 88 -17.91 32.92 -5.76
N ILE H 89 -18.99 33.55 -6.23
CA ILE H 89 -18.94 34.97 -6.56
C ILE H 89 -19.12 35.80 -5.30
N THR H 90 -18.22 36.75 -5.09
CA THR H 90 -18.23 37.55 -3.88
C THR H 90 -18.93 38.88 -4.11
N GLY H 91 -19.03 39.28 -5.37
CA GLY H 91 -19.75 40.49 -5.74
C GLY H 91 -19.47 40.89 -7.18
N THR H 92 -20.34 41.73 -7.73
CA THR H 92 -20.21 42.17 -9.11
C THR H 92 -20.59 43.63 -9.29
N MET H 93 -20.01 44.27 -10.28
CA MET H 93 -20.45 45.60 -10.71
C MET H 93 -19.98 45.89 -12.13
N GLY H 94 -20.92 46.17 -13.02
CA GLY H 94 -20.56 46.54 -14.38
C GLY H 94 -19.82 45.41 -15.07
N HIS H 95 -18.62 45.72 -15.54
CA HIS H 95 -17.82 44.76 -16.30
C HIS H 95 -16.91 43.92 -15.42
N PHE H 96 -16.95 44.14 -14.11
CA PHE H 96 -16.01 43.46 -13.23
C PHE H 96 -16.67 42.50 -12.23
N ILE H 97 -16.18 41.27 -12.23
CA ILE H 97 -16.68 40.22 -11.35
C ILE H 97 -15.62 39.73 -10.37
N LEU H 98 -15.97 39.66 -9.09
CA LEU H 98 -15.07 39.09 -8.09
C LEU H 98 -15.52 37.69 -7.69
N ALA H 99 -14.60 36.74 -7.71
CA ALA H 99 -14.94 35.37 -7.34
C ALA H 99 -13.74 34.63 -6.76
N ARG H 100 -14.03 33.67 -5.89
CA ARG H 100 -13.00 32.79 -5.32
C ARG H 100 -13.07 31.42 -5.97
N CYS H 101 -12.04 31.08 -6.77
CA CYS H 101 -12.02 29.83 -7.53
C CYS H 101 -11.04 28.80 -6.97
N PRO H 102 -11.41 27.51 -7.02
CA PRO H 102 -10.57 26.33 -6.88
C PRO H 102 -9.49 26.28 -7.95
N LYS H 103 -8.36 25.66 -7.60
CA LYS H 103 -7.22 25.55 -8.50
C LYS H 103 -7.57 24.85 -9.80
N GLY H 104 -7.02 25.35 -10.90
CA GLY H 104 -7.26 24.78 -12.23
C GLY H 104 -6.44 25.48 -13.29
N GLU H 105 -6.51 24.98 -14.53
CA GLU H 105 -5.72 25.52 -15.62
C GLU H 105 -6.56 26.34 -16.60
N THR H 106 -7.87 26.34 -16.42
CA THR H 106 -8.77 27.07 -17.31
C THR H 106 -9.80 27.86 -16.53
N LEU H 107 -10.37 28.88 -17.17
CA LEU H 107 -11.43 29.68 -16.58
C LEU H 107 -12.62 29.83 -17.53
N THR H 108 -13.81 29.51 -17.05
CA THR H 108 -15.01 29.62 -17.86
C THR H 108 -16.07 30.50 -17.20
N VAL H 109 -16.63 31.42 -17.98
CA VAL H 109 -17.68 32.30 -17.51
C VAL H 109 -18.86 32.30 -18.47
N GLY H 110 -20.07 32.36 -17.94
CA GLY H 110 -21.25 32.39 -18.81
C GLY H 110 -22.53 32.80 -18.08
N PHE H 111 -23.61 32.88 -18.85
CA PHE H 111 -24.90 33.31 -18.33
C PHE H 111 -26.04 32.71 -19.15
N THR H 112 -27.27 32.82 -18.62
CA THR H 112 -28.44 32.35 -19.34
C THR H 112 -29.14 33.49 -20.07
N ASP H 113 -29.45 33.28 -21.34
CA ASP H 113 -30.09 34.30 -22.17
C ASP H 113 -31.56 34.48 -21.83
N SER H 114 -32.22 35.44 -22.46
CA SER H 114 -33.64 35.68 -22.25
C SER H 114 -34.46 34.57 -22.90
N ARG H 115 -33.83 33.87 -23.83
CA ARG H 115 -34.45 32.75 -24.54
C ARG H 115 -34.13 31.43 -23.87
N LYS H 116 -33.53 31.50 -22.67
CA LYS H 116 -33.12 30.33 -21.93
C LYS H 116 -32.06 29.53 -22.68
N ILE H 117 -31.17 30.25 -23.35
CA ILE H 117 -30.05 29.64 -24.05
C ILE H 117 -28.76 29.95 -23.33
N SER H 118 -27.98 28.92 -23.03
CA SER H 118 -26.74 29.11 -22.30
C SER H 118 -25.63 29.65 -23.21
N HIS H 119 -24.89 30.63 -22.71
CA HIS H 119 -23.72 31.16 -23.42
C HIS H 119 -22.53 31.24 -22.47
N SER H 120 -21.38 30.78 -22.94
CA SER H 120 -20.17 30.83 -22.13
C SER H 120 -18.93 30.85 -23.02
N CYS H 121 -17.81 31.30 -22.43
CA CYS H 121 -16.51 31.25 -23.08
C CYS H 121 -15.45 30.69 -22.16
N THR H 122 -14.58 29.86 -22.72
CA THR H 122 -13.49 29.28 -21.95
C THR H 122 -12.15 29.81 -22.44
N HIS H 123 -11.34 30.28 -21.50
CA HIS H 123 -10.00 30.77 -21.80
C HIS H 123 -9.00 30.05 -20.91
N PRO H 124 -7.78 29.83 -21.39
CA PRO H 124 -6.67 29.28 -20.63
C PRO H 124 -6.28 30.25 -19.54
N PHE H 125 -6.03 29.73 -18.35
CA PHE H 125 -5.60 30.57 -17.25
C PHE H 125 -5.00 29.73 -16.12
N HIS H 126 -3.77 30.03 -15.77
CA HIS H 126 -3.12 29.28 -14.71
C HIS H 126 -3.50 29.85 -13.36
N HIS H 127 -4.23 29.06 -12.58
CA HIS H 127 -4.69 29.52 -11.28
C HIS H 127 -4.14 28.64 -10.17
N ASP H 128 -3.21 29.21 -9.42
CA ASP H 128 -2.55 28.49 -8.33
C ASP H 128 -1.96 29.51 -7.34
N PRO H 129 -2.76 29.98 -6.39
CA PRO H 129 -2.45 31.05 -5.46
C PRO H 129 -1.18 30.73 -4.68
N PRO H 130 -0.43 31.77 -4.30
CA PRO H 130 0.83 31.72 -3.57
C PRO H 130 0.61 31.24 -2.16
N VAL H 131 1.64 30.68 -1.55
CA VAL H 131 1.54 30.21 -0.17
C VAL H 131 1.73 31.35 0.81
N ILE H 132 0.80 31.47 1.75
CA ILE H 132 0.92 32.45 2.81
C ILE H 132 1.40 31.75 4.07
N GLY H 133 2.56 32.15 4.57
CA GLY H 133 3.15 31.48 5.71
C GLY H 133 4.01 30.31 5.26
N ARG H 134 4.33 29.42 6.19
CA ARG H 134 5.25 28.33 5.95
C ARG H 134 4.55 26.97 5.85
N GLU H 135 3.23 26.99 5.77
CA GLU H 135 2.45 25.76 5.64
C GLU H 135 1.48 25.86 4.48
N LYS H 136 1.24 24.74 3.79
CA LYS H 136 0.30 24.71 2.67
C LYS H 136 -1.04 24.15 3.08
N PHE H 137 -2.07 24.99 3.10
CA PHE H 137 -3.39 24.56 3.54
C PHE H 137 -4.46 24.84 2.50
N HIS H 138 -5.54 24.07 2.55
CA HIS H 138 -6.61 24.19 1.57
C HIS H 138 -7.81 24.99 2.08
N SER H 139 -7.85 25.21 3.38
CA SER H 139 -8.93 26.00 3.99
C SER H 139 -8.45 26.66 5.27
N ARG H 140 -9.11 27.75 5.65
CA ARG H 140 -8.74 28.43 6.89
C ARG H 140 -9.25 27.65 8.11
N PRO H 141 -8.39 27.45 9.11
CA PRO H 141 -8.63 26.73 10.35
C PRO H 141 -9.45 27.55 11.35
N GLN H 142 -10.03 26.85 12.31
CA GLN H 142 -10.70 27.51 13.44
C GLN H 142 -9.68 28.18 14.35
N HIS H 143 -8.50 27.59 14.46
CA HIS H 143 -7.46 28.10 15.33
C HIS H 143 -6.16 28.30 14.56
N GLY H 144 -5.49 29.43 14.78
CA GLY H 144 -4.25 29.69 14.07
C GLY H 144 -3.71 31.10 14.26
N LYS H 145 -2.74 31.46 13.42
CA LYS H 145 -2.05 32.75 13.46
C LYS H 145 -2.48 33.62 12.29
N GLU H 146 -2.32 34.93 12.41
CA GLU H 146 -2.69 35.82 11.32
C GLU H 146 -1.50 36.53 10.70
N LEU H 147 -1.38 36.44 9.37
CA LEU H 147 -0.30 37.07 8.62
C LEU H 147 -0.85 38.07 7.61
N PRO H 148 -0.06 39.08 7.23
CA PRO H 148 -0.34 40.05 6.16
C PRO H 148 -0.58 39.38 4.80
N CYS H 149 -1.58 39.89 4.07
CA CYS H 149 -1.92 39.44 2.72
C CYS H 149 -2.70 40.53 1.99
N SER H 150 -2.91 40.34 0.68
CA SER H 150 -3.65 41.33 -0.09
C SER H 150 -4.99 40.77 -0.58
N THR H 151 -6.00 41.64 -0.56
CA THR H 151 -7.35 41.26 -1.01
C THR H 151 -7.98 42.37 -1.85
N TYR H 152 -9.11 42.05 -2.48
CA TYR H 152 -9.89 43.06 -3.17
C TYR H 152 -11.06 43.50 -2.31
N VAL H 153 -11.26 44.81 -2.20
CA VAL H 153 -12.33 45.37 -1.40
C VAL H 153 -13.63 45.34 -2.18
N GLN H 154 -14.74 45.03 -1.51
CA GLN H 154 -16.03 44.87 -2.18
C GLN H 154 -16.66 46.19 -2.62
N SER H 155 -16.07 47.30 -2.19
CA SER H 155 -16.57 48.64 -2.50
C SER H 155 -16.48 48.96 -3.99
N THR H 156 -17.48 49.69 -4.47
CA THR H 156 -17.55 50.11 -5.87
C THR H 156 -17.20 51.59 -6.03
N ALA H 157 -16.69 52.19 -4.96
CA ALA H 157 -16.31 53.60 -4.97
C ALA H 157 -15.17 53.83 -5.94
N ALA H 158 -15.08 55.05 -6.47
CA ALA H 158 -14.06 55.37 -7.46
C ALA H 158 -12.67 55.04 -6.94
N THR H 159 -11.87 54.43 -7.80
CA THR H 159 -10.52 54.01 -7.47
C THR H 159 -9.46 54.81 -8.21
N THR H 160 -9.93 55.80 -8.98
CA THR H 160 -9.10 56.68 -9.81
C THR H 160 -8.52 55.98 -11.04
N GLU H 161 -8.57 54.66 -11.07
CA GLU H 161 -8.18 53.88 -12.24
C GLU H 161 -9.39 53.74 -13.16
N GLU H 162 -9.19 53.97 -14.45
CA GLU H 162 -10.33 53.97 -15.37
C GLU H 162 -10.02 53.33 -16.72
N ILE H 163 -11.07 52.86 -17.37
CA ILE H 163 -10.98 52.34 -18.73
C ILE H 163 -11.66 53.28 -19.72
N GLU H 164 -11.00 53.50 -20.85
CA GLU H 164 -11.52 54.39 -21.89
C GLU H 164 -12.69 53.77 -22.63
N VAL H 165 -13.67 54.61 -22.98
CA VAL H 165 -14.76 54.16 -23.83
C VAL H 165 -14.87 55.07 -25.05
N HIS H 166 -15.50 54.56 -26.10
CA HIS H 166 -15.68 55.33 -27.32
C HIS H 166 -16.88 54.81 -28.11
N MET H 167 -17.28 55.55 -29.13
CA MET H 167 -18.36 55.09 -29.98
C MET H 167 -17.91 53.88 -30.78
N PRO H 168 -18.80 52.93 -31.03
CA PRO H 168 -18.58 51.70 -31.77
C PRO H 168 -18.37 52.00 -33.26
N PRO H 169 -17.69 51.09 -33.96
CA PRO H 169 -17.48 51.04 -35.39
C PRO H 169 -18.74 50.58 -36.11
N ASP H 170 -18.80 50.85 -37.42
CA ASP H 170 -19.91 50.36 -38.22
C ASP H 170 -20.00 48.86 -38.08
N THR H 171 -21.20 48.36 -37.82
CA THR H 171 -21.39 46.92 -37.64
C THR H 171 -22.09 46.29 -38.85
N PRO H 172 -21.40 45.45 -39.61
CA PRO H 172 -21.86 44.82 -40.83
C PRO H 172 -22.93 43.81 -40.51
N ASP H 173 -23.90 43.66 -41.40
CA ASP H 173 -24.94 42.65 -41.20
C ASP H 173 -25.54 42.20 -42.52
N ARG H 174 -25.30 40.94 -42.87
CA ARG H 174 -25.78 40.37 -44.13
C ARG H 174 -27.30 40.31 -44.18
N THR H 175 -27.93 40.37 -43.01
CA THR H 175 -29.38 40.24 -42.90
C THR H 175 -30.08 41.50 -43.41
N LEU H 176 -29.33 42.58 -43.56
CA LEU H 176 -29.89 43.85 -43.99
C LEU H 176 -30.21 43.86 -45.49
N MET H 177 -29.68 42.88 -46.23
CA MET H 177 -29.86 42.88 -47.67
C MET H 177 -30.62 41.65 -48.17
N SER H 178 -31.54 41.88 -49.10
CA SER H 178 -32.33 40.81 -49.71
C SER H 178 -32.45 41.02 -51.22
N GLN H 179 -32.15 39.98 -51.98
CA GLN H 179 -32.17 40.05 -53.45
C GLN H 179 -33.49 39.56 -54.03
N GLN H 180 -34.25 40.48 -54.62
CA GLN H 180 -35.54 40.13 -55.21
C GLN H 180 -35.54 40.36 -56.71
N SER H 181 -35.28 39.30 -57.48
CA SER H 181 -35.29 39.37 -58.93
C SER H 181 -34.44 40.52 -59.48
N GLY H 182 -33.25 40.69 -58.91
CA GLY H 182 -32.31 41.71 -59.38
C GLY H 182 -32.44 43.01 -58.60
N ASN H 183 -33.47 43.12 -57.78
CA ASN H 183 -33.67 44.30 -56.94
C ASN H 183 -33.26 44.02 -55.52
N VAL H 184 -32.16 44.63 -55.07
CA VAL H 184 -31.68 44.36 -53.73
C VAL H 184 -32.22 45.38 -52.74
N LYS H 185 -32.96 44.88 -51.75
CA LYS H 185 -33.56 45.74 -50.74
C LYS H 185 -32.68 45.84 -49.53
N ILE H 186 -32.40 47.07 -49.11
CA ILE H 186 -31.63 47.33 -47.91
C ILE H 186 -32.54 47.81 -46.80
N THR H 187 -32.66 47.04 -45.74
CA THR H 187 -33.57 47.41 -44.65
C THR H 187 -32.87 48.30 -43.64
N VAL H 188 -33.66 49.05 -42.89
CA VAL H 188 -33.10 49.94 -41.87
C VAL H 188 -33.56 49.54 -40.47
N ASN H 189 -34.87 49.34 -40.31
CA ASN H 189 -35.43 48.94 -39.02
C ASN H 189 -35.11 49.95 -37.91
N GLY H 190 -35.09 51.23 -38.25
CA GLY H 190 -34.92 52.28 -37.26
C GLY H 190 -33.47 52.68 -37.02
N GLN H 191 -32.53 51.91 -37.55
CA GLN H 191 -31.11 52.21 -37.33
C GLN H 191 -30.43 52.55 -38.65
N THR H 192 -29.87 53.75 -38.74
CA THR H 192 -29.29 54.21 -40.00
C THR H 192 -28.25 53.22 -40.51
N VAL H 193 -28.36 52.87 -41.79
CA VAL H 193 -27.51 51.89 -42.43
C VAL H 193 -26.65 52.48 -43.54
N ARG H 194 -25.37 52.14 -43.53
CA ARG H 194 -24.46 52.49 -44.62
C ARG H 194 -24.40 51.36 -45.61
N TYR H 195 -24.39 51.69 -46.89
CA TYR H 195 -24.30 50.64 -47.91
C TYR H 195 -23.30 50.99 -49.01
N LYS H 196 -22.70 49.94 -49.57
CA LYS H 196 -21.83 50.06 -50.73
C LYS H 196 -22.04 48.85 -51.66
N CYS H 197 -22.15 49.10 -52.96
CA CYS H 197 -22.39 48.02 -53.92
C CYS H 197 -21.40 48.06 -55.07
N ASN H 198 -21.17 46.90 -55.67
CA ASN H 198 -20.37 46.74 -56.88
C ASN H 198 -21.26 46.61 -58.12
N CYS H 199 -22.49 47.11 -58.01
CA CYS H 199 -23.53 47.01 -59.02
C CYS H 199 -24.49 48.18 -58.90
N GLY H 200 -25.33 48.37 -59.92
CA GLY H 200 -26.30 49.44 -59.86
C GLY H 200 -25.58 50.78 -59.74
N GLY H 201 -26.00 51.60 -58.77
CA GLY H 201 -25.33 52.86 -58.54
C GLY H 201 -23.97 52.63 -57.89
N SER H 202 -22.97 53.40 -58.32
CA SER H 202 -21.62 53.27 -57.79
C SER H 202 -21.41 54.09 -56.52
N ASN H 203 -22.39 54.92 -56.20
CA ASN H 203 -22.28 55.84 -55.07
C ASN H 203 -22.79 55.21 -53.77
N GLU H 204 -21.88 55.04 -52.82
CA GLU H 204 -22.20 54.53 -51.50
C GLU H 204 -22.92 55.62 -50.71
N GLY H 205 -23.69 55.23 -49.70
CA GLY H 205 -24.43 56.24 -48.95
C GLY H 205 -25.11 55.69 -47.70
N LEU H 206 -25.91 56.56 -47.07
CA LEU H 206 -26.61 56.25 -45.82
C LEU H 206 -28.11 56.28 -46.03
N THR H 207 -28.84 55.44 -45.31
CA THR H 207 -30.28 55.52 -45.35
C THR H 207 -30.94 55.38 -43.99
N THR H 208 -32.04 56.08 -43.80
CA THR H 208 -32.85 55.98 -42.60
C THR H 208 -34.17 55.28 -42.90
N THR H 209 -34.36 54.91 -44.16
CA THR H 209 -35.55 54.19 -44.59
C THR H 209 -35.17 53.10 -45.58
N ASP H 210 -36.04 52.11 -45.74
CA ASP H 210 -35.74 51.02 -46.65
C ASP H 210 -35.58 51.52 -48.09
N LYS H 211 -34.51 51.07 -48.75
CA LYS H 211 -34.22 51.46 -50.13
C LYS H 211 -33.95 50.24 -51.00
N VAL H 212 -34.21 50.36 -52.29
CA VAL H 212 -33.98 49.26 -53.22
C VAL H 212 -33.06 49.66 -54.37
N ILE H 213 -32.03 48.86 -54.61
CA ILE H 213 -31.11 49.09 -55.71
C ILE H 213 -31.34 48.08 -56.83
N ASN H 214 -31.59 48.58 -58.04
CA ASN H 214 -31.88 47.72 -59.18
C ASN H 214 -30.60 47.21 -59.82
N ASN H 215 -30.74 46.13 -60.60
CA ASN H 215 -29.62 45.51 -61.32
C ASN H 215 -28.48 45.11 -60.37
N CYS H 216 -28.85 44.52 -59.22
CA CYS H 216 -27.89 44.09 -58.21
C CYS H 216 -28.16 42.69 -57.68
N LYS H 217 -27.08 42.05 -57.26
CA LYS H 217 -27.16 40.79 -56.54
C LYS H 217 -26.68 41.00 -55.11
N VAL H 218 -27.14 40.16 -54.18
CA VAL H 218 -26.81 40.35 -52.78
C VAL H 218 -25.32 40.20 -52.51
N ASP H 219 -24.64 39.38 -53.30
CA ASP H 219 -23.22 39.13 -53.09
C ASP H 219 -22.37 40.32 -53.51
N GLN H 220 -22.97 41.25 -54.23
CA GLN H 220 -22.25 42.43 -54.71
C GLN H 220 -22.45 43.66 -53.82
N CYS H 221 -23.21 43.52 -52.72
CA CYS H 221 -23.51 44.62 -51.82
C CYS H 221 -23.05 44.33 -50.39
N HIS H 222 -22.64 45.39 -49.70
CA HIS H 222 -22.23 45.34 -48.30
C HIS H 222 -22.97 46.41 -47.52
N ALA H 223 -23.34 46.11 -46.28
CA ALA H 223 -24.06 47.10 -45.48
C ALA H 223 -23.74 46.95 -44.00
N ALA H 224 -23.81 48.07 -43.27
CA ALA H 224 -23.52 48.08 -41.85
C ALA H 224 -24.36 49.13 -41.12
N VAL H 225 -24.60 48.91 -39.83
CA VAL H 225 -25.33 49.86 -39.01
C VAL H 225 -24.40 50.96 -38.48
N THR H 226 -24.81 52.21 -38.69
CA THR H 226 -24.00 53.36 -38.30
C THR H 226 -24.62 54.14 -37.14
N ASN H 227 -25.91 53.94 -36.89
CA ASN H 227 -26.58 54.71 -35.85
C ASN H 227 -26.38 54.11 -34.47
N HIS H 228 -25.54 54.76 -33.67
CA HIS H 228 -25.24 54.30 -32.31
C HIS H 228 -25.32 55.47 -31.34
N LYS H 229 -26.01 55.26 -30.23
CA LYS H 229 -26.19 56.32 -29.23
C LYS H 229 -25.51 56.00 -27.91
N LYS H 230 -24.71 54.94 -27.88
CA LYS H 230 -24.07 54.52 -26.64
C LYS H 230 -22.58 54.28 -26.81
N TRP H 231 -21.84 54.44 -25.72
CA TRP H 231 -20.39 54.25 -25.71
C TRP H 231 -20.00 52.87 -25.21
N GLN H 232 -18.88 52.35 -25.69
CA GLN H 232 -18.40 51.04 -25.28
C GLN H 232 -16.92 51.05 -24.97
N TYR H 233 -16.49 50.10 -24.15
CA TYR H 233 -15.07 49.93 -23.84
C TYR H 233 -14.27 49.68 -25.12
N ASN H 234 -13.13 50.33 -25.23
CA ASN H 234 -12.31 50.18 -26.43
C ASN H 234 -11.48 48.90 -26.36
N SER H 235 -12.19 47.78 -26.44
CA SER H 235 -11.59 46.46 -26.35
C SER H 235 -10.67 46.15 -27.54
N PRO H 236 -9.59 45.41 -27.30
CA PRO H 236 -8.61 44.95 -28.28
C PRO H 236 -9.22 43.95 -29.24
N LEU H 237 -10.42 43.47 -28.94
CA LEU H 237 -11.09 42.48 -29.78
C LEU H 237 -12.05 43.12 -30.77
N VAL H 238 -12.15 44.45 -30.77
CA VAL H 238 -12.99 45.16 -31.74
C VAL H 238 -12.18 46.27 -32.39
N PRO H 239 -12.47 46.58 -33.66
CA PRO H 239 -11.81 47.59 -34.48
C PRO H 239 -12.09 49.01 -34.00
N ARG H 240 -11.09 49.88 -34.18
CA ARG H 240 -11.20 51.31 -33.86
C ARG H 240 -11.81 52.07 -35.04
N ASN H 241 -12.50 53.16 -34.73
CA ASN H 241 -13.20 53.95 -35.75
C ASN H 241 -12.26 54.75 -36.63
N ALA H 242 -11.15 55.18 -36.05
CA ALA H 242 -10.21 56.06 -36.72
C ALA H 242 -8.84 55.90 -36.08
N GLU H 243 -7.84 56.57 -36.64
CA GLU H 243 -6.51 56.45 -36.07
C GLU H 243 -6.52 56.88 -34.60
N LEU H 244 -7.37 57.84 -34.27
CA LEU H 244 -7.60 58.21 -32.88
C LEU H 244 -9.04 57.88 -32.48
N GLY H 245 -9.25 57.49 -31.23
CA GLY H 245 -10.59 57.15 -30.75
C GLY H 245 -11.39 58.40 -30.42
N ASP H 246 -12.68 58.20 -30.16
CA ASP H 246 -13.59 59.31 -29.86
C ASP H 246 -13.53 59.72 -28.40
N ARG H 247 -13.25 58.75 -27.53
CA ARG H 247 -13.28 58.97 -26.09
C ARG H 247 -14.67 59.42 -25.63
N LYS H 248 -14.76 60.65 -25.12
CA LYS H 248 -16.02 61.18 -24.60
C LYS H 248 -16.58 60.35 -23.45
N GLY H 249 -15.72 59.89 -22.56
CA GLY H 249 -16.18 59.18 -21.38
C GLY H 249 -15.15 58.21 -20.83
N LYS H 250 -15.38 57.79 -19.59
CA LYS H 250 -14.53 56.82 -18.91
C LYS H 250 -15.31 56.05 -17.86
N ILE H 251 -14.88 54.82 -17.60
CA ILE H 251 -15.46 54.02 -16.53
C ILE H 251 -14.40 53.68 -15.49
N HIS H 252 -14.66 54.00 -14.23
CA HIS H 252 -13.71 53.67 -13.18
C HIS H 252 -13.73 52.19 -12.88
N ILE H 253 -12.62 51.65 -12.41
CA ILE H 253 -12.56 50.24 -12.07
C ILE H 253 -12.79 50.03 -10.57
N PRO H 254 -13.87 49.35 -10.20
CA PRO H 254 -14.32 49.10 -8.84
C PRO H 254 -13.45 48.05 -8.18
N PHE H 255 -13.57 47.93 -6.86
CA PHE H 255 -12.87 46.89 -6.11
C PHE H 255 -11.36 47.09 -6.09
N PRO H 256 -10.86 48.06 -5.33
CA PRO H 256 -9.46 48.40 -5.13
C PRO H 256 -8.75 47.33 -4.30
N LEU H 257 -7.44 47.27 -4.44
CA LEU H 257 -6.61 46.35 -3.67
C LEU H 257 -6.33 46.94 -2.29
N ALA H 258 -6.30 46.09 -1.26
CA ALA H 258 -6.09 46.58 0.11
C ALA H 258 -5.27 45.61 0.95
N ASN H 259 -4.66 46.16 2.00
CA ASN H 259 -3.84 45.38 2.94
C ASN H 259 -4.66 44.82 4.09
N VAL H 260 -4.76 43.49 4.12
CA VAL H 260 -5.54 42.78 5.14
C VAL H 260 -4.73 41.62 5.69
N THR H 261 -5.24 40.94 6.71
CA THR H 261 -4.57 39.76 7.23
C THR H 261 -5.33 38.48 6.85
N CYS H 262 -4.59 37.36 6.84
CA CYS H 262 -5.13 36.04 6.52
C CYS H 262 -4.78 35.04 7.62
N ARG H 263 -5.71 34.15 7.93
CA ARG H 263 -5.51 33.14 8.96
C ARG H 263 -4.75 31.93 8.42
N VAL H 264 -3.74 31.50 9.16
CA VAL H 264 -2.99 30.30 8.79
C VAL H 264 -2.92 29.33 9.97
N PRO H 265 -2.88 28.03 9.70
CA PRO H 265 -2.80 26.94 10.66
C PRO H 265 -1.44 26.81 11.30
N LYS H 266 -1.39 26.09 12.42
CA LYS H 266 -0.14 25.78 13.09
C LYS H 266 0.01 24.26 13.24
N ALA H 267 1.16 23.75 12.81
CA ALA H 267 1.44 22.32 12.86
C ALA H 267 1.45 21.79 14.29
N ARG H 268 1.03 20.54 14.45
CA ARG H 268 0.98 19.87 15.76
C ARG H 268 2.35 19.81 16.40
N ASN H 269 2.39 19.99 17.71
CA ASN H 269 3.64 19.84 18.44
C ASN H 269 4.20 18.44 18.19
N PRO H 270 5.47 18.34 17.75
CA PRO H 270 6.17 17.12 17.43
C PRO H 270 6.53 16.35 18.70
N THR H 271 6.70 15.05 18.57
CA THR H 271 7.19 14.24 19.68
C THR H 271 8.71 14.31 19.70
N VAL H 272 9.29 14.66 20.83
CA VAL H 272 10.72 14.90 20.88
C VAL H 272 11.44 14.05 21.91
N THR H 273 12.52 13.42 21.49
CA THR H 273 13.39 12.67 22.39
C THR H 273 14.84 13.09 22.15
N TYR H 274 15.72 12.76 23.09
CA TYR H 274 17.09 13.25 23.00
C TYR H 274 18.14 12.15 23.10
N GLY H 275 19.25 12.36 22.39
CA GLY H 275 20.42 11.50 22.47
C GLY H 275 21.67 12.35 22.65
N LYS H 276 22.84 11.74 22.51
CA LYS H 276 24.08 12.48 22.70
C LYS H 276 24.33 13.43 21.55
N ASN H 277 24.27 14.73 21.84
CA ASN H 277 24.39 15.76 20.82
C ASN H 277 23.40 15.52 19.70
N GLN H 278 22.22 15.03 20.04
CA GLN H 278 21.24 14.66 19.02
C GLN H 278 19.81 14.96 19.46
N VAL H 279 19.03 15.51 18.54
CA VAL H 279 17.61 15.73 18.76
C VAL H 279 16.77 14.99 17.74
N ILE H 280 15.86 14.15 18.21
CA ILE H 280 15.03 13.37 17.31
C ILE H 280 13.57 13.80 17.41
N MET H 281 12.99 14.15 16.27
CA MET H 281 11.62 14.63 16.24
C MET H 281 10.72 13.76 15.37
N LEU H 282 9.49 13.54 15.83
CA LEU H 282 8.48 12.88 15.01
C LEU H 282 7.43 13.89 14.58
N LEU H 283 7.30 14.08 13.27
CA LEU H 283 6.38 15.07 12.73
C LEU H 283 5.07 14.44 12.32
N TYR H 284 3.96 15.09 12.67
CA TYR H 284 2.63 14.58 12.33
C TYR H 284 1.76 15.63 11.64
N PRO H 285 2.07 15.99 10.39
CA PRO H 285 1.38 16.98 9.58
C PRO H 285 0.03 16.48 9.06
N ASP H 286 -0.90 17.41 8.87
CA ASP H 286 -2.14 17.12 8.15
C ASP H 286 -1.97 17.47 6.68
N HIS H 287 -1.12 18.45 6.45
CA HIS H 287 -0.86 19.01 5.13
C HIS H 287 0.63 19.29 5.05
N PRO H 288 1.20 19.46 3.85
CA PRO H 288 2.61 19.74 3.63
C PRO H 288 3.05 20.96 4.41
N THR H 289 4.17 20.82 5.11
CA THR H 289 4.75 21.92 5.87
C THR H 289 6.23 22.04 5.62
N LEU H 290 6.78 23.23 5.84
CA LEU H 290 8.20 23.46 5.67
C LEU H 290 8.96 23.34 6.99
N LEU H 291 9.98 22.49 7.00
CA LEU H 291 10.85 22.35 8.15
C LEU H 291 12.23 22.90 7.84
N SER H 292 12.74 23.75 8.71
CA SER H 292 14.08 24.30 8.48
C SER H 292 14.81 24.57 9.76
N TYR H 293 16.13 24.62 9.67
CA TYR H 293 16.96 24.86 10.85
C TYR H 293 18.30 25.50 10.48
N ARG H 294 18.89 26.17 11.47
CA ARG H 294 20.20 26.79 11.31
C ARG H 294 21.03 26.65 12.56
N ASN H 295 22.34 26.63 12.40
CA ASN H 295 23.24 26.71 13.53
C ASN H 295 23.26 28.14 14.02
N MET H 296 23.44 28.33 15.32
CA MET H 296 23.49 29.68 15.88
C MET H 296 24.91 30.22 15.98
N GLY H 297 25.84 29.49 15.38
CA GLY H 297 27.25 29.89 15.36
C GLY H 297 27.58 30.69 14.11
N GLU H 298 28.88 30.82 13.82
CA GLU H 298 29.34 31.61 12.68
C GLU H 298 28.84 31.07 11.35
N GLU H 299 28.78 29.75 11.22
CA GLU H 299 28.35 29.12 9.97
C GLU H 299 27.02 28.39 10.16
N PRO H 300 25.90 29.00 9.75
CA PRO H 300 24.55 28.56 10.01
C PRO H 300 24.21 27.26 9.30
N ASN H 301 24.91 26.95 8.22
CA ASN H 301 24.67 25.70 7.50
C ASN H 301 23.17 25.49 7.28
N TYR H 302 22.50 26.49 6.75
CA TYR H 302 21.04 26.44 6.64
C TYR H 302 20.58 25.29 5.77
N GLN H 303 19.60 24.55 6.27
CA GLN H 303 18.98 23.46 5.52
C GLN H 303 17.47 23.50 5.67
N GLU H 304 16.75 23.05 4.65
CA GLU H 304 15.30 22.98 4.72
C GLU H 304 14.75 21.83 3.90
N GLU H 305 13.57 21.34 4.29
CA GLU H 305 12.87 20.32 3.53
C GLU H 305 11.36 20.42 3.71
N TRP H 306 10.62 19.91 2.73
CA TRP H 306 9.17 19.82 2.86
C TRP H 306 8.76 18.43 3.31
N VAL H 307 7.80 18.37 4.24
CA VAL H 307 7.31 17.11 4.74
C VAL H 307 5.83 16.93 4.45
N MET H 308 5.50 15.88 3.69
CA MET H 308 4.11 15.63 3.30
C MET H 308 3.47 14.45 4.02
N HIS H 309 4.18 13.91 5.01
CA HIS H 309 3.68 12.74 5.73
C HIS H 309 4.41 12.56 7.04
N LYS H 310 3.95 11.61 7.85
CA LYS H 310 4.65 11.33 9.10
C LYS H 310 6.09 10.95 8.81
N LYS H 311 7.01 11.61 9.48
CA LYS H 311 8.43 11.36 9.25
C LYS H 311 9.26 11.46 10.52
N GLU H 312 10.31 10.66 10.60
CA GLU H 312 11.28 10.75 11.67
C GLU H 312 12.48 11.56 11.22
N VAL H 313 12.75 12.65 11.94
CA VAL H 313 13.84 13.54 11.57
C VAL H 313 14.90 13.59 12.66
N VAL H 314 16.15 13.35 12.28
CA VAL H 314 17.25 13.37 13.23
C VAL H 314 18.19 14.55 12.96
N LEU H 315 18.34 15.41 13.96
CA LEU H 315 19.19 16.58 13.80
C LEU H 315 20.41 16.52 14.73
N THR H 316 21.54 16.99 14.22
CA THR H 316 22.77 17.04 15.01
C THR H 316 22.94 18.40 15.65
N VAL H 317 23.23 18.42 16.94
CA VAL H 317 23.35 19.68 17.66
C VAL H 317 24.82 20.07 17.89
N PRO H 318 25.25 21.22 17.37
CA PRO H 318 26.58 21.79 17.49
C PRO H 318 26.77 22.42 18.85
N THR H 319 28.01 22.71 19.21
CA THR H 319 28.32 23.32 20.50
C THR H 319 27.62 24.66 20.68
N GLU H 320 27.54 25.44 19.59
CA GLU H 320 26.95 26.77 19.64
C GLU H 320 25.44 26.75 19.85
N GLY H 321 24.81 25.61 19.58
CA GLY H 321 23.38 25.47 19.70
C GLY H 321 22.67 25.46 18.33
N LEU H 322 21.52 24.81 18.29
CA LEU H 322 20.74 24.65 17.06
C LEU H 322 19.35 25.28 17.20
N GLU H 323 18.94 26.03 16.18
CA GLU H 323 17.59 26.59 16.15
C GLU H 323 16.74 25.92 15.09
N VAL H 324 15.59 25.40 15.50
CA VAL H 324 14.71 24.65 14.60
C VAL H 324 13.32 25.29 14.50
N THR H 325 12.86 25.53 13.28
CA THR H 325 11.53 26.10 13.08
C THR H 325 10.68 25.21 12.18
N TRP H 326 9.51 24.83 12.66
CA TRP H 326 8.62 23.99 11.87
C TRP H 326 7.31 24.70 11.54
N GLY H 327 7.04 24.86 10.25
CA GLY H 327 5.80 25.46 9.80
C GLY H 327 5.64 26.88 10.34
N ASN H 328 4.48 27.17 10.89
CA ASN H 328 4.19 28.51 11.40
C ASN H 328 4.38 28.59 12.91
N ASN H 329 5.01 27.58 13.49
CA ASN H 329 5.24 27.54 14.93
C ASN H 329 6.46 28.37 15.33
N GLU H 330 6.47 28.82 16.57
CA GLU H 330 7.62 29.51 17.12
C GLU H 330 8.82 28.57 17.15
N PRO H 331 10.03 29.11 16.96
CA PRO H 331 11.30 28.39 16.89
C PRO H 331 11.68 27.75 18.21
N TYR H 332 12.37 26.62 18.12
CA TYR H 332 12.90 25.93 19.29
C TYR H 332 14.42 26.06 19.30
N LYS H 333 15.01 26.17 20.49
CA LYS H 333 16.46 26.22 20.58
C LYS H 333 17.00 25.11 21.45
N TYR H 334 18.09 24.49 21.02
CA TYR H 334 18.69 23.40 21.78
C TYR H 334 20.18 23.60 21.99
N TRP H 335 20.65 23.22 23.18
CA TRP H 335 22.08 23.20 23.50
C TRP H 335 22.44 21.88 24.17
N PRO H 336 23.64 21.36 23.91
CA PRO H 336 24.22 20.17 24.50
C PRO H 336 24.66 20.38 25.94
N GLN H 337 24.61 19.31 26.73
CA GLN H 337 25.19 19.29 28.06
C GLN H 337 26.41 18.38 28.07
N LEU H 338 27.27 18.55 29.07
CA LEU H 338 28.46 17.73 29.17
C LEU H 338 28.14 16.39 29.84
N SER H 339 27.33 15.59 29.17
CA SER H 339 26.95 14.27 29.66
C SER H 339 27.94 13.21 29.19
N THR H 340 28.10 12.16 30.00
CA THR H 340 28.96 11.05 29.63
C THR H 340 28.34 9.71 30.03
N ASN H 341 28.82 8.64 29.39
CA ASN H 341 28.49 7.29 29.83
C ASN H 341 29.62 6.80 30.73
N GLY H 342 30.77 7.46 30.59
CA GLY H 342 31.92 7.21 31.46
C GLY H 342 31.81 8.11 32.69
N THR H 343 32.85 8.17 33.50
CA THR H 343 32.78 8.96 34.72
C THR H 343 34.13 9.55 35.11
N ALA H 344 34.10 10.69 35.79
CA ALA H 344 35.30 11.29 36.32
C ALA H 344 35.73 10.53 37.57
N HIS H 345 37.01 10.61 37.90
CA HIS H 345 37.55 9.91 39.07
C HIS H 345 37.51 8.41 38.81
N GLY H 346 37.58 7.61 39.87
CA GLY H 346 37.54 6.17 39.70
C GLY H 346 38.80 5.66 39.01
N HIS H 347 38.63 4.61 38.21
CA HIS H 347 39.76 3.96 37.53
C HIS H 347 40.22 4.78 36.32
N PRO H 348 41.51 4.74 35.99
CA PRO H 348 42.13 5.45 34.88
C PRO H 348 41.39 5.27 33.56
N HIS H 349 40.85 4.07 33.30
CA HIS H 349 40.16 3.86 32.04
C HIS H 349 38.77 4.50 32.05
N GLU H 350 38.21 4.72 33.23
CA GLU H 350 36.92 5.37 33.35
C GLU H 350 37.10 6.87 33.12
N ILE H 351 38.26 7.37 33.53
CA ILE H 351 38.61 8.77 33.37
C ILE H 351 38.86 9.12 31.91
N ILE H 352 39.58 8.26 31.20
CA ILE H 352 39.84 8.50 29.78
C ILE H 352 38.54 8.50 29.00
N LEU H 353 37.65 7.56 29.31
CA LEU H 353 36.36 7.52 28.61
C LEU H 353 35.57 8.79 28.88
N TYR H 354 35.59 9.25 30.13
CA TYR H 354 34.89 10.47 30.49
C TYR H 354 35.32 11.65 29.63
N TYR H 355 36.64 11.85 29.54
CA TYR H 355 37.15 12.97 28.78
C TYR H 355 37.05 12.76 27.29
N TYR H 356 37.16 11.51 26.84
CA TYR H 356 37.03 11.21 25.43
C TYR H 356 35.65 11.57 24.91
N GLU H 357 34.63 11.19 25.66
CA GLU H 357 33.26 11.45 25.24
C GLU H 357 32.94 12.93 25.20
N LEU H 358 33.52 13.71 26.11
CA LEU H 358 33.27 15.14 26.12
C LEU H 358 34.13 15.90 25.11
N TYR H 359 35.40 15.56 25.05
CA TYR H 359 36.35 16.26 24.20
C TYR H 359 37.24 15.29 23.41
N PRO H 360 36.68 14.55 22.46
CA PRO H 360 37.31 13.45 21.76
C PRO H 360 38.49 13.89 20.91
N THR H 361 38.43 15.11 20.39
CA THR H 361 39.50 15.55 19.53
C THR H 361 40.71 15.78 20.37
N MET H 362 40.55 16.58 21.41
CA MET H 362 41.68 16.88 22.25
C MET H 362 42.16 15.61 22.89
N THR H 363 41.26 14.75 23.34
CA THR H 363 41.71 13.57 24.06
C THR H 363 42.68 12.80 23.22
N VAL H 364 42.38 12.60 21.95
CA VAL H 364 43.27 11.76 21.17
C VAL H 364 44.62 12.42 21.01
N VAL H 365 44.65 13.75 21.04
CA VAL H 365 45.92 14.45 20.86
C VAL H 365 46.77 14.41 22.12
N VAL H 366 46.16 14.65 23.27
CA VAL H 366 46.91 14.67 24.51
C VAL H 366 47.47 13.30 24.85
N VAL H 367 46.67 12.25 24.69
CA VAL H 367 47.11 10.90 24.99
C VAL H 367 48.20 10.44 24.03
N SER H 368 48.03 10.73 22.75
CA SER H 368 49.01 10.31 21.75
C SER H 368 50.34 11.00 21.95
N VAL H 369 50.31 12.30 22.25
CA VAL H 369 51.54 13.05 22.47
C VAL H 369 52.21 12.66 23.77
N ALA H 370 51.43 12.51 24.84
CA ALA H 370 51.99 12.16 26.12
C ALA H 370 52.68 10.80 26.06
N SER H 371 52.08 9.86 25.32
CA SER H 371 52.68 8.55 25.18
C SER H 371 54.00 8.63 24.44
N PHE H 372 54.03 9.41 23.36
CA PHE H 372 55.24 9.59 22.58
C PHE H 372 56.37 10.18 23.42
N VAL H 373 56.06 11.25 24.16
CA VAL H 373 57.09 11.94 24.93
C VAL H 373 57.65 11.07 26.03
N LEU H 374 56.78 10.34 26.73
CA LEU H 374 57.24 9.48 27.82
C LEU H 374 58.10 8.35 27.29
N LEU H 375 57.73 7.78 26.15
CA LEU H 375 58.52 6.71 25.55
C LEU H 375 59.87 7.25 25.05
N SER H 376 59.85 8.47 24.52
CA SER H 376 61.07 9.09 24.03
C SER H 376 62.05 9.31 25.19
N MET H 377 61.55 9.78 26.32
CA MET H 377 62.39 10.00 27.49
C MET H 377 63.05 8.71 27.96
N VAL H 378 62.29 7.61 27.94
CA VAL H 378 62.83 6.32 28.34
C VAL H 378 63.94 5.88 27.39
N GLY H 379 63.70 6.06 26.10
CA GLY H 379 64.69 5.68 25.10
C GLY H 379 66.00 6.42 25.31
N VAL H 380 65.90 7.69 25.72
CA VAL H 380 67.08 8.48 25.99
C VAL H 380 67.82 7.97 27.22
N ALA H 381 67.06 7.64 28.26
CA ALA H 381 67.65 7.13 29.50
C ALA H 381 68.41 5.83 29.24
N VAL H 382 67.86 5.01 28.36
CA VAL H 382 68.50 3.74 28.02
C VAL H 382 69.77 3.99 27.22
N GLY H 383 69.70 4.91 26.27
CA GLY H 383 70.87 5.23 25.45
C GLY H 383 72.01 5.75 26.31
N MET H 384 71.69 6.57 27.31
CA MET H 384 72.72 7.10 28.19
C MET H 384 73.36 5.98 29.02
N CYS H 385 72.55 5.04 29.47
CA CYS H 385 73.05 3.92 30.25
C CYS H 385 73.97 3.04 29.42
N MET H 386 73.60 2.83 28.15
CA MET H 386 74.43 2.01 27.27
C MET H 386 75.74 2.70 26.94
N CYS H 387 75.71 4.03 26.84
CA CYS H 387 76.92 4.78 26.58
C CYS H 387 77.88 4.66 27.76
N ALA H 388 77.33 4.79 28.96
CA ALA H 388 78.11 4.66 30.18
C ALA H 388 78.69 3.25 30.30
N ARG H 389 77.91 2.27 29.88
CA ARG H 389 78.33 0.87 29.94
C ARG H 389 79.54 0.61 29.05
N ARG H 390 79.58 1.26 27.89
CA ARG H 390 80.70 1.08 27.00
C ARG H 390 81.93 1.86 27.47
N ARG H 391 81.71 3.10 27.90
CA ARG H 391 82.82 3.99 28.25
C ARG H 391 83.62 3.51 29.45
N CYS H 392 82.95 2.91 30.43
CA CYS H 392 83.63 2.49 31.65
C CYS H 392 84.25 1.09 31.52
N ILE H 393 83.96 0.42 30.42
CA ILE H 393 84.46 -0.95 30.22
C ILE H 393 85.54 -1.03 29.16
N THR H 394 85.41 -0.23 28.11
CA THR H 394 86.34 -0.31 26.99
C THR H 394 87.81 -0.39 27.43
N PRO H 395 88.27 0.44 28.39
CA PRO H 395 89.64 0.48 28.87
C PRO H 395 90.08 -0.87 29.44
N TYR H 396 89.13 -1.67 29.91
CA TYR H 396 89.45 -2.99 30.44
C TYR H 396 89.72 -3.97 29.30
N GLU H 397 88.98 -3.79 28.21
CA GLU H 397 89.17 -4.63 27.04
C GLU H 397 90.49 -4.32 26.37
N LEU H 398 90.85 -3.04 26.36
CA LEU H 398 92.08 -2.59 25.74
C LEU H 398 93.30 -3.10 26.51
N THR H 399 93.17 -3.15 27.84
CA THR H 399 94.24 -3.63 28.71
C THR H 399 94.35 -5.15 28.66
N PRO H 400 95.55 -5.71 28.42
CA PRO H 400 95.84 -7.12 28.38
C PRO H 400 95.37 -7.81 29.66
N GLY H 401 94.73 -8.96 29.50
CA GLY H 401 94.24 -9.75 30.63
C GLY H 401 92.78 -9.46 30.95
N ALA H 402 92.24 -8.35 30.44
CA ALA H 402 90.84 -8.01 30.66
C ALA H 402 90.44 -8.20 32.12
N THR H 403 91.27 -7.67 33.02
CA THR H 403 91.10 -7.89 34.45
C THR H 403 89.99 -7.04 35.05
N VAL H 404 88.76 -7.31 34.64
CA VAL H 404 87.59 -6.64 35.16
C VAL H 404 87.25 -7.17 36.56
N PRO H 405 87.07 -6.29 37.55
CA PRO H 405 86.72 -6.60 38.92
C PRO H 405 85.32 -7.19 38.99
N PHE H 406 85.11 -8.06 39.96
CA PHE H 406 83.86 -8.81 40.08
C PHE H 406 82.63 -7.92 40.19
N LEU H 407 82.70 -6.89 41.03
CA LEU H 407 81.53 -6.05 41.25
C LEU H 407 81.13 -5.30 39.99
N LEU H 408 82.12 -4.87 39.22
CA LEU H 408 81.85 -4.14 37.99
C LEU H 408 81.17 -5.03 36.97
N SER H 409 81.56 -6.30 36.95
CA SER H 409 80.97 -7.25 36.02
C SER H 409 79.49 -7.46 36.30
N LEU H 410 79.12 -7.41 37.58
CA LEU H 410 77.72 -7.54 37.97
C LEU H 410 76.93 -6.30 37.60
N ILE H 411 77.55 -5.14 37.75
CA ILE H 411 76.87 -3.87 37.49
C ILE H 411 76.63 -3.63 36.00
N CYS H 412 77.65 -3.91 35.19
CA CYS H 412 77.56 -3.63 33.76
C CYS H 412 77.07 -4.84 32.96
N CYS H 413 76.79 -5.93 33.64
CA CYS H 413 76.31 -7.14 32.98
C CYS H 413 77.27 -7.60 31.89
N ILE H 414 78.53 -7.79 32.26
CA ILE H 414 79.57 -8.20 31.32
C ILE H 414 80.30 -9.45 31.80
N ARG H 415 80.98 -10.11 30.88
CA ARG H 415 81.69 -11.35 31.19
C ARG H 415 83.14 -11.11 31.57
N THR H 416 83.71 -12.05 32.32
CA THR H 416 85.09 -11.96 32.79
C THR H 416 86.11 -12.42 31.75
N ALA H 417 87.39 -12.23 32.08
CA ALA H 417 88.50 -12.52 31.17
C ALA H 417 88.55 -13.98 30.74
N LYS H 418 88.13 -14.87 31.62
CA LYS H 418 88.19 -16.31 31.36
C LYS H 418 86.87 -16.90 30.84
N ALA H 419 85.91 -16.03 30.51
CA ALA H 419 84.59 -16.45 30.03
C ALA H 419 84.66 -16.98 28.59
N ASN I 1 -36.55 5.31 16.14
CA ASN I 1 -37.50 6.33 15.69
C ASN I 1 -37.05 7.73 16.13
N PHE I 2 -37.89 8.74 15.87
CA PHE I 2 -37.56 10.14 16.12
C PHE I 2 -38.20 10.70 17.38
N ASN I 3 -38.73 9.82 18.22
CA ASN I 3 -39.44 10.27 19.41
C ASN I 3 -38.48 10.92 20.40
N VAL I 4 -37.21 10.56 20.31
CA VAL I 4 -36.20 11.05 21.21
C VAL I 4 -35.90 12.53 20.98
N TYR I 5 -36.32 13.05 19.83
CA TYR I 5 -36.01 14.43 19.48
C TYR I 5 -37.15 15.40 19.82
N LYS I 6 -38.20 14.90 20.46
CA LYS I 6 -39.35 15.74 20.75
C LYS I 6 -38.99 16.91 21.66
N ALA I 7 -38.03 16.71 22.55
CA ALA I 7 -37.66 17.75 23.51
C ALA I 7 -36.37 18.45 23.11
N THR I 8 -35.89 18.22 21.88
CA THR I 8 -34.63 18.80 21.46
C THR I 8 -34.82 20.00 20.55
N ARG I 9 -33.74 20.75 20.37
CA ARG I 9 -33.75 21.89 19.46
C ARG I 9 -32.48 21.93 18.61
N PRO I 10 -32.55 22.55 17.43
CA PRO I 10 -31.46 23.07 16.63
C PRO I 10 -30.70 24.15 17.37
N TYR I 11 -29.42 24.31 17.02
CA TYR I 11 -28.58 25.32 17.65
C TYR I 11 -27.60 25.92 16.66
N LEU I 12 -27.09 27.11 16.98
CA LEU I 12 -26.09 27.77 16.16
C LEU I 12 -24.70 27.53 16.74
N ALA I 13 -23.69 27.48 15.88
CA ALA I 13 -22.32 27.30 16.33
C ALA I 13 -21.34 27.96 15.36
N HIS I 14 -20.15 28.25 15.85
CA HIS I 14 -19.14 28.94 15.05
C HIS I 14 -18.64 28.06 13.90
N CYS I 15 -18.43 28.69 12.74
CA CYS I 15 -17.88 28.05 11.55
C CYS I 15 -16.70 28.85 10.99
N PRO I 16 -15.53 28.22 10.82
CA PRO I 16 -14.28 28.82 10.43
C PRO I 16 -14.33 29.42 9.03
N ASP I 17 -15.21 28.90 8.19
CA ASP I 17 -15.38 29.43 6.84
C ASP I 17 -16.81 29.28 6.36
N CYS I 18 -17.53 30.40 6.23
CA CYS I 18 -18.94 30.42 5.89
C CYS I 18 -19.13 30.50 4.38
N GLY I 19 -18.04 30.27 3.64
CA GLY I 19 -18.08 30.20 2.18
C GLY I 19 -17.55 31.46 1.52
N GLU I 20 -17.42 32.52 2.29
CA GLU I 20 -16.90 33.78 1.78
C GLU I 20 -15.41 33.94 2.05
N GLY I 21 -14.82 32.96 2.72
CA GLY I 21 -13.41 33.05 3.12
C GLY I 21 -13.31 33.70 4.49
N HIS I 22 -14.46 34.01 5.07
CA HIS I 22 -14.54 34.63 6.39
C HIS I 22 -15.32 33.76 7.34
N SER I 23 -15.00 33.86 8.63
CA SER I 23 -15.69 33.06 9.64
C SER I 23 -16.95 33.78 10.13
N CYS I 24 -17.90 33.00 10.65
CA CYS I 24 -19.12 33.54 11.24
C CYS I 24 -19.83 32.45 12.05
N HIS I 25 -20.87 32.84 12.78
CA HIS I 25 -21.73 31.85 13.41
C HIS I 25 -22.71 31.34 12.36
N SER I 26 -22.90 30.02 12.31
CA SER I 26 -23.68 29.43 11.23
C SER I 26 -24.53 28.25 11.68
N PRO I 27 -25.77 28.15 11.15
CA PRO I 27 -26.74 27.11 11.42
C PRO I 27 -26.34 25.76 10.84
N VAL I 28 -25.33 25.75 9.98
CA VAL I 28 -24.91 24.52 9.34
C VAL I 28 -23.51 24.09 9.77
N ALA I 29 -23.03 24.65 10.87
CA ALA I 29 -21.69 24.31 11.34
C ALA I 29 -21.57 22.82 11.61
N LEU I 30 -20.41 22.26 11.26
CA LEU I 30 -20.13 20.84 11.45
C LEU I 30 -19.56 20.59 12.84
N GLU I 31 -19.89 19.44 13.43
CA GLU I 31 -19.32 19.09 14.72
C GLU I 31 -18.18 18.08 14.60
N ARG I 32 -18.37 17.07 13.76
CA ARG I 32 -17.36 16.04 13.59
C ARG I 32 -17.53 15.26 12.31
N ILE I 33 -16.42 14.76 11.77
CA ILE I 33 -16.47 13.84 10.64
C ILE I 33 -15.87 12.50 11.04
N ARG I 34 -16.65 11.44 10.86
CA ARG I 34 -16.21 10.10 11.24
C ARG I 34 -15.98 9.23 10.01
N ASN I 35 -14.84 8.55 9.97
CA ASN I 35 -14.50 7.70 8.83
C ASN I 35 -13.98 6.34 9.25
N GLU I 36 -14.66 5.70 10.20
CA GLU I 36 -14.23 4.39 10.68
C GLU I 36 -14.36 3.31 9.61
N ALA I 37 -15.39 3.44 8.77
CA ALA I 37 -15.65 2.45 7.72
C ALA I 37 -14.51 2.43 6.72
N THR I 38 -14.22 1.25 6.18
CA THR I 38 -13.13 1.10 5.23
C THR I 38 -13.63 1.10 3.79
N ASP I 39 -14.94 1.12 3.60
CA ASP I 39 -15.50 1.13 2.24
C ASP I 39 -15.57 2.55 1.69
N GLY I 40 -15.09 3.51 2.47
CA GLY I 40 -15.01 4.89 2.02
C GLY I 40 -16.23 5.74 2.39
N THR I 41 -17.21 5.14 3.07
CA THR I 41 -18.39 5.89 3.47
C THR I 41 -18.07 6.86 4.61
N LEU I 42 -18.56 8.09 4.49
CA LEU I 42 -18.36 9.06 5.56
C LEU I 42 -19.62 9.26 6.38
N LYS I 43 -19.43 9.48 7.68
CA LYS I 43 -20.52 9.78 8.59
C LYS I 43 -20.30 11.16 9.20
N ILE I 44 -21.18 12.11 8.87
CA ILE I 44 -20.98 13.50 9.24
C ILE I 44 -21.99 13.97 10.27
N GLN I 45 -21.51 14.56 11.35
CA GLN I 45 -22.37 15.09 12.40
C GLN I 45 -22.51 16.61 12.28
N VAL I 46 -23.76 17.07 12.15
CA VAL I 46 -24.05 18.49 11.94
C VAL I 46 -25.07 19.02 12.93
N SER I 47 -25.14 20.35 13.07
CA SER I 47 -26.11 20.98 13.97
C SER I 47 -27.54 20.91 13.45
N LEU I 48 -27.71 20.61 12.17
CA LEU I 48 -29.03 20.52 11.55
C LEU I 48 -29.77 19.27 12.03
N GLN I 49 -31.09 19.35 12.16
CA GLN I 49 -31.87 18.18 12.50
C GLN I 49 -32.77 17.77 11.33
N ILE I 50 -32.46 16.64 10.73
CA ILE I 50 -33.10 16.19 9.50
C ILE I 50 -34.19 15.16 9.73
N GLY I 51 -35.35 15.40 9.11
CA GLY I 51 -36.49 14.49 9.21
C GLY I 51 -37.43 14.92 10.33
N ILE I 52 -37.10 16.02 10.98
CA ILE I 52 -37.89 16.52 12.10
C ILE I 52 -38.36 17.93 11.81
N LYS I 53 -39.65 18.17 11.98
CA LYS I 53 -40.21 19.51 11.77
C LYS I 53 -40.25 20.32 13.07
N THR I 54 -40.49 21.62 12.96
CA THR I 54 -40.53 22.49 14.12
C THR I 54 -41.74 22.21 15.01
N ASP I 55 -42.70 21.46 14.48
CA ASP I 55 -43.88 21.07 15.25
C ASP I 55 -43.68 19.69 15.87
N ASP I 56 -42.45 19.19 15.80
CA ASP I 56 -42.05 17.90 16.38
C ASP I 56 -42.69 16.70 15.69
N SER I 57 -43.28 16.91 14.52
CA SER I 57 -43.81 15.81 13.73
C SER I 57 -42.70 15.16 12.92
N HIS I 58 -42.97 13.97 12.39
CA HIS I 58 -42.00 13.24 11.58
C HIS I 58 -42.29 13.42 10.10
N ASP I 59 -41.32 14.01 9.39
CA ASP I 59 -41.44 14.24 7.95
C ASP I 59 -40.07 14.14 7.29
N TRP I 60 -39.86 13.07 6.55
CA TRP I 60 -38.55 12.78 5.97
C TRP I 60 -38.18 13.75 4.87
N THR I 61 -39.13 14.55 4.40
CA THR I 61 -38.87 15.49 3.32
C THR I 61 -38.46 16.87 3.84
N LYS I 62 -38.47 17.03 5.17
CA LYS I 62 -38.17 18.33 5.77
C LYS I 62 -37.02 18.25 6.77
N LEU I 63 -36.29 19.36 6.91
CA LEU I 63 -35.31 19.52 7.97
C LEU I 63 -35.66 20.74 8.80
N ARG I 64 -35.21 20.77 10.04
CA ARG I 64 -35.39 21.97 10.85
C ARG I 64 -34.04 22.51 11.31
N TYR I 65 -33.94 23.82 11.38
CA TYR I 65 -32.70 24.51 11.69
C TYR I 65 -32.97 25.70 12.58
N MET I 66 -31.92 26.22 13.19
CA MET I 66 -32.07 27.35 14.08
C MET I 66 -32.02 28.67 13.31
N ASP I 67 -32.96 29.56 13.60
CA ASP I 67 -32.99 30.88 13.00
C ASP I 67 -33.17 31.94 14.09
N ASN I 68 -32.08 32.61 14.45
CA ASN I 68 -32.11 33.55 15.56
C ASN I 68 -32.60 32.88 16.84
N HIS I 69 -33.79 33.24 17.31
CA HIS I 69 -34.31 32.70 18.55
C HIS I 69 -35.43 31.69 18.34
N MET I 70 -35.66 31.31 17.08
CA MET I 70 -36.69 30.34 16.77
C MET I 70 -36.18 29.24 15.83
N PRO I 71 -36.69 28.01 15.95
CA PRO I 71 -36.63 26.94 14.99
C PRO I 71 -37.37 27.32 13.70
N ALA I 72 -36.91 26.79 12.57
CA ALA I 72 -37.55 27.03 11.29
C ALA I 72 -37.42 25.83 10.37
N ASP I 73 -38.36 25.68 9.44
CA ASP I 73 -38.36 24.53 8.52
C ASP I 73 -37.70 24.86 7.18
N ALA I 74 -37.16 23.83 6.54
CA ALA I 74 -36.63 23.93 5.18
C ALA I 74 -36.71 22.58 4.48
N GLU I 75 -36.73 22.59 3.15
CA GLU I 75 -36.81 21.34 2.39
C GLU I 75 -35.56 20.50 2.49
N ARG I 76 -35.74 19.20 2.69
CA ARG I 76 -34.63 18.25 2.76
C ARG I 76 -33.97 18.10 1.41
N ALA I 77 -34.70 18.41 0.36
CA ALA I 77 -34.20 18.30 -1.01
C ALA I 77 -33.08 19.31 -1.26
N GLY I 78 -33.00 20.34 -0.43
CA GLY I 78 -32.00 21.39 -0.62
C GLY I 78 -30.69 21.06 0.09
N LEU I 79 -30.64 19.93 0.78
CA LEU I 79 -29.45 19.54 1.53
C LEU I 79 -28.38 18.99 0.59
N PHE I 80 -27.14 19.44 0.77
CA PHE I 80 -26.06 18.92 -0.06
C PHE I 80 -24.76 18.72 0.73
N VAL I 81 -23.93 17.83 0.21
CA VAL I 81 -22.58 17.60 0.72
C VAL I 81 -21.60 17.65 -0.44
N ARG I 82 -20.44 18.28 -0.21
CA ARG I 82 -19.44 18.39 -1.27
C ARG I 82 -18.01 18.28 -0.74
N THR I 83 -17.12 17.72 -1.55
CA THR I 83 -15.69 17.73 -1.23
C THR I 83 -14.92 18.39 -2.37
N SER I 84 -14.28 17.58 -3.20
CA SER I 84 -13.63 18.07 -4.41
C SER I 84 -14.63 18.09 -5.54
N ALA I 85 -15.75 17.43 -5.32
CA ALA I 85 -16.83 17.29 -6.27
C ALA I 85 -18.10 16.95 -5.49
N PRO I 86 -19.29 17.10 -6.09
CA PRO I 86 -20.58 16.82 -5.47
C PRO I 86 -20.59 15.41 -4.89
N CYS I 87 -21.10 15.29 -3.67
CA CYS I 87 -21.12 14.04 -2.91
C CYS I 87 -22.52 13.44 -2.88
N THR I 88 -22.61 12.12 -2.88
CA THR I 88 -23.91 11.46 -2.85
C THR I 88 -24.31 11.10 -1.43
N ILE I 89 -25.51 11.53 -1.03
CA ILE I 89 -26.03 11.23 0.29
C ILE I 89 -26.79 9.90 0.25
N THR I 90 -26.45 9.00 1.17
CA THR I 90 -27.06 7.67 1.17
C THR I 90 -28.19 7.57 2.17
N GLY I 91 -28.24 8.51 3.12
CA GLY I 91 -29.34 8.57 4.07
C GLY I 91 -29.07 9.58 5.17
N THR I 92 -30.13 9.98 5.87
CA THR I 92 -30.00 10.97 6.94
C THR I 92 -30.90 10.66 8.12
N MET I 93 -30.52 11.15 9.28
CA MET I 93 -31.38 11.14 10.46
C MET I 93 -30.88 12.07 11.54
N GLY I 94 -31.72 12.99 11.99
CA GLY I 94 -31.33 13.85 13.09
C GLY I 94 -30.09 14.66 12.72
N HIS I 95 -29.05 14.50 13.50
CA HIS I 95 -27.81 15.24 13.31
C HIS I 95 -26.80 14.51 12.44
N PHE I 96 -27.17 13.35 11.91
CA PHE I 96 -26.21 12.55 11.17
C PHE I 96 -26.53 12.35 9.70
N ILE I 97 -25.52 12.54 8.87
CA ILE I 97 -25.64 12.34 7.42
C ILE I 97 -24.66 11.26 6.94
N LEU I 98 -25.17 10.29 6.20
CA LEU I 98 -24.31 9.29 5.56
C LEU I 98 -24.12 9.65 4.10
N ALA I 99 -22.88 9.65 3.63
CA ALA I 99 -22.62 10.00 2.24
C ALA I 99 -21.36 9.34 1.71
N ARG I 100 -21.29 9.18 0.40
CA ARG I 100 -20.13 8.62 -0.29
C ARG I 100 -19.48 9.68 -1.16
N CYS I 101 -18.38 10.26 -0.67
CA CYS I 101 -17.74 11.40 -1.32
C CYS I 101 -16.46 11.00 -2.05
N PRO I 102 -16.15 11.70 -3.15
CA PRO I 102 -14.92 11.63 -3.92
C PRO I 102 -13.76 12.24 -3.14
N LYS I 103 -12.55 11.79 -3.47
CA LYS I 103 -11.33 12.19 -2.78
C LYS I 103 -11.11 13.70 -2.83
N GLY I 104 -10.64 14.25 -1.70
CA GLY I 104 -10.35 15.68 -1.63
C GLY I 104 -9.81 16.07 -0.25
N GLU I 105 -9.35 17.31 -0.14
CA GLU I 105 -8.74 17.81 1.09
C GLU I 105 -9.70 18.60 1.98
N THR I 106 -10.87 18.95 1.44
CA THR I 106 -11.84 19.71 2.21
C THR I 106 -13.22 19.07 2.13
N LEU I 107 -14.08 19.40 3.09
CA LEU I 107 -15.45 18.91 3.08
C LEU I 107 -16.41 20.01 3.54
N THR I 108 -17.53 20.16 2.83
CA THR I 108 -18.51 21.16 3.20
C THR I 108 -19.94 20.62 3.15
N VAL I 109 -20.81 21.24 3.95
CA VAL I 109 -22.22 20.89 4.00
C VAL I 109 -23.06 22.16 3.99
N GLY I 110 -24.26 22.10 3.41
CA GLY I 110 -25.15 23.25 3.44
C GLY I 110 -26.56 22.94 2.95
N PHE I 111 -27.42 23.95 3.02
CA PHE I 111 -28.83 23.81 2.61
C PHE I 111 -29.41 25.17 2.23
N THR I 112 -30.56 25.15 1.57
CA THR I 112 -31.27 26.38 1.20
C THR I 112 -32.26 26.80 2.28
N ASP I 113 -32.22 28.07 2.66
CA ASP I 113 -33.06 28.59 3.74
C ASP I 113 -34.50 28.85 3.27
N SER I 114 -35.35 29.28 4.19
CA SER I 114 -36.75 29.56 3.88
C SER I 114 -36.91 30.84 3.09
N ARG I 115 -35.83 31.63 3.07
CA ARG I 115 -35.80 32.88 2.35
C ARG I 115 -35.02 32.70 1.05
N LYS I 116 -34.76 31.44 0.70
CA LYS I 116 -33.99 31.08 -0.47
C LYS I 116 -32.57 31.64 -0.39
N ILE I 117 -32.01 31.61 0.80
CA ILE I 117 -30.64 32.02 1.03
C ILE I 117 -29.78 30.80 1.30
N SER I 118 -28.68 30.66 0.59
CA SER I 118 -27.81 29.51 0.76
C SER I 118 -26.96 29.63 2.02
N HIS I 119 -26.85 28.54 2.77
CA HIS I 119 -25.96 28.49 3.92
C HIS I 119 -25.03 27.29 3.79
N SER I 120 -23.76 27.51 4.08
CA SER I 120 -22.78 26.44 4.02
C SER I 120 -21.68 26.63 5.05
N CYS I 121 -20.99 25.54 5.39
CA CYS I 121 -19.84 25.58 6.28
C CYS I 121 -18.76 24.64 5.76
N THR I 122 -17.53 25.12 5.71
CA THR I 122 -16.43 24.33 5.18
C THR I 122 -15.36 24.06 6.23
N HIS I 123 -14.96 22.79 6.34
CA HIS I 123 -13.89 22.38 7.22
C HIS I 123 -12.84 21.62 6.42
N PRO I 124 -11.57 21.68 6.84
CA PRO I 124 -10.49 20.86 6.33
C PRO I 124 -10.72 19.41 6.71
N PHE I 125 -10.49 18.51 5.76
CA PHE I 125 -10.65 17.09 6.02
C PHE I 125 -9.97 16.27 4.95
N HIS I 126 -9.08 15.38 5.34
CA HIS I 126 -8.40 14.57 4.35
C HIS I 126 -9.20 13.31 4.06
N HIS I 127 -9.76 13.23 2.86
CA HIS I 127 -10.56 12.09 2.49
C HIS I 127 -9.86 11.29 1.41
N ASP I 128 -9.39 10.12 1.79
CA ASP I 128 -8.63 9.25 0.91
C ASP I 128 -8.68 7.82 1.42
N PRO I 129 -9.74 7.07 1.09
CA PRO I 129 -10.05 5.75 1.58
C PRO I 129 -8.90 4.79 1.32
N PRO I 130 -8.73 3.80 2.20
CA PRO I 130 -7.71 2.77 2.16
C PRO I 130 -7.95 1.83 0.99
N VAL I 131 -6.89 1.19 0.53
CA VAL I 131 -7.02 0.24 -0.57
C VAL I 131 -7.46 -1.12 -0.10
N ILE I 132 -8.50 -1.65 -0.72
CA ILE I 132 -8.97 -2.99 -0.41
C ILE I 132 -8.45 -3.94 -1.47
N GLY I 133 -7.67 -4.92 -1.05
CA GLY I 133 -7.04 -5.83 -2.01
C GLY I 133 -5.71 -5.27 -2.50
N ARG I 134 -5.23 -5.84 -3.61
CA ARG I 134 -3.91 -5.52 -4.12
C ARG I 134 -3.97 -4.64 -5.38
N GLU I 135 -5.15 -4.11 -5.68
CA GLU I 135 -5.33 -3.26 -6.84
C GLU I 135 -6.03 -1.97 -6.45
N LYS I 136 -5.65 -0.86 -7.09
CA LYS I 136 -6.28 0.42 -6.82
C LYS I 136 -7.31 0.76 -7.89
N PHE I 137 -8.59 0.75 -7.51
CA PHE I 137 -9.66 0.97 -8.48
C PHE I 137 -10.56 2.12 -8.05
N HIS I 138 -11.22 2.74 -9.02
CA HIS I 138 -12.08 3.89 -8.76
C HIS I 138 -13.56 3.54 -8.73
N SER I 139 -13.91 2.36 -9.22
CA SER I 139 -15.30 1.92 -9.21
C SER I 139 -15.38 0.40 -9.17
N ARG I 140 -16.52 -0.13 -8.71
CA ARG I 140 -16.69 -1.57 -8.66
C ARG I 140 -16.92 -2.14 -10.07
N PRO I 141 -16.25 -3.25 -10.40
CA PRO I 141 -16.27 -3.96 -11.66
C PRO I 141 -17.52 -4.79 -11.84
N GLN I 142 -17.77 -5.20 -13.09
CA GLN I 142 -18.84 -6.14 -13.40
C GLN I 142 -18.54 -7.52 -12.83
N HIS I 143 -17.26 -7.88 -12.83
CA HIS I 143 -16.82 -9.19 -12.37
C HIS I 143 -15.53 -9.06 -11.58
N GLY I 144 -15.40 -9.83 -10.50
CA GLY I 144 -14.19 -9.76 -9.70
C GLY I 144 -14.27 -10.62 -8.43
N LYS I 145 -13.29 -10.42 -7.55
CA LYS I 145 -13.17 -11.18 -6.30
C LYS I 145 -13.87 -10.44 -5.17
N GLU I 146 -14.23 -11.17 -4.12
CA GLU I 146 -14.90 -10.54 -2.99
C GLU I 146 -14.07 -10.60 -1.72
N LEU I 147 -13.85 -9.43 -1.11
CA LEU I 147 -13.05 -9.31 0.11
C LEU I 147 -13.83 -8.59 1.21
N PRO I 148 -13.57 -8.90 2.48
CA PRO I 148 -14.19 -8.32 3.66
C PRO I 148 -13.85 -6.84 3.83
N CYS I 149 -14.83 -6.06 4.31
CA CYS I 149 -14.68 -4.63 4.55
C CYS I 149 -15.71 -4.15 5.58
N SER I 150 -15.56 -2.91 6.05
CA SER I 150 -16.51 -2.37 7.01
C SER I 150 -17.33 -1.21 6.41
N THR I 151 -18.62 -1.20 6.74
CA THR I 151 -19.53 -0.16 6.27
C THR I 151 -20.46 0.31 7.38
N TYR I 152 -21.25 1.33 7.08
CA TYR I 152 -22.30 1.77 8.00
C TYR I 152 -23.64 1.26 7.48
N VAL I 153 -24.54 0.94 8.40
CA VAL I 153 -25.84 0.41 8.01
C VAL I 153 -26.96 1.40 8.30
N GLN I 154 -28.16 1.08 7.84
CA GLN I 154 -29.28 2.01 7.91
C GLN I 154 -30.08 1.88 9.20
N SER I 155 -29.61 1.04 10.12
CA SER I 155 -30.31 0.89 11.40
C SER I 155 -30.37 2.22 12.14
N THR I 156 -31.54 2.52 12.69
CA THR I 156 -31.79 3.81 13.33
C THR I 156 -32.09 3.71 14.82
N ALA I 157 -31.84 2.56 15.44
CA ALA I 157 -32.19 2.39 16.84
C ALA I 157 -31.30 1.37 17.54
N ALA I 158 -31.28 1.45 18.87
CA ALA I 158 -30.59 0.48 19.71
C ALA I 158 -29.12 0.35 19.35
N THR I 159 -28.46 1.50 19.15
CA THR I 159 -27.04 1.51 18.80
C THR I 159 -26.16 1.58 20.05
N THR I 160 -26.79 1.86 21.19
CA THR I 160 -26.16 1.89 22.52
C THR I 160 -25.20 3.06 22.74
N GLU I 161 -24.81 3.76 21.68
CA GLU I 161 -23.97 4.94 21.85
C GLU I 161 -24.85 6.19 21.86
N GLU I 162 -24.69 7.02 22.88
CA GLU I 162 -25.58 8.17 23.05
C GLU I 162 -24.85 9.48 23.24
N ILE I 163 -25.51 10.56 22.81
CA ILE I 163 -25.04 11.93 22.99
C ILE I 163 -25.87 12.67 24.03
N GLU I 164 -25.19 13.35 24.95
CA GLU I 164 -25.89 14.08 25.99
C GLU I 164 -26.45 15.41 25.47
N VAL I 165 -27.68 15.70 25.86
CA VAL I 165 -28.29 16.98 25.54
C VAL I 165 -28.62 17.73 26.82
N HIS I 166 -28.31 19.03 26.84
CA HIS I 166 -28.45 19.84 28.05
C HIS I 166 -29.11 21.18 27.77
N MET I 167 -29.62 21.81 28.82
CA MET I 167 -30.20 23.14 28.69
C MET I 167 -29.13 24.13 28.22
N PRO I 168 -29.41 24.94 27.20
CA PRO I 168 -28.52 25.91 26.59
C PRO I 168 -28.23 27.07 27.52
N PRO I 169 -27.11 27.75 27.30
CA PRO I 169 -26.65 28.96 27.97
C PRO I 169 -27.44 30.17 27.53
N ASP I 170 -27.31 31.25 28.29
CA ASP I 170 -27.98 32.50 27.95
C ASP I 170 -27.58 32.92 26.53
N THR I 171 -28.56 33.39 25.76
CA THR I 171 -28.31 33.83 24.40
C THR I 171 -28.41 35.35 24.27
N PRO I 172 -27.27 36.04 24.13
CA PRO I 172 -27.13 37.48 23.96
C PRO I 172 -27.77 37.93 22.68
N ASP I 173 -28.39 39.10 22.71
CA ASP I 173 -28.91 39.68 21.48
C ASP I 173 -29.00 41.19 21.56
N ARG I 174 -28.15 41.87 20.80
CA ARG I 174 -28.11 43.33 20.80
C ARG I 174 -29.38 43.93 20.21
N THR I 175 -30.16 43.11 19.50
CA THR I 175 -31.37 43.57 18.84
C THR I 175 -32.52 43.71 19.82
N LEU I 176 -32.39 43.13 21.00
CA LEU I 176 -33.43 43.21 22.01
C LEU I 176 -33.56 44.63 22.55
N MET I 177 -32.43 45.33 22.63
CA MET I 177 -32.43 46.67 23.18
C MET I 177 -32.33 47.74 22.10
N SER I 178 -33.10 48.80 22.27
CA SER I 178 -33.05 49.95 21.37
C SER I 178 -33.23 51.22 22.19
N GLN I 179 -32.79 52.35 21.63
CA GLN I 179 -32.84 53.59 22.37
C GLN I 179 -33.92 54.54 21.85
N GLN I 180 -34.93 54.77 22.68
CA GLN I 180 -36.03 55.65 22.35
C GLN I 180 -36.01 56.89 23.23
N SER I 181 -35.60 58.02 22.68
CA SER I 181 -35.52 59.27 23.46
C SER I 181 -34.99 59.18 24.90
N GLY I 182 -33.74 58.79 25.10
CA GLY I 182 -33.18 58.78 26.44
C GLY I 182 -33.57 57.61 27.32
N ASN I 183 -34.26 56.64 26.73
CA ASN I 183 -34.68 55.47 27.49
C ASN I 183 -34.35 54.20 26.69
N VAL I 184 -34.23 53.04 27.35
CA VAL I 184 -33.98 51.79 26.63
C VAL I 184 -35.18 50.87 26.64
N LYS I 185 -35.62 50.44 25.47
CA LYS I 185 -36.82 49.60 25.35
C LYS I 185 -36.89 48.15 25.87
N ILE I 186 -35.85 47.34 25.72
CA ILE I 186 -35.89 45.90 26.10
C ILE I 186 -36.65 44.97 25.14
N THR I 187 -37.89 45.25 24.76
CA THR I 187 -38.57 44.43 23.73
C THR I 187 -38.52 42.90 23.80
N VAL I 188 -39.11 42.31 24.81
CA VAL I 188 -39.04 40.86 25.03
C VAL I 188 -39.50 39.96 23.90
N ASN I 189 -40.61 40.29 23.26
CA ASN I 189 -41.11 39.49 22.14
C ASN I 189 -41.41 38.04 22.45
N GLY I 190 -41.92 37.75 23.64
CA GLY I 190 -42.32 36.39 23.95
C GLY I 190 -41.31 35.49 24.63
N GLN I 191 -40.12 36.00 24.88
CA GLN I 191 -39.06 35.19 25.47
C GLN I 191 -38.39 35.92 26.63
N THR I 192 -38.39 35.30 27.81
CA THR I 192 -37.89 35.98 29.00
C THR I 192 -36.47 36.48 28.81
N VAL I 193 -36.26 37.74 29.16
CA VAL I 193 -34.97 38.39 28.99
C VAL I 193 -34.33 38.79 30.31
N ARG I 194 -33.07 38.44 30.47
CA ARG I 194 -32.28 38.90 31.60
C ARG I 194 -31.46 40.10 31.17
N TYR I 195 -31.46 41.14 31.98
CA TYR I 195 -30.67 42.31 31.66
C TYR I 195 -29.94 42.85 32.89
N LYS I 196 -28.77 43.43 32.66
CA LYS I 196 -28.00 44.06 33.73
C LYS I 196 -26.94 44.97 33.12
N CYS I 197 -26.48 45.96 33.88
CA CYS I 197 -25.39 46.81 33.40
C CYS I 197 -24.79 47.68 34.49
N ASN I 198 -23.63 48.26 34.20
CA ASN I 198 -22.95 49.17 35.13
C ASN I 198 -23.47 50.58 34.94
N CYS I 199 -24.73 50.78 35.35
CA CYS I 199 -25.43 52.04 35.19
C CYS I 199 -25.84 52.61 36.55
N GLY I 200 -25.90 53.93 36.63
CA GLY I 200 -26.22 54.61 37.88
C GLY I 200 -27.66 54.33 38.32
N GLY I 201 -28.48 53.85 37.40
CA GLY I 201 -29.86 53.53 37.72
C GLY I 201 -29.99 52.20 38.44
N SER I 202 -28.92 51.40 38.40
CA SER I 202 -28.90 50.10 39.05
C SER I 202 -30.15 49.27 38.71
N ASN I 203 -30.54 49.30 37.44
CA ASN I 203 -31.72 48.57 37.00
C ASN I 203 -31.32 47.26 36.34
N GLU I 204 -31.58 46.16 37.04
CA GLU I 204 -31.22 44.83 36.56
C GLU I 204 -32.27 43.82 36.97
N GLY I 205 -32.35 42.71 36.24
CA GLY I 205 -33.29 41.66 36.60
C GLY I 205 -33.88 40.94 35.39
N LEU I 206 -34.95 40.19 35.64
CA LEU I 206 -35.63 39.43 34.59
C LEU I 206 -36.91 40.13 34.17
N THR I 207 -37.29 39.97 32.91
CA THR I 207 -38.59 40.47 32.47
C THR I 207 -39.28 39.54 31.49
N THR I 208 -40.60 39.56 31.51
CA THR I 208 -41.41 38.82 30.55
C THR I 208 -42.18 39.79 29.65
N THR I 209 -42.06 41.08 29.97
CA THR I 209 -42.73 42.12 29.20
C THR I 209 -41.75 43.26 28.90
N ASP I 210 -42.07 44.08 27.92
CA ASP I 210 -41.18 45.18 27.58
C ASP I 210 -40.96 46.06 28.79
N LYS I 211 -39.70 46.33 29.10
CA LYS I 211 -39.36 47.10 30.29
C LYS I 211 -38.49 48.29 29.98
N VAL I 212 -38.95 49.50 30.23
CA VAL I 212 -38.13 50.63 29.87
C VAL I 212 -37.28 51.07 31.03
N ILE I 213 -35.96 50.99 30.90
CA ILE I 213 -35.09 51.34 32.01
C ILE I 213 -35.27 52.80 32.35
N ASN I 214 -35.34 53.67 31.36
CA ASN I 214 -35.61 55.11 31.57
C ASN I 214 -34.47 56.02 32.01
N ASN I 215 -33.28 55.48 32.22
CA ASN I 215 -32.17 56.35 32.55
C ASN I 215 -30.93 56.12 31.70
N CYS I 216 -30.52 54.86 31.53
CA CYS I 216 -29.28 54.54 30.80
C CYS I 216 -29.32 54.51 29.29
N LYS I 217 -28.14 54.45 28.70
CA LYS I 217 -28.06 54.38 27.25
C LYS I 217 -27.90 52.95 26.70
N VAL I 218 -28.51 52.63 25.58
CA VAL I 218 -28.45 51.32 24.94
C VAL I 218 -27.03 50.80 24.75
N ASP I 219 -26.07 51.71 24.66
CA ASP I 219 -24.68 51.32 24.46
C ASP I 219 -24.01 51.00 25.78
N GLN I 220 -24.75 51.13 26.87
CA GLN I 220 -24.22 50.86 28.20
C GLN I 220 -24.62 49.50 28.77
N CYS I 221 -25.69 48.88 28.23
CA CYS I 221 -26.29 47.71 28.87
C CYS I 221 -26.32 46.46 28.00
N HIS I 222 -26.33 45.30 28.67
CA HIS I 222 -26.32 43.98 28.05
C HIS I 222 -27.62 43.22 28.37
N ALA I 223 -28.06 42.37 27.44
CA ALA I 223 -29.24 41.53 27.68
C ALA I 223 -29.18 40.22 26.91
N ALA I 224 -29.83 39.18 27.45
CA ALA I 224 -29.86 37.86 26.83
C ALA I 224 -31.14 37.09 27.20
N VAL I 225 -31.50 36.12 26.37
CA VAL I 225 -32.64 35.24 26.66
C VAL I 225 -32.21 34.07 27.54
N THR I 226 -32.93 33.86 28.64
CA THR I 226 -32.54 32.84 29.61
C THR I 226 -33.52 31.69 29.76
N ASN I 227 -34.75 31.89 29.34
CA ASN I 227 -35.79 30.87 29.55
C ASN I 227 -35.96 29.98 28.33
N HIS I 228 -35.49 28.75 28.42
CA HIS I 228 -35.53 27.83 27.29
C HIS I 228 -36.27 26.55 27.68
N LYS I 229 -37.01 25.99 26.73
CA LYS I 229 -37.82 24.81 26.99
C LYS I 229 -37.21 23.53 26.42
N LYS I 230 -36.43 23.66 25.37
CA LYS I 230 -35.84 22.50 24.69
C LYS I 230 -34.33 22.45 24.90
N TRP I 231 -33.78 21.24 25.00
CA TRP I 231 -32.35 21.05 25.21
C TRP I 231 -31.60 20.75 23.92
N GLN I 232 -30.29 21.00 23.95
CA GLN I 232 -29.44 20.81 22.79
C GLN I 232 -28.16 20.05 23.12
N TYR I 233 -27.54 19.47 22.10
CA TYR I 233 -26.26 18.79 22.27
C TYR I 233 -25.23 19.72 22.89
N ASN I 234 -24.51 19.20 23.89
CA ASN I 234 -23.50 20.00 24.57
C ASN I 234 -22.23 20.07 23.75
N SER I 235 -22.32 20.77 22.63
CA SER I 235 -21.22 20.95 21.70
C SER I 235 -20.07 21.73 22.31
N PRO I 236 -18.83 21.43 21.92
CA PRO I 236 -17.59 22.07 22.33
C PRO I 236 -17.55 23.53 21.89
N LEU I 237 -18.45 23.92 21.01
CA LEU I 237 -18.53 25.30 20.53
C LEU I 237 -19.62 26.09 21.25
N VAL I 238 -20.20 25.49 22.28
CA VAL I 238 -21.23 26.16 23.07
C VAL I 238 -20.87 26.13 24.56
N PRO I 239 -20.72 27.29 25.21
CA PRO I 239 -20.40 27.46 26.62
C PRO I 239 -21.37 26.75 27.56
N ARG I 240 -20.80 26.17 28.62
CA ARG I 240 -21.55 25.50 29.68
C ARG I 240 -22.06 26.55 30.66
N ASN I 241 -23.31 26.40 31.10
CA ASN I 241 -23.95 27.38 31.99
C ASN I 241 -23.75 27.04 33.47
N ALA I 242 -23.11 25.92 33.74
CA ALA I 242 -22.90 25.45 35.10
C ALA I 242 -21.75 24.46 35.11
N GLU I 243 -21.18 24.18 36.28
CA GLU I 243 -20.07 23.23 36.30
C GLU I 243 -20.49 21.91 35.68
N LEU I 244 -21.71 21.47 36.00
CA LEU I 244 -22.28 20.28 35.38
C LEU I 244 -23.60 20.65 34.71
N GLY I 245 -23.78 20.23 33.46
CA GLY I 245 -24.96 20.60 32.69
C GLY I 245 -26.24 20.03 33.31
N ASP I 246 -27.34 20.76 33.15
CA ASP I 246 -28.62 20.37 33.71
C ASP I 246 -29.63 19.94 32.65
N ARG I 247 -30.80 19.49 33.12
CA ARG I 247 -31.86 19.00 32.24
C ARG I 247 -31.31 17.97 31.27
N LYS I 248 -30.51 17.07 31.81
CA LYS I 248 -29.82 16.08 31.00
C LYS I 248 -30.77 15.09 30.32
N GLY I 249 -30.54 14.87 29.04
CA GLY I 249 -31.26 13.85 28.27
C GLY I 249 -30.26 13.10 27.40
N LYS I 250 -30.74 12.12 26.63
CA LYS I 250 -29.84 11.35 25.77
C LYS I 250 -30.44 11.05 24.40
N ILE I 251 -29.63 11.23 23.36
CA ILE I 251 -29.99 10.86 22.00
C ILE I 251 -29.06 9.79 21.47
N HIS I 252 -29.62 8.69 20.99
CA HIS I 252 -28.78 7.62 20.44
C HIS I 252 -28.27 8.00 19.06
N ILE I 253 -27.10 7.47 18.70
CA ILE I 253 -26.52 7.74 17.40
C ILE I 253 -26.86 6.63 16.41
N PRO I 254 -27.54 6.95 15.31
CA PRO I 254 -27.96 6.06 14.25
C PRO I 254 -26.79 5.64 13.37
N PHE I 255 -27.00 4.58 12.59
CA PHE I 255 -26.00 4.14 11.63
C PHE I 255 -24.73 3.59 12.27
N PRO I 256 -24.82 2.40 12.90
CA PRO I 256 -23.72 1.64 13.48
C PRO I 256 -22.84 1.01 12.41
N LEU I 257 -21.62 0.67 12.80
CA LEU I 257 -20.66 0.00 11.91
C LEU I 257 -20.97 -1.49 11.81
N ALA I 258 -20.75 -2.07 10.62
CA ALA I 258 -21.05 -3.49 10.41
C ALA I 258 -20.08 -4.16 9.43
N ASN I 259 -19.99 -5.49 9.52
CA ASN I 259 -19.12 -6.29 8.66
C ASN I 259 -19.80 -6.71 7.36
N VAL I 260 -19.28 -6.22 6.25
CA VAL I 260 -19.82 -6.53 4.92
C VAL I 260 -18.72 -6.92 3.95
N THR I 261 -19.10 -7.38 2.77
CA THR I 261 -18.13 -7.80 1.77
C THR I 261 -18.11 -6.85 0.56
N CYS I 262 -16.91 -6.43 0.15
CA CYS I 262 -16.70 -5.53 -0.99
C CYS I 262 -16.20 -6.27 -2.22
N ARG I 263 -16.61 -5.81 -3.39
CA ARG I 263 -16.17 -6.37 -4.67
C ARG I 263 -14.92 -5.66 -5.18
N VAL I 264 -13.93 -6.44 -5.60
CA VAL I 264 -12.70 -5.88 -6.17
C VAL I 264 -12.40 -6.55 -7.52
N PRO I 265 -11.78 -5.82 -8.46
CA PRO I 265 -11.42 -6.24 -9.79
C PRO I 265 -10.25 -7.20 -9.80
N LYS I 266 -10.09 -7.92 -10.91
CA LYS I 266 -8.94 -8.77 -11.14
C LYS I 266 -8.24 -8.37 -12.42
N ALA I 267 -6.93 -8.11 -12.32
CA ALA I 267 -6.14 -7.69 -13.46
C ALA I 267 -6.11 -8.77 -14.54
N ARG I 268 -6.08 -8.34 -15.79
CA ARG I 268 -6.06 -9.26 -16.92
C ARG I 268 -4.76 -10.02 -17.02
N ASN I 269 -4.82 -11.21 -17.61
CA ASN I 269 -3.66 -12.08 -17.72
C ASN I 269 -2.54 -11.42 -18.52
N PRO I 270 -1.29 -11.55 -18.07
CA PRO I 270 -0.07 -11.09 -18.72
C PRO I 270 0.30 -12.00 -19.88
N THR I 271 1.11 -11.48 -20.80
CA THR I 271 1.68 -12.29 -21.86
C THR I 271 2.99 -12.89 -21.35
N VAL I 272 3.12 -14.20 -21.43
CA VAL I 272 4.28 -14.87 -20.83
C VAL I 272 5.08 -15.69 -21.83
N THR I 273 6.39 -15.48 -21.82
CA THR I 273 7.32 -16.28 -22.61
C THR I 273 8.45 -16.76 -21.72
N TYR I 274 9.23 -17.74 -22.18
CA TYR I 274 10.25 -18.31 -21.32
C TYR I 274 11.63 -18.35 -21.96
N GLY I 275 12.65 -18.18 -21.10
CA GLY I 275 14.04 -18.34 -21.49
C GLY I 275 14.68 -19.44 -20.64
N LYS I 276 16.00 -19.42 -20.51
CA LYS I 276 16.67 -20.43 -19.71
C LYS I 276 16.70 -20.01 -18.24
N ASN I 277 15.95 -20.74 -17.42
CA ASN I 277 15.79 -20.40 -16.01
C ASN I 277 15.30 -18.97 -15.85
N GLN I 278 14.45 -18.53 -16.78
CA GLN I 278 13.99 -17.16 -16.78
C GLN I 278 12.54 -17.04 -17.26
N VAL I 279 11.76 -16.21 -16.57
CA VAL I 279 10.39 -15.95 -16.96
C VAL I 279 10.19 -14.50 -17.34
N ILE I 280 9.72 -14.27 -18.56
CA ILE I 280 9.50 -12.91 -19.05
C ILE I 280 8.02 -12.67 -19.27
N MET I 281 7.49 -11.63 -18.63
CA MET I 281 6.06 -11.35 -18.75
C MET I 281 5.78 -9.89 -19.06
N LEU I 282 4.74 -9.66 -19.86
CA LEU I 282 4.28 -8.31 -20.14
C LEU I 282 3.00 -8.00 -19.39
N LEU I 283 3.05 -6.96 -18.56
CA LEU I 283 1.91 -6.59 -17.74
C LEU I 283 1.07 -5.54 -18.46
N TYR I 284 -0.25 -5.68 -18.37
CA TYR I 284 -1.15 -4.73 -19.01
C TYR I 284 -2.24 -4.21 -18.07
N PRO I 285 -1.86 -3.44 -17.04
CA PRO I 285 -2.75 -2.85 -16.06
C PRO I 285 -3.56 -1.70 -16.65
N ASP I 286 -4.79 -1.53 -16.14
CA ASP I 286 -5.58 -0.34 -16.44
C ASP I 286 -5.44 0.66 -15.31
N HIS I 287 -5.16 0.14 -14.12
CA HIS I 287 -5.03 0.92 -12.91
C HIS I 287 -3.90 0.33 -12.08
N PRO I 288 -3.30 1.09 -11.16
CA PRO I 288 -2.12 0.72 -10.42
C PRO I 288 -2.33 -0.64 -9.79
N THR I 289 -1.39 -1.54 -10.05
CA THR I 289 -1.49 -2.92 -9.61
C THR I 289 -0.21 -3.36 -8.92
N LEU I 290 -0.35 -4.05 -7.80
CA LEU I 290 0.82 -4.51 -7.06
C LEU I 290 1.32 -5.84 -7.60
N LEU I 291 2.62 -5.90 -7.85
CA LEU I 291 3.29 -7.13 -8.24
C LEU I 291 4.28 -7.57 -7.18
N SER I 292 4.22 -8.84 -6.79
CA SER I 292 5.17 -9.34 -5.81
C SER I 292 5.50 -10.80 -6.04
N TYR I 293 6.67 -11.21 -5.57
CA TYR I 293 7.11 -12.60 -5.74
C TYR I 293 8.08 -13.04 -4.64
N ARG I 294 8.15 -14.34 -4.44
CA ARG I 294 9.06 -14.94 -3.47
C ARG I 294 9.62 -16.28 -3.96
N ASN I 295 10.81 -16.62 -3.49
CA ASN I 295 11.38 -17.94 -3.74
C ASN I 295 10.78 -18.95 -2.78
N MET I 296 10.42 -20.12 -3.29
CA MET I 296 9.84 -21.15 -2.43
C MET I 296 10.93 -21.99 -1.78
N GLY I 297 11.68 -21.36 -0.88
CA GLY I 297 12.82 -22.01 -0.25
C GLY I 297 13.23 -21.30 1.04
N GLU I 298 14.46 -21.54 1.48
CA GLU I 298 14.97 -21.01 2.74
C GLU I 298 15.05 -19.49 2.74
N GLU I 299 15.42 -18.91 1.60
CA GLU I 299 15.56 -17.47 1.49
C GLU I 299 14.66 -16.90 0.39
N PRO I 300 13.46 -16.42 0.76
CA PRO I 300 12.39 -16.03 -0.13
C PRO I 300 12.75 -14.81 -0.95
N ASN I 301 13.69 -14.00 -0.47
CA ASN I 301 14.11 -12.82 -1.22
C ASN I 301 12.91 -12.02 -1.69
N TYR I 302 11.99 -11.75 -0.79
CA TYR I 302 10.73 -11.11 -1.18
C TYR I 302 10.96 -9.73 -1.79
N GLN I 303 10.31 -9.51 -2.93
CA GLN I 303 10.35 -8.21 -3.58
C GLN I 303 8.96 -7.82 -4.08
N GLU I 304 8.67 -6.52 -4.07
CA GLU I 304 7.40 -6.04 -4.59
C GLU I 304 7.52 -4.65 -5.20
N GLU I 305 6.67 -4.35 -6.17
CA GLU I 305 6.61 -3.03 -6.77
C GLU I 305 5.22 -2.71 -7.32
N TRP I 306 4.90 -1.44 -7.42
CA TRP I 306 3.66 -1.02 -8.07
C TRP I 306 3.88 -0.70 -9.54
N VAL I 307 2.96 -1.16 -10.38
CA VAL I 307 3.04 -0.89 -11.81
C VAL I 307 1.83 -0.09 -12.29
N MET I 308 2.08 1.08 -12.89
CA MET I 308 1.01 1.96 -13.34
C MET I 308 0.90 2.04 -14.86
N HIS I 309 1.63 1.17 -15.56
CA HIS I 309 1.65 1.20 -17.02
C HIS I 309 2.14 -0.11 -17.59
N LYS I 310 2.04 -0.27 -18.90
CA LYS I 310 2.59 -1.46 -19.54
C LYS I 310 4.07 -1.57 -19.22
N LYS I 311 4.48 -2.75 -18.75
CA LYS I 311 5.87 -2.96 -18.38
C LYS I 311 6.34 -4.37 -18.69
N GLU I 312 7.60 -4.49 -19.07
CA GLU I 312 8.23 -5.80 -19.26
C GLU I 312 9.01 -6.19 -18.02
N VAL I 313 8.65 -7.32 -17.43
CA VAL I 313 9.30 -7.75 -16.21
C VAL I 313 9.98 -9.10 -16.40
N VAL I 314 11.25 -9.16 -16.02
CA VAL I 314 12.03 -10.39 -16.13
C VAL I 314 12.41 -10.93 -14.76
N LEU I 315 11.98 -12.14 -14.45
CA LEU I 315 12.27 -12.75 -13.17
C LEU I 315 13.16 -13.98 -13.32
N THR I 316 14.04 -14.18 -12.36
CA THR I 316 14.93 -15.34 -12.35
C THR I 316 14.33 -16.47 -11.53
N VAL I 317 14.30 -17.67 -12.10
CA VAL I 317 13.71 -18.81 -11.41
C VAL I 317 14.78 -19.74 -10.84
N PRO I 318 14.80 -19.90 -9.50
CA PRO I 318 15.71 -20.75 -8.75
C PRO I 318 15.29 -22.21 -8.86
N THR I 319 16.18 -23.11 -8.46
CA THR I 319 15.90 -24.54 -8.55
C THR I 319 14.65 -24.93 -7.77
N GLU I 320 14.45 -24.33 -6.61
CA GLU I 320 13.31 -24.68 -5.76
C GLU I 320 11.98 -24.17 -6.30
N GLY I 321 12.04 -23.25 -7.26
CA GLY I 321 10.83 -22.70 -7.87
C GLY I 321 10.50 -21.29 -7.38
N LEU I 322 9.78 -20.54 -8.22
CA LEU I 322 9.40 -19.16 -7.94
C LEU I 322 7.89 -18.98 -7.92
N GLU I 323 7.38 -18.24 -6.93
CA GLU I 323 5.96 -17.92 -6.89
C GLU I 323 5.71 -16.44 -7.16
N VAL I 324 4.80 -16.15 -8.10
CA VAL I 324 4.51 -14.79 -8.51
C VAL I 324 3.03 -14.44 -8.34
N THR I 325 2.75 -13.31 -7.68
CA THR I 325 1.38 -12.86 -7.49
C THR I 325 1.12 -11.54 -8.22
N TRP I 326 0.15 -11.56 -9.13
CA TRP I 326 -0.20 -10.39 -9.93
C TRP I 326 -1.55 -9.82 -9.54
N GLY I 327 -1.53 -8.66 -8.86
CA GLY I 327 -2.76 -8.02 -8.43
C GLY I 327 -3.58 -8.91 -7.51
N ASN I 328 -4.86 -9.05 -7.81
CA ASN I 328 -5.76 -9.86 -7.00
C ASN I 328 -5.93 -11.27 -7.55
N ASN I 329 -5.10 -11.63 -8.53
CA ASN I 329 -5.18 -12.95 -9.15
C ASN I 329 -4.51 -14.00 -8.30
N GLU I 330 -4.94 -15.25 -8.48
CA GLU I 330 -4.30 -16.38 -7.84
C GLU I 330 -2.85 -16.46 -8.31
N PRO I 331 -1.93 -16.84 -7.44
CA PRO I 331 -0.50 -16.89 -7.65
C PRO I 331 -0.09 -17.94 -8.67
N TYR I 332 0.99 -17.67 -9.39
CA TYR I 332 1.55 -18.59 -10.37
C TYR I 332 2.84 -19.20 -9.82
N LYS I 333 3.11 -20.44 -10.18
CA LYS I 333 4.36 -21.07 -9.76
C LYS I 333 5.15 -21.57 -10.95
N TYR I 334 6.47 -21.41 -10.91
CA TYR I 334 7.32 -21.85 -12.01
C TYR I 334 8.50 -22.69 -11.53
N TRP I 335 8.83 -23.71 -12.31
CA TRP I 335 10.02 -24.53 -12.08
C TRP I 335 10.78 -24.75 -13.39
N PRO I 336 12.11 -24.81 -13.35
CA PRO I 336 13.01 -25.09 -14.45
C PRO I 336 13.00 -26.55 -14.87
N GLN I 337 13.22 -26.79 -16.15
CA GLN I 337 13.45 -28.13 -16.69
C GLN I 337 14.90 -28.29 -17.12
N LEU I 338 15.36 -29.52 -17.21
CA LEU I 338 16.73 -29.79 -17.61
C LEU I 338 16.88 -29.80 -19.12
N SER I 339 16.65 -28.64 -19.74
CA SER I 339 16.76 -28.49 -21.18
C SER I 339 18.18 -28.18 -21.62
N THR I 340 18.59 -28.77 -22.75
CA THR I 340 19.91 -28.53 -23.33
C THR I 340 19.86 -28.42 -24.84
N ASN I 341 20.88 -27.81 -25.42
CA ASN I 341 21.05 -27.82 -26.87
C ASN I 341 22.04 -28.91 -27.29
N GLY I 342 22.91 -29.33 -26.38
CA GLY I 342 23.90 -30.36 -26.67
C GLY I 342 23.34 -31.76 -26.50
N THR I 343 24.15 -32.77 -26.82
CA THR I 343 23.73 -34.16 -26.70
C THR I 343 24.58 -34.92 -25.69
N ALA I 344 23.92 -35.54 -24.72
CA ALA I 344 24.60 -36.22 -23.61
C ALA I 344 25.48 -37.36 -24.07
N HIS I 345 25.11 -38.01 -25.16
CA HIS I 345 25.82 -39.16 -25.67
C HIS I 345 26.28 -38.95 -27.11
N GLY I 346 26.60 -37.71 -27.45
CA GLY I 346 27.06 -37.37 -28.79
C GLY I 346 28.58 -37.27 -28.84
N HIS I 347 29.08 -36.35 -29.65
CA HIS I 347 30.52 -36.16 -29.80
C HIS I 347 31.11 -35.60 -28.50
N PRO I 348 32.38 -35.87 -28.19
CA PRO I 348 33.06 -35.48 -26.98
C PRO I 348 32.85 -34.01 -26.62
N HIS I 349 32.81 -33.13 -27.62
CA HIS I 349 32.58 -31.72 -27.32
C HIS I 349 31.10 -31.42 -27.05
N GLU I 350 30.23 -32.28 -27.57
CA GLU I 350 28.80 -32.12 -27.34
C GLU I 350 28.44 -32.63 -25.95
N ILE I 351 29.17 -33.65 -25.51
CA ILE I 351 28.95 -34.24 -24.20
C ILE I 351 29.25 -33.23 -23.10
N ILE I 352 30.37 -32.52 -23.23
CA ILE I 352 30.72 -31.51 -22.26
C ILE I 352 29.70 -30.38 -22.27
N LEU I 353 29.25 -30.00 -23.46
CA LEU I 353 28.26 -28.95 -23.57
C LEU I 353 26.98 -29.33 -22.85
N TYR I 354 26.53 -30.57 -23.05
CA TYR I 354 25.31 -31.04 -22.41
C TYR I 354 25.37 -30.91 -20.89
N TYR I 355 26.46 -31.39 -20.31
CA TYR I 355 26.58 -31.36 -18.86
C TYR I 355 26.78 -29.93 -18.37
N TYR I 356 27.51 -29.13 -19.14
CA TYR I 356 27.76 -27.75 -18.76
C TYR I 356 26.47 -26.96 -18.68
N GLU I 357 25.59 -27.18 -19.65
CA GLU I 357 24.32 -26.44 -19.69
C GLU I 357 23.47 -26.70 -18.46
N LEU I 358 23.49 -27.93 -17.95
CA LEU I 358 22.66 -28.28 -16.81
C LEU I 358 23.35 -28.05 -15.48
N TYR I 359 24.63 -28.39 -15.40
CA TYR I 359 25.37 -28.31 -14.15
C TYR I 359 26.73 -27.65 -14.36
N PRO I 360 26.76 -26.36 -14.69
CA PRO I 360 27.93 -25.63 -15.14
C PRO I 360 29.01 -25.54 -14.07
N THR I 361 28.61 -25.54 -12.82
CA THR I 361 29.61 -25.41 -11.78
C THR I 361 30.39 -26.70 -11.69
N MET I 362 29.68 -27.80 -11.51
CA MET I 362 30.35 -29.08 -11.40
C MET I 362 31.10 -29.41 -12.66
N THR I 363 30.54 -29.08 -13.82
CA THR I 363 31.18 -29.49 -15.05
C THR I 363 32.55 -28.89 -15.09
N VAL I 364 32.67 -27.64 -14.67
CA VAL I 364 33.99 -27.07 -14.61
C VAL I 364 34.86 -27.78 -13.60
N VAL I 365 34.33 -28.06 -12.42
CA VAL I 365 35.16 -28.61 -11.37
C VAL I 365 35.62 -30.03 -11.70
N VAL I 366 34.72 -30.86 -12.19
CA VAL I 366 35.08 -32.24 -12.51
C VAL I 366 36.07 -32.30 -13.66
N VAL I 367 35.84 -31.51 -14.70
CA VAL I 367 36.74 -31.52 -15.85
C VAL I 367 38.10 -30.96 -15.50
N SER I 368 38.13 -29.86 -14.75
CA SER I 368 39.39 -29.23 -14.38
C SER I 368 40.24 -30.14 -13.51
N VAL I 369 39.60 -30.82 -12.55
CA VAL I 369 40.33 -31.72 -11.67
C VAL I 369 40.78 -32.97 -12.39
N ALA I 370 39.89 -33.55 -13.21
CA ALA I 370 40.24 -34.76 -13.93
C ALA I 370 41.41 -34.51 -14.86
N SER I 371 41.42 -33.34 -15.50
CA SER I 371 42.52 -33.00 -16.41
C SER I 371 43.83 -32.89 -15.65
N PHE I 372 43.79 -32.23 -14.50
CA PHE I 372 44.97 -32.08 -13.67
C PHE I 372 45.54 -33.41 -13.24
N VAL I 373 44.68 -34.30 -12.76
CA VAL I 373 45.12 -35.60 -12.26
C VAL I 373 45.73 -36.44 -13.38
N LEU I 374 45.09 -36.44 -14.55
CA LEU I 374 45.60 -37.22 -15.66
C LEU I 374 46.96 -36.70 -16.12
N LEU I 375 47.11 -35.38 -16.14
CA LEU I 375 48.38 -34.78 -16.53
C LEU I 375 49.47 -35.09 -15.52
N SER I 376 49.10 -35.10 -14.24
CA SER I 376 50.05 -35.43 -13.18
C SER I 376 50.54 -36.86 -13.32
N MET I 377 49.64 -37.77 -13.65
CA MET I 377 49.99 -39.17 -13.84
C MET I 377 50.98 -39.35 -14.99
N VAL I 378 50.79 -38.58 -16.06
CA VAL I 378 51.71 -38.65 -17.18
C VAL I 378 53.07 -38.09 -16.79
N GLY I 379 53.07 -36.97 -16.08
CA GLY I 379 54.31 -36.32 -15.69
C GLY I 379 55.18 -37.21 -14.81
N VAL I 380 54.55 -37.92 -13.86
CA VAL I 380 55.32 -38.79 -12.98
C VAL I 380 55.83 -40.01 -13.74
N ALA I 381 55.05 -40.50 -14.69
CA ALA I 381 55.45 -41.65 -15.49
C ALA I 381 56.72 -41.33 -16.27
N VAL I 382 56.81 -40.09 -16.75
CA VAL I 382 57.99 -39.67 -17.49
C VAL I 382 59.19 -39.55 -16.56
N GLY I 383 58.97 -38.98 -15.38
CA GLY I 383 60.05 -38.80 -14.42
C GLY I 383 60.62 -40.15 -13.98
N MET I 384 59.76 -41.14 -13.81
CA MET I 384 60.22 -42.48 -13.43
C MET I 384 61.05 -43.11 -14.54
N CYS I 385 60.63 -42.91 -15.78
CA CYS I 385 61.36 -43.46 -16.92
C CYS I 385 62.73 -42.82 -17.05
N MET I 386 62.80 -41.51 -16.87
CA MET I 386 64.07 -40.80 -16.99
C MET I 386 65.01 -41.20 -15.86
N CYS I 387 64.46 -41.42 -14.68
CA CYS I 387 65.27 -41.86 -13.55
C CYS I 387 65.88 -43.23 -13.82
N ALA I 388 65.06 -44.13 -14.34
CA ALA I 388 65.50 -45.47 -14.66
C ALA I 388 66.62 -45.46 -15.69
N ARG I 389 66.50 -44.57 -16.67
CA ARG I 389 67.51 -44.47 -17.72
C ARG I 389 68.84 -43.97 -17.17
N ARG I 390 68.79 -43.00 -16.26
CA ARG I 390 70.03 -42.47 -15.70
C ARG I 390 70.76 -43.55 -14.91
N ARG I 391 70.01 -44.35 -14.17
CA ARG I 391 70.61 -45.38 -13.33
C ARG I 391 71.28 -46.49 -14.14
N CYS I 392 70.68 -46.86 -15.27
CA CYS I 392 71.25 -47.94 -16.08
C CYS I 392 72.50 -47.50 -16.86
N ILE I 393 72.63 -46.19 -17.10
CA ILE I 393 73.78 -45.67 -17.84
C ILE I 393 74.91 -45.19 -16.93
N THR I 394 74.56 -44.63 -15.79
CA THR I 394 75.55 -44.03 -14.91
C THR I 394 76.85 -44.85 -14.76
N PRO I 395 76.79 -46.18 -14.52
CA PRO I 395 77.94 -47.04 -14.33
C PRO I 395 78.90 -47.00 -15.52
N TYR I 396 78.38 -46.68 -16.71
CA TYR I 396 79.21 -46.61 -17.90
C TYR I 396 79.94 -45.29 -17.97
N GLU I 397 79.32 -44.25 -17.41
CA GLU I 397 79.94 -42.94 -17.35
C GLU I 397 81.03 -42.92 -16.29
N LEU I 398 80.81 -43.69 -15.23
CA LEU I 398 81.74 -43.75 -14.12
C LEU I 398 82.95 -44.63 -14.41
N THR I 399 82.74 -45.70 -15.16
CA THR I 399 83.81 -46.67 -15.44
C THR I 399 84.67 -46.22 -16.62
N PRO I 400 85.99 -46.07 -16.43
CA PRO I 400 86.94 -45.63 -17.44
C PRO I 400 87.05 -46.67 -18.54
N GLY I 401 87.00 -46.21 -19.79
CA GLY I 401 87.15 -47.09 -20.94
C GLY I 401 85.87 -47.87 -21.24
N ALA I 402 84.81 -47.62 -20.48
CA ALA I 402 83.56 -48.36 -20.64
C ALA I 402 82.88 -48.02 -21.96
N THR I 403 82.21 -49.01 -22.53
CA THR I 403 81.45 -48.81 -23.76
C THR I 403 80.00 -49.26 -23.59
N VAL I 404 79.09 -48.38 -23.95
CA VAL I 404 77.66 -48.70 -23.87
C VAL I 404 77.25 -49.58 -25.05
N PRO I 405 76.65 -50.75 -24.79
CA PRO I 405 76.10 -51.68 -25.76
C PRO I 405 75.05 -51.00 -26.63
N PHE I 406 74.99 -51.40 -27.89
CA PHE I 406 74.05 -50.81 -28.85
C PHE I 406 72.62 -50.88 -28.33
N LEU I 407 72.24 -52.04 -27.80
CA LEU I 407 70.87 -52.22 -27.33
C LEU I 407 70.57 -51.30 -26.16
N LEU I 408 71.58 -51.05 -25.32
CA LEU I 408 71.39 -50.19 -24.16
C LEU I 408 71.24 -48.73 -24.59
N SER I 409 71.90 -48.37 -25.70
CA SER I 409 71.78 -47.03 -26.25
C SER I 409 70.37 -46.79 -26.77
N LEU I 410 69.71 -47.85 -27.23
CA LEU I 410 68.33 -47.75 -27.68
C LEU I 410 67.37 -47.63 -26.50
N ILE I 411 67.69 -48.32 -25.40
CA ILE I 411 66.88 -48.26 -24.20
C ILE I 411 66.93 -46.89 -23.55
N CYS I 412 68.11 -46.29 -23.52
CA CYS I 412 68.30 -45.00 -22.88
C CYS I 412 68.21 -43.85 -23.88
N CYS I 413 68.94 -42.77 -23.60
CA CYS I 413 68.85 -41.56 -24.41
C CYS I 413 70.09 -41.31 -25.26
N ILE I 414 70.95 -42.32 -25.38
CA ILE I 414 72.16 -42.15 -26.16
C ILE I 414 71.90 -42.44 -27.62
N ARG I 415 71.53 -41.39 -28.35
CA ARG I 415 71.16 -41.52 -29.76
C ARG I 415 72.07 -40.66 -30.64
N THR I 416 73.26 -40.38 -30.14
CA THR I 416 74.23 -39.57 -30.87
C THR I 416 75.08 -40.44 -31.80
N ALA I 417 75.00 -41.76 -31.59
CA ALA I 417 75.75 -42.71 -32.40
C ALA I 417 75.17 -42.75 -33.81
N LYS I 418 76.06 -42.93 -34.79
CA LYS I 418 75.64 -42.99 -36.19
C LYS I 418 76.10 -44.31 -36.84
N ALA I 419 75.34 -44.76 -37.84
CA ALA I 419 75.65 -45.99 -38.58
C ALA I 419 74.91 -45.99 -39.91
N ASN J 3 -45.37 -42.46 37.89
CA ASN J 3 -46.22 -42.34 36.70
C ASN J 3 -45.71 -43.23 35.58
N VAL J 4 -44.40 -43.25 35.37
CA VAL J 4 -43.78 -44.00 34.29
C VAL J 4 -43.84 -45.50 34.53
N TYR J 5 -44.18 -45.88 35.76
CA TYR J 5 -44.27 -47.29 36.12
C TYR J 5 -45.67 -47.86 35.96
N LYS J 6 -46.61 -47.02 35.53
CA LYS J 6 -47.99 -47.46 35.37
C LYS J 6 -48.11 -48.53 34.28
N ALA J 7 -47.26 -48.45 33.27
CA ALA J 7 -47.34 -49.36 32.14
C ALA J 7 -46.44 -50.59 32.30
N THR J 8 -45.80 -50.74 33.45
CA THR J 8 -44.87 -51.85 33.61
C THR J 8 -45.27 -52.83 34.70
N ARG J 9 -44.46 -53.88 34.84
CA ARG J 9 -44.74 -54.97 35.75
C ARG J 9 -43.42 -55.59 36.25
N PRO J 10 -43.38 -56.08 37.50
CA PRO J 10 -42.28 -56.82 38.10
C PRO J 10 -42.09 -58.16 37.41
N TYR J 11 -40.85 -58.68 37.46
CA TYR J 11 -40.52 -59.93 36.80
C TYR J 11 -39.68 -60.84 37.67
N LEU J 12 -39.71 -62.14 37.36
CA LEU J 12 -38.87 -63.11 38.03
C LEU J 12 -37.59 -63.33 37.23
N ALA J 13 -36.49 -63.61 37.91
CA ALA J 13 -35.23 -63.85 37.23
C ALA J 13 -34.34 -64.80 38.00
N HIS J 14 -33.38 -65.39 37.32
CA HIS J 14 -32.48 -66.37 37.93
C HIS J 14 -31.62 -65.75 39.03
N CYS J 15 -31.46 -66.50 40.13
CA CYS J 15 -30.64 -66.11 41.27
C CYS J 15 -29.66 -67.22 41.64
N PRO J 16 -28.35 -66.92 41.64
CA PRO J 16 -27.26 -67.87 41.84
C PRO J 16 -27.26 -68.49 43.23
N ASP J 17 -27.83 -67.79 44.20
CA ASP J 17 -27.96 -68.33 45.56
C ASP J 17 -29.17 -67.73 46.26
N CYS J 18 -30.19 -68.56 46.48
CA CYS J 18 -31.48 -68.12 47.03
C CYS J 18 -31.46 -68.18 48.56
N GLY J 19 -30.27 -68.37 49.13
CA GLY J 19 -30.08 -68.36 50.57
C GLY J 19 -29.95 -69.75 51.14
N GLU J 20 -30.29 -70.76 50.34
CA GLU J 20 -30.18 -72.15 50.76
C GLU J 20 -28.87 -72.78 50.30
N GLY J 21 -28.06 -72.01 49.58
CA GLY J 21 -26.84 -72.57 49.00
C GLY J 21 -27.12 -73.17 47.63
N HIS J 22 -28.35 -72.97 47.17
CA HIS J 22 -28.79 -73.48 45.88
C HIS J 22 -29.41 -72.37 45.05
N SER J 23 -29.23 -72.43 43.73
CA SER J 23 -29.81 -71.44 42.85
C SER J 23 -31.28 -71.74 42.58
N CYS J 24 -32.04 -70.71 42.20
CA CYS J 24 -33.45 -70.84 41.82
C CYS J 24 -33.90 -69.58 41.10
N HIS J 25 -35.11 -69.60 40.56
CA HIS J 25 -35.71 -68.37 40.04
C HIS J 25 -36.28 -67.60 41.22
N SER J 26 -36.02 -66.29 41.27
CA SER J 26 -36.40 -65.51 42.43
C SER J 26 -36.84 -64.08 42.07
N PRO J 27 -37.87 -63.57 42.75
CA PRO J 27 -38.46 -62.25 42.58
C PRO J 27 -37.55 -61.13 43.05
N VAL J 28 -36.49 -61.47 43.76
CA VAL J 28 -35.62 -60.44 44.32
C VAL J 28 -34.22 -60.46 43.73
N ALA J 29 -34.04 -61.15 42.61
CA ALA J 29 -32.72 -61.22 41.98
C ALA J 29 -32.25 -59.82 41.58
N LEU J 30 -30.96 -59.57 41.72
CA LEU J 30 -30.39 -58.27 41.36
C LEU J 30 -29.91 -58.25 39.92
N GLU J 31 -29.98 -57.09 39.30
CA GLU J 31 -29.48 -56.95 37.93
C GLU J 31 -28.14 -56.24 37.89
N ARG J 32 -28.02 -55.17 38.66
CA ARG J 32 -26.81 -54.36 38.65
C ARG J 32 -26.44 -53.81 40.02
N ILE J 33 -25.16 -53.78 40.30
CA ILE J 33 -24.67 -53.10 41.50
C ILE J 33 -23.75 -51.96 41.07
N ARG J 34 -24.09 -50.74 41.45
CA ARG J 34 -23.33 -49.57 41.01
C ARG J 34 -22.67 -48.84 42.17
N ASN J 35 -21.39 -48.55 42.02
CA ASN J 35 -20.64 -47.86 43.07
C ASN J 35 -19.80 -46.70 42.55
N GLU J 36 -20.40 -45.87 41.69
CA GLU J 36 -19.69 -44.74 41.12
C GLU J 36 -19.37 -43.68 42.17
N ALA J 37 -20.23 -43.56 43.17
CA ALA J 37 -20.04 -42.59 44.24
C ALA J 37 -18.78 -42.88 45.03
N THR J 38 -18.11 -41.83 45.48
CA THR J 38 -16.87 -41.98 46.22
C THR J 38 -17.08 -41.84 47.72
N ASP J 39 -18.30 -41.45 48.11
CA ASP J 39 -18.60 -41.31 49.53
C ASP J 39 -19.03 -42.64 50.13
N GLY J 40 -19.00 -43.69 49.31
CA GLY J 40 -19.30 -45.04 49.75
C GLY J 40 -20.76 -45.46 49.55
N THR J 41 -21.60 -44.56 49.06
CA THR J 41 -23.00 -44.89 48.85
C THR J 41 -23.14 -45.94 47.75
N LEU J 42 -23.94 -46.96 48.01
CA LEU J 42 -24.13 -48.04 47.05
C LEU J 42 -25.51 -47.95 46.39
N LYS J 43 -25.55 -48.11 45.07
CA LYS J 43 -26.82 -48.06 44.34
C LYS J 43 -27.16 -49.43 43.76
N ILE J 44 -28.32 -49.95 44.13
CA ILE J 44 -28.71 -51.31 43.76
C ILE J 44 -29.92 -51.36 42.83
N GLN J 45 -29.80 -52.08 41.73
CA GLN J 45 -30.92 -52.27 40.82
C GLN J 45 -31.51 -53.67 40.96
N VAL J 46 -32.78 -53.74 41.36
CA VAL J 46 -33.47 -55.00 41.65
C VAL J 46 -34.77 -55.12 40.87
N SER J 47 -35.22 -56.35 40.66
CA SER J 47 -36.45 -56.63 39.91
C SER J 47 -37.72 -56.16 40.63
N LEU J 48 -37.62 -55.87 41.92
CA LEU J 48 -38.75 -55.38 42.70
C LEU J 48 -39.09 -53.95 42.30
N GLN J 49 -40.37 -53.60 42.36
CA GLN J 49 -40.76 -52.22 42.10
C GLN J 49 -41.33 -51.57 43.37
N ILE J 50 -40.60 -50.58 43.88
CA ILE J 50 -40.91 -49.97 45.16
C ILE J 50 -41.67 -48.65 45.01
N GLY J 51 -42.75 -48.49 45.77
CA GLY J 51 -43.50 -47.23 45.78
C GLY J 51 -44.75 -47.29 44.91
N ILE J 52 -44.92 -48.39 44.19
CA ILE J 52 -46.08 -48.56 43.34
C ILE J 52 -46.81 -49.86 43.67
N LYS J 53 -48.13 -49.79 43.74
CA LYS J 53 -48.97 -50.94 44.06
C LYS J 53 -49.42 -51.70 42.80
N THR J 54 -50.01 -52.87 43.00
CA THR J 54 -50.49 -53.68 41.90
C THR J 54 -51.68 -53.05 41.18
N ASP J 55 -52.29 -52.05 41.81
CA ASP J 55 -53.41 -51.32 41.21
C ASP J 55 -52.93 -50.04 40.52
N ASP J 56 -51.60 -49.92 40.40
CA ASP J 56 -50.96 -48.78 39.75
C ASP J 56 -51.11 -47.47 40.54
N SER J 57 -51.55 -47.58 41.79
CA SER J 57 -51.61 -46.41 42.66
C SER J 57 -50.28 -46.20 43.35
N HIS J 58 -49.96 -44.96 43.68
CA HIS J 58 -48.73 -44.65 44.40
C HIS J 58 -48.87 -44.87 45.89
N ASP J 59 -47.88 -45.56 46.47
CA ASP J 59 -47.84 -45.80 47.91
C ASP J 59 -46.42 -46.05 48.38
N TRP J 60 -45.84 -45.08 49.07
CA TRP J 60 -44.43 -45.16 49.44
C TRP J 60 -44.16 -46.21 50.52
N THR J 61 -45.23 -46.77 51.10
CA THR J 61 -45.07 -47.77 52.14
C THR J 61 -45.19 -49.19 51.60
N LYS J 62 -45.46 -49.32 50.30
CA LYS J 62 -45.69 -50.63 49.71
C LYS J 62 -44.77 -50.91 48.53
N LEU J 63 -44.51 -52.20 48.30
CA LEU J 63 -43.79 -52.66 47.11
C LEU J 63 -44.65 -53.64 46.35
N ARG J 64 -44.41 -53.77 45.05
CA ARG J 64 -45.08 -54.82 44.29
C ARG J 64 -44.06 -55.75 43.65
N TYR J 65 -44.42 -57.02 43.56
CA TYR J 65 -43.54 -58.06 43.07
C TYR J 65 -44.32 -59.10 42.31
N MET J 66 -43.61 -59.92 41.54
CA MET J 66 -44.27 -60.96 40.76
C MET J 66 -44.46 -62.22 41.58
N ASP J 67 -45.64 -62.82 41.45
CA ASP J 67 -45.99 -64.07 42.10
C ASP J 67 -46.62 -65.01 41.07
N ASN J 68 -45.83 -65.95 40.56
CA ASN J 68 -46.27 -66.79 39.45
C ASN J 68 -46.64 -65.94 38.24
N HIS J 69 -47.92 -65.86 37.92
CA HIS J 69 -48.37 -65.12 36.74
C HIS J 69 -49.06 -63.81 37.09
N MET J 70 -49.03 -63.42 38.36
CA MET J 70 -49.69 -62.20 38.79
C MET J 70 -48.78 -61.35 39.69
N PRO J 71 -48.90 -60.02 39.61
CA PRO J 71 -48.39 -59.05 40.56
C PRO J 71 -49.00 -59.24 41.95
N ALA J 72 -48.21 -58.93 42.97
CA ALA J 72 -48.69 -59.02 44.35
C ALA J 72 -48.09 -57.89 45.19
N ASP J 73 -48.81 -57.47 46.23
CA ASP J 73 -48.35 -56.38 47.08
C ASP J 73 -47.70 -56.89 48.37
N ALA J 74 -46.77 -56.11 48.91
CA ALA J 74 -46.15 -56.40 50.20
C ALA J 74 -45.67 -55.11 50.86
N GLU J 75 -45.53 -55.13 52.18
CA GLU J 75 -45.08 -53.96 52.91
C GLU J 75 -43.60 -53.66 52.66
N ARG J 76 -43.27 -52.39 52.49
CA ARG J 76 -41.89 -51.97 52.29
C ARG J 76 -41.09 -52.09 53.57
N ALA J 77 -41.79 -52.19 54.69
CA ALA J 77 -41.16 -52.29 55.99
C ALA J 77 -40.31 -53.56 56.08
N GLY J 78 -40.64 -54.56 55.27
CA GLY J 78 -39.93 -55.83 55.29
C GLY J 78 -38.74 -55.84 54.35
N LEU J 79 -38.52 -54.74 53.64
CA LEU J 79 -37.42 -54.66 52.68
C LEU J 79 -36.10 -54.43 53.38
N PHE J 80 -35.09 -55.21 53.04
CA PHE J 80 -33.79 -55.04 53.67
C PHE J 80 -32.63 -55.20 52.69
N VAL J 81 -31.51 -54.56 53.02
CA VAL J 81 -30.25 -54.71 52.31
C VAL J 81 -29.16 -55.05 53.31
N ARG J 82 -28.37 -56.08 53.02
CA ARG J 82 -27.32 -56.50 53.93
C ARG J 82 -26.04 -56.92 53.21
N THR J 83 -24.89 -56.66 53.83
CA THR J 83 -23.62 -57.18 53.33
C THR J 83 -22.97 -58.04 54.39
N SER J 84 -21.98 -57.49 55.08
CA SER J 84 -21.37 -58.16 56.22
C SER J 84 -22.18 -57.86 57.47
N ALA J 85 -23.01 -56.83 57.35
CA ALA J 85 -23.91 -56.38 58.41
C ALA J 85 -25.01 -55.57 57.75
N PRO J 86 -26.18 -55.41 58.38
CA PRO J 86 -27.34 -54.72 57.87
C PRO J 86 -26.99 -53.31 57.39
N CYS J 87 -27.53 -52.94 56.22
CA CYS J 87 -27.27 -51.65 55.59
C CYS J 87 -28.38 -50.66 55.90
N THR J 88 -28.04 -49.37 55.86
CA THR J 88 -29.06 -48.35 56.02
C THR J 88 -29.57 -47.88 54.66
N ILE J 89 -30.88 -47.91 54.48
CA ILE J 89 -31.49 -47.46 53.24
C ILE J 89 -31.74 -45.96 53.30
N THR J 90 -31.27 -45.24 52.29
CA THR J 90 -31.35 -43.78 52.29
C THR J 90 -32.45 -43.28 51.37
N GLY J 91 -33.21 -44.20 50.80
CA GLY J 91 -34.31 -43.87 49.90
C GLY J 91 -34.36 -44.84 48.73
N THR J 92 -35.53 -44.94 48.12
CA THR J 92 -35.72 -45.85 46.99
C THR J 92 -36.92 -45.48 46.15
N MET J 93 -36.86 -45.83 44.87
CA MET J 93 -38.00 -45.65 43.97
C MET J 93 -37.92 -46.64 42.82
N GLY J 94 -39.02 -47.31 42.53
CA GLY J 94 -39.05 -48.22 41.40
C GLY J 94 -38.06 -49.36 41.58
N HIS J 95 -37.17 -49.52 40.60
CA HIS J 95 -36.21 -50.61 40.62
C HIS J 95 -34.91 -50.25 41.33
N PHE J 96 -34.79 -49.02 41.82
CA PHE J 96 -33.52 -48.58 42.36
C PHE J 96 -33.55 -48.27 43.86
N ILE J 97 -32.61 -48.88 44.59
CA ILE J 97 -32.48 -48.68 46.03
C ILE J 97 -31.12 -48.07 46.39
N LEU J 98 -31.14 -47.01 47.20
CA LEU J 98 -29.89 -46.44 47.71
C LEU J 98 -29.64 -46.93 49.13
N ALA J 99 -28.41 -47.32 49.42
CA ALA J 99 -28.08 -47.75 50.76
C ALA J 99 -26.61 -47.50 51.09
N ARG J 100 -26.33 -47.36 52.38
CA ARG J 100 -24.95 -47.25 52.85
C ARG J 100 -24.57 -48.51 53.62
N CYS J 101 -23.71 -49.34 53.01
CA CYS J 101 -23.35 -50.65 53.56
C CYS J 101 -21.96 -50.67 54.19
N PRO J 102 -21.79 -51.44 55.26
CA PRO J 102 -20.54 -51.91 55.84
C PRO J 102 -19.74 -52.77 54.87
N LYS J 103 -18.43 -52.69 55.00
CA LYS J 103 -17.48 -53.41 54.14
C LYS J 103 -17.68 -54.93 54.19
N GLY J 104 -17.62 -55.56 53.01
CA GLY J 104 -17.81 -57.00 52.91
C GLY J 104 -17.63 -57.51 51.48
N GLU J 105 -17.73 -58.81 51.30
CA GLU J 105 -17.52 -59.44 49.99
C GLU J 105 -18.81 -59.85 49.28
N THR J 106 -19.94 -59.75 49.97
CA THR J 106 -21.21 -60.17 49.38
C THR J 106 -22.30 -59.13 49.61
N LEU J 107 -23.34 -59.20 48.78
CA LEU J 107 -24.50 -58.33 48.93
C LEU J 107 -25.79 -59.14 48.85
N THR J 108 -26.66 -58.98 49.85
CA THR J 108 -27.94 -59.68 49.88
C THR J 108 -29.11 -58.73 50.01
N VAL J 109 -30.13 -58.95 49.19
CA VAL J 109 -31.34 -58.13 49.22
C VAL J 109 -32.58 -59.03 49.28
N GLY J 110 -33.59 -58.61 50.01
CA GLY J 110 -34.82 -59.40 50.11
C GLY J 110 -35.96 -58.68 50.81
N PHE J 111 -37.11 -59.36 50.89
CA PHE J 111 -38.31 -58.80 51.51
C PHE J 111 -39.22 -59.93 51.99
N THR J 112 -40.23 -59.58 52.77
CA THR J 112 -41.19 -60.58 53.25
C THR J 112 -42.45 -60.60 52.38
N ASP J 113 -42.82 -61.81 51.94
CA ASP J 113 -43.99 -62.04 51.11
C ASP J 113 -45.29 -61.81 51.89
N SER J 114 -46.38 -61.57 51.16
CA SER J 114 -47.68 -61.35 51.78
C SER J 114 -48.17 -62.62 52.50
N ARG J 115 -47.56 -63.74 52.14
CA ARG J 115 -47.86 -65.03 52.76
C ARG J 115 -46.93 -65.32 53.93
N LYS J 116 -46.17 -64.31 54.33
CA LYS J 116 -45.20 -64.41 55.42
C LYS J 116 -44.08 -65.40 55.11
N ILE J 117 -43.65 -65.37 53.85
CA ILE J 117 -42.53 -66.19 53.40
C ILE J 117 -41.36 -65.28 53.03
N SER J 118 -40.19 -65.55 53.60
CA SER J 118 -39.03 -64.72 53.32
C SER J 118 -38.42 -65.05 51.97
N HIS J 119 -38.05 -64.01 51.23
CA HIS J 119 -37.33 -64.17 49.96
C HIS J 119 -36.09 -63.31 49.93
N SER J 120 -34.98 -63.89 49.51
CA SER J 120 -33.73 -63.16 49.41
C SER J 120 -32.88 -63.72 48.28
N CYS J 121 -31.93 -62.90 47.81
CA CYS J 121 -30.97 -63.32 46.79
C CYS J 121 -29.60 -62.74 47.10
N THR J 122 -28.58 -63.58 47.04
CA THR J 122 -27.22 -63.15 47.33
C THR J 122 -26.34 -63.17 46.09
N HIS J 123 -25.65 -62.06 45.86
CA HIS J 123 -24.67 -61.96 44.79
C HIS J 123 -23.31 -61.60 45.39
N PRO J 124 -22.23 -62.16 44.85
CA PRO J 124 -20.86 -61.74 45.10
C PRO J 124 -20.67 -60.28 44.73
N PHE J 125 -20.02 -59.54 45.59
CA PHE J 125 -19.73 -58.13 45.32
C PHE J 125 -18.69 -57.59 46.27
N HIS J 126 -17.61 -57.04 45.73
CA HIS J 126 -16.57 -56.51 46.59
C HIS J 126 -16.87 -55.07 46.93
N HIS J 127 -17.21 -54.82 48.19
CA HIS J 127 -17.55 -53.49 48.64
C HIS J 127 -16.46 -52.97 49.55
N ASP J 128 -15.73 -51.98 49.06
CA ASP J 128 -14.58 -51.43 49.78
C ASP J 128 -14.31 -50.00 49.32
N PRO J 129 -14.99 -49.02 49.93
CA PRO J 129 -14.97 -47.62 49.58
C PRO J 129 -13.54 -47.07 49.59
N PRO J 130 -13.25 -46.10 48.73
CA PRO J 130 -11.99 -45.43 48.57
C PRO J 130 -11.69 -44.54 49.76
N VAL J 131 -10.41 -44.27 49.98
CA VAL J 131 -10.01 -43.39 51.07
C VAL J 131 -10.10 -41.93 50.66
N ILE J 132 -10.77 -41.12 51.48
CA ILE J 132 -10.88 -39.70 51.24
C ILE J 132 -9.88 -38.97 52.12
N GLY J 133 -8.96 -38.24 51.52
CA GLY J 133 -7.92 -37.58 52.28
C GLY J 133 -6.78 -38.55 52.57
N ARG J 134 -5.97 -38.23 53.56
CA ARG J 134 -4.78 -39.01 53.88
C ARG J 134 -4.93 -39.80 55.17
N GLU J 135 -6.16 -39.89 55.67
CA GLU J 135 -6.44 -40.65 56.89
C GLU J 135 -7.55 -41.66 56.65
N LYS J 136 -7.42 -42.83 57.25
CA LYS J 136 -8.45 -43.87 57.12
C LYS J 136 -9.36 -43.89 58.35
N PHE J 137 -10.60 -43.45 58.17
CA PHE J 137 -11.52 -43.34 59.30
C PHE J 137 -12.78 -44.16 59.07
N HIS J 138 -13.44 -44.55 60.16
CA HIS J 138 -14.63 -45.39 60.09
C HIS J 138 -15.91 -44.65 60.41
N SER J 139 -15.80 -43.36 60.73
CA SER J 139 -16.97 -42.58 61.11
C SER J 139 -16.78 -41.10 60.79
N ARG J 140 -17.88 -40.36 60.76
CA ARG J 140 -17.83 -38.93 60.50
C ARG J 140 -17.64 -38.13 61.79
N PRO J 141 -16.54 -37.39 61.92
CA PRO J 141 -16.13 -36.63 63.07
C PRO J 141 -16.94 -35.35 63.21
N GLN J 142 -17.02 -34.82 64.43
CA GLN J 142 -17.71 -33.57 64.68
C GLN J 142 -16.87 -32.37 64.25
N HIS J 143 -15.58 -32.61 63.99
CA HIS J 143 -14.67 -31.56 63.56
C HIS J 143 -13.69 -32.11 62.53
N GLY J 144 -13.47 -31.35 61.46
CA GLY J 144 -12.57 -31.80 60.40
C GLY J 144 -12.58 -30.88 59.20
N LYS J 145 -11.90 -31.29 58.14
CA LYS J 145 -11.81 -30.49 56.91
C LYS J 145 -12.88 -30.91 55.91
N GLU J 146 -13.30 -29.98 55.07
CA GLU J 146 -14.30 -30.29 54.04
C GLU J 146 -13.66 -30.54 52.68
N LEU J 147 -13.75 -31.79 52.23
CA LEU J 147 -13.16 -32.22 50.97
C LEU J 147 -14.24 -32.48 49.92
N PRO J 148 -13.89 -32.44 48.62
CA PRO J 148 -14.68 -32.89 47.50
C PRO J 148 -15.04 -34.38 47.61
N CYS J 149 -16.28 -34.72 47.26
CA CYS J 149 -16.78 -36.09 47.22
C CYS J 149 -17.86 -36.25 46.16
N SER J 150 -18.16 -37.49 45.82
CA SER J 150 -19.22 -37.78 44.86
C SER J 150 -20.29 -38.67 45.47
N THR J 151 -21.54 -38.20 45.41
CA THR J 151 -22.66 -38.90 46.02
C THR J 151 -23.84 -39.04 45.08
N TYR J 152 -24.85 -39.77 45.51
CA TYR J 152 -26.11 -39.84 44.78
C TYR J 152 -27.15 -38.99 45.49
N VAL J 153 -27.90 -38.21 44.74
CA VAL J 153 -28.94 -37.38 45.34
C VAL J 153 -30.21 -38.18 45.52
N GLN J 154 -31.10 -37.69 46.38
CA GLN J 154 -32.35 -38.41 46.66
C GLN J 154 -33.45 -38.05 45.67
N SER J 155 -33.14 -37.12 44.76
CA SER J 155 -34.11 -36.70 43.75
C SER J 155 -34.49 -37.82 42.79
N THR J 156 -35.76 -37.86 42.43
CA THR J 156 -36.29 -38.82 41.48
C THR J 156 -36.70 -38.14 40.18
N ALA J 157 -36.25 -36.90 40.02
CA ALA J 157 -36.58 -36.10 38.86
C ALA J 157 -36.04 -36.75 37.59
N ALA J 158 -36.72 -36.51 36.48
CA ALA J 158 -36.35 -37.13 35.22
C ALA J 158 -34.93 -36.76 34.81
N THR J 159 -34.22 -37.73 34.27
CA THR J 159 -32.85 -37.57 33.79
C THR J 159 -32.70 -38.14 32.39
N THR J 160 -31.51 -38.01 31.82
CA THR J 160 -31.28 -38.45 30.45
C THR J 160 -30.94 -39.94 30.35
N GLU J 161 -30.59 -40.56 31.47
CA GLU J 161 -30.29 -41.98 31.48
C GLU J 161 -31.56 -42.79 31.75
N GLU J 162 -31.83 -43.78 30.90
CA GLU J 162 -33.08 -44.53 30.98
C GLU J 162 -32.89 -46.01 30.66
N ILE J 163 -33.81 -46.83 31.15
CA ILE J 163 -33.82 -48.27 30.86
C ILE J 163 -34.87 -48.62 29.82
N GLU J 164 -34.52 -49.54 28.92
CA GLU J 164 -35.44 -49.99 27.87
C GLU J 164 -36.49 -50.95 28.42
N VAL J 165 -37.73 -50.73 28.02
CA VAL J 165 -38.86 -51.56 28.44
C VAL J 165 -39.65 -52.08 27.25
N HIS J 166 -39.94 -53.38 27.22
CA HIS J 166 -40.68 -53.96 26.11
C HIS J 166 -41.48 -55.21 26.48
N MET J 167 -42.26 -55.72 25.53
CA MET J 167 -43.13 -56.86 25.80
C MET J 167 -42.29 -58.09 26.14
N PRO J 168 -42.61 -58.78 27.24
CA PRO J 168 -41.94 -59.96 27.74
C PRO J 168 -42.23 -61.17 26.87
N PRO J 169 -41.41 -62.20 26.97
CA PRO J 169 -41.56 -63.51 26.37
C PRO J 169 -42.69 -64.26 27.04
N ASP J 170 -43.26 -65.24 26.36
CA ASP J 170 -44.30 -66.04 26.95
C ASP J 170 -43.73 -66.91 28.06
N THR J 171 -44.56 -67.19 29.06
CA THR J 171 -44.10 -67.95 30.23
C THR J 171 -44.70 -69.35 30.28
N PRO J 172 -43.87 -70.38 30.17
CA PRO J 172 -44.20 -71.79 30.30
C PRO J 172 -44.75 -72.09 31.68
N ASP J 173 -45.74 -72.97 31.75
CA ASP J 173 -46.26 -73.39 33.04
C ASP J 173 -46.80 -74.81 33.02
N ARG J 174 -46.11 -75.71 33.71
CA ARG J 174 -46.48 -77.12 33.77
C ARG J 174 -47.71 -77.33 34.65
N THR J 175 -48.07 -76.31 35.40
CA THR J 175 -49.17 -76.39 36.36
C THR J 175 -50.50 -76.52 35.65
N LEU J 176 -50.54 -76.10 34.39
CA LEU J 176 -51.79 -76.06 33.64
C LEU J 176 -52.06 -77.41 32.97
N MET J 177 -51.08 -78.30 33.03
CA MET J 177 -51.17 -79.59 32.36
C MET J 177 -51.79 -80.67 33.23
N SER J 178 -53.09 -80.58 33.46
CA SER J 178 -53.82 -81.59 34.21
C SER J 178 -54.24 -82.73 33.29
N GLN J 179 -54.18 -83.96 33.79
CA GLN J 179 -54.52 -85.11 32.97
C GLN J 179 -55.86 -85.71 33.38
N GLN J 180 -56.81 -85.67 32.46
CA GLN J 180 -58.17 -86.15 32.71
C GLN J 180 -58.46 -87.41 31.90
N SER J 181 -58.32 -88.56 32.54
CA SER J 181 -58.60 -89.84 31.88
C SER J 181 -57.87 -89.97 30.55
N GLY J 182 -56.61 -89.59 30.52
CA GLY J 182 -55.79 -89.73 29.31
C GLY J 182 -55.86 -88.50 28.41
N ASN J 183 -56.68 -87.53 28.75
CA ASN J 183 -56.74 -86.32 27.96
C ASN J 183 -56.01 -85.20 28.70
N VAL J 184 -55.88 -84.01 28.14
CA VAL J 184 -55.26 -82.92 28.87
C VAL J 184 -56.24 -81.78 29.04
N LYS J 185 -56.45 -81.31 30.26
CA LYS J 185 -57.34 -80.16 30.49
C LYS J 185 -56.94 -78.78 29.94
N ILE J 186 -55.66 -78.40 29.99
CA ILE J 186 -55.24 -77.07 29.57
C ILE J 186 -56.02 -76.00 30.31
N THR J 187 -56.05 -76.09 31.62
CA THR J 187 -56.76 -75.09 32.42
C THR J 187 -56.18 -73.73 32.14
N VAL J 188 -57.02 -72.73 31.98
CA VAL J 188 -56.50 -71.42 31.59
C VAL J 188 -56.42 -70.40 32.71
N ASN J 189 -57.40 -70.36 33.57
CA ASN J 189 -57.43 -69.39 34.68
C ASN J 189 -57.36 -67.96 34.22
N GLY J 190 -57.98 -67.65 33.10
CA GLY J 190 -58.03 -66.27 32.64
C GLY J 190 -56.90 -65.67 31.83
N GLN J 191 -55.92 -66.46 31.47
CA GLN J 191 -54.82 -65.96 30.68
C GLN J 191 -54.66 -66.77 29.42
N THR J 192 -54.54 -66.11 28.30
CA THR J 192 -54.47 -66.82 27.02
C THR J 192 -53.27 -67.76 26.95
N VAL J 193 -53.54 -69.00 26.55
CA VAL J 193 -52.51 -70.04 26.53
C VAL J 193 -52.21 -70.56 25.13
N ARG J 194 -50.93 -70.66 24.81
CA ARG J 194 -50.46 -71.30 23.59
C ARG J 194 -49.97 -72.70 23.93
N TYR J 195 -50.37 -73.70 23.14
CA TYR J 195 -49.99 -75.08 23.46
C TYR J 195 -49.66 -75.92 22.23
N LYS J 196 -48.76 -76.90 22.42
CA LYS J 196 -48.36 -77.83 21.36
C LYS J 196 -47.98 -79.21 21.90
N CYS J 197 -48.36 -80.27 21.17
CA CYS J 197 -47.96 -81.65 21.44
C CYS J 197 -48.06 -82.51 20.19
N ASN J 198 -47.19 -83.52 20.12
CA ASN J 198 -47.19 -84.46 18.99
C ASN J 198 -48.40 -85.41 19.01
N CYS J 199 -48.93 -85.69 20.21
CA CYS J 199 -50.10 -86.56 20.36
C CYS J 199 -51.39 -85.76 20.34
N GLY J 200 -51.25 -84.44 20.22
CA GLY J 200 -52.39 -83.55 20.10
C GLY J 200 -52.51 -83.11 18.65
N GLY J 201 -53.04 -81.91 18.42
CA GLY J 201 -53.10 -81.41 17.05
C GLY J 201 -51.69 -81.09 16.59
N SER J 202 -51.40 -81.36 15.31
CA SER J 202 -50.08 -81.07 14.78
C SER J 202 -49.87 -79.57 14.66
N ASN J 203 -50.97 -78.84 14.57
CA ASN J 203 -50.96 -77.40 14.48
C ASN J 203 -51.14 -76.79 15.87
N GLU J 204 -50.11 -76.08 16.35
CA GLU J 204 -50.17 -75.46 17.66
C GLU J 204 -51.30 -74.45 17.70
N GLY J 205 -51.95 -74.33 18.84
CA GLY J 205 -53.10 -73.44 18.91
C GLY J 205 -53.10 -72.53 20.13
N LEU J 206 -54.11 -71.66 20.18
CA LEU J 206 -54.32 -70.72 21.26
C LEU J 206 -55.68 -70.96 21.91
N THR J 207 -55.80 -70.69 23.19
CA THR J 207 -57.11 -70.74 23.81
C THR J 207 -57.32 -69.68 24.88
N THR J 208 -58.57 -69.31 25.08
CA THR J 208 -58.95 -68.41 26.16
C THR J 208 -59.82 -69.15 27.17
N THR J 209 -60.16 -70.39 26.86
CA THR J 209 -60.96 -71.24 27.73
C THR J 209 -60.34 -72.62 27.84
N ASP J 210 -60.70 -73.36 28.88
CA ASP J 210 -60.12 -74.70 29.04
C ASP J 210 -60.42 -75.55 27.82
N LYS J 211 -59.38 -76.15 27.25
CA LYS J 211 -59.52 -76.94 26.03
C LYS J 211 -58.96 -78.34 26.21
N VAL J 212 -59.82 -79.34 26.08
CA VAL J 212 -59.40 -80.72 26.27
C VAL J 212 -58.82 -81.32 25.00
N ILE J 213 -57.63 -81.90 25.11
CA ILE J 213 -56.99 -82.62 24.01
C ILE J 213 -57.14 -84.11 24.24
N ASN J 214 -57.87 -84.78 23.35
CA ASN J 214 -58.18 -86.18 23.53
C ASN J 214 -57.02 -87.10 23.18
N ASN J 215 -56.89 -88.19 23.94
CA ASN J 215 -55.90 -89.23 23.65
C ASN J 215 -54.48 -88.69 23.56
N CYS J 216 -54.11 -87.83 24.52
CA CYS J 216 -52.79 -87.20 24.55
C CYS J 216 -52.35 -87.04 26.01
N LYS J 217 -51.06 -87.25 26.26
CA LYS J 217 -50.56 -87.20 27.63
C LYS J 217 -49.98 -85.83 28.00
N VAL J 218 -50.03 -85.51 29.29
CA VAL J 218 -49.54 -84.22 29.78
C VAL J 218 -48.03 -84.07 29.69
N ASP J 219 -47.31 -85.17 29.57
CA ASP J 219 -45.86 -85.10 29.46
C ASP J 219 -45.44 -84.71 28.06
N GLN J 220 -46.39 -84.75 27.13
CA GLN J 220 -46.12 -84.40 25.75
C GLN J 220 -46.51 -82.96 25.39
N CYS J 221 -47.54 -82.42 26.05
CA CYS J 221 -48.02 -81.07 25.78
C CYS J 221 -47.25 -80.03 26.55
N HIS J 222 -46.80 -79.02 25.82
CA HIS J 222 -46.11 -77.86 26.37
C HIS J 222 -47.00 -76.64 26.20
N ALA J 223 -47.00 -75.74 27.17
CA ALA J 223 -47.83 -74.55 27.05
C ALA J 223 -47.25 -73.37 27.81
N ALA J 224 -47.63 -72.18 27.36
CA ALA J 224 -47.18 -70.93 27.96
C ALA J 224 -48.22 -69.83 27.79
N VAL J 225 -48.18 -68.83 28.69
CA VAL J 225 -49.04 -67.66 28.56
C VAL J 225 -48.41 -66.64 27.62
N THR J 226 -49.15 -66.24 26.59
CA THR J 226 -48.60 -65.38 25.55
C THR J 226 -49.17 -63.97 25.52
N ASN J 227 -50.32 -63.77 26.14
CA ASN J 227 -50.99 -62.47 26.07
C ASN J 227 -50.73 -61.63 27.31
N HIS J 228 -49.90 -60.60 27.17
CA HIS J 228 -49.54 -59.75 28.29
C HIS J 228 -49.92 -58.30 28.02
N LYS J 229 -50.38 -57.61 29.05
CA LYS J 229 -50.84 -56.23 28.92
C LYS J 229 -49.90 -55.24 29.60
N LYS J 230 -48.73 -55.72 30.00
CA LYS J 230 -47.72 -54.87 30.63
C LYS J 230 -46.36 -55.10 29.99
N TRP J 231 -45.52 -54.07 30.00
CA TRP J 231 -44.20 -54.16 29.40
C TRP J 231 -43.12 -54.17 30.47
N GLN J 232 -42.03 -54.90 30.24
CA GLN J 232 -41.05 -55.14 31.30
C GLN J 232 -39.63 -54.81 30.89
N TYR J 233 -38.79 -54.55 31.89
CA TYR J 233 -37.38 -54.23 31.68
C TYR J 233 -36.65 -55.34 30.95
N ASN J 234 -35.82 -54.97 29.98
CA ASN J 234 -35.11 -55.94 29.17
C ASN J 234 -33.90 -56.51 29.89
N SER J 235 -34.17 -57.24 30.96
CA SER J 235 -33.13 -57.87 31.75
C SER J 235 -32.37 -58.93 30.95
N PRO J 236 -31.07 -59.07 31.16
CA PRO J 236 -30.18 -60.02 30.52
C PRO J 236 -30.53 -61.46 30.89
N LEU J 237 -31.38 -61.61 31.90
CA LEU J 237 -31.80 -62.93 32.35
C LEU J 237 -33.17 -63.31 31.81
N VAL J 238 -33.73 -62.47 30.95
CA VAL J 238 -35.04 -62.71 30.37
C VAL J 238 -34.97 -62.65 28.83
N PRO J 239 -35.25 -63.76 28.14
CA PRO J 239 -35.05 -63.96 26.71
C PRO J 239 -35.98 -63.10 25.85
N ARG J 240 -35.50 -62.72 24.68
CA ARG J 240 -36.30 -61.99 23.70
C ARG J 240 -37.01 -62.94 22.75
N ASN J 241 -38.18 -62.53 22.27
CA ASN J 241 -38.94 -63.31 21.31
C ASN J 241 -38.86 -62.74 19.90
N ALA J 242 -37.92 -61.83 19.67
CA ALA J 242 -37.75 -61.23 18.35
C ALA J 242 -36.29 -60.87 18.07
N GLU J 243 -35.88 -60.99 16.82
CA GLU J 243 -34.48 -60.82 16.45
C GLU J 243 -33.96 -59.37 16.57
N LEU J 244 -34.85 -58.39 16.44
CA LEU J 244 -34.47 -57.00 16.60
C LEU J 244 -35.17 -56.39 17.83
N GLY J 245 -35.71 -57.25 18.68
CA GLY J 245 -36.42 -56.78 19.86
C GLY J 245 -37.87 -56.43 19.53
N ASP J 246 -38.56 -55.81 20.49
CA ASP J 246 -39.97 -55.50 20.33
C ASP J 246 -40.21 -53.99 20.19
N ARG J 247 -40.35 -53.30 21.31
CA ARG J 247 -40.58 -51.84 21.28
C ARG J 247 -39.63 -51.13 22.22
N LYS J 248 -39.40 -49.84 21.96
CA LYS J 248 -38.54 -49.05 22.81
C LYS J 248 -39.30 -48.23 23.85
N GLY J 249 -39.74 -48.87 24.93
CA GLY J 249 -40.34 -48.15 26.06
C GLY J 249 -39.21 -47.59 26.91
N LYS J 250 -39.50 -46.61 27.74
CA LYS J 250 -38.42 -46.04 28.56
C LYS J 250 -38.85 -45.64 29.97
N ILE J 251 -38.00 -45.95 30.93
CA ILE J 251 -38.11 -45.44 32.30
C ILE J 251 -36.81 -44.78 32.73
N HIS J 252 -36.90 -43.56 33.25
CA HIS J 252 -35.69 -42.85 33.66
C HIS J 252 -35.11 -43.42 34.94
N ILE J 253 -33.81 -43.30 35.11
CA ILE J 253 -33.16 -43.77 36.33
C ILE J 253 -32.97 -42.63 37.34
N PRO J 254 -33.55 -42.77 38.54
CA PRO J 254 -33.52 -41.81 39.64
C PRO J 254 -32.17 -41.79 40.32
N PHE J 255 -31.95 -40.78 41.14
CA PHE J 255 -30.74 -40.66 41.95
C PHE J 255 -29.48 -40.54 41.09
N PRO J 256 -29.33 -39.44 40.37
CA PRO J 256 -28.16 -39.07 39.58
C PRO J 256 -26.97 -38.74 40.47
N LEU J 257 -25.78 -38.91 39.92
CA LEU J 257 -24.53 -38.61 40.62
C LEU J 257 -24.30 -37.10 40.67
N ALA J 258 -23.77 -36.61 41.79
CA ALA J 258 -23.56 -35.17 41.95
C ALA J 258 -22.30 -34.83 42.73
N ASN J 259 -21.78 -33.61 42.52
CA ASN J 259 -20.61 -33.12 43.21
C ASN J 259 -20.97 -32.48 44.55
N VAL J 260 -20.50 -33.10 45.63
CA VAL J 260 -20.79 -32.63 46.99
C VAL J 260 -19.53 -32.58 47.83
N THR J 261 -19.61 -31.92 48.98
CA THR J 261 -18.50 -31.94 49.92
C THR J 261 -18.70 -33.04 50.97
N CYS J 262 -17.62 -33.39 51.66
CA CYS J 262 -17.62 -34.40 52.73
C CYS J 262 -16.58 -34.03 53.78
N ARG J 263 -16.68 -34.63 54.96
CA ARG J 263 -15.78 -34.26 56.05
C ARG J 263 -14.78 -35.35 56.39
N VAL J 264 -13.54 -34.94 56.67
CA VAL J 264 -12.51 -35.86 57.13
C VAL J 264 -11.88 -35.33 58.42
N PRO J 265 -11.47 -36.21 59.32
CA PRO J 265 -10.86 -35.95 60.61
C PRO J 265 -9.44 -35.43 60.49
N LYS J 266 -8.93 -34.85 61.56
CA LYS J 266 -7.54 -34.43 61.63
C LYS J 266 -6.82 -35.16 62.77
N ALA J 267 -5.68 -35.74 62.44
CA ALA J 267 -4.86 -36.46 63.42
C ALA J 267 -4.34 -35.52 64.49
N ARG J 268 -4.13 -36.05 65.69
CA ARG J 268 -3.63 -35.27 66.81
C ARG J 268 -2.25 -34.67 66.53
N ASN J 269 -2.04 -33.46 67.02
CA ASN J 269 -0.73 -32.83 66.91
C ASN J 269 0.32 -33.69 67.60
N PRO J 270 1.43 -33.98 66.93
CA PRO J 270 2.55 -34.78 67.40
C PRO J 270 3.34 -34.04 68.45
N THR J 271 4.03 -34.79 69.30
CA THR J 271 4.96 -34.18 70.25
C THR J 271 6.32 -34.07 69.58
N VAL J 272 6.88 -32.86 69.59
CA VAL J 272 8.09 -32.60 68.83
C VAL J 272 9.25 -32.11 69.69
N THR J 273 10.40 -32.75 69.53
CA THR J 273 11.64 -32.29 70.16
C THR J 273 12.73 -32.20 69.11
N TYR J 274 13.82 -31.51 69.43
CA TYR J 274 14.83 -31.26 68.42
C TYR J 274 16.22 -31.72 68.81
N GLY J 275 16.98 -32.13 67.80
CA GLY J 275 18.40 -32.46 67.97
C GLY J 275 19.22 -31.69 66.95
N LYS J 276 20.45 -32.12 66.71
CA LYS J 276 21.27 -31.43 65.73
C LYS J 276 20.93 -31.89 64.33
N ASN J 277 20.44 -30.96 63.52
CA ASN J 277 20.00 -31.23 62.15
C ASN J 277 18.98 -32.36 62.09
N GLN J 278 18.08 -32.41 63.06
CA GLN J 278 17.05 -33.44 63.05
C GLN J 278 15.81 -33.04 63.84
N VAL J 279 14.68 -33.61 63.46
CA VAL J 279 13.43 -33.42 64.17
C VAL J 279 12.85 -34.75 64.61
N ILE J 280 12.54 -34.87 65.90
CA ILE J 280 11.99 -36.11 66.42
C ILE J 280 10.52 -35.93 66.77
N MET J 281 9.68 -36.77 66.18
CA MET J 281 8.25 -36.65 66.39
C MET J 281 7.65 -37.90 67.03
N LEU J 282 6.73 -37.70 67.96
CA LEU J 282 5.95 -38.80 68.51
C LEU J 282 4.53 -38.75 67.96
N LEU J 283 4.13 -39.80 67.26
CA LEU J 283 2.84 -39.82 66.61
C LEU J 283 1.81 -40.56 67.46
N TYR J 284 0.62 -40.00 67.56
CA TYR J 284 -0.46 -40.58 68.35
C TYR J 284 -1.78 -40.67 67.58
N PRO J 285 -1.85 -41.52 66.55
CA PRO J 285 -3.01 -41.78 65.73
C PRO J 285 -4.08 -42.60 66.44
N ASP J 286 -5.34 -42.37 66.08
CA ASP J 286 -6.43 -43.25 66.50
C ASP J 286 -6.69 -44.30 65.45
N HIS J 287 -6.41 -43.92 64.20
CA HIS J 287 -6.66 -44.74 63.03
C HIS J 287 -5.51 -44.52 62.05
N PRO J 288 -5.29 -45.44 61.11
CA PRO J 288 -4.14 -45.44 60.21
C PRO J 288 -4.02 -44.08 59.55
N THR J 289 -2.82 -43.51 59.67
CA THR J 289 -2.57 -42.17 59.18
C THR J 289 -1.31 -42.12 58.33
N LEU J 290 -1.39 -41.45 57.19
CA LEU J 290 -0.24 -41.35 56.31
C LEU J 290 0.72 -40.25 56.75
N LEU J 291 2.00 -40.59 56.82
CA LEU J 291 3.05 -39.63 57.07
C LEU J 291 3.93 -39.49 55.85
N SER J 292 4.16 -38.27 55.41
CA SER J 292 5.02 -38.05 54.26
C SER J 292 5.82 -36.77 54.39
N TYR J 293 6.97 -36.73 53.72
CA TYR J 293 7.81 -35.56 53.75
C TYR J 293 8.70 -35.44 52.52
N ARG J 294 9.13 -34.21 52.26
CA ARG J 294 10.02 -33.93 51.15
C ARG J 294 11.03 -32.85 51.51
N ASN J 295 12.18 -32.88 50.85
CA ASN J 295 13.14 -31.80 50.96
C ASN J 295 12.63 -30.62 50.14
N MET J 296 12.92 -29.40 50.58
CA MET J 296 12.49 -28.22 49.85
C MET J 296 13.56 -27.74 48.88
N GLY J 297 14.59 -28.55 48.70
CA GLY J 297 15.69 -28.24 47.80
C GLY J 297 15.46 -28.84 46.42
N GLU J 298 16.53 -28.93 45.63
CA GLU J 298 16.47 -29.43 44.27
C GLU J 298 16.03 -30.88 44.19
N GLU J 299 16.46 -31.69 45.14
CA GLU J 299 16.13 -33.11 45.15
C GLU J 299 15.26 -33.47 46.36
N PRO J 300 13.94 -33.57 46.17
CA PRO J 300 12.94 -33.69 47.21
C PRO J 300 13.06 -35.00 47.98
N ASN J 301 13.61 -36.03 47.36
CA ASN J 301 13.79 -37.31 48.04
C ASN J 301 12.51 -37.72 48.75
N TYR J 302 11.40 -37.71 48.04
CA TYR J 302 10.10 -37.96 48.67
C TYR J 302 10.02 -39.34 49.30
N GLN J 303 9.53 -39.37 50.53
CA GLN J 303 9.29 -40.63 51.24
C GLN J 303 7.95 -40.60 51.95
N GLU J 304 7.33 -41.77 52.09
CA GLU J 304 6.07 -41.86 52.81
C GLU J 304 5.90 -43.20 53.51
N GLU J 305 5.13 -43.22 54.59
CA GLU J 305 4.79 -44.46 55.28
C GLU J 305 3.45 -44.36 56.00
N TRP J 306 2.79 -45.49 56.19
CA TRP J 306 1.57 -45.52 56.98
C TRP J 306 1.87 -45.90 58.43
N VAL J 307 1.23 -45.20 59.36
CA VAL J 307 1.40 -45.47 60.77
C VAL J 307 0.09 -45.94 61.41
N MET J 308 0.11 -47.14 61.99
CA MET J 308 -1.09 -47.71 62.59
C MET J 308 -1.02 -47.78 64.11
N HIS J 309 0.00 -47.15 64.70
CA HIS J 309 0.19 -47.20 66.14
C HIS J 309 1.11 -46.09 66.62
N LYS J 310 1.22 -45.94 67.93
CA LYS J 310 2.14 -44.95 68.47
C LYS J 310 3.54 -45.25 67.98
N LYS J 311 4.21 -44.24 67.42
CA LYS J 311 5.53 -44.45 66.86
C LYS J 311 6.44 -43.25 67.04
N GLU J 312 7.73 -43.52 67.23
CA GLU J 312 8.74 -42.46 67.27
C GLU J 312 9.47 -42.38 65.93
N VAL J 313 9.40 -41.23 65.29
CA VAL J 313 10.01 -41.04 63.98
C VAL J 313 11.07 -39.95 64.00
N VAL J 314 12.25 -40.27 63.51
CA VAL J 314 13.33 -39.30 63.44
C VAL J 314 13.64 -38.92 62.00
N LEU J 315 13.51 -37.63 61.69
CA LEU J 315 13.76 -37.15 60.34
C LEU J 315 15.02 -36.29 60.29
N THR J 316 15.79 -36.47 59.22
CA THR J 316 17.01 -35.69 59.01
C THR J 316 16.67 -34.38 58.29
N VAL J 317 17.21 -33.27 58.78
CA VAL J 317 16.93 -31.98 58.20
C VAL J 317 18.08 -31.45 57.36
N PRO J 318 17.88 -31.23 56.06
CA PRO J 318 18.82 -30.69 55.10
C PRO J 318 18.92 -29.18 55.27
N THR J 319 19.95 -28.57 54.70
CA THR J 319 20.14 -27.14 54.82
C THR J 319 19.10 -26.35 54.05
N GLU J 320 18.46 -26.98 53.07
CA GLU J 320 17.41 -26.33 52.30
C GLU J 320 16.09 -26.28 53.06
N GLY J 321 15.98 -27.07 54.13
CA GLY J 321 14.75 -27.14 54.90
C GLY J 321 13.93 -28.38 54.56
N LEU J 322 13.13 -28.83 55.53
CA LEU J 322 12.31 -30.03 55.39
C LEU J 322 10.82 -29.73 55.56
N GLU J 323 10.01 -30.28 54.67
CA GLU J 323 8.55 -30.12 54.77
C GLU J 323 7.89 -31.45 55.16
N VAL J 324 7.12 -31.43 56.24
CA VAL J 324 6.50 -32.65 56.75
C VAL J 324 4.98 -32.56 56.81
N THR J 325 4.30 -33.56 56.25
CA THR J 325 2.84 -33.61 56.27
C THR J 325 2.33 -34.77 57.11
N TRP J 326 1.54 -34.44 58.13
CA TRP J 326 0.98 -35.45 59.02
C TRP J 326 -0.52 -35.56 58.87
N GLY J 327 -0.98 -36.64 58.25
CA GLY J 327 -2.40 -36.85 58.02
C GLY J 327 -3.02 -35.73 57.21
N ASN J 328 -4.15 -35.23 57.67
CA ASN J 328 -4.88 -34.18 56.96
C ASN J 328 -4.57 -32.79 57.50
N ASN J 329 -3.53 -32.69 58.32
CA ASN J 329 -3.15 -31.40 58.89
C ASN J 329 -2.26 -30.62 57.92
N GLU J 330 -2.22 -29.31 58.10
CA GLU J 330 -1.34 -28.47 57.31
C GLU J 330 0.12 -28.87 57.55
N PRO J 331 0.96 -28.78 56.52
CA PRO J 331 2.36 -29.16 56.52
C PRO J 331 3.20 -28.31 57.46
N TYR J 332 4.21 -28.92 58.04
CA TYR J 332 5.16 -28.23 58.90
C TYR J 332 6.44 -27.96 58.13
N LYS J 333 7.07 -26.82 58.40
CA LYS J 333 8.35 -26.53 57.77
C LYS J 333 9.44 -26.32 58.82
N TYR J 334 10.59 -26.94 58.60
CA TYR J 334 11.70 -26.82 59.52
C TYR J 334 12.99 -26.41 58.82
N TRP J 335 13.75 -25.53 59.46
CA TRP J 335 15.08 -25.18 58.98
C TRP J 335 16.10 -25.29 60.11
N PRO J 336 17.31 -25.75 59.82
CA PRO J 336 18.45 -25.79 60.71
C PRO J 336 19.06 -24.42 60.87
N GLN J 337 19.68 -24.17 62.02
CA GLN J 337 20.48 -22.98 62.20
C GLN J 337 21.86 -23.33 62.71
N LEU J 338 22.73 -22.32 62.82
CA LEU J 338 24.13 -22.58 63.14
C LEU J 338 24.38 -22.73 64.63
N SER J 339 23.87 -23.81 65.20
CA SER J 339 24.12 -24.14 66.60
C SER J 339 25.40 -24.95 66.73
N THR J 340 26.13 -24.72 67.82
CA THR J 340 27.37 -25.44 68.08
C THR J 340 27.73 -25.41 69.56
N ASN J 341 28.52 -26.40 69.98
CA ASN J 341 28.99 -26.45 71.36
C ASN J 341 30.40 -25.86 71.50
N GLY J 342 30.94 -25.36 70.41
CA GLY J 342 32.27 -24.76 70.42
C GLY J 342 32.20 -23.24 70.50
N THR J 343 33.35 -22.60 70.37
CA THR J 343 33.42 -21.14 70.37
C THR J 343 34.50 -20.64 69.43
N ALA J 344 34.21 -19.56 68.71
CA ALA J 344 35.18 -19.03 67.76
C ALA J 344 36.16 -18.08 68.43
N HIS J 345 35.89 -17.76 69.69
CA HIS J 345 36.72 -16.79 70.39
C HIS J 345 37.42 -17.39 71.60
N GLY J 346 37.56 -18.71 71.61
CA GLY J 346 38.20 -19.41 72.71
C GLY J 346 39.57 -19.95 72.32
N HIS J 347 39.93 -21.08 72.90
CA HIS J 347 41.22 -21.72 72.63
C HIS J 347 41.22 -22.33 71.23
N PRO J 348 42.37 -22.44 70.58
CA PRO J 348 42.55 -22.94 69.23
C PRO J 348 41.79 -24.24 68.98
N HIS J 349 41.75 -25.14 69.96
CA HIS J 349 41.03 -26.39 69.77
C HIS J 349 39.52 -26.19 69.84
N GLU J 350 39.10 -25.12 70.53
CA GLU J 350 37.69 -24.79 70.64
C GLU J 350 37.21 -24.11 69.38
N ILE J 351 38.13 -23.39 68.73
CA ILE J 351 37.85 -22.70 67.48
C ILE J 351 37.63 -23.71 66.35
N ILE J 352 38.45 -24.74 66.32
CA ILE J 352 38.29 -25.78 65.31
C ILE J 352 36.96 -26.50 65.50
N LEU J 353 36.59 -26.77 66.74
CA LEU J 353 35.32 -27.41 67.03
C LEU J 353 34.16 -26.55 66.54
N TYR J 354 34.25 -25.26 66.78
CA TYR J 354 33.20 -24.33 66.38
C TYR J 354 32.93 -24.43 64.89
N TYR J 355 33.98 -24.33 64.09
CA TYR J 355 33.82 -24.34 62.65
C TYR J 355 33.54 -25.73 62.11
N TYR J 356 34.09 -26.75 62.77
CA TYR J 356 33.88 -28.11 62.32
C TYR J 356 32.42 -28.53 62.43
N GLU J 357 31.80 -28.22 63.56
CA GLU J 357 30.41 -28.60 63.75
C GLU J 357 29.48 -27.86 62.78
N LEU J 358 29.81 -26.62 62.44
CA LEU J 358 28.97 -25.86 61.55
C LEU J 358 29.27 -26.13 60.07
N TYR J 359 30.54 -26.37 59.75
CA TYR J 359 30.95 -26.58 58.36
C TYR J 359 31.86 -27.80 58.23
N PRO J 360 31.31 -29.00 58.40
CA PRO J 360 31.99 -30.26 58.67
C PRO J 360 32.84 -30.76 57.51
N THR J 361 32.61 -30.25 56.31
CA THR J 361 33.38 -30.72 55.17
C THR J 361 34.50 -29.78 54.84
N MET J 362 34.18 -28.50 54.71
CA MET J 362 35.19 -27.52 54.38
C MET J 362 36.23 -27.44 55.47
N THR J 363 35.84 -27.59 56.72
CA THR J 363 36.82 -27.46 57.77
C THR J 363 37.86 -28.50 57.51
N VAL J 364 37.46 -29.70 57.16
CA VAL J 364 38.45 -30.74 56.99
C VAL J 364 39.35 -30.40 55.81
N VAL J 365 38.81 -29.79 54.78
CA VAL J 365 39.62 -29.51 53.61
C VAL J 365 40.58 -28.36 53.86
N VAL J 366 40.10 -27.30 54.51
CA VAL J 366 40.96 -26.15 54.76
C VAL J 366 42.09 -26.49 55.72
N VAL J 367 41.77 -27.22 56.78
CA VAL J 367 42.80 -27.58 57.75
C VAL J 367 43.82 -28.54 57.16
N SER J 368 43.34 -29.53 56.41
CA SER J 368 44.24 -30.51 55.81
C SER J 368 45.19 -29.88 54.81
N VAL J 369 44.67 -28.98 53.99
CA VAL J 369 45.50 -28.32 52.98
C VAL J 369 46.46 -27.33 53.63
N ALA J 370 45.97 -26.55 54.59
CA ALA J 370 46.82 -25.56 55.23
C ALA J 370 47.97 -26.23 55.94
N SER J 371 47.71 -27.38 56.56
CA SER J 371 48.76 -28.10 57.26
C SER J 371 49.81 -28.61 56.28
N PHE J 372 49.34 -29.16 55.16
CA PHE J 372 50.23 -29.67 54.13
C PHE J 372 51.14 -28.57 53.59
N VAL J 373 50.56 -27.43 53.26
CA VAL J 373 51.32 -26.34 52.65
C VAL J 373 52.34 -25.77 53.62
N LEU J 374 51.96 -25.57 54.87
CA LEU J 374 52.88 -25.01 55.85
C LEU J 374 54.05 -25.95 56.11
N LEU J 375 53.76 -27.25 56.18
CA LEU J 375 54.82 -28.23 56.39
C LEU J 375 55.75 -28.29 55.18
N SER J 376 55.18 -28.16 53.99
CA SER J 376 55.96 -28.18 52.77
C SER J 376 56.93 -27.00 52.73
N MET J 377 56.44 -25.83 53.14
CA MET J 377 57.28 -24.63 53.17
C MET J 377 58.47 -24.81 54.09
N VAL J 378 58.25 -25.44 55.24
CA VAL J 378 59.35 -25.67 56.17
C VAL J 378 60.37 -26.62 55.58
N GLY J 379 59.90 -27.68 54.94
CA GLY J 379 60.80 -28.65 54.32
C GLY J 379 61.66 -28.00 53.25
N VAL J 380 61.09 -27.05 52.51
CA VAL J 380 61.84 -26.32 51.49
C VAL J 380 62.90 -25.43 52.12
N ALA J 381 62.54 -24.76 53.21
CA ALA J 381 63.48 -23.89 53.90
C ALA J 381 64.69 -24.68 54.39
N VAL J 382 64.45 -25.91 54.85
CA VAL J 382 65.53 -26.76 55.32
C VAL J 382 66.41 -27.20 54.17
N GLY J 383 65.78 -27.58 53.06
CA GLY J 383 66.53 -28.02 51.89
C GLY J 383 67.45 -26.91 51.37
N MET J 384 66.96 -25.67 51.40
CA MET J 384 67.77 -24.55 50.95
C MET J 384 68.95 -24.34 51.89
N CYS J 385 68.72 -24.51 53.18
CA CYS J 385 69.79 -24.34 54.16
C CYS J 385 70.87 -25.40 54.00
N MET J 386 70.47 -26.63 53.73
CA MET J 386 71.43 -27.71 53.55
C MET J 386 72.22 -27.53 52.26
N CYS J 387 71.56 -27.02 51.23
CA CYS J 387 72.24 -26.76 49.97
C CYS J 387 73.27 -25.66 50.15
N ALA J 388 72.87 -24.62 50.88
CA ALA J 388 73.76 -23.49 51.15
C ALA J 388 74.95 -23.94 51.98
N ARG J 389 74.71 -24.82 52.94
CA ARG J 389 75.76 -25.28 53.83
C ARG J 389 76.82 -26.07 53.05
N ARG J 390 76.37 -26.93 52.15
CA ARG J 390 77.30 -27.73 51.37
C ARG J 390 78.14 -26.86 50.44
N ARG J 391 77.50 -25.90 49.79
CA ARG J 391 78.22 -25.04 48.85
C ARG J 391 79.21 -24.13 49.56
N CYS J 392 78.84 -23.64 50.73
CA CYS J 392 79.69 -22.75 51.50
C CYS J 392 80.95 -23.43 52.00
N ILE J 393 80.82 -24.67 52.45
CA ILE J 393 81.95 -25.36 53.07
C ILE J 393 82.81 -26.15 52.08
N THR J 394 82.24 -26.54 50.94
CA THR J 394 82.97 -27.37 49.99
C THR J 394 84.41 -26.88 49.71
N PRO J 395 84.65 -25.60 49.42
CA PRO J 395 85.93 -25.06 49.01
C PRO J 395 87.01 -25.30 50.07
N TYR J 396 86.59 -25.54 51.31
CA TYR J 396 87.53 -25.76 52.40
C TYR J 396 87.78 -27.25 52.61
N GLU J 397 86.74 -28.05 52.46
CA GLU J 397 86.87 -29.51 52.63
C GLU J 397 87.47 -30.15 51.40
N LEU J 398 87.29 -29.50 50.25
CA LEU J 398 87.78 -30.01 48.98
C LEU J 398 89.27 -29.71 48.81
N THR J 399 89.78 -28.74 49.56
CA THR J 399 91.15 -28.27 49.43
C THR J 399 92.10 -29.02 50.36
N PRO J 400 93.19 -29.60 49.85
CA PRO J 400 94.21 -30.30 50.60
C PRO J 400 94.99 -29.31 51.46
N GLY J 401 95.27 -29.70 52.70
CA GLY J 401 96.07 -28.87 53.59
C GLY J 401 95.28 -27.73 54.23
N ALA J 402 94.01 -27.59 53.84
CA ALA J 402 93.20 -26.49 54.32
C ALA J 402 92.59 -26.80 55.68
N THR J 403 92.36 -25.75 56.46
CA THR J 403 91.68 -25.88 57.74
C THR J 403 90.47 -24.96 57.78
N VAL J 404 89.34 -25.50 58.22
CA VAL J 404 88.11 -24.73 58.31
C VAL J 404 88.18 -23.74 59.47
N PRO J 405 87.91 -22.45 59.23
CA PRO J 405 87.83 -21.38 60.21
C PRO J 405 86.84 -21.73 61.31
N PHE J 406 87.18 -21.37 62.53
CA PHE J 406 86.36 -21.71 63.70
C PHE J 406 84.94 -21.19 63.57
N LEU J 407 84.80 -19.94 63.17
CA LEU J 407 83.48 -19.33 63.07
C LEU J 407 82.66 -20.00 61.98
N LEU J 408 83.32 -20.41 60.91
CA LEU J 408 82.61 -21.04 59.80
C LEU J 408 82.05 -22.39 60.21
N SER J 409 82.80 -23.11 61.04
CA SER J 409 82.36 -24.42 61.51
C SER J 409 81.12 -24.29 62.39
N LEU J 410 81.04 -23.20 63.15
CA LEU J 410 79.88 -22.95 64.00
C LEU J 410 78.66 -22.64 63.16
N ILE J 411 78.87 -21.86 62.10
CA ILE J 411 77.79 -21.45 61.21
C ILE J 411 77.28 -22.63 60.38
N CYS J 412 78.22 -23.43 59.88
CA CYS J 412 77.88 -24.57 59.04
C CYS J 412 77.41 -25.76 59.88
N CYS J 413 77.54 -25.65 61.19
CA CYS J 413 77.14 -26.72 62.10
C CYS J 413 77.86 -28.03 61.76
N ILE J 414 79.18 -27.95 61.66
CA ILE J 414 80.01 -29.09 61.30
C ILE J 414 81.11 -29.33 62.33
N ARG J 415 81.73 -30.50 62.24
CA ARG J 415 82.82 -30.86 63.15
C ARG J 415 84.04 -29.98 62.92
N THR J 416 84.78 -29.71 63.98
CA THR J 416 85.95 -28.83 63.91
C THR J 416 87.08 -29.42 63.07
N ALA J 417 87.61 -28.57 62.18
CA ALA J 417 88.76 -28.92 61.35
C ALA J 417 88.56 -30.24 60.62
N LYS J 418 89.52 -31.15 60.78
CA LYS J 418 89.53 -32.42 60.05
C LYS J 418 89.20 -33.64 60.92
N ALA J 419 88.74 -33.42 62.16
CA ALA J 419 88.49 -34.52 63.10
C ALA J 419 87.13 -34.36 63.79
N ASN K 1 114.28 -4.95 -24.69
CA ASN K 1 113.99 -6.31 -24.23
C ASN K 1 113.29 -6.25 -22.87
N ASP K 2 112.94 -7.43 -22.33
CA ASP K 2 112.29 -7.56 -21.01
C ASP K 2 111.02 -6.72 -20.88
N CYS K 3 110.18 -6.75 -21.92
CA CYS K 3 108.94 -5.98 -21.97
C CYS K 3 107.79 -6.86 -22.46
N ILE K 4 107.51 -7.93 -21.72
CA ILE K 4 106.44 -8.85 -22.09
C ILE K 4 105.50 -9.18 -20.94
N PHE K 5 104.21 -9.04 -21.19
CA PHE K 5 103.17 -9.51 -20.28
C PHE K 5 102.23 -10.43 -21.05
N GLU K 6 101.78 -11.50 -20.42
CA GLU K 6 100.93 -12.46 -21.12
C GLU K 6 99.49 -12.00 -21.23
N VAL K 7 98.87 -12.30 -22.36
CA VAL K 7 97.44 -12.10 -22.54
C VAL K 7 96.77 -13.44 -22.79
N LYS K 8 95.81 -13.80 -21.95
CA LYS K 8 95.13 -15.09 -22.06
C LYS K 8 93.64 -15.00 -21.82
N HIS K 9 92.88 -15.84 -22.52
CA HIS K 9 91.42 -15.87 -22.38
C HIS K 9 90.96 -17.18 -21.76
N GLU K 10 91.44 -18.29 -22.31
CA GLU K 10 91.00 -19.62 -21.90
C GLU K 10 91.98 -20.26 -20.92
N GLY K 11 92.94 -19.46 -20.46
CA GLY K 11 93.99 -19.94 -19.57
C GLY K 11 95.29 -20.15 -20.33
N LYS K 12 95.19 -20.12 -21.66
CA LYS K 12 96.35 -20.23 -22.52
C LYS K 12 96.66 -18.88 -23.13
N VAL K 13 97.94 -18.63 -23.40
CA VAL K 13 98.34 -17.34 -23.93
C VAL K 13 97.93 -17.19 -25.40
N THR K 14 97.25 -16.10 -25.69
CA THR K 14 96.78 -15.80 -27.04
C THR K 14 97.62 -14.71 -27.68
N GLY K 15 98.32 -13.96 -26.85
CA GLY K 15 99.18 -12.88 -27.32
C GLY K 15 99.88 -12.18 -26.17
N TYR K 16 100.55 -11.08 -26.47
CA TYR K 16 101.33 -10.36 -25.47
C TYR K 16 100.97 -8.88 -25.42
N ALA K 17 101.32 -8.24 -24.30
CA ALA K 17 101.10 -6.82 -24.09
C ALA K 17 102.22 -6.26 -23.23
N CYS K 18 102.45 -4.94 -23.27
CA CYS K 18 103.45 -4.32 -22.42
C CYS K 18 103.22 -2.83 -22.20
N LEU K 19 104.04 -2.24 -21.34
CA LEU K 19 103.97 -0.84 -20.98
C LEU K 19 104.94 -0.01 -21.81
N VAL K 20 104.40 0.86 -22.64
CA VAL K 20 105.22 1.73 -23.48
C VAL K 20 104.87 3.20 -23.21
N GLY K 21 105.86 3.99 -22.85
CA GLY K 21 105.57 5.38 -22.50
C GLY K 21 104.62 5.44 -21.31
N ASP K 22 103.52 6.17 -21.45
CA ASP K 22 102.54 6.28 -20.37
C ASP K 22 101.28 5.44 -20.62
N LYS K 23 101.33 4.57 -21.62
CA LYS K 23 100.16 3.75 -21.96
C LYS K 23 100.49 2.27 -22.12
N VAL K 24 99.52 1.44 -21.76
CA VAL K 24 99.59 0.00 -21.94
C VAL K 24 99.09 -0.36 -23.32
N MET K 25 99.89 -1.10 -24.08
CA MET K 25 99.52 -1.44 -25.44
C MET K 25 99.34 -2.93 -25.63
N LYS K 26 98.25 -3.30 -26.29
CA LYS K 26 98.00 -4.67 -26.67
C LYS K 26 97.30 -4.69 -28.03
N PRO K 27 97.40 -5.78 -28.79
CA PRO K 27 96.61 -6.08 -29.98
C PRO K 27 95.13 -6.11 -29.67
N ALA K 28 94.32 -5.52 -30.55
CA ALA K 28 92.87 -5.53 -30.37
C ALA K 28 92.28 -6.83 -30.92
N HIS K 29 93.06 -7.55 -31.72
CA HIS K 29 92.57 -8.77 -32.35
C HIS K 29 92.79 -9.98 -31.45
N VAL K 30 93.55 -9.77 -30.37
CA VAL K 30 93.83 -10.84 -29.41
C VAL K 30 92.80 -10.84 -28.29
N LYS K 31 92.19 -12.00 -28.07
CA LYS K 31 91.18 -12.14 -27.02
C LYS K 31 91.82 -12.47 -25.69
N GLY K 32 91.15 -12.09 -24.60
CA GLY K 32 91.66 -12.39 -23.26
C GLY K 32 92.10 -11.15 -22.53
N THR K 33 92.65 -11.34 -21.34
CA THR K 33 93.08 -10.22 -20.50
C THR K 33 94.54 -10.36 -20.11
N ILE K 34 95.10 -9.26 -19.63
CA ILE K 34 96.51 -9.23 -19.22
C ILE K 34 96.71 -9.96 -17.91
N ASP K 35 97.77 -10.77 -17.85
CA ASP K 35 98.07 -11.59 -16.69
C ASP K 35 98.21 -10.78 -15.41
N ASN K 36 98.77 -9.59 -15.53
CA ASN K 36 98.92 -8.69 -14.38
C ASN K 36 97.60 -8.00 -14.07
N ALA K 37 97.08 -8.25 -12.87
CA ALA K 37 95.77 -7.75 -12.47
C ALA K 37 95.70 -6.23 -12.52
N ASP K 38 96.82 -5.57 -12.28
CA ASP K 38 96.86 -4.12 -12.26
C ASP K 38 96.68 -3.54 -13.66
N LEU K 39 96.95 -4.36 -14.68
CA LEU K 39 96.80 -3.92 -16.06
C LEU K 39 95.46 -4.40 -16.62
N ALA K 40 95.03 -5.57 -16.17
CA ALA K 40 93.77 -6.16 -16.62
C ALA K 40 92.57 -5.33 -16.21
N LYS K 41 92.69 -4.64 -15.08
CA LYS K 41 91.60 -3.84 -14.53
C LYS K 41 91.45 -2.49 -15.22
N LEU K 42 92.39 -2.17 -16.11
CA LEU K 42 92.37 -0.88 -16.80
C LEU K 42 91.25 -0.81 -17.82
N ALA K 43 90.71 0.38 -18.01
CA ALA K 43 89.70 0.61 -19.04
C ALA K 43 90.39 0.95 -20.36
N PHE K 44 90.20 0.08 -21.35
CA PHE K 44 90.89 0.24 -22.62
C PHE K 44 89.97 0.79 -23.70
N LYS K 45 90.56 1.56 -24.62
CA LYS K 45 89.87 2.01 -25.81
C LYS K 45 90.34 1.19 -27.00
N ARG K 46 89.46 0.98 -27.97
CA ARG K 46 89.80 0.14 -29.11
C ARG K 46 89.65 0.87 -30.43
N SER K 47 90.57 0.63 -31.36
CA SER K 47 90.47 1.17 -32.70
C SER K 47 90.66 0.09 -33.74
N SER K 48 89.59 -0.23 -34.47
CA SER K 48 89.63 -1.26 -35.49
C SER K 48 90.47 -0.83 -36.68
N LYS K 49 90.73 0.47 -36.75
CA LYS K 49 91.57 1.03 -37.81
C LYS K 49 93.02 0.56 -37.69
N TYR K 50 93.48 0.39 -36.46
CA TYR K 50 94.87 0.03 -36.23
C TYR K 50 94.99 -1.35 -35.55
N ASP K 51 93.86 -1.95 -35.22
CA ASP K 51 93.86 -3.20 -34.47
C ASP K 51 94.64 -3.03 -33.18
N LEU K 52 94.47 -1.86 -32.57
CA LEU K 52 95.23 -1.50 -31.37
C LEU K 52 94.31 -1.15 -30.21
N GLU K 53 94.62 -1.71 -29.04
CA GLU K 53 93.86 -1.44 -27.82
C GLU K 53 94.78 -0.84 -26.76
N CYS K 54 94.39 0.29 -26.18
CA CYS K 54 95.27 1.01 -25.24
C CYS K 54 94.57 1.52 -23.97
N ALA K 55 95.35 1.60 -22.89
CA ALA K 55 94.89 2.17 -21.61
C ALA K 55 96.05 2.83 -20.88
N GLN K 56 95.74 3.75 -19.97
CA GLN K 56 96.79 4.47 -19.23
C GLN K 56 97.50 3.59 -18.21
N ILE K 57 98.82 3.75 -18.10
CA ILE K 57 99.63 3.03 -17.13
C ILE K 57 99.44 3.55 -15.71
N PRO K 58 99.19 2.68 -14.72
CA PRO K 58 99.11 2.96 -13.30
C PRO K 58 100.39 3.62 -12.82
N VAL K 59 100.26 4.58 -11.91
CA VAL K 59 101.42 5.35 -11.47
C VAL K 59 102.48 4.49 -10.80
N HIS K 60 102.07 3.43 -10.11
CA HIS K 60 103.03 2.59 -9.41
C HIS K 60 103.80 1.68 -10.36
N MET K 61 103.33 1.58 -11.60
CA MET K 61 103.98 0.76 -12.61
C MET K 61 104.73 1.61 -13.62
N LYS K 62 104.84 2.92 -13.36
CA LYS K 62 105.47 3.83 -14.31
C LYS K 62 106.93 3.47 -14.56
N SER K 63 107.58 2.92 -13.54
CA SER K 63 109.00 2.58 -13.63
C SER K 63 109.25 1.41 -14.57
N ASP K 64 108.20 0.66 -14.89
CA ASP K 64 108.34 -0.51 -15.74
C ASP K 64 108.02 -0.20 -17.19
N ALA K 65 107.71 1.06 -17.48
CA ALA K 65 107.41 1.46 -18.86
C ALA K 65 108.68 1.51 -19.69
N SER K 66 108.58 1.05 -20.93
CA SER K 66 109.72 1.07 -21.84
C SER K 66 109.87 2.43 -22.51
N LYS K 67 111.05 2.67 -23.07
CA LYS K 67 111.32 3.87 -23.84
C LYS K 67 110.87 3.64 -25.28
N PHE K 68 110.57 4.73 -25.98
CA PHE K 68 110.09 4.63 -27.36
C PHE K 68 110.60 5.78 -28.21
N THR K 69 110.59 5.58 -29.52
CA THR K 69 110.98 6.63 -30.45
C THR K 69 110.19 6.54 -31.75
N HIS K 70 110.04 7.68 -32.42
CA HIS K 70 109.39 7.74 -33.73
C HIS K 70 110.41 7.58 -34.85
N GLU K 71 111.69 7.59 -34.48
CA GLU K 71 112.77 7.51 -35.47
C GLU K 71 112.97 6.07 -35.93
N LYS K 72 113.07 5.88 -37.24
CA LYS K 72 113.29 4.55 -37.80
C LYS K 72 114.30 4.54 -38.95
N PRO K 73 115.59 4.59 -38.64
CA PRO K 73 116.71 4.35 -39.55
C PRO K 73 116.69 2.92 -40.05
N GLU K 74 117.21 2.69 -41.25
CA GLU K 74 117.32 1.33 -41.76
C GLU K 74 118.38 0.55 -41.01
N GLY K 75 118.13 -0.73 -40.78
CA GLY K 75 119.06 -1.56 -40.01
C GLY K 75 118.33 -2.70 -39.31
N TYR K 76 119.00 -3.33 -38.34
CA TYR K 76 118.40 -4.44 -37.62
C TYR K 76 117.89 -4.01 -36.25
N TYR K 77 116.74 -4.55 -35.87
CA TYR K 77 116.10 -4.24 -34.61
C TYR K 77 115.91 -5.49 -33.76
N ASN K 78 115.99 -5.34 -32.45
CA ASN K 78 115.94 -6.48 -31.55
C ASN K 78 114.52 -6.86 -31.16
N TRP K 79 114.29 -8.16 -30.99
CA TRP K 79 113.04 -8.65 -30.43
C TRP K 79 113.25 -10.07 -29.92
N HIS K 80 112.19 -10.70 -29.43
CA HIS K 80 112.36 -12.01 -28.81
C HIS K 80 112.97 -13.03 -29.78
N HIS K 81 112.43 -13.10 -30.99
CA HIS K 81 112.90 -14.07 -31.97
C HIS K 81 114.05 -13.52 -32.81
N GLY K 82 115.23 -13.44 -32.21
CA GLY K 82 116.41 -12.91 -32.89
C GLY K 82 116.29 -11.42 -33.19
N ALA K 83 116.43 -11.05 -34.46
CA ALA K 83 116.37 -9.65 -34.84
C ALA K 83 115.52 -9.44 -36.10
N VAL K 84 114.91 -8.28 -36.18
CA VAL K 84 114.07 -7.89 -37.32
C VAL K 84 114.83 -6.98 -38.26
N GLN K 85 114.82 -7.30 -39.54
CA GLN K 85 115.50 -6.45 -40.52
C GLN K 85 114.55 -5.37 -41.01
N TYR K 86 114.97 -4.12 -40.94
CA TYR K 86 114.14 -3.02 -41.40
C TYR K 86 114.76 -2.29 -42.56
N SER K 87 114.06 -2.27 -43.68
CA SER K 87 114.51 -1.54 -44.86
C SER K 87 113.34 -1.20 -45.77
N GLY K 88 113.44 -0.09 -46.47
CA GLY K 88 112.41 0.28 -47.45
C GLY K 88 111.14 0.75 -46.76
N GLY K 89 111.23 0.99 -45.46
CA GLY K 89 110.08 1.39 -44.67
C GLY K 89 109.29 0.19 -44.16
N ARG K 90 109.82 -1.01 -44.33
CA ARG K 90 109.12 -2.22 -43.93
C ARG K 90 109.96 -3.12 -43.03
N PHE K 91 109.31 -3.72 -42.04
CA PHE K 91 109.96 -4.68 -41.14
C PHE K 91 109.79 -6.11 -41.65
N THR K 92 110.86 -6.88 -41.66
CA THR K 92 110.78 -8.27 -42.12
C THR K 92 111.71 -9.22 -41.37
N ILE K 93 111.31 -10.49 -41.33
CA ILE K 93 112.11 -11.57 -40.75
C ILE K 93 112.14 -12.73 -41.75
N PRO K 94 113.03 -13.72 -41.58
CA PRO K 94 113.15 -14.92 -42.42
C PRO K 94 111.84 -15.70 -42.44
N THR K 95 111.54 -16.31 -43.59
CA THR K 95 110.31 -17.08 -43.72
C THR K 95 110.22 -18.19 -42.69
N GLY K 96 109.07 -18.27 -42.02
CA GLY K 96 108.83 -19.31 -41.02
C GLY K 96 109.35 -18.91 -39.65
N ALA K 97 110.03 -17.76 -39.57
CA ALA K 97 110.60 -17.31 -38.31
C ALA K 97 109.52 -16.88 -37.31
N GLY K 98 108.42 -16.30 -37.82
CA GLY K 98 107.35 -15.84 -36.95
C GLY K 98 106.32 -16.94 -36.68
N LYS K 99 105.63 -16.84 -35.55
CA LYS K 99 104.59 -17.79 -35.20
C LYS K 99 103.34 -17.07 -34.68
N PRO K 100 102.17 -17.71 -34.77
CA PRO K 100 100.96 -17.36 -34.08
C PRO K 100 101.23 -17.29 -32.59
N GLY K 101 100.67 -16.27 -31.94
CA GLY K 101 100.92 -16.06 -30.52
C GLY K 101 102.01 -15.01 -30.30
N ASP K 102 102.70 -14.62 -31.38
CA ASP K 102 103.74 -13.60 -31.27
C ASP K 102 103.18 -12.19 -31.31
N SER K 103 101.88 -12.07 -31.58
CA SER K 103 101.28 -10.75 -31.67
C SER K 103 101.40 -10.03 -30.33
N GLY K 104 101.75 -8.75 -30.39
CA GLY K 104 101.92 -7.93 -29.20
C GLY K 104 103.39 -7.75 -28.82
N ARG K 105 104.27 -8.52 -29.44
CA ARG K 105 105.70 -8.39 -29.16
C ARG K 105 106.27 -7.10 -29.78
N PRO K 106 106.96 -6.28 -28.99
CA PRO K 106 107.63 -5.04 -29.37
C PRO K 106 108.91 -5.27 -30.15
N ILE K 107 109.27 -4.29 -30.98
CA ILE K 107 110.55 -4.24 -31.69
C ILE K 107 111.39 -3.09 -31.16
N PHE K 108 112.63 -3.39 -30.76
CA PHE K 108 113.51 -2.40 -30.13
C PHE K 108 114.69 -2.00 -31.00
N ASP K 109 115.09 -0.74 -30.89
CA ASP K 109 116.29 -0.26 -31.55
C ASP K 109 117.51 -0.50 -30.67
N ASN K 110 118.66 0.00 -31.10
CA ASN K 110 119.92 -0.27 -30.40
C ASN K 110 120.07 0.56 -29.14
N LYS K 111 119.08 1.40 -28.87
CA LYS K 111 119.07 2.20 -27.65
C LYS K 111 118.05 1.65 -26.66
N GLY K 112 117.41 0.54 -27.03
CA GLY K 112 116.42 -0.11 -26.19
C GLY K 112 115.05 0.55 -26.29
N ARG K 113 114.86 1.37 -27.33
CA ARG K 113 113.60 2.08 -27.51
C ARG K 113 112.67 1.31 -28.45
N VAL K 114 111.37 1.33 -28.15
CA VAL K 114 110.39 0.67 -28.98
C VAL K 114 110.08 1.49 -30.24
N VAL K 115 110.14 0.83 -31.39
CA VAL K 115 109.80 1.49 -32.64
C VAL K 115 108.50 0.95 -33.22
N ALA K 116 108.21 -0.31 -32.95
CA ALA K 116 107.02 -0.93 -33.51
C ALA K 116 106.56 -2.12 -32.69
N ILE K 117 105.27 -2.46 -32.81
CA ILE K 117 104.72 -3.66 -32.20
C ILE K 117 104.16 -4.61 -33.27
N VAL K 118 104.55 -5.88 -33.20
CA VAL K 118 104.14 -6.86 -34.21
C VAL K 118 102.75 -7.42 -33.95
N LEU K 119 101.89 -7.35 -34.95
CA LEU K 119 100.55 -7.93 -34.85
C LEU K 119 100.42 -9.20 -35.68
N GLY K 120 101.17 -9.25 -36.79
CA GLY K 120 101.03 -10.36 -37.73
C GLY K 120 102.07 -10.28 -38.86
N GLY K 121 101.83 -11.04 -39.92
CA GLY K 121 102.75 -11.07 -41.06
C GLY K 121 102.36 -12.11 -42.10
N ALA K 122 103.16 -12.19 -43.17
CA ALA K 122 102.91 -13.16 -44.24
C ALA K 122 104.22 -13.62 -44.87
N ASN K 123 104.24 -14.88 -45.31
CA ASN K 123 105.44 -15.46 -45.91
C ASN K 123 105.50 -15.25 -47.42
N GLU K 124 106.44 -14.41 -47.86
CA GLU K 124 106.61 -14.12 -49.28
C GLU K 124 107.99 -14.56 -49.76
N GLY K 125 108.05 -15.73 -50.36
CA GLY K 125 109.32 -16.28 -50.80
C GLY K 125 110.23 -16.57 -49.61
N ALA K 126 111.47 -16.07 -49.68
CA ALA K 126 112.48 -16.33 -48.66
C ALA K 126 112.24 -15.56 -47.36
N ARG K 127 111.42 -14.51 -47.43
CA ARG K 127 111.24 -13.64 -46.26
C ARG K 127 109.76 -13.40 -45.97
N THR K 128 109.46 -13.08 -44.72
CA THR K 128 108.09 -12.76 -44.33
C THR K 128 107.98 -11.31 -43.86
N ALA K 129 107.00 -10.60 -44.39
CA ALA K 129 106.77 -9.22 -44.03
C ALA K 129 105.95 -9.16 -42.75
N LEU K 130 106.24 -8.18 -41.90
CA LEU K 130 105.49 -8.03 -40.66
C LEU K 130 104.44 -6.93 -40.74
N SER K 131 103.30 -7.19 -40.12
CA SER K 131 102.27 -6.18 -39.91
C SER K 131 102.49 -5.59 -38.53
N VAL K 132 102.83 -4.31 -38.47
CA VAL K 132 103.21 -3.72 -37.20
C VAL K 132 102.52 -2.39 -36.92
N VAL K 133 102.50 -2.01 -35.65
CA VAL K 133 102.03 -0.70 -35.23
C VAL K 133 103.21 0.20 -34.91
N THR K 134 103.30 1.32 -35.60
CA THR K 134 104.40 2.24 -35.39
C THR K 134 103.89 3.68 -35.36
N TRP K 135 104.80 4.60 -35.01
CA TRP K 135 104.39 5.98 -34.84
C TRP K 135 105.16 6.99 -35.64
N ASN K 136 104.49 8.04 -36.09
CA ASN K 136 105.16 9.13 -36.78
C ASN K 136 105.47 10.14 -35.71
N LYS K 137 105.64 11.39 -36.10
CA LYS K 137 106.01 12.38 -35.12
C LYS K 137 104.95 12.48 -34.04
N ASP K 138 103.67 12.54 -34.43
CA ASP K 138 102.59 12.56 -33.45
C ASP K 138 101.43 11.60 -33.64
N ILE K 139 101.33 10.93 -34.79
CA ILE K 139 100.18 10.08 -35.05
C ILE K 139 100.50 8.61 -35.14
N VAL K 140 99.64 7.75 -34.60
CA VAL K 140 99.85 6.31 -34.76
C VAL K 140 99.51 5.88 -36.17
N THR K 141 100.33 5.00 -36.73
CA THR K 141 100.12 4.47 -38.06
C THR K 141 100.34 2.97 -38.09
N LYS K 142 99.75 2.30 -39.08
CA LYS K 142 99.93 0.86 -39.21
C LYS K 142 100.57 0.49 -40.55
N ILE K 143 101.45 -0.50 -40.52
CA ILE K 143 102.07 -0.99 -41.74
C ILE K 143 101.44 -2.30 -42.17
N THR K 144 100.88 -2.30 -43.38
CA THR K 144 100.15 -3.44 -43.92
C THR K 144 100.78 -3.90 -45.23
N PRO K 145 101.72 -4.84 -45.18
CA PRO K 145 102.65 -5.21 -46.23
C PRO K 145 102.00 -6.08 -47.30
N GLU K 146 101.03 -5.50 -48.00
CA GLU K 146 100.31 -6.20 -49.06
C GLU K 146 99.69 -7.50 -48.57
N GLY K 147 99.11 -7.47 -47.37
CA GLY K 147 98.44 -8.63 -46.80
C GLY K 147 99.25 -9.27 -45.69
N ALA K 148 98.56 -9.58 -44.59
CA ALA K 148 99.20 -10.23 -43.45
C ALA K 148 98.19 -11.04 -42.66
N GLU K 149 98.65 -12.10 -42.01
CA GLU K 149 97.80 -12.91 -41.15
C GLU K 149 98.00 -12.51 -39.70
N GLU K 150 96.94 -12.59 -38.91
CA GLU K 150 97.04 -12.30 -37.48
C GLU K 150 97.82 -13.41 -36.78
N TRP K 151 98.69 -13.02 -35.84
CA TRP K 151 99.48 -13.98 -35.07
C TRP K 151 99.02 -14.00 -33.60
N ASN L 1 111.79 -8.71 19.63
CA ASN L 1 113.08 -8.28 19.10
C ASN L 1 113.53 -9.18 17.95
N ASP L 2 113.60 -10.49 18.22
CA ASP L 2 113.98 -11.49 17.23
C ASP L 2 112.75 -12.14 16.61
N CYS L 3 111.59 -11.61 16.96
CA CYS L 3 110.32 -12.13 16.47
C CYS L 3 109.54 -11.06 15.73
N ILE L 4 108.80 -11.47 14.71
CA ILE L 4 107.97 -10.54 13.95
C ILE L 4 106.49 -10.74 14.23
N PHE L 5 105.85 -9.70 14.72
CA PHE L 5 104.41 -9.74 15.01
C PHE L 5 103.69 -8.70 14.16
N GLU L 6 104.47 -7.92 13.43
CA GLU L 6 103.98 -6.76 12.71
C GLU L 6 103.29 -7.13 11.41
N VAL L 7 101.99 -7.38 11.50
CA VAL L 7 101.17 -7.76 10.36
C VAL L 7 100.64 -6.52 9.63
N LYS L 8 100.82 -6.50 8.32
CA LYS L 8 100.34 -5.38 7.50
C LYS L 8 98.83 -5.44 7.37
N HIS L 9 98.18 -4.29 7.43
CA HIS L 9 96.73 -4.21 7.25
C HIS L 9 96.34 -3.50 5.95
N GLU L 10 97.33 -3.19 5.12
CA GLU L 10 97.10 -2.54 3.85
C GLU L 10 98.26 -2.79 2.88
N GLY L 11 97.99 -2.69 1.58
CA GLY L 11 99.06 -2.82 0.59
C GLY L 11 100.10 -1.72 0.80
N LYS L 12 99.63 -0.48 0.75
CA LYS L 12 100.47 0.66 1.10
C LYS L 12 100.41 0.86 2.60
N VAL L 13 101.03 -0.07 3.32
CA VAL L 13 100.86 -0.16 4.75
C VAL L 13 101.36 1.08 5.49
N THR L 14 100.52 1.57 6.41
CA THR L 14 100.88 2.66 7.29
C THR L 14 100.66 2.24 8.72
N GLY L 15 101.71 1.74 9.36
CA GLY L 15 101.60 1.20 10.71
C GLY L 15 101.38 -0.31 10.65
N TYR L 16 101.54 -0.98 11.79
CA TYR L 16 101.40 -2.44 11.83
C TYR L 16 100.54 -2.93 12.99
N ALA L 17 99.88 -4.06 12.79
CA ALA L 17 99.16 -4.73 13.87
C ALA L 17 100.08 -5.71 14.58
N CYS L 18 99.82 -5.97 15.86
CA CYS L 18 100.65 -6.90 16.61
C CYS L 18 99.86 -7.68 17.66
N LEU L 19 100.46 -8.77 18.13
CA LEU L 19 99.85 -9.61 19.16
C LEU L 19 100.52 -9.38 20.50
N VAL L 20 99.79 -8.79 21.44
CA VAL L 20 100.35 -8.53 22.77
C VAL L 20 99.47 -9.17 23.83
N GLY L 21 100.04 -10.06 24.62
CA GLY L 21 99.24 -10.76 25.62
C GLY L 21 98.13 -11.55 24.93
N ASP L 22 96.90 -11.34 25.35
CA ASP L 22 95.77 -12.05 24.76
C ASP L 22 94.97 -11.17 23.78
N LYS L 23 95.50 -10.00 23.45
CA LYS L 23 94.76 -9.08 22.58
C LYS L 23 95.54 -8.68 21.33
N VAL L 24 94.79 -8.48 20.24
CA VAL L 24 95.33 -7.96 18.99
C VAL L 24 95.29 -6.45 19.03
N MET L 25 96.42 -5.80 18.76
CA MET L 25 96.46 -4.36 18.87
C MET L 25 96.92 -3.66 17.60
N LYS L 26 96.27 -2.53 17.31
CA LYS L 26 96.72 -1.63 16.25
C LYS L 26 96.28 -0.21 16.58
N PRO L 27 97.00 0.81 16.07
CA PRO L 27 96.65 2.22 16.15
C PRO L 27 95.28 2.47 15.54
N ALA L 28 94.52 3.36 16.15
CA ALA L 28 93.16 3.64 15.70
C ALA L 28 93.13 4.68 14.58
N HIS L 29 94.29 5.24 14.25
CA HIS L 29 94.35 6.29 13.25
C HIS L 29 94.86 5.78 11.90
N VAL L 30 95.00 4.46 11.78
CA VAL L 30 95.48 3.87 10.54
C VAL L 30 94.40 3.01 9.90
N LYS L 31 94.18 3.21 8.60
CA LYS L 31 93.13 2.51 7.88
C LYS L 31 93.66 1.27 7.15
N GLY L 32 92.78 0.29 6.96
CA GLY L 32 93.12 -0.95 6.27
C GLY L 32 92.67 -2.18 7.05
N THR L 33 92.64 -3.33 6.39
CA THR L 33 92.21 -4.57 7.03
C THR L 33 93.39 -5.50 7.27
N ILE L 34 93.49 -6.02 8.49
CA ILE L 34 94.62 -6.87 8.86
C ILE L 34 94.66 -8.11 7.98
N ASP L 35 95.84 -8.46 7.52
CA ASP L 35 96.02 -9.60 6.62
C ASP L 35 96.02 -10.93 7.39
N ASN L 36 96.18 -12.02 6.64
CA ASN L 36 96.25 -13.39 7.18
C ASN L 36 94.91 -13.94 7.65
N ALA L 37 93.81 -13.29 7.27
CA ALA L 37 92.45 -13.82 7.44
C ALA L 37 92.00 -13.92 8.90
N ASP L 38 92.73 -14.68 9.70
CA ASP L 38 92.33 -14.95 11.08
C ASP L 38 92.19 -13.66 11.88
N LEU L 39 93.01 -12.68 11.57
CA LEU L 39 92.91 -11.38 12.24
C LEU L 39 91.97 -10.45 11.47
N ALA L 40 91.84 -10.70 10.16
CA ALA L 40 91.03 -9.85 9.29
C ALA L 40 89.56 -9.85 9.72
N LYS L 41 89.10 -10.98 10.22
CA LYS L 41 87.69 -11.15 10.55
C LYS L 41 87.35 -10.71 11.98
N LEU L 42 88.35 -10.27 12.74
CA LEU L 42 88.11 -9.87 14.12
C LEU L 42 87.41 -8.54 14.22
N ALA L 43 86.47 -8.44 15.15
CA ALA L 43 85.86 -7.16 15.47
C ALA L 43 86.74 -6.44 16.48
N PHE L 44 86.85 -5.12 16.35
CA PHE L 44 87.69 -4.35 17.26
C PHE L 44 86.90 -3.30 18.04
N LYS L 45 87.32 -3.08 19.28
CA LYS L 45 86.79 -2.00 20.08
C LYS L 45 87.68 -0.78 19.97
N ARG L 46 87.09 0.36 19.67
CA ARG L 46 87.87 1.58 19.45
C ARG L 46 87.70 2.58 20.58
N SER L 47 88.82 3.18 20.99
CA SER L 47 88.78 4.28 21.94
C SER L 47 89.56 5.47 21.41
N SER L 48 88.84 6.55 21.14
CA SER L 48 89.41 7.74 20.52
C SER L 48 90.36 8.49 21.44
N LYS L 49 90.29 8.21 22.73
CA LYS L 49 91.17 8.89 23.67
C LYS L 49 92.49 8.16 23.84
N TYR L 50 92.58 6.93 23.33
CA TYR L 50 93.81 6.17 23.42
C TYR L 50 94.42 5.94 22.05
N ASP L 51 93.68 6.31 21.00
CA ASP L 51 94.12 6.06 19.63
C ASP L 51 94.45 4.59 19.45
N LEU L 52 93.64 3.74 20.07
CA LEU L 52 93.92 2.31 20.09
C LEU L 52 92.69 1.47 19.79
N GLU L 53 92.87 0.45 18.94
CA GLU L 53 91.84 -0.54 18.71
C GLU L 53 92.31 -1.91 19.15
N CYS L 54 91.45 -2.68 19.80
CA CYS L 54 91.82 -4.02 20.25
C CYS L 54 90.77 -5.08 19.95
N ALA L 55 91.24 -6.31 19.79
CA ALA L 55 90.37 -7.47 19.58
C ALA L 55 90.98 -8.71 20.23
N GLN L 56 90.15 -9.70 20.52
CA GLN L 56 90.63 -10.92 21.16
C GLN L 56 91.39 -11.81 20.19
N ILE L 57 92.57 -12.28 20.62
CA ILE L 57 93.36 -13.20 19.82
C ILE L 57 92.71 -14.59 19.79
N PRO L 58 92.50 -15.16 18.60
CA PRO L 58 92.01 -16.52 18.37
C PRO L 58 92.89 -17.53 19.09
N VAL L 59 92.29 -18.57 19.65
CA VAL L 59 93.03 -19.51 20.47
C VAL L 59 94.15 -20.20 19.71
N HIS L 60 93.89 -20.58 18.46
CA HIS L 60 94.84 -21.39 17.71
C HIS L 60 96.13 -20.64 17.38
N MET L 61 96.11 -19.32 17.48
CA MET L 61 97.31 -18.53 17.21
C MET L 61 97.77 -17.79 18.47
N LYS L 62 97.21 -18.19 19.61
CA LYS L 62 97.51 -17.54 20.88
C LYS L 62 98.97 -17.76 21.30
N SER L 63 99.53 -18.89 20.92
CA SER L 63 100.90 -19.24 21.27
C SER L 63 101.92 -18.31 20.61
N ASP L 64 101.49 -17.57 19.60
CA ASP L 64 102.38 -16.66 18.88
C ASP L 64 102.33 -15.24 19.44
N ALA L 65 101.57 -15.04 20.51
CA ALA L 65 101.44 -13.72 21.11
C ALA L 65 102.72 -13.31 21.82
N SER L 66 103.06 -12.03 21.75
CA SER L 66 104.22 -11.48 22.43
C SER L 66 104.01 -11.37 23.94
N LYS L 67 105.09 -11.53 24.70
CA LYS L 67 105.05 -11.38 26.15
C LYS L 67 104.79 -9.93 26.53
N PHE L 68 104.05 -9.72 27.61
CA PHE L 68 103.67 -8.38 28.06
C PHE L 68 103.96 -8.13 29.53
N THR L 69 104.44 -6.92 29.84
CA THR L 69 104.62 -6.50 31.23
C THR L 69 104.30 -5.03 31.40
N HIS L 70 103.90 -4.66 32.62
CA HIS L 70 103.64 -3.26 32.95
C HIS L 70 104.88 -2.60 33.55
N GLU L 71 105.91 -3.41 33.82
CA GLU L 71 107.11 -2.89 34.47
C GLU L 71 107.86 -1.93 33.54
N LYS L 72 108.22 -0.77 34.07
CA LYS L 72 108.92 0.23 33.29
C LYS L 72 110.01 0.95 34.09
N PRO L 73 111.11 0.27 34.38
CA PRO L 73 112.32 0.81 34.99
C PRO L 73 113.04 1.73 34.01
N GLU L 74 113.77 2.70 34.55
CA GLU L 74 114.56 3.60 33.71
C GLU L 74 115.71 2.82 33.07
N GLY L 75 116.03 3.15 31.83
CA GLY L 75 117.06 2.40 31.11
C GLY L 75 116.81 2.37 29.61
N TYR L 76 117.41 1.40 28.93
CA TYR L 76 117.25 1.29 27.49
C TYR L 76 116.37 0.13 27.09
N TYR L 77 115.59 0.34 26.04
CA TYR L 77 114.67 -0.64 25.49
C TYR L 77 114.94 -0.86 24.00
N ASN L 78 114.53 -2.00 23.47
CA ASN L 78 114.81 -2.32 22.08
C ASN L 78 113.57 -2.26 21.19
N TRP L 79 113.81 -2.02 19.89
CA TRP L 79 112.77 -2.13 18.88
C TRP L 79 113.41 -2.44 17.53
N HIS L 80 112.58 -2.71 16.53
CA HIS L 80 113.09 -3.23 15.26
C HIS L 80 113.94 -2.24 14.48
N HIS L 81 113.83 -0.95 14.82
CA HIS L 81 114.61 0.07 14.11
C HIS L 81 115.76 0.64 14.93
N GLY L 82 116.08 0.01 16.07
CA GLY L 82 117.18 0.51 16.88
C GLY L 82 116.93 0.36 18.37
N ALA L 83 117.51 1.25 19.15
CA ALA L 83 117.34 1.27 20.60
C ALA L 83 116.43 2.42 21.01
N VAL L 84 115.85 2.33 22.20
CA VAL L 84 115.03 3.39 22.77
C VAL L 84 115.55 3.78 24.14
N GLN L 85 115.73 5.07 24.38
CA GLN L 85 116.15 5.52 25.69
C GLN L 85 114.95 5.92 26.53
N TYR L 86 114.80 5.28 27.68
CA TYR L 86 113.69 5.59 28.57
C TYR L 86 114.21 6.42 29.74
N SER L 87 113.80 7.68 29.78
CA SER L 87 114.29 8.60 30.78
C SER L 87 113.21 9.57 31.22
N GLY L 88 113.00 9.66 32.53
CA GLY L 88 112.02 10.58 33.09
C GLY L 88 110.61 10.08 32.85
N GLY L 89 110.47 8.78 32.63
CA GLY L 89 109.17 8.18 32.34
C GLY L 89 108.78 8.31 30.87
N ARG L 90 109.67 8.85 30.05
CA ARG L 90 109.36 9.05 28.63
C ARG L 90 110.30 8.26 27.73
N PHE L 91 109.77 7.75 26.62
CA PHE L 91 110.57 7.03 25.63
C PHE L 91 111.09 7.98 24.56
N THR L 92 112.39 7.93 24.31
CA THR L 92 113.01 8.81 23.32
C THR L 92 113.93 8.04 22.37
N ILE L 93 113.92 8.40 21.09
CA ILE L 93 114.83 7.82 20.10
C ILE L 93 115.56 8.93 19.36
N PRO L 94 116.73 8.64 18.76
CA PRO L 94 117.47 9.52 17.88
C PRO L 94 116.62 9.92 16.68
N THR L 95 116.73 11.18 16.27
CA THR L 95 116.00 11.66 15.11
C THR L 95 116.46 10.89 13.88
N GLY L 96 115.50 10.40 13.10
CA GLY L 96 115.81 9.62 11.91
C GLY L 96 115.83 8.12 12.21
N ALA L 97 115.56 7.77 13.47
CA ALA L 97 115.54 6.38 13.89
C ALA L 97 114.20 5.73 13.54
N GLY L 98 113.28 6.53 13.01
CA GLY L 98 111.99 6.04 12.58
C GLY L 98 111.24 7.08 11.76
N LYS L 99 110.27 6.61 10.98
CA LYS L 99 109.48 7.46 10.10
C LYS L 99 108.00 7.13 10.22
N PRO L 100 107.12 8.00 9.75
CA PRO L 100 105.71 7.76 9.57
C PRO L 100 105.51 6.49 8.77
N GLY L 101 104.58 5.65 9.22
CA GLY L 101 104.35 4.35 8.63
C GLY L 101 105.02 3.24 9.43
N ASP L 102 105.89 3.61 10.36
CA ASP L 102 106.58 2.64 11.22
C ASP L 102 105.88 2.46 12.56
N SER L 103 104.68 3.02 12.69
CA SER L 103 103.94 2.96 13.94
C SER L 103 103.32 1.59 14.15
N GLY L 104 102.88 1.32 15.38
CA GLY L 104 102.28 0.05 15.73
C GLY L 104 103.31 -0.94 16.23
N ARG L 105 104.58 -0.54 16.18
CA ARG L 105 105.69 -1.39 16.62
C ARG L 105 105.85 -1.32 18.14
N PRO L 106 105.84 -2.47 18.83
CA PRO L 106 106.11 -2.64 20.24
C PRO L 106 107.53 -2.26 20.62
N ILE L 107 107.68 -1.78 21.86
CA ILE L 107 108.96 -1.54 22.49
C ILE L 107 109.20 -2.63 23.53
N PHE L 108 110.34 -3.31 23.43
CA PHE L 108 110.62 -4.47 24.27
C PHE L 108 111.67 -4.20 25.33
N ASP L 109 111.48 -4.83 26.49
CA ASP L 109 112.46 -4.76 27.56
C ASP L 109 113.54 -5.83 27.37
N ASN L 110 114.42 -5.97 28.35
CA ASN L 110 115.56 -6.87 28.23
C ASN L 110 115.17 -8.34 28.35
N LYS L 111 113.90 -8.59 28.65
CA LYS L 111 113.39 -9.95 28.74
C LYS L 111 112.54 -10.28 27.52
N GLY L 112 112.45 -9.33 26.58
CA GLY L 112 111.68 -9.51 25.37
C GLY L 112 110.19 -9.23 25.58
N ARG L 113 109.86 -8.56 26.68
CA ARG L 113 108.46 -8.27 26.99
C ARG L 113 108.07 -6.88 26.51
N VAL L 114 106.82 -6.75 26.05
CA VAL L 114 106.34 -5.47 25.54
C VAL L 114 105.92 -4.52 26.66
N VAL L 115 106.43 -3.30 26.60
CA VAL L 115 106.06 -2.28 27.59
C VAL L 115 105.26 -1.15 26.96
N ALA L 116 105.46 -0.92 25.66
CA ALA L 116 104.75 0.17 24.99
C ALA L 116 104.65 -0.06 23.48
N ILE L 117 103.67 0.59 22.85
CA ILE L 117 103.53 0.58 21.39
C ILE L 117 103.59 2.01 20.82
N VAL L 118 104.39 2.19 19.78
CA VAL L 118 104.59 3.51 19.19
C VAL L 118 103.43 3.95 18.29
N LEU L 119 102.93 5.17 18.54
CA LEU L 119 101.90 5.79 17.71
C LEU L 119 102.48 6.89 16.83
N GLY L 120 103.50 7.57 17.35
CA GLY L 120 104.07 8.75 16.69
C GLY L 120 105.15 9.37 17.56
N GLY L 121 105.47 10.64 17.31
CA GLY L 121 106.50 11.29 18.11
C GLY L 121 106.76 12.75 17.70
N ALA L 122 107.56 13.44 18.51
CA ALA L 122 107.88 14.85 18.30
C ALA L 122 109.36 15.03 18.02
N ASN L 123 109.69 15.63 16.88
CA ASN L 123 111.08 15.82 16.49
C ASN L 123 111.65 17.09 17.08
N GLU L 124 112.51 16.94 18.08
CA GLU L 124 113.15 18.07 18.74
C GLU L 124 114.66 18.00 18.60
N GLY L 125 115.18 18.66 17.57
CA GLY L 125 116.60 18.61 17.30
C GLY L 125 117.06 17.18 16.96
N ALA L 126 118.10 16.73 17.65
CA ALA L 126 118.71 15.43 17.40
C ALA L 126 117.90 14.28 17.98
N ARG L 127 116.92 14.58 18.82
CA ARG L 127 116.16 13.51 19.47
C ARG L 127 114.66 13.65 19.23
N THR L 128 113.98 12.51 19.18
CA THR L 128 112.53 12.48 18.97
C THR L 128 111.83 11.84 20.15
N ALA L 129 110.85 12.55 20.72
CA ALA L 129 110.06 12.01 21.80
C ALA L 129 108.94 11.16 21.21
N LEU L 130 108.67 10.01 21.81
CA LEU L 130 107.65 9.14 21.24
C LEU L 130 106.30 9.23 21.92
N SER L 131 105.25 9.21 21.10
CA SER L 131 103.89 9.07 21.58
C SER L 131 103.57 7.59 21.61
N VAL L 132 103.29 7.06 22.80
CA VAL L 132 103.14 5.61 22.91
C VAL L 132 101.91 5.19 23.71
N VAL L 133 101.48 3.97 23.47
CA VAL L 133 100.49 3.30 24.31
C VAL L 133 101.22 2.44 25.31
N THR L 134 100.95 2.65 26.59
CA THR L 134 101.59 1.85 27.61
C THR L 134 100.59 1.41 28.65
N TRP L 135 101.02 0.56 29.58
CA TRP L 135 100.10 0.04 30.57
C TRP L 135 100.63 0.14 31.98
N ASN L 136 99.71 0.37 32.91
CA ASN L 136 99.98 0.31 34.33
C ASN L 136 99.21 -0.89 34.88
N LYS L 137 99.29 -1.13 36.16
CA LYS L 137 98.59 -2.28 36.69
C LYS L 137 97.09 -2.14 36.40
N ASP L 138 96.57 -3.11 35.64
CA ASP L 138 95.16 -3.19 35.30
C ASP L 138 94.58 -1.92 34.68
N ILE L 139 95.36 -1.23 33.85
CA ILE L 139 94.85 -0.05 33.15
C ILE L 139 95.71 0.33 31.94
N VAL L 140 95.06 0.85 30.91
CA VAL L 140 95.76 1.33 29.72
C VAL L 140 95.86 2.86 29.74
N THR L 141 97.05 3.37 29.48
CA THR L 141 97.28 4.81 29.47
C THR L 141 98.05 5.23 28.22
N LYS L 142 98.03 6.52 27.91
CA LYS L 142 98.76 7.00 26.74
C LYS L 142 99.64 8.21 27.06
N ILE L 143 100.81 8.26 26.43
CA ILE L 143 101.74 9.38 26.56
C ILE L 143 101.90 10.11 25.24
N THR L 144 101.63 11.42 25.25
CA THR L 144 101.73 12.23 24.04
C THR L 144 102.51 13.52 24.27
N PRO L 145 103.81 13.54 23.94
CA PRO L 145 104.70 14.68 24.00
C PRO L 145 104.18 15.81 23.13
N GLU L 146 104.39 17.04 23.57
CA GLU L 146 103.90 18.20 22.84
C GLU L 146 104.52 18.29 21.45
N GLY L 147 103.69 18.56 20.46
CA GLY L 147 104.17 18.74 19.08
C GLY L 147 104.31 17.40 18.35
N ALA L 148 103.95 16.30 19.01
CA ALA L 148 104.07 14.99 18.41
C ALA L 148 103.14 14.83 17.22
N GLU L 149 103.63 14.17 16.18
CA GLU L 149 102.85 13.88 14.99
C GLU L 149 102.52 12.40 14.92
N GLU L 150 101.41 12.08 14.26
CA GLU L 150 101.01 10.68 14.09
C GLU L 150 101.90 9.99 13.06
N TRP L 151 102.26 8.73 13.33
CA TRP L 151 103.02 7.89 12.41
C TRP L 151 102.18 6.71 11.96
N ASN M 1 103.12 -35.60 -9.44
CA ASN M 1 103.62 -36.23 -10.65
C ASN M 1 102.46 -36.80 -11.47
N ASP M 2 102.78 -37.39 -12.62
CA ASP M 2 101.80 -38.04 -13.51
C ASP M 2 100.60 -37.14 -13.81
N CYS M 3 99.40 -37.64 -13.51
CA CYS M 3 98.18 -36.90 -13.75
C CYS M 3 97.37 -36.73 -12.46
N ILE M 4 98.08 -36.48 -11.36
CA ILE M 4 97.43 -36.29 -10.06
C ILE M 4 97.24 -34.81 -9.77
N PHE M 5 96.02 -34.44 -9.42
CA PHE M 5 95.72 -33.05 -9.13
C PHE M 5 95.08 -32.89 -7.76
N GLU M 6 95.39 -31.77 -7.11
CA GLU M 6 94.82 -31.46 -5.80
C GLU M 6 93.41 -30.89 -5.92
N VAL M 7 92.60 -31.15 -4.90
CA VAL M 7 91.29 -30.53 -4.79
C VAL M 7 91.24 -29.71 -3.50
N LYS M 8 90.94 -28.42 -3.62
CA LYS M 8 90.91 -27.54 -2.45
C LYS M 8 89.49 -27.07 -2.15
N HIS M 9 89.23 -26.82 -0.87
CA HIS M 9 87.97 -26.27 -0.42
C HIS M 9 88.22 -25.14 0.57
N GLU M 10 87.68 -23.96 0.27
CA GLU M 10 87.93 -22.79 1.11
C GLU M 10 89.43 -22.53 1.23
N GLY M 11 89.97 -22.61 2.44
CA GLY M 11 91.38 -22.35 2.66
C GLY M 11 92.20 -23.61 2.91
N LYS M 12 91.59 -24.78 2.75
CA LYS M 12 92.27 -26.04 3.07
C LYS M 12 92.12 -27.07 1.95
N VAL M 13 93.10 -27.97 1.84
CA VAL M 13 93.01 -29.07 0.90
C VAL M 13 91.98 -30.09 1.37
N THR M 14 91.07 -30.48 0.48
CA THR M 14 89.97 -31.35 0.85
C THR M 14 90.16 -32.78 0.36
N GLY M 15 90.94 -32.95 -0.71
CA GLY M 15 91.15 -34.28 -1.28
C GLY M 15 91.91 -34.23 -2.60
N TYR M 16 91.93 -35.36 -3.31
CA TYR M 16 92.66 -35.47 -4.57
C TYR M 16 91.79 -36.01 -5.70
N ALA M 17 92.22 -35.73 -6.92
CA ALA M 17 91.55 -36.21 -8.12
C ALA M 17 92.59 -36.54 -9.18
N CYS M 18 92.23 -37.39 -10.14
CA CYS M 18 93.20 -37.79 -11.16
C CYS M 18 92.57 -38.13 -12.49
N LEU M 19 93.40 -38.17 -13.53
CA LEU M 19 92.94 -38.54 -14.87
C LEU M 19 93.25 -39.99 -15.16
N VAL M 20 92.22 -40.80 -15.33
CA VAL M 20 92.39 -42.21 -15.60
C VAL M 20 91.68 -42.60 -16.87
N GLY M 21 92.42 -43.13 -17.84
CA GLY M 21 91.81 -43.47 -19.11
C GLY M 21 91.22 -42.23 -19.77
N ASP M 22 89.94 -42.30 -20.13
CA ASP M 22 89.26 -41.20 -20.78
C ASP M 22 88.37 -40.40 -19.83
N LYS M 23 88.40 -40.73 -18.54
CA LYS M 23 87.50 -40.10 -17.57
C LYS M 23 88.24 -39.51 -16.38
N VAL M 24 87.68 -38.43 -15.82
CA VAL M 24 88.22 -37.80 -14.63
C VAL M 24 87.65 -38.46 -13.39
N MET M 25 88.54 -38.91 -12.49
CA MET M 25 88.10 -39.57 -11.27
C MET M 25 88.15 -38.63 -10.08
N LYS M 26 87.06 -38.60 -9.32
CA LYS M 26 86.99 -37.82 -8.09
C LYS M 26 85.95 -38.44 -7.15
N PRO M 27 86.27 -38.58 -5.87
CA PRO M 27 85.37 -38.95 -4.78
C PRO M 27 84.23 -37.95 -4.63
N ALA M 28 83.04 -38.46 -4.34
CA ALA M 28 81.86 -37.62 -4.15
C ALA M 28 81.78 -37.08 -2.72
N HIS M 29 82.51 -37.71 -1.80
CA HIS M 29 82.46 -37.28 -0.40
C HIS M 29 83.39 -36.09 -0.19
N VAL M 30 84.21 -35.80 -1.19
CA VAL M 30 85.13 -34.68 -1.11
C VAL M 30 84.50 -33.42 -1.67
N LYS M 31 84.30 -32.44 -0.81
CA LYS M 31 83.74 -31.16 -1.21
C LYS M 31 84.86 -30.20 -1.52
N GLY M 32 84.77 -29.53 -2.66
CA GLY M 32 85.81 -28.59 -3.09
C GLY M 32 85.53 -28.06 -4.48
N THR M 33 86.42 -27.19 -4.96
CA THR M 33 86.24 -26.57 -6.27
C THR M 33 87.25 -27.05 -7.31
N ILE M 34 88.19 -27.90 -6.89
CA ILE M 34 89.25 -28.40 -7.77
C ILE M 34 90.24 -27.30 -8.12
N ASP M 35 91.53 -27.53 -7.83
CA ASP M 35 92.55 -26.52 -8.06
C ASP M 35 92.87 -26.34 -9.55
N ASN M 36 92.69 -27.39 -10.33
CA ASN M 36 92.97 -27.33 -11.76
C ASN M 36 91.76 -26.77 -12.51
N ALA M 37 91.89 -25.54 -12.99
CA ALA M 37 90.77 -24.84 -13.62
C ALA M 37 90.25 -25.60 -14.83
N ASP M 38 91.12 -26.34 -15.50
CA ASP M 38 90.74 -27.08 -16.69
C ASP M 38 89.79 -28.22 -16.34
N LEU M 39 89.88 -28.70 -15.11
CA LEU M 39 89.04 -29.78 -14.66
C LEU M 39 87.87 -29.25 -13.84
N ALA M 40 88.09 -28.13 -13.17
CA ALA M 40 87.08 -27.51 -12.31
C ALA M 40 85.85 -27.10 -13.11
N LYS M 41 86.07 -26.72 -14.36
CA LYS M 41 84.99 -26.25 -15.23
C LYS M 41 84.17 -27.38 -15.83
N LEU M 42 84.59 -28.63 -15.61
CA LEU M 42 83.92 -29.76 -16.20
C LEU M 42 82.61 -30.07 -15.48
N ALA M 43 81.64 -30.60 -16.22
CA ALA M 43 80.41 -31.08 -15.62
C ALA M 43 80.60 -32.50 -15.13
N PHE M 44 80.34 -32.73 -13.85
CA PHE M 44 80.52 -34.05 -13.27
C PHE M 44 79.20 -34.73 -12.98
N LYS M 45 79.15 -36.03 -13.21
CA LYS M 45 77.97 -36.82 -12.88
C LYS M 45 78.14 -37.48 -11.52
N ARG M 46 77.29 -37.10 -10.57
CA ARG M 46 77.38 -37.59 -9.20
C ARG M 46 76.58 -38.86 -9.00
N SER M 47 77.21 -39.86 -8.38
CA SER M 47 76.53 -41.10 -8.05
C SER M 47 76.77 -41.49 -6.59
N SER M 48 75.71 -41.38 -5.79
CA SER M 48 75.80 -41.63 -4.35
C SER M 48 76.00 -43.11 -4.06
N LYS M 49 75.76 -43.95 -5.06
CA LYS M 49 75.93 -45.39 -4.90
C LYS M 49 77.40 -45.77 -4.85
N TYR M 50 78.24 -45.04 -5.58
CA TYR M 50 79.65 -45.36 -5.68
C TYR M 50 80.53 -44.27 -5.10
N ASP M 51 79.90 -43.21 -4.59
CA ASP M 51 80.63 -42.06 -4.06
C ASP M 51 81.58 -41.49 -5.10
N LEU M 52 81.10 -41.38 -6.34
CA LEU M 52 81.92 -40.83 -7.42
C LEU M 52 81.30 -39.60 -8.08
N GLU M 53 82.18 -38.69 -8.49
CA GLU M 53 81.82 -37.60 -9.37
C GLU M 53 82.76 -37.62 -10.58
N CYS M 54 82.26 -38.10 -11.71
CA CYS M 54 83.12 -38.31 -12.88
C CYS M 54 82.76 -37.39 -14.04
N ALA M 55 83.77 -37.08 -14.85
CA ALA M 55 83.58 -36.21 -16.01
C ALA M 55 84.50 -36.62 -17.14
N GLN M 56 84.14 -36.23 -18.36
CA GLN M 56 84.96 -36.52 -19.53
C GLN M 56 86.24 -35.70 -19.53
N ILE M 57 87.37 -36.34 -19.77
CA ILE M 57 88.65 -35.64 -19.83
C ILE M 57 88.73 -34.74 -21.07
N PRO M 58 89.07 -33.46 -20.89
CA PRO M 58 89.25 -32.47 -21.94
C PRO M 58 90.57 -32.70 -22.64
N VAL M 59 90.62 -33.79 -23.41
CA VAL M 59 91.84 -34.27 -24.05
C VAL M 59 92.37 -33.30 -25.09
N HIS M 60 91.54 -32.36 -25.51
CA HIS M 60 91.97 -31.35 -26.48
C HIS M 60 92.94 -30.37 -25.85
N MET M 61 92.97 -30.33 -24.52
CA MET M 61 93.93 -29.52 -23.79
C MET M 61 94.94 -30.41 -23.08
N LYS M 62 94.43 -31.44 -22.40
CA LYS M 62 95.29 -32.38 -21.68
C LYS M 62 94.96 -33.81 -22.04
N SER M 63 95.66 -34.35 -23.04
CA SER M 63 95.41 -35.69 -23.52
C SER M 63 96.03 -36.74 -22.60
N ASP M 64 96.96 -36.29 -21.76
CA ASP M 64 97.65 -37.19 -20.85
C ASP M 64 96.70 -37.76 -19.80
N ALA M 65 96.77 -39.07 -19.62
CA ALA M 65 95.99 -39.75 -18.59
C ALA M 65 96.70 -41.02 -18.15
N SER M 66 96.44 -41.45 -16.93
CA SER M 66 97.04 -42.66 -16.41
C SER M 66 96.51 -43.91 -17.09
N LYS M 67 97.37 -44.91 -17.25
CA LYS M 67 96.96 -46.22 -17.74
C LYS M 67 96.21 -46.94 -16.65
N PHE M 68 95.29 -47.81 -17.03
CA PHE M 68 94.45 -48.48 -16.05
C PHE M 68 94.12 -49.91 -16.45
N THR M 69 93.78 -50.73 -15.46
CA THR M 69 93.38 -52.11 -15.71
C THR M 69 92.40 -52.61 -14.67
N HIS M 70 91.57 -53.57 -15.06
CA HIS M 70 90.63 -54.21 -14.15
C HIS M 70 91.27 -55.41 -13.46
N GLU M 71 92.45 -55.81 -13.93
CA GLU M 71 93.13 -56.98 -13.39
C GLU M 71 93.61 -56.72 -11.97
N LYS M 72 93.32 -57.65 -11.07
CA LYS M 72 93.70 -57.51 -9.67
C LYS M 72 94.19 -58.83 -9.07
N PRO M 73 95.40 -59.26 -9.42
CA PRO M 73 96.10 -60.41 -8.87
C PRO M 73 96.57 -60.16 -7.44
N GLU M 74 96.72 -61.22 -6.67
CA GLU M 74 97.24 -61.11 -5.31
C GLU M 74 98.66 -60.61 -5.32
N GLY M 75 99.00 -59.75 -4.35
CA GLY M 75 100.34 -59.19 -4.29
C GLY M 75 100.33 -57.76 -3.78
N TYR M 76 101.42 -57.04 -3.99
CA TYR M 76 101.53 -55.67 -3.51
C TYR M 76 101.33 -54.65 -4.63
N TYR M 77 100.68 -53.55 -4.28
CA TYR M 77 100.40 -52.45 -5.19
C TYR M 77 101.05 -51.16 -4.69
N ASN M 78 101.30 -50.23 -5.60
CA ASN M 78 102.01 -49.00 -5.24
C ASN M 78 101.07 -47.83 -4.98
N TRP M 79 101.46 -46.97 -4.05
CA TRP M 79 100.77 -45.70 -3.85
C TRP M 79 101.70 -44.68 -3.21
N HIS M 80 101.19 -43.47 -3.02
CA HIS M 80 102.04 -42.34 -2.67
C HIS M 80 102.70 -42.47 -1.30
N HIS M 81 102.09 -43.20 -0.39
CA HIS M 81 102.66 -43.32 0.96
C HIS M 81 103.32 -44.67 1.20
N GLY M 82 103.50 -45.47 0.16
CA GLY M 82 104.10 -46.79 0.35
C GLY M 82 103.49 -47.83 -0.56
N ALA M 83 103.45 -49.07 -0.08
CA ALA M 83 102.85 -50.17 -0.83
C ALA M 83 101.50 -50.54 -0.22
N VAL M 84 100.67 -51.22 -1.00
CA VAL M 84 99.38 -51.73 -0.53
C VAL M 84 99.36 -53.24 -0.66
N GLN M 85 98.99 -53.93 0.41
CA GLN M 85 98.92 -55.39 0.35
C GLN M 85 97.54 -55.81 -0.12
N TYR M 86 97.49 -56.62 -1.17
CA TYR M 86 96.21 -57.13 -1.65
C TYR M 86 96.00 -58.55 -1.12
N SER M 87 95.28 -58.63 -0.01
CA SER M 87 95.15 -59.86 0.77
C SER M 87 94.05 -60.76 0.25
N GLY M 88 94.22 -61.26 -0.96
CA GLY M 88 93.27 -62.20 -1.54
C GLY M 88 91.96 -61.53 -1.95
N GLY M 89 92.03 -60.27 -2.35
CA GLY M 89 90.83 -59.55 -2.75
C GLY M 89 90.55 -58.29 -1.93
N ARG M 90 91.41 -57.99 -0.96
CA ARG M 90 91.23 -56.79 -0.15
C ARG M 90 92.52 -55.98 -0.03
N PHE M 91 92.40 -54.67 -0.21
CA PHE M 91 93.54 -53.78 -0.11
C PHE M 91 93.78 -53.33 1.33
N THR M 92 94.98 -53.56 1.84
CA THR M 92 95.32 -53.22 3.22
C THR M 92 96.67 -52.48 3.33
N ILE M 93 96.70 -51.47 4.19
CA ILE M 93 97.94 -50.74 4.48
C ILE M 93 98.12 -50.64 6.00
N PRO M 94 99.32 -50.29 6.48
CA PRO M 94 99.62 -49.93 7.85
C PRO M 94 98.78 -48.73 8.30
N THR M 95 98.42 -48.73 9.59
CA THR M 95 97.59 -47.66 10.14
C THR M 95 98.34 -46.34 10.20
N GLY M 96 99.66 -46.41 10.15
CA GLY M 96 100.49 -45.21 10.18
C GLY M 96 100.67 -44.63 8.77
N ALA M 97 100.16 -45.34 7.76
CA ALA M 97 100.29 -44.89 6.38
C ALA M 97 99.01 -44.20 5.92
N GLY M 98 97.86 -44.71 6.37
CA GLY M 98 96.59 -44.12 5.99
C GLY M 98 96.35 -42.81 6.74
N LYS M 99 95.80 -41.82 6.04
CA LYS M 99 95.51 -40.53 6.65
C LYS M 99 94.20 -39.96 6.11
N PRO M 100 93.48 -39.15 6.90
CA PRO M 100 92.36 -38.33 6.52
C PRO M 100 92.80 -37.19 5.62
N GLY M 101 91.95 -36.80 4.69
CA GLY M 101 92.24 -35.69 3.78
C GLY M 101 93.02 -36.15 2.55
N ASP M 102 93.40 -37.43 2.53
CA ASP M 102 94.19 -37.97 1.44
C ASP M 102 93.40 -38.90 0.52
N SER M 103 92.09 -38.94 0.67
CA SER M 103 91.28 -39.75 -0.23
C SER M 103 91.30 -39.16 -1.63
N GLY M 104 91.07 -40.02 -2.61
CA GLY M 104 91.13 -39.63 -4.02
C GLY M 104 92.43 -40.09 -4.66
N ARG M 105 93.40 -40.48 -3.84
CA ARG M 105 94.66 -41.01 -4.37
C ARG M 105 94.42 -42.41 -4.95
N PRO M 106 94.90 -42.68 -6.17
CA PRO M 106 94.84 -43.94 -6.88
C PRO M 106 95.82 -45.00 -6.36
N ILE M 107 95.48 -46.26 -6.58
CA ILE M 107 96.37 -47.39 -6.34
C ILE M 107 96.85 -47.97 -7.67
N PHE M 108 98.16 -48.12 -7.80
CA PHE M 108 98.77 -48.59 -9.05
C PHE M 108 99.32 -50.01 -8.92
N ASP M 109 99.29 -50.75 -10.03
CA ASP M 109 99.92 -52.07 -10.06
C ASP M 109 101.40 -51.93 -10.43
N ASN M 110 102.06 -53.06 -10.67
CA ASN M 110 103.50 -53.06 -10.91
C ASN M 110 103.84 -52.59 -12.32
N LYS M 111 102.82 -52.31 -13.13
CA LYS M 111 103.02 -51.78 -14.46
C LYS M 111 102.67 -50.30 -14.51
N GLY M 112 102.33 -49.74 -13.36
CA GLY M 112 101.97 -48.33 -13.25
C GLY M 112 100.52 -48.06 -13.63
N ARG M 113 99.72 -49.12 -13.72
CA ARG M 113 98.32 -48.98 -14.10
C ARG M 113 97.43 -48.83 -12.88
N VAL M 114 96.41 -47.98 -12.98
CA VAL M 114 95.48 -47.76 -11.88
C VAL M 114 94.48 -48.91 -11.78
N VAL M 115 94.31 -49.43 -10.57
CA VAL M 115 93.34 -50.49 -10.33
C VAL M 115 92.21 -50.05 -9.41
N ALA M 116 92.48 -49.10 -8.53
CA ALA M 116 91.47 -48.65 -7.58
C ALA M 116 91.72 -47.23 -7.08
N ILE M 117 90.65 -46.57 -6.62
CA ILE M 117 90.75 -45.25 -6.00
C ILE M 117 90.38 -45.35 -4.52
N VAL M 118 91.20 -44.77 -3.64
CA VAL M 118 90.95 -44.83 -2.21
C VAL M 118 89.95 -43.78 -1.73
N LEU M 119 88.91 -44.22 -1.03
CA LEU M 119 87.92 -43.31 -0.46
C LEU M 119 88.12 -43.15 1.05
N GLY M 120 88.59 -44.22 1.70
CA GLY M 120 88.68 -44.25 3.15
C GLY M 120 89.20 -45.61 3.62
N GLY M 121 88.90 -45.96 4.87
CA GLY M 121 89.36 -47.23 5.43
C GLY M 121 88.92 -47.46 6.87
N ALA M 122 89.31 -48.60 7.42
CA ALA M 122 88.97 -49.00 8.79
C ALA M 122 90.21 -49.48 9.53
N ASN M 123 90.31 -49.12 10.81
CA ASN M 123 91.48 -49.48 11.60
C ASN M 123 91.29 -50.79 12.37
N GLU M 124 92.03 -51.82 11.96
CA GLU M 124 91.96 -53.11 12.63
C GLU M 124 93.33 -53.51 13.15
N GLY M 125 93.58 -53.25 14.42
CA GLY M 125 94.88 -53.51 15.02
C GLY M 125 95.95 -52.62 14.39
N ALA M 126 97.04 -53.24 13.94
CA ALA M 126 98.17 -52.51 13.37
C ALA M 126 97.97 -52.21 11.89
N ARG M 127 96.89 -52.74 11.31
CA ARG M 127 96.65 -52.56 9.88
C ARG M 127 95.27 -51.95 9.64
N THR M 128 95.13 -51.24 8.54
CA THR M 128 93.84 -50.67 8.17
C THR M 128 93.38 -51.13 6.80
N ALA M 129 92.16 -51.63 6.73
CA ALA M 129 91.57 -52.04 5.46
C ALA M 129 91.12 -50.81 4.71
N LEU M 130 91.31 -50.80 3.40
CA LEU M 130 90.92 -49.64 2.62
C LEU M 130 89.55 -49.77 1.98
N SER M 131 88.82 -48.66 2.00
CA SER M 131 87.58 -48.54 1.24
C SER M 131 87.92 -47.95 -0.11
N VAL M 132 87.75 -48.75 -1.16
CA VAL M 132 88.22 -48.34 -2.48
C VAL M 132 87.17 -48.53 -3.55
N VAL M 133 87.37 -47.84 -4.67
CA VAL M 133 86.53 -48.05 -5.83
C VAL M 133 87.33 -48.68 -6.96
N THR M 134 86.87 -49.83 -7.41
CA THR M 134 87.51 -50.57 -8.50
C THR M 134 86.46 -50.94 -9.52
N TRP M 135 86.88 -51.60 -10.59
CA TRP M 135 85.94 -51.94 -11.64
C TRP M 135 86.26 -53.23 -12.36
N ASN M 136 85.23 -53.81 -12.95
CA ASN M 136 85.36 -54.87 -13.94
C ASN M 136 84.99 -54.24 -15.27
N LYS M 137 85.02 -55.01 -16.35
CA LYS M 137 84.66 -54.40 -17.62
C LYS M 137 83.25 -53.84 -17.52
N ASP M 138 83.14 -52.52 -17.72
CA ASP M 138 81.86 -51.80 -17.73
C ASP M 138 81.10 -51.88 -16.40
N ILE M 139 81.77 -52.30 -15.32
CA ILE M 139 81.10 -52.40 -14.02
C ILE M 139 81.86 -51.69 -12.91
N VAL M 140 81.15 -50.84 -12.15
CA VAL M 140 81.75 -50.17 -11.01
C VAL M 140 81.52 -50.97 -9.73
N THR M 141 82.59 -51.25 -9.00
CA THR M 141 82.48 -51.99 -7.75
C THR M 141 83.04 -51.21 -6.58
N LYS M 142 82.23 -51.04 -5.54
CA LYS M 142 82.69 -50.36 -4.32
C LYS M 142 82.99 -51.37 -3.24
N ILE M 143 84.22 -51.36 -2.73
CA ILE M 143 84.62 -52.30 -1.69
C ILE M 143 84.81 -51.57 -0.38
N THR M 144 83.96 -51.88 0.60
CA THR M 144 84.02 -51.19 1.88
C THR M 144 84.09 -52.17 3.04
N PRO M 145 85.18 -52.14 3.82
CA PRO M 145 85.39 -52.84 5.07
C PRO M 145 84.40 -52.36 6.12
N GLU M 146 83.99 -53.25 7.01
CA GLU M 146 83.08 -52.86 8.08
C GLU M 146 83.74 -51.86 9.00
N GLY M 147 83.01 -50.79 9.34
CA GLY M 147 83.52 -49.77 10.25
C GLY M 147 84.38 -48.74 9.53
N ALA M 148 84.49 -48.87 8.20
CA ALA M 148 85.29 -47.95 7.41
C ALA M 148 84.68 -46.57 7.38
N GLU M 149 85.53 -45.56 7.31
CA GLU M 149 85.09 -44.17 7.23
C GLU M 149 85.83 -43.43 6.13
N GLU M 150 85.22 -42.37 5.63
CA GLU M 150 85.82 -41.55 4.59
C GLU M 150 87.05 -40.82 5.11
N TRP M 151 88.09 -40.74 4.28
CA TRP M 151 89.34 -40.05 4.63
C TRP M 151 89.48 -38.73 3.88
N ASN N 1 107.29 -39.11 44.72
CA ASN N 1 107.30 -40.10 43.65
C ASN N 1 106.50 -41.33 44.05
N ASP N 2 105.99 -42.06 43.05
CA ASP N 2 105.20 -43.28 43.23
C ASP N 2 103.98 -43.07 44.14
N CYS N 3 103.33 -41.93 43.98
CA CYS N 3 102.13 -41.60 44.73
C CYS N 3 100.92 -41.57 43.81
N ILE N 4 101.06 -42.18 42.64
CA ILE N 4 100.03 -42.17 41.62
C ILE N 4 99.35 -43.53 41.51
N PHE N 5 98.03 -43.51 41.57
CA PHE N 5 97.24 -44.73 41.46
C PHE N 5 96.35 -44.68 40.23
N GLU N 6 96.09 -45.84 39.64
CA GLU N 6 95.27 -45.89 38.43
C GLU N 6 93.79 -45.92 38.77
N VAL N 7 93.00 -45.23 37.95
CA VAL N 7 91.55 -45.33 37.99
C VAL N 7 91.08 -46.05 36.76
N LYS N 8 90.41 -47.17 36.93
CA LYS N 8 90.05 -48.00 35.80
C LYS N 8 88.56 -48.09 35.55
N HIS N 9 88.19 -48.02 34.28
CA HIS N 9 86.85 -48.29 33.83
C HIS N 9 86.68 -49.80 33.72
N GLU N 10 85.49 -50.25 33.34
CA GLU N 10 85.26 -51.68 33.27
C GLU N 10 86.14 -52.33 32.20
N GLY N 11 86.35 -51.63 31.08
CA GLY N 11 87.12 -52.20 29.98
C GLY N 11 88.44 -51.48 29.67
N LYS N 12 88.81 -50.48 30.48
CA LYS N 12 90.01 -49.71 30.17
C LYS N 12 90.47 -48.83 31.31
N VAL N 13 91.71 -48.31 31.20
CA VAL N 13 92.20 -47.29 32.12
C VAL N 13 91.61 -45.94 31.72
N THR N 14 91.09 -45.19 32.69
CA THR N 14 90.42 -43.93 32.37
C THR N 14 91.15 -42.70 32.91
N GLY N 15 91.86 -42.84 34.02
CA GLY N 15 92.54 -41.68 34.60
C GLY N 15 93.36 -42.07 35.83
N TYR N 16 93.90 -41.07 36.52
CA TYR N 16 94.75 -41.31 37.68
C TYR N 16 94.24 -40.60 38.94
N ALA N 17 94.58 -41.17 40.09
CA ALA N 17 94.32 -40.55 41.38
C ALA N 17 95.64 -40.34 42.11
N CYS N 18 95.73 -39.27 42.90
CA CYS N 18 96.99 -38.97 43.58
C CYS N 18 96.80 -38.67 45.07
N LEU N 19 97.78 -39.11 45.86
CA LEU N 19 97.77 -38.81 47.29
C LEU N 19 98.61 -37.56 47.56
N VAL N 20 97.94 -36.48 47.93
CA VAL N 20 98.62 -35.22 48.16
C VAL N 20 98.28 -34.68 49.55
N GLY N 21 99.30 -34.46 50.37
CA GLY N 21 99.05 -33.95 51.70
C GLY N 21 98.19 -34.91 52.51
N ASP N 22 97.10 -34.40 53.07
CA ASP N 22 96.19 -35.18 53.89
C ASP N 22 94.99 -35.73 53.12
N LYS N 23 94.90 -35.44 51.83
CA LYS N 23 93.72 -35.82 51.07
C LYS N 23 94.05 -36.48 49.73
N VAL N 24 93.18 -37.39 49.30
CA VAL N 24 93.33 -38.07 48.03
C VAL N 24 92.39 -37.45 47.00
N MET N 25 92.94 -37.05 45.87
CA MET N 25 92.16 -36.35 44.87
C MET N 25 92.13 -37.08 43.53
N LYS N 26 90.97 -37.06 42.89
CA LYS N 26 90.82 -37.53 41.52
C LYS N 26 89.91 -36.55 40.78
N PRO N 27 90.09 -36.40 39.46
CA PRO N 27 89.22 -35.67 38.56
C PRO N 27 87.80 -36.22 38.58
N ALA N 28 86.82 -35.32 38.63
CA ALA N 28 85.42 -35.73 38.68
C ALA N 28 84.91 -36.20 37.33
N HIS N 29 85.67 -35.90 36.27
CA HIS N 29 85.27 -36.26 34.92
C HIS N 29 85.73 -37.68 34.58
N VAL N 30 86.50 -38.28 35.47
CA VAL N 30 87.00 -39.64 35.27
C VAL N 30 86.09 -40.66 35.95
N LYS N 31 85.54 -41.57 35.14
CA LYS N 31 84.61 -42.57 35.65
C LYS N 31 85.27 -43.94 35.71
N GLY N 32 85.52 -44.41 36.92
CA GLY N 32 86.20 -45.69 37.12
C GLY N 32 86.47 -45.94 38.60
N THR N 33 87.11 -47.08 38.88
CA THR N 33 87.43 -47.47 40.24
C THR N 33 88.93 -47.46 40.46
N ILE N 34 89.35 -47.01 41.64
CA ILE N 34 90.76 -46.94 41.98
C ILE N 34 91.35 -48.35 42.14
N ASP N 35 92.51 -48.57 41.55
CA ASP N 35 93.15 -49.89 41.56
C ASP N 35 93.45 -50.39 42.97
N ASN N 36 93.80 -49.46 43.86
CA ASN N 36 94.06 -49.80 45.25
C ASN N 36 92.77 -49.92 46.04
N ALA N 37 92.47 -51.12 46.52
CA ALA N 37 91.22 -51.41 47.20
C ALA N 37 91.02 -50.53 48.42
N ASP N 38 92.13 -50.14 49.05
CA ASP N 38 92.06 -49.31 50.26
C ASP N 38 91.47 -47.95 49.95
N LEU N 39 91.69 -47.47 48.73
CA LEU N 39 91.18 -46.17 48.32
C LEU N 39 89.85 -46.33 47.59
N ALA N 40 89.69 -47.46 46.91
CA ALA N 40 88.48 -47.71 46.13
C ALA N 40 87.24 -47.75 47.01
N LYS N 41 87.40 -48.26 48.23
CA LYS N 41 86.27 -48.39 49.15
C LYS N 41 86.04 -47.10 49.93
N LEU N 42 86.91 -46.12 49.75
CA LEU N 42 86.83 -44.85 50.46
C LEU N 42 85.76 -43.96 49.84
N ALA N 43 84.92 -43.37 50.68
CA ALA N 43 83.90 -42.44 50.19
C ALA N 43 84.55 -41.14 49.74
N PHE N 44 84.03 -40.56 48.66
CA PHE N 44 84.52 -39.27 48.16
C PHE N 44 83.42 -38.23 48.08
N LYS N 45 83.80 -36.98 48.30
CA LYS N 45 82.89 -35.86 48.14
C LYS N 45 83.05 -35.26 46.75
N ARG N 46 81.97 -35.30 45.97
CA ARG N 46 82.01 -34.82 44.59
C ARG N 46 81.60 -33.37 44.47
N SER N 47 82.42 -32.58 43.78
CA SER N 47 82.11 -31.18 43.52
C SER N 47 82.34 -30.84 42.06
N SER N 48 81.24 -30.61 41.34
CA SER N 48 81.31 -30.33 39.90
C SER N 48 81.88 -28.95 39.63
N LYS N 49 81.91 -28.12 40.68
CA LYS N 49 82.43 -26.76 40.57
C LYS N 49 83.91 -26.75 40.24
N TYR N 50 84.67 -27.70 40.80
CA TYR N 50 86.11 -27.76 40.61
C TYR N 50 86.53 -29.02 39.86
N ASP N 51 85.55 -29.76 39.39
CA ASP N 51 85.81 -31.05 38.74
C ASP N 51 86.62 -31.98 39.63
N LEU N 52 86.30 -32.02 40.93
CA LEU N 52 87.05 -32.86 41.86
C LEU N 52 86.19 -33.84 42.64
N GLU N 53 86.77 -35.00 42.92
CA GLU N 53 86.25 -35.89 43.94
C GLU N 53 87.34 -36.10 44.99
N CYS N 54 87.08 -35.65 46.22
CA CYS N 54 88.12 -35.69 47.24
C CYS N 54 87.71 -36.48 48.48
N ALA N 55 88.71 -37.06 49.13
CA ALA N 55 88.49 -37.80 50.36
C ALA N 55 89.73 -37.73 51.25
N GLN N 56 89.55 -38.01 52.54
CA GLN N 56 90.68 -38.00 53.46
C GLN N 56 91.53 -39.25 53.31
N ILE N 57 92.84 -39.08 53.38
CA ILE N 57 93.77 -40.20 53.30
C ILE N 57 93.83 -40.97 54.62
N PRO N 58 93.75 -42.30 54.58
CA PRO N 58 94.01 -43.20 55.69
C PRO N 58 95.48 -43.17 56.05
N VAL N 59 95.93 -42.04 56.59
CA VAL N 59 97.34 -41.77 56.84
C VAL N 59 97.96 -42.74 57.84
N HIS N 60 97.11 -43.44 58.58
CA HIS N 60 97.59 -44.44 59.53
C HIS N 60 98.20 -45.63 58.81
N MET N 61 97.83 -45.80 57.54
CA MET N 61 98.37 -46.87 56.72
C MET N 61 98.84 -46.35 55.36
N LYS N 62 98.65 -45.05 55.13
CA LYS N 62 99.10 -44.41 53.91
C LYS N 62 99.91 -43.15 54.23
N SER N 63 101.19 -43.35 54.55
CA SER N 63 102.06 -42.25 54.97
C SER N 63 102.97 -41.79 53.83
N ASP N 64 102.68 -42.27 52.62
CA ASP N 64 103.48 -41.98 51.45
C ASP N 64 102.90 -40.88 50.58
N ALA N 65 101.96 -40.11 51.13
CA ALA N 65 101.38 -38.99 50.42
C ALA N 65 102.45 -37.96 50.10
N SER N 66 102.34 -37.32 48.94
CA SER N 66 103.34 -36.35 48.50
C SER N 66 103.24 -35.03 49.25
N LYS N 67 104.32 -34.27 49.21
CA LYS N 67 104.35 -32.93 49.78
C LYS N 67 103.72 -31.95 48.81
N PHE N 68 103.23 -30.84 49.32
CA PHE N 68 102.51 -29.88 48.49
C PHE N 68 102.75 -28.45 48.92
N THR N 69 102.52 -27.51 48.01
CA THR N 69 102.62 -26.09 48.32
C THR N 69 101.60 -25.28 47.53
N HIS N 70 101.24 -24.12 48.07
CA HIS N 70 100.34 -23.20 47.39
C HIS N 70 101.10 -22.20 46.54
N GLU N 71 102.42 -22.20 46.67
CA GLU N 71 103.26 -21.24 45.97
C GLU N 71 103.35 -21.56 44.48
N LYS N 72 103.26 -20.51 43.65
CA LYS N 72 103.36 -20.68 42.21
C LYS N 72 104.22 -19.60 41.56
N PRO N 73 105.53 -19.63 41.78
CA PRO N 73 106.54 -18.79 41.15
C PRO N 73 106.73 -19.15 39.69
N GLU N 74 107.17 -18.17 38.89
CA GLU N 74 107.45 -18.41 37.49
C GLU N 74 108.63 -19.35 37.32
N GLY N 75 108.56 -20.24 36.33
CA GLY N 75 109.63 -21.20 36.10
C GLY N 75 109.10 -22.48 35.49
N TYR N 76 109.90 -23.54 35.55
CA TYR N 76 109.51 -24.82 34.97
C TYR N 76 109.18 -25.83 36.05
N TYR N 77 108.19 -26.67 35.77
CA TYR N 77 107.74 -27.69 36.71
C TYR N 77 107.78 -29.08 36.06
N ASN N 78 107.84 -30.11 36.89
CA ASN N 78 107.91 -31.50 36.43
C ASN N 78 106.54 -32.16 36.43
N TRP N 79 106.01 -32.47 35.25
CA TRP N 79 104.68 -33.07 35.15
C TRP N 79 104.72 -34.49 34.61
N HIS N 80 105.79 -35.22 34.91
CA HIS N 80 105.95 -36.63 34.56
C HIS N 80 106.38 -36.85 33.11
N HIS N 81 105.65 -36.26 32.17
CA HIS N 81 105.93 -36.48 30.75
C HIS N 81 106.94 -35.47 30.21
N GLY N 82 107.44 -34.61 31.09
CA GLY N 82 108.41 -33.61 30.69
C GLY N 82 108.33 -32.39 31.59
N ALA N 83 108.94 -31.30 31.16
CA ALA N 83 108.86 -30.05 31.89
C ALA N 83 107.66 -29.25 31.38
N VAL N 84 107.05 -28.49 32.27
CA VAL N 84 105.97 -27.58 31.89
C VAL N 84 106.36 -26.15 32.25
N GLN N 85 106.14 -25.24 31.31
CA GLN N 85 106.51 -23.85 31.51
C GLN N 85 105.39 -23.09 32.18
N TYR N 86 105.69 -22.41 33.28
CA TYR N 86 104.67 -21.61 33.95
C TYR N 86 104.98 -20.14 33.86
N SER N 87 104.00 -19.37 33.39
CA SER N 87 104.11 -17.93 33.28
C SER N 87 102.76 -17.29 33.51
N GLY N 88 102.73 -16.17 34.22
CA GLY N 88 101.46 -15.53 34.51
C GLY N 88 100.58 -16.48 35.30
N GLY N 89 99.37 -16.70 34.79
CA GLY N 89 98.41 -17.59 35.45
C GLY N 89 98.22 -18.90 34.71
N ARG N 90 99.13 -19.24 33.80
CA ARG N 90 98.92 -20.43 32.96
C ARG N 90 100.14 -21.34 32.87
N PHE N 91 99.86 -22.64 32.74
CA PHE N 91 100.87 -23.66 32.49
C PHE N 91 100.85 -24.04 31.00
N THR N 92 102.03 -24.17 30.40
CA THR N 92 102.12 -24.50 28.98
C THR N 92 103.05 -25.68 28.70
N ILE N 93 102.60 -26.59 27.84
CA ILE N 93 103.38 -27.77 27.46
C ILE N 93 103.51 -27.85 25.92
N PRO N 94 104.45 -28.64 25.40
CA PRO N 94 104.59 -29.03 24.00
C PRO N 94 103.31 -29.70 23.52
N THR N 95 102.97 -29.45 22.26
CA THR N 95 101.70 -29.91 21.70
C THR N 95 101.59 -31.43 21.64
N GLY N 96 102.71 -32.11 21.42
CA GLY N 96 102.69 -33.56 21.28
C GLY N 96 102.87 -34.26 22.62
N ALA N 97 102.96 -33.48 23.70
CA ALA N 97 103.21 -34.06 25.02
C ALA N 97 101.91 -34.47 25.71
N GLY N 98 100.81 -33.80 25.39
CA GLY N 98 99.54 -34.05 26.06
C GLY N 98 98.78 -35.21 25.42
N LYS N 99 97.83 -35.77 26.16
CA LYS N 99 96.97 -36.83 25.64
C LYS N 99 95.77 -37.08 26.55
N PRO N 100 94.67 -37.58 26.01
CA PRO N 100 93.52 -38.15 26.69
C PRO N 100 93.93 -39.32 27.58
N GLY N 101 93.29 -39.41 28.75
CA GLY N 101 93.56 -40.49 29.69
C GLY N 101 94.67 -40.14 30.67
N ASP N 102 95.30 -38.98 30.49
CA ASP N 102 96.41 -38.58 31.35
C ASP N 102 95.95 -37.72 32.53
N SER N 103 94.65 -37.43 32.60
CA SER N 103 94.13 -36.58 33.66
C SER N 103 94.32 -37.19 35.03
N GLY N 104 94.60 -36.34 36.01
CA GLY N 104 94.80 -36.75 37.39
C GLY N 104 96.27 -36.69 37.80
N ARG N 105 97.18 -36.58 36.84
CA ARG N 105 98.58 -36.45 37.18
C ARG N 105 98.89 -35.06 37.74
N PRO N 106 99.64 -34.99 38.85
CA PRO N 106 100.10 -33.80 39.54
C PRO N 106 101.27 -33.12 38.83
N ILE N 107 101.42 -31.83 39.08
CA ILE N 107 102.59 -31.06 38.68
C ILE N 107 103.46 -30.76 39.89
N PHE N 108 104.74 -31.11 39.79
CA PHE N 108 105.68 -30.95 40.91
C PHE N 108 106.66 -29.80 40.69
N ASP N 109 106.98 -29.11 41.79
CA ASP N 109 108.00 -28.07 41.74
C ASP N 109 109.39 -28.65 41.97
N ASN N 110 110.38 -27.79 42.11
CA ASN N 110 111.77 -28.22 42.21
C ASN N 110 112.10 -28.82 43.56
N LYS N 111 111.14 -28.78 44.47
CA LYS N 111 111.31 -29.37 45.80
C LYS N 111 110.52 -30.67 45.90
N GLY N 112 109.90 -31.06 44.79
CA GLY N 112 109.10 -32.29 44.75
C GLY N 112 107.70 -32.09 45.30
N ARG N 113 107.29 -30.84 45.47
CA ARG N 113 105.98 -30.53 46.02
C ARG N 113 104.94 -30.35 44.92
N VAL N 114 103.73 -30.82 45.17
CA VAL N 114 102.64 -30.68 44.20
C VAL N 114 102.04 -29.28 44.23
N VAL N 115 101.91 -28.68 43.05
CA VAL N 115 101.32 -27.35 42.95
C VAL N 115 99.94 -27.39 42.27
N ALA N 116 99.76 -28.35 41.36
CA ALA N 116 98.50 -28.42 40.62
C ALA N 116 98.23 -29.83 40.08
N ILE N 117 96.96 -30.11 39.80
CA ILE N 117 96.54 -31.37 39.19
C ILE N 117 96.02 -31.14 37.77
N VAL N 118 96.50 -31.94 36.82
CA VAL N 118 96.11 -31.78 35.42
C VAL N 118 94.76 -32.41 35.09
N LEU N 119 93.88 -31.61 34.47
CA LEU N 119 92.58 -32.11 34.00
C LEU N 119 92.52 -32.24 32.48
N GLY N 120 93.25 -31.38 31.79
CA GLY N 120 93.14 -31.30 30.33
C GLY N 120 93.99 -30.18 29.76
N GLY N 121 93.61 -29.65 28.60
CA GLY N 121 94.38 -28.59 27.96
C GLY N 121 93.75 -28.09 26.66
N ALA N 122 94.40 -27.09 26.05
CA ALA N 122 93.89 -26.47 24.82
C ALA N 122 95.03 -26.22 23.84
N ASN N 123 94.76 -26.43 22.55
CA ASN N 123 95.77 -26.25 21.53
C ASN N 123 95.85 -24.78 21.09
N GLU N 124 96.98 -24.14 21.43
CA GLU N 124 97.16 -22.72 21.15
C GLU N 124 98.05 -22.49 19.92
N GLY N 125 98.32 -23.56 19.19
CA GLY N 125 99.15 -23.49 17.99
C GLY N 125 100.48 -24.21 18.17
N ALA N 126 101.52 -23.46 18.51
CA ALA N 126 102.84 -24.05 18.69
C ALA N 126 102.97 -24.71 20.06
N ARG N 127 102.04 -24.38 20.94
CA ARG N 127 102.04 -24.87 22.31
C ARG N 127 100.64 -25.26 22.76
N THR N 128 100.55 -26.10 23.77
CA THR N 128 99.26 -26.48 24.34
C THR N 128 99.10 -25.94 25.76
N ALA N 129 98.01 -25.21 25.98
CA ALA N 129 97.69 -24.70 27.30
C ALA N 129 97.25 -25.85 28.19
N LEU N 130 97.64 -25.81 29.45
CA LEU N 130 97.32 -26.91 30.35
C LEU N 130 96.23 -26.49 31.34
N SER N 131 95.17 -27.28 31.41
CA SER N 131 94.05 -27.02 32.32
C SER N 131 94.30 -27.75 33.64
N VAL N 132 94.43 -26.98 34.72
CA VAL N 132 94.84 -27.57 35.98
C VAL N 132 94.01 -27.11 37.16
N VAL N 133 94.08 -27.88 38.24
CA VAL N 133 93.49 -27.50 39.51
C VAL N 133 94.56 -27.18 40.54
N THR N 134 94.49 -25.98 41.10
CA THR N 134 95.47 -25.53 42.06
C THR N 134 94.77 -24.91 43.25
N TRP N 135 95.52 -24.35 44.17
CA TRP N 135 94.91 -23.75 45.34
C TRP N 135 95.71 -22.58 45.87
N ASN N 136 95.03 -21.70 46.60
CA ASN N 136 95.66 -20.62 47.34
C ASN N 136 95.79 -21.07 48.78
N LYS N 137 96.26 -20.18 49.64
CA LYS N 137 96.52 -20.55 51.03
C LYS N 137 95.27 -21.01 51.77
N ASP N 138 94.09 -20.61 51.29
CA ASP N 138 92.84 -20.92 51.99
C ASP N 138 91.99 -21.98 51.29
N ILE N 139 91.69 -21.77 50.01
CA ILE N 139 90.77 -22.64 49.28
C ILE N 139 91.30 -23.06 47.91
N VAL N 140 90.69 -24.11 47.36
CA VAL N 140 91.02 -24.62 46.03
C VAL N 140 90.39 -23.78 44.92
N THR N 141 91.15 -23.57 43.84
CA THR N 141 90.67 -22.85 42.67
C THR N 141 91.04 -23.59 41.40
N LYS N 142 90.34 -23.31 40.30
CA LYS N 142 90.64 -24.00 39.05
C LYS N 142 91.01 -23.03 37.93
N ILE N 143 91.95 -23.45 37.09
CA ILE N 143 92.38 -22.67 35.94
C ILE N 143 91.94 -23.32 34.64
N THR N 144 91.14 -22.60 33.86
CA THR N 144 90.57 -23.15 32.63
C THR N 144 90.88 -22.28 31.41
N PRO N 145 91.90 -22.64 30.63
CA PRO N 145 92.29 -22.03 29.37
C PRO N 145 91.13 -22.12 28.37
N GLU N 146 90.99 -21.10 27.54
CA GLU N 146 89.92 -21.09 26.56
C GLU N 146 90.07 -22.23 25.57
N GLY N 147 88.98 -22.95 25.32
CA GLY N 147 88.98 -24.03 24.35
C GLY N 147 89.51 -25.34 24.93
N ALA N 148 89.79 -25.34 26.24
CA ALA N 148 90.34 -26.52 26.89
C ALA N 148 89.32 -27.64 26.96
N GLU N 149 89.81 -28.86 26.87
CA GLU N 149 88.97 -30.05 26.99
C GLU N 149 89.57 -31.04 27.96
N GLU N 150 88.72 -31.87 28.55
CA GLU N 150 89.15 -32.89 29.49
C GLU N 150 89.97 -33.97 28.80
N TRP N 151 91.02 -34.45 29.48
CA TRP N 151 91.88 -35.52 28.97
C TRP N 151 91.71 -36.81 29.78
N GLU O 22 -32.27 4.63 45.36
CA GLU O 22 -31.14 4.05 46.09
C GLU O 22 -30.24 5.11 46.73
N VAL O 23 -30.32 6.36 46.23
CA VAL O 23 -29.51 7.46 46.74
C VAL O 23 -30.11 8.03 48.02
N GLN O 24 -29.33 8.01 49.09
CA GLN O 24 -29.82 8.50 50.36
C GLN O 24 -28.70 8.87 51.32
N LEU O 25 -29.04 9.69 52.30
CA LEU O 25 -28.14 10.04 53.39
C LEU O 25 -28.74 9.56 54.69
N VAL O 26 -27.94 8.91 55.53
CA VAL O 26 -28.44 8.41 56.80
C VAL O 26 -27.79 9.10 57.99
N GLU O 27 -28.60 9.86 58.73
CA GLU O 27 -28.15 10.57 59.91
C GLU O 27 -27.94 9.63 61.10
N SER O 28 -26.92 9.93 61.89
CA SER O 28 -26.65 9.19 63.12
C SER O 28 -26.20 10.13 64.22
N GLY O 29 -26.47 9.75 65.46
CA GLY O 29 -26.10 10.57 66.61
C GLY O 29 -27.27 11.46 67.04
N GLY O 30 -27.02 12.30 68.03
CA GLY O 30 -28.06 13.16 68.58
C GLY O 30 -28.45 12.70 69.98
N GLY O 31 -29.53 13.27 70.51
CA GLY O 31 -29.96 12.95 71.87
C GLY O 31 -29.80 14.14 72.80
N LEU O 32 -30.03 13.89 74.09
CA LEU O 32 -30.00 14.96 75.09
C LEU O 32 -28.59 15.24 75.59
N VAL O 33 -28.21 16.51 75.53
CA VAL O 33 -26.92 16.96 76.03
C VAL O 33 -27.09 18.21 76.90
N GLN O 34 -26.25 18.34 77.91
CA GLN O 34 -26.27 19.53 78.76
C GLN O 34 -25.55 20.69 78.08
N PRO O 35 -25.92 21.93 78.41
CA PRO O 35 -25.27 23.15 77.96
C PRO O 35 -23.79 23.16 78.29
N GLY O 36 -22.98 23.58 77.34
CA GLY O 36 -21.54 23.67 77.52
C GLY O 36 -20.82 22.39 77.11
N ARG O 37 -21.57 21.34 76.82
CA ARG O 37 -20.99 20.06 76.44
C ARG O 37 -21.00 19.90 74.92
N SER O 38 -20.13 19.03 74.42
CA SER O 38 -20.04 18.77 73.00
C SER O 38 -20.88 17.57 72.58
N LEU O 39 -21.25 17.52 71.31
CA LEU O 39 -21.97 16.39 70.73
C LEU O 39 -21.50 16.12 69.31
N ARG O 40 -21.28 14.85 68.97
CA ARG O 40 -20.83 14.50 67.62
C ARG O 40 -21.96 13.93 66.77
N LEU O 41 -22.13 14.50 65.58
CA LEU O 41 -23.08 13.99 64.60
C LEU O 41 -22.36 13.44 63.38
N SER O 42 -22.95 12.46 62.72
CA SER O 42 -22.37 11.93 61.49
C SER O 42 -23.45 11.43 60.54
N CYS O 43 -23.10 11.29 59.25
CA CYS O 43 -23.99 10.76 58.24
C CYS O 43 -23.28 9.78 57.31
N ALA O 44 -23.96 8.69 57.00
CA ALA O 44 -23.45 7.70 56.05
C ALA O 44 -24.02 7.94 54.66
N ALA O 45 -23.15 7.93 53.67
CA ALA O 45 -23.57 8.12 52.28
C ALA O 45 -23.77 6.77 51.59
N SER O 46 -24.82 6.67 50.79
CA SER O 46 -25.05 5.45 50.01
C SER O 46 -25.78 5.74 48.70
N GLY O 47 -25.47 4.95 47.68
CA GLY O 47 -26.17 5.01 46.40
C GLY O 47 -25.54 5.99 45.42
N PHE O 48 -24.50 6.69 45.85
CA PHE O 48 -23.83 7.67 45.00
C PHE O 48 -22.36 7.78 45.37
N THR O 49 -21.57 8.39 44.47
CA THR O 49 -20.16 8.58 44.76
C THR O 49 -19.95 9.78 45.66
N PHE O 50 -19.38 9.52 46.83
CA PHE O 50 -19.21 10.54 47.85
C PHE O 50 -18.21 11.60 47.42
N ASP O 51 -17.21 11.18 46.65
CA ASP O 51 -16.11 12.06 46.27
C ASP O 51 -16.47 12.96 45.10
N ASP O 52 -17.69 12.86 44.60
CA ASP O 52 -18.09 13.71 43.49
C ASP O 52 -18.91 14.92 43.92
N TYR O 53 -19.22 15.02 45.22
CA TYR O 53 -20.07 16.12 45.66
C TYR O 53 -19.62 16.75 46.97
N ALA O 54 -19.92 18.05 47.10
CA ALA O 54 -19.76 18.77 48.37
C ALA O 54 -20.94 18.46 49.29
N MET O 55 -20.71 18.56 50.59
CA MET O 55 -21.75 18.24 51.58
C MET O 55 -22.05 19.42 52.50
N HIS O 56 -23.31 19.52 52.92
CA HIS O 56 -23.73 20.59 53.81
C HIS O 56 -24.57 20.10 54.99
N TRP O 57 -24.52 20.84 56.09
CA TRP O 57 -25.40 20.61 57.23
C TRP O 57 -26.43 21.72 57.34
N VAL O 58 -27.68 21.34 57.54
CA VAL O 58 -28.78 22.29 57.71
C VAL O 58 -29.61 21.89 58.92
N ARG O 59 -30.04 22.87 59.71
CA ARG O 59 -30.84 22.55 60.88
C ARG O 59 -32.16 23.30 60.87
N GLN O 60 -33.17 22.69 61.48
CA GLN O 60 -34.48 23.31 61.56
C GLN O 60 -35.08 23.19 62.95
N ALA O 61 -35.16 24.31 63.66
CA ALA O 61 -35.80 24.34 64.97
C ALA O 61 -37.32 24.25 64.77
N PRO O 62 -38.06 23.72 65.73
CA PRO O 62 -39.50 23.68 65.74
C PRO O 62 -40.08 25.08 65.58
N GLY O 63 -41.02 25.21 64.65
CA GLY O 63 -41.67 26.50 64.40
C GLY O 63 -40.84 27.42 63.51
N LYS O 64 -39.69 26.93 63.05
CA LYS O 64 -38.79 27.75 62.25
C LYS O 64 -38.55 27.16 60.86
N GLY O 65 -38.01 27.98 59.97
CA GLY O 65 -37.66 27.54 58.63
C GLY O 65 -36.27 26.92 58.63
N LEU O 66 -35.72 26.68 57.44
CA LEU O 66 -34.42 26.04 57.33
C LEU O 66 -33.29 27.03 57.59
N GLU O 67 -32.32 26.62 58.39
CA GLU O 67 -31.14 27.44 58.63
C GLU O 67 -29.87 26.68 58.27
N TRP O 68 -29.06 27.27 57.40
CA TRP O 68 -27.80 26.65 57.00
C TRP O 68 -26.80 26.74 58.15
N VAL O 69 -26.10 25.65 58.42
CA VAL O 69 -25.16 25.62 59.54
C VAL O 69 -23.72 25.63 59.10
N SER O 70 -23.37 24.70 58.22
CA SER O 70 -21.99 24.56 57.77
C SER O 70 -21.92 23.80 56.46
N GLY O 71 -20.77 23.86 55.81
CA GLY O 71 -20.59 23.10 54.57
C GLY O 71 -19.12 22.87 54.26
N ILE O 72 -18.86 21.77 53.57
CA ILE O 72 -17.51 21.37 53.21
C ILE O 72 -17.40 21.06 51.72
N SER O 73 -16.43 21.67 51.06
CA SER O 73 -16.20 21.45 49.65
C SER O 73 -15.44 20.14 49.42
N TRP O 74 -15.35 19.74 48.16
CA TRP O 74 -14.63 18.53 47.81
C TRP O 74 -13.16 18.66 48.17
N ASN O 75 -12.61 17.61 48.78
CA ASN O 75 -11.22 17.56 49.21
C ASN O 75 -10.92 18.66 50.20
N SER O 76 -11.94 19.12 50.90
CA SER O 76 -11.80 20.16 51.92
C SER O 76 -11.09 21.38 51.36
N GLY O 77 -11.35 21.71 50.11
CA GLY O 77 -10.73 22.87 49.47
C GLY O 77 -11.19 24.16 50.13
N SER O 78 -12.43 24.17 50.61
CA SER O 78 -12.99 25.34 51.27
C SER O 78 -13.96 24.93 52.38
N ILE O 79 -13.86 25.61 53.51
CA ILE O 79 -14.73 25.32 54.65
C ILE O 79 -15.54 26.54 55.03
N GLY O 80 -16.85 26.37 55.20
CA GLY O 80 -17.69 27.49 55.62
C GLY O 80 -18.51 27.16 56.86
N TYR O 81 -18.78 28.18 57.65
CA TYR O 81 -19.64 28.04 58.83
C TYR O 81 -20.60 29.22 58.94
N ALA O 82 -21.77 28.98 59.52
CA ALA O 82 -22.67 30.07 59.84
C ALA O 82 -22.07 30.92 60.95
N ASP O 83 -22.35 32.20 60.95
CA ASP O 83 -21.74 33.11 61.92
C ASP O 83 -22.04 32.70 63.36
N SER O 84 -23.25 32.19 63.59
CA SER O 84 -23.69 31.86 64.93
C SER O 84 -22.93 30.68 65.54
N VAL O 85 -22.28 29.89 64.69
CA VAL O 85 -21.55 28.71 65.16
C VAL O 85 -20.09 28.76 64.73
N LYS O 86 -19.67 29.90 64.19
CA LYS O 86 -18.37 29.98 63.53
C LYS O 86 -17.22 29.54 64.41
N GLY O 87 -17.27 29.89 65.69
CA GLY O 87 -16.18 29.54 66.60
C GLY O 87 -16.49 28.31 67.43
N ARG O 88 -17.59 27.64 67.15
CA ARG O 88 -18.01 26.51 67.98
C ARG O 88 -18.12 25.19 67.23
N PHE O 89 -18.46 25.24 65.95
CA PHE O 89 -18.66 24.02 65.17
C PHE O 89 -17.49 23.74 64.23
N THR O 90 -17.15 22.46 64.07
CA THR O 90 -16.13 22.03 63.11
C THR O 90 -16.67 20.96 62.17
N ILE O 91 -16.42 21.12 60.88
CA ILE O 91 -16.91 20.16 59.89
C ILE O 91 -15.76 19.41 59.23
N SER O 92 -15.96 18.12 59.00
CA SER O 92 -14.96 17.30 58.33
C SER O 92 -15.62 16.15 57.58
N ARG O 93 -14.88 15.53 56.68
CA ARG O 93 -15.39 14.39 55.93
C ARG O 93 -14.35 13.30 55.77
N ASP O 94 -14.81 12.05 55.81
CA ASP O 94 -13.95 10.90 55.59
C ASP O 94 -14.33 10.21 54.28
N ASN O 95 -13.54 10.43 53.24
CA ASN O 95 -13.90 9.94 51.92
C ASN O 95 -13.78 8.42 51.85
N ALA O 96 -12.82 7.87 52.57
CA ALA O 96 -12.61 6.42 52.55
C ALA O 96 -13.82 5.69 53.10
N LYS O 97 -14.48 6.29 54.09
CA LYS O 97 -15.64 5.68 54.70
C LYS O 97 -16.96 6.20 54.15
N ASN O 98 -16.88 7.08 53.15
CA ASN O 98 -18.08 7.68 52.58
C ASN O 98 -18.97 8.28 53.66
N SER O 99 -18.38 9.03 54.59
CA SER O 99 -19.15 9.58 55.70
C SER O 99 -18.82 11.04 55.98
N LEU O 100 -19.81 11.74 56.52
CA LEU O 100 -19.71 13.16 56.88
C LEU O 100 -19.79 13.33 58.39
N TYR O 101 -18.97 14.23 58.94
CA TYR O 101 -18.99 14.47 60.38
C TYR O 101 -19.18 15.93 60.75
N LEU O 102 -19.88 16.17 61.84
CA LEU O 102 -20.00 17.51 62.43
C LEU O 102 -19.72 17.48 63.92
N GLN O 103 -18.73 18.25 64.35
CA GLN O 103 -18.37 18.32 65.76
C GLN O 103 -18.89 19.62 66.36
N MET O 104 -19.83 19.51 67.29
CA MET O 104 -20.41 20.69 67.89
C MET O 104 -19.92 20.86 69.32
N ASN O 105 -19.24 21.97 69.58
CA ASN O 105 -18.70 22.23 70.91
C ASN O 105 -19.48 23.32 71.63
N SER O 106 -19.43 23.31 72.95
CA SER O 106 -20.04 24.36 73.76
C SER O 106 -21.49 24.61 73.34
N LEU O 107 -22.27 23.55 73.25
CA LEU O 107 -23.65 23.66 72.80
C LEU O 107 -24.50 24.51 73.73
N ARG O 108 -25.38 25.30 73.14
CA ARG O 108 -26.28 26.18 73.88
C ARG O 108 -27.74 25.81 73.62
N ALA O 109 -28.64 26.32 74.45
CA ALA O 109 -30.06 26.04 74.29
C ALA O 109 -30.55 26.48 72.91
N GLU O 110 -29.93 27.52 72.37
CA GLU O 110 -30.30 28.05 71.07
C GLU O 110 -30.00 27.09 69.94
N ASP O 111 -29.18 26.07 70.21
CA ASP O 111 -28.77 25.12 69.19
C ASP O 111 -29.74 23.94 69.07
N THR O 112 -30.82 23.97 69.86
CA THR O 112 -31.79 22.89 69.77
C THR O 112 -32.52 22.95 68.44
N ALA O 113 -32.45 21.85 67.69
CA ALA O 113 -33.04 21.79 66.36
C ALA O 113 -32.96 20.38 65.80
N LEU O 114 -33.67 20.14 64.69
CA LEU O 114 -33.42 18.94 63.92
C LEU O 114 -32.23 19.18 63.00
N TYR O 115 -31.31 18.22 62.96
CA TYR O 115 -30.13 18.38 62.12
C TYR O 115 -30.13 17.42 60.94
N TYR O 116 -30.08 17.99 59.74
CA TYR O 116 -30.13 17.23 58.50
C TYR O 116 -28.80 17.28 57.76
N CYS O 117 -28.48 16.19 57.05
CA CYS O 117 -27.41 16.21 56.07
C CYS O 117 -27.99 16.35 54.67
N ALA O 118 -27.28 17.07 53.81
CA ALA O 118 -27.74 17.22 52.44
C ALA O 118 -26.57 17.22 51.47
N LYS O 119 -26.82 16.72 50.27
CA LYS O 119 -25.81 16.62 49.22
C LYS O 119 -25.98 17.72 48.18
N ASP O 120 -24.87 18.30 47.77
CA ASP O 120 -24.88 19.36 46.76
C ASP O 120 -24.92 18.77 45.36
N MET O 121 -24.93 19.62 44.34
CA MET O 121 -25.00 19.15 42.96
C MET O 121 -23.67 19.31 42.24
N GLY O 122 -22.61 19.51 43.01
CA GLY O 122 -21.27 19.68 42.44
C GLY O 122 -20.20 19.56 43.51
N TYR O 123 -18.97 19.80 43.09
CA TYR O 123 -17.83 19.63 43.98
C TYR O 123 -17.44 20.90 44.64
N SER O 124 -17.92 21.97 44.10
CA SER O 124 -17.62 23.29 44.62
C SER O 124 -18.87 24.02 45.08
N GLY O 125 -18.72 24.85 46.10
CA GLY O 125 -19.85 25.62 46.62
C GLY O 125 -19.94 26.99 45.95
N ASN O 126 -19.07 27.23 44.97
CA ASN O 126 -19.01 28.54 44.34
C ASN O 126 -19.89 28.62 43.10
N ASP O 127 -20.64 27.55 42.85
CA ASP O 127 -21.58 27.50 41.74
C ASP O 127 -22.99 27.84 42.23
N ASP O 128 -23.52 28.96 41.76
CA ASP O 128 -24.80 29.46 42.26
C ASP O 128 -25.98 29.00 41.42
N TYR O 129 -25.74 28.05 40.53
CA TYR O 129 -26.79 27.53 39.67
C TYR O 129 -27.43 26.28 40.26
N TYR O 130 -26.92 25.86 41.41
CA TYR O 130 -27.36 24.61 42.03
C TYR O 130 -28.07 24.80 43.35
N GLY O 131 -28.94 23.85 43.68
CA GLY O 131 -29.54 23.75 45.00
C GLY O 131 -29.16 22.43 45.66
N MET O 132 -29.81 22.08 46.75
CA MET O 132 -29.54 20.82 47.45
C MET O 132 -30.55 19.76 47.05
N ASP O 133 -30.11 18.76 46.31
CA ASP O 133 -31.05 17.80 45.72
C ASP O 133 -31.34 16.58 46.60
N VAL O 134 -30.41 16.21 47.48
CA VAL O 134 -30.65 15.05 48.33
C VAL O 134 -30.56 15.38 49.80
N TRP O 135 -31.62 15.05 50.53
CA TRP O 135 -31.69 15.29 51.96
C TRP O 135 -31.96 14.00 52.72
N GLY O 136 -31.39 13.89 53.91
CA GLY O 136 -31.60 12.71 54.75
C GLY O 136 -32.73 12.94 55.75
N GLN O 137 -32.74 12.13 56.80
CA GLN O 137 -33.75 12.22 57.84
C GLN O 137 -33.15 12.79 59.11
N GLY O 138 -33.45 14.05 59.38
CA GLY O 138 -32.74 14.78 60.41
C GLY O 138 -32.93 14.18 61.80
N THR O 139 -31.88 14.28 62.62
CA THR O 139 -31.90 13.78 63.98
C THR O 139 -32.24 14.91 64.95
N THR O 140 -32.54 14.56 66.18
CA THR O 140 -32.91 15.57 67.16
C THR O 140 -31.81 15.84 68.18
N VAL O 141 -31.42 17.10 68.29
CA VAL O 141 -30.45 17.50 69.30
C VAL O 141 -31.09 18.50 70.26
N THR O 142 -31.13 18.13 71.54
CA THR O 142 -31.72 19.00 72.55
C THR O 142 -30.69 19.38 73.59
N VAL O 143 -30.56 20.69 73.82
CA VAL O 143 -29.58 21.19 74.78
C VAL O 143 -30.29 21.81 75.98
N SER O 144 -30.22 21.14 77.12
CA SER O 144 -30.91 21.62 78.31
C SER O 144 -30.36 21.02 79.61
N SER O 145 -30.31 21.85 80.66
CA SER O 145 -29.90 21.39 81.98
C SER O 145 -31.07 20.83 82.75
N ALA O 146 -31.60 19.70 82.29
CA ALA O 146 -32.76 19.10 82.93
C ALA O 146 -32.75 17.59 82.81
N SER O 147 -33.32 16.92 83.80
CA SER O 147 -33.46 15.48 83.80
C SER O 147 -34.72 15.05 83.06
N THR O 148 -34.79 13.76 82.72
CA THR O 148 -35.94 13.23 82.00
C THR O 148 -37.12 12.98 82.94
N LYS O 149 -37.64 14.07 83.51
CA LYS O 149 -38.74 14.01 84.44
C LYS O 149 -40.01 13.52 83.77
N GLY O 150 -40.73 12.61 84.44
CA GLY O 150 -41.97 12.09 83.91
C GLY O 150 -43.12 13.06 84.15
N PRO O 151 -44.19 12.95 83.37
CA PRO O 151 -45.37 13.80 83.36
C PRO O 151 -46.28 13.61 84.56
N SER O 152 -46.97 14.68 84.91
CA SER O 152 -48.09 14.63 85.84
C SER O 152 -49.37 14.73 85.03
N VAL O 153 -50.37 13.93 85.37
CA VAL O 153 -51.60 13.92 84.58
C VAL O 153 -52.79 14.37 85.41
N PHE O 154 -53.54 15.32 84.86
CA PHE O 154 -54.72 15.83 85.52
C PHE O 154 -55.91 15.76 84.56
N PRO O 155 -57.10 15.42 85.06
CA PRO O 155 -58.37 15.39 84.33
C PRO O 155 -58.89 16.80 84.09
N LEU O 156 -59.59 16.99 82.97
CA LEU O 156 -60.31 18.22 82.72
C LEU O 156 -61.79 17.92 82.57
N ALA O 157 -62.53 18.00 83.68
CA ALA O 157 -63.93 17.63 83.68
C ALA O 157 -64.74 18.60 82.83
N PRO O 158 -65.75 18.10 82.11
CA PRO O 158 -66.70 18.86 81.31
C PRO O 158 -67.61 19.69 82.19
N SER O 159 -67.97 20.88 81.70
CA SER O 159 -68.92 21.73 82.41
C SER O 159 -70.34 21.35 82.05
N SER O 160 -70.72 20.14 82.45
CA SER O 160 -72.01 19.56 82.06
C SER O 160 -73.18 20.37 82.57
N LYS O 161 -72.92 21.19 83.59
CA LYS O 161 -73.97 22.02 84.18
C LYS O 161 -74.35 23.19 83.30
N SER O 162 -73.46 23.60 82.39
CA SER O 162 -73.74 24.76 81.55
C SER O 162 -73.66 24.47 80.05
N THR O 163 -73.03 23.34 79.69
CA THR O 163 -72.79 23.03 78.28
C THR O 163 -73.62 21.83 77.81
N SER O 164 -74.60 21.41 78.61
CA SER O 164 -75.35 20.20 78.31
C SER O 164 -76.09 20.27 76.98
N GLY O 165 -76.50 21.48 76.58
CA GLY O 165 -77.22 21.64 75.32
C GLY O 165 -76.28 22.03 74.17
N GLY O 166 -74.99 22.14 74.47
CA GLY O 166 -74.01 22.56 73.47
C GLY O 166 -73.06 21.42 73.08
N THR O 167 -73.40 20.21 73.51
CA THR O 167 -72.53 19.03 73.34
C THR O 167 -71.40 19.12 74.35
N ALA O 168 -70.98 17.98 74.87
CA ALA O 168 -70.00 17.99 75.96
C ALA O 168 -68.57 17.86 75.44
N ALA O 169 -67.68 18.63 76.05
CA ALA O 169 -66.26 18.49 75.75
C ALA O 169 -65.52 18.16 77.03
N LEU O 170 -64.78 17.06 77.00
CA LEU O 170 -64.00 16.61 78.14
C LEU O 170 -62.58 16.33 77.70
N GLY O 171 -61.62 16.47 78.61
CA GLY O 171 -60.23 16.26 78.23
C GLY O 171 -59.32 16.00 79.42
N CYS O 172 -58.01 16.06 79.15
CA CYS O 172 -56.98 15.85 80.15
C CYS O 172 -55.76 16.73 79.86
N LEU O 173 -54.94 16.94 80.89
CA LEU O 173 -53.74 17.73 80.75
C LEU O 173 -52.51 16.95 81.19
N VAL O 174 -51.48 16.96 80.36
CA VAL O 174 -50.22 16.32 80.70
C VAL O 174 -49.16 17.39 80.88
N LYS O 175 -48.62 17.49 82.09
CA LYS O 175 -47.79 18.63 82.44
C LYS O 175 -46.48 18.25 83.14
N ASP O 176 -45.51 19.17 83.07
CA ASP O 176 -44.24 19.07 83.78
C ASP O 176 -43.41 17.84 83.43
N TYR O 177 -43.29 17.54 82.14
CA TYR O 177 -42.38 16.47 81.70
C TYR O 177 -41.28 17.06 80.84
N PHE O 178 -40.08 16.49 80.91
CA PHE O 178 -38.99 17.06 80.14
C PHE O 178 -38.89 16.58 78.68
N PRO O 179 -38.87 15.26 78.43
CA PRO O 179 -38.66 14.69 77.11
C PRO O 179 -39.77 15.09 76.16
N GLU O 180 -39.45 15.28 74.90
CA GLU O 180 -40.43 15.72 73.91
C GLU O 180 -41.56 14.72 73.61
N PRO O 181 -41.24 13.45 73.31
CA PRO O 181 -42.09 12.49 72.63
C PRO O 181 -43.12 11.84 73.53
N VAL O 182 -44.08 12.64 74.01
CA VAL O 182 -45.19 12.11 74.79
C VAL O 182 -46.39 11.81 73.90
N THR O 183 -46.94 10.61 74.02
CA THR O 183 -48.09 10.21 73.23
C THR O 183 -49.34 10.10 74.08
N VAL O 184 -50.41 10.75 73.64
CA VAL O 184 -51.67 10.71 74.36
C VAL O 184 -52.81 10.22 73.47
N SER O 185 -53.57 9.25 73.96
CA SER O 185 -54.70 8.71 73.24
C SER O 185 -55.87 8.45 74.17
N TRP O 186 -57.05 8.18 73.62
CA TRP O 186 -58.22 7.97 74.46
C TRP O 186 -58.79 6.56 74.33
N ASN O 187 -59.21 6.02 75.47
CA ASN O 187 -59.84 4.70 75.53
C ASN O 187 -58.97 3.65 74.84
N SER O 188 -57.67 3.74 75.09
CA SER O 188 -56.70 2.80 74.51
C SER O 188 -56.79 2.74 72.99
N GLY O 189 -57.10 3.87 72.37
CA GLY O 189 -57.14 3.95 70.91
C GLY O 189 -58.54 3.67 70.36
N ALA O 190 -59.45 3.25 71.24
CA ALA O 190 -60.81 2.95 70.83
C ALA O 190 -61.54 4.21 70.37
N LEU O 191 -61.19 5.36 70.96
CA LEU O 191 -61.83 6.61 70.60
C LEU O 191 -60.94 7.43 69.67
N THR O 192 -61.30 7.47 68.39
CA THR O 192 -60.52 8.20 67.41
C THR O 192 -61.31 9.35 66.80
N SER O 193 -62.63 9.25 66.85
CA SER O 193 -63.49 10.27 66.27
C SER O 193 -63.80 11.37 67.27
N GLY O 194 -63.76 12.61 66.81
CA GLY O 194 -64.05 13.75 67.68
C GLY O 194 -62.90 14.00 68.64
N VAL O 195 -61.70 13.63 68.23
CA VAL O 195 -60.53 13.76 69.09
C VAL O 195 -59.58 14.86 68.60
N HIS O 196 -59.27 15.80 69.49
CA HIS O 196 -58.36 16.88 69.16
C HIS O 196 -57.20 16.91 70.14
N THR O 197 -55.98 16.93 69.61
CA THR O 197 -54.80 17.00 70.45
C THR O 197 -53.95 18.17 70.02
N PHE O 198 -53.17 18.70 70.96
CA PHE O 198 -52.35 19.86 70.66
C PHE O 198 -50.86 19.53 70.79
N PRO O 199 -50.01 20.23 70.05
CA PRO O 199 -48.57 20.28 70.19
C PRO O 199 -48.20 20.75 71.59
N ALA O 200 -47.15 20.15 72.14
CA ALA O 200 -46.68 20.53 73.47
C ALA O 200 -46.03 21.90 73.44
N VAL O 201 -46.20 22.65 74.52
CA VAL O 201 -45.59 23.96 74.63
C VAL O 201 -44.51 23.97 75.71
N LEU O 202 -43.34 24.47 75.35
CA LEU O 202 -42.25 24.56 76.31
C LEU O 202 -42.51 25.65 77.34
N GLN O 203 -42.37 25.29 78.61
CA GLN O 203 -42.59 26.22 79.70
C GLN O 203 -41.27 26.85 80.13
N SER O 204 -41.35 27.97 80.85
CA SER O 204 -40.15 28.65 81.32
C SER O 204 -39.36 27.79 82.30
N SER O 205 -40.01 26.77 82.83
CA SER O 205 -39.38 25.82 83.75
C SER O 205 -38.44 24.88 83.00
N GLY O 206 -38.56 24.84 81.68
CA GLY O 206 -37.78 23.94 80.86
C GLY O 206 -38.55 22.66 80.53
N LEU O 207 -39.72 22.53 81.14
CA LEU O 207 -40.56 21.35 80.94
C LEU O 207 -41.68 21.63 79.94
N TYR O 208 -42.18 20.57 79.32
CA TYR O 208 -43.24 20.67 78.33
C TYR O 208 -44.61 20.30 78.90
N SER O 209 -45.66 20.84 78.29
CA SER O 209 -47.02 20.43 78.61
C SER O 209 -47.92 20.43 77.37
N LEU O 210 -48.88 19.50 77.33
CA LEU O 210 -49.84 19.43 76.24
C LEU O 210 -51.22 19.05 76.76
N SER O 211 -52.27 19.46 76.02
CA SER O 211 -53.62 19.08 76.37
C SER O 211 -54.26 18.22 75.29
N SER O 212 -55.30 17.48 75.69
CA SER O 212 -56.09 16.66 74.77
C SER O 212 -57.58 16.74 75.12
N VAL O 213 -58.41 16.91 74.11
CA VAL O 213 -59.86 17.02 74.33
C VAL O 213 -60.65 16.17 73.34
N VAL O 214 -61.77 15.63 73.81
CA VAL O 214 -62.69 14.90 72.95
C VAL O 214 -64.10 15.47 73.07
N THR O 215 -64.83 15.47 71.96
CA THR O 215 -66.19 16.00 71.97
C THR O 215 -67.21 14.88 71.85
N VAL O 216 -68.11 14.82 72.82
CA VAL O 216 -69.11 13.75 72.89
C VAL O 216 -70.48 14.33 73.21
N PRO O 217 -71.57 13.61 72.91
CA PRO O 217 -72.92 13.90 73.33
C PRO O 217 -72.97 14.01 74.85
N SER O 218 -73.67 15.03 75.34
CA SER O 218 -73.75 15.28 76.79
C SER O 218 -74.54 14.19 77.49
N SER O 219 -75.43 13.54 76.77
CA SER O 219 -76.26 12.49 77.34
C SER O 219 -75.45 11.24 77.65
N SER O 220 -74.26 11.14 77.06
CA SER O 220 -73.42 9.97 77.23
C SER O 220 -72.46 10.13 78.42
N LEU O 221 -72.43 11.30 79.03
CA LEU O 221 -71.47 11.56 80.09
C LEU O 221 -71.70 10.65 81.29
N GLY O 222 -72.96 10.32 81.56
CA GLY O 222 -73.30 9.49 82.71
C GLY O 222 -73.35 8.01 82.36
N THR O 223 -73.07 7.65 81.10
CA THR O 223 -73.17 6.27 80.68
C THR O 223 -71.83 5.72 80.21
N GLN O 224 -70.97 6.61 79.68
CA GLN O 224 -69.70 6.18 79.13
C GLN O 224 -68.53 6.77 79.89
N THR O 225 -67.63 5.90 80.34
CA THR O 225 -66.40 6.32 81.00
C THR O 225 -65.32 6.59 79.96
N TYR O 226 -64.62 7.71 80.11
CA TYR O 226 -63.54 8.04 79.19
C TYR O 226 -62.20 8.07 79.90
N ILE O 227 -61.23 7.38 79.30
CA ILE O 227 -59.89 7.29 79.88
C ILE O 227 -58.85 7.99 79.02
N CYS O 228 -58.05 8.87 79.64
CA CYS O 228 -56.92 9.53 79.00
C CYS O 228 -55.69 8.67 79.20
N ASN O 229 -55.13 8.17 78.11
CA ASN O 229 -54.00 7.25 78.17
C ASN O 229 -52.70 7.97 77.80
N VAL O 230 -51.85 8.18 78.79
CA VAL O 230 -50.61 8.91 78.59
C VAL O 230 -49.41 7.97 78.59
N ASN O 231 -48.71 7.93 77.46
CA ASN O 231 -47.58 7.04 77.29
C ASN O 231 -46.26 7.79 77.19
N HIS O 232 -45.38 7.58 78.15
CA HIS O 232 -44.09 8.27 78.17
C HIS O 232 -42.95 7.25 78.08
N LYS O 233 -42.45 7.04 76.86
CA LYS O 233 -41.46 5.99 76.62
C LYS O 233 -40.16 6.17 77.42
N PRO O 234 -39.56 7.37 77.46
CA PRO O 234 -38.29 7.67 78.07
C PRO O 234 -38.26 7.36 79.57
N SER O 235 -39.43 7.30 80.20
CA SER O 235 -39.50 7.03 81.63
C SER O 235 -40.21 5.72 81.92
N ASN O 236 -40.47 4.95 80.87
CA ASN O 236 -41.16 3.66 81.02
C ASN O 236 -42.42 3.83 81.85
N THR O 237 -43.15 4.92 81.60
CA THR O 237 -44.29 5.27 82.43
C THR O 237 -45.59 5.36 81.63
N LYS O 238 -46.63 4.71 82.14
CA LYS O 238 -47.95 4.75 81.53
C LYS O 238 -48.99 5.15 82.57
N VAL O 239 -49.77 6.19 82.26
CA VAL O 239 -50.77 6.68 83.18
C VAL O 239 -52.16 6.65 82.55
N ASP O 240 -53.10 5.98 83.23
CA ASP O 240 -54.47 5.91 82.78
C ASP O 240 -55.37 6.75 83.67
N LYS O 241 -55.81 7.90 83.15
CA LYS O 241 -56.58 8.84 83.97
C LYS O 241 -58.05 8.85 83.56
N ARG O 242 -58.93 8.67 84.55
CA ARG O 242 -60.36 8.69 84.30
C ARG O 242 -60.91 10.11 84.37
N VAL O 243 -61.66 10.51 83.34
CA VAL O 243 -62.23 11.85 83.30
C VAL O 243 -63.75 11.80 83.40
N GLU O 244 -64.28 12.54 84.38
CA GLU O 244 -65.72 12.56 84.63
C GLU O 244 -66.18 13.99 84.96
N PRO O 245 -67.48 14.32 84.77
CA PRO O 245 -68.15 15.55 85.18
C PRO O 245 -67.84 15.90 86.63
N ASP P 26 -24.50 40.44 55.23
CA ASP P 26 -25.71 39.77 55.67
C ASP P 26 -26.93 40.29 54.87
N ILE P 27 -27.35 39.51 53.88
CA ILE P 27 -28.49 39.86 53.03
C ILE P 27 -29.65 38.91 53.27
N GLN P 28 -30.78 39.45 53.69
CA GLN P 28 -31.94 38.62 53.99
C GLN P 28 -32.93 38.57 52.83
N LEU P 29 -33.68 37.46 52.75
CA LEU P 29 -34.70 37.29 51.73
C LEU P 29 -36.09 37.60 52.30
N THR P 30 -36.96 38.12 51.44
CA THR P 30 -38.33 38.44 51.83
C THR P 30 -39.36 37.70 50.97
N GLN P 31 -40.33 37.07 51.63
CA GLN P 31 -41.40 36.33 50.96
C GLN P 31 -42.75 36.79 51.51
N SER P 32 -43.83 36.20 51.00
CA SER P 32 -45.15 36.52 51.52
C SER P 32 -45.11 36.39 53.05
N PRO P 33 -45.77 37.30 53.76
CA PRO P 33 -45.69 37.51 55.20
C PRO P 33 -46.16 36.30 56.02
N SER P 34 -46.99 35.45 55.43
CA SER P 34 -47.50 34.31 56.17
C SER P 34 -47.85 33.12 55.28
N SER P 35 -49.05 33.15 54.72
CA SER P 35 -49.56 32.03 53.96
C SER P 35 -50.57 32.45 52.90
N LEU P 36 -50.82 31.55 51.96
CA LEU P 36 -51.82 31.76 50.94
C LEU P 36 -52.98 30.79 51.12
N SER P 37 -54.19 31.23 50.79
CA SER P 37 -55.35 30.36 50.85
C SER P 37 -55.84 30.03 49.44
N ALA P 38 -55.93 28.75 49.13
CA ALA P 38 -56.32 28.34 47.79
C ALA P 38 -57.05 27.00 47.80
N SER P 39 -57.89 26.81 46.80
CA SER P 39 -58.60 25.55 46.60
C SER P 39 -57.93 24.74 45.49
N VAL P 40 -58.40 23.52 45.30
CA VAL P 40 -57.84 22.68 44.25
C VAL P 40 -58.23 23.21 42.89
N GLY P 41 -57.25 23.36 42.01
CA GLY P 41 -57.46 23.90 40.67
C GLY P 41 -57.13 25.38 40.58
N ASP P 42 -56.90 26.01 41.73
CA ASP P 42 -56.55 27.43 41.76
C ASP P 42 -55.10 27.68 41.35
N ARG P 43 -54.84 28.89 40.87
CA ARG P 43 -53.50 29.33 40.53
C ARG P 43 -52.82 29.90 41.78
N VAL P 44 -51.62 29.41 42.08
CA VAL P 44 -50.90 29.88 43.27
C VAL P 44 -49.55 30.49 42.91
N THR P 45 -49.34 31.72 43.36
CA THR P 45 -48.08 32.42 43.07
C THR P 45 -47.34 32.79 44.35
N ILE P 46 -46.09 32.35 44.44
CA ILE P 46 -45.22 32.66 45.58
C ILE P 46 -43.99 33.40 45.11
N THR P 47 -43.65 34.50 45.77
CA THR P 47 -42.51 35.29 45.34
C THR P 47 -41.43 35.38 46.42
N CYS P 48 -40.20 35.68 46.00
CA CYS P 48 -39.07 35.87 46.91
C CYS P 48 -38.08 36.88 46.34
N ARG P 49 -37.68 37.83 47.17
CA ARG P 49 -36.72 38.85 46.76
C ARG P 49 -35.66 39.09 47.82
N ALA P 50 -34.48 39.52 47.38
CA ALA P 50 -33.43 39.88 48.32
C ALA P 50 -33.40 41.38 48.50
N SER P 51 -33.02 41.83 49.70
CA SER P 51 -32.85 43.25 49.96
C SER P 51 -31.67 43.82 49.17
N GLN P 52 -30.72 42.95 48.86
CA GLN P 52 -29.55 43.29 48.07
C GLN P 52 -29.28 42.17 47.07
N ARG P 53 -28.63 42.48 45.97
CA ARG P 53 -28.33 41.43 45.00
C ARG P 53 -27.43 40.38 45.61
N ILE P 54 -27.85 39.11 45.50
CA ILE P 54 -27.08 37.99 46.01
C ILE P 54 -26.46 37.17 44.89
N SER P 55 -27.28 36.81 43.92
CA SER P 55 -26.86 35.94 42.82
C SER P 55 -27.76 36.12 41.62
N SER P 56 -27.42 35.47 40.52
CA SER P 56 -28.22 35.52 39.31
C SER P 56 -29.34 34.49 39.33
N TYR P 57 -29.30 33.59 40.31
CA TYR P 57 -30.26 32.49 40.35
C TYR P 57 -30.84 32.28 41.75
N LEU P 58 -32.06 31.74 41.80
CA LEU P 58 -32.71 31.41 43.05
C LEU P 58 -33.34 30.03 42.99
N ASN P 59 -33.14 29.24 44.05
CA ASN P 59 -33.67 27.88 44.12
C ASN P 59 -34.96 27.84 44.93
N TRP P 60 -35.81 26.85 44.64
CA TRP P 60 -37.03 26.64 45.41
C TRP P 60 -37.09 25.24 46.01
N TYR P 61 -37.59 25.15 47.24
CA TYR P 61 -37.75 23.88 47.95
C TYR P 61 -39.18 23.67 48.42
N GLN P 62 -39.58 22.41 48.53
CA GLN P 62 -40.90 22.05 49.04
C GLN P 62 -40.79 21.17 50.28
N GLN P 63 -41.48 21.55 51.35
CA GLN P 63 -41.44 20.76 52.58
C GLN P 63 -42.83 20.49 53.15
N LYS P 64 -43.05 19.25 53.58
CA LYS P 64 -44.28 18.89 54.27
C LYS P 64 -43.93 18.50 55.71
N PRO P 65 -44.85 18.67 56.66
CA PRO P 65 -44.67 18.36 58.07
C PRO P 65 -44.21 16.93 58.27
N GLY P 66 -43.17 16.76 59.08
CA GLY P 66 -42.65 15.44 59.39
C GLY P 66 -41.67 14.92 58.34
N LYS P 67 -41.43 15.72 57.29
CA LYS P 67 -40.57 15.28 56.20
C LYS P 67 -39.43 16.25 55.94
N ALA P 68 -38.33 15.73 55.41
CA ALA P 68 -37.22 16.54 54.95
C ALA P 68 -37.66 17.30 53.69
N PRO P 69 -37.12 18.51 53.47
CA PRO P 69 -37.37 19.36 52.32
C PRO P 69 -36.81 18.75 51.05
N LYS P 70 -37.48 18.99 49.93
CA LYS P 70 -37.03 18.49 48.64
C LYS P 70 -36.83 19.63 47.64
N LEU P 71 -35.81 19.51 46.81
CA LEU P 71 -35.55 20.51 45.78
C LEU P 71 -36.62 20.47 44.72
N LEU P 72 -37.18 21.63 44.41
CA LEU P 72 -38.25 21.72 43.41
C LEU P 72 -37.71 22.30 42.12
N ILE P 73 -37.10 23.47 42.21
CA ILE P 73 -36.52 24.17 41.07
C ILE P 73 -35.14 24.70 41.39
N TYR P 74 -34.22 24.59 40.44
CA TYR P 74 -32.89 25.16 40.61
C TYR P 74 -32.50 26.00 39.40
N GLY P 75 -31.65 26.99 39.63
CA GLY P 75 -31.17 27.83 38.54
C GLY P 75 -32.24 28.84 38.14
N ALA P 76 -33.31 28.87 38.93
CA ALA P 76 -34.46 29.74 38.72
C ALA P 76 -35.27 29.36 37.49
N PHE P 77 -34.88 28.27 36.81
CA PHE P 77 -35.59 27.88 35.60
C PHE P 77 -35.74 26.37 35.45
N SER P 78 -34.80 25.60 35.98
CA SER P 78 -34.76 24.17 35.71
C SER P 78 -35.55 23.37 36.74
N LEU P 79 -36.50 22.59 36.25
CA LEU P 79 -37.31 21.76 37.11
C LEU P 79 -36.54 20.50 37.48
N GLN P 80 -36.59 20.12 38.75
CA GLN P 80 -35.89 18.91 39.18
C GLN P 80 -36.60 17.66 38.69
N SER P 81 -35.80 16.66 38.33
CA SER P 81 -36.36 15.42 37.81
C SER P 81 -37.30 14.77 38.81
N GLY P 82 -38.43 14.28 38.33
CA GLY P 82 -39.41 13.63 39.18
C GLY P 82 -40.48 14.61 39.65
N VAL P 83 -40.25 15.89 39.41
CA VAL P 83 -41.20 16.92 39.79
C VAL P 83 -42.21 17.15 38.68
N PRO P 84 -43.52 17.15 38.98
CA PRO P 84 -44.61 17.40 38.07
C PRO P 84 -44.48 18.73 37.34
N SER P 85 -44.95 18.74 36.10
CA SER P 85 -44.86 19.90 35.21
C SER P 85 -45.71 21.05 35.71
N ARG P 86 -46.54 20.78 36.71
CA ARG P 86 -47.42 21.78 37.30
C ARG P 86 -46.61 22.93 37.88
N PHE P 87 -45.37 22.63 38.27
CA PHE P 87 -44.51 23.63 38.88
C PHE P 87 -43.61 24.26 37.82
N SER P 88 -43.48 25.59 37.86
CA SER P 88 -42.59 26.27 36.93
C SER P 88 -41.99 27.53 37.55
N GLY P 89 -40.83 27.92 37.03
CA GLY P 89 -40.16 29.13 37.51
C GLY P 89 -40.55 30.34 36.67
N SER P 90 -40.47 31.51 37.30
CA SER P 90 -40.73 32.79 36.64
C SER P 90 -40.12 33.92 37.44
N GLY P 91 -40.33 35.15 36.99
CA GLY P 91 -39.85 36.30 37.73
C GLY P 91 -40.02 37.62 36.99
N SER P 92 -39.82 38.71 37.71
CA SER P 92 -39.88 40.06 37.17
C SER P 92 -38.95 40.97 37.95
N GLY P 93 -38.08 41.68 37.25
CA GLY P 93 -37.10 42.52 37.93
C GLY P 93 -36.22 41.66 38.82
N THR P 94 -36.13 42.03 40.09
CA THR P 94 -35.31 41.30 41.05
C THR P 94 -36.15 40.30 41.84
N ASP P 95 -37.43 40.22 41.50
CA ASP P 95 -38.34 39.33 42.20
C ASP P 95 -38.46 37.96 41.52
N PHE P 96 -38.04 36.92 42.22
CA PHE P 96 -38.13 35.57 41.70
C PHE P 96 -39.49 34.99 42.03
N THR P 97 -40.05 34.20 41.13
CA THR P 97 -41.39 33.66 41.33
C THR P 97 -41.49 32.16 41.15
N LEU P 98 -42.26 31.52 42.03
CA LEU P 98 -42.64 30.13 41.89
C LEU P 98 -44.13 30.05 41.58
N THR P 99 -44.48 29.37 40.48
CA THR P 99 -45.87 29.29 40.08
C THR P 99 -46.37 27.86 40.00
N ILE P 100 -47.54 27.63 40.58
CA ILE P 100 -48.22 26.35 40.45
C ILE P 100 -49.42 26.53 39.53
N SER P 101 -49.38 25.94 38.35
CA SER P 101 -50.39 26.23 37.33
C SER P 101 -51.79 25.80 37.76
N SER P 102 -51.87 24.70 38.50
CA SER P 102 -53.14 24.20 39.01
C SER P 102 -52.89 23.45 40.32
N LEU P 103 -53.31 24.03 41.43
CA LEU P 103 -53.01 23.43 42.72
C LEU P 103 -53.73 22.10 42.91
N GLN P 104 -52.96 21.10 43.32
CA GLN P 104 -53.50 19.77 43.62
C GLN P 104 -53.49 19.54 45.13
N PRO P 105 -54.26 18.57 45.64
CA PRO P 105 -54.32 18.16 47.04
C PRO P 105 -52.94 17.78 47.57
N GLU P 106 -52.06 17.33 46.69
CA GLU P 106 -50.72 16.92 47.07
C GLU P 106 -49.72 18.08 47.08
N ASP P 107 -50.16 19.25 46.64
CA ASP P 107 -49.28 20.40 46.50
C ASP P 107 -49.34 21.33 47.71
N PHE P 108 -50.06 20.92 48.75
CA PHE P 108 -50.17 21.75 49.94
C PHE P 108 -48.98 21.52 50.85
N ALA P 109 -48.07 22.48 50.84
CA ALA P 109 -46.78 22.38 51.50
C ALA P 109 -46.21 23.76 51.74
N THR P 110 -45.16 23.83 52.56
CA THR P 110 -44.47 25.10 52.75
C THR P 110 -43.32 25.20 51.77
N TYR P 111 -43.27 26.29 51.02
CA TYR P 111 -42.24 26.45 50.01
C TYR P 111 -41.19 27.47 50.44
N TYR P 112 -39.94 27.17 50.15
CA TYR P 112 -38.83 28.02 50.55
C TYR P 112 -38.00 28.49 49.37
N CYS P 113 -37.43 29.69 49.47
CA CYS P 113 -36.48 30.20 48.49
C CYS P 113 -35.06 30.21 49.07
N GLN P 114 -34.07 30.01 48.21
CA GLN P 114 -32.68 29.98 48.64
C GLN P 114 -31.73 30.56 47.59
N GLN P 115 -30.71 31.28 48.05
CA GLN P 115 -29.64 31.77 47.18
C GLN P 115 -28.28 31.49 47.82
N SER P 116 -27.28 31.18 46.99
CA SER P 116 -25.98 30.76 47.50
C SER P 116 -24.97 31.89 47.71
N TYR P 117 -25.13 32.99 46.98
CA TYR P 117 -24.15 34.08 47.04
C TYR P 117 -22.78 33.59 46.54
N ARG P 118 -22.79 32.51 45.77
CA ARG P 118 -21.58 31.92 45.21
C ARG P 118 -20.57 31.52 46.28
N THR P 119 -21.06 31.13 47.44
CA THR P 119 -20.23 30.62 48.52
C THR P 119 -20.91 29.47 49.25
N LEU P 120 -20.21 28.87 50.19
CA LEU P 120 -20.76 27.76 50.95
C LEU P 120 -21.90 28.19 51.87
N THR P 121 -21.88 29.43 52.31
CA THR P 121 -22.89 29.93 53.24
C THR P 121 -24.20 30.22 52.54
N ARG P 122 -24.97 29.17 52.28
CA ARG P 122 -26.26 29.30 51.60
C ARG P 122 -27.27 30.00 52.50
N THR P 123 -28.08 30.89 51.91
CA THR P 123 -29.08 31.64 52.65
C THR P 123 -30.50 31.21 52.31
N PHE P 124 -31.27 30.88 53.34
CA PHE P 124 -32.66 30.45 53.16
C PHE P 124 -33.64 31.53 53.58
N GLY P 125 -34.81 31.53 52.95
CA GLY P 125 -35.89 32.43 53.33
C GLY P 125 -36.72 31.84 54.48
N GLN P 126 -37.81 32.51 54.82
CA GLN P 126 -38.66 32.06 55.92
C GLN P 126 -39.69 31.05 55.46
N GLY P 127 -40.08 31.14 54.20
CA GLY P 127 -41.00 30.18 53.59
C GLY P 127 -42.43 30.70 53.56
N THR P 128 -43.20 30.19 52.60
CA THR P 128 -44.61 30.55 52.46
C THR P 128 -45.47 29.29 52.53
N LYS P 129 -46.47 29.31 53.40
CA LYS P 129 -47.33 28.14 53.57
C LYS P 129 -48.60 28.26 52.74
N VAL P 130 -49.11 27.13 52.27
CA VAL P 130 -50.35 27.11 51.53
C VAL P 130 -51.43 26.37 52.31
N GLU P 131 -52.53 27.07 52.59
CA GLU P 131 -53.64 26.53 53.36
C GLU P 131 -54.81 26.19 52.46
N ILE P 132 -55.65 25.26 52.90
CA ILE P 132 -56.83 24.88 52.13
C ILE P 132 -57.93 25.92 52.29
N LYS P 133 -58.48 26.37 51.16
CA LYS P 133 -59.58 27.33 51.18
C LYS P 133 -60.86 26.70 51.72
N ARG P 134 -61.55 27.45 52.56
CA ARG P 134 -62.78 27.00 53.18
C ARG P 134 -63.63 28.20 53.56
N THR P 135 -64.91 27.99 53.83
CA THR P 135 -65.76 29.08 54.30
C THR P 135 -65.45 29.40 55.75
N VAL P 136 -65.86 30.59 56.18
CA VAL P 136 -65.61 31.04 57.55
C VAL P 136 -66.62 30.46 58.53
N ALA P 137 -66.12 29.96 59.65
CA ALA P 137 -66.97 29.41 60.69
C ALA P 137 -66.42 29.76 62.07
N ALA P 138 -67.32 30.07 63.00
CA ALA P 138 -66.98 30.41 64.37
C ALA P 138 -66.49 29.18 65.13
N PRO P 139 -65.60 29.37 66.12
CA PRO P 139 -65.13 28.38 67.07
C PRO P 139 -66.19 28.01 68.09
N SER P 140 -66.17 26.76 68.54
CA SER P 140 -66.95 26.34 69.69
C SER P 140 -66.07 26.43 70.92
N VAL P 141 -66.53 27.18 71.92
CA VAL P 141 -65.69 27.48 73.07
C VAL P 141 -66.11 26.73 74.34
N PHE P 142 -65.17 25.98 74.90
CA PHE P 142 -65.38 25.26 76.16
C PHE P 142 -64.35 25.66 77.20
N ILE P 143 -64.79 25.85 78.43
CA ILE P 143 -63.89 26.25 79.51
C ILE P 143 -63.75 25.16 80.56
N PHE P 144 -62.51 24.84 80.90
CA PHE P 144 -62.21 23.80 81.88
C PHE P 144 -61.51 24.35 83.11
N PRO P 145 -62.20 24.41 84.25
CA PRO P 145 -61.71 24.80 85.56
C PRO P 145 -60.60 23.83 86.00
N PRO P 146 -59.66 24.28 86.84
CA PRO P 146 -58.60 23.49 87.46
C PRO P 146 -59.16 22.33 88.25
N SER P 147 -58.48 21.21 88.20
CA SER P 147 -58.89 20.01 88.94
C SER P 147 -58.45 20.10 90.39
N ASP P 148 -59.02 19.25 91.24
CA ASP P 148 -58.66 19.20 92.64
C ASP P 148 -57.23 18.73 92.80
N GLU P 149 -56.81 17.82 91.94
CA GLU P 149 -55.46 17.28 91.98
C GLU P 149 -54.42 18.37 91.71
N GLN P 150 -54.76 19.30 90.83
CA GLN P 150 -53.86 20.41 90.54
C GLN P 150 -53.76 21.38 91.71
N LEU P 151 -54.90 21.67 92.31
CA LEU P 151 -54.91 22.62 93.43
C LEU P 151 -54.14 22.04 94.61
N LYS P 152 -54.25 20.74 94.80
CA LYS P 152 -53.52 20.05 95.87
C LYS P 152 -52.02 20.03 95.58
N SER P 153 -51.65 20.31 94.34
CA SER P 153 -50.27 20.29 93.92
C SER P 153 -49.64 21.67 94.05
N GLY P 154 -50.44 22.65 94.46
CA GLY P 154 -49.95 24.01 94.65
C GLY P 154 -50.08 24.86 93.37
N THR P 155 -50.78 24.34 92.38
CA THR P 155 -50.94 25.04 91.11
C THR P 155 -52.39 25.05 90.64
N ALA P 156 -52.67 25.86 89.63
CA ALA P 156 -53.99 25.88 89.00
C ALA P 156 -53.84 26.19 87.51
N SER P 157 -54.70 25.58 86.70
CA SER P 157 -54.67 25.83 85.26
C SER P 157 -56.07 25.92 84.68
N VAL P 158 -56.35 27.04 84.04
CA VAL P 158 -57.65 27.23 83.41
C VAL P 158 -57.50 27.08 81.91
N VAL P 159 -58.27 26.17 81.31
CA VAL P 159 -58.09 25.89 79.89
C VAL P 159 -59.29 26.32 79.05
N CYS P 160 -59.04 27.11 78.00
CA CYS P 160 -60.04 27.57 77.04
C CYS P 160 -59.76 26.98 75.67
N LEU P 161 -60.72 26.16 75.18
CA LEU P 161 -60.51 25.48 73.91
C LEU P 161 -61.48 25.95 72.83
N LEU P 162 -60.91 26.30 71.68
CA LEU P 162 -61.67 26.75 70.51
C LEU P 162 -61.64 25.67 69.44
N ASN P 163 -62.79 25.05 69.17
CA ASN P 163 -62.82 23.93 68.24
C ASN P 163 -63.47 24.28 66.90
N ASN P 164 -62.98 23.63 65.85
CA ASN P 164 -63.58 23.66 64.52
C ASN P 164 -63.83 25.06 63.93
N PHE P 165 -62.81 25.92 63.97
CA PHE P 165 -62.92 27.22 63.33
C PHE P 165 -61.97 27.30 62.15
N TYR P 166 -62.27 28.14 61.16
CA TYR P 166 -61.43 28.15 59.96
C TYR P 166 -60.31 29.21 59.93
N PRO P 167 -60.61 30.51 60.09
CA PRO P 167 -59.61 31.56 60.18
C PRO P 167 -58.65 31.27 61.32
N ARG P 168 -57.36 31.39 61.06
CA ARG P 168 -56.35 31.08 62.06
C ARG P 168 -56.09 32.23 63.00
N GLU P 169 -56.35 33.45 62.54
CA GLU P 169 -56.05 34.64 63.34
C GLU P 169 -57.15 34.91 64.36
N ALA P 170 -57.26 34.02 65.34
CA ALA P 170 -58.21 34.18 66.43
C ALA P 170 -57.60 35.07 67.52
N LYS P 171 -58.45 35.81 68.22
CA LYS P 171 -57.97 36.63 69.33
C LYS P 171 -58.62 36.18 70.64
N VAL P 172 -57.80 35.69 71.56
CA VAL P 172 -58.32 35.19 72.83
C VAL P 172 -57.63 35.87 74.01
N GLN P 173 -58.44 36.36 74.95
CA GLN P 173 -57.91 37.02 76.13
C GLN P 173 -58.48 36.42 77.41
N TRP P 174 -57.68 36.42 78.47
CA TRP P 174 -58.12 35.91 79.75
C TRP P 174 -58.57 37.02 80.69
N LYS P 175 -59.65 36.78 81.41
CA LYS P 175 -60.14 37.71 82.42
C LYS P 175 -60.35 37.03 83.76
N VAL P 176 -59.90 37.70 84.82
CA VAL P 176 -60.11 37.20 86.17
C VAL P 176 -60.76 38.29 87.02
N ASP P 177 -61.88 37.96 87.65
CA ASP P 177 -62.66 38.94 88.39
C ASP P 177 -62.98 40.13 87.50
N ASN P 178 -63.36 39.84 86.26
CA ASN P 178 -63.73 40.84 85.26
C ASN P 178 -62.60 41.83 84.98
N ALA P 179 -61.37 41.34 84.92
CA ALA P 179 -60.23 42.17 84.58
C ALA P 179 -59.23 41.37 83.74
N LEU P 180 -58.64 42.02 82.73
CA LEU P 180 -57.71 41.37 81.83
C LEU P 180 -56.38 41.04 82.48
N GLN P 181 -55.85 39.88 82.13
CA GLN P 181 -54.51 39.46 82.56
C GLN P 181 -53.67 39.06 81.36
N SER P 182 -52.36 39.24 81.47
CA SER P 182 -51.44 38.85 80.40
C SER P 182 -50.08 38.45 80.95
N GLY P 183 -49.33 37.69 80.17
CA GLY P 183 -47.98 37.28 80.54
C GLY P 183 -47.98 36.01 81.38
N ASN P 184 -49.17 35.49 81.67
CA ASN P 184 -49.32 34.30 82.49
C ASN P 184 -50.11 33.22 81.76
N SER P 185 -50.01 33.19 80.44
CA SER P 185 -50.75 32.22 79.65
C SER P 185 -49.97 31.78 78.42
N GLN P 186 -50.33 30.60 77.90
CA GLN P 186 -49.70 30.02 76.72
C GLN P 186 -50.74 29.62 75.68
N GLU P 187 -50.34 29.61 74.42
CA GLU P 187 -51.24 29.24 73.33
C GLU P 187 -50.63 28.21 72.38
N SER P 188 -51.46 27.28 71.93
CA SER P 188 -51.05 26.27 70.95
C SER P 188 -52.11 26.07 69.88
N VAL P 189 -51.69 25.95 68.62
CA VAL P 189 -52.61 25.79 67.52
C VAL P 189 -52.29 24.55 66.70
N THR P 190 -53.33 23.77 66.39
CA THR P 190 -53.18 22.53 65.64
C THR P 190 -53.06 22.78 64.14
N GLU P 191 -52.67 21.74 63.41
CA GLU P 191 -52.62 21.80 61.96
C GLU P 191 -54.02 21.65 61.38
N GLN P 192 -54.21 22.10 60.16
CA GLN P 192 -55.51 22.05 59.52
C GLN P 192 -56.00 20.61 59.40
N ASP P 193 -57.25 20.39 59.78
CA ASP P 193 -57.86 19.06 59.74
C ASP P 193 -57.92 18.51 58.32
N SER P 194 -57.69 17.20 58.20
CA SER P 194 -57.64 16.56 56.89
C SER P 194 -59.02 16.33 56.27
N LYS P 195 -60.08 16.39 57.07
CA LYS P 195 -61.42 16.12 56.54
C LYS P 195 -62.31 17.36 56.56
N ASP P 196 -62.29 18.11 57.66
CA ASP P 196 -63.14 19.28 57.80
C ASP P 196 -62.41 20.57 57.45
N SER P 197 -61.10 20.46 57.24
CA SER P 197 -60.26 21.61 56.95
C SER P 197 -60.41 22.73 57.98
N THR P 198 -60.50 22.36 59.26
CA THR P 198 -60.64 23.33 60.35
C THR P 198 -59.44 23.30 61.28
N TYR P 199 -59.38 24.29 62.17
CA TYR P 199 -58.30 24.41 63.14
C TYR P 199 -58.83 24.37 64.57
N SER P 200 -57.97 23.95 65.50
CA SER P 200 -58.29 23.99 66.91
C SER P 200 -57.24 24.77 67.68
N LEU P 201 -57.67 25.56 68.65
CA LEU P 201 -56.76 26.40 69.43
C LEU P 201 -56.90 26.13 70.91
N SER P 202 -55.77 26.06 71.60
CA SER P 202 -55.75 25.85 73.04
C SER P 202 -55.05 26.99 73.77
N SER P 203 -55.79 27.63 74.68
CA SER P 203 -55.25 28.71 75.49
C SER P 203 -55.30 28.34 76.97
N THR P 204 -54.15 28.38 77.63
CA THR P 204 -54.07 27.99 79.03
C THR P 204 -53.59 29.12 79.93
N LEU P 205 -54.36 29.39 80.98
CA LEU P 205 -54.00 30.41 81.97
C LEU P 205 -53.38 29.74 83.20
N THR P 206 -52.16 30.15 83.54
CA THR P 206 -51.44 29.50 84.63
C THR P 206 -51.46 30.36 85.90
N LEU P 207 -51.94 29.77 86.99
CA LEU P 207 -51.98 30.43 88.29
C LEU P 207 -51.39 29.55 89.37
N SER P 208 -50.86 30.17 90.41
CA SER P 208 -50.48 29.44 91.61
C SER P 208 -51.73 29.15 92.44
N LYS P 209 -51.66 28.18 93.33
CA LYS P 209 -52.80 27.89 94.19
C LYS P 209 -53.15 29.11 95.05
N ALA P 210 -52.11 29.76 95.56
CA ALA P 210 -52.30 30.89 96.46
C ALA P 210 -53.01 32.05 95.79
N ASP P 211 -52.72 32.28 94.51
CA ASP P 211 -53.33 33.39 93.80
C ASP P 211 -54.67 32.99 93.19
N TYR P 212 -54.80 31.73 92.80
CA TYR P 212 -56.04 31.24 92.21
C TYR P 212 -57.22 31.45 93.15
N GLU P 213 -56.97 31.20 94.44
CA GLU P 213 -58.02 31.27 95.46
C GLU P 213 -58.36 32.70 95.85
N LYS P 214 -57.62 33.67 95.32
CA LYS P 214 -57.87 35.07 95.65
C LYS P 214 -58.94 35.65 94.72
N HIS P 215 -59.35 34.87 93.73
CA HIS P 215 -60.32 35.33 92.74
C HIS P 215 -61.53 34.42 92.71
N LYS P 216 -62.68 34.96 92.35
CA LYS P 216 -63.91 34.18 92.37
C LYS P 216 -64.42 33.87 90.98
N VAL P 217 -64.15 34.76 90.02
CA VAL P 217 -64.68 34.60 88.67
C VAL P 217 -63.60 34.51 87.62
N TYR P 218 -63.67 33.48 86.78
CA TYR P 218 -62.74 33.32 85.69
C TYR P 218 -63.47 33.29 84.36
N ALA P 219 -62.87 33.89 83.34
CA ALA P 219 -63.53 33.96 82.04
C ALA P 219 -62.54 33.95 80.88
N CYS P 220 -62.99 33.45 79.73
CA CYS P 220 -62.23 33.45 78.48
C CYS P 220 -62.98 34.28 77.44
N GLU P 221 -62.33 35.31 76.93
CA GLU P 221 -62.93 36.19 75.93
C GLU P 221 -62.44 35.84 74.54
N VAL P 222 -63.37 35.45 73.67
CA VAL P 222 -62.99 35.04 72.33
C VAL P 222 -63.56 35.96 71.25
N THR P 223 -62.67 36.52 70.43
CA THR P 223 -63.05 37.35 69.30
C THR P 223 -62.65 36.64 68.01
N HIS P 224 -63.58 36.53 67.07
CA HIS P 224 -63.33 35.77 65.86
C HIS P 224 -64.13 36.29 64.67
N GLN P 225 -63.59 36.10 63.48
CA GLN P 225 -64.20 36.60 62.24
C GLN P 225 -65.51 35.88 61.91
N GLY P 226 -65.70 34.69 62.45
CA GLY P 226 -66.90 33.91 62.18
C GLY P 226 -68.01 34.25 63.16
N LEU P 227 -67.73 35.16 64.09
CA LEU P 227 -68.72 35.56 65.09
C LEU P 227 -69.31 36.92 64.76
N SER P 228 -70.60 37.08 65.05
CA SER P 228 -71.27 38.37 64.88
C SER P 228 -70.86 39.32 65.99
N SER P 229 -70.41 38.75 67.10
CA SER P 229 -69.93 39.50 68.25
C SER P 229 -69.03 38.60 69.09
N PRO P 230 -68.09 39.17 69.86
CA PRO P 230 -67.22 38.49 70.81
C PRO P 230 -68.04 37.67 71.79
N VAL P 231 -67.54 36.48 72.11
CA VAL P 231 -68.23 35.58 73.03
C VAL P 231 -67.39 35.32 74.26
N THR P 232 -68.01 35.41 75.43
CA THR P 232 -67.28 35.17 76.67
C THR P 232 -67.90 34.02 77.45
N LYS P 233 -67.06 33.08 77.85
CA LYS P 233 -67.48 31.96 78.68
C LYS P 233 -66.81 32.08 80.05
N SER P 234 -67.52 31.69 81.10
CA SER P 234 -66.99 31.89 82.45
C SER P 234 -67.49 30.88 83.47
N PHE P 235 -66.80 30.84 84.60
CA PHE P 235 -67.20 30.03 85.74
C PHE P 235 -66.76 30.70 87.04
N ASN P 236 -67.37 30.30 88.16
CA ASN P 236 -67.04 30.84 89.48
C ASN P 236 -65.83 30.14 90.07
N GLU Q 22 -8.06 75.66 -22.76
CA GLU Q 22 -6.60 75.74 -22.68
C GLU Q 22 -5.95 75.72 -24.07
N VAL Q 23 -6.57 75.00 -25.01
CA VAL Q 23 -6.05 74.84 -26.37
C VAL Q 23 -6.35 76.07 -27.22
N GLN Q 24 -5.29 76.69 -27.74
CA GLN Q 24 -5.45 77.89 -28.54
C GLN Q 24 -4.45 77.97 -29.68
N LEU Q 25 -4.84 78.66 -30.74
CA LEU Q 25 -3.96 78.97 -31.85
C LEU Q 25 -3.82 80.48 -31.96
N VAL Q 26 -2.59 80.97 -31.97
CA VAL Q 26 -2.36 82.41 -32.00
C VAL Q 26 -1.69 82.87 -33.29
N GLU Q 27 -2.44 83.58 -34.12
CA GLU Q 27 -1.94 84.11 -35.38
C GLU Q 27 -1.05 85.31 -35.18
N SER Q 28 -0.03 85.43 -36.03
CA SER Q 28 0.84 86.60 -36.05
C SER Q 28 1.27 86.92 -37.48
N GLY Q 29 1.93 88.05 -37.66
CA GLY Q 29 2.35 88.49 -38.99
C GLY Q 29 1.22 89.20 -39.72
N GLY Q 30 1.38 89.35 -41.03
CA GLY Q 30 0.43 90.10 -41.84
C GLY Q 30 0.93 91.52 -42.04
N GLY Q 31 0.05 92.41 -42.50
CA GLY Q 31 0.46 93.77 -42.80
C GLY Q 31 0.33 94.10 -44.29
N LEU Q 32 0.91 95.23 -44.68
CA LEU Q 32 0.81 95.72 -46.06
C LEU Q 32 1.98 95.26 -46.91
N VAL Q 33 1.66 94.63 -48.03
CA VAL Q 33 2.67 94.17 -48.99
C VAL Q 33 2.29 94.58 -50.40
N GLN Q 34 3.29 94.88 -51.22
CA GLN Q 34 3.04 95.23 -52.61
C GLN Q 34 2.86 93.96 -53.46
N PRO Q 35 2.12 94.05 -54.57
CA PRO Q 35 1.96 93.00 -55.55
C PRO Q 35 3.29 92.52 -56.09
N GLY Q 36 3.45 91.20 -56.18
CA GLY Q 36 4.68 90.60 -56.68
C GLY Q 36 5.67 90.33 -55.56
N ARG Q 37 5.37 90.82 -54.36
CA ARG Q 37 6.25 90.62 -53.22
C ARG Q 37 5.72 89.52 -52.31
N SER Q 38 6.59 88.96 -51.48
CA SER Q 38 6.20 87.89 -50.58
C SER Q 38 5.84 88.41 -49.19
N LEU Q 39 5.08 87.61 -48.46
CA LEU Q 39 4.74 87.90 -47.06
C LEU Q 39 4.71 86.63 -46.23
N ARG Q 40 5.28 86.69 -45.03
CA ARG Q 40 5.29 85.53 -44.13
C ARG Q 40 4.25 85.65 -43.02
N LEU Q 41 3.47 84.57 -42.85
CA LEU Q 41 2.53 84.45 -41.75
C LEU Q 41 2.97 83.34 -40.80
N SER Q 42 2.63 83.47 -39.53
CA SER Q 42 2.96 82.42 -38.56
C SER Q 42 1.91 82.29 -37.47
N CYS Q 43 1.84 81.10 -36.85
CA CYS Q 43 0.95 80.84 -35.73
C CYS Q 43 1.67 80.10 -34.61
N ALA Q 44 1.43 80.54 -33.37
CA ALA Q 44 1.99 79.87 -32.20
C ALA Q 44 0.99 78.85 -31.65
N ALA Q 45 1.51 77.73 -31.17
CA ALA Q 45 0.66 76.70 -30.59
C ALA Q 45 0.79 76.68 -29.07
N SER Q 46 -0.35 76.56 -28.38
CA SER Q 46 -0.34 76.44 -26.93
C SER Q 46 -1.51 75.60 -26.42
N GLY Q 47 -1.29 74.90 -25.31
CA GLY Q 47 -2.34 74.12 -24.65
C GLY Q 47 -2.41 72.68 -25.15
N PHE Q 48 -1.55 72.32 -26.09
CA PHE Q 48 -1.55 70.98 -26.65
C PHE Q 48 -0.16 70.62 -27.19
N THR Q 49 0.06 69.33 -27.44
CA THR Q 49 1.32 68.91 -28.05
C THR Q 49 1.34 69.31 -29.52
N PHE Q 50 2.37 70.05 -29.89
CA PHE Q 50 2.45 70.64 -31.22
C PHE Q 50 2.44 69.63 -32.34
N ASP Q 51 3.21 68.55 -32.18
CA ASP Q 51 3.39 67.59 -33.27
C ASP Q 51 2.48 66.38 -33.18
N ASP Q 52 1.45 66.44 -32.35
CA ASP Q 52 0.48 65.34 -32.29
C ASP Q 52 -0.72 65.58 -33.19
N TYR Q 53 -0.74 66.72 -33.87
CA TYR Q 53 -1.88 67.04 -34.73
C TYR Q 53 -1.46 67.65 -36.06
N ALA Q 54 -2.28 67.44 -37.07
CA ALA Q 54 -2.13 68.11 -38.37
C ALA Q 54 -2.71 69.52 -38.28
N MET Q 55 -2.21 70.42 -39.13
CA MET Q 55 -2.66 71.82 -39.10
C MET Q 55 -2.94 72.35 -40.50
N HIS Q 56 -3.84 73.32 -40.59
CA HIS Q 56 -4.27 73.88 -41.86
C HIS Q 56 -4.32 75.40 -41.85
N TRP Q 57 -4.20 75.99 -43.04
CA TRP Q 57 -4.40 77.42 -43.21
C TRP Q 57 -5.67 77.69 -44.00
N VAL Q 58 -6.42 78.69 -43.55
CA VAL Q 58 -7.63 79.11 -44.23
C VAL Q 58 -7.62 80.63 -44.39
N ARG Q 59 -8.34 81.14 -45.38
CA ARG Q 59 -8.40 82.59 -45.58
C ARG Q 59 -9.79 83.05 -45.97
N GLN Q 60 -10.12 84.28 -45.59
CA GLN Q 60 -11.38 84.87 -46.01
C GLN Q 60 -11.17 86.19 -46.75
N ALA Q 61 -11.37 86.16 -48.07
CA ALA Q 61 -11.26 87.37 -48.88
C ALA Q 61 -12.43 88.28 -48.59
N PRO Q 62 -12.30 89.59 -48.77
CA PRO Q 62 -13.36 90.57 -48.66
C PRO Q 62 -14.52 90.20 -49.57
N GLY Q 63 -15.73 90.18 -49.02
CA GLY Q 63 -16.93 89.87 -49.78
C GLY Q 63 -17.12 88.37 -49.98
N LYS Q 64 -16.21 87.58 -49.42
CA LYS Q 64 -16.23 86.13 -49.58
C LYS Q 64 -16.28 85.41 -48.24
N GLY Q 65 -16.65 84.13 -48.28
CA GLY Q 65 -16.63 83.29 -47.10
C GLY Q 65 -15.25 82.69 -46.90
N LEU Q 66 -15.11 81.85 -45.88
CA LEU Q 66 -13.82 81.23 -45.58
C LEU Q 66 -13.53 80.07 -46.53
N GLU Q 67 -12.28 79.98 -46.98
CA GLU Q 67 -11.86 78.87 -47.85
C GLU Q 67 -10.54 78.27 -47.43
N TRP Q 68 -10.35 76.99 -47.74
CA TRP Q 68 -9.11 76.28 -47.45
C TRP Q 68 -8.01 76.71 -48.41
N VAL Q 69 -6.81 76.93 -47.87
CA VAL Q 69 -5.69 77.38 -48.69
C VAL Q 69 -4.61 76.32 -48.82
N SER Q 70 -4.15 75.82 -47.67
CA SER Q 70 -3.08 74.84 -47.63
C SER Q 70 -3.12 74.08 -46.32
N GLY Q 71 -2.37 72.98 -46.24
CA GLY Q 71 -2.31 72.23 -44.99
C GLY Q 71 -1.15 71.27 -44.95
N ILE Q 72 -0.86 70.79 -43.75
CA ILE Q 72 0.29 69.93 -43.51
C ILE Q 72 0.01 68.93 -42.40
N SER Q 73 0.49 67.70 -42.57
CA SER Q 73 0.32 66.64 -41.58
C SER Q 73 1.31 66.78 -40.43
N TRP Q 74 1.13 65.97 -39.40
CA TRP Q 74 2.00 66.04 -38.23
C TRP Q 74 3.45 65.81 -38.65
N ASN Q 75 4.35 66.62 -38.10
CA ASN Q 75 5.78 66.51 -38.38
C ASN Q 75 6.08 66.55 -39.87
N SER Q 76 5.29 67.34 -40.60
CA SER Q 76 5.50 67.52 -42.04
C SER Q 76 5.56 66.20 -42.80
N GLY Q 77 4.77 65.23 -42.39
CA GLY Q 77 4.72 63.94 -43.08
C GLY Q 77 4.18 64.07 -44.49
N SER Q 78 3.23 64.99 -44.68
CA SER Q 78 2.61 65.20 -45.98
C SER Q 78 2.16 66.65 -46.13
N ILE Q 79 2.27 67.18 -47.35
CA ILE Q 79 1.86 68.55 -47.63
C ILE Q 79 0.91 68.66 -48.81
N GLY Q 80 -0.15 69.46 -48.66
CA GLY Q 80 -1.08 69.71 -49.75
C GLY Q 80 -1.32 71.21 -49.93
N TYR Q 81 -1.75 71.60 -51.13
CA TYR Q 81 -2.09 72.99 -51.41
C TYR Q 81 -3.35 73.10 -52.25
N ALA Q 82 -4.06 74.21 -52.12
CA ALA Q 82 -5.16 74.52 -53.02
C ALA Q 82 -4.59 74.81 -54.40
N ASP Q 83 -5.36 74.51 -55.45
CA ASP Q 83 -4.88 74.66 -56.82
C ASP Q 83 -4.58 76.10 -57.17
N SER Q 84 -5.30 77.03 -56.55
CA SER Q 84 -5.15 78.45 -56.84
C SER Q 84 -3.84 79.03 -56.29
N VAL Q 85 -3.21 78.33 -55.36
CA VAL Q 85 -1.98 78.81 -54.74
C VAL Q 85 -0.87 77.76 -54.82
N LYS Q 86 -1.13 76.68 -55.53
CA LYS Q 86 -0.26 75.51 -55.49
C LYS Q 86 1.19 75.83 -55.85
N GLY Q 87 1.39 76.71 -56.82
CA GLY Q 87 2.74 77.03 -57.26
C GLY Q 87 3.27 78.33 -56.63
N ARG Q 88 2.51 78.90 -55.70
CA ARG Q 88 2.90 80.20 -55.14
C ARG Q 88 3.10 80.17 -53.63
N PHE Q 89 2.35 79.32 -52.93
CA PHE Q 89 2.43 79.27 -51.47
C PHE Q 89 3.21 78.05 -50.99
N THR Q 90 3.99 78.23 -49.92
CA THR Q 90 4.72 77.14 -49.29
C THR Q 90 4.40 77.04 -47.80
N ILE Q 91 4.13 75.83 -47.33
CA ILE Q 91 3.77 75.61 -45.93
C ILE Q 91 4.86 74.81 -45.21
N SER Q 92 5.15 75.20 -43.98
CA SER Q 92 6.15 74.49 -43.18
C SER Q 92 5.88 74.62 -41.68
N ARG Q 93 6.52 73.76 -40.90
CA ARG Q 93 6.37 73.78 -39.44
C ARG Q 93 7.70 73.64 -38.73
N ASP Q 94 7.80 74.26 -37.56
CA ASP Q 94 9.01 74.14 -36.74
C ASP Q 94 8.68 73.60 -35.36
N ASN Q 95 9.06 72.35 -35.13
CA ASN Q 95 8.75 71.65 -33.88
C ASN Q 95 9.48 72.27 -32.69
N ALA Q 96 10.59 72.95 -32.98
CA ALA Q 96 11.43 73.53 -31.94
C ALA Q 96 10.77 74.77 -31.33
N LYS Q 97 9.95 75.46 -32.10
CA LYS Q 97 9.32 76.70 -31.64
C LYS Q 97 7.82 76.52 -31.44
N ASN Q 98 7.34 75.29 -31.64
CA ASN Q 98 5.92 75.00 -31.55
C ASN Q 98 5.11 75.97 -32.40
N SER Q 99 5.55 76.18 -33.65
CA SER Q 99 4.88 77.15 -34.51
C SER Q 99 4.70 76.66 -35.94
N LEU Q 100 3.65 77.18 -36.58
CA LEU Q 100 3.29 76.88 -37.96
C LEU Q 100 3.50 78.10 -38.85
N TYR Q 101 4.08 77.88 -40.04
CA TYR Q 101 4.36 78.99 -40.94
C TYR Q 101 3.75 78.83 -42.32
N LEU Q 102 3.36 79.95 -42.93
CA LEU Q 102 2.93 79.98 -44.32
C LEU Q 102 3.67 81.07 -45.08
N GLN Q 103 4.38 80.68 -46.13
CA GLN Q 103 5.13 81.62 -46.95
C GLN Q 103 4.42 81.86 -48.26
N MET Q 104 3.94 83.08 -48.46
CA MET Q 104 3.22 83.41 -49.69
C MET Q 104 4.08 84.25 -50.61
N ASN Q 105 4.36 83.71 -51.80
CA ASN Q 105 5.22 84.42 -52.75
C ASN Q 105 4.40 84.99 -53.91
N SER Q 106 4.93 86.01 -54.56
CA SER Q 106 4.28 86.60 -55.73
C SER Q 106 2.83 86.91 -55.47
N LEU Q 107 2.57 87.59 -54.34
CA LEU Q 107 1.19 87.90 -53.95
C LEU Q 107 0.50 88.84 -54.92
N ARG Q 108 -0.78 88.58 -55.13
CA ARG Q 108 -1.61 89.37 -56.01
C ARG Q 108 -2.73 90.05 -55.22
N ALA Q 109 -3.39 91.03 -55.83
CA ALA Q 109 -4.49 91.72 -55.16
C ALA Q 109 -5.59 90.73 -54.78
N GLU Q 110 -5.72 89.68 -55.58
CA GLU Q 110 -6.72 88.63 -55.35
C GLU Q 110 -6.46 87.86 -54.07
N ASP Q 111 -5.24 87.96 -53.54
CA ASP Q 111 -4.85 87.22 -52.35
C ASP Q 111 -5.14 88.00 -51.07
N THR Q 112 -5.74 89.18 -51.21
CA THR Q 112 -6.10 89.96 -50.02
C THR Q 112 -7.18 89.21 -49.25
N ALA Q 113 -6.91 88.97 -47.97
CA ALA Q 113 -7.81 88.18 -47.15
C ALA Q 113 -7.42 88.24 -45.69
N LEU Q 114 -8.33 87.81 -44.82
CA LEU Q 114 -7.98 87.54 -43.44
C LEU Q 114 -7.47 86.10 -43.34
N TYR Q 115 -6.28 85.93 -42.78
CA TYR Q 115 -5.67 84.61 -42.72
C TYR Q 115 -5.68 84.03 -41.32
N TYR Q 116 -6.18 82.80 -41.21
CA TYR Q 116 -6.35 82.12 -39.93
C TYR Q 116 -5.60 80.80 -39.92
N CYS Q 117 -5.20 80.35 -38.73
CA CYS Q 117 -4.69 78.99 -38.54
C CYS Q 117 -5.77 78.12 -37.92
N ALA Q 118 -5.79 76.85 -38.29
CA ALA Q 118 -6.75 75.92 -37.75
C ALA Q 118 -6.10 74.55 -37.53
N LYS Q 119 -6.56 73.87 -36.50
CA LYS Q 119 -6.06 72.54 -36.15
C LYS Q 119 -7.16 71.51 -36.28
N ASP Q 120 -6.83 70.33 -36.83
CA ASP Q 120 -7.85 69.29 -36.95
C ASP Q 120 -7.73 68.30 -35.79
N MET Q 121 -8.59 67.29 -35.78
CA MET Q 121 -8.68 66.38 -34.63
C MET Q 121 -7.76 65.17 -34.75
N GLY Q 122 -6.97 65.08 -35.83
CA GLY Q 122 -6.12 63.92 -36.04
C GLY Q 122 -4.68 64.31 -36.34
N TYR Q 123 -3.84 63.32 -36.68
CA TYR Q 123 -2.45 63.59 -37.02
C TYR Q 123 -2.17 63.28 -38.48
N SER Q 124 -2.94 62.34 -39.04
CA SER Q 124 -2.78 61.95 -40.43
C SER Q 124 -3.36 63.00 -41.37
N GLY Q 125 -2.76 63.12 -42.54
CA GLY Q 125 -3.27 64.03 -43.56
C GLY Q 125 -4.27 63.33 -44.47
N ASN Q 126 -4.54 62.06 -44.18
CA ASN Q 126 -5.45 61.26 -44.99
C ASN Q 126 -6.64 60.77 -44.17
N ASP Q 127 -6.98 61.53 -43.12
CA ASP Q 127 -8.06 61.17 -42.20
C ASP Q 127 -9.42 61.67 -42.68
N ASP Q 128 -10.28 60.76 -43.09
CA ASP Q 128 -11.60 61.12 -43.62
C ASP Q 128 -12.72 60.94 -42.60
N TYR Q 129 -12.37 60.73 -41.34
CA TYR Q 129 -13.37 60.57 -40.29
C TYR Q 129 -13.48 61.83 -39.46
N TYR Q 130 -12.34 62.44 -39.16
CA TYR Q 130 -12.31 63.64 -38.33
C TYR Q 130 -12.32 64.92 -39.15
N GLY Q 131 -12.93 65.96 -38.58
CA GLY Q 131 -12.97 67.27 -39.21
C GLY Q 131 -12.03 68.25 -38.50
N MET Q 132 -12.31 69.55 -38.64
CA MET Q 132 -11.52 70.60 -38.02
C MET Q 132 -11.93 70.84 -36.57
N ASP Q 133 -10.97 71.15 -35.72
CA ASP Q 133 -11.22 71.31 -34.28
C ASP Q 133 -11.16 72.75 -33.80
N VAL Q 134 -10.00 73.37 -33.97
CA VAL Q 134 -9.75 74.68 -33.35
C VAL Q 134 -9.35 75.74 -34.36
N TRP Q 135 -9.97 76.92 -34.24
CA TRP Q 135 -9.61 78.07 -35.07
C TRP Q 135 -9.10 79.21 -34.21
N GLY Q 136 -8.13 79.96 -34.73
CA GLY Q 136 -7.61 81.13 -34.03
C GLY Q 136 -8.24 82.43 -34.53
N GLN Q 137 -7.56 83.55 -34.26
CA GLN Q 137 -8.03 84.87 -34.68
C GLN Q 137 -7.11 85.42 -35.77
N GLY Q 138 -7.63 85.47 -36.99
CA GLY Q 138 -6.80 85.74 -38.16
C GLY Q 138 -6.27 87.16 -38.25
N THR Q 139 -5.22 87.33 -39.05
CA THR Q 139 -4.59 88.62 -39.29
C THR Q 139 -4.96 89.13 -40.67
N THR Q 140 -4.62 90.39 -40.95
CA THR Q 140 -5.00 90.99 -42.22
C THR Q 140 -3.81 91.10 -43.17
N VAL Q 141 -3.99 90.56 -44.37
CA VAL Q 141 -2.99 90.70 -45.42
C VAL Q 141 -3.55 91.48 -46.59
N THR Q 142 -2.97 92.63 -46.87
CA THR Q 142 -3.43 93.48 -47.96
C THR Q 142 -2.37 93.60 -49.04
N VAL Q 143 -2.75 93.28 -50.28
CA VAL Q 143 -1.81 93.32 -51.38
C VAL Q 143 -2.20 94.42 -52.37
N SER Q 144 -1.44 95.52 -52.36
CA SER Q 144 -1.77 96.66 -53.21
C SER Q 144 -0.59 97.62 -53.39
N SER Q 145 -0.45 98.16 -54.59
CA SER Q 145 0.59 99.13 -54.90
C SER Q 145 0.13 100.54 -54.56
N ALA Q 146 -0.03 100.83 -53.27
CA ALA Q 146 -0.53 102.14 -52.86
C ALA Q 146 0.10 102.58 -51.54
N SER Q 147 0.24 103.89 -51.39
CA SER Q 147 0.73 104.49 -50.16
C SER Q 147 -0.41 104.71 -49.19
N THR Q 148 -0.08 105.01 -47.94
CA THR Q 148 -1.08 105.19 -46.90
C THR Q 148 -1.73 106.56 -46.95
N LYS Q 149 -2.47 106.82 -48.02
CA LYS Q 149 -3.18 108.09 -48.19
C LYS Q 149 -4.35 108.21 -47.24
N GLY Q 150 -4.53 109.39 -46.66
CA GLY Q 150 -5.65 109.63 -45.75
C GLY Q 150 -6.93 109.97 -46.51
N PRO Q 151 -8.07 109.89 -45.82
CA PRO Q 151 -9.42 110.12 -46.30
C PRO Q 151 -9.77 111.58 -46.55
N SER Q 152 -10.71 111.78 -47.46
CA SER Q 152 -11.37 113.07 -47.64
C SER Q 152 -12.86 112.88 -47.39
N VAL Q 153 -13.55 113.94 -46.99
CA VAL Q 153 -14.97 113.81 -46.69
C VAL Q 153 -15.83 114.71 -47.57
N PHE Q 154 -16.85 114.10 -48.16
CA PHE Q 154 -17.76 114.77 -49.09
C PHE Q 154 -19.20 114.71 -48.59
N PRO Q 155 -19.67 115.72 -47.85
CA PRO Q 155 -20.93 115.76 -47.12
C PRO Q 155 -22.12 115.72 -48.07
N LEU Q 156 -23.13 114.93 -47.70
CA LEU Q 156 -24.33 114.77 -48.53
C LEU Q 156 -25.55 115.40 -47.87
N ALA Q 157 -26.04 116.48 -48.45
CA ALA Q 157 -27.20 117.18 -47.91
C ALA Q 157 -28.44 116.29 -48.05
N PRO Q 158 -29.39 116.40 -47.13
CA PRO Q 158 -30.70 115.77 -47.14
C PRO Q 158 -31.60 116.40 -48.20
N SER Q 159 -32.47 115.59 -48.79
CA SER Q 159 -33.48 116.10 -49.72
C SER Q 159 -34.68 116.60 -48.95
N SER Q 160 -34.46 117.64 -48.15
CA SER Q 160 -35.47 118.15 -47.23
C SER Q 160 -36.66 118.77 -47.97
N LYS Q 161 -36.45 119.13 -49.22
CA LYS Q 161 -37.49 119.75 -50.03
C LYS Q 161 -38.52 118.74 -50.53
N SER Q 162 -38.15 117.46 -50.60
CA SER Q 162 -39.06 116.45 -51.14
C SER Q 162 -39.39 115.34 -50.15
N THR Q 163 -38.60 115.22 -49.08
CA THR Q 163 -38.79 114.13 -48.13
C THR Q 163 -39.19 114.63 -46.75
N SER Q 164 -39.65 115.88 -46.67
CA SER Q 164 -39.95 116.49 -45.37
C SER Q 164 -41.00 115.72 -44.58
N GLY Q 165 -41.93 115.07 -45.27
CA GLY Q 165 -42.97 114.30 -44.59
C GLY Q 165 -42.63 112.81 -44.51
N GLY Q 166 -41.46 112.44 -45.02
CA GLY Q 166 -41.04 111.04 -45.06
C GLY Q 166 -39.88 110.76 -44.10
N THR Q 167 -39.59 111.72 -43.23
CA THR Q 167 -38.44 111.68 -42.33
C THR Q 167 -37.18 111.99 -43.14
N ALA Q 168 -36.28 112.77 -42.55
CA ALA Q 168 -35.09 113.21 -43.25
C ALA Q 168 -33.91 112.30 -42.97
N ALA Q 169 -33.00 112.21 -43.93
CA ALA Q 169 -31.76 111.50 -43.71
C ALA Q 169 -30.61 112.27 -44.34
N LEU Q 170 -29.53 112.39 -43.58
CA LEU Q 170 -28.37 113.13 -44.03
C LEU Q 170 -27.10 112.38 -43.68
N GLY Q 171 -26.06 112.54 -44.49
CA GLY Q 171 -24.82 111.81 -44.24
C GLY Q 171 -23.66 112.40 -45.01
N CYS Q 172 -22.54 111.68 -45.03
CA CYS Q 172 -21.34 112.10 -45.75
C CYS Q 172 -20.59 110.89 -46.30
N LEU Q 173 -19.80 111.13 -47.34
CA LEU Q 173 -18.98 110.08 -47.91
C LEU Q 173 -17.52 110.24 -47.52
N VAL Q 174 -16.92 109.15 -47.06
CA VAL Q 174 -15.49 109.14 -46.77
C VAL Q 174 -14.77 108.45 -47.92
N LYS Q 175 -13.88 109.18 -48.59
CA LYS Q 175 -13.36 108.71 -49.87
C LYS Q 175 -11.85 108.84 -50.00
N ASP Q 176 -11.30 108.04 -50.91
CA ASP Q 176 -9.89 108.09 -51.32
C ASP Q 176 -8.88 107.85 -50.20
N TYR Q 177 -9.14 106.86 -49.36
CA TYR Q 177 -8.15 106.46 -48.37
C TYR Q 177 -7.70 105.04 -48.64
N PHE Q 178 -6.43 104.75 -48.41
CA PHE Q 178 -5.95 103.39 -48.64
C PHE Q 178 -6.00 102.48 -47.41
N PRO Q 179 -5.48 102.90 -46.25
CA PRO Q 179 -5.32 102.11 -45.04
C PRO Q 179 -6.65 101.65 -44.47
N GLU Q 180 -6.64 100.49 -43.80
CA GLU Q 180 -7.82 99.92 -43.19
C GLU Q 180 -8.41 100.71 -42.01
N PRO Q 181 -7.59 101.14 -41.04
CA PRO Q 181 -7.99 101.61 -39.72
C PRO Q 181 -8.53 103.04 -39.74
N VAL Q 182 -9.67 103.22 -40.39
CA VAL Q 182 -10.36 104.50 -40.43
C VAL Q 182 -11.70 104.40 -39.69
N THR Q 183 -11.85 105.21 -38.65
CA THR Q 183 -13.06 105.18 -37.82
C THR Q 183 -13.97 106.37 -38.13
N VAL Q 184 -15.25 106.08 -38.38
CA VAL Q 184 -16.19 107.13 -38.71
C VAL Q 184 -17.32 107.20 -37.69
N SER Q 185 -17.51 108.40 -37.12
CA SER Q 185 -18.54 108.63 -36.12
C SER Q 185 -19.11 110.04 -36.25
N TRP Q 186 -20.20 110.32 -35.55
CA TRP Q 186 -20.83 111.63 -35.64
C TRP Q 186 -20.72 112.43 -34.34
N ASN Q 187 -20.54 113.74 -34.49
CA ASN Q 187 -20.48 114.65 -33.36
C ASN Q 187 -19.48 114.16 -32.32
N SER Q 188 -18.32 113.72 -32.80
CA SER Q 188 -17.24 113.21 -31.94
C SER Q 188 -17.70 112.06 -31.05
N GLY Q 189 -18.62 111.24 -31.55
CA GLY Q 189 -19.10 110.07 -30.82
C GLY Q 189 -20.34 110.38 -30.00
N ALA Q 190 -20.71 111.65 -29.92
CA ALA Q 190 -21.88 112.07 -29.16
C ALA Q 190 -23.17 111.59 -29.83
N LEU Q 191 -23.16 111.49 -31.16
CA LEU Q 191 -24.34 111.08 -31.90
C LEU Q 191 -24.22 109.67 -32.43
N THR Q 192 -24.93 108.74 -31.79
CA THR Q 192 -24.92 107.34 -32.21
C THR Q 192 -26.33 106.88 -32.57
N SER Q 193 -27.33 107.60 -32.07
CA SER Q 193 -28.72 107.20 -32.28
C SER Q 193 -29.18 107.55 -33.69
N GLY Q 194 -29.67 106.54 -34.39
CA GLY Q 194 -30.15 106.73 -35.76
C GLY Q 194 -29.01 106.73 -36.76
N VAL Q 195 -27.80 106.45 -36.28
CA VAL Q 195 -26.61 106.49 -37.12
C VAL Q 195 -26.28 105.12 -37.70
N HIS Q 196 -26.16 105.05 -39.03
CA HIS Q 196 -25.79 103.82 -39.70
C HIS Q 196 -24.58 104.02 -40.60
N THR Q 197 -23.47 103.37 -40.25
CA THR Q 197 -22.25 103.48 -41.03
C THR Q 197 -22.00 102.19 -41.79
N PHE Q 198 -21.79 102.32 -43.09
CA PHE Q 198 -21.61 101.15 -43.96
C PHE Q 198 -20.15 100.70 -44.02
N PRO Q 199 -19.91 99.43 -44.33
CA PRO Q 199 -18.63 98.84 -44.69
C PRO Q 199 -18.05 99.52 -45.92
N ALA Q 200 -16.73 99.66 -45.94
CA ALA Q 200 -16.05 100.30 -47.06
C ALA Q 200 -16.07 99.41 -48.30
N VAL Q 201 -16.13 100.06 -49.46
CA VAL Q 201 -16.08 99.37 -50.75
C VAL Q 201 -14.84 99.79 -51.52
N LEU Q 202 -14.10 98.80 -52.02
CA LEU Q 202 -12.88 99.08 -52.78
C LEU Q 202 -13.19 99.66 -54.16
N GLN Q 203 -12.51 100.75 -54.49
CA GLN Q 203 -12.64 101.39 -55.79
C GLN Q 203 -11.54 100.93 -56.73
N SER Q 204 -11.75 101.12 -58.03
CA SER Q 204 -10.78 100.68 -59.04
C SER Q 204 -9.45 101.40 -58.91
N SER Q 205 -9.45 102.52 -58.19
CA SER Q 205 -8.24 103.30 -57.96
C SER Q 205 -7.31 102.61 -56.96
N GLY Q 206 -7.84 101.61 -56.25
CA GLY Q 206 -7.10 100.91 -55.21
C GLY Q 206 -7.39 101.50 -53.85
N LEU Q 207 -8.16 102.58 -53.82
CA LEU Q 207 -8.52 103.24 -52.57
C LEU Q 207 -9.93 102.84 -52.15
N TYR Q 208 -10.21 102.97 -50.85
CA TYR Q 208 -11.49 102.59 -50.28
C TYR Q 208 -12.37 103.81 -49.99
N SER Q 209 -13.68 103.59 -50.00
CA SER Q 209 -14.63 104.61 -49.59
C SER Q 209 -15.83 103.99 -48.85
N LEU Q 210 -16.38 104.75 -47.90
CA LEU Q 210 -17.57 104.31 -47.16
C LEU Q 210 -18.50 105.49 -46.89
N SER Q 211 -19.80 105.21 -46.83
CA SER Q 211 -20.76 106.27 -46.49
C SER Q 211 -21.32 106.07 -45.09
N SER Q 212 -21.70 107.19 -44.47
CA SER Q 212 -22.32 107.18 -43.15
C SER Q 212 -23.53 108.11 -43.13
N VAL Q 213 -24.68 107.56 -42.76
CA VAL Q 213 -25.93 108.32 -42.76
C VAL Q 213 -26.68 108.24 -41.44
N VAL Q 214 -27.23 109.38 -41.01
CA VAL Q 214 -28.05 109.42 -39.82
C VAL Q 214 -29.48 109.84 -40.15
N THR Q 215 -30.45 109.10 -39.63
CA THR Q 215 -31.86 109.38 -39.89
C THR Q 215 -32.44 110.27 -38.79
N VAL Q 216 -33.02 111.39 -39.20
CA VAL Q 216 -33.53 112.38 -38.24
C VAL Q 216 -34.91 112.89 -38.67
N PRO Q 217 -35.68 113.47 -37.74
CA PRO Q 217 -36.86 114.27 -37.99
C PRO Q 217 -36.50 115.44 -38.90
N SER Q 218 -37.34 115.70 -39.88
CA SER Q 218 -37.07 116.77 -40.84
C SER Q 218 -37.13 118.14 -40.19
N SER Q 219 -37.92 118.27 -39.14
CA SER Q 219 -38.06 119.54 -38.43
C SER Q 219 -36.82 119.89 -37.62
N SER Q 220 -35.96 118.90 -37.40
CA SER Q 220 -34.76 119.10 -36.59
C SER Q 220 -33.57 119.54 -37.43
N LEU Q 221 -33.73 119.54 -38.76
CA LEU Q 221 -32.60 119.83 -39.64
C LEU Q 221 -32.11 121.26 -39.44
N GLY Q 222 -33.02 122.17 -39.14
CA GLY Q 222 -32.66 123.58 -38.98
C GLY Q 222 -32.35 123.94 -37.52
N THR Q 223 -32.42 122.97 -36.63
CA THR Q 223 -32.20 123.26 -35.21
C THR Q 223 -30.96 122.54 -34.66
N GLN Q 224 -30.62 121.40 -35.27
CA GLN Q 224 -29.49 120.61 -34.81
C GLN Q 224 -28.37 120.61 -35.84
N THR Q 225 -27.15 120.84 -35.37
CA THR Q 225 -25.97 120.77 -36.23
C THR Q 225 -25.44 119.34 -36.28
N TYR Q 226 -25.22 118.84 -37.48
CA TYR Q 226 -24.73 117.48 -37.66
C TYR Q 226 -23.37 117.48 -38.34
N ILE Q 227 -22.36 116.95 -37.64
CA ILE Q 227 -21.00 116.87 -38.19
C ILE Q 227 -20.49 115.45 -38.13
N CYS Q 228 -19.93 114.96 -39.26
CA CYS Q 228 -19.32 113.63 -39.28
C CYS Q 228 -17.82 113.76 -39.12
N ASN Q 229 -17.24 112.85 -38.35
CA ASN Q 229 -15.83 112.93 -37.98
C ASN Q 229 -15.08 111.66 -38.37
N VAL Q 230 -14.08 111.82 -39.23
CA VAL Q 230 -13.28 110.69 -39.67
C VAL Q 230 -11.91 110.67 -39.00
N ASN Q 231 -11.65 109.59 -38.26
CA ASN Q 231 -10.39 109.45 -37.54
C ASN Q 231 -9.48 108.41 -38.19
N HIS Q 232 -8.38 108.89 -38.78
CA HIS Q 232 -7.44 108.02 -39.45
C HIS Q 232 -6.19 107.84 -38.59
N LYS Q 233 -6.00 106.62 -38.08
CA LYS Q 233 -4.95 106.38 -37.09
C LYS Q 233 -3.50 106.59 -37.57
N PRO Q 234 -2.99 105.83 -38.55
CA PRO Q 234 -1.60 105.80 -38.96
C PRO Q 234 -1.11 107.11 -39.57
N SER Q 235 -2.04 107.94 -40.01
CA SER Q 235 -1.70 109.20 -40.64
C SER Q 235 -1.93 110.39 -39.72
N ASN Q 236 -2.39 110.12 -38.50
CA ASN Q 236 -2.66 111.18 -37.53
C ASN Q 236 -3.52 112.27 -38.17
N THR Q 237 -4.55 111.85 -38.89
CA THR Q 237 -5.38 112.78 -39.65
C THR Q 237 -6.84 112.70 -39.26
N LYS Q 238 -7.44 113.87 -39.04
CA LYS Q 238 -8.85 113.95 -38.66
C LYS Q 238 -9.60 114.92 -39.56
N VAL Q 239 -10.73 114.47 -40.10
CA VAL Q 239 -11.51 115.31 -41.00
C VAL Q 239 -12.91 115.60 -40.46
N ASP Q 240 -13.22 116.88 -40.28
CA ASP Q 240 -14.50 117.32 -39.74
C ASP Q 240 -15.34 118.06 -40.78
N LYS Q 241 -16.48 117.48 -41.17
CA LYS Q 241 -17.35 118.14 -42.14
C LYS Q 241 -18.80 118.19 -41.67
N ARG Q 242 -19.43 119.35 -41.85
CA ARG Q 242 -20.82 119.55 -41.49
C ARG Q 242 -21.75 119.16 -42.64
N VAL Q 243 -22.85 118.49 -42.30
CA VAL Q 243 -23.84 118.12 -43.29
C VAL Q 243 -25.15 118.86 -43.05
N GLU Q 244 -25.60 119.61 -44.05
CA GLU Q 244 -26.80 120.43 -43.91
C GLU Q 244 -27.55 120.52 -45.25
N PRO Q 245 -28.88 120.82 -45.23
CA PRO Q 245 -29.72 121.12 -46.38
C PRO Q 245 -29.05 122.10 -47.34
N ASP R 26 -12.06 66.96 -60.47
CA ASP R 26 -12.49 67.97 -59.52
C ASP R 26 -13.97 67.76 -59.15
N ILE R 27 -14.22 67.28 -57.94
CA ILE R 27 -15.58 67.02 -57.45
C ILE R 27 -15.98 68.07 -56.42
N GLN R 28 -17.03 68.83 -56.73
CA GLN R 28 -17.50 69.85 -55.82
C GLN R 28 -18.76 69.41 -55.10
N LEU R 29 -18.98 69.97 -53.90
CA LEU R 29 -20.18 69.68 -53.12
C LEU R 29 -21.20 70.80 -53.25
N THR R 30 -22.47 70.43 -53.34
CA THR R 30 -23.55 71.40 -53.44
C THR R 30 -24.42 71.41 -52.19
N GLN R 31 -24.59 72.59 -51.60
CA GLN R 31 -25.44 72.78 -50.43
C GLN R 31 -26.76 73.40 -50.85
N SER R 32 -27.66 73.58 -49.89
CA SER R 32 -28.96 74.17 -50.20
C SER R 32 -28.77 75.40 -51.08
N PRO R 33 -29.66 75.63 -52.06
CA PRO R 33 -29.60 76.67 -53.08
C PRO R 33 -29.33 78.06 -52.53
N SER R 34 -29.88 78.38 -51.36
CA SER R 34 -29.67 79.70 -50.79
C SER R 34 -29.76 79.69 -49.26
N SER R 35 -30.98 79.87 -48.75
CA SER R 35 -31.19 79.97 -47.32
C SER R 35 -32.54 79.45 -46.90
N LEU R 36 -32.68 79.16 -45.61
CA LEU R 36 -33.94 78.71 -45.04
C LEU R 36 -34.57 79.83 -44.24
N SER R 37 -35.89 79.85 -44.18
CA SER R 37 -36.61 80.86 -43.41
C SER R 37 -37.55 80.21 -42.40
N ALA R 38 -37.29 80.43 -41.13
CA ALA R 38 -38.08 79.81 -40.07
C ALA R 38 -38.11 80.65 -38.81
N SER R 39 -39.16 80.48 -38.03
CA SER R 39 -39.30 81.17 -36.75
C SER R 39 -38.69 80.37 -35.60
N VAL R 40 -38.53 81.01 -34.45
CA VAL R 40 -38.00 80.34 -33.28
C VAL R 40 -38.98 79.31 -32.74
N GLY R 41 -38.48 78.11 -32.47
CA GLY R 41 -39.31 77.01 -31.99
C GLY R 41 -39.69 76.08 -33.13
N ASP R 42 -39.31 76.44 -34.35
CA ASP R 42 -39.59 75.64 -35.53
C ASP R 42 -38.51 74.57 -35.73
N ARG R 43 -38.66 73.77 -36.77
CA ARG R 43 -37.69 72.72 -37.07
C ARG R 43 -37.18 72.85 -38.49
N VAL R 44 -35.87 72.79 -38.65
CA VAL R 44 -35.28 72.95 -39.98
C VAL R 44 -34.25 71.88 -40.30
N THR R 45 -34.05 71.62 -41.59
CA THR R 45 -33.02 70.68 -42.03
C THR R 45 -32.22 71.25 -43.19
N ILE R 46 -30.95 70.86 -43.26
CA ILE R 46 -30.08 71.23 -44.38
C ILE R 46 -29.57 70.00 -45.11
N THR R 47 -29.71 69.99 -46.43
CA THR R 47 -29.29 68.85 -47.23
C THR R 47 -28.06 69.19 -48.09
N CYS R 48 -27.04 68.33 -48.03
CA CYS R 48 -25.82 68.49 -48.81
C CYS R 48 -25.52 67.23 -49.62
N ARG R 49 -25.09 67.43 -50.87
CA ARG R 49 -24.73 66.31 -51.73
C ARG R 49 -23.54 66.63 -52.63
N ALA R 50 -22.66 65.66 -52.82
CA ALA R 50 -21.58 65.81 -53.77
C ALA R 50 -22.05 65.37 -55.15
N SER R 51 -21.48 65.96 -56.21
CA SER R 51 -21.81 65.52 -57.56
C SER R 51 -21.29 64.11 -57.82
N GLN R 52 -20.22 63.76 -57.13
CA GLN R 52 -19.62 62.44 -57.20
C GLN R 52 -19.20 62.02 -55.80
N ARG R 53 -19.08 60.72 -55.57
CA ARG R 53 -18.70 60.27 -54.24
C ARG R 53 -17.32 60.77 -53.85
N ILE R 54 -17.22 61.33 -52.65
CA ILE R 54 -15.95 61.81 -52.11
C ILE R 54 -15.50 60.98 -50.91
N SER R 55 -16.40 60.81 -49.95
CA SER R 55 -16.08 60.13 -48.71
C SER R 55 -17.32 59.52 -48.08
N SER R 56 -17.11 58.66 -47.08
CA SER R 56 -18.19 58.01 -46.37
C SER R 56 -18.77 58.88 -45.26
N TYR R 57 -18.03 59.92 -44.89
CA TYR R 57 -18.48 60.81 -43.81
C TYR R 57 -18.50 62.25 -44.26
N LEU R 58 -19.49 63.01 -43.77
CA LEU R 58 -19.55 64.45 -44.01
C LEU R 58 -19.47 65.21 -42.70
N ASN R 59 -18.63 66.25 -42.66
CA ASN R 59 -18.52 67.08 -41.47
C ASN R 59 -19.36 68.34 -41.61
N TRP R 60 -19.92 68.81 -40.50
CA TRP R 60 -20.76 70.01 -40.52
C TRP R 60 -20.19 71.12 -39.64
N TYR R 61 -20.26 72.36 -40.13
CA TYR R 61 -19.75 73.52 -39.40
C TYR R 61 -20.77 74.65 -39.33
N GLN R 62 -20.66 75.47 -38.28
CA GLN R 62 -21.53 76.63 -38.09
C GLN R 62 -20.69 77.90 -37.93
N GLN R 63 -21.09 78.98 -38.61
CA GLN R 63 -20.37 80.24 -38.52
C GLN R 63 -21.28 81.45 -38.40
N LYS R 64 -20.85 82.42 -37.59
CA LYS R 64 -21.54 83.70 -37.49
C LYS R 64 -20.59 84.83 -37.86
N PRO R 65 -21.08 85.96 -38.38
CA PRO R 65 -20.31 87.11 -38.79
C PRO R 65 -19.41 87.61 -37.68
N GLY R 66 -18.15 87.87 -38.02
CA GLY R 66 -17.18 88.39 -37.06
C GLY R 66 -16.53 87.28 -36.24
N LYS R 67 -16.92 86.04 -36.49
CA LYS R 67 -16.38 84.92 -35.71
C LYS R 67 -15.85 83.79 -36.58
N ALA R 68 -14.87 83.07 -36.05
CA ALA R 68 -14.38 81.84 -36.67
C ALA R 68 -15.47 80.77 -36.58
N PRO R 69 -15.53 79.85 -37.53
CA PRO R 69 -16.45 78.73 -37.61
C PRO R 69 -16.17 77.70 -36.53
N LYS R 70 -17.19 76.93 -36.17
CA LYS R 70 -17.03 75.84 -35.22
C LYS R 70 -17.64 74.55 -35.77
N LEU R 71 -17.05 73.42 -35.42
CA LEU R 71 -17.57 72.14 -35.86
C LEU R 71 -18.72 71.68 -34.98
N LEU R 72 -19.77 71.16 -35.59
CA LEU R 72 -20.88 70.59 -34.86
C LEU R 72 -20.85 69.07 -34.94
N ILE R 73 -20.63 68.56 -36.15
CA ILE R 73 -20.65 67.12 -36.39
C ILE R 73 -19.40 66.66 -37.11
N TYR R 74 -18.77 65.61 -36.61
CA TYR R 74 -17.67 64.98 -37.30
C TYR R 74 -17.96 63.49 -37.46
N GLY R 75 -17.51 62.92 -38.56
CA GLY R 75 -17.72 61.49 -38.76
C GLY R 75 -19.18 61.21 -39.09
N ALA R 76 -19.89 62.26 -39.52
CA ALA R 76 -21.30 62.21 -39.88
C ALA R 76 -22.23 62.07 -38.68
N PHE R 77 -21.89 61.20 -37.74
CA PHE R 77 -22.80 60.88 -36.63
C PHE R 77 -22.36 61.40 -35.27
N SER R 78 -21.10 61.79 -35.11
CA SER R 78 -20.61 62.15 -33.78
C SER R 78 -20.68 63.65 -33.52
N LEU R 79 -21.28 64.02 -32.40
CA LEU R 79 -21.35 65.43 -32.00
C LEU R 79 -20.08 65.85 -31.29
N GLN R 80 -19.64 67.07 -31.56
CA GLN R 80 -18.48 67.63 -30.87
C GLN R 80 -18.86 68.09 -29.47
N SER R 81 -17.90 68.05 -28.55
CA SER R 81 -18.17 68.48 -27.18
C SER R 81 -18.61 69.94 -27.16
N GLY R 82 -19.62 70.23 -26.34
CA GLY R 82 -20.13 71.59 -26.23
C GLY R 82 -21.31 71.83 -27.17
N VAL R 83 -21.56 70.88 -28.06
CA VAL R 83 -22.67 70.99 -29.01
C VAL R 83 -23.99 70.56 -28.37
N PRO R 84 -25.02 71.41 -28.42
CA PRO R 84 -26.37 71.15 -27.96
C PRO R 84 -26.99 69.93 -28.60
N SER R 85 -27.82 69.23 -27.84
CA SER R 85 -28.49 68.01 -28.28
C SER R 85 -29.48 68.29 -29.40
N ARG R 86 -29.76 69.57 -29.62
CA ARG R 86 -30.69 70.02 -30.66
C ARG R 86 -30.17 69.62 -32.04
N PHE R 87 -28.85 69.48 -32.17
CA PHE R 87 -28.23 69.14 -33.44
C PHE R 87 -28.05 67.64 -33.59
N SER R 88 -28.48 67.08 -34.72
CA SER R 88 -28.33 65.66 -34.97
C SER R 88 -28.05 65.36 -36.44
N GLY R 89 -27.18 64.39 -36.70
CA GLY R 89 -26.84 63.99 -38.06
C GLY R 89 -27.84 62.99 -38.63
N SER R 90 -28.00 63.03 -39.95
CA SER R 90 -28.87 62.11 -40.68
C SER R 90 -28.51 62.11 -42.16
N GLY R 91 -29.26 61.36 -42.95
CA GLY R 91 -29.04 61.37 -44.40
C GLY R 91 -29.83 60.30 -45.13
N SER R 92 -29.88 60.43 -46.45
CA SER R 92 -30.56 59.47 -47.32
C SER R 92 -29.77 59.31 -48.62
N GLY R 93 -29.28 58.11 -48.89
CA GLY R 93 -28.45 57.88 -50.06
C GLY R 93 -27.20 58.73 -49.99
N THR R 94 -26.96 59.52 -51.03
CA THR R 94 -25.78 60.37 -51.09
C THR R 94 -26.06 61.74 -50.50
N ASP R 95 -27.30 61.96 -50.07
CA ASP R 95 -27.71 63.24 -49.51
C ASP R 95 -27.56 63.26 -47.99
N PHE R 96 -26.61 64.05 -47.51
CA PHE R 96 -26.37 64.15 -46.07
C PHE R 96 -27.26 65.21 -45.47
N THR R 97 -27.79 64.95 -44.28
CA THR R 97 -28.72 65.89 -43.66
C THR R 97 -28.29 66.33 -42.26
N LEU R 98 -28.42 67.63 -42.00
CA LEU R 98 -28.28 68.18 -40.67
C LEU R 98 -29.66 68.58 -40.15
N THR R 99 -30.06 68.03 -39.02
CA THR R 99 -31.36 68.34 -38.46
C THR R 99 -31.26 69.11 -37.16
N ILE R 100 -31.99 70.22 -37.07
CA ILE R 100 -32.11 70.95 -35.83
C ILE R 100 -33.53 70.77 -35.30
N SER R 101 -33.66 70.02 -34.21
CA SER R 101 -34.97 69.60 -33.73
C SER R 101 -35.79 70.78 -33.24
N SER R 102 -35.11 71.79 -32.73
CA SER R 102 -35.74 73.02 -32.26
C SER R 102 -34.85 74.21 -32.61
N LEU R 103 -35.39 75.15 -33.37
CA LEU R 103 -34.61 76.28 -33.84
C LEU R 103 -34.63 77.41 -32.83
N GLN R 104 -33.47 77.67 -32.22
CA GLN R 104 -33.33 78.71 -31.21
C GLN R 104 -32.77 79.99 -31.83
N PRO R 105 -32.91 81.14 -31.15
CA PRO R 105 -32.43 82.45 -31.58
C PRO R 105 -30.92 82.44 -31.86
N GLU R 106 -30.21 81.51 -31.22
CA GLU R 106 -28.77 81.39 -31.37
C GLU R 106 -28.37 80.40 -32.45
N ASP R 107 -29.35 79.75 -33.07
CA ASP R 107 -29.07 78.74 -34.10
C ASP R 107 -29.12 79.33 -35.50
N PHE R 108 -29.30 80.65 -35.58
CA PHE R 108 -29.36 81.32 -36.87
C PHE R 108 -27.96 81.72 -37.30
N ALA R 109 -27.43 80.97 -38.26
CA ALA R 109 -26.04 81.08 -38.65
C ALA R 109 -25.82 80.51 -40.04
N THR R 110 -24.62 80.71 -40.57
CA THR R 110 -24.24 80.10 -41.84
C THR R 110 -23.68 78.70 -41.58
N TYR R 111 -24.14 77.73 -42.34
CA TYR R 111 -23.69 76.35 -42.16
C TYR R 111 -22.92 75.86 -43.38
N TYR R 112 -21.87 75.08 -43.13
CA TYR R 112 -21.03 74.55 -44.20
C TYR R 112 -20.90 73.03 -44.14
N CYS R 113 -20.76 72.42 -45.33
CA CYS R 113 -20.53 70.98 -45.49
C CYS R 113 -19.12 70.73 -46.04
N GLN R 114 -18.40 69.80 -45.41
CA GLN R 114 -17.00 69.56 -45.77
C GLN R 114 -16.64 68.08 -45.95
N GLN R 115 -15.82 67.79 -46.95
CA GLN R 115 -15.28 66.45 -47.17
C GLN R 115 -13.78 66.51 -47.45
N SER R 116 -13.06 65.46 -47.06
CA SER R 116 -11.59 65.48 -47.14
C SER R 116 -11.01 64.81 -48.38
N TYR R 117 -11.78 63.97 -49.06
CA TYR R 117 -11.25 63.19 -50.18
C TYR R 117 -10.10 62.28 -49.71
N ARG R 118 -10.06 62.00 -48.41
CA ARG R 118 -8.97 61.25 -47.79
C ARG R 118 -7.61 61.89 -48.02
N THR R 119 -7.56 63.21 -48.00
CA THR R 119 -6.31 63.95 -48.10
C THR R 119 -6.37 65.27 -47.34
N LEU R 120 -5.31 66.07 -47.46
CA LEU R 120 -5.22 67.34 -46.75
C LEU R 120 -6.10 68.41 -47.38
N THR R 121 -6.32 68.30 -48.68
CA THR R 121 -7.06 69.32 -49.43
C THR R 121 -8.56 69.22 -49.15
N ARG R 122 -8.96 69.61 -47.95
CA ARG R 122 -10.36 69.64 -47.57
C ARG R 122 -11.08 70.76 -48.31
N THR R 123 -12.30 70.48 -48.76
CA THR R 123 -13.08 71.50 -49.45
C THR R 123 -14.46 71.64 -48.83
N PHE R 124 -15.08 72.78 -49.09
CA PHE R 124 -16.40 73.11 -48.55
C PHE R 124 -17.37 73.40 -49.69
N GLY R 125 -18.65 73.24 -49.41
CA GLY R 125 -19.68 73.63 -50.37
C GLY R 125 -19.83 75.15 -50.34
N GLN R 126 -20.78 75.69 -51.09
CA GLN R 126 -20.91 77.13 -51.20
C GLN R 126 -21.42 77.75 -49.90
N GLY R 127 -22.05 76.94 -49.07
CA GLY R 127 -22.57 77.39 -47.79
C GLY R 127 -24.03 77.79 -47.88
N THR R 128 -24.76 77.62 -46.78
CA THR R 128 -26.15 78.04 -46.71
C THR R 128 -26.43 78.69 -45.37
N LYS R 129 -27.50 79.45 -45.29
CA LYS R 129 -27.82 80.15 -44.04
C LYS R 129 -29.26 79.98 -43.61
N VAL R 130 -29.49 80.03 -42.30
CA VAL R 130 -30.84 80.05 -41.77
C VAL R 130 -31.20 81.47 -41.32
N GLU R 131 -32.24 82.03 -41.92
CA GLU R 131 -32.67 83.39 -41.66
C GLU R 131 -33.88 83.42 -40.73
N ILE R 132 -34.05 84.52 -40.01
CA ILE R 132 -35.19 84.66 -39.12
C ILE R 132 -36.43 85.05 -39.92
N LYS R 133 -37.50 84.27 -39.76
CA LYS R 133 -38.75 84.50 -40.49
C LYS R 133 -39.58 85.62 -39.87
N ARG R 134 -39.94 86.60 -40.69
CA ARG R 134 -40.74 87.74 -40.26
C ARG R 134 -41.72 88.17 -41.35
N THR R 135 -42.75 88.89 -40.95
CA THR R 135 -43.74 89.41 -41.89
C THR R 135 -43.08 90.34 -42.90
N VAL R 136 -43.41 90.15 -44.17
CA VAL R 136 -42.83 90.94 -45.24
C VAL R 136 -43.25 92.41 -45.18
N ALA R 137 -42.27 93.30 -45.31
CA ALA R 137 -42.53 94.73 -45.29
C ALA R 137 -41.59 95.45 -46.26
N ALA R 138 -42.12 96.50 -46.88
CA ALA R 138 -41.38 97.32 -47.84
C ALA R 138 -40.29 98.14 -47.15
N PRO R 139 -39.20 98.44 -47.87
CA PRO R 139 -38.12 99.33 -47.48
C PRO R 139 -38.52 100.79 -47.52
N SER R 140 -37.92 101.58 -46.65
CA SER R 140 -37.98 103.03 -46.76
C SER R 140 -36.89 103.49 -47.72
N VAL R 141 -37.25 104.38 -48.65
CA VAL R 141 -36.30 104.78 -49.69
C VAL R 141 -35.93 106.25 -49.58
N PHE R 142 -34.63 106.53 -49.47
CA PHE R 142 -34.14 107.91 -49.41
C PHE R 142 -33.02 108.15 -50.41
N ILE R 143 -33.06 109.29 -51.08
CA ILE R 143 -32.07 109.61 -52.12
C ILE R 143 -31.16 110.76 -51.70
N PHE R 144 -29.87 110.57 -51.91
CA PHE R 144 -28.85 111.58 -51.61
C PHE R 144 -28.15 112.05 -52.89
N PRO R 145 -28.48 113.24 -53.39
CA PRO R 145 -27.89 113.90 -54.54
C PRO R 145 -26.41 114.18 -54.28
N PRO R 146 -25.61 114.41 -55.33
CA PRO R 146 -24.18 114.69 -55.28
C PRO R 146 -23.88 115.93 -54.47
N SER R 147 -22.75 115.93 -53.78
CA SER R 147 -22.34 117.08 -52.99
C SER R 147 -21.65 118.12 -53.86
N ASP R 148 -21.51 119.33 -53.34
CA ASP R 148 -20.80 120.38 -54.06
C ASP R 148 -19.33 120.04 -54.18
N GLU R 149 -18.79 119.42 -53.14
CA GLU R 149 -17.38 119.04 -53.12
C GLU R 149 -17.07 117.99 -54.18
N GLN R 150 -18.01 117.08 -54.41
CA GLN R 150 -17.82 116.06 -55.44
C GLN R 150 -17.87 116.66 -56.83
N LEU R 151 -18.82 117.55 -57.06
CA LEU R 151 -18.98 118.16 -58.38
C LEU R 151 -17.77 119.02 -58.71
N LYS R 152 -17.22 119.68 -57.71
CA LYS R 152 -16.03 120.51 -57.89
C LYS R 152 -14.78 119.66 -58.11
N SER R 153 -14.89 118.36 -57.82
CA SER R 153 -13.76 117.44 -57.96
C SER R 153 -13.76 116.76 -59.32
N GLY R 154 -14.78 117.03 -60.13
CA GLY R 154 -14.86 116.44 -61.47
C GLY R 154 -15.67 115.14 -61.47
N THR R 155 -16.34 114.85 -60.36
CA THR R 155 -17.14 113.63 -60.25
C THR R 155 -18.52 113.91 -59.69
N ALA R 156 -19.39 112.91 -59.70
CA ALA R 156 -20.70 113.00 -59.10
C ALA R 156 -21.13 111.64 -58.57
N SER R 157 -21.92 111.64 -57.51
CA SER R 157 -22.39 110.38 -56.94
C SER R 157 -23.79 110.51 -56.36
N VAL R 158 -24.62 109.51 -56.61
CA VAL R 158 -25.97 109.49 -56.06
C VAL R 158 -26.19 108.24 -55.23
N VAL R 159 -26.68 108.41 -54.00
CA VAL R 159 -26.87 107.26 -53.13
C VAL R 159 -28.36 106.99 -52.85
N CYS R 160 -28.76 105.73 -53.02
CA CYS R 160 -30.12 105.27 -52.75
C CYS R 160 -30.10 104.20 -51.66
N LEU R 161 -30.76 104.49 -50.54
CA LEU R 161 -30.76 103.54 -49.43
C LEU R 161 -32.12 102.90 -49.22
N LEU R 162 -32.09 101.61 -48.87
CA LEU R 162 -33.29 100.88 -48.45
C LEU R 162 -33.19 100.53 -46.98
N ASN R 163 -34.11 101.05 -46.17
CA ASN R 163 -34.06 100.77 -44.74
C ASN R 163 -35.19 99.89 -44.24
N ASN R 164 -34.87 99.04 -43.27
CA ASN R 164 -35.85 98.25 -42.53
C ASN R 164 -36.77 97.38 -43.38
N PHE R 165 -36.20 96.61 -44.29
CA PHE R 165 -37.00 95.68 -45.09
C PHE R 165 -36.67 94.23 -44.72
N TYR R 166 -37.63 93.32 -44.91
CA TYR R 166 -37.44 91.95 -44.43
C TYR R 166 -36.84 90.95 -45.45
N PRO R 167 -37.44 90.75 -46.64
CA PRO R 167 -36.86 89.99 -47.74
C PRO R 167 -35.52 90.55 -48.14
N ARG R 168 -34.54 89.67 -48.36
CA ARG R 168 -33.19 90.10 -48.72
C ARG R 168 -33.07 90.43 -50.19
N GLU R 169 -33.88 89.79 -51.02
CA GLU R 169 -33.79 89.94 -52.46
C GLU R 169 -34.50 91.20 -52.95
N ALA R 170 -33.94 92.35 -52.60
CA ALA R 170 -34.46 93.64 -53.04
C ALA R 170 -33.88 93.99 -54.41
N LYS R 171 -34.67 94.63 -55.25
CA LYS R 171 -34.21 95.01 -56.58
C LYS R 171 -34.12 96.53 -56.72
N VAL R 172 -32.91 97.02 -57.00
CA VAL R 172 -32.69 98.44 -57.19
C VAL R 172 -32.02 98.73 -58.52
N GLN R 173 -32.60 99.63 -59.30
CA GLN R 173 -32.01 100.03 -60.56
C GLN R 173 -31.94 101.54 -60.68
N TRP R 174 -30.91 102.03 -61.35
CA TRP R 174 -30.74 103.46 -61.54
C TRP R 174 -31.24 103.93 -62.90
N LYS R 175 -31.88 105.09 -62.90
CA LYS R 175 -32.33 105.71 -64.14
C LYS R 175 -31.88 107.16 -64.24
N VAL R 176 -31.42 107.54 -65.43
CA VAL R 176 -31.03 108.91 -65.70
C VAL R 176 -31.78 109.43 -66.92
N ASP R 177 -32.48 110.55 -66.77
CA ASP R 177 -33.35 111.07 -67.82
C ASP R 177 -34.31 109.99 -68.30
N ASN R 178 -34.82 109.23 -67.34
CA ASN R 178 -35.79 108.14 -67.59
C ASN R 178 -35.21 107.02 -68.44
N ALA R 179 -33.88 106.92 -68.49
CA ALA R 179 -33.21 105.82 -69.19
C ALA R 179 -32.56 104.88 -68.19
N LEU R 180 -32.71 103.57 -68.41
CA LEU R 180 -32.13 102.58 -67.51
C LEU R 180 -30.62 102.49 -67.67
N GLN R 181 -29.91 102.47 -66.55
CA GLN R 181 -28.46 102.31 -66.56
C GLN R 181 -28.00 101.15 -65.69
N SER R 182 -26.90 100.53 -66.09
CA SER R 182 -26.29 99.46 -65.30
C SER R 182 -24.79 99.40 -65.56
N GLY R 183 -24.05 98.80 -64.63
CA GLY R 183 -22.61 98.63 -64.79
C GLY R 183 -21.83 99.85 -64.29
N ASN R 184 -22.55 100.85 -63.82
CA ASN R 184 -21.93 102.08 -63.33
C ASN R 184 -22.32 102.36 -61.89
N SER R 185 -22.56 101.29 -61.14
CA SER R 185 -22.99 101.41 -59.74
C SER R 185 -22.47 100.27 -58.88
N GLN R 186 -22.48 100.49 -57.57
CA GLN R 186 -22.05 99.48 -56.61
C GLN R 186 -23.14 99.22 -55.56
N GLU R 187 -23.17 98.02 -55.01
CA GLU R 187 -24.18 97.66 -54.01
C GLU R 187 -23.58 97.00 -52.78
N SER R 188 -24.13 97.32 -51.62
CA SER R 188 -23.72 96.71 -50.35
C SER R 188 -24.95 96.37 -49.50
N VAL R 189 -24.97 95.15 -48.96
CA VAL R 189 -26.09 94.69 -48.15
C VAL R 189 -25.63 94.23 -46.76
N THR R 190 -26.34 94.71 -45.74
CA THR R 190 -25.99 94.41 -44.35
C THR R 190 -26.59 93.09 -43.87
N GLU R 191 -26.11 92.63 -42.72
CA GLU R 191 -26.64 91.43 -42.08
C GLU R 191 -27.94 91.73 -41.34
N GLN R 192 -28.72 90.69 -41.06
CA GLN R 192 -30.01 90.84 -40.40
C GLN R 192 -29.85 91.47 -39.02
N ASP R 193 -30.70 92.45 -38.73
CA ASP R 193 -30.67 93.17 -37.45
C ASP R 193 -30.95 92.24 -36.28
N SER R 194 -30.28 92.50 -35.16
CA SER R 194 -30.40 91.66 -33.98
C SER R 194 -31.69 91.88 -33.19
N LYS R 195 -32.39 92.98 -33.45
CA LYS R 195 -33.60 93.29 -32.71
C LYS R 195 -34.85 93.26 -33.59
N ASP R 196 -34.81 93.98 -34.70
CA ASP R 196 -35.98 94.09 -35.56
C ASP R 196 -35.95 93.06 -36.69
N SER R 197 -34.85 92.32 -36.77
CA SER R 197 -34.62 91.31 -37.80
C SER R 197 -34.81 91.85 -39.22
N THR R 198 -34.36 93.08 -39.46
CA THR R 198 -34.48 93.70 -40.78
C THR R 198 -33.12 93.84 -41.47
N TYR R 199 -33.17 94.19 -42.75
CA TYR R 199 -31.97 94.39 -43.55
C TYR R 199 -31.89 95.81 -44.09
N SER R 200 -30.67 96.25 -44.38
CA SER R 200 -30.46 97.55 -45.05
C SER R 200 -29.61 97.37 -46.30
N LEU R 201 -29.95 98.12 -47.35
CA LEU R 201 -29.22 98.05 -48.61
C LEU R 201 -28.74 99.43 -49.04
N SER R 202 -27.52 99.48 -49.58
CA SER R 202 -26.98 100.73 -50.11
C SER R 202 -26.53 100.58 -51.56
N SER R 203 -27.08 101.43 -52.42
CA SER R 203 -26.73 101.44 -53.84
C SER R 203 -26.20 102.80 -54.26
N THR R 204 -25.02 102.82 -54.87
CA THR R 204 -24.41 104.08 -55.28
C THR R 204 -24.17 104.16 -56.78
N LEU R 205 -24.62 105.25 -57.38
CA LEU R 205 -24.45 105.50 -58.81
C LEU R 205 -23.29 106.47 -59.04
N THR R 206 -22.36 106.08 -59.90
CA THR R 206 -21.18 106.92 -60.16
C THR R 206 -21.22 107.57 -61.54
N LEU R 207 -21.08 108.89 -61.57
CA LEU R 207 -21.05 109.65 -62.81
C LEU R 207 -19.87 110.60 -62.85
N SER R 208 -19.41 110.92 -64.07
CA SER R 208 -18.42 111.97 -64.26
C SER R 208 -19.12 113.33 -64.20
N LYS R 209 -18.38 114.39 -63.90
CA LYS R 209 -18.98 115.73 -63.91
C LYS R 209 -19.41 116.13 -65.31
N ALA R 210 -18.59 115.79 -66.30
CA ALA R 210 -18.84 116.19 -67.68
C ALA R 210 -20.14 115.58 -68.19
N ASP R 211 -20.42 114.34 -67.77
CA ASP R 211 -21.62 113.66 -68.21
C ASP R 211 -22.79 113.95 -67.28
N TYR R 212 -22.50 114.17 -66.01
CA TYR R 212 -23.53 114.46 -65.02
C TYR R 212 -24.36 115.67 -65.42
N GLU R 213 -23.66 116.71 -65.87
CA GLU R 213 -24.31 117.97 -66.24
C GLU R 213 -25.13 117.87 -67.52
N LYS R 214 -24.99 116.77 -68.24
CA LYS R 214 -25.72 116.59 -69.49
C LYS R 214 -27.11 116.01 -69.23
N HIS R 215 -27.37 115.64 -67.99
CA HIS R 215 -28.65 115.04 -67.63
C HIS R 215 -29.41 115.94 -66.65
N LYS R 216 -30.73 115.87 -66.70
CA LYS R 216 -31.54 116.76 -65.86
C LYS R 216 -32.25 116.00 -64.74
N VAL R 217 -32.62 114.76 -65.00
CA VAL R 217 -33.38 113.99 -64.02
C VAL R 217 -32.66 112.74 -63.56
N TYR R 218 -32.54 112.59 -62.25
CA TYR R 218 -31.93 111.39 -61.68
C TYR R 218 -32.93 110.66 -60.79
N ALA R 219 -32.96 109.34 -60.88
CA ALA R 219 -33.95 108.58 -60.12
C ALA R 219 -33.44 107.20 -59.71
N CYS R 220 -34.00 106.70 -58.61
CA CYS R 220 -33.77 105.35 -58.11
C CYS R 220 -35.08 104.56 -58.15
N GLU R 221 -35.07 103.44 -58.86
CA GLU R 221 -36.26 102.59 -58.94
C GLU R 221 -36.12 101.40 -58.01
N VAL R 222 -37.06 101.28 -57.08
CA VAL R 222 -37.01 100.20 -56.11
C VAL R 222 -38.20 99.26 -56.24
N THR R 223 -37.91 97.98 -56.44
CA THR R 223 -38.93 96.94 -56.52
C THR R 223 -38.74 95.96 -55.37
N HIS R 224 -39.84 95.65 -54.68
CA HIS R 224 -39.75 94.83 -53.49
C HIS R 224 -41.04 94.04 -53.26
N GLN R 225 -40.91 92.90 -52.59
CA GLN R 225 -42.03 92.01 -52.33
C GLN R 225 -43.05 92.61 -51.37
N GLY R 226 -42.63 93.58 -50.58
CA GLY R 226 -43.51 94.23 -49.63
C GLY R 226 -44.24 95.42 -50.22
N LEU R 227 -44.00 95.68 -51.51
CA LEU R 227 -44.63 96.80 -52.20
C LEU R 227 -45.74 96.32 -53.12
N SER R 228 -46.84 97.07 -53.16
CA SER R 228 -47.93 96.78 -54.09
C SER R 228 -47.55 97.17 -55.51
N SER R 229 -46.57 98.07 -55.61
CA SER R 229 -46.03 98.52 -56.89
C SER R 229 -44.64 99.11 -56.65
N PRO R 230 -43.76 99.10 -57.66
CA PRO R 230 -42.44 99.70 -57.67
C PRO R 230 -42.52 101.18 -57.29
N VAL R 231 -41.57 101.63 -56.49
CA VAL R 231 -41.54 103.02 -56.04
C VAL R 231 -40.32 103.74 -56.58
N THR R 232 -40.52 104.92 -57.14
CA THR R 232 -39.42 105.67 -57.70
C THR R 232 -39.23 107.01 -56.99
N LYS R 233 -37.99 107.26 -56.56
CA LYS R 233 -37.64 108.53 -55.95
C LYS R 233 -36.68 109.26 -56.88
N SER R 234 -36.83 110.58 -56.99
CA SER R 234 -36.03 111.33 -57.96
C SER R 234 -35.76 112.76 -57.54
N PHE R 235 -34.80 113.38 -58.23
CA PHE R 235 -34.48 114.79 -58.03
C PHE R 235 -34.01 115.42 -59.34
N ASN R 236 -34.06 116.75 -59.41
CA ASN R 236 -33.63 117.51 -60.58
C ASN R 236 -32.76 118.68 -60.16
N GLU S 22 -31.85 -17.57 -55.76
CA GLU S 22 -30.44 -17.88 -55.53
C GLU S 22 -30.29 -19.16 -54.71
N VAL S 23 -30.89 -19.18 -53.52
CA VAL S 23 -30.81 -20.33 -52.61
C VAL S 23 -31.80 -21.40 -53.00
N GLN S 24 -31.29 -22.59 -53.27
CA GLN S 24 -32.14 -23.70 -53.71
C GLN S 24 -31.54 -25.06 -53.40
N LEU S 25 -32.40 -26.06 -53.33
CA LEU S 25 -32.00 -27.44 -53.18
C LEU S 25 -32.44 -28.24 -54.39
N VAL S 26 -31.55 -29.05 -54.94
CA VAL S 26 -31.89 -29.82 -56.13
C VAL S 26 -31.78 -31.32 -55.91
N GLU S 27 -32.92 -32.00 -55.92
CA GLU S 27 -32.97 -33.45 -55.74
C GLU S 27 -32.62 -34.19 -57.03
N SER S 28 -32.06 -35.38 -56.88
CA SER S 28 -31.79 -36.27 -58.00
C SER S 28 -32.06 -37.72 -57.61
N GLY S 29 -32.43 -38.53 -58.57
CA GLY S 29 -32.74 -39.94 -58.33
C GLY S 29 -34.24 -40.20 -58.37
N GLY S 30 -34.63 -41.42 -58.02
CA GLY S 30 -36.03 -41.82 -58.08
C GLY S 30 -36.26 -42.81 -59.22
N GLY S 31 -37.51 -43.23 -59.40
CA GLY S 31 -37.84 -44.21 -60.43
C GLY S 31 -38.73 -45.32 -59.90
N LEU S 32 -39.13 -46.22 -60.81
CA LEU S 32 -39.99 -47.34 -60.46
C LEU S 32 -39.17 -48.60 -60.23
N VAL S 33 -39.23 -49.14 -59.02
CA VAL S 33 -38.43 -50.31 -58.66
C VAL S 33 -39.28 -51.37 -57.98
N GLN S 34 -38.77 -52.61 -57.97
CA GLN S 34 -39.42 -53.69 -57.24
C GLN S 34 -38.95 -53.70 -55.78
N PRO S 35 -39.75 -54.29 -54.87
CA PRO S 35 -39.42 -54.56 -53.48
C PRO S 35 -38.19 -55.45 -53.36
N GLY S 36 -37.44 -55.26 -52.28
CA GLY S 36 -36.25 -56.08 -52.02
C GLY S 36 -35.02 -55.51 -52.72
N ARG S 37 -35.12 -54.27 -53.18
CA ARG S 37 -34.01 -53.62 -53.87
C ARG S 37 -33.74 -52.24 -53.27
N SER S 38 -32.52 -51.76 -53.45
CA SER S 38 -32.14 -50.45 -52.93
C SER S 38 -32.26 -49.35 -53.96
N LEU S 39 -32.40 -48.12 -53.49
CA LEU S 39 -32.40 -46.93 -54.33
C LEU S 39 -31.65 -45.81 -53.63
N ARG S 40 -30.78 -45.11 -54.37
CA ARG S 40 -30.04 -44.00 -53.78
C ARG S 40 -30.57 -42.66 -54.25
N LEU S 41 -30.80 -41.76 -53.30
CA LEU S 41 -31.22 -40.40 -53.59
C LEU S 41 -30.12 -39.42 -53.23
N SER S 42 -30.08 -38.29 -53.92
CA SER S 42 -29.10 -37.26 -53.60
C SER S 42 -29.72 -35.87 -53.76
N CYS S 43 -29.10 -34.88 -53.11
CA CYS S 43 -29.54 -33.49 -53.18
C CYS S 43 -28.35 -32.54 -53.23
N ALA S 44 -28.33 -31.67 -54.22
CA ALA S 44 -27.25 -30.70 -54.39
C ALA S 44 -27.61 -29.37 -53.75
N ALA S 45 -26.62 -28.71 -53.16
CA ALA S 45 -26.82 -27.40 -52.56
C ALA S 45 -26.31 -26.29 -53.45
N SER S 46 -27.07 -25.22 -53.57
CA SER S 46 -26.63 -24.05 -54.31
C SER S 46 -27.17 -22.75 -53.72
N GLY S 47 -26.36 -21.70 -53.76
CA GLY S 47 -26.76 -20.36 -53.32
C GLY S 47 -26.50 -20.13 -51.83
N PHE S 48 -26.01 -21.15 -51.14
CA PHE S 48 -25.76 -21.04 -49.71
C PHE S 48 -24.62 -21.98 -49.30
N THR S 49 -24.07 -21.77 -48.11
CA THR S 49 -23.02 -22.65 -47.62
C THR S 49 -23.61 -23.96 -47.13
N PHE S 50 -23.18 -25.05 -47.73
CA PHE S 50 -23.75 -26.36 -47.47
C PHE S 50 -23.53 -26.85 -46.04
N ASP S 51 -22.34 -26.61 -45.52
CA ASP S 51 -21.96 -27.16 -44.22
C ASP S 51 -22.25 -26.23 -43.05
N ASP S 52 -23.01 -25.15 -43.28
CA ASP S 52 -23.38 -24.29 -42.17
C ASP S 52 -24.74 -24.69 -41.58
N TYR S 53 -25.35 -25.71 -42.14
CA TYR S 53 -26.69 -26.12 -41.73
C TYR S 53 -26.85 -27.63 -41.62
N ALA S 54 -27.79 -28.05 -40.79
CA ALA S 54 -28.18 -29.46 -40.70
C ALA S 54 -29.07 -29.83 -41.88
N MET S 55 -29.05 -31.09 -42.27
CA MET S 55 -29.83 -31.54 -43.42
C MET S 55 -30.83 -32.64 -43.07
N HIS S 56 -32.00 -32.60 -43.72
CA HIS S 56 -33.06 -33.56 -43.46
C HIS S 56 -33.69 -34.10 -44.74
N TRP S 57 -34.23 -35.32 -44.64
CA TRP S 57 -35.07 -35.89 -45.69
C TRP S 57 -36.50 -36.09 -45.18
N VAL S 58 -37.45 -35.70 -46.01
CA VAL S 58 -38.87 -35.83 -45.70
C VAL S 58 -39.60 -36.45 -46.89
N ARG S 59 -40.56 -37.33 -46.62
CA ARG S 59 -41.30 -37.95 -47.71
C ARG S 59 -42.80 -37.73 -47.54
N GLN S 60 -43.50 -37.70 -48.67
CA GLN S 60 -44.95 -37.53 -48.63
C GLN S 60 -45.66 -38.42 -49.64
N ALA S 61 -46.42 -39.38 -49.13
CA ALA S 61 -47.24 -40.23 -49.98
C ALA S 61 -48.48 -39.47 -50.40
N PRO S 62 -49.05 -39.77 -51.56
CA PRO S 62 -50.31 -39.25 -52.05
C PRO S 62 -51.42 -39.48 -51.02
N GLY S 63 -52.17 -38.43 -50.71
CA GLY S 63 -53.27 -38.53 -49.76
C GLY S 63 -52.81 -38.41 -48.32
N LYS S 64 -51.51 -38.24 -48.11
CA LYS S 64 -50.93 -38.18 -46.77
C LYS S 64 -50.23 -36.86 -46.50
N GLY S 65 -50.00 -36.58 -45.23
CA GLY S 65 -49.25 -35.39 -44.84
C GLY S 65 -47.76 -35.66 -44.87
N LEU S 66 -46.97 -34.75 -44.32
CA LEU S 66 -45.53 -34.88 -44.36
C LEU S 66 -45.04 -35.89 -43.33
N GLU S 67 -44.09 -36.74 -43.74
CA GLU S 67 -43.47 -37.68 -42.81
C GLU S 67 -41.96 -37.54 -42.83
N TRP S 68 -41.37 -37.31 -41.67
CA TRP S 68 -39.92 -37.19 -41.56
C TRP S 68 -39.26 -38.55 -41.72
N VAL S 69 -38.16 -38.60 -42.47
CA VAL S 69 -37.50 -39.88 -42.73
C VAL S 69 -36.16 -40.01 -42.03
N SER S 70 -35.30 -39.03 -42.24
CA SER S 70 -33.95 -39.08 -41.68
C SER S 70 -33.34 -37.69 -41.62
N GLY S 71 -32.23 -37.55 -40.89
CA GLY S 71 -31.54 -36.28 -40.82
C GLY S 71 -30.18 -36.39 -40.18
N ILE S 72 -29.35 -35.38 -40.40
CA ILE S 72 -27.98 -35.36 -39.92
C ILE S 72 -27.52 -33.96 -39.56
N SER S 73 -26.78 -33.84 -38.46
CA SER S 73 -26.26 -32.55 -38.01
C SER S 73 -24.95 -32.17 -38.71
N TRP S 74 -24.53 -30.93 -38.52
CA TRP S 74 -23.29 -30.44 -39.08
C TRP S 74 -22.10 -31.17 -38.46
N ASN S 75 -21.15 -31.57 -39.30
CA ASN S 75 -19.98 -32.33 -38.91
C ASN S 75 -20.36 -33.71 -38.41
N SER S 76 -21.57 -34.15 -38.78
CA SER S 76 -22.06 -35.47 -38.44
C SER S 76 -21.98 -35.72 -36.94
N GLY S 77 -22.24 -34.69 -36.14
CA GLY S 77 -22.24 -34.83 -34.69
C GLY S 77 -23.33 -35.78 -34.22
N SER S 78 -24.45 -35.79 -34.93
CA SER S 78 -25.56 -36.67 -34.59
C SER S 78 -26.32 -37.09 -35.83
N ILE S 79 -26.76 -38.35 -35.84
CA ILE S 79 -27.56 -38.88 -36.93
C ILE S 79 -28.83 -39.54 -36.40
N GLY S 80 -29.97 -39.24 -37.03
CA GLY S 80 -31.22 -39.84 -36.62
C GLY S 80 -31.98 -40.46 -37.79
N TYR S 81 -32.84 -41.43 -37.47
CA TYR S 81 -33.69 -42.07 -38.47
C TYR S 81 -35.08 -42.29 -37.89
N ALA S 82 -36.08 -42.31 -38.77
CA ALA S 82 -37.44 -42.67 -38.36
C ALA S 82 -37.48 -44.15 -38.03
N ASP S 83 -38.36 -44.54 -37.10
CA ASP S 83 -38.41 -45.93 -36.66
C ASP S 83 -38.72 -46.88 -37.82
N SER S 84 -39.55 -46.44 -38.75
CA SER S 84 -40.00 -47.29 -39.85
C SER S 84 -38.87 -47.63 -40.82
N VAL S 85 -37.80 -46.85 -40.81
CA VAL S 85 -36.68 -47.06 -41.72
C VAL S 85 -35.37 -47.21 -40.96
N LYS S 86 -35.46 -47.31 -39.65
CA LYS S 86 -34.28 -47.21 -38.79
C LYS S 86 -33.21 -48.24 -39.13
N GLY S 87 -33.64 -49.46 -39.48
CA GLY S 87 -32.69 -50.52 -39.78
C GLY S 87 -32.44 -50.67 -41.28
N ARG S 88 -32.98 -49.76 -42.08
CA ARG S 88 -32.87 -49.91 -43.53
C ARG S 88 -32.19 -48.74 -44.23
N PHE S 89 -32.38 -47.53 -43.72
CA PHE S 89 -31.87 -46.34 -44.41
C PHE S 89 -30.60 -45.81 -43.78
N THR S 90 -29.70 -45.29 -44.62
CA THR S 90 -28.47 -44.66 -44.16
C THR S 90 -28.31 -43.26 -44.77
N ILE S 91 -27.96 -42.29 -43.92
CA ILE S 91 -27.77 -40.92 -44.39
C ILE S 91 -26.31 -40.49 -44.27
N SER S 92 -25.83 -39.75 -45.26
CA SER S 92 -24.45 -39.28 -45.26
C SER S 92 -24.32 -37.95 -45.99
N ARG S 93 -23.20 -37.26 -45.78
CA ARG S 93 -22.94 -35.99 -46.43
C ARG S 93 -21.55 -35.90 -47.02
N ASP S 94 -21.42 -35.14 -48.10
CA ASP S 94 -20.12 -34.83 -48.67
C ASP S 94 -19.96 -33.33 -48.79
N ASN S 95 -19.22 -32.74 -47.85
CA ASN S 95 -19.09 -31.29 -47.80
C ASN S 95 -18.27 -30.76 -48.96
N ALA S 96 -17.30 -31.55 -49.41
CA ALA S 96 -16.43 -31.12 -50.50
C ALA S 96 -17.23 -30.90 -51.78
N LYS S 97 -18.26 -31.72 -51.98
CA LYS S 97 -19.08 -31.61 -53.17
C LYS S 97 -20.40 -30.88 -52.90
N ASN S 98 -20.56 -30.37 -51.69
CA ASN S 98 -21.77 -29.66 -51.31
C ASN S 98 -23.03 -30.48 -51.61
N SER S 99 -23.01 -31.76 -51.25
CA SER S 99 -24.14 -32.62 -51.56
C SER S 99 -24.56 -33.53 -50.40
N LEU S 100 -25.84 -33.86 -50.39
CA LEU S 100 -26.47 -34.73 -49.39
C LEU S 100 -26.90 -36.05 -50.03
N TYR S 101 -26.67 -37.16 -49.33
CA TYR S 101 -27.07 -38.46 -49.86
C TYR S 101 -27.96 -39.26 -48.90
N LEU S 102 -28.89 -40.00 -49.48
CA LEU S 102 -29.70 -40.96 -48.73
C LEU S 102 -29.72 -42.32 -49.40
N GLN S 103 -29.30 -43.34 -48.66
CA GLN S 103 -29.26 -44.70 -49.18
C GLN S 103 -30.41 -45.52 -48.60
N MET S 104 -31.34 -45.92 -49.45
CA MET S 104 -32.50 -46.67 -49.01
C MET S 104 -32.38 -48.13 -49.40
N ASN S 105 -32.22 -49.01 -48.42
CA ASN S 105 -32.07 -50.44 -48.71
C ASN S 105 -33.35 -51.20 -48.40
N SER S 106 -33.50 -52.38 -49.00
CA SER S 106 -34.62 -53.25 -48.70
C SER S 106 -35.95 -52.51 -48.79
N LEU S 107 -36.19 -51.87 -49.92
CA LEU S 107 -37.41 -51.09 -50.11
C LEU S 107 -38.67 -51.96 -50.10
N ARG S 108 -39.74 -51.39 -49.57
CA ARG S 108 -41.03 -52.06 -49.51
C ARG S 108 -42.11 -51.20 -50.17
N ALA S 109 -43.26 -51.79 -50.46
CA ALA S 109 -44.35 -51.07 -51.12
C ALA S 109 -44.80 -49.88 -50.28
N GLU S 110 -44.66 -50.00 -48.97
CA GLU S 110 -45.08 -48.96 -48.03
C GLU S 110 -44.20 -47.71 -48.13
N ASP S 111 -43.06 -47.84 -48.82
CA ASP S 111 -42.11 -46.73 -48.93
C ASP S 111 -42.41 -45.84 -50.12
N THR S 112 -43.48 -46.12 -50.84
CA THR S 112 -43.83 -45.29 -51.99
C THR S 112 -44.24 -43.90 -51.53
N ALA S 113 -43.56 -42.89 -52.05
CA ALA S 113 -43.79 -41.51 -51.64
C ALA S 113 -42.99 -40.56 -52.50
N LEU S 114 -43.30 -39.27 -52.42
CA LEU S 114 -42.40 -38.25 -52.95
C LEU S 114 -41.31 -37.99 -51.92
N TYR S 115 -40.06 -37.90 -52.37
CA TYR S 115 -38.95 -37.68 -51.45
C TYR S 115 -38.29 -36.33 -51.65
N TYR S 116 -38.28 -35.53 -50.58
CA TYR S 116 -37.74 -34.18 -50.60
C TYR S 116 -36.50 -34.08 -49.71
N CYS S 117 -35.56 -33.20 -50.10
CA CYS S 117 -34.47 -32.80 -49.21
C CYS S 117 -34.79 -31.42 -48.65
N ALA S 118 -34.32 -31.15 -47.44
CA ALA S 118 -34.59 -29.86 -46.82
C ALA S 118 -33.40 -29.37 -46.02
N LYS S 119 -33.25 -28.06 -45.95
CA LYS S 119 -32.20 -27.40 -45.19
C LYS S 119 -32.74 -26.84 -43.89
N ASP S 120 -32.15 -27.24 -42.78
CA ASP S 120 -32.56 -26.72 -41.48
C ASP S 120 -32.06 -25.31 -41.31
N MET S 121 -32.74 -24.50 -40.51
CA MET S 121 -32.26 -23.17 -40.23
C MET S 121 -30.98 -23.21 -39.39
N GLY S 122 -30.88 -24.19 -38.50
CA GLY S 122 -29.73 -24.30 -37.61
C GLY S 122 -28.74 -25.36 -38.07
N TYR S 123 -27.74 -25.64 -37.23
CA TYR S 123 -26.70 -26.61 -37.56
C TYR S 123 -26.82 -27.88 -36.72
N SER S 124 -27.83 -27.93 -35.86
CA SER S 124 -28.02 -29.08 -34.99
C SER S 124 -29.50 -29.33 -34.74
N GLY S 125 -29.85 -30.61 -34.58
CA GLY S 125 -31.23 -30.99 -34.35
C GLY S 125 -31.68 -30.68 -32.94
N ASN S 126 -30.72 -30.31 -32.08
CA ASN S 126 -31.00 -30.06 -30.68
C ASN S 126 -31.62 -28.69 -30.47
N ASP S 127 -31.69 -27.90 -31.54
CA ASP S 127 -32.29 -26.57 -31.48
C ASP S 127 -33.78 -26.64 -31.80
N ASP S 128 -34.61 -26.40 -30.79
CA ASP S 128 -36.06 -26.59 -30.93
C ASP S 128 -36.81 -25.30 -31.23
N TYR S 129 -36.07 -24.24 -31.54
CA TYR S 129 -36.68 -22.95 -31.82
C TYR S 129 -37.02 -22.78 -33.30
N TYR S 130 -36.26 -23.46 -34.16
CA TYR S 130 -36.40 -23.26 -35.60
C TYR S 130 -36.97 -24.46 -36.33
N GLY S 131 -37.58 -24.21 -37.49
CA GLY S 131 -38.04 -25.25 -38.39
C GLY S 131 -37.10 -25.39 -39.58
N MET S 132 -37.63 -25.93 -40.68
CA MET S 132 -36.83 -26.09 -41.90
C MET S 132 -36.94 -24.85 -42.76
N ASP S 133 -35.81 -24.44 -43.32
CA ASP S 133 -35.72 -23.19 -44.06
C ASP S 133 -36.05 -23.34 -45.54
N VAL S 134 -35.41 -24.31 -46.19
CA VAL S 134 -35.55 -24.47 -47.63
C VAL S 134 -35.90 -25.89 -48.02
N TRP S 135 -36.90 -26.01 -48.90
CA TRP S 135 -37.29 -27.31 -49.43
C TRP S 135 -36.98 -27.38 -50.92
N GLY S 136 -36.58 -28.56 -51.39
CA GLY S 136 -36.27 -28.75 -52.79
C GLY S 136 -37.48 -29.28 -53.56
N GLN S 137 -37.23 -29.83 -54.75
CA GLN S 137 -38.28 -30.38 -55.58
C GLN S 137 -38.22 -31.89 -55.54
N GLY S 138 -39.11 -32.49 -54.75
CA GLY S 138 -39.01 -33.91 -54.44
C GLY S 138 -39.22 -34.80 -55.66
N THR S 139 -38.58 -35.96 -55.63
CA THR S 139 -38.70 -36.93 -56.71
C THR S 139 -39.68 -38.02 -56.34
N THR S 140 -40.01 -38.87 -57.31
CA THR S 140 -40.97 -39.93 -57.07
C THR S 140 -40.31 -41.30 -56.94
N VAL S 141 -40.56 -41.96 -55.82
CA VAL S 141 -40.08 -43.31 -55.61
C VAL S 141 -41.25 -44.26 -55.44
N THR S 142 -41.36 -45.24 -56.34
CA THR S 142 -42.45 -46.21 -56.28
C THR S 142 -41.90 -47.60 -56.18
N VAL S 143 -42.40 -48.36 -55.22
CA VAL S 143 -41.91 -49.71 -54.99
C VAL S 143 -43.02 -50.73 -55.24
N SER S 144 -42.90 -51.46 -56.35
CA SER S 144 -43.92 -52.44 -56.73
C SER S 144 -43.38 -53.50 -57.68
N SER S 145 -43.86 -54.73 -57.53
CA SER S 145 -43.43 -55.82 -58.38
C SER S 145 -44.21 -55.84 -59.68
N ALA S 146 -43.96 -54.86 -60.54
CA ALA S 146 -44.69 -54.74 -61.79
C ALA S 146 -43.83 -54.12 -62.87
N SER S 147 -44.10 -54.50 -64.12
CA SER S 147 -43.45 -53.92 -65.29
C SER S 147 -44.20 -52.68 -65.76
N THR S 148 -43.57 -51.89 -66.61
CA THR S 148 -44.19 -50.67 -67.10
C THR S 148 -45.21 -50.96 -68.19
N LYS S 149 -46.27 -51.66 -67.82
CA LYS S 149 -47.34 -52.02 -68.74
C LYS S 149 -48.13 -50.79 -69.18
N GLY S 150 -48.43 -50.72 -70.48
CA GLY S 150 -49.21 -49.62 -71.02
C GLY S 150 -50.70 -49.86 -70.80
N PRO S 151 -51.49 -48.77 -70.78
CA PRO S 151 -52.93 -48.72 -70.55
C PRO S 151 -53.75 -49.28 -71.70
N SER S 152 -54.92 -49.80 -71.36
CA SER S 152 -55.95 -50.16 -72.32
C SER S 152 -57.15 -49.23 -72.11
N VAL S 153 -57.94 -49.02 -73.15
CA VAL S 153 -59.08 -48.11 -73.02
C VAL S 153 -60.41 -48.80 -73.29
N PHE S 154 -61.32 -48.63 -72.35
CA PHE S 154 -62.64 -49.24 -72.41
C PHE S 154 -63.73 -48.17 -72.33
N PRO S 155 -64.25 -47.71 -73.47
CA PRO S 155 -65.11 -46.53 -73.63
C PRO S 155 -66.45 -46.73 -72.93
N LEU S 156 -66.96 -45.66 -72.31
CA LEU S 156 -68.24 -45.70 -71.62
C LEU S 156 -69.30 -44.91 -72.38
N ALA S 157 -70.22 -45.62 -73.01
CA ALA S 157 -71.28 -44.97 -73.77
C ALA S 157 -72.19 -44.20 -72.82
N PRO S 158 -72.70 -43.05 -73.23
CA PRO S 158 -73.67 -42.22 -72.53
C PRO S 158 -75.03 -42.89 -72.50
N SER S 159 -75.76 -42.69 -71.41
CA SER S 159 -77.12 -43.19 -71.31
C SER S 159 -78.09 -42.19 -71.93
N SER S 160 -78.00 -42.06 -73.25
CA SER S 160 -78.75 -41.05 -73.98
C SER S 160 -80.25 -41.29 -73.91
N LYS S 161 -80.63 -42.53 -73.58
CA LYS S 161 -82.02 -42.90 -73.49
C LYS S 161 -82.70 -42.34 -72.24
N SER S 162 -81.92 -42.05 -71.20
CA SER S 162 -82.50 -41.58 -69.95
C SER S 162 -81.96 -40.21 -69.51
N THR S 163 -80.86 -39.76 -70.11
CA THR S 163 -80.22 -38.52 -69.69
C THR S 163 -80.32 -37.41 -70.74
N SER S 164 -81.14 -37.62 -71.77
CA SER S 164 -81.19 -36.69 -72.89
C SER S 164 -81.61 -35.29 -72.47
N GLY S 165 -82.42 -35.18 -71.42
CA GLY S 165 -82.87 -33.88 -70.92
C GLY S 165 -82.01 -33.38 -69.76
N GLY S 166 -81.02 -34.17 -69.36
CA GLY S 166 -80.18 -33.83 -68.22
C GLY S 166 -78.75 -33.51 -68.64
N THR S 167 -78.55 -33.33 -69.94
CA THR S 167 -77.22 -33.15 -70.54
C THR S 167 -76.55 -34.51 -70.64
N ALA S 168 -75.83 -34.75 -71.73
CA ALA S 168 -75.28 -36.06 -71.97
C ALA S 168 -73.87 -36.17 -71.39
N ALA S 169 -73.66 -37.20 -70.59
CA ALA S 169 -72.33 -37.45 -70.05
C ALA S 169 -71.76 -38.72 -70.69
N LEU S 170 -70.60 -38.59 -71.31
CA LEU S 170 -69.94 -39.71 -71.95
C LEU S 170 -68.51 -39.80 -71.44
N GLY S 171 -67.95 -40.99 -71.37
CA GLY S 171 -66.61 -41.12 -70.82
C GLY S 171 -65.90 -42.39 -71.26
N CYS S 172 -64.77 -42.67 -70.62
CA CYS S 172 -63.97 -43.85 -70.91
C CYS S 172 -63.16 -44.27 -69.68
N LEU S 173 -62.74 -45.54 -69.67
CA LEU S 173 -61.87 -46.04 -68.61
C LEU S 173 -60.48 -46.38 -69.14
N VAL S 174 -59.47 -46.00 -68.38
CA VAL S 174 -58.08 -46.31 -68.70
C VAL S 174 -57.56 -47.31 -67.68
N LYS S 175 -57.24 -48.51 -68.12
CA LYS S 175 -57.02 -49.60 -67.19
C LYS S 175 -55.74 -50.39 -67.41
N ASP S 176 -55.28 -51.05 -66.35
CA ASP S 176 -54.15 -51.97 -66.36
C ASP S 176 -52.82 -51.36 -66.77
N TYR S 177 -52.50 -50.18 -66.24
CA TYR S 177 -51.18 -49.60 -66.49
C TYR S 177 -50.42 -49.42 -65.18
N PHE S 178 -49.10 -49.61 -65.22
CA PHE S 178 -48.32 -49.52 -63.98
C PHE S 178 -47.81 -48.12 -63.62
N PRO S 179 -47.15 -47.39 -64.52
CA PRO S 179 -46.57 -46.08 -64.29
C PRO S 179 -47.65 -45.05 -64.02
N GLU S 180 -47.32 -44.04 -63.22
CA GLU S 180 -48.27 -43.00 -62.86
C GLU S 180 -48.69 -42.07 -64.02
N PRO S 181 -47.74 -41.52 -64.80
CA PRO S 181 -47.90 -40.36 -65.65
C PRO S 181 -48.61 -40.66 -66.97
N VAL S 182 -49.88 -41.02 -66.90
CA VAL S 182 -50.70 -41.21 -68.09
C VAL S 182 -51.47 -39.94 -68.43
N THR S 183 -51.37 -39.50 -69.67
CA THR S 183 -52.08 -38.29 -70.11
C THR S 183 -53.37 -38.66 -70.84
N VAL S 184 -54.47 -38.09 -70.38
CA VAL S 184 -55.77 -38.38 -70.98
C VAL S 184 -56.47 -37.11 -71.43
N SER S 185 -56.95 -37.12 -72.67
CA SER S 185 -57.64 -35.97 -73.24
C SER S 185 -58.71 -36.42 -74.23
N TRP S 186 -59.57 -35.50 -74.64
CA TRP S 186 -60.62 -35.82 -75.59
C TRP S 186 -60.38 -35.15 -76.94
N ASN S 187 -60.68 -35.88 -78.01
CA ASN S 187 -60.56 -35.34 -79.37
C ASN S 187 -59.16 -34.76 -79.59
N SER S 188 -58.16 -35.49 -79.13
CA SER S 188 -56.75 -35.10 -79.27
C SER S 188 -56.47 -33.73 -78.67
N GLY S 189 -57.16 -33.40 -77.58
CA GLY S 189 -56.94 -32.14 -76.87
C GLY S 189 -57.87 -31.04 -77.34
N ALA S 190 -58.62 -31.31 -78.41
CA ALA S 190 -59.54 -30.32 -78.95
C ALA S 190 -60.69 -30.07 -77.99
N LEU S 191 -61.08 -31.11 -77.24
CA LEU S 191 -62.20 -30.99 -76.32
C LEU S 191 -61.73 -30.97 -74.87
N THR S 192 -61.72 -29.79 -74.28
CA THR S 192 -61.31 -29.61 -72.89
C THR S 192 -62.46 -29.11 -72.03
N SER S 193 -63.45 -28.50 -72.68
CA SER S 193 -64.58 -27.93 -71.94
C SER S 193 -65.54 -29.03 -71.50
N GLY S 194 -65.89 -29.00 -70.22
CA GLY S 194 -66.82 -29.97 -69.67
C GLY S 194 -66.12 -31.27 -69.31
N VAL S 195 -64.78 -31.30 -69.44
CA VAL S 195 -64.02 -32.50 -69.17
C VAL S 195 -63.63 -32.63 -67.71
N HIS S 196 -63.93 -33.78 -67.13
CA HIS S 196 -63.56 -34.08 -65.75
C HIS S 196 -62.70 -35.33 -65.70
N THR S 197 -61.39 -35.14 -65.53
CA THR S 197 -60.47 -36.27 -65.49
C THR S 197 -60.09 -36.57 -64.05
N PHE S 198 -60.27 -37.81 -63.64
CA PHE S 198 -60.07 -38.19 -62.25
C PHE S 198 -58.66 -38.70 -62.01
N PRO S 199 -58.16 -38.54 -60.78
CA PRO S 199 -56.96 -39.18 -60.25
C PRO S 199 -57.05 -40.69 -60.36
N ALA S 200 -55.94 -41.32 -60.74
CA ALA S 200 -55.88 -42.77 -60.87
C ALA S 200 -55.91 -43.42 -59.50
N VAL S 201 -56.53 -44.59 -59.43
CA VAL S 201 -56.56 -45.36 -58.19
C VAL S 201 -55.86 -46.70 -58.38
N LEU S 202 -54.97 -47.03 -57.45
CA LEU S 202 -54.21 -48.28 -57.54
C LEU S 202 -55.11 -49.49 -57.29
N GLN S 203 -54.97 -50.50 -58.14
CA GLN S 203 -55.72 -51.75 -57.99
C GLN S 203 -54.90 -52.76 -57.21
N SER S 204 -55.58 -53.79 -56.70
CA SER S 204 -54.90 -54.84 -55.93
C SER S 204 -53.92 -55.61 -56.81
N SER S 205 -54.08 -55.49 -58.12
CA SER S 205 -53.20 -56.13 -59.09
C SER S 205 -51.85 -55.43 -59.17
N GLY S 206 -51.76 -54.23 -58.59
CA GLY S 206 -50.55 -53.43 -58.66
C GLY S 206 -50.62 -52.42 -59.80
N LEU S 207 -51.67 -52.51 -60.61
CA LEU S 207 -51.85 -51.61 -61.74
C LEU S 207 -52.88 -50.53 -61.43
N TYR S 208 -52.76 -49.40 -62.09
CA TYR S 208 -53.68 -48.28 -61.90
C TYR S 208 -54.89 -48.34 -62.81
N SER S 209 -55.98 -47.76 -62.34
CA SER S 209 -57.20 -47.58 -63.15
C SER S 209 -57.73 -46.15 -63.00
N LEU S 210 -57.92 -45.50 -64.14
CA LEU S 210 -58.37 -44.10 -64.18
C LEU S 210 -59.67 -43.95 -64.97
N SER S 211 -60.54 -43.05 -64.51
CA SER S 211 -61.75 -42.75 -65.25
C SER S 211 -61.78 -41.30 -65.72
N SER S 212 -62.43 -41.06 -66.85
CA SER S 212 -62.60 -39.71 -67.38
C SER S 212 -63.95 -39.55 -68.06
N VAL S 213 -64.65 -38.46 -67.74
CA VAL S 213 -65.95 -38.18 -68.35
C VAL S 213 -66.05 -36.74 -68.82
N VAL S 214 -66.69 -36.54 -69.97
CA VAL S 214 -66.95 -35.20 -70.48
C VAL S 214 -68.45 -34.97 -70.69
N THR S 215 -68.95 -33.82 -70.23
CA THR S 215 -70.36 -33.51 -70.37
C THR S 215 -70.61 -32.61 -71.57
N VAL S 216 -71.54 -33.03 -72.43
CA VAL S 216 -71.89 -32.30 -73.64
C VAL S 216 -73.40 -32.21 -73.77
N PRO S 217 -73.93 -31.28 -74.57
CA PRO S 217 -75.31 -31.22 -75.00
C PRO S 217 -75.71 -32.54 -75.66
N SER S 218 -76.88 -33.05 -75.29
CA SER S 218 -77.33 -34.34 -75.80
C SER S 218 -77.62 -34.30 -77.29
N SER S 219 -77.88 -33.10 -77.81
CA SER S 219 -78.16 -32.93 -79.22
C SER S 219 -76.91 -33.14 -80.07
N SER S 220 -75.74 -33.08 -79.43
CA SER S 220 -74.48 -33.23 -80.14
C SER S 220 -74.10 -34.69 -80.33
N LEU S 221 -74.80 -35.59 -79.64
CA LEU S 221 -74.40 -36.99 -79.64
C LEU S 221 -74.48 -37.61 -81.03
N GLY S 222 -75.46 -37.17 -81.82
CA GLY S 222 -75.65 -37.73 -83.15
C GLY S 222 -74.91 -36.93 -84.24
N THR S 223 -74.20 -35.87 -83.84
CA THR S 223 -73.52 -35.04 -84.83
C THR S 223 -72.01 -34.97 -84.58
N GLN S 224 -71.60 -35.14 -83.34
CA GLN S 224 -70.18 -35.03 -82.98
C GLN S 224 -69.60 -36.37 -82.57
N THR S 225 -68.48 -36.73 -83.18
CA THR S 225 -67.75 -37.93 -82.78
C THR S 225 -66.82 -37.61 -81.62
N TYR S 226 -66.89 -38.41 -80.58
CA TYR S 226 -66.05 -38.19 -79.41
C TYR S 226 -65.02 -39.30 -79.25
N ILE S 227 -63.74 -38.91 -79.21
CA ILE S 227 -62.65 -39.87 -79.09
C ILE S 227 -61.91 -39.72 -77.76
N CYS S 228 -61.73 -40.83 -77.05
CA CYS S 228 -60.94 -40.88 -75.83
C CYS S 228 -59.49 -41.16 -76.20
N ASN S 229 -58.60 -40.23 -75.87
CA ASN S 229 -57.21 -40.34 -76.29
C ASN S 229 -56.26 -40.47 -75.10
N VAL S 230 -55.58 -41.60 -75.03
CA VAL S 230 -54.66 -41.87 -73.93
C VAL S 230 -53.22 -41.96 -74.42
N ASN S 231 -52.37 -41.12 -73.84
CA ASN S 231 -50.96 -41.06 -74.24
C ASN S 231 -50.04 -41.49 -73.10
N HIS S 232 -49.36 -42.61 -73.29
CA HIS S 232 -48.47 -43.14 -72.26
C HIS S 232 -47.04 -43.29 -72.78
N LYS S 233 -46.19 -42.32 -72.46
CA LYS S 233 -44.83 -42.30 -72.99
C LYS S 233 -43.99 -43.54 -72.63
N PRO S 234 -43.99 -43.98 -71.36
CA PRO S 234 -43.16 -45.06 -70.84
C PRO S 234 -43.36 -46.39 -71.56
N SER S 235 -44.51 -46.56 -72.22
CA SER S 235 -44.77 -47.81 -72.94
C SER S 235 -44.92 -47.56 -74.44
N ASN S 236 -44.61 -46.34 -74.88
CA ASN S 236 -44.75 -45.98 -76.29
C ASN S 236 -46.14 -46.36 -76.80
N THR S 237 -47.16 -46.12 -75.98
CA THR S 237 -48.50 -46.56 -76.29
C THR S 237 -49.50 -45.43 -76.40
N LYS S 238 -50.25 -45.42 -77.49
CA LYS S 238 -51.32 -44.46 -77.70
C LYS S 238 -52.60 -45.20 -78.08
N VAL S 239 -53.67 -44.95 -77.33
CA VAL S 239 -54.92 -45.65 -77.57
C VAL S 239 -56.06 -44.70 -77.89
N ASP S 240 -56.68 -44.89 -79.05
CA ASP S 240 -57.78 -44.05 -79.51
C ASP S 240 -59.09 -44.83 -79.60
N LYS S 241 -60.04 -44.54 -78.72
CA LYS S 241 -61.33 -45.23 -78.73
C LYS S 241 -62.48 -44.26 -78.92
N ARG S 242 -63.48 -44.68 -79.70
CA ARG S 242 -64.66 -43.87 -79.92
C ARG S 242 -65.73 -44.12 -78.88
N VAL S 243 -66.30 -43.04 -78.36
CA VAL S 243 -67.37 -43.14 -77.38
C VAL S 243 -68.67 -42.62 -77.96
N GLU S 244 -69.67 -43.48 -78.04
CA GLU S 244 -70.95 -43.14 -78.64
C GLU S 244 -72.09 -43.86 -77.91
N PRO S 245 -73.34 -43.35 -77.96
CA PRO S 245 -74.55 -43.94 -77.39
C PRO S 245 -74.69 -45.43 -77.73
N ASP T 26 -43.40 -42.36 -28.39
CA ASP T 26 -44.06 -41.98 -29.63
C ASP T 26 -45.21 -41.00 -29.36
N ILE T 27 -44.96 -39.71 -29.63
CA ILE T 27 -45.95 -38.65 -29.42
C ILE T 27 -46.44 -38.11 -30.75
N GLN T 28 -47.73 -38.25 -31.01
CA GLN T 28 -48.32 -37.74 -32.24
C GLN T 28 -49.05 -36.42 -32.01
N LEU T 29 -49.14 -35.62 -33.07
CA LEU T 29 -49.84 -34.34 -32.99
C LEU T 29 -51.28 -34.46 -33.46
N THR T 30 -52.16 -33.69 -32.85
CA THR T 30 -53.56 -33.62 -33.25
C THR T 30 -53.87 -32.30 -33.93
N GLN T 31 -54.47 -32.38 -35.12
CA GLN T 31 -54.82 -31.20 -35.89
C GLN T 31 -56.33 -31.04 -36.00
N SER T 32 -56.76 -29.99 -36.67
CA SER T 32 -58.19 -29.79 -36.92
C SER T 32 -58.74 -31.05 -37.57
N PRO T 33 -59.98 -31.46 -37.25
CA PRO T 33 -60.62 -32.70 -37.66
C PRO T 33 -60.51 -32.97 -39.17
N SER T 34 -60.59 -31.93 -39.98
CA SER T 34 -60.50 -32.13 -41.42
C SER T 34 -60.05 -30.88 -42.17
N SER T 35 -60.99 -30.00 -42.43
CA SER T 35 -60.74 -28.80 -43.22
C SER T 35 -61.61 -27.64 -42.78
N LEU T 36 -61.20 -26.44 -43.15
CA LEU T 36 -61.95 -25.24 -42.81
C LEU T 36 -62.52 -24.58 -44.05
N SER T 37 -63.84 -24.41 -44.06
CA SER T 37 -64.52 -23.76 -45.18
C SER T 37 -64.68 -22.26 -44.92
N ALA T 38 -64.09 -21.44 -45.78
CA ALA T 38 -64.13 -20.00 -45.59
C ALA T 38 -64.09 -19.26 -46.91
N SER T 39 -64.63 -18.05 -46.91
CA SER T 39 -64.59 -17.18 -48.07
C SER T 39 -63.44 -16.20 -47.98
N VAL T 40 -63.14 -15.52 -49.08
CA VAL T 40 -62.09 -14.51 -49.09
C VAL T 40 -62.50 -13.31 -48.24
N GLY T 41 -61.59 -12.87 -47.38
CA GLY T 41 -61.85 -11.76 -46.47
C GLY T 41 -62.34 -12.26 -45.11
N ASP T 42 -62.54 -13.57 -44.99
CA ASP T 42 -63.01 -14.15 -43.74
C ASP T 42 -61.86 -14.45 -42.78
N ARG T 43 -62.20 -14.94 -41.60
CA ARG T 43 -61.21 -15.27 -40.57
C ARG T 43 -60.98 -16.77 -40.45
N VAL T 44 -59.74 -17.19 -40.60
CA VAL T 44 -59.42 -18.61 -40.52
C VAL T 44 -58.44 -18.91 -39.40
N THR T 45 -58.81 -19.85 -38.53
CA THR T 45 -57.94 -20.26 -37.44
C THR T 45 -57.71 -21.76 -37.44
N ILE T 46 -56.44 -22.17 -37.43
CA ILE T 46 -56.07 -23.56 -37.38
C ILE T 46 -55.37 -23.88 -36.07
N THR T 47 -55.82 -24.93 -35.39
CA THR T 47 -55.25 -25.26 -34.10
C THR T 47 -54.59 -26.64 -34.10
N CYS T 48 -53.50 -26.77 -33.33
CA CYS T 48 -52.80 -28.04 -33.16
C CYS T 48 -52.39 -28.24 -31.70
N ARG T 49 -52.47 -29.49 -31.24
CA ARG T 49 -51.99 -29.84 -29.91
C ARG T 49 -51.32 -31.19 -29.91
N ALA T 50 -50.25 -31.32 -29.13
CA ALA T 50 -49.60 -32.61 -28.96
C ALA T 50 -50.31 -33.40 -27.88
N SER T 51 -50.30 -34.73 -28.00
CA SER T 51 -50.86 -35.59 -26.97
C SER T 51 -50.03 -35.52 -25.69
N GLN T 52 -48.75 -35.22 -25.85
CA GLN T 52 -47.81 -35.07 -24.75
C GLN T 52 -46.91 -33.88 -25.03
N ARG T 53 -46.35 -33.28 -23.99
CA ARG T 53 -45.49 -32.12 -24.20
C ARG T 53 -44.26 -32.51 -25.00
N ILE T 54 -44.00 -31.77 -26.07
CA ILE T 54 -42.86 -32.01 -26.94
C ILE T 54 -41.83 -30.89 -26.86
N SER T 55 -42.28 -29.66 -27.03
CA SER T 55 -41.41 -28.50 -27.10
C SER T 55 -42.14 -27.24 -26.71
N SER T 56 -41.39 -26.15 -26.56
CA SER T 56 -41.97 -24.86 -26.20
C SER T 56 -42.43 -24.07 -27.42
N TYR T 57 -42.06 -24.55 -28.60
CA TYR T 57 -42.37 -23.82 -29.82
C TYR T 57 -42.93 -24.73 -30.91
N LEU T 58 -43.83 -24.19 -31.72
CA LEU T 58 -44.38 -24.92 -32.85
C LEU T 58 -44.03 -24.26 -34.18
N ASN T 59 -43.68 -25.08 -35.18
CA ASN T 59 -43.40 -24.57 -36.52
C ASN T 59 -44.58 -24.78 -37.45
N TRP T 60 -44.95 -23.73 -38.19
CA TRP T 60 -46.06 -23.82 -39.13
C TRP T 60 -45.57 -23.79 -40.58
N TYR T 61 -46.09 -24.71 -41.38
CA TYR T 61 -45.73 -24.79 -42.80
C TYR T 61 -46.97 -24.70 -43.70
N GLN T 62 -46.78 -24.21 -44.92
CA GLN T 62 -47.86 -24.12 -45.91
C GLN T 62 -47.50 -24.88 -47.19
N GLN T 63 -48.45 -25.64 -47.71
CA GLN T 63 -48.23 -26.40 -48.94
C GLN T 63 -49.35 -26.22 -49.96
N LYS T 64 -48.94 -26.06 -51.22
CA LYS T 64 -49.90 -26.06 -52.33
C LYS T 64 -49.68 -27.34 -53.14
N PRO T 65 -50.72 -27.85 -53.82
CA PRO T 65 -50.67 -29.04 -54.64
C PRO T 65 -49.56 -28.93 -55.68
N GLY T 66 -48.75 -29.97 -55.78
CA GLY T 66 -47.67 -30.02 -56.76
C GLY T 66 -46.42 -29.29 -56.29
N LYS T 67 -46.47 -28.71 -55.09
CA LYS T 67 -45.35 -27.92 -54.59
C LYS T 67 -44.84 -28.42 -53.23
N ALA T 68 -43.56 -28.18 -52.98
CA ALA T 68 -42.97 -28.44 -51.67
C ALA T 68 -43.53 -27.42 -50.67
N PRO T 69 -43.65 -27.80 -49.40
CA PRO T 69 -44.10 -26.98 -48.29
C PRO T 69 -43.08 -25.89 -47.96
N LYS T 70 -43.57 -24.77 -47.44
CA LYS T 70 -42.70 -23.68 -47.01
C LYS T 70 -42.99 -23.26 -45.57
N LEU T 71 -41.97 -22.78 -44.88
CA LEU T 71 -42.11 -22.33 -43.50
C LEU T 71 -42.73 -20.95 -43.40
N LEU T 72 -43.74 -20.80 -42.56
CA LEU T 72 -44.35 -19.50 -42.33
C LEU T 72 -43.95 -18.93 -40.98
N ILE T 73 -44.06 -19.75 -39.94
CA ILE T 73 -43.78 -19.30 -38.58
C ILE T 73 -42.91 -20.30 -37.83
N TYR T 74 -41.92 -19.78 -37.12
CA TYR T 74 -41.07 -20.60 -36.27
C TYR T 74 -40.92 -19.95 -34.91
N GLY T 75 -40.63 -20.75 -33.89
CA GLY T 75 -40.42 -20.18 -32.57
C GLY T 75 -41.77 -19.74 -31.98
N ALA T 76 -42.85 -20.28 -32.53
CA ALA T 76 -44.22 -19.97 -32.13
C ALA T 76 -44.65 -18.58 -32.62
N PHE T 77 -43.87 -17.55 -32.30
CA PHE T 77 -44.28 -16.19 -32.59
C PHE T 77 -43.47 -15.48 -33.68
N SER T 78 -42.40 -16.10 -34.18
CA SER T 78 -41.54 -15.39 -35.12
C SER T 78 -41.94 -15.67 -36.57
N LEU T 79 -42.31 -14.61 -37.28
CA LEU T 79 -42.73 -14.74 -38.66
C LEU T 79 -41.52 -14.81 -39.58
N GLN T 80 -41.54 -15.75 -40.53
CA GLN T 80 -40.41 -15.90 -41.44
C GLN T 80 -40.36 -14.78 -42.47
N SER T 81 -39.16 -14.38 -42.84
CA SER T 81 -38.98 -13.30 -43.81
C SER T 81 -39.63 -13.65 -45.14
N GLY T 82 -40.30 -12.67 -45.73
CA GLY T 82 -40.97 -12.85 -47.02
C GLY T 82 -42.43 -13.24 -46.82
N VAL T 83 -42.80 -13.55 -45.58
CA VAL T 83 -44.16 -13.95 -45.26
C VAL T 83 -44.95 -12.72 -44.79
N PRO T 84 -46.13 -12.48 -45.36
CA PRO T 84 -47.00 -11.35 -45.09
C PRO T 84 -47.55 -11.41 -43.67
N SER T 85 -47.90 -10.22 -43.15
CA SER T 85 -48.38 -10.05 -41.78
C SER T 85 -49.72 -10.73 -41.54
N ARG T 86 -50.36 -11.17 -42.62
CA ARG T 86 -51.66 -11.81 -42.52
C ARG T 86 -51.59 -13.04 -41.62
N PHE T 87 -50.44 -13.71 -41.62
CA PHE T 87 -50.23 -14.88 -40.78
C PHE T 87 -49.65 -14.50 -39.43
N SER T 88 -50.35 -14.83 -38.35
CA SER T 88 -49.90 -14.47 -37.02
C SER T 88 -50.04 -15.64 -36.04
N GLY T 89 -48.98 -15.92 -35.29
CA GLY T 89 -48.98 -17.00 -34.31
C GLY T 89 -49.65 -16.58 -33.01
N SER T 90 -50.33 -17.53 -32.38
CA SER T 90 -50.97 -17.34 -31.09
C SER T 90 -51.21 -18.69 -30.44
N GLY T 91 -51.73 -18.70 -29.22
CA GLY T 91 -52.06 -19.97 -28.57
C GLY T 91 -52.64 -19.79 -27.18
N SER T 92 -53.13 -20.90 -26.62
CA SER T 92 -53.70 -20.95 -25.28
C SER T 92 -53.41 -22.30 -24.65
N GLY T 93 -52.77 -22.29 -23.48
CA GLY T 93 -52.39 -23.53 -22.84
C GLY T 93 -51.43 -24.28 -23.73
N THR T 94 -51.76 -25.54 -24.01
CA THR T 94 -50.92 -26.40 -24.84
C THR T 94 -51.37 -26.35 -26.30
N ASP T 95 -52.41 -25.57 -26.57
CA ASP T 95 -52.97 -25.48 -27.91
C ASP T 95 -52.37 -24.33 -28.71
N PHE T 96 -51.68 -24.67 -29.80
CA PHE T 96 -51.08 -23.66 -30.67
C PHE T 96 -52.06 -23.27 -31.77
N THR T 97 -52.04 -22.00 -32.14
CA THR T 97 -52.96 -21.52 -33.18
C THR T 97 -52.27 -20.73 -34.28
N LEU T 98 -52.70 -20.97 -35.52
CA LEU T 98 -52.32 -20.14 -36.65
C LEU T 98 -53.52 -19.31 -37.10
N THR T 99 -53.39 -18.00 -37.03
CA THR T 99 -54.50 -17.14 -37.40
C THR T 99 -54.22 -16.37 -38.68
N ILE T 100 -55.17 -16.42 -39.61
CA ILE T 100 -55.11 -15.62 -40.81
C ILE T 100 -56.12 -14.49 -40.68
N SER T 101 -55.62 -13.26 -40.53
CA SER T 101 -56.49 -12.14 -40.17
C SER T 101 -57.53 -11.85 -41.24
N SER T 102 -57.13 -11.97 -42.49
CA SER T 102 -58.03 -11.81 -43.63
C SER T 102 -57.65 -12.75 -44.74
N LEU T 103 -58.48 -13.77 -44.98
CA LEU T 103 -58.13 -14.80 -45.95
C LEU T 103 -58.07 -14.25 -47.37
N GLN T 104 -56.98 -14.53 -48.06
CA GLN T 104 -56.81 -14.13 -49.45
C GLN T 104 -56.97 -15.33 -50.37
N PRO T 105 -57.22 -15.13 -51.67
CA PRO T 105 -57.33 -16.15 -52.70
C PRO T 105 -56.09 -17.03 -52.76
N GLU T 106 -54.95 -16.48 -52.36
CA GLU T 106 -53.68 -17.20 -52.38
C GLU T 106 -53.43 -17.99 -51.09
N ASP T 107 -54.31 -17.84 -50.11
CA ASP T 107 -54.10 -18.46 -48.81
C ASP T 107 -54.79 -19.81 -48.69
N PHE T 108 -55.37 -20.29 -49.78
CA PHE T 108 -56.02 -21.59 -49.76
C PHE T 108 -54.98 -22.67 -50.00
N ALA T 109 -54.66 -23.38 -48.93
CA ALA T 109 -53.55 -24.32 -48.91
C ALA T 109 -53.70 -25.28 -47.74
N THR T 110 -52.86 -26.31 -47.72
CA THR T 110 -52.79 -27.20 -46.57
C THR T 110 -51.69 -26.75 -45.63
N TYR T 111 -52.01 -26.59 -44.36
CA TYR T 111 -51.04 -26.11 -43.39
C TYR T 111 -50.64 -27.24 -42.45
N TYR T 112 -49.36 -27.27 -42.07
CA TYR T 112 -48.85 -28.34 -41.22
C TYR T 112 -48.26 -27.83 -39.92
N CYS T 113 -48.36 -28.67 -38.88
CA CYS T 113 -47.77 -28.41 -37.57
C CYS T 113 -46.62 -29.37 -37.30
N GLN T 114 -45.48 -28.84 -36.88
CA GLN T 114 -44.31 -29.66 -36.59
C GLN T 114 -43.58 -29.25 -35.30
N GLN T 115 -43.09 -30.24 -34.57
CA GLN T 115 -42.27 -30.00 -33.38
C GLN T 115 -41.01 -30.87 -33.40
N SER T 116 -39.91 -30.34 -32.87
CA SER T 116 -38.63 -31.04 -32.97
C SER T 116 -38.37 -32.06 -31.85
N TYR T 117 -38.91 -31.80 -30.67
CA TYR T 117 -38.63 -32.65 -29.52
C TYR T 117 -37.14 -32.62 -29.17
N ARG T 118 -36.46 -31.56 -29.60
CA ARG T 118 -35.02 -31.39 -29.38
C ARG T 118 -34.21 -32.53 -29.95
N THR T 119 -34.67 -33.10 -31.05
CA THR T 119 -33.95 -34.15 -31.75
C THR T 119 -34.06 -33.99 -33.25
N LEU T 120 -33.23 -34.74 -33.98
CA LEU T 120 -33.28 -34.72 -35.43
C LEU T 120 -34.58 -35.34 -35.94
N THR T 121 -35.19 -36.20 -35.13
CA THR T 121 -36.40 -36.88 -35.54
C THR T 121 -37.62 -35.96 -35.41
N ARG T 122 -37.76 -35.05 -36.37
CA ARG T 122 -38.86 -34.08 -36.35
C ARG T 122 -40.21 -34.76 -36.54
N THR T 123 -41.21 -34.30 -35.79
CA THR T 123 -42.54 -34.88 -35.87
C THR T 123 -43.52 -33.96 -36.59
N PHE T 124 -44.16 -34.49 -37.63
CA PHE T 124 -45.11 -33.73 -38.41
C PHE T 124 -46.54 -34.23 -38.21
N GLY T 125 -47.50 -33.31 -38.30
CA GLY T 125 -48.92 -33.69 -38.32
C GLY T 125 -49.38 -33.99 -39.73
N GLN T 126 -50.67 -34.27 -39.91
CA GLN T 126 -51.21 -34.57 -41.23
C GLN T 126 -51.63 -33.31 -41.97
N GLY T 127 -51.79 -32.22 -41.22
CA GLY T 127 -52.11 -30.92 -41.80
C GLY T 127 -53.61 -30.63 -41.83
N THR T 128 -53.93 -29.36 -42.03
CA THR T 128 -55.32 -28.88 -42.12
C THR T 128 -55.53 -28.17 -43.44
N LYS T 129 -56.60 -28.52 -44.15
CA LYS T 129 -56.87 -27.91 -45.45
C LYS T 129 -57.88 -26.77 -45.35
N VAL T 130 -57.64 -25.71 -46.12
CA VAL T 130 -58.59 -24.62 -46.21
C VAL T 130 -59.32 -24.68 -47.56
N GLU T 131 -60.64 -24.78 -47.50
CA GLU T 131 -61.48 -24.93 -48.68
C GLU T 131 -62.25 -23.66 -48.97
N ILE T 132 -62.66 -23.48 -50.23
CA ILE T 132 -63.46 -22.31 -50.58
C ILE T 132 -64.93 -22.53 -50.21
N LYS T 133 -65.47 -21.62 -49.41
CA LYS T 133 -66.85 -21.71 -48.96
C LYS T 133 -67.82 -21.38 -50.09
N ARG T 134 -68.79 -22.28 -50.29
CA ARG T 134 -69.80 -22.10 -51.35
C ARG T 134 -71.16 -22.60 -50.91
N THR T 135 -72.20 -22.10 -51.56
CA THR T 135 -73.56 -22.56 -51.32
C THR T 135 -73.70 -24.03 -51.72
N VAL T 136 -74.35 -24.82 -50.87
CA VAL T 136 -74.52 -26.24 -51.12
C VAL T 136 -75.61 -26.52 -52.14
N ALA T 137 -75.30 -27.39 -53.11
CA ALA T 137 -76.24 -27.78 -54.15
C ALA T 137 -76.00 -29.22 -54.57
N ALA T 138 -77.06 -29.87 -55.05
CA ALA T 138 -76.99 -31.27 -55.47
C ALA T 138 -76.14 -31.44 -56.73
N PRO T 139 -75.47 -32.60 -56.86
CA PRO T 139 -74.74 -33.07 -58.02
C PRO T 139 -75.67 -33.53 -59.13
N SER T 140 -75.19 -33.44 -60.36
CA SER T 140 -75.82 -34.14 -61.47
C SER T 140 -75.35 -35.59 -61.44
N VAL T 141 -76.28 -36.53 -61.65
CA VAL T 141 -75.94 -37.94 -61.51
C VAL T 141 -76.03 -38.70 -62.83
N PHE T 142 -74.95 -39.39 -63.18
CA PHE T 142 -74.90 -40.19 -64.39
C PHE T 142 -74.39 -41.60 -64.11
N ILE T 143 -74.91 -42.58 -64.85
CA ILE T 143 -74.48 -43.97 -64.69
C ILE T 143 -73.85 -44.49 -65.98
N PHE T 144 -72.71 -45.16 -65.84
CA PHE T 144 -71.98 -45.71 -66.97
C PHE T 144 -71.77 -47.23 -66.86
N PRO T 145 -72.66 -48.03 -67.45
CA PRO T 145 -72.61 -49.49 -67.51
C PRO T 145 -71.35 -49.97 -68.23
N PRO T 146 -70.91 -51.21 -67.99
CA PRO T 146 -69.72 -51.84 -68.54
C PRO T 146 -69.77 -51.91 -70.06
N SER T 147 -68.60 -51.79 -70.69
CA SER T 147 -68.50 -51.88 -72.14
C SER T 147 -68.45 -53.33 -72.60
N ASP T 148 -68.69 -53.54 -73.90
CA ASP T 148 -68.63 -54.88 -74.46
C ASP T 148 -67.20 -55.41 -74.47
N GLU T 149 -66.25 -54.50 -74.67
CA GLU T 149 -64.84 -54.87 -74.70
C GLU T 149 -64.39 -55.41 -73.35
N GLN T 150 -64.96 -54.87 -72.27
CA GLN T 150 -64.63 -55.36 -70.93
C GLN T 150 -65.20 -56.74 -70.69
N LEU T 151 -66.44 -56.96 -71.11
CA LEU T 151 -67.07 -58.26 -70.91
C LEU T 151 -66.33 -59.33 -71.69
N LYS T 152 -65.86 -58.98 -72.88
CA LYS T 152 -65.08 -59.89 -73.71
C LYS T 152 -63.73 -60.18 -73.09
N SER T 153 -63.32 -59.34 -72.15
CA SER T 153 -62.03 -59.47 -71.48
C SER T 153 -62.16 -60.27 -70.19
N GLY T 154 -63.39 -60.67 -69.85
CA GLY T 154 -63.64 -61.44 -68.64
C GLY T 154 -63.93 -60.57 -67.42
N THR T 155 -64.10 -59.27 -67.63
CA THR T 155 -64.35 -58.34 -66.53
C THR T 155 -65.50 -57.39 -66.83
N ALA T 156 -65.93 -56.64 -65.82
CA ALA T 156 -66.94 -55.62 -66.00
C ALA T 156 -66.74 -54.48 -65.01
N SER T 157 -67.06 -53.26 -65.42
CA SER T 157 -66.96 -52.12 -64.52
C SER T 157 -68.05 -51.10 -64.79
N VAL T 158 -68.72 -50.68 -63.73
CA VAL T 158 -69.78 -49.68 -63.84
C VAL T 158 -69.47 -48.47 -62.95
N VAL T 159 -69.67 -47.28 -63.50
CA VAL T 159 -69.29 -46.05 -62.79
C VAL T 159 -70.47 -45.12 -62.50
N CYS T 160 -70.54 -44.63 -61.26
CA CYS T 160 -71.47 -43.57 -60.86
C CYS T 160 -70.76 -42.23 -60.82
N LEU T 161 -71.29 -41.25 -61.52
CA LEU T 161 -70.66 -39.94 -61.61
C LEU T 161 -71.49 -38.83 -60.98
N LEU T 162 -70.84 -38.04 -60.13
CA LEU T 162 -71.44 -36.84 -59.55
C LEU T 162 -70.73 -35.60 -60.07
N ASN T 163 -71.47 -34.72 -60.75
CA ASN T 163 -70.86 -33.52 -61.31
C ASN T 163 -71.28 -32.23 -60.61
N ASN T 164 -70.33 -31.32 -60.50
CA ASN T 164 -70.57 -29.94 -60.07
C ASN T 164 -71.28 -29.79 -58.73
N PHE T 165 -70.80 -30.48 -57.71
CA PHE T 165 -71.35 -30.29 -56.37
C PHE T 165 -70.33 -29.59 -55.48
N TYR T 166 -70.81 -28.85 -54.48
CA TYR T 166 -69.92 -27.99 -53.71
C TYR T 166 -69.21 -28.65 -52.52
N PRO T 167 -69.89 -29.49 -51.72
CA PRO T 167 -69.33 -30.23 -50.60
C PRO T 167 -68.37 -31.30 -51.09
N ARG T 168 -67.38 -31.64 -50.28
CA ARG T 168 -66.49 -32.75 -50.62
C ARG T 168 -67.09 -34.08 -50.20
N GLU T 169 -67.84 -34.08 -49.11
CA GLU T 169 -68.32 -35.32 -48.50
C GLU T 169 -69.60 -35.84 -49.14
N ALA T 170 -69.49 -36.25 -50.40
CA ALA T 170 -70.60 -36.91 -51.11
C ALA T 170 -70.56 -38.41 -50.81
N LYS T 171 -71.72 -39.05 -50.79
CA LYS T 171 -71.77 -40.48 -50.51
C LYS T 171 -72.50 -41.26 -51.60
N VAL T 172 -71.84 -42.29 -52.13
CA VAL T 172 -72.44 -43.13 -53.16
C VAL T 172 -72.43 -44.60 -52.75
N GLN T 173 -73.59 -45.25 -52.85
CA GLN T 173 -73.70 -46.66 -52.51
C GLN T 173 -74.10 -47.49 -53.73
N TRP T 174 -73.47 -48.65 -53.88
CA TRP T 174 -73.79 -49.56 -54.97
C TRP T 174 -74.79 -50.62 -54.57
N LYS T 175 -75.77 -50.87 -55.45
CA LYS T 175 -76.74 -51.93 -55.21
C LYS T 175 -76.87 -52.83 -56.44
N VAL T 176 -76.90 -54.14 -56.20
CA VAL T 176 -77.05 -55.10 -57.28
C VAL T 176 -78.16 -56.08 -56.95
N ASP T 177 -79.10 -56.27 -57.87
CA ASP T 177 -80.27 -57.11 -57.62
C ASP T 177 -80.97 -56.67 -56.34
N ASN T 178 -81.05 -55.36 -56.15
CA ASN T 178 -81.70 -54.75 -54.98
C ASN T 178 -81.02 -55.13 -53.66
N ALA T 179 -79.73 -55.47 -53.74
CA ALA T 179 -78.95 -55.75 -52.53
C ALA T 179 -77.77 -54.80 -52.43
N LEU T 180 -77.46 -54.37 -51.22
CA LEU T 180 -76.35 -53.45 -51.00
C LEU T 180 -75.01 -54.16 -51.10
N GLN T 181 -74.05 -53.54 -51.80
CA GLN T 181 -72.71 -54.09 -51.91
C GLN T 181 -71.66 -53.08 -51.47
N SER T 182 -70.57 -53.61 -50.91
CA SER T 182 -69.42 -52.79 -50.53
C SER T 182 -68.14 -53.61 -50.52
N GLY T 183 -67.01 -52.93 -50.57
CA GLY T 183 -65.71 -53.60 -50.49
C GLY T 183 -65.20 -54.02 -51.87
N ASN T 184 -66.03 -53.82 -52.88
CA ASN T 184 -65.67 -54.17 -54.25
C ASN T 184 -65.72 -52.95 -55.16
N SER T 185 -65.53 -51.78 -54.56
CA SER T 185 -65.60 -50.52 -55.30
C SER T 185 -64.58 -49.51 -54.77
N GLN T 186 -64.25 -48.52 -55.60
CA GLN T 186 -63.31 -47.48 -55.24
C GLN T 186 -63.82 -46.09 -55.58
N GLU T 187 -63.36 -45.09 -54.84
CA GLU T 187 -63.74 -43.69 -55.07
C GLU T 187 -62.57 -42.83 -55.49
N SER T 188 -62.79 -41.98 -56.50
CA SER T 188 -61.82 -40.97 -56.90
C SER T 188 -62.51 -39.62 -57.10
N VAL T 189 -61.95 -38.58 -56.48
CA VAL T 189 -62.54 -37.25 -56.54
C VAL T 189 -61.53 -36.21 -56.98
N THR T 190 -61.98 -35.28 -57.83
CA THR T 190 -61.12 -34.24 -58.37
C THR T 190 -60.93 -33.12 -57.35
N GLU T 191 -59.95 -32.26 -57.61
CA GLU T 191 -59.69 -31.11 -56.75
C GLU T 191 -60.77 -30.06 -56.97
N GLN T 192 -60.98 -29.20 -55.97
CA GLN T 192 -61.99 -28.16 -56.09
C GLN T 192 -61.71 -27.31 -57.31
N ASP T 193 -62.74 -27.10 -58.13
CA ASP T 193 -62.61 -26.36 -59.38
C ASP T 193 -62.14 -24.92 -59.12
N SER T 194 -61.30 -24.42 -60.02
CA SER T 194 -60.72 -23.09 -59.87
C SER T 194 -61.69 -21.96 -60.21
N LYS T 195 -62.76 -22.26 -60.93
CA LYS T 195 -63.71 -21.23 -61.33
C LYS T 195 -65.07 -21.40 -60.68
N ASP T 196 -65.57 -22.62 -60.66
CA ASP T 196 -66.90 -22.89 -60.09
C ASP T 196 -66.83 -23.37 -58.65
N SER T 197 -65.61 -23.62 -58.18
CA SER T 197 -65.38 -24.13 -56.83
C SER T 197 -66.20 -25.38 -56.51
N THR T 198 -66.31 -26.28 -57.49
CA THR T 198 -67.06 -27.52 -57.31
C THR T 198 -66.18 -28.75 -57.35
N TYR T 199 -66.75 -29.89 -56.96
CA TYR T 199 -66.09 -31.17 -56.99
C TYR T 199 -66.77 -32.13 -57.96
N SER T 200 -66.00 -33.09 -58.45
CA SER T 200 -66.55 -34.16 -59.27
C SER T 200 -66.14 -35.51 -58.69
N LEU T 201 -67.08 -36.44 -58.60
CA LEU T 201 -66.82 -37.74 -57.99
C LEU T 201 -67.09 -38.89 -58.94
N SER T 202 -66.17 -39.85 -58.98
CA SER T 202 -66.36 -41.05 -59.77
C SER T 202 -66.20 -42.31 -58.92
N SER T 203 -67.29 -43.04 -58.76
CA SER T 203 -67.29 -44.28 -57.99
C SER T 203 -67.32 -45.47 -58.93
N THR T 204 -66.36 -46.38 -58.79
CA THR T 204 -66.27 -47.51 -59.69
C THR T 204 -66.51 -48.84 -58.99
N LEU T 205 -67.45 -49.62 -59.54
CA LEU T 205 -67.75 -50.95 -59.02
C LEU T 205 -67.19 -52.02 -59.96
N THR T 206 -66.39 -52.93 -59.41
CA THR T 206 -65.74 -53.96 -60.22
C THR T 206 -66.41 -55.31 -60.09
N LEU T 207 -66.78 -55.88 -61.24
CA LEU T 207 -67.39 -57.21 -61.32
C LEU T 207 -66.65 -58.08 -62.33
N SER T 208 -66.71 -59.40 -62.14
CA SER T 208 -66.23 -60.33 -63.15
C SER T 208 -67.29 -60.50 -64.24
N LYS T 209 -66.90 -61.03 -65.39
CA LYS T 209 -67.88 -61.26 -66.46
C LYS T 209 -68.98 -62.21 -66.00
N ALA T 210 -68.58 -63.32 -65.38
CA ALA T 210 -69.54 -64.34 -64.97
C ALA T 210 -70.45 -63.83 -63.86
N ASP T 211 -69.90 -63.02 -62.96
CA ASP T 211 -70.68 -62.52 -61.84
C ASP T 211 -71.52 -61.33 -62.25
N TYR T 212 -71.05 -60.58 -63.23
CA TYR T 212 -71.86 -59.49 -63.76
C TYR T 212 -73.12 -60.02 -64.43
N GLU T 213 -72.94 -61.04 -65.26
CA GLU T 213 -74.03 -61.61 -66.06
C GLU T 213 -75.12 -62.28 -65.22
N LYS T 214 -74.75 -62.90 -64.10
CA LYS T 214 -75.73 -63.63 -63.30
C LYS T 214 -76.77 -62.69 -62.68
N HIS T 215 -76.45 -61.41 -62.59
CA HIS T 215 -77.36 -60.42 -62.00
C HIS T 215 -78.35 -59.92 -63.05
N LYS T 216 -79.51 -59.45 -62.59
CA LYS T 216 -80.53 -59.01 -63.54
C LYS T 216 -80.70 -57.49 -63.56
N VAL T 217 -80.51 -56.85 -62.41
CA VAL T 217 -80.66 -55.40 -62.34
C VAL T 217 -79.55 -54.75 -61.53
N TYR T 218 -79.09 -53.59 -61.99
CA TYR T 218 -78.10 -52.82 -61.26
C TYR T 218 -78.66 -51.46 -60.87
N ALA T 219 -78.24 -50.95 -59.72
CA ALA T 219 -78.71 -49.66 -59.26
C ALA T 219 -77.63 -48.94 -58.46
N CYS T 220 -77.71 -47.60 -58.43
CA CYS T 220 -76.77 -46.77 -57.70
C CYS T 220 -77.52 -45.70 -56.91
N GLU T 221 -77.19 -45.56 -55.64
CA GLU T 221 -77.86 -44.62 -54.76
C GLU T 221 -76.94 -43.48 -54.36
N VAL T 222 -77.39 -42.25 -54.55
CA VAL T 222 -76.59 -41.08 -54.22
C VAL T 222 -77.18 -40.27 -53.07
N THR T 223 -76.38 -40.06 -52.03
CA THR T 223 -76.76 -39.25 -50.88
C THR T 223 -75.91 -37.98 -50.85
N HIS T 224 -76.57 -36.84 -50.69
CA HIS T 224 -75.86 -35.58 -50.74
C HIS T 224 -76.55 -34.51 -49.91
N GLN T 225 -75.76 -33.58 -49.38
CA GLN T 225 -76.26 -32.49 -48.54
C GLN T 225 -77.15 -31.53 -49.32
N GLY T 226 -76.97 -31.49 -50.64
CA GLY T 226 -77.73 -30.59 -51.49
C GLY T 226 -79.02 -31.24 -51.98
N LEU T 227 -79.28 -32.47 -51.56
CA LEU T 227 -80.48 -33.18 -51.95
C LEU T 227 -81.51 -33.21 -50.83
N SER T 228 -82.77 -32.96 -51.19
CA SER T 228 -83.86 -33.07 -50.22
C SER T 228 -84.24 -34.53 -50.01
N SER T 229 -83.81 -35.37 -50.94
CA SER T 229 -84.05 -36.81 -50.88
C SER T 229 -83.02 -37.51 -51.76
N PRO T 230 -82.60 -38.73 -51.40
CA PRO T 230 -81.64 -39.55 -52.10
C PRO T 230 -82.17 -39.91 -53.49
N VAL T 231 -81.27 -40.00 -54.45
CA VAL T 231 -81.67 -40.32 -55.82
C VAL T 231 -81.07 -41.64 -56.26
N THR T 232 -81.91 -42.50 -56.83
CA THR T 232 -81.46 -43.80 -57.28
C THR T 232 -81.61 -43.95 -58.79
N LYS T 233 -80.53 -44.39 -59.43
CA LYS T 233 -80.54 -44.67 -60.86
C LYS T 233 -80.33 -46.17 -61.08
N SER T 234 -80.87 -46.69 -62.19
CA SER T 234 -80.74 -48.12 -62.45
C SER T 234 -80.68 -48.44 -63.93
N PHE T 235 -80.19 -49.64 -64.22
CA PHE T 235 -80.11 -50.16 -65.59
C PHE T 235 -80.15 -51.69 -65.60
N ASN T 236 -80.44 -52.27 -66.77
CA ASN T 236 -80.47 -53.73 -66.95
C ASN T 236 -79.43 -54.16 -67.96
C1 NAG U . 17.21 37.87 -58.49
C2 NAG U . 18.03 39.16 -58.61
C3 NAG U . 17.93 40.02 -57.35
C4 NAG U . 18.19 39.27 -56.04
C5 NAG U . 18.34 37.78 -56.34
C6 NAG U . 18.29 36.88 -55.11
C7 NAG U . 20.29 39.83 -59.19
C8 NAG U . 21.57 39.67 -58.42
N2 NAG U . 19.40 38.87 -59.02
O3 NAG U . 16.62 40.58 -57.31
O4 NAG U . 19.36 39.85 -55.42
O5 NAG U . 17.23 37.40 -57.14
O6 NAG U . 16.99 36.30 -55.09
O7 NAG U . 20.08 40.78 -59.92
C1 NAG U . 19.04 40.26 -54.06
C2 NAG U . 19.01 41.77 -53.81
C3 NAG U . 18.13 42.01 -52.58
C4 NAG U . 18.07 40.77 -51.68
C5 NAG U . 19.37 39.95 -51.71
C6 NAG U . 19.22 38.69 -50.87
C7 NAG U . 21.05 42.85 -54.58
C8 NAG U . 20.34 43.84 -55.44
N2 NAG U . 20.33 42.32 -53.60
O3 NAG U . 16.81 42.29 -53.03
O4 NAG U . 17.81 41.17 -50.32
O5 NAG U . 19.72 39.55 -53.02
O6 NAG U . 20.45 37.96 -50.98
O7 NAG U . 22.23 42.54 -54.77
C1 MAN U . 18.41 42.27 -49.51
C2 MAN U . 19.18 41.96 -48.22
C3 MAN U . 18.80 42.92 -47.10
C4 MAN U . 18.80 44.34 -47.65
C5 MAN U . 17.70 44.37 -48.70
C6 MAN U . 17.30 45.79 -49.06
O2 MAN U . 20.58 42.08 -48.46
O3 MAN U . 19.74 42.79 -46.03
O4 MAN U . 18.51 45.33 -46.67
O5 MAN U . 18.13 43.63 -49.83
O6 MAN U . 15.97 45.78 -49.58
C1 MAN U . 19.01 42.90 -44.79
C2 MAN U . 19.90 42.54 -43.61
C3 MAN U . 19.06 42.55 -42.35
C4 MAN U . 17.96 41.51 -42.47
C5 MAN U . 17.87 41.03 -43.91
C6 MAN U . 16.62 40.18 -44.13
O2 MAN U . 20.93 43.52 -43.48
O3 MAN U . 18.47 43.85 -42.20
O4 MAN U . 18.23 40.40 -41.62
O5 MAN U . 17.80 42.16 -44.78
O6 MAN U . 16.49 39.88 -45.53
C1 BMA U . 15.04 45.50 -48.51
C2 BMA U . 13.86 46.47 -48.58
C3 BMA U . 12.88 46.19 -47.45
C4 BMA U . 12.51 44.71 -47.45
C5 BMA U . 13.79 43.88 -47.38
C6 BMA U . 13.51 42.39 -47.30
O2 BMA U . 13.20 46.32 -49.83
O3 BMA U . 11.71 46.99 -47.62
O4 BMA U . 11.68 44.42 -46.32
O5 BMA U . 14.55 44.17 -48.55
O6 BMA U . 14.77 41.71 -47.23
C1 FUC U . 16.35 36.44 -53.81
C2 FUC U . 15.00 37.12 -54.00
C3 FUC U . 14.21 36.33 -55.02
C4 FUC U . 14.03 34.91 -54.52
C5 FUC U . 15.40 34.32 -54.19
C6 FUC U . 15.27 32.92 -53.61
O2 FUC U . 15.19 38.44 -54.49
O3 FUC U . 12.94 36.95 -55.22
O4 FUC U . 13.26 34.94 -53.32
O5 FUC U . 16.09 35.15 -53.26
C1 NAG V . 15.39 42.57 40.72
C2 NAG V . 14.52 42.27 41.91
C3 NAG V . 14.57 40.78 42.17
C4 NAG V . 15.05 39.99 40.96
C5 NAG V . 16.44 40.43 40.52
C6 NAG V . 16.73 40.11 39.05
C7 NAG V . 14.48 44.23 43.32
C8 NAG V . 13.09 44.30 43.85
N2 NAG V . 14.95 43.01 43.08
O3 NAG V . 13.27 40.32 42.54
O4 NAG V . 15.13 38.60 41.30
O5 NAG V . 16.60 41.83 40.77
O6 NAG V . 15.90 40.83 38.13
O7 NAG V . 15.16 45.24 43.13
C1 NAG V . 14.47 37.78 40.32
C2 NAG V . 15.35 36.58 39.93
C3 NAG V . 14.69 35.27 40.35
C4 NAG V . 13.26 35.13 39.84
C5 NAG V . 12.60 36.49 39.75
C6 NAG V . 11.10 36.40 39.98
C7 NAG V . 16.38 35.67 37.91
C8 NAG V . 15.93 35.32 36.52
N2 NAG V . 15.67 36.62 38.52
O3 NAG V . 14.68 35.17 41.78
O4 NAG V . 13.27 34.51 38.55
O5 NAG V . 13.18 37.34 40.74
O6 NAG V . 10.47 35.85 38.82
O7 NAG V . 17.34 35.14 38.42
C1 MAN V . 12.98 33.09 38.66
C2 MAN V . 11.58 32.78 38.14
C3 MAN V . 11.40 31.29 38.02
C4 MAN V . 11.72 30.64 39.35
C5 MAN V . 12.06 31.71 40.39
C6 MAN V . 12.40 31.09 41.73
O2 MAN V . 11.38 33.44 36.88
O3 MAN V . 12.29 30.76 37.03
O4 MAN V . 10.58 29.89 39.79
O5 MAN V . 13.15 32.51 39.95
O6 MAN V . 13.62 30.33 41.60
C1 FUC V . 15.00 39.92 37.45
C2 FUC V . 15.28 39.88 35.95
C3 FUC V . 14.32 38.93 35.26
C4 FUC V . 12.88 39.27 35.60
C5 FUC V . 12.71 39.34 37.11
C6 FUC V . 11.30 39.78 37.46
O2 FUC V . 16.62 39.43 35.72
O3 FUC V . 14.48 39.05 33.84
O4 FUC V . 12.54 40.54 35.02
O5 FUC V . 13.64 40.29 37.66
C1 NAG W . -7.42 -43.33 -6.93
C2 NAG W . -8.27 -43.50 -8.18
C3 NAG W . -8.52 -42.14 -8.77
C4 NAG W . -7.22 -41.45 -9.15
C5 NAG W . -6.07 -41.75 -8.23
C6 NAG W . -5.33 -40.43 -7.98
C7 NAG W . -7.85 -45.75 -8.73
C8 NAG W . -6.60 -46.56 -8.55
N2 NAG W . -7.67 -44.48 -9.06
O3 NAG W . -9.17 -41.34 -7.78
O4 NAG W . -6.82 -41.81 -10.47
O5 NAG W . -6.60 -42.16 -6.98
O6 NAG W . -6.31 -39.50 -7.51
O7 NAG W . -8.95 -46.22 -8.55
C1 NAG W . -6.64 -40.60 -11.24
C2 NAG W . -7.40 -40.67 -12.56
C3 NAG W . -7.35 -39.30 -13.21
C4 NAG W . -6.38 -38.41 -12.45
C5 NAG W . -5.07 -39.13 -12.25
C6 NAG W . -4.01 -38.21 -11.66
C7 NAG W . -7.21 -42.96 -13.37
C8 NAG W . -8.65 -43.21 -13.03
N2 NAG W . -6.84 -41.68 -13.44
O3 NAG W . -8.66 -38.73 -13.18
O4 NAG W . -6.14 -37.21 -13.20
O5 NAG W . -5.27 -40.25 -11.39
O6 NAG W . -2.84 -38.96 -11.36
O7 NAG W . -6.43 -43.88 -13.58
C1 FUC W . -6.14 -38.21 -8.12
C2 FUC W . -7.51 -37.55 -8.26
C3 FUC W . -8.15 -37.40 -6.88
C4 FUC W . -7.22 -36.57 -6.01
C5 FUC W . -5.83 -37.18 -6.00
C6 FUC W . -4.85 -36.29 -5.23
O2 FUC W . -8.37 -38.33 -9.08
O3 FUC W . -9.39 -36.73 -7.01
O4 FUC W . -7.16 -35.24 -6.52
O5 FUC W . -5.33 -37.35 -7.33
C1 NAG X . 4.01 -3.31 55.46
C2 NAG X . 4.49 -2.55 56.69
C3 NAG X . 5.49 -3.40 57.40
C4 NAG X . 4.75 -4.60 57.98
C5 NAG X . 3.91 -5.27 56.90
C6 NAG X . 2.89 -6.15 57.62
C7 NAG X . 4.49 -0.19 56.88
C8 NAG X . 5.42 0.88 57.37
N2 NAG X . 5.06 -1.27 56.37
O3 NAG X . 6.05 -2.61 58.45
O4 NAG X . 5.65 -5.59 58.50
O5 NAG X . 3.22 -4.36 56.03
O6 NAG X . 2.88 -7.48 57.09
O7 NAG X . 3.28 -0.09 56.96
C1 NAG X . 5.89 -5.44 59.91
C2 NAG X . 6.67 -6.60 60.52
C3 NAG X . 5.82 -7.48 61.41
C4 NAG X . 5.08 -6.60 62.40
C5 NAG X . 4.12 -5.79 61.55
C6 NAG X . 3.12 -4.98 62.38
C7 NAG X . 8.51 -7.39 59.16
C8 NAG X . 8.94 -8.26 58.02
N2 NAG X . 7.22 -7.43 59.47
O3 NAG X . 6.67 -8.40 62.09
O4 NAG X . 4.42 -7.43 63.38
O5 NAG X . 4.85 -4.89 60.72
O6 NAG X . 2.15 -4.41 61.50
O7 NAG X . 9.30 -6.68 59.76
C1 BMA X . 4.67 -6.96 64.73
C2 BMA X . 6.00 -7.43 65.31
C3 BMA X . 5.95 -8.90 65.70
C4 BMA X . 4.73 -9.17 66.57
C5 BMA X . 3.47 -8.65 65.90
C6 BMA X . 2.26 -8.87 66.80
O2 BMA X . 6.32 -6.65 66.46
O3 BMA X . 7.13 -9.24 66.42
O4 BMA X . 4.60 -10.58 66.79
O5 BMA X . 3.60 -7.26 65.63
O6 BMA X . 1.09 -8.38 66.15
C1 FUC X . 2.49 -7.41 55.72
C2 FUC X . 2.67 -8.75 55.02
C3 FUC X . 1.52 -9.71 55.30
C4 FUC X . 0.19 -9.01 55.12
C5 FUC X . 0.15 -7.74 55.94
C6 FUC X . -1.19 -7.02 55.81
O2 FUC X . 3.89 -9.34 55.47
O3 FUC X . 1.60 -10.81 54.40
O4 FUC X . 0.00 -8.70 53.73
O5 FUC X . 1.18 -6.87 55.52
C1 NAG Y . -8.16 11.71 -44.28
C2 NAG Y . -9.22 11.03 -45.18
C3 NAG Y . -8.83 9.63 -45.63
C4 NAG Y . -7.44 9.77 -46.24
C5 NAG Y . -6.53 10.16 -45.09
C6 NAG Y . -5.06 10.03 -45.41
C7 NAG Y . -11.13 10.23 -43.85
C8 NAG Y . -12.26 9.41 -44.39
N2 NAG Y . -10.58 11.11 -44.67
O3 NAG Y . -9.77 9.15 -46.60
O4 NAG Y . -6.93 8.66 -47.05
O5 NAG Y . -6.85 11.52 -44.79
O6 NAG Y . -4.34 9.91 -44.17
O7 NAG Y . -10.76 10.12 -42.70
C1 NAG Y . -7.10 7.28 -46.64
C2 NAG Y . -5.81 6.61 -47.11
C3 NAG Y . -6.09 5.24 -47.75
C4 NAG Y . -6.99 5.37 -48.95
C5 NAG Y . -7.99 6.50 -48.76
C6 NAG Y . -9.31 6.11 -49.40
C7 NAG Y . -3.70 7.40 -48.00
C8 NAG Y . -3.05 6.91 -49.26
N2 NAG Y . -5.03 7.47 -47.98
O1 NAG Y . -7.28 6.81 -45.30
O3 NAG Y . -6.70 4.36 -46.80
O4 NAG Y . -6.20 5.62 -50.12
O5 NAG Y . -8.21 6.74 -47.37
O6 NAG Y . -9.73 4.86 -48.84
O7 NAG Y . -3.03 7.73 -47.03
C1 CLR Z . 24.53 -32.09 -9.70
C2 CLR Z . 24.35 -31.33 -8.38
C3 CLR Z . 24.70 -32.22 -7.20
C4 CLR Z . 26.17 -32.62 -7.31
C5 CLR Z . 26.36 -33.30 -8.64
C6 CLR Z . 26.86 -34.54 -8.67
C7 CLR Z . 27.30 -35.23 -9.94
C8 CLR Z . 27.41 -34.20 -11.06
C9 CLR Z . 26.12 -33.40 -11.13
C10 CLR Z . 25.97 -32.54 -9.88
C11 CLR Z . 26.07 -32.53 -12.38
C12 CLR Z . 26.41 -33.27 -13.67
C13 CLR Z . 27.77 -33.92 -13.52
C14 CLR Z . 27.67 -34.89 -12.37
C15 CLR Z . 28.93 -35.73 -12.46
C16 CLR Z . 29.15 -35.85 -13.97
C17 CLR Z . 28.26 -34.83 -14.65
C18 CLR Z . 28.85 -32.88 -13.23
C19 CLR Z . 26.86 -31.31 -10.01
C20 CLR Z . 28.99 -34.13 -15.79
C21 CLR Z . 28.14 -34.10 -17.06
C22 CLR Z . 30.32 -34.82 -16.02
C23 CLR Z . 30.95 -34.41 -17.35
C24 CLR Z . 32.17 -35.27 -17.65
C25 CLR Z . 32.59 -35.12 -19.12
C26 CLR Z . 33.74 -36.06 -19.45
C27 CLR Z . 31.40 -35.36 -20.03
O1 CLR Z . 24.52 -31.49 -5.98
C1 CLR AA . 34.22 -23.54 54.04
C2 CLR AA . 33.30 -23.27 52.86
C3 CLR AA . 31.90 -22.91 53.33
C4 CLR AA . 32.00 -21.62 54.12
C5 CLR AA . 32.96 -21.79 55.26
C6 CLR AA . 32.57 -21.43 56.50
C7 CLR AA . 33.31 -21.83 57.74
C8 CLR AA . 34.79 -21.92 57.45
C9 CLR AA . 35.00 -22.84 56.25
C10 CLR AA . 34.34 -22.34 54.99
C11 CLR AA . 36.49 -23.06 55.99
C12 CLR AA . 37.24 -23.56 57.22
C13 CLR AA . 37.05 -22.57 58.35
C14 CLR AA . 35.56 -22.50 58.64
C15 CLR AA . 35.47 -21.80 59.99
C16 CLR AA . 36.71 -22.30 60.74
C17 CLR AA . 37.64 -22.94 59.70
C18 CLR AA . 37.57 -21.19 57.95
C19 CLR AA . 35.17 -21.24 54.37
C20 CLR AA . 39.10 -22.53 59.86
C21 CLR AA . 40.08 -23.55 59.27
C22 CLR AA . 39.49 -22.30 61.31
C23 CLR AA . 41.01 -22.19 61.37
C24 CLR AA . 41.51 -22.08 62.80
C25 CLR AA . 43.03 -22.09 62.81
C26 CLR AA . 43.58 -22.19 64.22
C27 CLR AA . 43.55 -23.23 61.95
O1 CLR AA . 31.04 -22.74 52.21
C1 CLR BA . 45.48 25.43 -40.24
C2 CLR BA . 44.00 25.08 -40.39
C3 CLR BA . 43.76 23.62 -40.04
C4 CLR BA . 44.13 23.42 -38.58
C5 CLR BA . 45.54 23.90 -38.33
C6 CLR BA . 46.39 23.12 -37.69
C7 CLR BA . 47.78 23.54 -37.30
C8 CLR BA . 47.95 25.04 -37.33
C9 CLR BA . 47.41 25.60 -38.63
C10 CLR BA . 45.93 25.28 -38.79
C11 CLR BA . 47.62 27.10 -38.61
C12 CLR BA . 49.03 27.58 -38.28
C13 CLR BA . 49.63 26.85 -37.07
C14 CLR BA . 49.42 25.38 -37.27
C15 CLR BA . 50.20 24.84 -36.09
C16 CLR BA . 51.48 25.67 -36.14
C17 CLR BA . 51.13 26.97 -36.85
C18 CLR BA . 48.98 27.20 -35.76
C19 CLR BA . 45.18 26.24 -37.91
C20 CLR BA . 51.58 28.13 -35.97
C21 CLR BA . 51.68 29.46 -36.70
C22 CLR BA . 52.93 27.77 -35.36
C23 CLR BA . 53.55 28.94 -34.63
C24 CLR BA . 55.02 28.65 -34.38
C25 CLR BA . 55.66 29.80 -33.60
C26 CLR BA . 55.27 31.14 -34.21
C27 CLR BA . 55.30 29.72 -32.13
O1 CLR BA . 42.39 23.27 -40.23
C1 CLR CA . 41.50 18.98 25.72
C2 CLR CA . 41.23 20.39 25.24
C3 CLR CA . 39.87 20.87 25.72
C4 CLR CA . 39.90 20.91 27.24
C5 CLR CA . 40.23 19.53 27.76
C6 CLR CA . 39.43 19.00 28.70
C7 CLR CA . 39.47 17.54 29.07
C8 CLR CA . 40.89 17.02 28.95
C9 CLR CA . 41.42 17.34 27.55
C10 CLR CA . 41.45 18.83 27.24
C11 CLR CA . 42.82 16.74 27.36
C12 CLR CA . 42.89 15.26 27.70
C13 CLR CA . 42.40 15.04 29.13
C14 CLR CA . 40.96 15.52 29.17
C15 CLR CA . 40.39 14.94 30.45
C16 CLR CA . 41.11 13.60 30.59
C17 CLR CA . 42.30 13.61 29.62
C18 CLR CA . 43.26 15.84 30.11
C19 CLR CA . 42.68 19.46 27.88
C20 CLR CA . 43.61 13.08 30.24
C21 CLR CA . 44.56 12.53 29.19
C22 CLR CA . 43.35 12.00 31.28
C23 CLR CA . 44.68 11.33 31.64
C24 CLR CA . 44.46 10.06 32.45
C25 CLR CA . 45.75 9.28 32.58
C26 CLR CA . 45.51 7.91 33.20
C27 CLR CA . 46.45 9.15 31.23
O1 CLR CA . 39.63 22.18 25.21
#